data_4FMH
#
_entry.id   4FMH
#
_cell.length_a   85.270
_cell.length_b   85.770
_cell.length_c   248.710
_cell.angle_alpha   92.97
_cell.angle_beta   100.48
_cell.angle_gamma   108.05
#
_symmetry.space_group_name_H-M   'P 1'
#
loop_
_entity.id
_entity.type
_entity.pdbx_description
1 polymer VP1
2 branched 'N-acetyl-alpha-neuraminic acid-(2-3)-beta-D-galactopyranose'
3 non-polymer GLYCEROL
4 non-polymer 'CHLORIDE ION'
5 water water
#
_entity_poly.entity_id   1
_entity_poly.type   'polypeptide(L)'
_entity_poly.pdbx_seq_one_letter_code
;GSHMLEGGVEVLSVVTGEDSITQIELYLNPRMGVNSPDLPTTSNWYTYTYDLQPKGSSPDQPIKENLPAYSVARVSLPML
NEDITCDTLQMWEAISVKTEVVGISSLINVHYWDMKRVHDYGAGIPVSGVNYHMFAIGGEPLDLQGLVLDYQTQYPKTTN
GGPITIETVLGRKMTPKNQGLDPQAKAKLDKDGNYPIEVWCPDPSKNENSRYYGSIQTGSQTPTVLQFSNTLTTVLLDEN
GVGPLCKGDGLFISCADIVGFLFKTSGKMALHGLPRYFNVTLRKRWVKN
;
_entity_poly.pdbx_strand_id   A,B,C,D,E,F,G,H,I,J,K,L,M,N,O,P,Q,R,S,T
#
loop_
_chem_comp.id
_chem_comp.type
_chem_comp.name
_chem_comp.formula
CL non-polymer 'CHLORIDE ION' 'Cl -1'
GAL D-saccharide, beta linking beta-D-galactopyranose 'C6 H12 O6'
GOL non-polymer GLYCEROL 'C3 H8 O3'
SIA D-saccharide, alpha linking 'N-acetyl-alpha-neuraminic acid' 'C11 H19 N O9'
#
# COMPACT_ATOMS: atom_id res chain seq x y z
N VAL A 9 7.93 51.41 71.69
CA VAL A 9 7.38 50.17 71.07
C VAL A 9 7.37 50.25 69.55
N GLU A 10 8.41 49.67 68.93
CA GLU A 10 8.54 49.64 67.47
C GLU A 10 7.72 48.51 66.83
N VAL A 11 6.94 48.86 65.82
CA VAL A 11 5.97 47.94 65.19
C VAL A 11 6.60 47.21 63.99
N LEU A 12 6.64 45.89 64.06
CA LEU A 12 7.21 45.09 62.98
C LEU A 12 6.10 44.54 62.06
N SER A 13 6.30 43.32 61.54
CA SER A 13 5.35 42.74 60.58
C SER A 13 4.17 42.03 61.23
N VAL A 14 3.06 41.99 60.49
CA VAL A 14 1.90 41.17 60.86
C VAL A 14 2.30 39.68 60.87
N VAL A 15 1.92 38.99 61.94
CA VAL A 15 2.19 37.55 62.08
C VAL A 15 1.40 36.74 61.05
N THR A 16 2.11 35.88 60.32
CA THR A 16 1.46 34.98 59.36
C THR A 16 1.23 33.64 60.03
N GLY A 17 0.20 32.92 59.59
CA GLY A 17 -0.07 31.58 60.11
C GLY A 17 -1.52 31.30 60.43
N GLU A 18 -1.78 30.08 60.89
CA GLU A 18 -3.13 29.54 61.08
C GLU A 18 -4.02 30.38 62.00
N ASP A 19 -3.70 30.42 63.29
CA ASP A 19 -4.57 31.07 64.27
C ASP A 19 -4.23 32.53 64.54
N SER A 20 -3.91 33.27 63.48
CA SER A 20 -3.44 34.66 63.60
C SER A 20 -4.53 35.71 63.78
N ILE A 21 -5.78 35.36 63.46
CA ILE A 21 -6.92 36.27 63.58
C ILE A 21 -7.86 35.79 64.69
N THR A 22 -8.39 36.72 65.48
CA THR A 22 -9.41 36.35 66.45
C THR A 22 -10.51 37.40 66.53
N GLN A 23 -11.66 36.99 67.05
CA GLN A 23 -12.79 37.89 67.22
C GLN A 23 -13.25 37.94 68.67
N ILE A 24 -13.53 39.15 69.14
CA ILE A 24 -13.98 39.42 70.50
C ILE A 24 -15.36 40.08 70.40
N GLU A 25 -16.29 39.53 71.17
CA GLU A 25 -17.67 39.99 71.19
C GLU A 25 -18.04 40.38 72.61
N LEU A 26 -18.73 41.49 72.76
N LEU A 26 -18.73 41.52 72.74
CA LEU A 26 -19.30 41.86 74.06
CA LEU A 26 -19.06 42.15 74.02
C LEU A 26 -20.30 42.98 73.92
C LEU A 26 -20.31 43.03 73.89
N TYR A 27 -21.06 43.17 74.99
CA TYR A 27 -22.04 44.25 75.08
C TYR A 27 -21.79 44.98 76.40
N LEU A 28 -22.12 46.27 76.39
CA LEU A 28 -22.02 47.08 77.60
C LEU A 28 -23.37 47.70 77.88
N ASN A 29 -23.89 47.45 79.07
CA ASN A 29 -25.12 48.09 79.51
C ASN A 29 -24.87 49.52 79.99
N PRO A 30 -25.86 50.41 79.83
CA PRO A 30 -25.63 51.83 80.10
C PRO A 30 -25.54 52.11 81.59
N ARG A 31 -24.74 53.11 81.94
CA ARG A 31 -24.52 53.48 83.33
C ARG A 31 -25.00 54.91 83.52
N MET A 32 -26.33 55.07 83.56
CA MET A 32 -26.95 56.39 83.54
C MET A 32 -27.04 57.05 84.93
N GLY A 33 -26.89 56.25 85.98
CA GLY A 33 -26.98 56.78 87.35
C GLY A 33 -27.60 55.75 88.27
N VAL A 34 -28.68 55.13 87.81
CA VAL A 34 -29.16 53.89 88.40
C VAL A 34 -28.50 52.76 87.60
N ASN A 35 -27.43 52.21 88.14
CA ASN A 35 -26.47 51.43 87.36
C ASN A 35 -26.60 49.92 87.48
N SER A 36 -27.40 49.46 88.44
CA SER A 36 -27.61 48.04 88.65
C SER A 36 -29.07 47.64 88.52
N PRO A 37 -29.35 46.50 87.87
CA PRO A 37 -30.71 45.95 87.83
C PRO A 37 -31.02 45.10 89.06
N ASP A 38 -30.05 44.94 89.96
CA ASP A 38 -30.14 43.97 91.06
C ASP A 38 -30.34 44.54 92.46
N LEU A 39 -30.96 45.73 92.54
N LEU A 39 -30.90 45.75 92.55
CA LEU A 39 -31.33 46.34 93.81
CA LEU A 39 -31.06 46.43 93.83
C LEU A 39 -32.82 46.65 93.81
C LEU A 39 -32.43 46.17 94.45
N PRO A 40 -33.65 45.65 94.15
N PRO A 40 -32.55 46.42 95.77
CA PRO A 40 -35.11 45.74 94.08
CA PRO A 40 -33.76 46.13 96.55
C PRO A 40 -35.66 47.12 94.46
C PRO A 40 -35.04 46.67 95.90
N THR A 41 -35.09 47.73 95.48
N THR A 41 -35.09 47.96 95.61
CA THR A 41 -35.62 48.98 96.04
CA THR A 41 -36.27 48.56 94.98
C THR A 41 -35.61 50.16 95.06
C THR A 41 -35.89 49.69 94.04
N THR A 42 -34.62 50.19 94.16
N THR A 42 -34.64 50.15 94.13
CA THR A 42 -34.49 51.31 93.23
CA THR A 42 -34.16 51.27 93.32
C THR A 42 -34.20 50.90 91.79
C THR A 42 -34.00 50.92 91.85
N SER A 43 -33.92 49.62 91.55
CA SER A 43 -33.60 49.12 90.21
C SER A 43 -34.65 49.32 89.11
N ASN A 44 -35.87 49.72 89.48
CA ASN A 44 -36.91 50.02 88.51
CA ASN A 44 -36.89 49.98 88.48
C ASN A 44 -36.50 51.13 87.54
N TRP A 45 -35.54 51.96 87.97
CA TRP A 45 -35.04 53.06 87.14
C TRP A 45 -33.69 52.78 86.46
N TYR A 46 -33.27 51.51 86.49
CA TYR A 46 -32.09 51.05 85.78
C TYR A 46 -32.16 51.49 84.30
N THR A 47 -31.04 52.06 83.82
CA THR A 47 -30.87 52.70 82.48
C THR A 47 -31.44 54.13 82.40
N TYR A 48 -31.78 54.70 83.56
CA TYR A 48 -32.22 56.09 83.65
C TYR A 48 -31.47 56.82 84.74
N THR A 49 -31.48 58.15 84.66
CA THR A 49 -31.16 58.99 85.81
C THR A 49 -32.40 59.15 86.68
N TYR A 50 -32.24 59.78 87.83
CA TYR A 50 -33.36 60.32 88.59
C TYR A 50 -33.80 61.64 87.91
N ASP A 51 -34.67 62.40 88.55
CA ASP A 51 -35.16 63.61 87.90
C ASP A 51 -34.10 64.72 87.91
N LEU A 52 -33.85 65.29 86.73
CA LEU A 52 -32.86 66.35 86.56
C LEU A 52 -33.58 67.68 86.64
N GLN A 53 -33.12 68.53 87.55
CA GLN A 53 -33.82 69.76 87.87
C GLN A 53 -32.86 70.81 88.42
N PRO A 54 -32.69 71.93 87.68
CA PRO A 54 -31.98 73.09 88.23
C PRO A 54 -32.60 73.49 89.56
N LYS A 55 -31.75 73.57 90.59
CA LYS A 55 -32.22 73.80 91.94
C LYS A 55 -32.80 75.22 92.12
N GLY A 56 -32.22 76.21 91.45
CA GLY A 56 -32.63 77.59 91.63
C GLY A 56 -31.87 78.32 92.73
N SER A 57 -31.03 77.58 93.46
N SER A 57 -31.03 77.59 93.46
CA SER A 57 -30.13 78.15 94.47
CA SER A 57 -30.11 78.18 94.43
C SER A 57 -28.74 77.52 94.32
C SER A 57 -28.74 77.53 94.33
N SER A 58 -27.69 78.27 94.68
CA SER A 58 -26.31 77.79 94.59
C SER A 58 -25.77 77.24 95.91
N PRO A 59 -24.80 76.30 95.84
CA PRO A 59 -24.31 75.67 94.62
C PRO A 59 -25.13 74.43 94.24
N ASP A 60 -24.93 73.98 93.01
CA ASP A 60 -25.46 72.70 92.57
C ASP A 60 -24.73 71.56 93.32
N GLN A 61 -25.50 70.61 93.84
CA GLN A 61 -24.93 69.43 94.48
C GLN A 61 -25.54 68.19 93.85
N PRO A 62 -25.12 67.85 92.62
CA PRO A 62 -25.76 66.74 91.92
C PRO A 62 -25.52 65.42 92.64
N ILE A 63 -26.55 64.58 92.70
CA ILE A 63 -26.43 63.23 93.27
C ILE A 63 -25.92 62.25 92.22
N LYS A 64 -25.31 61.16 92.67
CA LYS A 64 -24.72 60.17 91.76
C LYS A 64 -25.71 59.65 90.71
N GLU A 65 -26.98 59.49 91.10
CA GLU A 65 -28.03 59.01 90.19
C GLU A 65 -28.34 59.97 89.04
N ASN A 66 -27.85 61.21 89.12
CA ASN A 66 -28.08 62.19 88.04
C ASN A 66 -26.83 62.44 87.20
N LEU A 67 -25.85 61.55 87.33
CA LEU A 67 -24.57 61.68 86.63
C LEU A 67 -24.28 60.47 85.73
N PRO A 68 -24.87 60.43 84.51
CA PRO A 68 -24.51 59.38 83.55
C PRO A 68 -23.00 59.28 83.40
N ALA A 69 -22.49 58.05 83.33
CA ALA A 69 -21.07 57.82 83.31
C ALA A 69 -20.72 56.92 82.13
N TYR A 70 -19.44 56.90 81.76
CA TYR A 70 -18.98 56.01 80.68
C TYR A 70 -19.02 54.55 81.10
N SER A 71 -19.35 53.70 80.14
CA SER A 71 -19.24 52.25 80.28
C SER A 71 -17.86 51.86 79.82
N VAL A 72 -17.26 50.89 80.51
CA VAL A 72 -15.97 50.36 80.10
C VAL A 72 -15.81 48.89 80.48
N ALA A 73 -15.16 48.13 79.60
CA ALA A 73 -14.72 46.78 79.91
C ALA A 73 -13.28 46.60 79.43
N ARG A 74 -12.50 45.87 80.21
CA ARG A 74 -11.24 45.30 79.73
C ARG A 74 -11.49 43.83 79.41
N VAL A 75 -11.27 43.45 78.17
CA VAL A 75 -11.42 42.06 77.73
C VAL A 75 -10.05 41.39 77.73
N SER A 76 -9.95 40.24 78.40
CA SER A 76 -8.72 39.45 78.38
C SER A 76 -8.62 38.68 77.07
N LEU A 77 -7.46 38.76 76.45
CA LEU A 77 -7.22 38.14 75.15
C LEU A 77 -6.30 36.93 75.32
N PRO A 78 -6.35 35.96 74.37
CA PRO A 78 -5.47 34.79 74.46
C PRO A 78 -4.01 35.19 74.62
N MET A 79 -3.34 34.55 75.58
CA MET A 79 -1.94 34.82 75.88
C MET A 79 -1.06 34.46 74.69
N LEU A 80 -0.10 35.33 74.38
CA LEU A 80 0.71 35.18 73.16
C LEU A 80 2.18 34.84 73.40
N ASN A 81 2.74 35.32 74.51
CA ASN A 81 4.18 35.20 74.75
C ASN A 81 4.53 34.34 75.96
N GLU A 82 5.38 33.34 75.74
CA GLU A 82 5.81 32.42 76.80
C GLU A 82 7.10 32.88 77.48
N ASP A 83 8.03 33.44 76.69
CA ASP A 83 9.33 33.89 77.21
C ASP A 83 9.22 35.22 77.95
N THR A 88 11.39 41.45 71.82
CA THR A 88 10.57 41.20 70.64
C THR A 88 9.42 40.24 70.95
N LEU A 89 8.20 40.76 70.88
CA LEU A 89 7.00 40.03 71.29
C LEU A 89 5.86 40.17 70.29
N GLN A 90 4.88 39.27 70.41
CA GLN A 90 3.61 39.38 69.69
C GLN A 90 2.59 40.12 70.54
N MET A 91 1.80 40.99 69.90
CA MET A 91 0.68 41.66 70.55
C MET A 91 -0.55 41.54 69.67
N TRP A 92 -1.72 41.50 70.29
CA TRP A 92 -2.98 41.62 69.55
C TRP A 92 -3.17 43.05 69.05
N GLU A 93 -3.56 43.17 67.78
CA GLU A 93 -3.79 44.44 67.13
C GLU A 93 -5.23 44.50 66.65
N ALA A 94 -6.02 45.44 67.19
CA ALA A 94 -7.42 45.59 66.80
C ALA A 94 -7.47 46.27 65.45
N ILE A 95 -8.12 45.63 64.48
CA ILE A 95 -8.10 46.13 63.09
C ILE A 95 -9.45 46.63 62.58
N SER A 96 -10.53 46.12 63.15
CA SER A 96 -11.87 46.58 62.81
C SER A 96 -12.86 46.27 63.92
N VAL A 97 -14.00 46.96 63.88
CA VAL A 97 -15.09 46.72 64.83
C VAL A 97 -16.45 46.93 64.15
N LYS A 98 -17.39 46.05 64.48
CA LYS A 98 -18.79 46.26 64.19
C LYS A 98 -19.42 46.60 65.52
N THR A 99 -20.05 47.77 65.59
CA THR A 99 -20.72 48.17 66.81
C THR A 99 -22.14 48.66 66.54
N GLU A 100 -23.04 48.41 67.50
CA GLU A 100 -24.44 48.76 67.33
C GLU A 100 -25.05 49.17 68.66
N VAL A 101 -25.83 50.24 68.64
CA VAL A 101 -26.67 50.57 69.80
C VAL A 101 -27.88 49.63 69.76
N VAL A 102 -28.09 48.90 70.84
CA VAL A 102 -29.14 47.89 70.96
C VAL A 102 -30.39 48.46 71.65
N GLY A 103 -31.57 48.00 71.22
CA GLY A 103 -32.82 48.44 71.84
C GLY A 103 -33.37 49.75 71.31
N ILE A 104 -32.92 50.14 70.11
CA ILE A 104 -33.39 51.39 69.50
C ILE A 104 -34.93 51.39 69.33
N SER A 105 -35.48 50.27 68.89
CA SER A 105 -36.92 50.13 68.62
C SER A 105 -37.82 50.34 69.86
N SER A 106 -37.25 50.14 71.05
CA SER A 106 -37.98 50.34 72.31
C SER A 106 -38.50 51.78 72.44
N LEU A 107 -37.85 52.71 71.73
CA LEU A 107 -38.14 54.14 71.83
C LEU A 107 -39.37 54.59 71.03
N ILE A 108 -40.01 53.67 70.30
CA ILE A 108 -41.31 54.00 69.70
C ILE A 108 -42.44 54.02 70.74
N ASN A 109 -42.16 53.53 71.96
CA ASN A 109 -43.17 53.50 73.03
C ASN A 109 -43.53 54.92 73.46
N VAL A 110 -44.79 55.31 73.17
CA VAL A 110 -45.33 56.62 73.57
C VAL A 110 -46.53 56.43 74.52
N HIS A 111 -46.49 55.37 75.31
CA HIS A 111 -47.56 55.06 76.25
C HIS A 111 -47.03 54.54 77.59
N TYR A 112 -45.85 55.01 77.99
CA TYR A 112 -45.37 54.83 79.35
C TYR A 112 -46.46 55.38 80.28
N TRP A 113 -46.78 54.68 81.35
CA TRP A 113 -47.99 55.00 82.14
C TRP A 113 -48.00 56.42 82.70
N ASP A 114 -46.81 56.94 83.00
CA ASP A 114 -46.65 58.26 83.59
C ASP A 114 -45.97 59.24 82.62
N MET A 115 -46.20 59.05 81.33
CA MET A 115 -45.62 59.93 80.29
C MET A 115 -46.41 61.22 80.18
N LYS A 116 -45.69 62.35 80.16
CA LYS A 116 -46.30 63.63 79.86
C LYS A 116 -46.84 63.56 78.45
N ARG A 117 -48.07 64.03 78.27
CA ARG A 117 -48.70 64.01 76.95
C ARG A 117 -48.28 65.21 76.11
N VAL A 118 -48.30 65.03 74.78
N VAL A 118 -48.28 65.03 74.78
CA VAL A 118 -48.00 66.12 73.85
CA VAL A 118 -48.00 66.12 73.85
C VAL A 118 -49.07 67.22 73.87
C VAL A 118 -49.05 67.23 73.96
N HIS A 119 -50.31 66.82 74.14
CA HIS A 119 -51.43 67.74 74.38
C HIS A 119 -52.56 66.91 74.98
N ASP A 120 -53.64 67.55 75.42
CA ASP A 120 -54.76 66.83 76.03
C ASP A 120 -55.27 65.67 75.16
N TYR A 121 -55.43 64.51 75.78
CA TYR A 121 -55.89 63.26 75.13
C TYR A 121 -54.87 62.62 74.18
N GLY A 122 -53.71 63.25 74.02
CA GLY A 122 -52.71 62.77 73.07
C GLY A 122 -51.79 61.70 73.63
N ALA A 123 -50.86 61.26 72.78
CA ALA A 123 -49.85 60.28 73.18
C ALA A 123 -48.78 60.90 74.06
N GLY A 124 -47.95 60.05 74.65
CA GLY A 124 -46.78 60.49 75.39
C GLY A 124 -45.77 61.21 74.50
N ILE A 125 -45.05 62.15 75.10
CA ILE A 125 -43.91 62.77 74.43
C ILE A 125 -42.83 61.69 74.36
N PRO A 126 -42.40 61.34 73.13
CA PRO A 126 -41.42 60.25 73.01
C PRO A 126 -40.05 60.64 73.57
N VAL A 127 -39.26 59.63 73.92
CA VAL A 127 -37.89 59.86 74.37
C VAL A 127 -37.16 60.69 73.31
N SER A 128 -36.70 61.87 73.70
N SER A 128 -36.74 61.89 73.70
CA SER A 128 -36.09 62.83 72.81
CA SER A 128 -36.15 62.88 72.80
C SER A 128 -35.31 63.87 73.60
C SER A 128 -35.30 63.86 73.59
N GLY A 129 -34.56 64.72 72.87
CA GLY A 129 -33.75 65.75 73.50
C GLY A 129 -32.26 65.45 73.42
N VAL A 130 -31.58 65.58 74.55
CA VAL A 130 -30.12 65.49 74.58
C VAL A 130 -29.68 64.07 74.24
N ASN A 131 -28.87 63.95 73.20
CA ASN A 131 -28.18 62.70 72.87
C ASN A 131 -26.68 62.88 73.03
N TYR A 132 -26.01 61.82 73.44
CA TYR A 132 -24.55 61.78 73.49
C TYR A 132 -24.17 60.35 73.14
N HIS A 133 -23.40 60.21 72.08
CA HIS A 133 -22.99 58.90 71.58
C HIS A 133 -21.50 58.86 71.32
N MET A 134 -20.83 57.92 71.98
CA MET A 134 -19.41 57.68 71.71
C MET A 134 -19.04 56.22 71.93
N PHE A 135 -18.03 55.77 71.20
CA PHE A 135 -17.38 54.52 71.54
C PHE A 135 -15.88 54.67 71.32
N ALA A 136 -15.12 53.84 72.02
CA ALA A 136 -13.66 53.80 71.89
C ALA A 136 -13.19 52.37 71.94
N ILE A 137 -12.21 52.06 71.09
CA ILE A 137 -11.50 50.78 71.11
C ILE A 137 -10.01 51.09 71.34
N GLY A 138 -9.41 50.47 72.35
CA GLY A 138 -8.01 50.74 72.65
C GLY A 138 -7.21 49.61 73.28
N GLY A 139 -5.89 49.73 73.21
CA GLY A 139 -4.98 48.75 73.81
C GLY A 139 -4.60 49.06 75.24
N GLU A 140 -5.26 50.08 75.80
CA GLU A 140 -5.03 50.55 77.17
C GLU A 140 -6.21 51.48 77.49
N PRO A 141 -6.38 51.88 78.78
CA PRO A 141 -7.54 52.73 79.10
C PRO A 141 -7.58 54.01 78.28
N LEU A 142 -8.79 54.47 77.96
CA LEU A 142 -8.96 55.75 77.25
C LEU A 142 -8.46 56.89 78.15
N ASP A 143 -7.71 57.82 77.57
CA ASP A 143 -7.27 59.01 78.30
C ASP A 143 -8.39 60.05 78.33
N LEU A 144 -8.65 60.62 79.50
CA LEU A 144 -9.71 61.60 79.71
C LEU A 144 -9.21 62.98 80.04
N GLN A 145 -9.93 64.00 79.56
CA GLN A 145 -9.69 65.38 79.92
C GLN A 145 -10.92 65.87 80.68
N GLY A 146 -10.69 66.54 81.80
CA GLY A 146 -11.77 67.12 82.59
C GLY A 146 -12.09 68.54 82.14
N LEU A 147 -13.38 68.82 81.97
CA LEU A 147 -13.90 70.16 81.72
C LEU A 147 -15.37 70.17 82.13
N VAL A 148 -15.78 71.19 82.89
CA VAL A 148 -17.16 71.27 83.39
C VAL A 148 -17.86 72.58 82.98
N LEU A 149 -19.18 72.51 82.87
CA LEU A 149 -19.99 73.71 82.64
C LEU A 149 -19.83 74.75 83.76
N ASP A 150 -19.73 74.27 85.01
CA ASP A 150 -19.70 75.16 86.17
C ASP A 150 -18.72 74.62 87.22
N TYR A 151 -17.61 75.33 87.40
CA TYR A 151 -16.55 74.89 88.31
C TYR A 151 -17.01 74.89 89.78
N GLN A 152 -18.10 75.59 90.06
CA GLN A 152 -18.62 75.71 91.44
C GLN A 152 -19.52 74.54 91.83
N THR A 153 -19.80 73.65 90.87
CA THR A 153 -20.59 72.45 91.12
C THR A 153 -19.91 71.58 92.17
N GLN A 154 -20.69 71.12 93.15
CA GLN A 154 -20.18 70.28 94.23
C GLN A 154 -20.56 68.83 93.96
N TYR A 155 -19.69 68.12 93.25
CA TYR A 155 -19.93 66.71 92.92
C TYR A 155 -19.78 65.84 94.16
N PRO A 156 -20.48 64.68 94.20
CA PRO A 156 -20.37 63.86 95.42
C PRO A 156 -18.93 63.34 95.60
N LYS A 157 -18.54 63.09 96.84
CA LYS A 157 -17.21 62.55 97.10
C LYS A 157 -17.12 61.09 96.66
N THR A 158 -15.92 60.67 96.25
CA THR A 158 -15.66 59.25 95.97
C THR A 158 -15.72 58.49 97.31
N THR A 159 -16.88 57.92 97.60
CA THR A 159 -17.13 57.25 98.88
C THR A 159 -18.29 56.25 98.77
N GLY A 162 -18.72 55.86 94.36
CA GLY A 162 -18.91 57.30 94.15
C GLY A 162 -18.13 57.76 92.93
N PRO A 163 -18.60 58.84 92.28
CA PRO A 163 -17.98 59.26 91.02
C PRO A 163 -16.58 59.82 91.19
N ILE A 164 -15.77 59.66 90.16
CA ILE A 164 -14.44 60.25 90.12
C ILE A 164 -14.56 61.51 89.28
N THR A 165 -14.33 62.67 89.91
CA THR A 165 -14.44 63.94 89.22
C THR A 165 -13.12 64.70 89.31
N ILE A 166 -13.10 65.96 88.86
CA ILE A 166 -11.84 66.70 88.82
C ILE A 166 -11.23 66.91 90.22
N GLU A 167 -12.07 67.21 91.20
CA GLU A 167 -11.61 67.38 92.59
C GLU A 167 -10.91 66.11 93.09
N THR A 168 -11.42 64.95 92.70
CA THR A 168 -10.82 63.66 93.04
C THR A 168 -9.37 63.54 92.55
N VAL A 169 -9.13 63.91 91.30
N VAL A 169 -9.15 63.89 91.29
CA VAL A 169 -7.81 63.74 90.69
CA VAL A 169 -7.84 63.78 90.67
C VAL A 169 -6.82 64.85 91.09
C VAL A 169 -6.85 64.82 91.19
N LEU A 170 -7.31 66.07 91.27
CA LEU A 170 -6.46 67.18 91.72
C LEU A 170 -6.18 67.17 93.23
N GLY A 171 -7.08 66.55 94.00
CA GLY A 171 -6.96 66.53 95.46
C GLY A 171 -7.16 67.88 96.10
N ARG A 172 -7.92 68.74 95.42
CA ARG A 172 -8.23 70.11 95.85
C ARG A 172 -9.42 70.60 95.01
N LYS A 173 -10.05 71.69 95.43
CA LYS A 173 -11.25 72.20 94.75
C LYS A 173 -10.93 72.70 93.34
N MET A 174 -11.91 72.57 92.46
CA MET A 174 -11.86 73.19 91.13
C MET A 174 -11.72 74.69 91.23
N THR A 175 -11.10 75.29 90.22
CA THR A 175 -11.04 76.74 90.07
C THR A 175 -11.65 77.13 88.71
N PRO A 176 -11.85 78.44 88.43
CA PRO A 176 -12.46 78.80 87.15
C PRO A 176 -11.78 78.20 85.91
N LYS A 177 -10.47 77.96 85.96
CA LYS A 177 -9.76 77.36 84.81
C LYS A 177 -10.34 76.00 84.37
N ASN A 178 -11.03 75.31 85.29
CA ASN A 178 -11.70 74.05 84.95
C ASN A 178 -12.97 74.17 84.09
N GLN A 179 -13.38 75.41 83.80
CA GLN A 179 -14.41 75.64 82.76
C GLN A 179 -13.77 75.65 81.38
N GLY A 180 -12.44 75.73 81.36
CA GLY A 180 -11.70 75.57 80.13
C GLY A 180 -10.81 74.35 80.23
N LEU A 181 -9.77 74.31 79.41
CA LEU A 181 -8.84 73.19 79.40
C LEU A 181 -7.71 73.42 80.39
N ASP A 182 -7.74 72.65 81.49
CA ASP A 182 -6.68 72.63 82.50
C ASP A 182 -5.89 71.34 82.30
N PRO A 183 -4.61 71.45 81.88
CA PRO A 183 -3.79 70.26 81.61
C PRO A 183 -3.65 69.32 82.80
N GLN A 184 -3.88 69.81 84.01
CA GLN A 184 -3.77 68.96 85.19
C GLN A 184 -5.03 68.10 85.42
N ALA A 185 -6.13 68.49 84.79
CA ALA A 185 -7.41 67.81 84.94
C ALA A 185 -7.49 66.63 83.97
N LYS A 186 -6.76 65.56 84.31
CA LYS A 186 -6.68 64.38 83.44
C LYS A 186 -6.89 63.10 84.23
N ALA A 187 -7.49 62.11 83.57
CA ALA A 187 -7.72 60.82 84.20
C ALA A 187 -7.68 59.71 83.14
N LYS A 188 -7.77 58.46 83.60
CA LYS A 188 -7.88 57.31 82.71
C LYS A 188 -9.19 56.60 82.98
N LEU A 189 -9.88 56.22 81.91
CA LEU A 189 -11.16 55.53 82.00
C LEU A 189 -10.93 54.05 82.34
N ASP A 190 -10.71 53.80 83.63
CA ASP A 190 -10.34 52.47 84.12
C ASP A 190 -11.40 51.79 84.99
N LYS A 191 -12.54 52.45 85.15
CA LYS A 191 -13.65 51.92 85.96
C LYS A 191 -15.02 52.20 85.33
N ASP A 192 -15.81 51.14 85.17
CA ASP A 192 -17.15 51.21 84.58
C ASP A 192 -18.10 51.98 85.50
N GLY A 193 -18.88 52.87 84.90
CA GLY A 193 -19.90 53.63 85.62
C GLY A 193 -19.43 54.58 86.72
N ASN A 194 -18.19 55.03 86.63
CA ASN A 194 -17.60 55.88 87.68
C ASN A 194 -17.12 57.27 87.24
N TYR A 195 -16.95 57.45 85.93
CA TYR A 195 -16.48 58.72 85.40
C TYR A 195 -17.64 59.42 84.68
N PRO A 196 -18.24 60.46 85.30
CA PRO A 196 -19.37 61.17 84.70
C PRO A 196 -19.04 61.78 83.35
N ILE A 197 -19.95 61.62 82.40
CA ILE A 197 -19.86 62.19 81.06
C ILE A 197 -19.78 63.73 81.11
N GLU A 198 -20.51 64.35 82.04
CA GLU A 198 -20.53 65.81 82.12
C GLU A 198 -19.23 66.42 82.62
N VAL A 199 -18.36 65.57 83.16
CA VAL A 199 -17.06 66.02 83.69
C VAL A 199 -15.89 65.65 82.76
N TRP A 200 -15.98 64.49 82.12
CA TRP A 200 -14.85 63.95 81.37
C TRP A 200 -15.16 63.73 79.89
N CYS A 201 -14.21 64.13 79.04
CA CYS A 201 -14.28 63.85 77.62
C CYS A 201 -12.97 63.17 77.19
N PRO A 202 -12.93 62.54 75.99
CA PRO A 202 -11.66 61.96 75.54
C PRO A 202 -10.59 63.03 75.38
N ASP A 203 -9.36 62.72 75.79
CA ASP A 203 -8.24 63.66 75.68
C ASP A 203 -7.57 63.52 74.31
N PRO A 204 -7.70 64.54 73.45
CA PRO A 204 -7.13 64.43 72.10
C PRO A 204 -5.61 64.56 72.08
N SER A 205 -5.02 64.98 73.20
CA SER A 205 -3.58 65.18 73.31
C SER A 205 -2.85 63.88 73.62
N LYS A 206 -3.61 62.85 73.98
CA LYS A 206 -3.06 61.52 74.24
C LYS A 206 -3.80 60.52 73.35
N ASN A 207 -4.17 59.36 73.88
CA ASN A 207 -4.93 58.36 73.11
C ASN A 207 -4.31 57.90 71.78
N GLU A 208 -2.98 57.88 71.70
CA GLU A 208 -2.28 57.38 70.51
C GLU A 208 -2.61 55.92 70.24
N ASN A 209 -2.89 55.18 71.30
CA ASN A 209 -3.17 53.75 71.22
C ASN A 209 -4.66 53.41 71.38
N SER A 210 -5.52 54.40 71.09
CA SER A 210 -6.98 54.20 71.08
C SER A 210 -7.57 54.88 69.86
N ARG A 211 -8.76 54.44 69.47
CA ARG A 211 -9.57 55.11 68.46
C ARG A 211 -10.89 55.42 69.11
N TYR A 212 -11.30 56.69 69.06
CA TYR A 212 -12.61 57.06 69.59
C TYR A 212 -13.41 57.90 68.61
N TYR A 213 -14.73 57.81 68.73
CA TYR A 213 -15.68 58.44 67.80
C TYR A 213 -16.89 58.88 68.61
N GLY A 214 -17.24 60.17 68.53
CA GLY A 214 -18.35 60.66 69.35
C GLY A 214 -19.14 61.80 68.75
N SER A 215 -20.31 62.04 69.32
CA SER A 215 -21.11 63.20 68.95
C SER A 215 -22.03 63.61 70.10
N ILE A 216 -22.47 64.86 70.06
CA ILE A 216 -23.50 65.35 70.98
C ILE A 216 -24.62 66.01 70.18
N GLN A 217 -25.80 66.02 70.77
CA GLN A 217 -26.96 66.74 70.27
C GLN A 217 -27.65 67.39 71.47
N THR A 218 -27.78 68.71 71.46
CA THR A 218 -28.50 69.40 72.56
C THR A 218 -29.94 69.76 72.15
N GLY A 219 -30.64 70.54 72.97
CA GLY A 219 -32.08 70.78 72.79
C GLY A 219 -32.90 69.90 73.72
N SER A 220 -34.12 70.35 74.02
N SER A 220 -34.12 70.34 74.03
CA SER A 220 -34.97 69.64 75.00
CA SER A 220 -34.97 69.63 75.00
C SER A 220 -35.83 68.53 74.40
C SER A 220 -35.81 68.51 74.38
N GLN A 221 -36.35 68.75 73.19
CA GLN A 221 -37.22 67.77 72.53
C GLN A 221 -36.75 67.40 71.13
N THR A 222 -35.48 67.69 70.87
CA THR A 222 -34.84 67.39 69.60
C THR A 222 -35.00 65.90 69.26
N PRO A 223 -35.45 65.59 68.03
CA PRO A 223 -35.63 64.18 67.66
C PRO A 223 -34.39 63.32 67.92
N THR A 224 -34.60 62.16 68.52
CA THR A 224 -33.57 61.16 68.60
C THR A 224 -33.59 60.41 67.26
N VAL A 225 -32.47 60.48 66.55
CA VAL A 225 -32.34 59.92 65.21
C VAL A 225 -31.15 58.96 65.24
N LEU A 226 -31.41 57.68 65.08
CA LEU A 226 -30.35 56.68 65.20
C LEU A 226 -30.50 55.62 64.13
N GLN A 227 -29.38 55.05 63.70
CA GLN A 227 -29.38 54.00 62.70
C GLN A 227 -28.86 52.71 63.26
N PHE A 228 -29.24 51.60 62.62
CA PHE A 228 -28.73 50.28 62.97
C PHE A 228 -28.64 49.40 61.73
N SER A 229 -27.50 48.75 61.56
CA SER A 229 -27.29 47.79 60.48
C SER A 229 -26.12 46.88 60.82
N ASN A 230 -26.24 45.60 60.48
CA ASN A 230 -25.14 44.67 60.70
C ASN A 230 -24.15 44.63 59.53
N THR A 231 -24.21 45.64 58.67
CA THR A 231 -23.36 45.70 57.48
C THR A 231 -22.29 46.78 57.59
N LEU A 232 -22.27 47.49 58.72
CA LEU A 232 -21.35 48.63 58.92
C LEU A 232 -20.13 48.24 59.74
N THR A 233 -18.94 48.50 59.19
CA THR A 233 -17.68 48.21 59.87
C THR A 233 -16.86 49.48 60.02
N THR A 234 -16.24 49.65 61.18
CA THR A 234 -15.25 50.69 61.41
C THR A 234 -13.83 50.09 61.39
N VAL A 235 -13.01 50.57 60.45
CA VAL A 235 -11.61 50.16 60.35
C VAL A 235 -10.80 50.93 61.39
N LEU A 236 -10.04 50.20 62.21
CA LEU A 236 -9.32 50.81 63.34
C LEU A 236 -7.87 51.17 63.05
N LEU A 237 -7.40 50.88 61.84
CA LEU A 237 -6.02 51.17 61.46
C LEU A 237 -5.79 52.67 61.34
N ASP A 238 -4.63 53.14 61.79
CA ASP A 238 -4.25 54.54 61.59
C ASP A 238 -3.65 54.75 60.18
N GLU A 239 -3.15 55.97 59.95
CA GLU A 239 -2.58 56.36 58.65
C GLU A 239 -1.41 55.46 58.20
N ASN A 240 -0.75 54.81 59.16
CA ASN A 240 0.35 53.90 58.87
C ASN A 240 -0.07 52.42 58.75
N GLY A 241 -1.37 52.17 58.87
CA GLY A 241 -1.91 50.82 58.76
C GLY A 241 -1.79 50.00 60.05
N VAL A 242 -1.69 50.68 61.19
CA VAL A 242 -1.54 50.01 62.49
C VAL A 242 -2.76 50.29 63.36
N GLY A 243 -3.36 49.24 63.90
CA GLY A 243 -4.45 49.40 64.86
C GLY A 243 -3.93 49.53 66.28
N PRO A 244 -4.84 49.73 67.26
CA PRO A 244 -4.46 49.72 68.67
C PRO A 244 -3.77 48.41 69.06
N LEU A 245 -2.67 48.52 69.81
CA LEU A 245 -1.91 47.35 70.24
C LEU A 245 -2.23 47.08 71.71
N CYS A 246 -2.62 45.85 72.03
CA CYS A 246 -3.16 45.51 73.34
C CYS A 246 -2.07 45.16 74.35
N LYS A 247 -1.78 46.13 75.22
CA LYS A 247 -0.75 45.99 76.24
C LYS A 247 -1.20 44.99 77.30
N GLY A 248 -0.33 44.01 77.59
CA GLY A 248 -0.63 42.97 78.56
C GLY A 248 -1.84 42.13 78.18
N ASP A 249 -2.04 41.95 76.86
CA ASP A 249 -3.14 41.16 76.30
C ASP A 249 -4.53 41.60 76.79
N GLY A 250 -4.72 42.91 76.92
CA GLY A 250 -5.99 43.48 77.35
C GLY A 250 -6.54 44.44 76.33
N LEU A 251 -7.81 44.27 75.98
CA LEU A 251 -8.50 45.14 75.03
C LEU A 251 -9.51 45.99 75.78
N PHE A 252 -9.37 47.31 75.70
CA PHE A 252 -10.29 48.24 76.37
C PHE A 252 -11.37 48.75 75.45
N ILE A 253 -12.62 48.59 75.88
CA ILE A 253 -13.77 49.04 75.11
C ILE A 253 -14.59 49.98 75.98
N SER A 254 -14.86 51.18 75.46
CA SER A 254 -15.55 52.23 76.21
C SER A 254 -16.70 52.80 75.40
N CYS A 255 -17.77 53.21 76.06
CA CYS A 255 -18.87 53.89 75.34
C CYS A 255 -19.80 54.70 76.24
N ALA A 256 -20.70 55.45 75.59
CA ALA A 256 -21.81 56.13 76.24
C ALA A 256 -22.89 56.34 75.18
N ASP A 257 -24.14 56.12 75.54
CA ASP A 257 -25.24 56.29 74.59
C ASP A 257 -26.51 56.85 75.25
N ILE A 258 -26.48 58.14 75.50
CA ILE A 258 -27.63 58.87 76.03
C ILE A 258 -28.58 59.12 74.85
N VAL A 259 -29.83 58.66 75.00
CA VAL A 259 -30.80 58.73 73.90
C VAL A 259 -31.95 59.74 74.07
N GLY A 260 -31.90 60.51 75.16
CA GLY A 260 -32.89 61.56 75.40
C GLY A 260 -33.60 61.44 76.74
N PHE A 261 -34.63 62.27 76.93
CA PHE A 261 -35.37 62.37 78.18
C PHE A 261 -36.63 61.55 78.17
N LEU A 262 -36.93 60.95 79.32
CA LEU A 262 -38.26 60.45 79.61
C LEU A 262 -39.04 61.60 80.26
N PHE A 263 -40.08 62.07 79.59
CA PHE A 263 -40.92 63.17 80.08
C PHE A 263 -42.04 62.62 80.94
N LYS A 264 -42.04 62.97 82.22
CA LYS A 264 -43.04 62.49 83.17
C LYS A 264 -44.19 63.49 83.33
N THR A 265 -45.36 62.97 83.73
CA THR A 265 -46.59 63.77 83.86
C THR A 265 -46.42 65.05 84.66
N SER A 266 -45.69 64.94 85.77
CA SER A 266 -45.45 66.05 86.71
C SER A 266 -44.67 67.21 86.09
N GLY A 267 -44.00 66.96 84.97
CA GLY A 267 -43.07 67.92 84.38
C GLY A 267 -41.63 67.48 84.55
N LYS A 268 -41.41 66.54 85.46
CA LYS A 268 -40.05 66.06 85.71
C LYS A 268 -39.53 65.24 84.55
N MET A 269 -38.21 65.26 84.38
CA MET A 269 -37.55 64.65 83.23
C MET A 269 -36.33 63.88 83.72
N ALA A 270 -36.11 62.69 83.15
CA ALA A 270 -34.90 61.94 83.43
C ALA A 270 -34.21 61.56 82.13
N LEU A 271 -32.88 61.49 82.13
CA LEU A 271 -32.15 61.00 80.96
C LEU A 271 -32.19 59.47 80.89
N HIS A 272 -32.08 58.95 79.67
CA HIS A 272 -32.19 57.51 79.41
C HIS A 272 -31.06 57.10 78.49
N GLY A 273 -30.55 55.88 78.68
CA GLY A 273 -29.52 55.33 77.80
C GLY A 273 -29.83 53.94 77.28
N LEU A 274 -29.10 53.54 76.24
CA LEU A 274 -29.24 52.21 75.68
C LEU A 274 -27.90 51.46 75.69
N PRO A 275 -27.94 50.11 75.66
CA PRO A 275 -26.70 49.34 75.64
C PRO A 275 -26.06 49.37 74.26
N ARG A 276 -24.79 49.00 74.20
CA ARG A 276 -24.05 48.94 72.95
C ARG A 276 -23.35 47.60 72.77
N TYR A 277 -23.44 47.07 71.56
CA TYR A 277 -22.80 45.79 71.21
C TYR A 277 -21.53 46.05 70.40
N PHE A 278 -20.53 45.19 70.60
CA PHE A 278 -19.26 45.26 69.87
C PHE A 278 -18.85 43.89 69.36
N ASN A 279 -18.32 43.85 68.14
CA ASN A 279 -17.59 42.68 67.64
C ASN A 279 -16.30 43.19 67.01
N VAL A 280 -15.19 42.90 67.68
CA VAL A 280 -13.87 43.39 67.30
C VAL A 280 -13.04 42.26 66.69
N THR A 281 -12.42 42.55 65.54
CA THR A 281 -11.50 41.64 64.90
C THR A 281 -10.08 42.08 65.26
N LEU A 282 -9.27 41.13 65.71
CA LEU A 282 -7.87 41.40 66.05
C LEU A 282 -6.93 40.46 65.31
N ARG A 283 -5.69 40.92 65.12
CA ARG A 283 -4.65 40.09 64.51
C ARG A 283 -3.36 40.18 65.31
N LYS A 284 -2.52 39.14 65.20
CA LYS A 284 -1.23 39.11 65.88
C LYS A 284 -0.22 39.97 65.14
N ARG A 285 0.53 40.77 65.89
CA ARG A 285 1.54 41.68 65.33
C ARG A 285 2.85 41.53 66.10
N TRP A 286 3.95 41.45 65.36
CA TRP A 286 5.28 41.48 65.96
C TRP A 286 5.64 42.91 66.37
N VAL A 287 6.14 43.06 67.60
CA VAL A 287 6.62 44.36 68.08
C VAL A 287 8.01 44.22 68.73
N LYS A 288 8.78 45.31 68.68
CA LYS A 288 10.13 45.33 69.23
C LYS A 288 10.15 46.06 70.56
N VAL B 9 -19.70 24.00 57.05
CA VAL B 9 -20.61 24.89 56.26
C VAL B 9 -19.78 25.77 55.31
N GLU B 10 -18.89 25.14 54.54
CA GLU B 10 -17.97 25.86 53.66
C GLU B 10 -18.67 26.37 52.40
N VAL B 11 -18.47 27.64 52.08
CA VAL B 11 -19.02 28.23 50.87
C VAL B 11 -18.02 28.03 49.72
N LEU B 12 -18.51 27.49 48.60
CA LEU B 12 -17.64 27.23 47.45
C LEU B 12 -17.91 28.22 46.34
N SER B 13 -17.73 27.81 45.09
CA SER B 13 -17.83 28.70 43.94
C SER B 13 -19.27 29.00 43.54
N VAL B 14 -19.47 30.14 42.90
CA VAL B 14 -20.76 30.50 42.31
C VAL B 14 -21.06 29.53 41.16
N VAL B 15 -22.30 29.06 41.08
CA VAL B 15 -22.73 28.16 40.00
C VAL B 15 -22.79 28.92 38.67
N THR B 16 -22.11 28.38 37.66
CA THR B 16 -22.18 28.96 36.32
C THR B 16 -23.21 28.20 35.48
N GLY B 17 -23.99 28.92 34.70
CA GLY B 17 -25.02 28.31 33.87
C GLY B 17 -26.10 29.29 33.45
N GLU B 18 -27.00 28.80 32.61
CA GLU B 18 -28.05 29.62 32.00
C GLU B 18 -29.06 30.16 33.02
N ASP B 19 -29.66 29.26 33.80
CA ASP B 19 -30.71 29.63 34.74
C ASP B 19 -30.19 29.78 36.17
N SER B 20 -29.01 30.37 36.31
CA SER B 20 -28.36 30.49 37.61
C SER B 20 -28.86 31.68 38.46
N ILE B 21 -29.54 32.63 37.82
CA ILE B 21 -30.06 33.82 38.53
C ILE B 21 -31.57 33.85 38.48
N THR B 22 -32.20 34.20 39.61
CA THR B 22 -33.64 34.34 39.69
C THR B 22 -34.02 35.63 40.45
N GLN B 23 -35.22 36.11 40.16
N GLN B 23 -35.29 36.02 40.40
CA GLN B 23 -35.72 37.38 40.66
CA GLN B 23 -35.81 37.11 41.25
C GLN B 23 -37.04 37.10 41.36
C GLN B 23 -37.05 36.68 42.06
N ILE B 24 -37.09 37.44 42.65
N ILE B 24 -37.21 37.20 43.28
CA ILE B 24 -38.26 37.24 43.50
CA ILE B 24 -38.48 37.03 44.00
C ILE B 24 -38.90 38.59 43.86
C ILE B 24 -39.07 38.40 44.33
N GLU B 25 -40.23 38.68 43.74
CA GLU B 25 -41.00 39.90 44.03
C GLU B 25 -42.01 39.63 45.14
N LEU B 26 -42.17 40.60 46.03
N LEU B 26 -42.17 40.60 46.05
CA LEU B 26 -43.25 40.55 47.03
CA LEU B 26 -43.06 40.46 47.22
C LEU B 26 -43.48 41.93 47.60
C LEU B 26 -43.34 41.82 47.88
N TYR B 27 -44.58 42.03 48.34
CA TYR B 27 -44.88 43.20 49.14
C TYR B 27 -45.36 42.72 50.50
N LEU B 28 -45.16 43.55 51.52
CA LEU B 28 -45.62 43.26 52.85
C LEU B 28 -46.44 44.43 53.35
N ASN B 29 -47.71 44.18 53.66
CA ASN B 29 -48.55 45.21 54.27
C ASN B 29 -48.22 45.40 55.73
N PRO B 30 -48.43 46.63 56.25
CA PRO B 30 -47.99 46.94 57.62
C PRO B 30 -48.87 46.28 58.68
N ARG B 31 -48.27 45.97 59.82
CA ARG B 31 -48.98 45.33 60.94
C ARG B 31 -48.91 46.23 62.17
N MET B 32 -49.67 47.31 62.12
CA MET B 32 -49.63 48.38 63.13
C MET B 32 -50.45 48.10 64.38
N GLY B 33 -51.32 47.08 64.34
CA GLY B 33 -52.14 46.74 65.48
C GLY B 33 -53.51 46.28 65.02
N VAL B 34 -54.14 47.07 64.16
CA VAL B 34 -55.28 46.58 63.38
C VAL B 34 -54.67 45.95 62.11
N ASN B 35 -54.55 44.62 62.16
CA ASN B 35 -53.70 43.91 61.21
C ASN B 35 -54.39 43.26 60.03
N SER B 36 -55.72 43.28 60.03
CA SER B 36 -56.49 42.70 58.94
C SER B 36 -57.46 43.71 58.33
N PRO B 37 -57.60 43.70 56.99
CA PRO B 37 -58.63 44.52 56.34
C PRO B 37 -60.00 43.82 56.29
N ASP B 38 -60.03 42.56 56.71
CA ASP B 38 -61.20 41.68 56.50
C ASP B 38 -62.09 41.45 57.73
N LEU B 39 -61.82 42.16 58.82
CA LEU B 39 -62.62 41.98 60.03
C LEU B 39 -63.98 42.66 59.91
N PRO B 40 -65.01 42.10 60.59
CA PRO B 40 -66.39 42.60 60.47
C PRO B 40 -66.56 44.11 60.72
N THR B 41 -66.09 44.61 61.87
CA THR B 41 -66.41 45.98 62.29
C THR B 41 -65.22 46.91 62.52
N THR B 42 -64.02 46.36 62.75
CA THR B 42 -62.87 47.15 63.22
C THR B 42 -61.81 47.46 62.14
N SER B 43 -62.02 46.97 60.93
CA SER B 43 -61.00 47.04 59.88
C SER B 43 -60.78 48.41 59.24
N ASN B 44 -61.64 49.38 59.58
N ASN B 44 -61.65 49.37 59.59
CA ASN B 44 -61.45 50.74 59.06
CA ASN B 44 -61.51 50.76 59.14
C ASN B 44 -60.15 51.37 59.56
C ASN B 44 -60.17 51.34 59.56
N TRP B 45 -59.61 50.81 60.63
CA TRP B 45 -58.34 51.27 61.18
C TRP B 45 -57.13 50.42 60.75
N TYR B 46 -57.33 49.60 59.72
CA TYR B 46 -56.26 48.84 59.09
C TYR B 46 -55.13 49.77 58.66
N THR B 47 -53.90 49.40 59.06
CA THR B 47 -52.65 50.18 58.88
C THR B 47 -52.44 51.26 59.93
N TYR B 48 -53.27 51.26 60.97
CA TYR B 48 -53.16 52.16 62.11
C TYR B 48 -53.18 51.39 63.44
N THR B 49 -52.81 52.09 64.50
CA THR B 49 -53.05 51.63 65.86
C THR B 49 -54.41 52.16 66.28
N TYR B 50 -54.83 51.84 67.50
CA TYR B 50 -55.89 52.61 68.15
C TYR B 50 -55.25 53.85 68.78
N ASP B 51 -55.93 54.48 69.73
CA ASP B 51 -55.41 55.72 70.31
C ASP B 51 -54.37 55.43 71.39
N LEU B 52 -53.19 56.01 71.20
CA LEU B 52 -52.08 55.83 72.12
C LEU B 52 -52.14 56.87 73.24
N GLN B 53 -52.17 56.39 74.47
CA GLN B 53 -52.31 57.26 75.64
C GLN B 53 -51.55 56.69 76.83
N PRO B 54 -50.89 57.55 77.61
CA PRO B 54 -50.42 57.14 78.94
C PRO B 54 -51.61 56.83 79.83
N LYS B 55 -51.57 55.71 80.54
CA LYS B 55 -52.67 55.30 81.42
C LYS B 55 -52.90 56.31 82.55
N GLY B 56 -51.82 56.91 83.05
CA GLY B 56 -51.91 57.84 84.18
C GLY B 56 -51.72 57.14 85.52
N SER B 57 -51.76 55.82 85.51
CA SER B 57 -51.52 54.99 86.70
C SER B 57 -50.83 53.69 86.32
N SER B 58 -50.13 53.09 87.28
N SER B 58 -50.12 53.09 87.28
CA SER B 58 -49.36 51.87 87.07
CA SER B 58 -49.36 51.87 87.04
C SER B 58 -50.19 50.60 87.34
C SER B 58 -50.20 50.61 87.32
N PRO B 59 -49.96 49.53 86.56
CA PRO B 59 -49.01 49.44 85.44
C PRO B 59 -49.66 49.69 84.08
N ASP B 60 -48.83 49.90 83.07
CA ASP B 60 -49.31 49.95 81.68
C ASP B 60 -49.81 48.55 81.30
N GLN B 61 -51.00 48.51 80.69
CA GLN B 61 -51.57 47.26 80.19
C GLN B 61 -52.03 47.48 78.75
N PRO B 62 -51.06 47.60 77.82
CA PRO B 62 -51.39 47.98 76.44
C PRO B 62 -52.18 46.89 75.71
N ILE B 63 -53.12 47.31 74.86
CA ILE B 63 -53.89 46.37 74.03
C ILE B 63 -53.13 46.03 72.74
N LYS B 64 -53.44 44.88 72.15
CA LYS B 64 -52.81 44.42 70.90
C LYS B 64 -52.84 45.49 69.82
N GLU B 65 -53.94 46.24 69.75
CA GLU B 65 -54.15 47.23 68.70
C GLU B 65 -53.19 48.41 68.80
N ASN B 66 -52.51 48.53 69.94
CA ASN B 66 -51.56 49.62 70.17
C ASN B 66 -50.10 49.18 70.12
N LEU B 67 -49.87 48.01 69.53
CA LEU B 67 -48.55 47.41 69.47
C LEU B 67 -48.13 47.06 68.03
N PRO B 68 -47.66 48.08 67.26
CA PRO B 68 -47.13 47.80 65.93
C PRO B 68 -46.08 46.70 65.97
N ALA B 69 -46.13 45.81 64.99
CA ALA B 69 -45.28 44.63 64.97
C ALA B 69 -44.57 44.53 63.62
N TYR B 70 -43.50 43.73 63.59
CA TYR B 70 -42.75 43.49 62.36
C TYR B 70 -43.58 42.75 61.33
N SER B 71 -43.34 43.07 60.06
CA SER B 71 -43.88 42.27 58.97
C SER B 71 -42.83 41.25 58.60
N VAL B 72 -43.29 40.07 58.20
CA VAL B 72 -42.37 39.01 57.76
C VAL B 72 -43.05 38.02 56.82
N ALA B 73 -42.30 37.59 55.81
CA ALA B 73 -42.72 36.50 54.94
C ALA B 73 -41.56 35.57 54.68
N ARG B 74 -41.87 34.28 54.55
CA ARG B 74 -40.93 33.29 54.02
C ARG B 74 -41.34 32.96 52.58
N VAL B 75 -40.41 33.15 51.64
CA VAL B 75 -40.67 32.85 50.23
C VAL B 75 -40.04 31.51 49.89
N SER B 76 -40.86 30.59 49.37
CA SER B 76 -40.39 29.31 48.86
C SER B 76 -39.68 29.49 47.52
N LEU B 77 -38.47 28.94 47.44
CA LEU B 77 -37.62 29.08 46.27
C LEU B 77 -37.54 27.76 45.49
N PRO B 78 -37.20 27.84 44.19
CA PRO B 78 -37.07 26.61 43.38
C PRO B 78 -36.11 25.62 44.01
N MET B 79 -36.54 24.37 44.15
CA MET B 79 -35.71 23.30 44.68
C MET B 79 -34.50 23.07 43.77
N LEU B 80 -33.32 22.90 44.37
CA LEU B 80 -32.07 22.87 43.61
C LEU B 80 -31.43 21.49 43.50
N ASN B 81 -31.63 20.66 44.51
CA ASN B 81 -30.88 19.41 44.63
C ASN B 81 -31.75 18.15 44.55
N GLU B 82 -31.46 17.31 43.57
CA GLU B 82 -32.16 16.03 43.38
C GLU B 82 -31.74 15.00 44.43
N ASP B 83 -30.54 15.17 44.97
CA ASP B 83 -30.05 14.34 46.07
C ASP B 83 -29.64 15.24 47.24
N ILE B 84 -30.37 15.12 48.35
CA ILE B 84 -30.17 15.97 49.52
C ILE B 84 -29.11 15.42 50.50
N THR B 85 -28.68 14.18 50.25
CA THR B 85 -27.73 13.52 51.15
C THR B 85 -26.25 13.85 50.87
N CYS B 86 -25.97 14.43 49.71
CA CYS B 86 -24.62 14.85 49.32
C CYS B 86 -24.06 15.94 50.24
N ASP B 87 -22.74 15.90 50.46
CA ASP B 87 -22.05 16.94 51.24
C ASP B 87 -22.14 18.28 50.54
N THR B 88 -21.92 18.27 49.22
CA THR B 88 -21.89 19.48 48.41
C THR B 88 -23.24 19.69 47.71
N LEU B 89 -23.86 20.83 47.99
CA LEU B 89 -25.19 21.13 47.51
C LEU B 89 -25.24 22.54 46.97
N GLN B 90 -26.26 22.82 46.16
CA GLN B 90 -26.53 24.16 45.66
C GLN B 90 -27.54 24.87 46.57
N MET B 91 -27.27 26.13 46.86
CA MET B 91 -28.16 26.97 47.67
C MET B 91 -28.41 28.27 46.94
N TRP B 92 -29.60 28.85 47.13
CA TRP B 92 -29.88 30.19 46.65
C TRP B 92 -29.17 31.22 47.53
N GLU B 93 -28.46 32.13 46.89
CA GLU B 93 -27.71 33.19 47.58
C GLU B 93 -28.29 34.54 47.18
N ALA B 94 -28.82 35.29 48.14
CA ALA B 94 -29.38 36.62 47.88
C ALA B 94 -28.25 37.63 47.70
N ILE B 95 -28.21 38.29 46.54
CA ILE B 95 -27.07 39.17 46.23
C ILE B 95 -27.40 40.67 46.22
N SER B 96 -28.65 41.01 45.92
CA SER B 96 -29.09 42.40 45.95
C SER B 96 -30.60 42.48 46.09
N VAL B 97 -31.07 43.66 46.50
CA VAL B 97 -32.49 43.91 46.66
C VAL B 97 -32.81 45.35 46.26
N LYS B 98 -33.93 45.50 45.56
CA LYS B 98 -34.55 46.81 45.37
C LYS B 98 -35.77 46.82 46.26
N THR B 99 -35.84 47.82 47.14
CA THR B 99 -36.94 47.89 48.09
C THR B 99 -37.46 49.31 48.16
N GLU B 100 -38.78 49.45 48.33
CA GLU B 100 -39.43 50.75 48.32
C GLU B 100 -40.61 50.74 49.27
N VAL B 101 -40.74 51.81 50.05
CA VAL B 101 -41.96 52.04 50.83
C VAL B 101 -43.03 52.54 49.84
N VAL B 102 -44.18 51.89 49.86
CA VAL B 102 -45.25 52.15 48.89
C VAL B 102 -46.31 53.06 49.51
N GLY B 103 -46.88 53.96 48.70
CA GLY B 103 -47.96 54.83 49.18
C GLY B 103 -47.50 56.07 49.91
N ILE B 104 -46.26 56.47 49.65
CA ILE B 104 -45.72 57.66 50.30
C ILE B 104 -46.57 58.91 49.98
N SER B 105 -46.98 59.04 48.72
CA SER B 105 -47.78 60.16 48.25
C SER B 105 -49.10 60.34 49.01
N SER B 106 -49.66 59.25 49.53
CA SER B 106 -50.90 59.32 50.31
C SER B 106 -50.78 60.25 51.52
N LEU B 107 -49.56 60.49 51.98
CA LEU B 107 -49.34 61.31 53.17
C LEU B 107 -49.47 62.83 52.95
N ILE B 108 -49.71 63.26 51.70
CA ILE B 108 -50.01 64.67 51.46
C ILE B 108 -51.45 65.04 51.85
N ASN B 109 -52.27 64.03 52.15
CA ASN B 109 -53.65 64.25 52.58
C ASN B 109 -53.70 65.00 53.92
N VAL B 110 -54.14 66.25 53.87
CA VAL B 110 -54.27 67.07 55.10
C VAL B 110 -55.73 67.44 55.38
N HIS B 111 -56.64 66.57 54.95
CA HIS B 111 -58.07 66.84 55.04
C HIS B 111 -58.84 65.58 55.43
N TYR B 112 -58.21 64.72 56.23
CA TYR B 112 -58.91 63.63 56.89
C TYR B 112 -60.06 64.25 57.70
N TRP B 113 -61.26 63.67 57.61
CA TRP B 113 -62.45 64.36 58.13
C TRP B 113 -62.34 64.73 59.60
N ASP B 114 -61.65 63.89 60.37
CA ASP B 114 -61.50 64.09 61.80
C ASP B 114 -60.07 64.49 62.18
N MET B 115 -59.39 65.20 61.28
CA MET B 115 -58.00 65.60 61.51
C MET B 115 -57.94 66.83 62.40
N LYS B 116 -57.08 66.80 63.42
CA LYS B 116 -56.80 68.01 64.20
C LYS B 116 -56.18 69.06 63.30
N ARG B 117 -56.64 70.30 63.42
CA ARG B 117 -56.13 71.40 62.60
C ARG B 117 -54.82 71.96 63.18
N VAL B 118 -53.98 72.52 62.30
N VAL B 118 -53.97 72.50 62.31
CA VAL B 118 -52.76 73.18 62.77
CA VAL B 118 -52.76 73.19 62.74
C VAL B 118 -53.09 74.46 63.54
C VAL B 118 -53.11 74.45 63.56
N HIS B 119 -54.17 75.13 63.13
CA HIS B 119 -54.72 76.31 63.84
C HIS B 119 -56.17 76.49 63.38
N ASP B 120 -56.88 77.45 63.98
CA ASP B 120 -58.28 77.70 63.59
C ASP B 120 -58.41 77.95 62.08
N TYR B 121 -59.36 77.26 61.46
CA TYR B 121 -59.63 77.34 60.01
C TYR B 121 -58.55 76.73 59.10
N GLY B 122 -57.49 76.17 59.68
CA GLY B 122 -56.38 75.64 58.89
C GLY B 122 -56.59 74.22 58.40
N ALA B 123 -55.59 73.70 57.70
CA ALA B 123 -55.54 72.32 57.28
C ALA B 123 -55.24 71.39 58.45
N GLY B 124 -55.42 70.09 58.25
CA GLY B 124 -55.05 69.10 59.25
C GLY B 124 -53.55 69.03 59.48
N ILE B 125 -53.15 68.66 60.69
CA ILE B 125 -51.75 68.34 60.96
C ILE B 125 -51.42 67.08 60.16
N PRO B 126 -50.45 67.18 59.22
CA PRO B 126 -50.11 66.01 58.42
C PRO B 126 -49.50 64.89 59.26
N VAL B 127 -49.62 63.66 58.76
CA VAL B 127 -48.96 62.50 59.36
C VAL B 127 -47.48 62.83 59.59
N SER B 128 -47.05 62.77 60.84
N SER B 128 -47.08 62.84 60.86
CA SER B 128 -45.72 63.22 61.23
CA SER B 128 -45.75 63.32 61.28
C SER B 128 -45.40 62.73 62.64
C SER B 128 -45.39 62.71 62.62
N GLY B 129 -44.14 62.90 63.05
CA GLY B 129 -43.71 62.46 64.36
C GLY B 129 -42.88 61.19 64.31
N VAL B 130 -43.20 60.24 65.19
CA VAL B 130 -42.39 59.03 65.33
C VAL B 130 -42.31 58.24 64.01
N ASN B 131 -41.08 58.05 63.53
CA ASN B 131 -40.81 57.14 62.43
C ASN B 131 -39.91 55.98 62.85
N TYR B 132 -40.19 54.80 62.30
CA TYR B 132 -39.32 53.66 62.45
C TYR B 132 -39.33 52.89 61.15
N HIS B 133 -38.15 52.73 60.56
CA HIS B 133 -38.01 52.08 59.26
C HIS B 133 -36.88 51.08 59.28
N MET B 134 -37.20 49.85 58.87
CA MET B 134 -36.20 48.79 58.79
C MET B 134 -36.65 47.76 57.77
N PHE B 135 -35.66 47.10 57.16
CA PHE B 135 -35.94 45.91 56.36
C PHE B 135 -34.76 44.96 56.55
N ALA B 136 -35.03 43.67 56.35
CA ALA B 136 -34.03 42.63 56.49
C ALA B 136 -34.26 41.56 55.44
N ILE B 137 -33.16 41.05 54.90
CA ILE B 137 -33.17 39.93 53.97
C ILE B 137 -32.26 38.87 54.57
N GLY B 138 -32.78 37.66 54.72
CA GLY B 138 -31.99 36.55 55.30
C GLY B 138 -32.32 35.19 54.71
N GLY B 139 -31.44 34.22 54.97
CA GLY B 139 -31.66 32.84 54.55
C GLY B 139 -32.27 32.02 55.66
N GLU B 140 -32.73 32.72 56.69
CA GLU B 140 -33.35 32.13 57.89
C GLU B 140 -34.00 33.27 58.67
N PRO B 141 -34.85 32.96 59.67
CA PRO B 141 -35.52 34.02 60.41
C PRO B 141 -34.54 35.02 61.01
N LEU B 142 -34.94 36.29 61.06
CA LEU B 142 -34.15 37.34 61.71
C LEU B 142 -34.08 37.08 63.21
N ASP B 143 -32.87 37.15 63.76
CA ASP B 143 -32.68 36.98 65.20
C ASP B 143 -33.04 38.27 65.91
N LEU B 144 -33.80 38.16 67.00
CA LEU B 144 -34.26 39.33 67.75
C LEU B 144 -33.70 39.39 69.15
N GLN B 145 -33.48 40.61 69.63
CA GLN B 145 -33.09 40.88 71.01
C GLN B 145 -34.23 41.66 71.66
N GLY B 146 -34.64 41.24 72.86
CA GLY B 146 -35.69 41.97 73.59
C GLY B 146 -35.13 43.06 74.47
N LEU B 147 -35.79 44.22 74.45
CA LEU B 147 -35.45 45.34 75.34
C LEU B 147 -36.64 46.27 75.37
N VAL B 148 -37.10 46.62 76.57
CA VAL B 148 -38.25 47.49 76.69
C VAL B 148 -37.98 48.76 77.49
N LEU B 149 -38.74 49.81 77.19
CA LEU B 149 -38.72 51.05 77.93
C LEU B 149 -39.01 50.82 79.42
N ASP B 150 -40.03 50.01 79.70
CA ASP B 150 -40.48 49.81 81.08
C ASP B 150 -40.75 48.33 81.34
N TYR B 151 -39.95 47.72 82.21
CA TYR B 151 -40.05 46.28 82.48
C TYR B 151 -41.38 45.90 83.15
N GLN B 152 -42.04 46.89 83.76
CA GLN B 152 -43.30 46.66 84.47
C GLN B 152 -44.52 46.64 83.54
N THR B 153 -44.32 46.95 82.27
CA THR B 153 -45.39 46.88 81.27
C THR B 153 -45.97 45.46 81.21
N GLN B 154 -47.29 45.37 81.24
CA GLN B 154 -47.98 44.08 81.19
C GLN B 154 -48.58 43.87 79.83
N TYR B 155 -47.81 43.23 78.95
CA TYR B 155 -48.25 42.97 77.58
C TYR B 155 -49.31 41.87 77.59
N PRO B 156 -50.25 41.90 76.62
CA PRO B 156 -51.28 40.84 76.59
C PRO B 156 -50.61 39.48 76.46
N LYS B 157 -51.11 38.51 77.23
CA LYS B 157 -50.54 37.17 77.26
C LYS B 157 -50.67 36.48 75.91
N THR B 158 -49.58 35.85 75.47
CA THR B 158 -49.56 35.10 74.22
C THR B 158 -50.63 33.99 74.22
N THR B 159 -50.81 33.33 75.36
CA THR B 159 -51.83 32.29 75.51
C THR B 159 -53.27 32.81 75.37
N ASN B 160 -53.45 34.12 75.59
N ASN B 160 -53.45 34.11 75.59
CA ASN B 160 -54.76 34.75 75.44
CA ASN B 160 -54.74 34.76 75.43
C ASN B 160 -54.97 35.41 74.06
C ASN B 160 -54.85 35.53 74.12
N GLY B 161 -54.11 35.08 73.10
CA GLY B 161 -54.17 35.67 71.77
C GLY B 161 -53.24 36.86 71.55
N GLY B 162 -52.42 37.17 72.56
CA GLY B 162 -51.52 38.32 72.50
C GLY B 162 -50.29 38.10 71.62
N PRO B 163 -49.43 39.13 71.51
CA PRO B 163 -48.20 38.99 70.74
C PRO B 163 -47.13 38.21 71.52
N ILE B 164 -46.03 37.88 70.87
CA ILE B 164 -44.89 37.27 71.55
C ILE B 164 -44.00 38.36 72.12
N THR B 165 -43.81 38.35 73.44
CA THR B 165 -42.96 39.33 74.11
C THR B 165 -41.94 38.61 75.02
N ILE B 166 -41.18 39.38 75.80
CA ILE B 166 -40.09 38.83 76.60
C ILE B 166 -40.59 37.80 77.62
N GLU B 167 -41.70 38.10 78.30
CA GLU B 167 -42.29 37.14 79.25
C GLU B 167 -42.58 35.80 78.56
N THR B 168 -43.03 35.85 77.31
CA THR B 168 -43.28 34.65 76.51
C THR B 168 -42.03 33.76 76.40
N VAL B 169 -40.90 34.36 76.06
CA VAL B 169 -39.67 33.57 75.84
C VAL B 169 -39.00 33.14 77.15
N LEU B 170 -39.12 33.97 78.18
CA LEU B 170 -38.51 33.66 79.49
C LEU B 170 -39.33 32.65 80.31
N GLY B 171 -40.63 32.58 80.05
CA GLY B 171 -41.54 31.73 80.83
C GLY B 171 -41.78 32.29 82.23
N ARG B 172 -41.46 33.58 82.39
CA ARG B 172 -41.58 34.27 83.68
CA ARG B 172 -41.62 34.27 83.67
C ARG B 172 -41.65 35.78 83.43
N LYS B 173 -42.10 36.55 84.42
CA LYS B 173 -42.20 38.01 84.33
C LYS B 173 -40.84 38.66 84.08
N MET B 174 -40.85 39.78 83.35
CA MET B 174 -39.65 40.59 83.17
C MET B 174 -39.14 41.13 84.51
N THR B 175 -37.84 41.43 84.56
CA THR B 175 -37.21 42.06 85.72
C THR B 175 -36.51 43.35 85.21
N PRO B 176 -36.01 44.20 86.12
CA PRO B 176 -35.39 45.45 85.64
C PRO B 176 -34.30 45.28 84.57
N LYS B 177 -33.63 44.14 84.56
CA LYS B 177 -32.56 43.91 83.56
C LYS B 177 -33.04 43.96 82.12
N ASN B 178 -34.34 43.79 81.90
CA ASN B 178 -34.93 43.85 80.57
C ASN B 178 -35.14 45.27 80.05
N GLN B 179 -34.77 46.24 80.88
CA GLN B 179 -34.63 47.61 80.40
C GLN B 179 -33.25 47.81 79.76
N GLY B 180 -32.34 46.86 80.02
CA GLY B 180 -31.03 46.80 79.36
C GLY B 180 -30.96 45.55 78.50
N LEU B 181 -29.75 45.18 78.09
CA LEU B 181 -29.56 43.97 77.30
C LEU B 181 -29.48 42.74 78.21
N ASP B 182 -30.52 41.91 78.14
CA ASP B 182 -30.54 40.60 78.83
C ASP B 182 -30.34 39.52 77.75
N PRO B 183 -29.23 38.78 77.81
CA PRO B 183 -28.91 37.77 76.79
C PRO B 183 -29.97 36.65 76.69
N GLN B 184 -30.76 36.46 77.72
CA GLN B 184 -31.83 35.44 77.68
C GLN B 184 -33.05 35.91 76.90
N ALA B 185 -33.20 37.23 76.74
CA ALA B 185 -34.35 37.79 76.03
C ALA B 185 -34.14 37.78 74.53
N LYS B 186 -34.21 36.59 73.94
CA LYS B 186 -33.98 36.41 72.50
C LYS B 186 -35.13 35.66 71.84
N ALA B 187 -35.33 35.92 70.55
CA ALA B 187 -36.38 35.27 69.78
C ALA B 187 -36.03 35.28 68.31
N LYS B 188 -36.80 34.54 67.52
CA LYS B 188 -36.65 34.57 66.06
C LYS B 188 -37.89 35.17 65.43
N LEU B 189 -37.70 36.07 64.47
CA LEU B 189 -38.83 36.69 63.78
C LEU B 189 -39.43 35.71 62.77
N ASP B 190 -40.39 34.92 63.25
CA ASP B 190 -40.93 33.81 62.46
C ASP B 190 -42.45 33.89 62.27
N LYS B 191 -43.04 35.00 62.69
CA LYS B 191 -44.49 35.17 62.60
C LYS B 191 -44.85 36.62 62.31
N ASP B 192 -45.57 36.82 61.20
CA ASP B 192 -46.03 38.13 60.74
C ASP B 192 -46.98 38.76 61.74
N GLY B 193 -46.73 40.01 62.11
CA GLY B 193 -47.61 40.78 62.98
C GLY B 193 -47.75 40.30 64.41
N ASN B 194 -46.74 39.61 64.94
CA ASN B 194 -46.79 39.11 66.32
C ASN B 194 -45.62 39.47 67.24
N TYR B 195 -44.59 40.11 66.69
CA TYR B 195 -43.46 40.52 67.49
C TYR B 195 -43.46 42.04 67.55
N PRO B 196 -43.84 42.62 68.71
CA PRO B 196 -43.95 44.09 68.78
C PRO B 196 -42.60 44.78 68.60
N ILE B 197 -42.62 45.84 67.81
CA ILE B 197 -41.46 46.67 67.57
C ILE B 197 -40.89 47.27 68.86
N GLU B 198 -41.77 47.71 69.77
CA GLU B 198 -41.33 48.33 71.03
C GLU B 198 -40.69 47.34 72.00
N VAL B 199 -40.76 46.05 71.67
CA VAL B 199 -40.17 45.01 72.51
C VAL B 199 -38.90 44.42 71.90
N TRP B 200 -38.88 44.29 70.58
CA TRP B 200 -37.86 43.51 69.86
C TRP B 200 -37.08 44.33 68.84
N CYS B 201 -35.77 44.15 68.84
CA CYS B 201 -34.91 44.78 67.86
C CYS B 201 -34.01 43.69 67.24
N PRO B 202 -33.41 43.95 66.07
CA PRO B 202 -32.51 42.95 65.49
C PRO B 202 -31.32 42.70 66.42
N ASP B 203 -30.96 41.43 66.59
CA ASP B 203 -29.89 41.02 67.50
C ASP B 203 -28.54 41.07 66.78
N PRO B 204 -27.66 42.04 67.14
CA PRO B 204 -26.40 42.17 66.39
C PRO B 204 -25.36 41.11 66.74
N SER B 205 -25.62 40.32 67.78
CA SER B 205 -24.70 39.24 68.16
C SER B 205 -24.94 37.98 67.33
N LYS B 206 -26.03 37.97 66.57
CA LYS B 206 -26.34 36.83 65.71
C LYS B 206 -26.50 37.35 64.29
N ASN B 207 -27.51 36.88 63.57
CA ASN B 207 -27.81 37.36 62.21
C ASN B 207 -26.65 37.29 61.22
N GLU B 208 -25.81 36.27 61.35
CA GLU B 208 -24.69 36.05 60.43
C GLU B 208 -25.20 35.86 59.00
N ASN B 209 -26.39 35.26 58.88
CA ASN B 209 -26.96 34.89 57.59
C ASN B 209 -28.15 35.78 57.18
N SER B 210 -28.18 36.99 57.73
CA SER B 210 -29.14 38.03 57.35
C SER B 210 -28.42 39.37 57.17
N ARG B 211 -29.04 40.27 56.40
CA ARG B 211 -28.61 41.66 56.33
C ARG B 211 -29.79 42.52 56.75
N TYR B 212 -29.58 43.42 57.70
CA TYR B 212 -30.67 44.31 58.12
C TYR B 212 -30.20 45.76 58.19
N TYR B 213 -31.15 46.67 58.00
CA TYR B 213 -30.87 48.09 57.85
C TYR B 213 -32.06 48.82 58.45
N GLY B 214 -31.81 49.79 59.34
CA GLY B 214 -32.91 50.44 60.04
C GLY B 214 -32.57 51.78 60.64
N SER B 215 -33.61 52.50 61.08
CA SER B 215 -33.48 53.83 61.66
C SER B 215 -34.73 54.16 62.47
N ILE B 216 -34.56 55.05 63.44
CA ILE B 216 -35.67 55.60 64.19
C ILE B 216 -35.62 57.12 64.12
N GLN B 217 -36.78 57.74 64.31
CA GLN B 217 -36.90 59.19 64.47
C GLN B 217 -37.97 59.44 65.52
N THR B 218 -37.59 60.06 66.63
CA THR B 218 -38.57 60.39 67.67
C THR B 218 -39.03 61.85 67.55
N GLY B 219 -39.75 62.36 68.54
CA GLY B 219 -40.42 63.67 68.44
C GLY B 219 -41.87 63.48 68.04
N SER B 220 -42.73 64.42 68.43
CA SER B 220 -44.18 64.26 68.24
C SER B 220 -44.70 64.71 66.88
N GLN B 221 -44.12 65.76 66.32
CA GLN B 221 -44.55 66.31 65.04
C GLN B 221 -43.40 66.43 64.06
N THR B 222 -42.32 65.70 64.32
CA THR B 222 -41.14 65.68 63.45
C THR B 222 -41.56 65.34 62.02
N PRO B 223 -41.10 66.14 61.04
CA PRO B 223 -41.43 65.87 59.64
C PRO B 223 -41.09 64.45 59.22
N THR B 224 -42.03 63.80 58.54
CA THR B 224 -41.78 62.53 57.92
C THR B 224 -41.13 62.82 56.58
N VAL B 225 -39.90 62.34 56.42
CA VAL B 225 -39.08 62.63 55.25
C VAL B 225 -38.67 61.29 54.63
N LEU B 226 -39.25 60.99 53.47
CA LEU B 226 -39.02 59.69 52.82
C LEU B 226 -38.71 59.89 51.35
N GLN B 227 -37.89 59.00 50.79
CA GLN B 227 -37.59 58.99 49.37
C GLN B 227 -38.07 57.69 48.73
N PHE B 228 -38.28 57.75 47.41
CA PHE B 228 -38.62 56.57 46.62
C PHE B 228 -38.03 56.73 45.22
N SER B 229 -37.50 55.64 44.68
CA SER B 229 -36.95 55.62 43.33
C SER B 229 -36.73 54.18 42.95
N ASN B 230 -37.00 53.85 41.70
CA ASN B 230 -36.75 52.50 41.22
C ASN B 230 -35.31 52.27 40.73
N THR B 231 -34.41 53.19 41.05
CA THR B 231 -33.02 53.10 40.63
C THR B 231 -32.06 52.74 41.76
N LEU B 232 -32.60 52.52 42.95
CA LEU B 232 -31.76 52.28 44.13
C LEU B 232 -31.68 50.80 44.48
N THR B 233 -30.45 50.29 44.55
CA THR B 233 -30.19 48.88 44.82
C THR B 233 -29.29 48.72 46.06
N THR B 234 -29.68 47.84 46.98
CA THR B 234 -28.83 47.46 48.10
C THR B 234 -28.13 46.14 47.77
N VAL B 235 -26.80 46.15 47.88
CA VAL B 235 -25.99 44.95 47.66
C VAL B 235 -25.92 44.20 48.98
N LEU B 236 -26.15 42.87 48.93
CA LEU B 236 -26.30 42.06 50.14
C LEU B 236 -25.06 41.22 50.47
N LEU B 237 -24.05 41.33 49.61
CA LEU B 237 -22.79 40.60 49.81
C LEU B 237 -22.06 41.13 51.04
N ASP B 238 -21.47 40.22 51.80
CA ASP B 238 -20.63 40.60 52.94
C ASP B 238 -19.23 40.96 52.43
N GLU B 239 -18.30 41.19 53.37
CA GLU B 239 -16.93 41.56 53.01
C GLU B 239 -16.21 40.47 52.18
N ASN B 240 -16.66 39.23 52.30
CA ASN B 240 -16.09 38.12 51.56
C ASN B 240 -16.75 37.86 50.21
N GLY B 241 -17.74 38.67 49.86
CA GLY B 241 -18.47 38.52 48.60
C GLY B 241 -19.60 37.50 48.66
N VAL B 242 -20.07 37.19 49.86
CA VAL B 242 -21.11 36.18 50.06
C VAL B 242 -22.40 36.78 50.64
N GLY B 243 -23.51 36.53 49.95
CA GLY B 243 -24.81 36.97 50.43
C GLY B 243 -25.47 35.94 51.35
N PRO B 244 -26.62 36.29 51.94
CA PRO B 244 -27.39 35.33 52.72
C PRO B 244 -27.68 34.04 51.93
N LEU B 245 -27.52 32.90 52.58
CA LEU B 245 -27.71 31.60 51.93
C LEU B 245 -29.00 30.98 52.42
N CYS B 246 -29.90 30.67 51.49
CA CYS B 246 -31.26 30.30 51.83
C CYS B 246 -31.40 28.84 52.27
N LYS B 247 -31.49 28.65 53.58
CA LYS B 247 -31.62 27.31 54.17
C LYS B 247 -33.02 26.74 53.93
N GLY B 248 -33.06 25.46 53.56
CA GLY B 248 -34.32 24.80 53.20
C GLY B 248 -35.05 25.48 52.05
N ASP B 249 -34.29 26.16 51.20
CA ASP B 249 -34.83 26.88 50.03
C ASP B 249 -35.87 27.94 50.42
N GLY B 250 -35.60 28.63 51.52
CA GLY B 250 -36.49 29.68 52.04
C GLY B 250 -35.75 31.00 52.16
N LEU B 251 -36.39 32.05 51.65
CA LEU B 251 -35.90 33.41 51.76
C LEU B 251 -36.78 34.17 52.74
N PHE B 252 -36.16 34.76 53.76
CA PHE B 252 -36.90 35.49 54.78
C PHE B 252 -36.80 36.98 54.57
N ILE B 253 -37.96 37.62 54.50
CA ILE B 253 -38.06 39.06 54.26
C ILE B 253 -38.85 39.69 55.41
N SER B 254 -38.23 40.66 56.07
CA SER B 254 -38.80 41.29 57.26
C SER B 254 -38.76 42.79 57.13
N CYS B 255 -39.70 43.48 57.75
CA CYS B 255 -39.68 44.95 57.72
C CYS B 255 -40.62 45.61 58.72
N ALA B 256 -40.47 46.93 58.85
CA ALA B 256 -41.38 47.75 59.63
C ALA B 256 -41.27 49.16 59.09
N ASP B 257 -42.40 49.82 58.88
CA ASP B 257 -42.38 51.21 58.40
C ASP B 257 -43.46 52.07 59.04
N ILE B 258 -43.17 52.55 60.26
CA ILE B 258 -44.03 53.50 60.96
C ILE B 258 -43.72 54.88 60.40
N VAL B 259 -44.75 55.59 59.94
CA VAL B 259 -44.55 56.86 59.24
C VAL B 259 -45.06 58.08 60.00
N GLY B 260 -45.57 57.87 61.20
CA GLY B 260 -46.01 58.97 62.04
C GLY B 260 -47.42 58.85 62.59
N PHE B 261 -47.89 59.91 63.23
CA PHE B 261 -49.19 59.93 63.89
C PHE B 261 -50.26 60.53 63.01
N LEU B 262 -51.47 59.94 63.09
CA LEU B 262 -52.68 60.60 62.65
C LEU B 262 -53.20 61.39 63.85
N PHE B 263 -53.28 62.70 63.69
CA PHE B 263 -53.74 63.59 64.76
C PHE B 263 -55.23 63.83 64.62
N LYS B 264 -55.98 63.34 65.59
CA LYS B 264 -57.44 63.44 65.56
C LYS B 264 -57.94 64.68 66.30
N THR B 265 -59.07 65.23 65.86
CA THR B 265 -59.66 66.45 66.40
C THR B 265 -59.64 66.53 67.94
N SER B 266 -60.03 65.44 68.60
CA SER B 266 -60.15 65.39 70.05
C SER B 266 -58.82 65.52 70.80
N GLY B 267 -57.71 65.29 70.08
CA GLY B 267 -56.39 65.25 70.69
C GLY B 267 -55.78 63.85 70.65
N LYS B 268 -56.64 62.85 70.42
CA LYS B 268 -56.19 61.46 70.32
C LYS B 268 -55.21 61.31 69.16
N MET B 269 -54.26 60.41 69.32
CA MET B 269 -53.27 60.13 68.30
C MET B 269 -53.09 58.63 68.08
N ALA B 270 -52.96 58.24 66.82
CA ALA B 270 -52.72 56.86 66.44
C ALA B 270 -51.52 56.79 65.48
N LEU B 271 -50.68 55.78 65.63
CA LEU B 271 -49.58 55.58 64.68
C LEU B 271 -50.06 54.94 63.38
N HIS B 272 -49.30 55.14 62.31
CA HIS B 272 -49.67 54.71 60.97
C HIS B 272 -48.43 54.12 60.30
N GLY B 273 -48.64 53.08 59.50
CA GLY B 273 -47.55 52.47 58.75
C GLY B 273 -47.88 52.37 57.28
N LEU B 274 -46.86 52.14 56.45
CA LEU B 274 -47.04 51.94 55.01
C LEU B 274 -46.48 50.58 54.58
N PRO B 275 -46.95 50.03 53.44
CA PRO B 275 -46.44 48.77 52.92
C PRO B 275 -45.05 48.95 52.32
N ARG B 276 -44.35 47.83 52.14
CA ARG B 276 -43.04 47.83 51.54
C ARG B 276 -42.96 46.76 50.45
N TYR B 277 -42.37 47.16 49.32
CA TYR B 277 -42.12 46.28 48.20
C TYR B 277 -40.66 45.83 48.16
N PHE B 278 -40.44 44.59 47.70
CA PHE B 278 -39.11 44.00 47.56
C PHE B 278 -38.96 43.29 46.22
N ASN B 279 -37.83 43.52 45.57
CA ASN B 279 -37.38 42.70 44.44
C ASN B 279 -35.96 42.20 44.73
N VAL B 280 -35.84 40.91 45.08
CA VAL B 280 -34.57 40.33 45.49
C VAL B 280 -33.96 39.50 44.37
N THR B 281 -32.69 39.75 44.05
CA THR B 281 -31.97 38.98 43.05
C THR B 281 -31.16 37.91 43.76
N LEU B 282 -31.30 36.66 43.31
CA LEU B 282 -30.56 35.55 43.90
C LEU B 282 -29.80 34.77 42.83
N ARG B 283 -28.68 34.18 43.24
CA ARG B 283 -27.90 33.33 42.35
C ARG B 283 -27.64 31.99 43.04
N LYS B 284 -27.34 30.97 42.24
CA LYS B 284 -27.04 29.64 42.77
C LYS B 284 -25.58 29.58 43.24
N ARG B 285 -25.37 29.02 44.43
CA ARG B 285 -24.04 28.91 45.02
C ARG B 285 -23.78 27.48 45.52
N TRP B 286 -22.62 26.93 45.19
CA TRP B 286 -22.18 25.63 45.72
C TRP B 286 -21.73 25.79 47.17
N VAL B 287 -22.20 24.89 48.03
CA VAL B 287 -21.81 24.89 49.46
C VAL B 287 -21.50 23.48 49.95
N LYS B 288 -20.57 23.39 50.91
CA LYS B 288 -20.07 22.11 51.41
C LYS B 288 -20.64 21.79 52.79
N VAL C 9 -37.92 41.53 24.08
CA VAL C 9 -37.37 42.87 23.71
C VAL C 9 -35.85 42.88 23.91
N GLU C 10 -35.14 42.25 22.97
CA GLU C 10 -33.68 42.10 23.05
C GLU C 10 -32.93 43.37 22.63
N VAL C 11 -32.17 43.93 23.56
CA VAL C 11 -31.43 45.17 23.32
C VAL C 11 -30.08 44.84 22.69
N LEU C 12 -29.82 45.44 21.53
CA LEU C 12 -28.56 45.21 20.83
C LEU C 12 -27.64 46.41 21.02
N SER C 13 -26.83 46.71 20.01
CA SER C 13 -25.81 47.75 20.14
C SER C 13 -26.36 49.17 19.95
N VAL C 14 -25.66 50.13 20.56
CA VAL C 14 -25.94 51.54 20.34
C VAL C 14 -25.59 51.88 18.89
N VAL C 15 -26.46 52.64 18.22
CA VAL C 15 -26.26 53.01 16.82
C VAL C 15 -25.08 53.99 16.68
N THR C 16 -24.23 53.71 15.70
CA THR C 16 -23.14 54.63 15.36
C THR C 16 -23.57 55.51 14.20
N GLY C 17 -22.93 56.67 14.05
CA GLY C 17 -23.24 57.57 12.94
C GLY C 17 -23.46 58.99 13.38
N GLU C 18 -23.71 59.86 12.40
CA GLU C 18 -23.73 61.31 12.61
C GLU C 18 -24.80 61.79 13.59
N ASP C 19 -26.08 61.71 13.21
CA ASP C 19 -27.14 62.26 14.05
C ASP C 19 -27.81 61.21 14.94
N SER C 20 -27.00 60.45 15.67
CA SER C 20 -27.50 59.38 16.53
C SER C 20 -27.95 59.86 17.92
N ILE C 21 -27.69 61.12 18.22
CA ILE C 21 -28.07 61.73 19.50
C ILE C 21 -29.01 62.91 19.28
N THR C 22 -30.05 63.00 20.10
CA THR C 22 -30.95 64.15 20.04
C THR C 22 -31.31 64.67 21.43
N GLN C 23 -31.77 65.91 21.49
N GLN C 23 -31.84 65.89 21.45
CA GLN C 23 -32.16 66.52 22.76
CA GLN C 23 -32.16 66.60 22.67
C GLN C 23 -33.60 66.99 22.71
C GLN C 23 -33.64 66.95 22.66
N ILE C 24 -34.33 66.70 23.79
CA ILE C 24 -35.74 67.06 23.92
C ILE C 24 -35.95 68.00 25.12
N GLU C 25 -36.52 69.18 24.87
CA GLU C 25 -36.79 70.20 25.90
C GLU C 25 -38.28 70.36 26.13
N LEU C 26 -38.66 70.53 27.39
N LEU C 26 -38.69 70.51 27.40
CA LEU C 26 -40.02 70.89 27.74
CA LEU C 26 -40.10 70.56 27.79
C LEU C 26 -40.09 71.37 29.18
C LEU C 26 -40.29 71.05 29.25
N TYR C 27 -41.25 71.94 29.49
CA TYR C 27 -41.61 72.31 30.86
C TYR C 27 -43.04 71.82 31.11
N LEU C 28 -43.34 71.51 32.37
CA LEU C 28 -44.68 71.12 32.76
C LEU C 28 -45.15 72.03 33.89
N ASN C 29 -46.23 72.78 33.63
CA ASN C 29 -46.86 73.59 34.66
C ASN C 29 -47.62 72.73 35.67
N PRO C 30 -47.61 73.14 36.95
CA PRO C 30 -48.19 72.30 38.00
C PRO C 30 -49.71 72.19 37.90
N ARG C 31 -50.25 71.07 38.36
CA ARG C 31 -51.68 70.84 38.35
C ARG C 31 -52.17 70.62 39.77
N MET C 32 -52.30 71.71 40.52
CA MET C 32 -52.58 71.65 41.96
C MET C 32 -54.06 71.52 42.30
N GLY C 33 -54.92 71.71 41.32
CA GLY C 33 -56.37 71.66 41.53
C GLY C 33 -57.07 72.75 40.74
N VAL C 34 -56.52 73.96 40.79
CA VAL C 34 -56.86 75.01 39.83
C VAL C 34 -55.82 74.91 38.70
N ASN C 35 -56.20 74.21 37.64
CA ASN C 35 -55.22 73.70 36.68
C ASN C 35 -55.05 74.53 35.41
N SER C 36 -55.91 75.53 35.25
CA SER C 36 -55.87 76.39 34.08
C SER C 36 -55.71 77.86 34.48
N PRO C 37 -54.90 78.61 33.72
CA PRO C 37 -54.83 80.07 33.86
C PRO C 37 -55.85 80.83 33.01
N ASP C 38 -56.67 80.09 32.24
CA ASP C 38 -57.54 80.71 31.23
C ASP C 38 -59.02 80.76 31.58
N LEU C 39 -59.35 80.56 32.84
CA LEU C 39 -60.73 80.67 33.31
C LEU C 39 -60.99 82.08 33.86
N PRO C 40 -62.10 82.71 33.43
CA PRO C 40 -62.38 84.10 33.84
C PRO C 40 -62.33 84.32 35.36
N THR C 41 -63.13 83.57 36.11
CA THR C 41 -63.37 83.89 37.53
C THR C 41 -62.37 83.27 38.52
N THR C 42 -61.96 82.02 38.27
CA THR C 42 -61.24 81.23 39.28
C THR C 42 -59.72 81.15 39.09
N SER C 43 -59.23 81.57 37.91
CA SER C 43 -57.82 81.38 37.55
C SER C 43 -56.81 82.16 38.40
N ASN C 44 -57.27 83.05 39.27
CA ASN C 44 -56.39 83.73 40.22
CA ASN C 44 -56.36 83.73 40.19
C ASN C 44 -55.65 82.73 41.11
N TRP C 45 -56.25 81.55 41.29
CA TRP C 45 -55.68 80.50 42.14
C TRP C 45 -54.93 79.41 41.36
N TYR C 46 -54.69 79.65 40.07
CA TYR C 46 -53.84 78.78 39.25
C TYR C 46 -52.51 78.51 39.96
N THR C 47 -52.13 77.23 40.05
CA THR C 47 -50.93 76.71 40.75
C THR C 47 -51.15 76.52 42.26
N TYR C 48 -52.38 76.71 42.71
CA TYR C 48 -52.76 76.45 44.09
C TYR C 48 -53.96 75.51 44.16
N THR C 49 -54.20 74.96 45.35
CA THR C 49 -55.48 74.34 45.65
C THR C 49 -56.44 75.41 46.16
N TYR C 50 -57.68 75.01 46.42
CA TYR C 50 -58.59 75.80 47.25
C TYR C 50 -58.20 75.58 48.73
N ASP C 51 -59.02 76.02 49.66
CA ASP C 51 -58.66 75.90 51.08
C ASP C 51 -58.84 74.46 51.57
N LEU C 52 -57.80 73.93 52.19
CA LEU C 52 -57.81 72.56 52.70
C LEU C 52 -58.23 72.55 54.15
N GLN C 53 -59.31 71.81 54.43
CA GLN C 53 -59.87 71.72 55.79
C GLN C 53 -60.40 70.33 56.11
N PRO C 54 -60.18 69.86 57.35
CA PRO C 54 -60.93 68.69 57.79
C PRO C 54 -62.41 69.05 57.92
N LYS C 55 -63.26 68.23 57.31
CA LYS C 55 -64.72 68.45 57.29
C LYS C 55 -65.31 68.50 58.71
N GLY C 56 -64.78 67.67 59.61
CA GLY C 56 -65.26 67.64 60.99
C GLY C 56 -66.40 66.64 61.20
N SER C 57 -66.95 66.13 60.10
CA SER C 57 -67.92 65.04 60.13
C SER C 57 -67.66 64.10 58.95
N SER C 58 -68.17 62.87 59.04
N SER C 58 -68.14 62.87 59.05
CA SER C 58 -67.93 61.85 58.04
CA SER C 58 -67.92 61.85 58.02
C SER C 58 -69.05 61.80 57.00
C SER C 58 -69.04 61.82 56.99
N PRO C 59 -68.73 61.48 55.73
CA PRO C 59 -67.39 61.20 55.19
C PRO C 59 -66.78 62.43 54.53
N ASP C 60 -65.46 62.38 54.32
CA ASP C 60 -64.78 63.39 53.52
C ASP C 60 -65.26 63.30 52.07
N GLN C 61 -65.66 64.43 51.51
CA GLN C 61 -66.07 64.50 50.11
C GLN C 61 -65.26 65.59 49.41
N PRO C 62 -63.95 65.35 49.21
CA PRO C 62 -63.05 66.40 48.72
C PRO C 62 -63.41 66.85 47.31
N ILE C 63 -63.22 68.14 47.05
CA ILE C 63 -63.49 68.70 45.74
C ILE C 63 -62.25 68.58 44.86
N LYS C 64 -62.43 68.63 43.54
CA LYS C 64 -61.31 68.45 42.61
C LYS C 64 -60.21 69.49 42.78
N GLU C 65 -60.59 70.69 43.20
CA GLU C 65 -59.64 71.80 43.37
C GLU C 65 -58.71 71.58 44.57
N ASN C 66 -59.04 70.62 45.41
CA ASN C 66 -58.24 70.30 46.58
C ASN C 66 -57.43 69.02 46.42
N LEU C 67 -57.28 68.59 45.17
CA LEU C 67 -56.59 67.34 44.85
C LEU C 67 -55.47 67.54 43.83
N PRO C 68 -54.28 67.98 44.29
CA PRO C 68 -53.11 68.09 43.41
C PRO C 68 -52.87 66.78 42.66
N ALA C 69 -52.53 66.90 41.39
CA ALA C 69 -52.42 65.75 40.51
C ALA C 69 -51.08 65.80 39.78
N TYR C 70 -50.65 64.64 39.29
CA TYR C 70 -49.41 64.57 38.53
C TYR C 70 -49.50 65.31 37.20
N SER C 71 -48.39 65.93 36.82
CA SER C 71 -48.22 66.48 35.49
C SER C 71 -47.65 65.39 34.59
N VAL C 72 -48.05 65.38 33.33
CA VAL C 72 -47.48 64.44 32.37
C VAL C 72 -47.59 64.96 30.94
N ALA C 73 -46.56 64.67 30.16
CA ALA C 73 -46.58 64.90 28.72
C ALA C 73 -45.99 63.71 27.99
N ARG C 74 -46.52 63.42 26.80
CA ARG C 74 -45.90 62.49 25.88
C ARG C 74 -45.31 63.31 24.74
N VAL C 75 -43.99 63.18 24.54
CA VAL C 75 -43.30 63.90 23.48
C VAL C 75 -43.09 62.96 22.29
N SER C 76 -43.53 63.40 21.12
CA SER C 76 -43.31 62.65 19.88
C SER C 76 -41.88 62.84 19.39
N LEU C 77 -41.20 61.74 19.10
CA LEU C 77 -39.79 61.75 18.72
C LEU C 77 -39.64 61.49 17.22
N PRO C 78 -38.51 61.89 16.62
CA PRO C 78 -38.31 61.63 15.19
C PRO C 78 -38.48 60.14 14.85
N MET C 79 -39.16 59.87 13.74
CA MET C 79 -39.38 58.50 13.27
C MET C 79 -38.07 57.91 12.76
N LEU C 80 -37.82 56.64 13.05
CA LEU C 80 -36.50 56.03 12.80
C LEU C 80 -36.49 54.90 11.78
N ASN C 81 -37.62 54.21 11.65
CA ASN C 81 -37.70 53.00 10.84
C ASN C 81 -38.64 53.13 9.64
N GLU C 82 -38.10 52.99 8.43
CA GLU C 82 -38.93 52.98 7.22
C GLU C 82 -39.84 51.75 7.16
N ASP C 83 -39.29 50.60 7.53
CA ASP C 83 -40.04 49.35 7.55
C ASP C 83 -40.16 48.86 8.99
N ILE C 84 -41.37 48.96 9.55
CA ILE C 84 -41.61 48.56 10.95
C ILE C 84 -41.82 47.06 11.17
N THR C 85 -41.88 46.29 10.08
CA THR C 85 -42.08 44.84 10.18
C THR C 85 -40.76 44.07 10.30
N CYS C 86 -39.63 44.76 10.15
CA CYS C 86 -38.32 44.15 10.36
C CYS C 86 -38.21 43.75 11.83
N ASP C 87 -37.58 42.61 12.09
CA ASP C 87 -37.34 42.14 13.46
C ASP C 87 -36.44 43.10 14.25
N THR C 88 -35.47 43.70 13.57
CA THR C 88 -34.51 44.61 14.19
C THR C 88 -34.81 46.05 13.78
N LEU C 89 -35.01 46.90 14.79
CA LEU C 89 -35.39 48.28 14.59
C LEU C 89 -34.55 49.20 15.46
N GLN C 90 -34.53 50.49 15.12
CA GLN C 90 -33.93 51.50 15.98
C GLN C 90 -35.00 52.08 16.89
N MET C 91 -34.64 52.29 18.15
CA MET C 91 -35.50 52.97 19.12
C MET C 91 -34.69 54.06 19.81
N TRP C 92 -35.37 55.13 20.22
CA TRP C 92 -34.74 56.16 21.02
C TRP C 92 -34.59 55.66 22.44
N GLU C 93 -33.42 55.89 23.01
CA GLU C 93 -33.08 55.45 24.34
C GLU C 93 -32.72 56.70 25.13
N ALA C 94 -33.44 56.94 26.23
CA ALA C 94 -33.19 58.12 27.05
C ALA C 94 -32.02 57.82 27.99
N ILE C 95 -30.96 58.61 27.90
CA ILE C 95 -29.72 58.28 28.60
C ILE C 95 -29.39 59.19 29.78
N SER C 96 -29.91 60.41 29.74
CA SER C 96 -29.69 61.37 30.81
C SER C 96 -30.70 62.50 30.73
N VAL C 97 -30.87 63.18 31.86
CA VAL C 97 -31.78 64.32 31.92
C VAL C 97 -31.25 65.42 32.84
N LYS C 98 -31.37 66.66 32.40
CA LYS C 98 -31.24 67.82 33.28
C LYS C 98 -32.64 68.32 33.60
N THR C 99 -32.97 68.33 34.90
CA THR C 99 -34.29 68.78 35.28
C THR C 99 -34.19 69.79 36.44
N GLU C 100 -35.10 70.75 36.45
CA GLU C 100 -35.07 71.82 37.42
C GLU C 100 -36.47 72.30 37.73
N VAL C 101 -36.70 72.55 39.01
CA VAL C 101 -37.93 73.20 39.46
C VAL C 101 -37.74 74.71 39.20
N VAL C 102 -38.68 75.28 38.47
CA VAL C 102 -38.59 76.67 38.02
C VAL C 102 -39.36 77.58 38.98
N GLY C 103 -38.87 78.80 39.17
CA GLY C 103 -39.56 79.80 39.99
C GLY C 103 -39.37 79.64 41.48
N ILE C 104 -38.32 78.94 41.88
CA ILE C 104 -38.01 78.74 43.30
C ILE C 104 -37.87 80.09 44.02
N SER C 105 -37.24 81.05 43.36
CA SER C 105 -37.02 82.39 43.92
C SER C 105 -38.31 83.15 44.26
N SER C 106 -39.41 82.84 43.57
CA SER C 106 -40.70 83.46 43.86
C SER C 106 -41.14 83.27 45.32
N LEU C 107 -40.61 82.22 45.96
CA LEU C 107 -41.00 81.86 47.32
C LEU C 107 -40.38 82.71 48.44
N ILE C 108 -39.53 83.67 48.09
CA ILE C 108 -39.04 84.65 49.09
C ILE C 108 -40.08 85.72 49.41
N ASN C 109 -41.15 85.77 48.62
CA ASN C 109 -42.23 86.74 48.82
C ASN C 109 -42.94 86.47 50.13
N VAL C 110 -42.75 87.37 51.09
CA VAL C 110 -43.40 87.28 52.41
C VAL C 110 -44.30 88.49 52.68
N HIS C 111 -44.81 89.10 51.61
CA HIS C 111 -45.64 90.29 51.71
C HIS C 111 -46.93 90.22 50.88
N TYR C 112 -47.28 89.02 50.41
CA TYR C 112 -48.58 88.80 49.76
C TYR C 112 -49.66 89.38 50.68
N TRP C 113 -50.61 90.12 50.09
CA TRP C 113 -51.53 90.94 50.89
C TRP C 113 -52.35 90.14 51.92
N ASP C 114 -52.69 88.90 51.58
CA ASP C 114 -53.53 88.08 52.46
C ASP C 114 -52.73 87.00 53.19
N MET C 115 -51.42 87.21 53.28
CA MET C 115 -50.58 86.26 53.99
C MET C 115 -50.71 86.46 55.50
N LYS C 116 -50.85 85.36 56.24
CA LYS C 116 -50.89 85.39 57.69
C LYS C 116 -49.54 85.87 58.22
N ARG C 117 -49.55 86.84 59.12
CA ARG C 117 -48.30 87.37 59.69
C ARG C 117 -47.81 86.37 60.74
N VAL C 118 -46.50 86.14 60.76
N VAL C 118 -46.50 86.13 60.78
CA VAL C 118 -45.89 85.17 61.68
CA VAL C 118 -45.96 85.11 61.69
C VAL C 118 -46.23 85.49 63.13
C VAL C 118 -46.15 85.49 63.17
N HIS C 119 -46.20 86.79 63.44
CA HIS C 119 -46.60 87.33 64.74
C HIS C 119 -47.11 88.74 64.48
N ASP C 120 -47.65 89.40 65.49
CA ASP C 120 -48.23 90.73 65.29
C ASP C 120 -47.25 91.67 64.60
N TYR C 121 -47.69 92.24 63.47
CA TYR C 121 -46.94 93.25 62.70
C TYR C 121 -45.75 92.67 61.91
N GLY C 122 -45.63 91.35 61.91
CA GLY C 122 -44.51 90.68 61.27
C GLY C 122 -44.69 90.43 59.79
N ALA C 123 -43.67 89.83 59.18
CA ALA C 123 -43.73 89.38 57.79
C ALA C 123 -44.66 88.17 57.68
N GLY C 124 -45.09 87.87 56.46
CA GLY C 124 -45.94 86.70 56.22
C GLY C 124 -45.19 85.41 56.52
N ILE C 125 -45.93 84.40 56.98
CA ILE C 125 -45.40 83.04 57.05
C ILE C 125 -45.13 82.64 55.60
N PRO C 126 -43.86 82.32 55.27
CA PRO C 126 -43.57 81.99 53.89
C PRO C 126 -44.13 80.63 53.47
N VAL C 127 -44.26 80.41 52.16
CA VAL C 127 -44.62 79.09 51.65
C VAL C 127 -43.70 78.04 52.26
N SER C 128 -44.32 77.11 53.01
CA SER C 128 -43.60 76.11 53.79
CA SER C 128 -43.60 76.13 53.82
C SER C 128 -44.56 74.99 54.19
N GLY C 129 -44.01 73.90 54.71
CA GLY C 129 -44.84 72.78 55.15
C GLY C 129 -44.69 71.56 54.26
N VAL C 130 -45.81 70.98 53.86
CA VAL C 130 -45.82 69.73 53.09
C VAL C 130 -45.18 69.96 51.72
N ASN C 131 -44.14 69.18 51.42
CA ASN C 131 -43.54 69.14 50.09
C ASN C 131 -43.67 67.73 49.53
N TYR C 132 -43.78 67.65 48.21
CA TYR C 132 -43.77 66.38 47.52
C TYR C 132 -43.15 66.66 46.17
N HIS C 133 -42.04 65.98 45.88
CA HIS C 133 -41.31 66.21 44.64
C HIS C 133 -40.99 64.89 43.98
N MET C 134 -41.37 64.77 42.71
CA MET C 134 -41.03 63.57 41.94
C MET C 134 -40.94 63.92 40.47
N PHE C 135 -40.08 63.20 39.75
CA PHE C 135 -40.10 63.24 38.31
C PHE C 135 -39.82 61.84 37.77
N ALA C 136 -40.24 61.61 36.54
CA ALA C 136 -40.02 60.32 35.88
C ALA C 136 -39.79 60.52 34.40
N ILE C 137 -38.93 59.68 33.85
CA ILE C 137 -38.68 59.65 32.42
C ILE C 137 -38.90 58.20 32.00
N GLY C 138 -39.72 57.98 30.99
CA GLY C 138 -40.01 56.61 30.54
C GLY C 138 -40.31 56.49 29.07
N GLY C 139 -40.22 55.27 28.56
CA GLY C 139 -40.59 54.99 27.15
C GLY C 139 -42.05 54.61 26.99
N GLU C 140 -42.78 54.68 28.10
CA GLU C 140 -44.23 54.39 28.17
C GLU C 140 -44.80 55.09 29.41
N PRO C 141 -46.14 55.08 29.58
CA PRO C 141 -46.69 55.80 30.74
C PRO C 141 -46.20 55.19 32.06
N LEU C 142 -46.05 56.03 33.08
CA LEU C 142 -45.65 55.57 34.41
C LEU C 142 -46.73 54.67 34.99
N ASP C 143 -46.32 53.56 35.56
CA ASP C 143 -47.25 52.65 36.24
C ASP C 143 -47.52 53.17 37.65
N LEU C 144 -48.79 53.15 38.03
CA LEU C 144 -49.23 53.73 39.30
C LEU C 144 -49.83 52.67 40.21
N GLN C 145 -49.62 52.83 41.51
CA GLN C 145 -50.25 51.99 42.52
C GLN C 145 -51.14 52.92 43.37
N GLY C 146 -52.37 52.48 43.63
CA GLY C 146 -53.27 53.25 44.48
C GLY C 146 -53.18 52.86 45.94
N LEU C 147 -53.16 53.87 46.81
CA LEU C 147 -53.19 53.70 48.26
C LEU C 147 -53.65 55.02 48.87
N VAL C 148 -54.63 54.95 49.78
CA VAL C 148 -55.17 56.18 50.39
C VAL C 148 -55.07 56.16 51.90
N LEU C 149 -55.03 57.36 52.48
CA LEU C 149 -55.04 57.53 53.94
C LEU C 149 -56.33 56.97 54.56
N ASP C 150 -57.46 57.20 53.89
CA ASP C 150 -58.77 56.83 54.42
C ASP C 150 -59.63 56.27 53.29
N TYR C 151 -59.92 54.98 53.36
CA TYR C 151 -60.67 54.28 52.30
C TYR C 151 -62.12 54.77 52.19
N GLN C 152 -62.61 55.41 53.25
CA GLN C 152 -63.97 55.93 53.27
C GLN C 152 -64.13 57.28 52.57
N THR C 153 -63.02 57.88 52.16
CA THR C 153 -63.04 59.14 51.41
C THR C 153 -63.89 58.98 50.15
N GLN C 154 -64.81 59.92 49.93
CA GLN C 154 -65.64 59.89 48.72
C GLN C 154 -65.11 60.88 47.69
N TYR C 155 -64.28 60.38 46.79
CA TYR C 155 -63.66 61.23 45.76
C TYR C 155 -64.69 61.59 44.67
N PRO C 156 -64.47 62.72 43.96
CA PRO C 156 -65.51 63.15 43.00
C PRO C 156 -65.75 62.14 41.88
N LYS C 157 -67.01 61.97 41.51
CA LYS C 157 -67.37 61.18 40.33
C LYS C 157 -67.73 62.16 39.21
N THR C 158 -67.03 62.04 38.08
CA THR C 158 -67.18 63.00 36.98
C THR C 158 -67.50 62.30 35.66
N THR C 159 -67.89 63.11 34.68
CA THR C 159 -68.18 62.62 33.33
C THR C 159 -67.10 63.03 32.33
N ASN C 160 -66.09 63.78 32.81
CA ASN C 160 -65.07 64.37 31.94
C ASN C 160 -63.68 63.73 32.05
N GLY C 161 -63.61 62.55 32.67
CA GLY C 161 -62.39 61.75 32.70
C GLY C 161 -61.36 62.10 33.76
N GLY C 162 -61.73 62.94 34.73
CA GLY C 162 -60.85 63.30 35.85
C GLY C 162 -61.60 63.99 36.97
N PRO C 163 -61.18 63.78 38.24
CA PRO C 163 -60.04 62.98 38.67
C PRO C 163 -60.30 61.47 38.67
N ILE C 164 -59.29 60.71 38.25
CA ILE C 164 -59.34 59.25 38.28
C ILE C 164 -58.79 58.74 39.60
N THR C 165 -59.63 58.01 40.34
CA THR C 165 -59.22 57.45 41.62
C THR C 165 -59.45 55.93 41.67
N ILE C 166 -59.26 55.32 42.85
CA ILE C 166 -59.30 53.86 42.96
C ILE C 166 -60.70 53.33 42.60
N GLU C 167 -61.74 53.99 43.12
CA GLU C 167 -63.11 53.63 42.76
C GLU C 167 -63.32 53.64 41.24
N THR C 168 -62.74 54.63 40.57
CA THR C 168 -62.83 54.77 39.11
C THR C 168 -62.27 53.55 38.37
N VAL C 169 -61.13 53.03 38.82
N VAL C 169 -61.13 53.05 38.83
CA VAL C 169 -60.50 51.88 38.16
CA VAL C 169 -60.47 51.90 38.20
C VAL C 169 -61.12 50.54 38.55
C VAL C 169 -61.16 50.57 38.54
N LEU C 170 -61.52 50.41 39.81
CA LEU C 170 -62.12 49.16 40.29
C LEU C 170 -63.57 48.98 39.82
N GLY C 171 -64.27 50.09 39.58
CA GLY C 171 -65.68 50.05 39.20
C GLY C 171 -66.57 49.68 40.36
N ARG C 172 -66.01 49.84 41.57
CA ARG C 172 -66.71 49.55 42.83
C ARG C 172 -66.04 50.36 43.95
N LYS C 173 -66.74 50.49 45.07
CA LYS C 173 -66.24 51.22 46.24
C LYS C 173 -64.92 50.64 46.77
N MET C 174 -64.10 51.50 47.35
CA MET C 174 -62.91 51.08 48.08
C MET C 174 -63.31 50.27 49.31
N THR C 175 -62.40 49.45 49.80
CA THR C 175 -62.57 48.70 51.04
C THR C 175 -61.33 49.01 51.91
N PRO C 176 -61.33 48.55 53.18
CA PRO C 176 -60.17 48.80 54.03
C PRO C 176 -58.82 48.42 53.43
N LYS C 177 -58.77 47.37 52.60
CA LYS C 177 -57.51 46.96 51.97
C LYS C 177 -56.81 48.06 51.17
N ASN C 178 -57.59 49.04 50.71
CA ASN C 178 -57.02 50.19 50.00
C ASN C 178 -56.30 51.22 50.88
N GLN C 179 -56.27 50.99 52.19
CA GLN C 179 -55.37 51.75 53.07
C GLN C 179 -53.97 51.12 53.06
N GLY C 180 -53.90 49.87 52.55
CA GLY C 180 -52.64 49.20 52.30
C GLY C 180 -52.45 49.01 50.80
N LEU C 181 -51.62 48.04 50.42
CA LEU C 181 -51.36 47.79 49.01
C LEU C 181 -52.31 46.71 48.48
N ASP C 182 -53.26 47.15 47.66
CA ASP C 182 -54.18 46.27 46.94
C ASP C 182 -53.69 46.16 45.50
N PRO C 183 -53.24 44.94 45.09
CA PRO C 183 -52.69 44.72 43.75
C PRO C 183 -53.66 45.03 42.61
N GLN C 184 -54.96 45.07 42.90
CA GLN C 184 -55.95 45.46 41.89
C GLN C 184 -56.02 46.98 41.67
N ALA C 185 -55.58 47.75 42.65
CA ALA C 185 -55.62 49.21 42.56
C ALA C 185 -54.43 49.75 41.74
N LYS C 186 -54.46 49.53 40.43
CA LYS C 186 -53.37 49.98 39.56
C LYS C 186 -53.90 50.80 38.38
N ALA C 187 -53.05 51.69 37.85
CA ALA C 187 -53.39 52.55 36.73
C ALA C 187 -52.13 52.99 36.01
N LYS C 188 -52.33 53.57 34.81
CA LYS C 188 -51.24 54.18 34.06
CA LYS C 188 -51.25 54.18 34.03
C LYS C 188 -51.41 55.70 34.09
N LEU C 189 -50.29 56.41 34.25
CA LEU C 189 -50.31 57.86 34.26
C LEU C 189 -50.34 58.36 32.81
N ASP C 190 -51.54 58.40 32.25
CA ASP C 190 -51.72 58.69 30.81
C ASP C 190 -52.44 60.00 30.53
N LYS C 191 -52.78 60.77 31.57
CA LYS C 191 -53.48 62.04 31.41
C LYS C 191 -52.99 63.10 32.36
N ASP C 192 -52.68 64.27 31.82
CA ASP C 192 -52.19 65.41 32.60
C ASP C 192 -53.27 65.93 33.55
N GLY C 193 -52.88 66.13 34.81
CA GLY C 193 -53.73 66.72 35.85
C GLY C 193 -54.99 65.95 36.23
N ASN C 194 -54.99 64.64 35.99
CA ASN C 194 -56.17 63.81 36.26
C ASN C 194 -55.99 62.75 37.35
N TYR C 195 -54.75 62.48 37.73
CA TYR C 195 -54.45 61.46 38.75
C TYR C 195 -53.95 62.09 40.05
N PRO C 196 -54.79 62.09 41.11
CA PRO C 196 -54.44 62.74 42.36
C PRO C 196 -53.22 62.13 43.07
N ILE C 197 -52.31 62.99 43.47
CA ILE C 197 -51.11 62.59 44.20
C ILE C 197 -51.44 61.82 45.49
N GLU C 198 -52.49 62.25 46.20
CA GLU C 198 -52.84 61.59 47.48
C GLU C 198 -53.43 60.18 47.31
N VAL C 199 -53.76 59.82 46.08
CA VAL C 199 -54.31 58.50 45.77
C VAL C 199 -53.30 57.58 45.09
N TRP C 200 -52.47 58.14 44.20
CA TRP C 200 -51.57 57.34 43.35
C TRP C 200 -50.11 57.63 43.64
N CYS C 201 -49.31 56.56 43.71
CA CYS C 201 -47.84 56.65 43.79
C CYS C 201 -47.25 55.78 42.67
N PRO C 202 -45.95 55.95 42.35
CA PRO C 202 -45.34 55.08 41.35
C PRO C 202 -45.36 53.61 41.80
N ASP C 203 -45.66 52.71 40.87
CA ASP C 203 -45.72 51.29 41.19
C ASP C 203 -44.34 50.64 41.02
N PRO C 204 -43.69 50.27 42.15
CA PRO C 204 -42.32 49.72 42.07
C PRO C 204 -42.28 48.29 41.54
N SER C 205 -43.44 47.64 41.41
CA SER C 205 -43.51 46.28 40.87
C SER C 205 -43.53 46.28 39.35
N LYS C 206 -43.72 47.44 38.74
CA LYS C 206 -43.69 47.54 37.30
C LYS C 206 -42.62 48.55 36.91
N ASN C 207 -42.93 49.45 35.98
CA ASN C 207 -42.00 50.53 35.62
C ASN C 207 -40.59 50.11 35.21
N GLU C 208 -40.46 48.92 34.62
CA GLU C 208 -39.16 48.46 34.11
C GLU C 208 -38.58 49.42 33.04
N ASN C 209 -39.47 50.08 32.32
CA ASN C 209 -39.09 50.95 31.20
C ASN C 209 -39.20 52.46 31.53
N SER C 210 -39.16 52.78 32.82
CA SER C 210 -39.14 54.17 33.31
C SER C 210 -38.13 54.30 34.43
N ARG C 211 -37.70 55.53 34.70
CA ARG C 211 -36.89 55.84 35.88
C ARG C 211 -37.63 56.92 36.64
N TYR C 212 -37.82 56.73 37.95
CA TYR C 212 -38.49 57.77 38.75
C TYR C 212 -37.75 57.99 40.06
N TYR C 213 -37.91 59.21 40.60
CA TYR C 213 -37.17 59.70 41.75
C TYR C 213 -38.11 60.65 42.46
N GLY C 214 -38.32 60.43 43.75
CA GLY C 214 -39.25 61.29 44.49
C GLY C 214 -38.94 61.37 45.98
N SER C 215 -39.63 62.29 46.65
CA SER C 215 -39.49 62.45 48.09
C SER C 215 -40.73 63.14 48.64
N ILE C 216 -40.97 62.94 49.93
CA ILE C 216 -41.98 63.69 50.64
C ILE C 216 -41.34 64.33 51.86
N GLN C 217 -41.95 65.42 52.29
CA GLN C 217 -41.66 66.05 53.56
C GLN C 217 -43.00 66.47 54.17
N THR C 218 -43.32 65.97 55.35
CA THR C 218 -44.55 66.39 56.00
C THR C 218 -44.26 67.51 57.03
N GLY C 219 -45.17 67.75 57.97
CA GLY C 219 -45.06 68.91 58.87
C GLY C 219 -45.85 70.08 58.34
N SER C 220 -46.25 70.99 59.22
N SER C 220 -46.23 70.98 59.24
CA SER C 220 -47.10 72.12 58.81
CA SER C 220 -47.10 72.11 58.91
C SER C 220 -46.31 73.34 58.34
C SER C 220 -46.34 73.34 58.39
N GLN C 221 -45.21 73.65 59.02
CA GLN C 221 -44.43 74.84 58.72
C GLN C 221 -42.98 74.50 58.45
N THR C 222 -42.74 73.24 58.12
CA THR C 222 -41.41 72.73 57.79
C THR C 222 -40.79 73.57 56.65
N PRO C 223 -39.53 74.00 56.84
CA PRO C 223 -38.87 74.79 55.80
C PRO C 223 -38.89 74.10 54.44
N THR C 224 -39.24 74.87 53.40
CA THR C 224 -39.07 74.41 52.03
C THR C 224 -37.63 74.67 51.62
N VAL C 225 -36.91 73.59 51.31
CA VAL C 225 -35.49 73.62 51.06
C VAL C 225 -35.24 72.99 49.69
N LEU C 226 -34.89 73.82 48.72
CA LEU C 226 -34.74 73.38 47.34
C LEU C 226 -33.45 73.91 46.70
N GLN C 227 -32.86 73.14 45.80
N GLN C 227 -32.89 73.12 45.79
CA GLN C 227 -31.69 73.60 45.06
CA GLN C 227 -31.70 73.48 45.04
C GLN C 227 -32.01 73.71 43.57
C GLN C 227 -32.04 73.73 43.57
N PHE C 228 -31.20 74.49 42.88
CA PHE C 228 -31.29 74.64 41.44
C PHE C 228 -29.90 74.89 40.88
N SER C 229 -29.54 74.15 39.84
CA SER C 229 -28.28 74.36 39.15
C SER C 229 -28.37 73.75 37.77
N ASN C 230 -27.87 74.46 36.75
CA ASN C 230 -27.83 73.91 35.40
C ASN C 230 -26.63 72.98 35.15
N THR C 231 -25.95 72.57 36.23
CA THR C 231 -24.80 71.67 36.15
C THR C 231 -25.12 70.25 36.61
N LEU C 232 -26.34 70.03 37.09
CA LEU C 232 -26.75 68.74 37.65
C LEU C 232 -27.45 67.87 36.59
N THR C 233 -26.88 66.69 36.35
CA THR C 233 -27.42 65.71 35.40
C THR C 233 -27.76 64.39 36.11
N THR C 234 -28.91 63.82 35.76
CA THR C 234 -29.30 62.50 36.21
C THR C 234 -29.06 61.51 35.07
N VAL C 235 -28.22 60.51 35.31
CA VAL C 235 -27.99 59.42 34.35
C VAL C 235 -29.15 58.43 34.44
N LEU C 236 -29.73 58.08 33.29
CA LEU C 236 -30.95 57.25 33.22
C LEU C 236 -30.69 55.78 32.90
N LEU C 237 -29.42 55.42 32.71
CA LEU C 237 -29.05 54.04 32.39
C LEU C 237 -29.25 53.13 33.60
N ASP C 238 -29.74 51.92 33.37
CA ASP C 238 -29.85 50.93 34.43
C ASP C 238 -28.49 50.24 34.65
N GLU C 239 -28.48 49.17 35.43
CA GLU C 239 -27.25 48.44 35.76
C GLU C 239 -26.54 47.85 34.54
N ASN C 240 -27.30 47.58 33.48
CA ASN C 240 -26.77 47.05 32.23
C ASN C 240 -26.37 48.11 31.20
N GLY C 241 -26.51 49.38 31.59
CA GLY C 241 -26.17 50.50 30.70
C GLY C 241 -27.25 50.83 29.69
N VAL C 242 -28.49 50.48 30.01
CA VAL C 242 -29.63 50.70 29.11
C VAL C 242 -30.62 51.69 29.74
N GLY C 243 -30.96 52.74 28.99
CA GLY C 243 -31.97 53.68 29.42
C GLY C 243 -33.35 53.27 28.96
N PRO C 244 -34.40 54.01 29.38
CA PRO C 244 -35.75 53.75 28.88
C PRO C 244 -35.78 53.77 27.35
N LEU C 245 -36.49 52.81 26.77
CA LEU C 245 -36.61 52.70 25.34
C LEU C 245 -37.99 53.19 24.91
N CYS C 246 -38.00 54.15 23.99
CA CYS C 246 -39.23 54.84 23.64
C CYS C 246 -40.10 54.09 22.65
N LYS C 247 -41.11 53.42 23.20
CA LYS C 247 -42.08 52.64 22.42
C LYS C 247 -42.95 53.57 21.59
N GLY C 248 -43.05 53.26 20.30
CA GLY C 248 -43.82 54.06 19.36
C GLY C 248 -43.28 55.46 19.15
N ASP C 249 -41.99 55.64 19.42
CA ASP C 249 -41.30 56.94 19.30
C ASP C 249 -41.93 58.00 20.21
N GLY C 250 -42.28 57.58 21.42
CA GLY C 250 -42.90 58.45 22.41
C GLY C 250 -42.13 58.44 23.72
N LEU C 251 -41.82 59.64 24.21
CA LEU C 251 -41.13 59.83 25.48
C LEU C 251 -42.15 60.37 26.50
N PHE C 252 -42.23 59.69 27.64
CA PHE C 252 -43.17 60.09 28.68
C PHE C 252 -42.43 60.75 29.82
N ILE C 253 -42.89 61.93 30.17
CA ILE C 253 -42.29 62.73 31.22
C ILE C 253 -43.37 63.10 32.22
N SER C 254 -43.14 62.77 33.49
CA SER C 254 -44.12 62.98 34.56
C SER C 254 -43.46 63.67 35.73
N CYS C 255 -44.23 64.45 36.50
CA CYS C 255 -43.68 65.07 37.70
C CYS C 255 -44.77 65.61 38.63
N ALA C 256 -44.37 65.96 39.84
CA ALA C 256 -45.18 66.70 40.81
C ALA C 256 -44.24 67.52 41.66
N ASP C 257 -44.59 68.77 41.95
CA ASP C 257 -43.73 69.61 42.80
C ASP C 257 -44.57 70.51 43.71
N ILE C 258 -45.07 69.92 44.79
CA ILE C 258 -45.75 70.64 45.84
C ILE C 258 -44.66 71.28 46.71
N VAL C 259 -44.74 72.58 46.93
CA VAL C 259 -43.68 73.31 47.63
C VAL C 259 -44.11 73.89 48.98
N GLY C 260 -45.34 73.61 49.39
CA GLY C 260 -45.82 74.02 50.71
C GLY C 260 -47.15 74.76 50.67
N PHE C 261 -47.53 75.29 51.83
CA PHE C 261 -48.80 76.00 51.99
C PHE C 261 -48.63 77.49 51.85
N LEU C 262 -49.64 78.11 51.25
CA LEU C 262 -49.88 79.53 51.39
C LEU C 262 -50.75 79.72 52.63
N PHE C 263 -50.19 80.37 53.65
CA PHE C 263 -50.93 80.63 54.89
C PHE C 263 -51.70 81.94 54.76
N LYS C 264 -53.03 81.86 54.79
CA LYS C 264 -53.88 83.04 54.62
C LYS C 264 -54.26 83.67 55.96
N THR C 265 -54.54 84.97 55.95
CA THR C 265 -54.89 85.74 57.15
C THR C 265 -55.94 85.06 58.04
N SER C 266 -57.01 84.57 57.43
CA SER C 266 -58.13 83.95 58.13
C SER C 266 -57.75 82.69 58.91
N GLY C 267 -56.60 82.12 58.57
CA GLY C 267 -56.18 80.83 59.12
C GLY C 267 -56.24 79.75 58.06
N LYS C 268 -56.92 80.04 56.95
CA LYS C 268 -57.03 79.08 55.85
C LYS C 268 -55.67 78.82 55.18
N MET C 269 -55.56 77.64 54.57
CA MET C 269 -54.31 77.18 53.98
C MET C 269 -54.58 76.46 52.67
N ALA C 270 -53.74 76.75 51.68
CA ALA C 270 -53.82 76.12 50.38
C ALA C 270 -52.43 75.62 50.00
N LEU C 271 -52.38 74.47 49.32
CA LEU C 271 -51.10 73.97 48.83
C LEU C 271 -50.72 74.66 47.53
N HIS C 272 -49.42 74.75 47.27
CA HIS C 272 -48.91 75.49 46.12
C HIS C 272 -47.91 74.61 45.38
N GLY C 273 -47.85 74.76 44.06
CA GLY C 273 -46.92 74.01 43.24
C GLY C 273 -46.14 74.92 42.30
N LEU C 274 -44.99 74.41 41.86
CA LEU C 274 -44.12 75.09 40.91
C LEU C 274 -43.91 74.23 39.67
N PRO C 275 -43.62 74.87 38.52
CA PRO C 275 -43.37 74.13 37.28
C PRO C 275 -42.01 73.46 37.26
N ARG C 276 -41.84 72.50 36.34
CA ARG C 276 -40.58 71.80 36.20
C ARG C 276 -40.13 71.75 34.75
N TYR C 277 -38.83 71.97 34.57
CA TYR C 277 -38.20 71.93 33.27
C TYR C 277 -37.41 70.64 33.08
N PHE C 278 -37.39 70.17 31.84
CA PHE C 278 -36.61 68.98 31.47
C PHE C 278 -35.79 69.20 30.18
N ASN C 279 -34.55 68.72 30.20
CA ASN C 279 -33.79 68.56 28.96
C ASN C 279 -33.27 67.13 28.94
N VAL C 280 -33.87 66.31 28.07
CA VAL C 280 -33.55 64.89 27.98
C VAL C 280 -32.67 64.61 26.76
N THR C 281 -31.57 63.90 26.99
CA THR C 281 -30.67 63.46 25.94
C THR C 281 -31.02 62.03 25.56
N LEU C 282 -31.24 61.80 24.27
CA LEU C 282 -31.57 60.46 23.78
C LEU C 282 -30.61 60.02 22.69
N ARG C 283 -30.39 58.71 22.60
CA ARG C 283 -29.56 58.13 21.54
C ARG C 283 -30.30 56.99 20.85
N LYS C 284 -29.92 56.72 19.61
CA LYS C 284 -30.52 55.62 18.84
C LYS C 284 -29.92 54.28 19.29
N ARG C 285 -30.79 53.30 19.48
CA ARG C 285 -30.41 51.97 19.94
C ARG C 285 -31.05 50.90 19.06
N TRP C 286 -30.27 49.91 18.65
CA TRP C 286 -30.81 48.76 17.93
C TRP C 286 -31.48 47.82 18.92
N VAL C 287 -32.70 47.42 18.61
CA VAL C 287 -33.41 46.42 19.42
C VAL C 287 -34.03 45.35 18.51
N LYS C 288 -34.17 44.14 19.05
CA LYS C 288 -34.68 43.02 18.29
C LYS C 288 -36.02 42.57 18.84
N VAL D 9 -20.76 78.16 17.06
CA VAL D 9 -19.33 78.45 17.33
C VAL D 9 -18.56 77.19 17.76
N GLU D 10 -17.65 76.74 16.90
CA GLU D 10 -16.83 75.55 17.18
C GLU D 10 -15.70 75.83 18.17
N VAL D 11 -15.67 75.05 19.24
CA VAL D 11 -14.63 75.17 20.27
C VAL D 11 -13.42 74.34 19.85
N LEU D 12 -12.27 75.01 19.72
CA LEU D 12 -11.06 74.30 19.31
C LEU D 12 -10.19 73.99 20.54
N SER D 13 -8.87 74.01 20.36
CA SER D 13 -7.97 73.60 21.43
C SER D 13 -7.71 74.70 22.46
N VAL D 14 -7.39 74.26 23.66
CA VAL D 14 -6.90 75.15 24.72
C VAL D 14 -5.56 75.75 24.24
N VAL D 15 -5.40 77.06 24.43
CA VAL D 15 -4.16 77.75 24.03
C VAL D 15 -3.03 77.38 24.98
N THR D 16 -1.92 76.91 24.42
CA THR D 16 -0.72 76.64 25.21
C THR D 16 0.26 77.79 25.04
N GLY D 17 0.67 78.37 26.16
CA GLY D 17 1.62 79.49 26.16
C GLY D 17 1.94 79.97 27.56
N GLU D 18 2.86 80.93 27.65
CA GLU D 18 3.31 81.46 28.95
C GLU D 18 2.20 82.14 29.75
N ASP D 19 1.48 83.06 29.09
CA ASP D 19 0.47 83.86 29.79
C ASP D 19 -0.96 83.45 29.45
N SER D 20 -1.20 82.15 29.36
CA SER D 20 -2.50 81.64 28.93
C SER D 20 -3.55 81.53 30.04
N ILE D 21 -3.12 81.72 31.29
CA ILE D 21 -4.05 81.70 32.43
C ILE D 21 -4.11 83.07 33.12
N THR D 22 -5.31 83.48 33.53
CA THR D 22 -5.47 84.69 34.32
C THR D 22 -6.51 84.52 35.45
N GLN D 23 -6.42 85.34 36.48
N GLN D 23 -6.39 85.34 36.48
CA GLN D 23 -7.37 85.31 37.59
CA GLN D 23 -7.33 85.35 37.61
C GLN D 23 -8.08 86.64 37.75
C GLN D 23 -8.09 86.66 37.64
N ILE D 24 -9.38 86.58 37.96
CA ILE D 24 -10.23 87.76 38.14
C ILE D 24 -10.79 87.72 39.56
N GLU D 25 -10.52 88.77 40.33
CA GLU D 25 -11.03 88.92 41.69
C GLU D 25 -12.06 90.04 41.74
N LEU D 26 -13.14 89.83 42.49
CA LEU D 26 -14.09 90.90 42.78
C LEU D 26 -15.01 90.51 43.92
N TYR D 27 -15.69 91.51 44.46
CA TYR D 27 -16.77 91.26 45.40
C TYR D 27 -17.99 92.03 44.92
N LEU D 28 -19.16 91.55 45.32
CA LEU D 28 -20.42 92.21 45.03
C LEU D 28 -21.17 92.44 46.32
N ASN D 29 -21.46 93.70 46.61
CA ASN D 29 -22.28 94.03 47.77
C ASN D 29 -23.76 93.75 47.50
N PRO D 30 -24.52 93.39 48.55
CA PRO D 30 -25.89 92.94 48.32
C PRO D 30 -26.84 94.07 47.96
N ARG D 31 -27.89 93.76 47.19
CA ARG D 31 -28.86 94.75 46.77
C ARG D 31 -30.23 94.38 47.28
N MET D 32 -30.43 94.58 48.58
CA MET D 32 -31.65 94.12 49.27
C MET D 32 -32.84 95.06 49.15
N GLY D 33 -32.63 96.28 48.67
CA GLY D 33 -33.70 97.27 48.62
C GLY D 33 -33.18 98.67 48.91
N VAL D 34 -32.44 98.80 50.01
CA VAL D 34 -31.62 99.99 50.23
C VAL D 34 -30.23 99.61 49.71
N ASN D 35 -29.93 100.07 48.50
CA ASN D 35 -28.83 99.54 47.71
C ASN D 35 -27.56 100.39 47.68
N SER D 36 -27.63 101.58 48.26
CA SER D 36 -26.47 102.47 48.32
C SER D 36 -26.19 102.87 49.77
N PRO D 37 -24.90 102.95 50.15
CA PRO D 37 -24.52 103.42 51.48
C PRO D 37 -24.24 104.92 51.50
N ASP D 38 -24.43 105.58 50.36
CA ASP D 38 -24.05 106.98 50.16
C ASP D 38 -25.24 107.95 50.15
N LEU D 39 -26.29 107.64 50.90
CA LEU D 39 -27.45 108.52 51.02
C LEU D 39 -27.78 108.81 52.48
N THR D 42 -31.27 107.69 54.45
CA THR D 42 -31.87 106.36 54.27
C THR D 42 -30.85 105.23 54.25
N SER D 43 -29.59 105.59 54.03
CA SER D 43 -28.50 104.61 53.89
C SER D 43 -28.19 103.81 55.14
N ASN D 44 -28.70 104.24 56.29
CA ASN D 44 -28.55 103.50 57.54
CA ASN D 44 -28.53 103.48 57.52
C ASN D 44 -29.07 102.06 57.41
N TRP D 45 -29.96 101.83 56.44
CA TRP D 45 -30.55 100.51 56.21
C TRP D 45 -29.94 99.77 55.01
N TYR D 46 -28.78 100.24 54.56
CA TYR D 46 -28.02 99.56 53.51
C TYR D 46 -27.76 98.09 53.90
N THR D 47 -27.94 97.20 52.93
CA THR D 47 -27.91 95.74 53.08
C THR D 47 -29.20 95.16 53.73
N TYR D 48 -30.24 95.98 53.88
CA TYR D 48 -31.54 95.51 54.36
C TYR D 48 -32.68 95.96 53.43
N THR D 49 -33.83 95.30 53.59
CA THR D 49 -35.08 95.82 53.07
C THR D 49 -35.64 96.81 54.11
N TYR D 50 -36.75 97.45 53.77
CA TYR D 50 -37.59 98.07 54.78
C TYR D 50 -38.47 96.98 55.42
N ASP D 51 -39.49 97.36 56.15
CA ASP D 51 -40.29 96.35 56.85
C ASP D 51 -41.26 95.65 55.91
N LEU D 52 -41.20 94.32 55.95
CA LEU D 52 -42.00 93.47 55.08
C LEU D 52 -43.22 93.03 55.86
N GLN D 53 -44.38 93.40 55.37
CA GLN D 53 -45.62 93.22 56.13
C GLN D 53 -46.86 93.08 55.24
N PRO D 54 -47.42 91.85 55.15
CA PRO D 54 -48.70 91.67 54.46
C PRO D 54 -49.69 92.72 54.93
N LYS D 55 -50.34 93.40 53.98
CA LYS D 55 -51.22 94.50 54.35
C LYS D 55 -52.49 94.02 55.06
N GLY D 56 -53.02 92.88 54.63
CA GLY D 56 -54.33 92.41 55.11
C GLY D 56 -55.46 92.83 54.19
N SER D 57 -55.15 93.66 53.19
CA SER D 57 -56.11 94.08 52.18
C SER D 57 -55.45 94.23 50.81
N SER D 58 -56.22 94.03 49.75
CA SER D 58 -55.70 94.08 48.39
C SER D 58 -55.79 95.50 47.81
N PRO D 59 -54.95 95.84 46.81
CA PRO D 59 -53.84 95.04 46.27
C PRO D 59 -52.53 95.21 47.05
N ASP D 60 -51.57 94.32 46.81
CA ASP D 60 -50.20 94.50 47.29
C ASP D 60 -49.47 95.39 46.28
N GLN D 61 -48.90 96.48 46.77
CA GLN D 61 -48.20 97.44 45.92
C GLN D 61 -46.82 97.67 46.55
N PRO D 62 -45.92 96.68 46.43
CA PRO D 62 -44.69 96.75 47.21
C PRO D 62 -43.80 97.90 46.79
N ILE D 63 -43.07 98.47 47.76
CA ILE D 63 -42.09 99.51 47.47
C ILE D 63 -40.77 98.88 47.03
N LYS D 64 -39.96 99.66 46.31
CA LYS D 64 -38.70 99.15 45.78
C LYS D 64 -37.72 98.74 46.87
N GLU D 65 -37.82 99.37 48.04
CA GLU D 65 -36.96 99.01 49.19
C GLU D 65 -37.31 97.65 49.79
N ASN D 66 -38.45 97.10 49.41
CA ASN D 66 -38.86 95.77 49.88
C ASN D 66 -38.67 94.66 48.83
N LEU D 67 -37.85 94.93 47.83
CA LEU D 67 -37.63 93.96 46.75
C LEU D 67 -36.14 93.67 46.55
N PRO D 68 -35.60 92.72 47.32
CA PRO D 68 -34.22 92.27 47.10
C PRO D 68 -34.03 91.89 45.63
N ALA D 69 -32.88 92.28 45.07
CA ALA D 69 -32.59 92.08 43.66
C ALA D 69 -31.22 91.41 43.52
N TYR D 70 -30.97 90.81 42.35
CA TYR D 70 -29.69 90.17 42.06
C TYR D 70 -28.58 91.21 41.95
N SER D 71 -27.40 90.83 42.41
CA SER D 71 -26.18 91.58 42.16
C SER D 71 -25.57 91.09 40.86
N VAL D 72 -24.96 92.00 40.09
CA VAL D 72 -24.26 91.59 38.86
C VAL D 72 -23.13 92.55 38.49
N ALA D 73 -22.06 92.00 37.94
CA ALA D 73 -21.00 92.80 37.36
C ALA D 73 -20.55 92.17 36.06
N ARG D 74 -20.27 93.02 35.08
CA ARG D 74 -19.55 92.61 33.87
C ARG D 74 -18.10 93.01 34.06
N VAL D 75 -17.22 92.01 34.05
CA VAL D 75 -15.79 92.27 34.17
C VAL D 75 -15.19 92.29 32.76
N SER D 76 -14.55 93.40 32.40
CA SER D 76 -13.82 93.53 31.14
C SER D 76 -12.50 92.80 31.27
N LEU D 77 -12.23 91.90 30.32
CA LEU D 77 -11.03 91.05 30.36
C LEU D 77 -9.97 91.56 29.37
N PRO D 78 -8.70 91.16 29.57
CA PRO D 78 -7.63 91.55 28.65
C PRO D 78 -7.96 91.13 27.21
N MET D 79 -7.83 92.04 26.26
N MET D 79 -7.81 92.05 26.27
CA MET D 79 -8.14 91.71 24.87
CA MET D 79 -8.01 91.78 24.85
C MET D 79 -7.08 90.79 24.28
C MET D 79 -7.05 90.70 24.36
N LEU D 80 -7.54 89.81 23.50
CA LEU D 80 -6.71 88.70 23.01
C LEU D 80 -6.37 88.79 21.53
N ASN D 81 -7.27 89.38 20.75
CA ASN D 81 -7.16 89.35 19.30
C ASN D 81 -6.85 90.73 18.71
N ASP D 87 -11.85 84.24 11.08
CA ASP D 87 -12.93 83.40 11.61
C ASP D 87 -12.52 82.70 12.90
N THR D 88 -11.21 82.53 13.08
CA THR D 88 -10.63 81.81 14.21
C THR D 88 -9.95 82.79 15.17
N LEU D 89 -10.43 82.81 16.41
CA LEU D 89 -9.92 83.74 17.42
C LEU D 89 -9.82 83.12 18.81
N GLN D 90 -9.15 83.83 19.71
CA GLN D 90 -9.05 83.38 21.11
C GLN D 90 -10.15 84.00 21.96
N MET D 91 -10.68 83.21 22.89
CA MET D 91 -11.62 83.69 23.91
C MET D 91 -11.14 83.22 25.28
N TRP D 92 -11.43 84.03 26.30
CA TRP D 92 -11.24 83.62 27.68
C TRP D 92 -12.31 82.60 28.06
N GLU D 93 -11.89 81.54 28.72
CA GLU D 93 -12.76 80.45 29.14
C GLU D 93 -12.68 80.33 30.66
N ALA D 94 -13.79 80.49 31.36
CA ALA D 94 -13.78 80.37 32.82
C ALA D 94 -13.76 78.91 33.21
N ILE D 95 -12.76 78.50 33.98
CA ILE D 95 -12.57 77.08 34.27
C ILE D 95 -12.85 76.70 35.73
N SER D 96 -12.70 77.66 36.63
CA SER D 96 -13.00 77.44 38.03
C SER D 96 -13.25 78.74 38.77
N VAL D 97 -13.88 78.63 39.93
CA VAL D 97 -14.15 79.79 40.78
C VAL D 97 -14.08 79.38 42.26
N LYS D 98 -13.45 80.24 43.06
CA LYS D 98 -13.55 80.17 44.50
C LYS D 98 -14.46 81.33 44.87
N THR D 99 -15.55 81.01 45.56
CA THR D 99 -16.49 82.05 45.98
C THR D 99 -16.86 81.87 47.45
N GLU D 100 -17.15 82.98 48.12
CA GLU D 100 -17.40 82.95 49.55
C GLU D 100 -18.33 84.08 49.97
N VAL D 101 -19.27 83.75 50.84
CA VAL D 101 -20.12 84.77 51.45
C VAL D 101 -19.32 85.45 52.56
N VAL D 102 -19.21 86.77 52.46
CA VAL D 102 -18.38 87.56 53.36
C VAL D 102 -19.23 88.10 54.52
N GLY D 103 -18.65 88.16 55.72
CA GLY D 103 -19.34 88.78 56.85
C GLY D 103 -20.26 87.83 57.61
N ILE D 104 -20.09 86.53 57.42
CA ILE D 104 -20.97 85.55 58.05
C ILE D 104 -20.93 85.71 59.59
N SER D 105 -19.74 85.96 60.12
CA SER D 105 -19.52 86.10 61.58
C SER D 105 -20.31 87.26 62.22
N SER D 106 -20.65 88.28 61.43
CA SER D 106 -21.41 89.42 61.95
C SER D 106 -22.78 88.99 62.47
N LEU D 107 -23.24 87.82 62.02
CA LEU D 107 -24.57 87.34 62.37
C LEU D 107 -24.67 86.71 63.76
N ILE D 108 -23.56 86.66 64.51
CA ILE D 108 -23.62 86.23 65.91
C ILE D 108 -24.16 87.35 66.83
N ASN D 109 -24.25 88.58 66.32
CA ASN D 109 -24.77 89.74 67.07
C ASN D 109 -26.25 89.52 67.45
N VAL D 110 -26.53 89.33 68.74
CA VAL D 110 -27.90 89.18 69.23
C VAL D 110 -28.25 90.33 70.19
N HIS D 111 -27.64 91.49 69.94
CA HIS D 111 -27.84 92.67 70.79
C HIS D 111 -27.97 93.95 69.95
N TYR D 112 -28.55 93.83 68.76
CA TYR D 112 -28.97 95.01 68.01
C TYR D 112 -29.91 95.81 68.91
N TRP D 113 -29.75 97.13 68.95
CA TRP D 113 -30.44 97.92 69.97
C TRP D 113 -31.96 97.77 69.93
N ASP D 114 -32.51 97.56 68.73
CA ASP D 114 -33.96 97.41 68.56
C ASP D 114 -34.36 95.98 68.22
N MET D 115 -33.61 95.00 68.70
CA MET D 115 -33.88 93.60 68.39
C MET D 115 -35.01 93.09 69.27
N LYS D 116 -35.97 92.41 68.66
CA LYS D 116 -37.00 91.69 69.40
C LYS D 116 -36.33 90.58 70.21
N ARG D 117 -36.71 90.45 71.47
CA ARG D 117 -36.12 89.43 72.37
C ARG D 117 -36.76 88.07 72.16
N VAL D 118 -36.00 87.00 72.39
N VAL D 118 -35.98 87.02 72.39
CA VAL D 118 -36.56 85.66 72.31
CA VAL D 118 -36.48 85.65 72.36
C VAL D 118 -37.59 85.42 73.43
C VAL D 118 -37.57 85.46 73.40
N HIS D 119 -37.35 86.05 74.58
CA HIS D 119 -38.31 86.07 75.71
C HIS D 119 -37.92 87.22 76.65
N ASP D 120 -38.75 87.52 77.65
CA ASP D 120 -38.43 88.56 78.62
C ASP D 120 -37.01 88.40 79.17
N TYR D 121 -36.25 89.50 79.11
CA TYR D 121 -34.86 89.61 79.62
C TYR D 121 -33.82 88.87 78.80
N GLY D 122 -34.25 88.27 77.70
CA GLY D 122 -33.38 87.46 76.86
C GLY D 122 -32.61 88.24 75.82
N ALA D 123 -31.82 87.51 75.04
CA ALA D 123 -31.09 88.07 73.92
C ALA D 123 -32.03 88.34 72.75
N GLY D 124 -31.55 89.09 71.77
CA GLY D 124 -32.31 89.31 70.53
C GLY D 124 -32.46 88.02 69.76
N ILE D 125 -33.56 87.90 69.01
CA ILE D 125 -33.74 86.80 68.06
C ILE D 125 -32.69 87.01 66.98
N PRO D 126 -31.79 86.02 66.77
CA PRO D 126 -30.73 86.21 65.77
C PRO D 126 -31.27 86.27 64.35
N VAL D 127 -30.49 86.83 63.43
CA VAL D 127 -30.85 86.84 62.01
C VAL D 127 -31.08 85.39 61.58
N SER D 128 -32.29 85.09 61.11
N SER D 128 -32.31 85.09 61.15
CA SER D 128 -32.73 83.74 60.81
CA SER D 128 -32.76 83.73 60.86
C SER D 128 -33.97 83.79 59.92
C SER D 128 -33.96 83.80 59.92
N GLY D 129 -34.38 82.64 59.39
CA GLY D 129 -35.57 82.56 58.54
C GLY D 129 -35.24 82.35 57.07
N VAL D 130 -35.90 83.11 56.21
CA VAL D 130 -35.74 82.97 54.77
C VAL D 130 -34.30 83.22 54.32
N ASN D 131 -33.72 82.21 53.68
CA ASN D 131 -32.41 82.31 53.03
C ASN D 131 -32.57 82.04 51.53
N TYR D 132 -31.78 82.75 50.72
CA TYR D 132 -31.73 82.51 49.28
C TYR D 132 -30.32 82.80 48.86
N HIS D 133 -29.66 81.77 48.31
CA HIS D 133 -28.24 81.86 47.96
C HIS D 133 -28.04 81.34 46.55
N MET D 134 -27.42 82.17 45.72
CA MET D 134 -27.11 81.76 44.36
C MET D 134 -25.91 82.53 43.84
N PHE D 135 -25.16 81.90 42.96
CA PHE D 135 -24.16 82.62 42.20
C PHE D 135 -24.09 82.02 40.80
N ALA D 136 -23.63 82.83 39.86
CA ALA D 136 -23.51 82.40 38.48
C ALA D 136 -22.28 83.05 37.87
N ILE D 137 -21.61 82.27 37.01
CA ILE D 137 -20.48 82.76 36.24
C ILE D 137 -20.80 82.46 34.80
N GLY D 138 -20.73 83.48 33.94
CA GLY D 138 -21.03 83.28 32.52
C GLY D 138 -20.24 84.14 31.57
N GLY D 139 -20.30 83.80 30.29
CA GLY D 139 -19.65 84.57 29.24
C GLY D 139 -20.59 85.58 28.59
N GLU D 140 -21.77 85.73 29.20
CA GLU D 140 -22.82 86.64 28.75
C GLU D 140 -23.82 86.78 29.90
N PRO D 141 -24.76 87.76 29.81
CA PRO D 141 -25.72 87.92 30.91
C PRO D 141 -26.47 86.65 31.23
N LEU D 142 -26.77 86.45 32.51
CA LEU D 142 -27.59 85.32 32.94
C LEU D 142 -29.00 85.47 32.35
N ASP D 143 -29.51 84.40 31.77
CA ASP D 143 -30.89 84.35 31.28
C ASP D 143 -31.85 84.09 32.43
N LEU D 144 -32.92 84.90 32.48
CA LEU D 144 -33.87 84.87 33.58
C LEU D 144 -35.25 84.48 33.10
N GLN D 145 -35.98 83.77 33.96
CA GLN D 145 -37.37 83.39 33.70
C GLN D 145 -38.21 84.10 34.75
N GLY D 146 -39.31 84.72 34.32
CA GLY D 146 -40.24 85.37 35.25
C GLY D 146 -41.28 84.41 35.78
N LEU D 147 -41.49 84.44 37.11
CA LEU D 147 -42.59 83.68 37.76
C LEU D 147 -42.82 84.31 39.13
N VAL D 148 -44.08 84.59 39.48
CA VAL D 148 -44.39 85.27 40.74
C VAL D 148 -45.42 84.50 41.56
N LEU D 149 -45.35 84.69 42.87
CA LEU D 149 -46.33 84.11 43.78
C LEU D 149 -47.76 84.56 43.46
N ASP D 150 -47.93 85.84 43.13
CA ASP D 150 -49.25 86.42 42.85
C ASP D 150 -49.20 87.38 41.65
N TYR D 151 -49.86 87.01 40.55
CA TYR D 151 -49.85 87.85 39.35
C TYR D 151 -50.53 89.22 39.59
N GLN D 152 -51.27 89.33 40.69
CA GLN D 152 -51.97 90.58 41.04
C GLN D 152 -51.09 91.56 41.83
N THR D 153 -49.87 91.14 42.15
CA THR D 153 -48.91 92.04 42.77
C THR D 153 -48.59 93.18 41.80
N GLN D 154 -48.66 94.41 42.33
CA GLN D 154 -48.40 95.59 41.52
C GLN D 154 -47.02 96.16 41.87
N TYR D 155 -46.02 95.75 41.09
CA TYR D 155 -44.64 96.18 41.30
C TYR D 155 -44.46 97.63 40.87
N PRO D 156 -43.50 98.35 41.48
CA PRO D 156 -43.27 99.73 41.05
C PRO D 156 -42.93 99.79 39.56
N LYS D 157 -43.43 100.82 38.87
CA LYS D 157 -43.09 101.01 37.46
C LYS D 157 -41.61 101.36 37.32
N THR D 158 -40.99 100.89 36.23
CA THR D 158 -39.58 101.15 35.96
C THR D 158 -39.36 102.63 35.61
N THR D 159 -39.00 103.41 36.62
CA THR D 159 -38.79 104.85 36.49
C THR D 159 -37.99 105.38 37.68
N GLY D 162 -36.42 102.11 40.05
CA GLY D 162 -37.41 101.40 39.25
C GLY D 162 -36.96 100.02 38.84
N PRO D 163 -37.54 98.96 39.45
CA PRO D 163 -37.17 97.58 39.10
C PRO D 163 -37.73 97.13 37.76
N ILE D 164 -37.01 96.22 37.10
CA ILE D 164 -37.49 95.57 35.89
C ILE D 164 -38.25 94.30 36.30
N THR D 165 -39.53 94.24 35.94
CA THR D 165 -40.37 93.08 36.27
C THR D 165 -41.08 92.57 35.01
N ILE D 166 -41.97 91.60 35.18
CA ILE D 166 -42.63 90.96 34.04
C ILE D 166 -43.44 91.95 33.18
N GLU D 167 -44.16 92.87 33.83
CA GLU D 167 -44.91 93.89 33.12
C GLU D 167 -43.99 94.77 32.27
N THR D 168 -42.80 95.06 32.78
CA THR D 168 -41.78 95.81 32.04
C THR D 168 -41.48 95.10 30.71
N VAL D 169 -41.23 93.79 30.77
CA VAL D 169 -40.85 93.04 29.56
C VAL D 169 -42.02 92.75 28.60
N LEU D 170 -43.19 92.43 29.15
CA LEU D 170 -44.35 92.13 28.32
C LEU D 170 -44.95 93.39 27.69
N GLY D 171 -44.76 94.54 28.35
CA GLY D 171 -45.37 95.80 27.91
C GLY D 171 -46.87 95.83 28.18
N ARG D 172 -47.32 94.95 29.06
CA ARG D 172 -48.71 94.83 29.47
C ARG D 172 -48.75 94.13 30.83
N LYS D 173 -49.89 94.19 31.50
CA LYS D 173 -50.06 93.61 32.84
C LYS D 173 -49.87 92.10 32.83
N MET D 174 -49.44 91.55 33.96
CA MET D 174 -49.38 90.11 34.12
C MET D 174 -50.79 89.52 34.09
N THR D 175 -50.88 88.24 33.72
CA THR D 175 -52.12 87.49 33.81
C THR D 175 -51.87 86.27 34.70
N PRO D 176 -52.92 85.50 35.04
CA PRO D 176 -52.69 84.33 35.90
C PRO D 176 -51.58 83.39 35.43
N LYS D 177 -51.34 83.31 34.11
CA LYS D 177 -50.29 82.43 33.61
C LYS D 177 -48.89 82.71 34.20
N ASN D 178 -48.68 83.91 34.72
CA ASN D 178 -47.39 84.28 35.32
C ASN D 178 -47.15 83.76 36.74
N GLN D 179 -48.15 83.05 37.29
CA GLN D 179 -47.94 82.24 38.50
C GLN D 179 -47.33 80.88 38.13
N GLY D 180 -47.36 80.55 36.85
CA GLY D 180 -46.66 79.38 36.30
C GLY D 180 -45.57 79.84 35.34
N LEU D 181 -45.10 78.94 34.48
CA LEU D 181 -44.06 79.29 33.53
C LEU D 181 -44.67 79.80 32.22
N ASP D 182 -44.53 81.10 32.00
CA ASP D 182 -44.91 81.76 30.77
C ASP D 182 -43.64 81.97 29.96
N PRO D 183 -43.50 81.28 28.82
CA PRO D 183 -42.29 81.42 27.99
C PRO D 183 -42.02 82.84 27.50
N GLN D 184 -43.02 83.71 27.53
CA GLN D 184 -42.81 85.13 27.15
C GLN D 184 -42.14 85.94 28.26
N ALA D 185 -42.23 85.48 29.50
CA ALA D 185 -41.70 86.24 30.65
C ALA D 185 -40.22 85.93 30.81
N LYS D 186 -39.41 86.54 29.96
CA LYS D 186 -37.97 86.29 29.96
C LYS D 186 -37.19 87.59 29.95
N ALA D 187 -36.01 87.57 30.55
CA ALA D 187 -35.15 88.73 30.60
C ALA D 187 -33.69 88.33 30.71
N LYS D 188 -32.80 89.31 30.61
CA LYS D 188 -31.39 89.07 30.83
C LYS D 188 -30.93 89.88 32.02
N LEU D 189 -30.15 89.25 32.89
CA LEU D 189 -29.65 89.91 34.09
C LEU D 189 -28.49 90.84 33.71
N ASP D 190 -28.84 92.04 33.29
CA ASP D 190 -27.86 92.97 32.71
C ASP D 190 -27.64 94.24 33.52
N LYS D 191 -28.33 94.35 34.67
CA LYS D 191 -28.24 95.55 35.51
C LYS D 191 -28.25 95.17 36.98
N ASP D 192 -27.28 95.71 37.72
CA ASP D 192 -27.10 95.42 39.15
C ASP D 192 -28.21 96.07 39.95
N GLY D 193 -28.79 95.29 40.87
CA GLY D 193 -29.81 95.78 41.80
C GLY D 193 -31.15 96.17 41.20
N ASN D 194 -31.49 95.62 40.04
CA ASN D 194 -32.68 96.05 39.28
C ASN D 194 -33.70 94.95 38.97
N TYR D 195 -33.27 93.70 39.12
CA TYR D 195 -34.12 92.55 38.83
C TYR D 195 -34.49 91.87 40.16
N PRO D 196 -35.74 92.04 40.63
CA PRO D 196 -36.18 91.45 41.90
C PRO D 196 -36.04 89.94 41.93
N ILE D 197 -35.48 89.43 43.03
CA ILE D 197 -35.35 88.00 43.24
C ILE D 197 -36.73 87.30 43.24
N GLU D 198 -37.74 87.93 43.80
CA GLU D 198 -39.07 87.29 43.92
C GLU D 198 -39.83 87.23 42.57
N VAL D 199 -39.28 87.90 41.55
CA VAL D 199 -39.90 87.92 40.22
C VAL D 199 -39.13 87.02 39.25
N TRP D 200 -37.80 87.02 39.37
CA TRP D 200 -36.94 86.38 38.37
C TRP D 200 -36.10 85.26 38.94
N CYS D 201 -35.99 84.18 38.19
CA CYS D 201 -35.12 83.05 38.53
C CYS D 201 -34.28 82.70 37.30
N PRO D 202 -33.17 81.95 37.47
CA PRO D 202 -32.38 81.55 36.29
C PRO D 202 -33.22 80.69 35.35
N ASP D 203 -33.11 80.95 34.04
CA ASP D 203 -33.86 80.23 33.03
C ASP D 203 -33.10 78.93 32.65
N PRO D 204 -33.62 77.76 33.07
CA PRO D 204 -32.90 76.52 32.77
C PRO D 204 -32.97 76.10 31.30
N SER D 205 -33.83 76.77 30.52
CA SER D 205 -34.00 76.45 29.10
C SER D 205 -32.96 77.18 28.24
N LYS D 206 -32.23 78.09 28.85
CA LYS D 206 -31.14 78.80 28.17
C LYS D 206 -29.86 78.65 28.99
N ASN D 207 -29.07 79.71 29.14
CA ASN D 207 -27.86 79.66 29.98
C ASN D 207 -26.86 78.57 29.61
N GLU D 208 -26.77 78.27 28.32
CA GLU D 208 -25.79 77.30 27.84
C GLU D 208 -24.36 77.77 28.14
N ASN D 209 -24.17 79.09 28.18
CA ASN D 209 -22.84 79.69 28.34
C ASN D 209 -22.67 80.35 29.72
N SER D 210 -23.45 79.85 30.68
CA SER D 210 -23.32 80.23 32.10
C SER D 210 -23.42 78.99 32.96
N ARG D 211 -22.86 79.07 34.17
CA ARG D 211 -23.05 78.02 35.18
C ARG D 211 -23.63 78.71 36.40
N TYR D 212 -24.76 78.19 36.90
CA TYR D 212 -25.37 78.77 38.10
C TYR D 212 -25.70 77.72 39.14
N TYR D 213 -25.73 78.16 40.40
CA TYR D 213 -25.86 77.30 41.58
C TYR D 213 -26.66 78.07 42.60
N GLY D 214 -27.73 77.48 43.11
CA GLY D 214 -28.53 78.18 44.10
C GLY D 214 -29.38 77.30 45.00
N SER D 215 -29.94 77.91 46.04
CA SER D 215 -30.79 77.23 46.98
C SER D 215 -31.73 78.23 47.65
N ILE D 216 -32.80 77.72 48.22
CA ILE D 216 -33.69 78.52 49.06
C ILE D 216 -33.96 77.74 50.33
N GLN D 217 -34.27 78.48 51.38
CA GLN D 217 -34.74 77.94 52.65
C GLN D 217 -35.87 78.85 53.11
N THR D 218 -37.08 78.32 53.27
CA THR D 218 -38.18 79.16 53.74
C THR D 218 -38.40 78.94 55.23
N GLY D 219 -39.18 79.79 55.87
CA GLY D 219 -39.47 79.70 57.30
C GLY D 219 -39.23 81.05 57.93
N SER D 220 -39.72 81.26 59.13
CA SER D 220 -39.59 82.58 59.74
C SER D 220 -38.37 82.67 60.62
N GLN D 221 -38.11 81.63 61.40
CA GLN D 221 -36.97 81.62 62.30
C GLN D 221 -36.04 80.45 62.05
N THR D 222 -36.13 79.87 60.86
CA THR D 222 -35.28 78.76 60.46
C THR D 222 -33.80 79.17 60.61
N PRO D 223 -32.98 78.32 61.26
CA PRO D 223 -31.57 78.65 61.44
C PRO D 223 -30.85 78.96 60.14
N THR D 224 -30.10 80.05 60.14
CA THR D 224 -29.18 80.36 59.06
C THR D 224 -27.93 79.55 59.30
N VAL D 225 -27.64 78.66 58.36
CA VAL D 225 -26.54 77.72 58.46
C VAL D 225 -25.69 77.92 57.22
N LEU D 226 -24.50 78.48 57.41
CA LEU D 226 -23.62 78.84 56.30
C LEU D 226 -22.20 78.37 56.59
N GLN D 227 -21.46 78.01 55.54
CA GLN D 227 -20.06 77.63 55.66
C GLN D 227 -19.14 78.61 54.96
N PHE D 228 -17.88 78.64 55.37
CA PHE D 228 -16.86 79.45 54.70
C PHE D 228 -15.50 78.78 54.80
N SER D 229 -14.79 78.73 53.67
CA SER D 229 -13.44 78.18 53.62
C SER D 229 -12.76 78.65 52.36
N ASN D 230 -11.46 78.92 52.44
CA ASN D 230 -10.71 79.29 51.24
C ASN D 230 -10.06 78.08 50.56
N THR D 231 -10.55 76.88 50.88
CA THR D 231 -10.03 75.66 50.26
C THR D 231 -11.02 75.06 49.28
N LEU D 232 -12.19 75.69 49.13
CA LEU D 232 -13.26 75.15 48.29
C LEU D 232 -13.29 75.79 46.90
N THR D 233 -13.21 74.95 45.86
CA THR D 233 -13.23 75.41 44.47
C THR D 233 -14.42 74.79 43.73
N THR D 234 -15.04 75.57 42.83
CA THR D 234 -16.05 75.02 41.93
C THR D 234 -15.52 74.97 40.50
N VAL D 235 -15.47 73.78 39.92
CA VAL D 235 -15.09 73.60 38.52
C VAL D 235 -16.23 74.02 37.59
N LEU D 236 -15.93 74.85 36.59
CA LEU D 236 -16.94 75.42 35.71
C LEU D 236 -17.05 74.71 34.36
N LEU D 237 -16.22 73.69 34.16
CA LEU D 237 -16.22 72.94 32.92
C LEU D 237 -17.50 72.12 32.78
N ASP D 238 -18.05 72.07 31.56
CA ASP D 238 -19.19 71.21 31.30
C ASP D 238 -18.73 69.77 31.07
N GLU D 239 -19.68 68.91 30.69
CA GLU D 239 -19.41 67.48 30.45
C GLU D 239 -18.42 67.23 29.30
N ASN D 240 -18.26 68.22 28.43
CA ASN D 240 -17.29 68.15 27.34
C ASN D 240 -15.94 68.80 27.68
N GLY D 241 -15.77 69.22 28.93
CA GLY D 241 -14.54 69.88 29.37
C GLY D 241 -14.40 71.35 28.95
N VAL D 242 -15.53 72.00 28.67
CA VAL D 242 -15.55 73.40 28.22
C VAL D 242 -16.23 74.29 29.27
N GLY D 243 -15.58 75.37 29.68
CA GLY D 243 -16.20 76.34 30.59
C GLY D 243 -16.88 77.46 29.82
N PRO D 244 -17.57 78.38 30.52
CA PRO D 244 -18.19 79.54 29.86
C PRO D 244 -17.18 80.33 29.01
N LEU D 245 -17.60 80.75 27.82
CA LEU D 245 -16.74 81.49 26.89
C LEU D 245 -17.17 82.96 26.83
N CYS D 246 -16.20 83.83 27.07
CA CYS D 246 -16.48 85.25 27.32
C CYS D 246 -16.57 86.08 26.03
N LYS D 247 -17.81 86.30 25.61
CA LYS D 247 -18.13 87.04 24.39
C LYS D 247 -17.81 88.52 24.55
N GLY D 248 -17.14 89.09 23.55
CA GLY D 248 -16.68 90.48 23.62
C GLY D 248 -15.75 90.73 24.79
N ASP D 249 -15.05 89.69 25.24
CA ASP D 249 -14.10 89.74 26.37
C ASP D 249 -14.74 90.22 27.69
N GLY D 250 -15.97 89.78 27.94
CA GLY D 250 -16.69 90.16 29.14
C GLY D 250 -17.09 88.93 29.95
N LEU D 251 -16.80 88.99 31.25
CA LEU D 251 -17.18 87.92 32.19
C LEU D 251 -18.33 88.42 33.05
N PHE D 252 -19.42 87.66 33.10
CA PHE D 252 -20.55 88.07 33.92
C PHE D 252 -20.61 87.30 35.22
N ILE D 253 -20.66 88.06 36.31
CA ILE D 253 -20.71 87.48 37.64
C ILE D 253 -21.99 87.97 38.31
N SER D 254 -22.79 87.03 38.80
CA SER D 254 -24.11 87.32 39.35
C SER D 254 -24.30 86.56 40.66
N CYS D 255 -25.02 87.16 41.61
CA CYS D 255 -25.35 86.47 42.86
C CYS D 255 -26.52 87.09 43.63
N ALA D 256 -26.94 86.39 44.68
CA ALA D 256 -27.91 86.86 45.67
C ALA D 256 -27.65 86.03 46.93
N ASP D 257 -27.64 86.69 48.09
CA ASP D 257 -27.38 86.04 49.37
C ASP D 257 -28.20 86.65 50.49
N ILE D 258 -29.47 86.26 50.54
CA ILE D 258 -30.37 86.66 51.61
C ILE D 258 -30.09 85.72 52.79
N VAL D 259 -29.86 86.29 53.97
CA VAL D 259 -29.40 85.50 55.11
C VAL D 259 -30.39 85.47 56.28
N GLY D 260 -31.59 86.01 56.06
CA GLY D 260 -32.65 85.95 57.07
C GLY D 260 -33.20 87.32 57.46
N PHE D 261 -34.02 87.29 58.51
CA PHE D 261 -34.73 88.48 58.98
C PHE D 261 -34.04 89.13 60.17
N LEU D 262 -34.06 90.46 60.17
CA LEU D 262 -33.82 91.23 61.38
C LEU D 262 -35.17 91.44 62.04
N PHE D 263 -35.32 90.90 63.26
CA PHE D 263 -36.56 90.96 64.02
C PHE D 263 -36.52 92.18 64.94
N LYS D 264 -37.41 93.13 64.69
CA LYS D 264 -37.45 94.37 65.46
C LYS D 264 -38.44 94.31 66.61
N THR D 265 -38.22 95.13 67.64
CA THR D 265 -39.03 95.17 68.87
C THR D 265 -40.53 95.24 68.61
N SER D 266 -40.95 96.10 67.68
CA SER D 266 -42.37 96.32 67.40
C SER D 266 -43.07 95.08 66.82
N GLY D 267 -42.29 94.16 66.27
CA GLY D 267 -42.83 93.01 65.58
C GLY D 267 -42.50 93.05 64.11
N LYS D 268 -42.07 94.22 63.63
CA LYS D 268 -41.69 94.40 62.23
C LYS D 268 -40.44 93.60 61.89
N MET D 269 -40.33 93.21 60.62
CA MET D 269 -39.25 92.33 60.16
C MET D 269 -38.72 92.82 58.83
N ALA D 270 -37.39 92.82 58.70
CA ALA D 270 -36.72 93.20 57.46
C ALA D 270 -35.76 92.09 57.06
N LEU D 271 -35.67 91.82 55.76
CA LEU D 271 -34.68 90.87 55.25
C LEU D 271 -33.28 91.51 55.17
N HIS D 272 -32.25 90.66 55.26
CA HIS D 272 -30.86 91.12 55.30
C HIS D 272 -30.03 90.27 54.36
N GLY D 273 -29.06 90.88 53.69
CA GLY D 273 -28.15 90.18 52.76
C GLY D 273 -26.69 90.42 53.11
N LEU D 274 -25.82 89.52 52.63
CA LEU D 274 -24.38 89.65 52.79
C LEU D 274 -23.69 89.71 51.44
N PRO D 275 -22.49 90.35 51.37
CA PRO D 275 -21.73 90.40 50.12
C PRO D 275 -21.10 89.05 49.78
N ARG D 276 -20.64 88.92 48.54
CA ARG D 276 -20.01 87.70 48.09
C ARG D 276 -18.73 88.04 47.34
N TYR D 277 -17.69 87.27 47.61
CA TYR D 277 -16.39 87.40 46.95
C TYR D 277 -16.22 86.32 45.88
N PHE D 278 -15.52 86.65 44.81
CA PHE D 278 -15.21 85.70 43.73
C PHE D 278 -13.76 85.79 43.33
N ASN D 279 -13.15 84.64 43.04
CA ASN D 279 -11.88 84.55 42.37
C ASN D 279 -12.02 83.54 41.25
N VAL D 280 -12.07 84.04 40.02
CA VAL D 280 -12.34 83.21 38.85
C VAL D 280 -11.03 82.98 38.09
N THR D 281 -10.74 81.71 37.79
CA THR D 281 -9.60 81.37 36.95
C THR D 281 -10.09 81.20 35.51
N LEU D 282 -9.37 81.82 34.57
CA LEU D 282 -9.71 81.71 33.17
C LEU D 282 -8.48 81.32 32.36
N ARG D 283 -8.71 80.63 31.25
CA ARG D 283 -7.67 80.24 30.32
C ARG D 283 -8.05 80.67 28.90
N LYS D 284 -7.06 80.78 28.03
CA LYS D 284 -7.31 81.14 26.64
C LYS D 284 -7.71 79.92 25.82
N ARG D 285 -8.71 80.10 24.97
CA ARG D 285 -9.24 79.00 24.17
C ARG D 285 -9.42 79.44 22.73
N TRP D 286 -8.97 78.61 21.78
CA TRP D 286 -9.21 78.86 20.38
C TRP D 286 -10.65 78.52 20.04
N VAL D 287 -11.31 79.40 19.29
CA VAL D 287 -12.69 79.16 18.84
C VAL D 287 -12.84 79.56 17.37
N LYS D 288 -13.86 79.03 16.74
CA LYS D 288 -14.14 79.29 15.33
C LYS D 288 -15.54 79.89 15.20
N ASN D 289 -15.64 81.02 14.50
CA ASN D 289 -16.93 81.67 14.21
CA ASN D 289 -16.96 81.60 14.22
C ASN D 289 -17.26 81.67 12.71
N VAL E 9 7.42 84.46 46.78
CA VAL E 9 8.30 83.27 47.01
C VAL E 9 8.04 82.17 45.99
N GLU E 10 9.11 81.70 45.36
CA GLU E 10 9.07 80.54 44.48
C GLU E 10 9.33 79.27 45.30
N VAL E 11 8.40 78.32 45.22
CA VAL E 11 8.47 77.10 46.02
C VAL E 11 9.25 76.02 45.28
N LEU E 12 10.32 75.54 45.89
CA LEU E 12 11.13 74.48 45.31
C LEU E 12 10.72 73.10 45.86
N SER E 13 11.68 72.20 46.05
CA SER E 13 11.40 70.82 46.44
C SER E 13 11.29 70.64 47.95
N VAL E 14 10.54 69.62 48.34
CA VAL E 14 10.48 69.15 49.73
C VAL E 14 11.85 68.64 50.17
N VAL E 15 12.31 69.11 51.33
CA VAL E 15 13.61 68.70 51.88
C VAL E 15 13.58 67.22 52.26
N THR E 16 14.60 66.47 51.81
CA THR E 16 14.76 65.06 52.22
C THR E 16 15.78 64.94 53.34
N GLY E 17 15.62 63.93 54.19
CA GLY E 17 16.52 63.71 55.31
C GLY E 17 15.80 63.17 56.53
N GLU E 18 16.57 62.84 57.56
CA GLU E 18 16.08 62.16 58.76
C GLU E 18 15.07 62.97 59.57
N ASP E 19 15.42 64.22 59.88
CA ASP E 19 14.56 65.06 60.74
C ASP E 19 13.91 66.20 59.94
N SER E 20 13.28 65.85 58.83
CA SER E 20 12.62 66.83 57.97
C SER E 20 11.14 67.05 58.31
N ILE E 21 10.58 66.16 59.12
CA ILE E 21 9.18 66.28 59.57
C ILE E 21 9.11 66.53 61.09
N THR E 22 8.27 67.49 61.49
CA THR E 22 8.04 67.76 62.92
C THR E 22 6.54 67.87 63.24
N GLN E 23 6.20 67.67 64.51
CA GLN E 23 4.82 67.85 64.94
C GLN E 23 4.71 68.89 66.05
N ILE E 24 3.66 69.68 65.97
CA ILE E 24 3.40 70.77 66.90
C ILE E 24 2.03 70.53 67.51
N GLU E 25 1.96 70.54 68.84
CA GLU E 25 0.65 70.45 69.47
C GLU E 25 0.38 71.62 70.40
N LEU E 26 -0.89 71.99 70.52
CA LEU E 26 -1.30 73.03 71.46
C LEU E 26 -2.81 73.09 71.58
N TYR E 27 -3.28 73.79 72.60
CA TYR E 27 -4.69 74.04 72.76
C TYR E 27 -4.91 75.53 72.93
N LEU E 28 -6.09 76.00 72.56
CA LEU E 28 -6.45 77.41 72.76
C LEU E 28 -7.74 77.46 73.54
N ASN E 29 -7.70 78.15 74.68
CA ASN E 29 -8.89 78.35 75.48
C ASN E 29 -9.75 79.47 74.91
N PRO E 30 -11.07 79.36 75.04
CA PRO E 30 -11.95 80.31 74.37
C PRO E 30 -11.90 81.72 74.98
N ARG E 31 -12.11 82.73 74.14
CA ARG E 31 -12.10 84.12 74.59
C ARG E 31 -13.48 84.74 74.34
N MET E 32 -14.45 84.38 75.19
CA MET E 32 -15.85 84.73 74.97
C MET E 32 -16.22 86.11 75.49
N GLY E 33 -15.33 86.73 76.26
CA GLY E 33 -15.61 88.03 76.86
C GLY E 33 -15.06 88.11 78.26
N VAL E 34 -15.34 87.10 79.08
CA VAL E 34 -14.60 86.91 80.32
C VAL E 34 -13.45 85.97 79.96
N ASN E 35 -12.28 86.57 79.75
CA ASN E 35 -11.20 85.90 79.03
C ASN E 35 -10.11 85.29 79.89
N SER E 36 -10.11 85.62 81.18
CA SER E 36 -9.12 85.08 82.09
C SER E 36 -9.79 84.33 83.23
N PRO E 37 -9.17 83.21 83.67
CA PRO E 37 -9.64 82.48 84.85
C PRO E 37 -8.99 82.94 86.16
N ASP E 38 -8.13 83.97 86.08
CA ASP E 38 -7.27 84.36 87.20
C ASP E 38 -7.64 85.67 87.92
N LEU E 39 -8.88 86.11 87.73
N LEU E 39 -8.85 86.18 87.64
CA LEU E 39 -9.41 87.27 88.46
CA LEU E 39 -9.23 87.52 88.10
C LEU E 39 -10.53 86.83 89.41
C LEU E 39 -9.75 87.55 89.53
N PRO E 40 -10.18 86.54 90.67
N PRO E 40 -9.65 88.71 90.18
CA PRO E 40 -11.14 86.04 91.65
CA PRO E 40 -10.08 88.93 91.55
C PRO E 40 -12.45 86.84 91.66
C PRO E 40 -11.34 88.16 91.90
N THR E 41 -12.40 88.06 91.16
N THR E 41 -12.40 88.34 91.11
CA THR E 41 -13.56 88.97 91.19
CA THR E 41 -13.66 87.64 91.36
C THR E 41 -14.67 88.63 90.19
C THR E 41 -14.52 87.38 90.12
N THR E 42 -14.30 88.11 89.03
CA THR E 42 -15.19 87.98 87.85
C THR E 42 -14.98 86.69 87.03
N SER E 43 -13.93 85.95 87.35
CA SER E 43 -13.52 84.76 86.59
C SER E 43 -14.48 83.57 86.65
N ASN E 44 -15.48 83.64 87.52
CA ASN E 44 -16.52 82.61 87.58
CA ASN E 44 -16.50 82.59 87.57
C ASN E 44 -17.24 82.46 86.24
N TRP E 45 -17.21 83.53 85.44
CA TRP E 45 -17.84 83.51 84.11
C TRP E 45 -16.87 83.27 82.95
N TYR E 46 -15.63 82.88 83.29
CA TYR E 46 -14.65 82.43 82.30
C TYR E 46 -15.24 81.39 81.33
N THR E 47 -15.05 81.65 80.04
CA THR E 47 -15.63 80.91 78.89
C THR E 47 -17.08 81.28 78.56
N TYR E 48 -17.58 82.36 79.16
CA TYR E 48 -18.91 82.90 78.84
C TYR E 48 -18.84 84.39 78.53
N THR E 49 -19.90 84.90 77.92
CA THR E 49 -20.14 86.34 77.89
C THR E 49 -20.85 86.74 79.18
N TYR E 50 -21.07 88.04 79.37
CA TYR E 50 -22.08 88.49 80.32
C TYR E 50 -23.45 88.34 79.63
N ASP E 51 -24.49 88.92 80.21
CA ASP E 51 -25.84 88.78 79.65
C ASP E 51 -26.04 89.67 78.42
N LEU E 52 -26.50 89.04 77.35
CA LEU E 52 -26.68 89.70 76.06
C LEU E 52 -28.12 90.16 75.94
N GLN E 53 -28.30 91.46 75.72
CA GLN E 53 -29.62 92.08 75.66
C GLN E 53 -29.64 93.21 74.65
N PRO E 54 -30.75 93.33 73.90
CA PRO E 54 -30.95 94.58 73.15
C PRO E 54 -31.17 95.74 74.11
N LYS E 55 -30.47 96.84 73.89
CA LYS E 55 -30.56 98.03 74.74
C LYS E 55 -31.99 98.61 74.77
N GLY E 56 -32.67 98.59 73.62
CA GLY E 56 -34.02 99.14 73.51
C GLY E 56 -34.05 100.60 73.12
N SER E 57 -32.88 101.24 73.12
CA SER E 57 -32.73 102.60 72.62
C SER E 57 -31.37 102.72 71.94
N SER E 58 -31.25 103.66 70.99
N SER E 58 -31.26 103.68 71.02
CA SER E 58 -30.02 103.85 70.23
CA SER E 58 -30.04 103.88 70.23
C SER E 58 -29.05 104.80 70.96
C SER E 58 -29.06 104.83 70.93
N PRO E 59 -27.74 104.60 70.78
CA PRO E 59 -27.08 103.49 70.08
C PRO E 59 -26.70 102.32 71.01
N ASP E 60 -26.44 101.16 70.41
CA ASP E 60 -25.86 100.04 71.13
C ASP E 60 -24.44 100.44 71.54
N GLN E 61 -24.11 100.17 72.80
CA GLN E 61 -22.78 100.44 73.35
C GLN E 61 -22.31 99.18 74.07
N PRO E 62 -21.98 98.12 73.30
CA PRO E 62 -21.69 96.83 73.93
C PRO E 62 -20.46 96.87 74.82
N ILE E 63 -20.49 96.12 75.91
CA ILE E 63 -19.32 95.97 76.77
C ILE E 63 -18.41 94.85 76.26
N LYS E 64 -17.11 94.94 76.58
CA LYS E 64 -16.13 93.95 76.11
C LYS E 64 -16.47 92.51 76.50
N GLU E 65 -17.09 92.33 77.66
CA GLU E 65 -17.49 90.99 78.14
C GLU E 65 -18.60 90.36 77.31
N ASN E 66 -19.23 91.15 76.44
CA ASN E 66 -20.26 90.66 75.54
C ASN E 66 -19.80 90.53 74.09
N LEU E 67 -18.48 90.55 73.89
CA LEU E 67 -17.91 90.44 72.56
C LEU E 67 -16.93 89.26 72.44
N PRO E 68 -17.46 88.04 72.17
CA PRO E 68 -16.57 86.92 71.87
C PRO E 68 -15.56 87.27 70.78
N ALA E 69 -14.33 86.81 70.97
CA ALA E 69 -13.24 87.16 70.08
C ALA E 69 -12.52 85.89 69.63
N TYR E 70 -11.71 86.03 68.59
CA TYR E 70 -10.90 84.92 68.11
C TYR E 70 -9.77 84.59 69.09
N SER E 71 -9.48 83.29 69.19
CA SER E 71 -8.27 82.80 69.85
C SER E 71 -7.17 82.75 68.79
N VAL E 72 -5.94 83.05 69.21
CA VAL E 72 -4.77 83.03 68.32
C VAL E 72 -3.54 82.65 69.10
N ALA E 73 -2.67 81.87 68.48
CA ALA E 73 -1.31 81.71 68.98
C ALA E 73 -0.33 81.72 67.81
N ARG E 74 0.83 82.34 68.03
CA ARG E 74 1.95 82.17 67.15
C ARG E 74 2.86 81.15 67.82
N VAL E 75 3.10 80.03 67.13
CA VAL E 75 3.99 79.00 67.63
C VAL E 75 5.36 79.18 66.97
N SER E 76 6.41 79.30 67.79
CA SER E 76 7.78 79.41 67.31
C SER E 76 8.34 78.05 66.91
N LEU E 77 8.88 77.98 65.70
CA LEU E 77 9.38 76.71 65.15
C LEU E 77 10.91 76.69 65.17
N PRO E 78 11.53 75.49 65.09
CA PRO E 78 12.99 75.42 65.09
C PRO E 78 13.60 76.21 63.94
N MET E 79 14.63 77.00 64.26
CA MET E 79 15.33 77.81 63.28
C MET E 79 15.97 76.93 62.22
N LEU E 80 15.81 77.29 60.95
CA LEU E 80 16.24 76.43 59.85
C LEU E 80 17.49 76.92 59.12
N ASN E 81 17.67 78.24 59.10
CA ASN E 81 18.71 78.84 58.26
C ASN E 81 19.80 79.57 59.05
N GLU E 82 21.04 79.18 58.80
CA GLU E 82 22.20 79.88 59.35
C GLU E 82 22.46 81.17 58.56
N ASP E 83 21.98 81.21 57.32
CA ASP E 83 22.10 82.39 56.44
C ASP E 83 21.03 83.44 56.78
N CYS E 86 22.10 83.72 51.67
CA CYS E 86 21.58 83.13 50.43
C CYS E 86 20.10 83.48 50.24
N ASP E 87 19.69 83.65 48.99
CA ASP E 87 18.28 83.93 48.66
C ASP E 87 17.42 82.65 48.59
N THR E 88 18.07 81.49 48.66
CA THR E 88 17.40 80.20 48.73
C THR E 88 17.50 79.65 50.16
N LEU E 89 16.35 79.35 50.76
CA LEU E 89 16.32 78.91 52.15
C LEU E 89 15.21 77.90 52.42
N GLN E 90 15.25 77.29 53.60
CA GLN E 90 14.24 76.34 54.05
C GLN E 90 13.16 77.02 54.90
N MET E 91 11.92 76.58 54.72
CA MET E 91 10.80 77.06 55.52
C MET E 91 9.99 75.85 55.97
N TRP E 92 9.39 75.94 57.16
CA TRP E 92 8.45 74.93 57.60
C TRP E 92 7.16 75.07 56.80
N GLU E 93 6.66 73.93 56.30
CA GLU E 93 5.41 73.85 55.55
C GLU E 93 4.40 73.00 56.32
N ALA E 94 3.26 73.58 56.69
CA ALA E 94 2.24 72.82 57.41
C ALA E 94 1.47 71.97 56.40
N ILE E 95 1.38 70.67 56.66
CA ILE E 95 0.84 69.74 55.65
C ILE E 95 -0.48 69.10 56.06
N SER E 96 -0.68 68.95 57.37
CA SER E 96 -1.91 68.37 57.88
C SER E 96 -2.15 68.82 59.33
N VAL E 97 -3.39 68.70 59.77
CA VAL E 97 -3.73 69.01 61.16
C VAL E 97 -4.84 68.09 61.65
N LYS E 98 -4.69 67.60 62.88
CA LYS E 98 -5.81 67.02 63.61
C LYS E 98 -6.26 68.07 64.60
N THR E 99 -7.54 68.41 64.54
CA THR E 99 -8.08 69.37 65.47
C THR E 99 -9.39 68.85 66.09
N GLU E 100 -9.66 69.27 67.33
CA GLU E 100 -10.79 68.76 68.07
C GLU E 100 -11.26 69.83 69.04
N VAL E 101 -12.58 70.02 69.12
CA VAL E 101 -13.18 70.85 70.16
C VAL E 101 -13.22 69.99 71.42
N VAL E 102 -12.66 70.51 72.50
CA VAL E 102 -12.53 69.80 73.75
C VAL E 102 -13.66 70.16 74.73
N GLY E 103 -14.14 69.17 75.48
CA GLY E 103 -15.12 69.40 76.54
C GLY E 103 -16.55 69.36 76.03
N ILE E 104 -16.75 68.72 74.89
CA ILE E 104 -18.08 68.66 74.28
C ILE E 104 -19.07 67.99 75.24
N SER E 105 -18.63 66.92 75.91
CA SER E 105 -19.46 66.16 76.84
C SER E 105 -20.02 67.01 78.01
N SER E 106 -19.33 68.09 78.34
CA SER E 106 -19.76 68.97 79.44
C SER E 106 -21.14 69.54 79.19
N LEU E 107 -21.54 69.58 77.92
CA LEU E 107 -22.82 70.17 77.51
C LEU E 107 -24.06 69.30 77.73
N ILE E 108 -23.88 68.08 78.27
CA ILE E 108 -25.04 67.27 78.68
C ILE E 108 -25.62 67.75 80.02
N ASN E 109 -24.90 68.64 80.70
CA ASN E 109 -25.34 69.18 81.99
C ASN E 109 -26.63 70.03 81.82
N VAL E 110 -27.74 69.52 82.34
CA VAL E 110 -29.02 70.23 82.28
C VAL E 110 -29.55 70.54 83.69
N HIS E 111 -28.61 70.73 84.61
CA HIS E 111 -28.95 70.97 86.01
C HIS E 111 -28.02 72.04 86.62
N TYR E 112 -27.50 72.93 85.78
CA TYR E 112 -26.84 74.15 86.29
C TYR E 112 -27.82 74.82 87.25
N TRP E 113 -27.33 75.27 88.40
CA TRP E 113 -28.23 75.71 89.48
C TRP E 113 -29.20 76.84 89.05
N ASP E 114 -28.76 77.70 88.15
CA ASP E 114 -29.56 78.84 87.74
C ASP E 114 -30.02 78.70 86.28
N MET E 115 -30.19 77.46 85.85
CA MET E 115 -30.61 77.19 84.48
C MET E 115 -32.13 77.39 84.38
N LYS E 116 -32.56 78.09 83.33
CA LYS E 116 -33.99 78.18 83.03
C LYS E 116 -34.55 76.78 82.71
N ARG E 117 -35.66 76.43 83.33
CA ARG E 117 -36.30 75.11 83.11
C ARG E 117 -37.07 75.13 81.80
N VAL E 118 -37.12 73.99 81.11
CA VAL E 118 -37.85 73.90 79.84
C VAL E 118 -39.36 74.11 80.02
N HIS E 119 -39.89 73.58 81.11
CA HIS E 119 -41.26 73.81 81.56
C HIS E 119 -41.24 73.60 83.08
N ASP E 120 -42.37 73.82 83.76
CA ASP E 120 -42.43 73.70 85.23
C ASP E 120 -41.95 72.32 85.68
N TYR E 121 -41.01 72.32 86.63
CA TYR E 121 -40.45 71.12 87.25
C TYR E 121 -39.50 70.29 86.36
N GLY E 122 -39.24 70.78 85.17
CA GLY E 122 -38.39 70.04 84.22
C GLY E 122 -36.92 70.37 84.33
N ALA E 123 -36.14 69.74 83.45
CA ALA E 123 -34.70 69.97 83.35
C ALA E 123 -34.40 71.35 82.77
N GLY E 124 -33.15 71.78 82.91
CA GLY E 124 -32.71 73.03 82.32
C GLY E 124 -32.73 72.96 80.81
N ILE E 125 -32.93 74.11 80.16
CA ILE E 125 -32.73 74.20 78.73
C ILE E 125 -31.23 74.01 78.48
N PRO E 126 -30.86 73.00 77.68
CA PRO E 126 -29.45 72.73 77.42
C PRO E 126 -28.78 73.88 76.66
N VAL E 127 -27.45 73.98 76.79
CA VAL E 127 -26.69 74.91 75.96
C VAL E 127 -27.00 74.65 74.48
N SER E 128 -27.58 75.65 73.83
CA SER E 128 -28.12 75.52 72.47
C SER E 128 -28.26 76.91 71.87
N GLY E 129 -28.57 76.95 70.57
CA GLY E 129 -28.74 78.24 69.87
C GLY E 129 -27.56 78.57 68.99
N VAL E 130 -27.12 79.82 69.05
CA VAL E 130 -26.09 80.32 68.13
C VAL E 130 -24.78 79.53 68.27
N ASN E 131 -24.32 78.95 67.17
CA ASN E 131 -22.99 78.35 67.10
C ASN E 131 -22.16 79.07 66.03
N TYR E 132 -20.86 79.18 66.29
CA TYR E 132 -19.92 79.68 65.32
C TYR E 132 -18.64 78.90 65.55
N HIS E 133 -18.18 78.21 64.51
CA HIS E 133 -17.02 77.35 64.64
C HIS E 133 -16.08 77.60 63.48
N MET E 134 -14.83 77.91 63.80
CA MET E 134 -13.81 78.10 62.77
C MET E 134 -12.42 77.80 63.31
N PHE E 135 -11.54 77.33 62.43
CA PHE E 135 -10.12 77.29 62.73
C PHE E 135 -9.32 77.64 61.49
N ALA E 136 -8.08 78.11 61.71
CA ALA E 136 -7.17 78.48 60.63
C ALA E 136 -5.76 78.07 60.99
N ILE E 137 -5.00 77.66 59.97
CA ILE E 137 -3.58 77.35 60.11
C ILE E 137 -2.90 78.15 59.01
N GLY E 138 -1.88 78.92 59.38
CA GLY E 138 -1.24 79.80 58.42
C GLY E 138 0.23 80.03 58.74
N GLY E 139 0.97 80.50 57.76
CA GLY E 139 2.39 80.82 57.95
C GLY E 139 2.59 82.29 58.29
N GLU E 140 1.48 82.96 58.59
CA GLU E 140 1.44 84.38 58.94
C GLU E 140 0.05 84.62 59.54
N PRO E 141 -0.18 85.79 60.18
CA PRO E 141 -1.50 86.02 60.80
C PRO E 141 -2.64 85.95 59.78
N LEU E 142 -3.80 85.49 60.25
CA LEU E 142 -4.99 85.41 59.42
C LEU E 142 -5.44 86.81 59.00
N ASP E 143 -5.70 87.00 57.71
CA ASP E 143 -6.22 88.26 57.20
C ASP E 143 -7.70 88.38 57.52
N LEU E 144 -8.09 89.52 58.09
CA LEU E 144 -9.48 89.76 58.49
C LEU E 144 -10.15 90.85 57.65
N GLN E 145 -11.45 90.65 57.40
CA GLN E 145 -12.31 91.66 56.80
C GLN E 145 -13.34 92.09 57.84
N GLY E 146 -13.52 93.39 58.00
CA GLY E 146 -14.55 93.90 58.90
C GLY E 146 -15.91 94.07 58.22
N LEU E 147 -16.96 93.66 58.92
CA LEU E 147 -18.35 93.85 58.49
C LEU E 147 -19.21 93.67 59.73
N VAL E 148 -20.09 94.63 60.00
CA VAL E 148 -20.96 94.60 61.17
C VAL E 148 -22.44 94.66 60.79
N LEU E 149 -23.27 94.06 61.63
CA LEU E 149 -24.73 94.17 61.54
C LEU E 149 -25.22 95.62 61.54
N ASP E 150 -24.66 96.45 62.42
CA ASP E 150 -25.12 97.83 62.58
C ASP E 150 -23.94 98.77 62.71
N TYR E 151 -23.74 99.62 61.71
CA TYR E 151 -22.58 100.52 61.67
C TYR E 151 -22.64 101.57 62.80
N GLN E 152 -23.83 101.80 63.34
CA GLN E 152 -24.00 102.82 64.40
C GLN E 152 -23.62 102.28 65.79
N THR E 153 -23.29 100.99 65.85
CA THR E 153 -22.81 100.37 67.10
C THR E 153 -21.53 101.07 67.59
N GLN E 154 -21.53 101.45 68.87
CA GLN E 154 -20.39 102.11 69.47
C GLN E 154 -19.62 101.10 70.30
N TYR E 155 -18.62 100.47 69.69
CA TYR E 155 -17.80 99.48 70.38
C TYR E 155 -16.85 100.15 71.35
N PRO E 156 -16.42 99.41 72.40
CA PRO E 156 -15.48 100.01 73.35
C PRO E 156 -14.18 100.42 72.65
N LYS E 157 -13.62 101.55 73.07
CA LYS E 157 -12.38 102.05 72.47
C LYS E 157 -11.19 101.12 72.75
N THR E 158 -10.25 101.05 71.81
CA THR E 158 -9.00 100.33 72.04
C THR E 158 -8.06 101.17 72.90
N GLY E 162 -8.45 97.07 75.24
CA GLY E 162 -9.72 97.19 74.51
C GLY E 162 -9.73 96.41 73.21
N PRO E 163 -10.94 96.02 72.74
CA PRO E 163 -11.03 95.29 71.47
C PRO E 163 -10.67 96.15 70.26
N ILE E 164 -10.11 95.51 69.25
CA ILE E 164 -9.81 96.18 67.98
C ILE E 164 -11.00 95.99 67.05
N THR E 165 -11.57 97.11 66.60
CA THR E 165 -12.75 97.07 65.72
C THR E 165 -12.50 97.98 64.51
N ILE E 166 -13.50 98.13 63.65
CA ILE E 166 -13.32 98.86 62.40
C ILE E 166 -12.91 100.32 62.66
N GLU E 167 -13.51 100.95 63.67
CA GLU E 167 -13.15 102.31 64.04
C GLU E 167 -11.66 102.43 64.37
N THR E 168 -11.13 101.45 65.09
CA THR E 168 -9.70 101.39 65.41
C THR E 168 -8.82 101.47 64.17
N VAL E 169 -9.10 100.63 63.17
CA VAL E 169 -8.25 100.52 61.99
C VAL E 169 -8.43 101.69 61.02
N LEU E 170 -9.65 102.23 60.93
CA LEU E 170 -9.93 103.36 60.03
C LEU E 170 -9.48 104.69 60.63
N GLY E 171 -9.38 104.74 61.96
CA GLY E 171 -9.07 105.99 62.66
C GLY E 171 -10.16 107.02 62.49
N ARG E 172 -11.39 106.54 62.24
CA ARG E 172 -12.58 107.36 62.11
C ARG E 172 -13.81 106.49 62.29
N LYS E 173 -14.96 107.12 62.47
CA LYS E 173 -16.24 106.43 62.71
C LYS E 173 -16.66 105.60 61.49
N MET E 174 -17.22 104.42 61.75
CA MET E 174 -17.85 103.65 60.68
C MET E 174 -18.90 104.47 59.96
N THR E 175 -19.16 104.11 58.70
CA THR E 175 -20.25 104.66 57.92
C THR E 175 -21.15 103.50 57.47
N PRO E 176 -22.30 103.78 56.81
CA PRO E 176 -23.15 102.66 56.36
C PRO E 176 -22.45 101.59 55.50
N LYS E 177 -21.43 101.98 54.74
CA LYS E 177 -20.71 101.00 53.90
C LYS E 177 -20.11 99.84 54.69
N ASN E 178 -19.94 100.03 56.00
CA ASN E 178 -19.43 98.97 56.86
C ASN E 178 -20.46 97.90 57.25
N GLN E 179 -21.70 98.07 56.80
CA GLN E 179 -22.69 96.99 56.83
C GLN E 179 -22.53 96.03 55.65
N GLY E 180 -21.78 96.48 54.63
CA GLY E 180 -21.34 95.63 53.53
C GLY E 180 -19.83 95.51 53.55
N LEU E 181 -19.24 95.16 52.42
CA LEU E 181 -17.78 95.00 52.35
C LEU E 181 -17.13 96.33 51.96
N ASP E 182 -16.40 96.89 52.91
CA ASP E 182 -15.57 98.08 52.72
C ASP E 182 -14.13 97.58 52.66
N PRO E 183 -13.46 97.72 51.51
CA PRO E 183 -12.07 97.27 51.32
C PRO E 183 -11.05 97.89 52.28
N GLN E 184 -11.38 99.05 52.85
N GLN E 184 -11.40 99.04 52.87
CA GLN E 184 -10.53 99.70 53.84
CA GLN E 184 -10.54 99.71 53.84
C GLN E 184 -10.59 99.03 55.22
C GLN E 184 -10.63 99.09 55.24
N ALA E 185 -11.68 98.29 55.48
CA ALA E 185 -11.89 97.66 56.81
C ALA E 185 -11.19 96.32 56.89
N LYS E 186 -9.88 96.36 57.04
CA LYS E 186 -9.07 95.15 57.06
C LYS E 186 -8.12 95.14 58.24
N ALA E 187 -7.81 93.96 58.73
CA ALA E 187 -6.92 93.78 59.88
C ALA E 187 -6.23 92.43 59.78
N LYS E 188 -5.24 92.23 60.66
CA LYS E 188 -4.56 90.95 60.80
C LYS E 188 -4.84 90.42 62.19
N LEU E 189 -5.13 89.13 62.26
CA LEU E 189 -5.42 88.49 63.55
C LEU E 189 -4.13 88.19 64.30
N ASP E 190 -3.61 89.21 64.99
CA ASP E 190 -2.29 89.12 65.59
C ASP E 190 -2.30 89.18 67.12
N LYS E 191 -3.49 89.12 67.72
CA LYS E 191 -3.66 89.24 69.17
C LYS E 191 -4.80 88.37 69.68
N ASP E 192 -4.47 87.48 70.62
CA ASP E 192 -5.44 86.58 71.25
C ASP E 192 -6.50 87.37 72.01
N GLY E 193 -7.77 87.04 71.77
CA GLY E 193 -8.89 87.61 72.51
C GLY E 193 -9.17 89.10 72.31
N ASN E 194 -8.70 89.66 71.20
CA ASN E 194 -8.81 91.11 70.97
C ASN E 194 -9.63 91.51 69.75
N TYR E 195 -9.91 90.56 68.87
CA TYR E 195 -10.68 90.85 67.65
C TYR E 195 -12.06 90.21 67.73
N PRO E 196 -13.11 91.04 67.96
CA PRO E 196 -14.48 90.52 68.09
C PRO E 196 -14.96 89.76 66.86
N ILE E 197 -15.59 88.62 67.11
CA ILE E 197 -16.15 87.77 66.07
C ILE E 197 -17.26 88.49 65.28
N GLU E 198 -18.10 89.27 65.97
CA GLU E 198 -19.22 89.91 65.30
C GLU E 198 -18.78 91.08 64.39
N VAL E 199 -17.50 91.42 64.45
CA VAL E 199 -16.94 92.52 63.66
C VAL E 199 -16.07 92.00 62.51
N TRP E 200 -15.29 90.95 62.78
CA TRP E 200 -14.26 90.47 61.84
C TRP E 200 -14.53 89.06 61.34
N CYS E 201 -14.31 88.85 60.05
CA CYS E 201 -14.39 87.51 59.45
C CYS E 201 -13.13 87.26 58.63
N PRO E 202 -12.84 86.00 58.26
CA PRO E 202 -11.64 85.82 57.44
C PRO E 202 -11.80 86.52 56.09
N ASP E 203 -10.72 87.14 55.61
CA ASP E 203 -10.75 87.85 54.33
C ASP E 203 -10.41 86.91 53.17
N PRO E 204 -11.42 86.56 52.35
CA PRO E 204 -11.14 85.60 51.27
C PRO E 204 -10.32 86.21 50.12
N SER E 205 -10.15 87.54 50.13
CA SER E 205 -9.32 88.21 49.10
C SER E 205 -7.83 88.14 49.41
N LYS E 206 -7.50 87.69 50.62
CA LYS E 206 -6.10 87.51 51.00
C LYS E 206 -5.91 86.08 51.48
N ASN E 207 -5.13 85.88 52.55
CA ASN E 207 -4.96 84.54 53.14
C ASN E 207 -4.44 83.49 52.17
N GLU E 208 -3.58 83.88 51.24
CA GLU E 208 -2.99 82.91 50.31
C GLU E 208 -2.13 81.89 51.07
N ASN E 209 -1.59 82.34 52.20
CA ASN E 209 -0.67 81.54 53.00
C ASN E 209 -1.31 81.00 54.29
N SER E 210 -2.65 80.91 54.29
CA SER E 210 -3.41 80.30 55.38
C SER E 210 -4.49 79.37 54.82
N ARG E 211 -4.96 78.47 55.67
CA ARG E 211 -6.13 77.67 55.35
C ARG E 211 -7.11 77.86 56.48
N TYR E 212 -8.35 78.22 56.15
CA TYR E 212 -9.35 78.40 57.19
C TYR E 212 -10.64 77.67 56.84
N TYR E 213 -11.36 77.24 57.88
CA TYR E 213 -12.57 76.44 57.75
C TYR E 213 -13.55 76.90 58.80
N GLY E 214 -14.76 77.24 58.40
CA GLY E 214 -15.73 77.72 59.40
C GLY E 214 -17.19 77.51 59.03
N SER E 215 -18.06 77.77 60.00
CA SER E 215 -19.50 77.69 59.80
C SER E 215 -20.21 78.50 60.87
N ILE E 216 -21.46 78.86 60.59
CA ILE E 216 -22.34 79.48 61.58
C ILE E 216 -23.67 78.72 61.61
N GLN E 217 -24.35 78.84 62.74
CA GLN E 217 -25.70 78.33 62.93
C GLN E 217 -26.41 79.38 63.76
N THR E 218 -27.52 79.95 63.25
CA THR E 218 -28.31 80.89 64.05
C THR E 218 -29.57 80.22 64.62
N GLY E 219 -30.50 81.02 65.17
CA GLY E 219 -31.63 80.46 65.94
C GLY E 219 -31.32 80.56 67.41
N SER E 220 -32.36 80.57 68.24
CA SER E 220 -32.23 80.77 69.68
C SER E 220 -32.00 79.49 70.46
N GLN E 221 -32.67 78.41 70.07
CA GLN E 221 -32.57 77.17 70.82
C GLN E 221 -32.17 76.02 69.91
N THR E 222 -31.60 76.36 68.76
CA THR E 222 -31.17 75.38 67.76
C THR E 222 -30.21 74.38 68.41
N PRO E 223 -30.45 73.07 68.20
CA PRO E 223 -29.56 72.05 68.78
C PRO E 223 -28.10 72.31 68.45
N THR E 224 -27.25 72.24 69.47
CA THR E 224 -25.82 72.19 69.27
C THR E 224 -25.47 70.75 68.90
N VAL E 225 -24.92 70.58 67.69
CA VAL E 225 -24.60 69.26 67.15
C VAL E 225 -23.11 69.25 66.80
N LEU E 226 -22.33 68.50 67.56
CA LEU E 226 -20.87 68.49 67.38
C LEU E 226 -20.33 67.06 67.38
N GLN E 227 -19.24 66.86 66.64
CA GLN E 227 -18.57 65.57 66.57
C GLN E 227 -17.15 65.64 67.11
N PHE E 228 -16.62 64.50 67.55
CA PHE E 228 -15.24 64.41 67.99
C PHE E 228 -14.69 63.01 67.71
N SER E 229 -13.50 62.98 67.12
CA SER E 229 -12.80 61.72 66.87
C SER E 229 -11.33 62.01 66.67
N ASN E 230 -10.49 61.13 67.21
CA ASN E 230 -9.04 61.27 66.99
C ASN E 230 -8.56 60.63 65.69
N THR E 231 -9.49 60.33 64.79
CA THR E 231 -9.17 59.65 63.51
C THR E 231 -9.32 60.56 62.30
N LEU E 232 -9.68 61.82 62.53
CA LEU E 232 -9.94 62.77 61.47
C LEU E 232 -8.77 63.75 61.28
N THR E 233 -8.28 63.83 60.04
CA THR E 233 -7.16 64.68 59.68
C THR E 233 -7.59 65.63 58.56
N THR E 234 -7.21 66.91 58.67
CA THR E 234 -7.37 67.87 57.60
C THR E 234 -6.04 68.03 56.86
N VAL E 235 -6.07 67.81 55.54
CA VAL E 235 -4.90 68.02 54.69
C VAL E 235 -4.84 69.50 54.33
N LEU E 236 -3.68 70.12 54.54
CA LEU E 236 -3.54 71.58 54.37
C LEU E 236 -2.89 72.01 53.04
N LEU E 237 -2.55 71.04 52.20
CA LEU E 237 -1.94 71.31 50.90
C LEU E 237 -2.95 71.97 49.95
N ASP E 238 -2.50 72.94 49.18
CA ASP E 238 -3.38 73.53 48.17
C ASP E 238 -3.42 72.65 46.91
N GLU E 239 -3.99 73.18 45.84
CA GLU E 239 -4.13 72.43 44.58
C GLU E 239 -2.79 72.08 43.93
N ASN E 240 -1.74 72.80 44.32
CA ASN E 240 -0.39 72.55 43.81
C ASN E 240 0.46 71.64 44.70
N GLY E 241 -0.13 71.17 45.80
CA GLY E 241 0.57 70.31 46.75
C GLY E 241 1.43 71.06 47.75
N VAL E 242 1.12 72.34 47.95
CA VAL E 242 1.89 73.20 48.87
C VAL E 242 1.04 73.63 50.06
N GLY E 243 1.58 73.46 51.26
CA GLY E 243 0.90 73.91 52.48
C GLY E 243 1.36 75.30 52.87
N PRO E 244 0.72 75.88 53.92
CA PRO E 244 1.19 77.19 54.42
C PRO E 244 2.68 77.16 54.79
N LEU E 245 3.39 78.22 54.42
CA LEU E 245 4.83 78.32 54.63
C LEU E 245 5.11 79.33 55.73
N CYS E 246 5.82 78.87 56.76
CA CYS E 246 5.95 79.64 58.01
C CYS E 246 7.03 80.71 57.93
N LYS E 247 6.60 81.94 57.68
CA LYS E 247 7.50 83.10 57.58
C LYS E 247 8.14 83.41 58.93
N GLY E 248 9.45 83.59 58.92
CA GLY E 248 10.22 83.81 60.14
C GLY E 248 10.05 82.70 61.16
N ASP E 249 9.82 81.47 60.68
CA ASP E 249 9.64 80.29 61.53
C ASP E 249 8.51 80.43 62.57
N GLY E 250 7.45 81.12 62.19
CA GLY E 250 6.26 81.26 63.03
C GLY E 250 5.06 80.59 62.39
N LEU E 251 4.37 79.77 63.18
CA LEU E 251 3.14 79.11 62.77
C LEU E 251 1.96 79.76 63.47
N PHE E 252 1.00 80.24 62.70
CA PHE E 252 -0.17 80.90 63.29
C PHE E 252 -1.37 79.97 63.33
N ILE E 253 -1.92 79.80 64.53
CA ILE E 253 -3.11 78.98 64.73
C ILE E 253 -4.24 79.82 65.32
N SER E 254 -5.40 79.80 64.67
CA SER E 254 -6.53 80.65 65.04
C SER E 254 -7.81 79.85 65.12
N CYS E 255 -8.74 80.27 65.97
CA CYS E 255 -10.03 79.57 66.08
C CYS E 255 -11.09 80.34 66.84
N ALA E 256 -12.34 79.84 66.76
CA ALA E 256 -13.47 80.33 67.55
C ALA E 256 -14.47 79.19 67.64
N ASP E 257 -15.02 78.96 68.82
CA ASP E 257 -15.98 77.87 69.00
C ASP E 257 -17.08 78.24 69.99
N ILE E 258 -18.03 79.05 69.51
CA ILE E 258 -19.22 79.38 70.28
C ILE E 258 -20.18 78.21 70.15
N VAL E 259 -20.61 77.69 71.30
CA VAL E 259 -21.41 76.44 71.34
C VAL E 259 -22.88 76.65 71.74
N GLY E 260 -23.27 77.90 71.98
CA GLY E 260 -24.66 78.19 72.32
C GLY E 260 -24.84 79.04 73.56
N PHE E 261 -26.08 79.20 73.97
CA PHE E 261 -26.45 80.03 75.12
C PHE E 261 -26.61 79.21 76.38
N LEU E 262 -26.17 79.79 77.49
CA LEU E 262 -26.62 79.38 78.81
C LEU E 262 -27.89 80.20 79.09
N PHE E 263 -29.02 79.49 79.24
CA PHE E 263 -30.30 80.12 79.54
C PHE E 263 -30.47 80.18 81.05
N LYS E 264 -30.52 81.39 81.60
CA LYS E 264 -30.63 81.58 83.05
C LYS E 264 -32.10 81.73 83.49
N THR E 265 -32.39 81.41 84.75
CA THR E 265 -33.76 81.42 85.30
C THR E 265 -34.54 82.71 84.99
N SER E 266 -33.87 83.84 85.15
CA SER E 266 -34.45 85.17 84.98
C SER E 266 -34.91 85.47 83.55
N GLY E 267 -34.43 84.69 82.58
CA GLY E 267 -34.64 84.98 81.16
C GLY E 267 -33.34 85.43 80.49
N LYS E 268 -32.38 85.89 81.28
CA LYS E 268 -31.09 86.30 80.73
C LYS E 268 -30.34 85.15 80.04
N MET E 269 -29.47 85.54 79.10
CA MET E 269 -28.80 84.59 78.21
C MET E 269 -27.38 85.06 77.96
N ALA E 270 -26.45 84.13 78.11
CA ALA E 270 -25.03 84.35 77.85
C ALA E 270 -24.52 83.31 76.86
N LEU E 271 -23.64 83.73 75.96
CA LEU E 271 -23.01 82.79 75.04
C LEU E 271 -21.87 82.05 75.75
N HIS E 272 -21.58 80.84 75.26
CA HIS E 272 -20.60 79.96 75.87
C HIS E 272 -19.68 79.44 74.77
N GLY E 273 -18.41 79.27 75.10
CA GLY E 273 -17.44 78.70 74.16
C GLY E 273 -16.66 77.55 74.77
N LEU E 274 -16.03 76.77 73.91
CA LEU E 274 -15.22 75.61 74.30
C LEU E 274 -13.81 75.73 73.72
N PRO E 275 -12.81 75.09 74.36
CA PRO E 275 -11.44 75.14 73.87
C PRO E 275 -11.27 74.23 72.66
N ARG E 276 -10.17 74.42 71.95
CA ARG E 276 -9.85 73.61 70.80
C ARG E 276 -8.40 73.12 70.87
N TYR E 277 -8.19 71.87 70.49
CA TYR E 277 -6.87 71.27 70.43
C TYR E 277 -6.41 71.12 68.98
N PHE E 278 -5.09 71.22 68.77
CA PHE E 278 -4.48 71.09 67.44
C PHE E 278 -3.23 70.23 67.52
N ASN E 279 -3.06 69.37 66.53
CA ASN E 279 -1.79 68.68 66.33
C ASN E 279 -1.45 68.90 64.86
N VAL E 280 -0.43 69.72 64.61
CA VAL E 280 -0.04 70.10 63.23
C VAL E 280 1.25 69.37 62.82
N THR E 281 1.23 68.76 61.64
CA THR E 281 2.41 68.14 61.07
C THR E 281 3.03 69.08 60.05
N LEU E 282 4.34 69.29 60.16
CA LEU E 282 5.08 70.18 59.26
C LEU E 282 6.29 69.50 58.65
N ARG E 283 6.66 69.93 57.44
CA ARG E 283 7.87 69.43 56.78
C ARG E 283 8.73 70.57 56.27
N LYS E 284 10.02 70.30 56.08
CA LYS E 284 10.93 71.31 55.57
C LYS E 284 10.78 71.42 54.06
N ARG E 285 10.71 72.65 53.56
CA ARG E 285 10.55 72.94 52.14
C ARG E 285 11.59 73.97 51.68
N TRP E 286 12.26 73.69 50.56
CA TRP E 286 13.12 74.70 49.96
C TRP E 286 12.27 75.75 49.25
N VAL E 287 12.66 77.01 49.40
CA VAL E 287 11.99 78.12 48.73
C VAL E 287 13.03 79.11 48.23
N LYS E 288 12.67 79.92 47.23
CA LYS E 288 13.54 80.96 46.70
C LYS E 288 12.92 82.33 46.90
N ASN E 289 13.72 83.25 47.46
CA ASN E 289 13.33 84.63 47.79
C ASN E 289 12.23 84.75 48.86
N VAL F 9 21.89 -20.29 -28.81
CA VAL F 9 22.07 -21.69 -28.33
C VAL F 9 21.93 -22.67 -29.49
N GLU F 10 22.97 -23.49 -29.70
CA GLU F 10 22.94 -24.54 -30.71
C GLU F 10 23.14 -25.90 -30.03
N VAL F 11 22.11 -26.74 -30.08
CA VAL F 11 22.12 -28.02 -29.37
C VAL F 11 22.78 -29.12 -30.21
N LEU F 12 23.86 -29.69 -29.68
CA LEU F 12 24.57 -30.77 -30.38
C LEU F 12 24.16 -32.12 -29.80
N SER F 13 25.07 -33.08 -29.77
CA SER F 13 24.75 -34.46 -29.41
C SER F 13 24.71 -34.70 -27.90
N VAL F 14 23.96 -35.73 -27.51
CA VAL F 14 23.94 -36.23 -26.13
C VAL F 14 25.32 -36.80 -25.77
N VAL F 15 25.83 -36.41 -24.60
CA VAL F 15 27.13 -36.86 -24.13
C VAL F 15 27.10 -38.34 -23.77
N THR F 16 27.91 -39.13 -24.44
CA THR F 16 28.02 -40.56 -24.12
C THR F 16 29.18 -40.76 -23.15
N GLY F 17 28.92 -41.51 -22.08
CA GLY F 17 29.92 -41.78 -21.05
C GLY F 17 29.32 -42.47 -19.85
N GLU F 18 30.18 -42.95 -18.96
CA GLU F 18 29.77 -43.68 -17.76
C GLU F 18 28.86 -42.86 -16.85
N ASP F 19 29.30 -41.65 -16.50
CA ASP F 19 28.59 -40.84 -15.52
C ASP F 19 27.82 -39.69 -16.16
N SER F 20 27.16 -39.98 -17.27
CA SER F 20 26.46 -38.93 -18.04
C SER F 20 24.98 -38.73 -17.64
N ILE F 21 24.48 -39.57 -16.74
CA ILE F 21 23.10 -39.42 -16.22
C ILE F 21 23.13 -39.19 -14.71
N THR F 22 22.36 -38.21 -14.25
CA THR F 22 22.22 -37.95 -12.82
C THR F 22 20.75 -37.78 -12.40
N GLN F 23 20.48 -38.01 -11.12
N GLN F 23 20.49 -38.00 -11.11
CA GLN F 23 19.15 -37.82 -10.55
CA GLN F 23 19.16 -37.85 -10.53
C GLN F 23 19.18 -36.78 -9.45
C GLN F 23 19.18 -36.78 -9.45
N ILE F 24 18.15 -35.94 -9.41
CA ILE F 24 18.00 -34.90 -8.40
C ILE F 24 16.67 -35.10 -7.70
N GLU F 25 16.71 -35.17 -6.37
CA GLU F 25 15.51 -35.30 -5.54
C GLU F 25 15.30 -34.05 -4.71
N LEU F 26 14.05 -33.63 -4.59
CA LEU F 26 13.69 -32.56 -3.66
C LEU F 26 12.19 -32.53 -3.39
N TYR F 27 11.82 -31.86 -2.31
CA TYR F 27 10.41 -31.56 -2.04
C TYR F 27 10.30 -30.06 -1.79
N LEU F 28 9.11 -29.52 -2.01
CA LEU F 28 8.84 -28.11 -1.76
C LEU F 28 7.59 -28.01 -0.91
N ASN F 29 7.75 -27.40 0.27
CA ASN F 29 6.61 -27.21 1.14
C ASN F 29 5.79 -26.04 0.65
N PRO F 30 4.47 -26.09 0.87
CA PRO F 30 3.59 -25.09 0.28
C PRO F 30 3.70 -23.73 0.95
N ARG F 31 3.47 -22.67 0.17
CA ARG F 31 3.57 -21.29 0.65
C ARG F 31 2.20 -20.61 0.49
N MET F 32 1.29 -20.96 1.40
CA MET F 32 -0.10 -20.52 1.31
C MET F 32 -0.38 -19.15 1.91
N GLY F 33 0.58 -18.58 2.64
CA GLY F 33 0.35 -17.31 3.32
C GLY F 33 1.02 -17.28 4.68
N VAL F 34 0.80 -18.33 5.49
CA VAL F 34 1.63 -18.61 6.65
C VAL F 34 2.70 -19.59 6.18
N ASN F 35 3.88 -19.05 5.91
CA ASN F 35 4.89 -19.73 5.12
C ASN F 35 6.01 -20.41 5.90
N SER F 36 6.07 -20.12 7.21
CA SER F 36 7.07 -20.73 8.06
C SER F 36 6.41 -21.51 9.21
N PRO F 37 7.02 -22.66 9.59
CA PRO F 37 6.58 -23.42 10.76
C PRO F 37 7.34 -23.05 12.05
N ASP F 38 8.22 -22.05 11.96
CA ASP F 38 9.16 -21.74 13.05
C ASP F 38 8.85 -20.46 13.82
N LEU F 39 7.62 -19.96 13.66
CA LEU F 39 7.19 -18.75 14.36
C LEU F 39 6.19 -19.14 15.44
N PRO F 40 6.66 -19.24 16.71
CA PRO F 40 5.83 -19.72 17.82
C PRO F 40 4.43 -19.08 17.85
N THR F 41 4.35 -17.80 17.48
CA THR F 41 3.11 -17.05 17.54
C THR F 41 2.04 -17.48 16.53
N THR F 42 2.41 -17.65 15.26
CA THR F 42 1.43 -17.81 14.18
C THR F 42 1.54 -19.12 13.36
N SER F 43 2.54 -19.93 13.65
CA SER F 43 2.84 -21.11 12.84
C SER F 43 1.85 -22.26 12.92
N ASN F 44 0.88 -22.21 13.84
CA ASN F 44 -0.21 -23.20 13.88
CA ASN F 44 -0.17 -23.23 13.86
C ASN F 44 -0.97 -23.25 12.55
N TRP F 45 -0.93 -22.15 11.81
CA TRP F 45 -1.61 -22.04 10.52
C TRP F 45 -0.70 -22.25 9.29
N TYR F 46 0.52 -22.71 9.54
CA TYR F 46 1.44 -23.13 8.48
C TYR F 46 0.73 -24.09 7.49
N THR F 47 0.87 -23.79 6.20
CA THR F 47 0.20 -24.48 5.06
C THR F 47 -1.26 -24.03 4.81
N TYR F 48 -1.67 -22.96 5.48
CA TYR F 48 -2.99 -22.36 5.30
C TYR F 48 -2.88 -20.86 5.04
N THR F 49 -3.96 -20.28 4.53
CA THR F 49 -4.13 -18.83 4.58
C THR F 49 -4.76 -18.48 5.92
N TYR F 50 -4.88 -17.18 6.19
CA TYR F 50 -5.82 -16.71 7.19
C TYR F 50 -7.22 -16.77 6.58
N ASP F 51 -8.22 -16.21 7.27
CA ASP F 51 -9.60 -16.27 6.78
C ASP F 51 -9.81 -15.35 5.58
N LEU F 52 -10.41 -15.90 4.54
CA LEU F 52 -10.66 -15.18 3.29
C LEU F 52 -12.08 -14.63 3.29
N GLN F 53 -12.19 -13.31 3.14
CA GLN F 53 -13.48 -12.62 3.16
C GLN F 53 -13.50 -11.43 2.20
N PRO F 54 -14.63 -11.24 1.49
CA PRO F 54 -14.85 -9.96 0.80
C PRO F 54 -14.96 -8.85 1.84
N LYS F 55 -14.28 -7.74 1.57
CA LYS F 55 -14.23 -6.62 2.51
C LYS F 55 -15.59 -5.97 2.73
N GLY F 56 -16.38 -5.88 1.66
CA GLY F 56 -17.70 -5.22 1.72
C GLY F 56 -17.64 -3.77 1.31
N SER F 57 -16.44 -3.22 1.36
N SER F 57 -16.42 -3.24 1.09
CA SER F 57 -16.22 -1.85 1.00
CA SER F 57 -16.19 -1.87 0.57
C SER F 57 -14.95 -1.85 0.19
C SER F 57 -14.92 -1.74 -0.31
N SER F 58 -14.85 -0.86 -0.70
N SER F 58 -14.91 -0.81 -1.28
CA SER F 58 -13.75 -0.72 -1.65
CA SER F 58 -13.71 -0.57 -2.09
C SER F 58 -12.66 0.17 -1.07
C SER F 58 -12.69 0.24 -1.29
N PRO F 59 -11.39 -0.11 -1.40
CA PRO F 59 -10.86 -1.22 -2.20
C PRO F 59 -10.47 -2.42 -1.35
N ASP F 60 -10.21 -3.55 -1.99
CA ASP F 60 -9.66 -4.70 -1.30
C ASP F 60 -8.21 -4.42 -0.91
N GLN F 61 -7.86 -4.77 0.32
CA GLN F 61 -6.50 -4.61 0.84
C GLN F 61 -6.02 -5.92 1.45
N PRO F 62 -5.77 -6.94 0.61
CA PRO F 62 -5.49 -8.26 1.17
C PRO F 62 -4.16 -8.27 1.93
N ILE F 63 -4.12 -9.04 3.01
CA ILE F 63 -2.88 -9.22 3.76
C ILE F 63 -2.05 -10.33 3.12
N LYS F 64 -0.75 -10.34 3.39
CA LYS F 64 0.12 -11.35 2.77
C LYS F 64 -0.29 -12.78 3.13
N GLU F 65 -0.90 -12.96 4.31
CA GLU F 65 -1.35 -14.29 4.78
C GLU F 65 -2.52 -14.85 3.99
N ASN F 66 -3.14 -14.02 3.17
CA ASN F 66 -4.27 -14.43 2.33
C ASN F 66 -3.89 -14.52 0.85
N LEU F 67 -2.58 -14.57 0.58
CA LEU F 67 -2.08 -14.65 -0.78
C LEU F 67 -1.16 -15.86 -0.98
N PRO F 68 -1.75 -17.05 -1.26
CA PRO F 68 -0.92 -18.21 -1.63
C PRO F 68 0.01 -17.88 -2.78
N ALA F 69 1.24 -18.36 -2.68
CA ALA F 69 2.31 -18.04 -3.62
C ALA F 69 2.97 -19.30 -4.14
N TYR F 70 3.66 -19.17 -5.28
CA TYR F 70 4.39 -20.29 -5.85
C TYR F 70 5.56 -20.70 -4.99
N SER F 71 5.82 -22.01 -4.97
CA SER F 71 7.03 -22.55 -4.37
C SER F 71 8.08 -22.63 -5.48
N VAL F 72 9.34 -22.37 -5.13
CA VAL F 72 10.41 -22.51 -6.11
C VAL F 72 11.75 -22.82 -5.45
N ALA F 73 12.51 -23.71 -6.07
CA ALA F 73 13.91 -23.91 -5.69
C ALA F 73 14.79 -23.93 -6.93
N ARG F 74 16.00 -23.38 -6.77
CA ARG F 74 17.07 -23.57 -7.73
C ARG F 74 17.99 -24.62 -7.14
N VAL F 75 18.17 -25.72 -7.86
CA VAL F 75 19.08 -26.78 -7.45
C VAL F 75 20.39 -26.64 -8.22
N SER F 76 21.49 -26.62 -7.47
CA SER F 76 22.83 -26.56 -8.04
C SER F 76 23.23 -27.94 -8.53
N LEU F 77 23.67 -28.03 -9.78
CA LEU F 77 24.02 -29.31 -10.39
C LEU F 77 25.54 -29.48 -10.41
N PRO F 78 26.03 -30.73 -10.56
CA PRO F 78 27.47 -30.92 -10.69
C PRO F 78 28.06 -30.04 -11.79
N MET F 79 29.20 -29.40 -11.49
CA MET F 79 29.90 -28.56 -12.46
C MET F 79 30.40 -29.40 -13.62
N LEU F 80 30.26 -28.87 -14.84
CA LEU F 80 30.59 -29.62 -16.05
C LEU F 80 31.82 -29.10 -16.80
N ASN F 81 32.00 -27.78 -16.76
CA ASN F 81 33.04 -27.13 -17.56
C ASN F 81 34.14 -26.49 -16.71
N THR F 88 31.53 -23.90 -27.09
CA THR F 88 31.11 -25.29 -26.99
C THR F 88 31.34 -25.84 -25.59
N LEU F 89 30.25 -26.22 -24.93
CA LEU F 89 30.31 -26.72 -23.58
C LEU F 89 29.21 -27.75 -23.30
N GLN F 90 29.31 -28.42 -22.15
CA GLN F 90 28.30 -29.38 -21.71
C GLN F 90 27.30 -28.72 -20.76
N MET F 91 26.00 -28.99 -20.99
CA MET F 91 24.96 -28.58 -20.08
C MET F 91 24.16 -29.80 -19.62
N TRP F 92 23.63 -29.73 -18.41
CA TRP F 92 22.64 -30.70 -17.96
C TRP F 92 21.31 -30.47 -18.67
N GLU F 93 20.72 -31.57 -19.11
CA GLU F 93 19.45 -31.56 -19.82
C GLU F 93 18.46 -32.40 -19.05
N ALA F 94 17.38 -31.76 -18.57
CA ALA F 94 16.33 -32.44 -17.83
C ALA F 94 15.46 -33.23 -18.81
N ILE F 95 15.37 -34.54 -18.61
CA ILE F 95 14.69 -35.38 -19.59
C ILE F 95 13.37 -35.98 -19.11
N SER F 96 13.23 -36.13 -17.80
CA SER F 96 12.02 -36.71 -17.21
C SER F 96 11.93 -36.36 -15.74
N VAL F 97 10.71 -36.40 -15.20
CA VAL F 97 10.47 -36.14 -13.79
C VAL F 97 9.37 -37.06 -13.26
N LYS F 98 9.56 -37.56 -12.05
CA LYS F 98 8.46 -38.17 -11.30
C LYS F 98 8.09 -37.16 -10.23
N THR F 99 6.83 -36.76 -10.20
CA THR F 99 6.37 -35.79 -9.22
C THR F 99 5.09 -36.28 -8.56
N GLU F 100 4.88 -35.91 -7.30
CA GLU F 100 3.75 -36.39 -6.52
C GLU F 100 3.39 -35.37 -5.45
N VAL F 101 2.10 -35.15 -5.26
CA VAL F 101 1.60 -34.32 -4.16
C VAL F 101 1.63 -35.22 -2.91
N VAL F 102 2.30 -34.74 -1.88
CA VAL F 102 2.50 -35.50 -0.65
C VAL F 102 1.45 -35.14 0.39
N GLY F 103 0.98 -36.14 1.13
CA GLY F 103 0.06 -35.92 2.26
C GLY F 103 -1.39 -35.88 1.85
N ILE F 104 -1.71 -36.46 0.69
CA ILE F 104 -3.08 -36.46 0.18
C ILE F 104 -4.03 -37.14 1.18
N SER F 105 -3.56 -38.22 1.80
CA SER F 105 -4.37 -38.97 2.76
C SER F 105 -4.81 -38.15 3.99
N SER F 106 -4.08 -37.07 4.30
CA SER F 106 -4.41 -36.22 5.46
C SER F 106 -5.80 -35.61 5.31
N LEU F 107 -6.25 -35.50 4.07
CA LEU F 107 -7.51 -34.84 3.78
C LEU F 107 -8.77 -35.69 4.06
N ILE F 108 -8.61 -36.93 4.54
CA ILE F 108 -9.78 -37.72 4.99
C ILE F 108 -10.27 -37.29 6.38
N ASN F 109 -9.46 -36.49 7.07
CA ASN F 109 -9.81 -35.95 8.39
C ASN F 109 -11.06 -35.08 8.31
N VAL F 110 -12.15 -35.58 8.90
CA VAL F 110 -13.41 -34.82 8.94
C VAL F 110 -13.87 -34.58 10.39
N HIS F 111 -12.91 -34.63 11.31
CA HIS F 111 -13.18 -34.43 12.73
C HIS F 111 -12.29 -33.37 13.36
N TYR F 112 -11.67 -32.53 12.53
CA TYR F 112 -10.92 -31.37 13.04
C TYR F 112 -11.83 -30.56 13.98
N TRP F 113 -11.30 -30.11 15.11
CA TRP F 113 -12.14 -29.60 16.20
C TRP F 113 -13.05 -28.44 15.83
N ASP F 114 -12.54 -27.57 14.96
N ASP F 114 -12.59 -27.47 15.05
CA ASP F 114 -13.25 -26.37 14.52
CA ASP F 114 -13.54 -26.45 14.59
C ASP F 114 -13.78 -26.46 13.09
C ASP F 114 -13.73 -26.47 13.09
N MET F 115 -13.97 -27.68 12.59
CA MET F 115 -14.48 -27.88 11.25
C MET F 115 -15.98 -27.68 11.30
N LYS F 116 -16.52 -26.92 10.35
CA LYS F 116 -17.98 -26.80 10.21
C LYS F 116 -18.60 -28.16 9.93
N ARG F 117 -19.66 -28.50 10.65
CA ARG F 117 -20.38 -29.76 10.42
C ARG F 117 -21.26 -29.60 9.18
N VAL F 118 -21.32 -30.65 8.36
N VAL F 118 -21.33 -30.64 8.36
CA VAL F 118 -22.10 -30.61 7.11
CA VAL F 118 -22.09 -30.55 7.09
C VAL F 118 -23.58 -30.29 7.36
C VAL F 118 -23.59 -30.32 7.34
N HIS F 119 -24.12 -30.91 8.39
CA HIS F 119 -25.47 -30.64 8.89
C HIS F 119 -25.39 -30.87 10.40
N ASP F 120 -26.51 -30.65 11.09
CA ASP F 120 -26.55 -30.77 12.55
C ASP F 120 -26.07 -32.14 12.99
N TYR F 121 -25.02 -32.13 13.82
CA TYR F 121 -24.42 -33.33 14.44
C TYR F 121 -23.56 -34.18 13.48
N GLY F 122 -23.44 -33.72 12.24
CA GLY F 122 -22.68 -34.45 11.23
C GLY F 122 -21.17 -34.29 11.35
N ALA F 123 -20.47 -34.96 10.42
CA ALA F 123 -19.03 -34.83 10.26
C ALA F 123 -18.68 -33.47 9.66
N GLY F 124 -17.40 -33.12 9.75
CA GLY F 124 -16.91 -31.88 9.17
C GLY F 124 -17.06 -31.87 7.66
N ILE F 125 -17.27 -30.69 7.11
CA ILE F 125 -17.15 -30.48 5.66
C ILE F 125 -15.67 -30.69 5.34
N PRO F 126 -15.35 -31.72 4.53
CA PRO F 126 -13.92 -31.98 4.29
C PRO F 126 -13.28 -30.88 3.44
N VAL F 127 -11.96 -30.81 3.49
CA VAL F 127 -11.21 -29.89 2.62
C VAL F 127 -11.63 -30.11 1.17
N SER F 128 -12.16 -29.06 0.55
CA SER F 128 -12.78 -29.13 -0.76
C SER F 128 -12.98 -27.72 -1.33
N GLY F 129 -13.33 -27.65 -2.60
CA GLY F 129 -13.56 -26.37 -3.26
C GLY F 129 -12.43 -26.01 -4.22
N VAL F 130 -11.95 -24.77 -4.12
CA VAL F 130 -10.93 -24.26 -5.03
C VAL F 130 -9.63 -25.07 -4.99
N ASN F 131 -9.30 -25.66 -6.15
CA ASN F 131 -8.01 -26.31 -6.36
C ASN F 131 -7.21 -25.57 -7.43
N TYR F 132 -5.89 -25.53 -7.22
CA TYR F 132 -4.96 -25.04 -8.22
C TYR F 132 -3.70 -25.90 -8.09
N HIS F 133 -3.34 -26.55 -9.20
CA HIS F 133 -2.21 -27.46 -9.21
C HIS F 133 -1.35 -27.19 -10.42
N MET F 134 -0.07 -26.92 -10.17
CA MET F 134 0.89 -26.74 -11.25
C MET F 134 2.30 -27.15 -10.82
N PHE F 135 3.09 -27.63 -11.77
CA PHE F 135 4.52 -27.75 -11.57
C PHE F 135 5.26 -27.35 -12.85
N ALA F 136 6.52 -26.97 -12.66
CA ALA F 136 7.38 -26.56 -13.75
C ALA F 136 8.80 -27.03 -13.51
N ILE F 137 9.47 -27.44 -14.58
CA ILE F 137 10.88 -27.80 -14.56
C ILE F 137 11.53 -26.97 -15.67
N GLY F 138 12.62 -26.27 -15.35
CA GLY F 138 13.28 -25.44 -16.34
C GLY F 138 14.76 -25.25 -16.09
N GLY F 139 15.47 -24.77 -17.10
CA GLY F 139 16.90 -24.48 -16.96
C GLY F 139 17.17 -23.05 -16.55
N GLU F 140 16.11 -22.36 -16.13
CA GLU F 140 16.15 -20.95 -15.71
C GLU F 140 14.80 -20.65 -15.07
N PRO F 141 14.67 -19.50 -14.38
CA PRO F 141 13.39 -19.21 -13.69
C PRO F 141 12.19 -19.23 -14.63
N LEU F 142 11.05 -19.69 -14.12
CA LEU F 142 9.79 -19.66 -14.88
C LEU F 142 9.39 -18.22 -15.22
N ASP F 143 9.02 -18.00 -16.48
CA ASP F 143 8.54 -16.70 -16.89
C ASP F 143 7.08 -16.53 -16.51
N LEU F 144 6.76 -15.39 -15.87
CA LEU F 144 5.40 -15.12 -15.39
C LEU F 144 4.73 -13.96 -16.12
N GLN F 145 3.42 -14.11 -16.34
CA GLN F 145 2.56 -13.05 -16.84
C GLN F 145 1.63 -12.62 -15.70
N GLY F 146 1.45 -11.30 -15.54
CA GLY F 146 0.54 -10.79 -14.53
C GLY F 146 -0.86 -10.55 -15.09
N LEU F 147 -1.88 -10.96 -14.32
CA LEU F 147 -3.27 -10.67 -14.66
C LEU F 147 -4.07 -10.85 -13.38
N VAL F 148 -4.91 -9.86 -13.05
CA VAL F 148 -5.66 -9.90 -11.80
C VAL F 148 -7.15 -9.80 -12.05
N LEU F 149 -7.93 -10.36 -11.12
CA LEU F 149 -9.39 -10.24 -11.12
C LEU F 149 -9.84 -8.77 -11.07
N ASP F 150 -9.17 -7.97 -10.25
CA ASP F 150 -9.57 -6.59 -10.01
C ASP F 150 -8.32 -5.73 -9.92
N TYR F 151 -8.16 -4.82 -10.89
CA TYR F 151 -6.95 -3.97 -10.95
C TYR F 151 -6.89 -2.97 -9.79
N GLN F 152 -8.01 -2.73 -9.13
CA GLN F 152 -8.07 -1.77 -8.02
C GLN F 152 -7.61 -2.38 -6.70
N THR F 153 -7.37 -3.69 -6.68
CA THR F 153 -6.84 -4.36 -5.49
C THR F 153 -5.53 -3.70 -5.04
N GLN F 154 -5.43 -3.39 -3.75
CA GLN F 154 -4.20 -2.83 -3.21
C GLN F 154 -3.43 -3.92 -2.46
N TYR F 155 -2.54 -4.58 -3.18
CA TYR F 155 -1.71 -5.64 -2.63
C TYR F 155 -0.66 -5.07 -1.68
N PRO F 156 -0.26 -5.85 -0.64
CA PRO F 156 0.75 -5.35 0.28
C PRO F 156 2.00 -4.90 -0.46
N LYS F 157 2.61 -3.82 0.01
CA LYS F 157 3.87 -3.32 -0.57
C LYS F 157 4.99 -4.32 -0.33
N THR F 158 5.93 -4.39 -1.26
CA THR F 158 7.08 -5.29 -1.14
C THR F 158 8.06 -4.73 -0.10
N THR F 159 8.29 -5.51 0.95
CA THR F 159 9.14 -5.08 2.06
C THR F 159 10.09 -6.21 2.52
N GLY F 162 7.53 -8.92 1.90
CA GLY F 162 6.32 -8.61 1.14
C GLY F 162 6.31 -9.24 -0.25
N PRO F 163 5.10 -9.46 -0.81
CA PRO F 163 4.98 -10.11 -2.12
C PRO F 163 5.31 -9.19 -3.29
N ILE F 164 5.76 -9.81 -4.38
CA ILE F 164 6.01 -9.08 -5.62
C ILE F 164 4.75 -9.18 -6.48
N THR F 165 4.17 -8.04 -6.82
CA THR F 165 2.98 -7.98 -7.66
C THR F 165 3.18 -7.05 -8.86
N ILE F 166 2.13 -6.83 -9.65
CA ILE F 166 2.24 -6.04 -10.88
C ILE F 166 2.72 -4.61 -10.60
N GLU F 167 2.20 -4.03 -9.51
CA GLU F 167 2.62 -2.72 -9.01
C GLU F 167 4.13 -2.66 -8.82
N THR F 168 4.68 -3.73 -8.23
CA THR F 168 6.11 -3.82 -7.94
C THR F 168 6.96 -3.72 -9.21
N VAL F 169 6.56 -4.45 -10.25
N VAL F 169 6.56 -4.47 -10.25
CA VAL F 169 7.32 -4.51 -11.50
CA VAL F 169 7.29 -4.51 -11.50
C VAL F 169 7.09 -3.31 -12.43
C VAL F 169 7.13 -3.23 -12.32
N LEU F 170 5.90 -2.72 -12.37
CA LEU F 170 5.59 -1.52 -13.17
C LEU F 170 6.14 -0.22 -12.56
N GLY F 171 6.31 -0.22 -11.24
CA GLY F 171 6.75 0.97 -10.51
C GLY F 171 5.68 2.04 -10.42
N ARG F 172 4.43 1.63 -10.57
CA ARG F 172 3.26 2.52 -10.57
C ARG F 172 2.00 1.68 -10.37
N LYS F 173 0.85 2.34 -10.29
CA LYS F 173 -0.43 1.67 -10.05
C LYS F 173 -0.92 0.90 -11.28
N MET F 174 -1.58 -0.23 -11.05
CA MET F 174 -2.26 -0.97 -12.10
C MET F 174 -3.35 -0.11 -12.75
N THR F 175 -3.66 -0.44 -14.00
CA THR F 175 -4.77 0.17 -14.71
C THR F 175 -5.72 -0.96 -15.13
N PRO F 176 -6.91 -0.61 -15.66
CA PRO F 176 -7.87 -1.62 -16.14
C PRO F 176 -7.29 -2.69 -17.07
N LYS F 177 -6.27 -2.35 -17.86
CA LYS F 177 -5.67 -3.32 -18.78
C LYS F 177 -5.07 -4.55 -18.07
N ASN F 178 -4.75 -4.39 -16.79
CA ASN F 178 -4.24 -5.50 -16.00
C ASN F 178 -5.29 -6.53 -15.57
N GLN F 179 -6.53 -6.31 -15.98
CA GLN F 179 -7.59 -7.33 -15.88
C GLN F 179 -7.58 -8.23 -17.11
N GLY F 180 -6.84 -7.79 -18.14
CA GLY F 180 -6.53 -8.60 -19.31
C GLY F 180 -5.02 -8.78 -19.39
N LEU F 181 -4.53 -9.08 -20.60
CA LEU F 181 -3.11 -9.32 -20.78
C LEU F 181 -2.38 -8.02 -21.12
N ASP F 182 -1.59 -7.55 -20.16
CA ASP F 182 -0.69 -6.41 -20.35
C ASP F 182 0.72 -6.96 -20.50
N PRO F 183 1.33 -6.80 -21.69
CA PRO F 183 2.69 -7.30 -21.97
C PRO F 183 3.78 -6.73 -21.05
N GLN F 184 3.51 -5.59 -20.43
N GLN F 184 3.50 -5.58 -20.44
CA GLN F 184 4.45 -4.99 -19.50
CA GLN F 184 4.44 -4.96 -19.49
C GLN F 184 4.44 -5.69 -18.14
C GLN F 184 4.43 -5.69 -18.14
N ALA F 185 3.35 -6.40 -17.84
CA ALA F 185 3.21 -7.10 -16.56
C ALA F 185 3.86 -8.48 -16.60
N LYS F 186 5.19 -8.48 -16.53
CA LYS F 186 5.98 -9.71 -16.58
C LYS F 186 6.99 -9.75 -15.44
N ALA F 187 7.29 -10.96 -14.99
CA ALA F 187 8.29 -11.19 -13.96
C ALA F 187 8.88 -12.58 -14.11
N LYS F 188 9.89 -12.88 -13.31
CA LYS F 188 10.50 -14.21 -13.28
C LYS F 188 10.30 -14.81 -11.90
N LEU F 189 9.93 -16.09 -11.86
CA LEU F 189 9.71 -16.77 -10.60
C LEU F 189 11.06 -17.13 -9.97
N ASP F 190 11.63 -16.15 -9.27
CA ASP F 190 13.00 -16.30 -8.74
C ASP F 190 13.08 -16.31 -7.21
N LYS F 191 11.93 -16.30 -6.54
CA LYS F 191 11.88 -16.28 -5.08
C LYS F 191 10.73 -17.12 -4.55
N ASP F 192 11.05 -18.02 -3.63
CA ASP F 192 10.06 -18.90 -3.00
C ASP F 192 9.12 -18.09 -2.11
N GLY F 193 7.83 -18.35 -2.26
CA GLY F 193 6.81 -17.74 -1.39
C GLY F 193 6.54 -16.26 -1.56
N ASN F 194 6.96 -15.70 -2.71
CA ASN F 194 6.89 -14.26 -2.91
C ASN F 194 6.02 -13.78 -4.05
N TYR F 195 5.67 -14.69 -4.97
CA TYR F 195 4.84 -14.33 -6.11
C TYR F 195 3.42 -14.91 -5.95
N PRO F 196 2.44 -14.05 -5.62
CA PRO F 196 1.07 -14.54 -5.42
C PRO F 196 0.49 -15.24 -6.64
N ILE F 197 -0.13 -16.38 -6.40
CA ILE F 197 -0.80 -17.16 -7.44
C ILE F 197 -1.95 -16.38 -8.13
N GLU F 198 -2.69 -15.57 -7.37
CA GLU F 198 -3.82 -14.83 -7.96
C GLU F 198 -3.39 -13.63 -8.83
N VAL F 199 -2.10 -13.30 -8.80
CA VAL F 199 -1.54 -12.22 -9.61
C VAL F 199 -0.77 -12.76 -10.84
N TRP F 200 -0.09 -13.89 -10.67
CA TRP F 200 0.85 -14.37 -11.69
C TRP F 200 0.53 -15.76 -12.20
N CYS F 201 0.62 -15.93 -13.52
CA CYS F 201 0.49 -17.24 -14.16
C CYS F 201 1.69 -17.47 -15.09
N PRO F 202 1.92 -18.73 -15.51
CA PRO F 202 3.02 -18.95 -16.46
C PRO F 202 2.81 -18.16 -17.76
N ASP F 203 3.88 -17.57 -18.28
CA ASP F 203 3.83 -16.79 -19.52
C ASP F 203 4.05 -17.73 -20.71
N PRO F 204 2.99 -17.98 -21.50
CA PRO F 204 3.13 -18.90 -22.63
C PRO F 204 3.91 -18.28 -23.80
N SER F 205 4.10 -16.96 -23.77
CA SER F 205 4.86 -16.26 -24.81
C SER F 205 6.37 -16.43 -24.61
N LYS F 206 6.76 -16.92 -23.44
CA LYS F 206 8.17 -17.16 -23.17
C LYS F 206 8.37 -18.63 -22.80
N ASN F 207 9.16 -18.91 -21.77
CA ASN F 207 9.29 -20.29 -21.23
C ASN F 207 9.73 -21.37 -22.23
N GLU F 208 10.54 -20.97 -23.21
CA GLU F 208 11.09 -21.92 -24.19
C GLU F 208 11.94 -22.98 -23.49
N ASN F 209 12.61 -22.57 -22.42
CA ASN F 209 13.53 -23.44 -21.69
C ASN F 209 12.94 -23.99 -20.40
N SER F 210 11.61 -24.04 -20.33
CA SER F 210 10.89 -24.67 -19.22
C SER F 210 9.74 -25.54 -19.74
N ARG F 211 9.31 -26.48 -18.92
CA ARG F 211 8.08 -27.22 -19.17
C ARG F 211 7.20 -27.01 -17.97
N TYR F 212 5.96 -26.56 -18.20
CA TYR F 212 5.02 -26.40 -17.10
C TYR F 212 3.68 -27.08 -17.40
N TYR F 213 3.01 -27.52 -16.34
CA TYR F 213 1.75 -28.27 -16.43
C TYR F 213 0.87 -27.83 -15.28
N GLY F 214 -0.35 -27.40 -15.59
CA GLY F 214 -1.23 -26.90 -14.54
C GLY F 214 -2.72 -27.04 -14.81
N SER F 215 -3.51 -26.89 -13.74
CA SER F 215 -4.96 -26.88 -13.85
C SER F 215 -5.58 -26.04 -12.74
N ILE F 216 -6.81 -25.58 -12.96
CA ILE F 216 -7.61 -24.96 -11.91
C ILE F 216 -8.95 -25.68 -11.81
N GLN F 217 -9.54 -25.61 -10.62
CA GLN F 217 -10.90 -26.04 -10.37
C GLN F 217 -11.56 -25.02 -9.43
N THR F 218 -12.61 -24.36 -9.88
CA THR F 218 -13.28 -23.41 -9.00
C THR F 218 -14.53 -24.03 -8.33
N GLY F 219 -15.36 -23.21 -7.73
CA GLY F 219 -16.49 -23.74 -6.95
C GLY F 219 -16.13 -23.75 -5.48
N SER F 220 -17.15 -23.68 -4.62
CA SER F 220 -16.90 -23.52 -3.19
C SER F 220 -16.72 -24.83 -2.44
N GLN F 221 -17.46 -25.87 -2.83
CA GLN F 221 -17.39 -27.16 -2.14
C GLN F 221 -17.11 -28.33 -3.08
N THR F 222 -16.62 -28.01 -4.28
CA THR F 222 -16.22 -28.99 -5.29
C THR F 222 -15.27 -30.05 -4.72
N PRO F 223 -15.58 -31.34 -4.95
CA PRO F 223 -14.69 -32.40 -4.44
C PRO F 223 -13.24 -32.18 -4.87
N THR F 224 -12.34 -32.37 -3.92
CA THR F 224 -10.92 -32.44 -4.24
C THR F 224 -10.65 -33.88 -4.65
N VAL F 225 -10.14 -34.03 -5.86
CA VAL F 225 -9.94 -35.35 -6.46
C VAL F 225 -8.49 -35.39 -6.93
N LEU F 226 -7.68 -36.17 -6.24
CA LEU F 226 -6.24 -36.24 -6.50
C LEU F 226 -5.76 -37.68 -6.60
N GLN F 227 -4.78 -37.92 -7.47
CA GLN F 227 -4.16 -39.24 -7.60
C GLN F 227 -2.71 -39.22 -7.13
N PHE F 228 -2.20 -40.39 -6.75
CA PHE F 228 -0.80 -40.54 -6.39
C PHE F 228 -0.34 -41.95 -6.77
N SER F 229 0.86 -42.03 -7.35
CA SER F 229 1.48 -43.31 -7.74
C SER F 229 2.95 -43.07 -8.06
N ASN F 230 3.80 -44.00 -7.64
CA ASN F 230 5.23 -43.92 -7.96
C ASN F 230 5.57 -44.57 -9.31
N THR F 231 4.55 -44.80 -10.13
CA THR F 231 4.75 -45.43 -11.43
C THR F 231 4.60 -44.46 -12.59
N LEU F 232 4.32 -43.18 -12.28
CA LEU F 232 4.02 -42.18 -13.31
C LEU F 232 5.19 -41.23 -13.59
N THR F 233 5.59 -41.15 -14.85
CA THR F 233 6.71 -40.32 -15.28
C THR F 233 6.27 -39.31 -16.33
N THR F 234 6.75 -38.08 -16.21
CA THR F 234 6.55 -37.05 -17.22
C THR F 234 7.82 -36.87 -18.04
N VAL F 235 7.71 -37.04 -19.36
CA VAL F 235 8.83 -36.83 -20.27
C VAL F 235 8.95 -35.33 -20.59
N LEU F 236 10.14 -34.78 -20.40
CA LEU F 236 10.36 -33.33 -20.52
C LEU F 236 10.94 -32.87 -21.86
N LEU F 237 11.18 -33.83 -22.76
CA LEU F 237 11.69 -33.53 -24.09
C LEU F 237 10.62 -32.84 -24.93
N ASP F 238 11.04 -31.84 -25.71
CA ASP F 238 10.14 -31.20 -26.67
C ASP F 238 10.02 -32.04 -27.95
N GLU F 239 9.44 -31.48 -29.01
CA GLU F 239 9.23 -32.20 -30.26
C GLU F 239 10.53 -32.55 -31.00
N ASN F 240 11.61 -31.84 -30.67
CA ASN F 240 12.93 -32.14 -31.23
C ASN F 240 13.73 -33.13 -30.37
N GLY F 241 13.14 -33.55 -29.25
CA GLY F 241 13.80 -34.48 -28.34
C GLY F 241 14.78 -33.79 -27.40
N VAL F 242 14.54 -32.51 -27.14
CA VAL F 242 15.41 -31.70 -26.29
C VAL F 242 14.66 -31.25 -25.05
N GLY F 243 15.22 -31.55 -23.89
CA GLY F 243 14.67 -31.09 -22.62
C GLY F 243 15.24 -29.74 -22.23
N PRO F 244 14.72 -29.15 -21.14
CA PRO F 244 15.28 -27.91 -20.57
C PRO F 244 16.81 -28.03 -20.34
N LEU F 245 17.54 -26.99 -20.71
CA LEU F 245 19.00 -26.98 -20.56
C LEU F 245 19.39 -26.03 -19.43
N CYS F 246 20.12 -26.56 -18.46
CA CYS F 246 20.35 -25.87 -17.19
C CYS F 246 21.51 -24.88 -17.27
N LYS F 247 21.14 -23.61 -17.45
CA LYS F 247 22.09 -22.51 -17.55
C LYS F 247 22.77 -22.23 -16.22
N GLY F 248 24.10 -22.12 -16.25
CA GLY F 248 24.90 -21.96 -15.04
C GLY F 248 24.75 -23.12 -14.08
N ASP F 249 24.52 -24.32 -14.62
CA ASP F 249 24.34 -25.55 -13.85
C ASP F 249 23.27 -25.43 -12.74
N GLY F 250 22.18 -24.76 -13.08
CA GLY F 250 21.06 -24.59 -12.16
C GLY F 250 19.78 -25.14 -12.73
N LEU F 251 19.08 -25.94 -11.93
CA LEU F 251 17.78 -26.49 -12.30
C LEU F 251 16.70 -25.80 -11.47
N PHE F 252 15.68 -25.25 -12.13
CA PHE F 252 14.60 -24.54 -11.45
C PHE F 252 13.36 -25.41 -11.39
N ILE F 253 12.83 -25.55 -10.18
CA ILE F 253 11.66 -26.36 -9.94
C ILE F 253 10.65 -25.50 -9.21
N SER F 254 9.45 -25.41 -9.78
CA SER F 254 8.39 -24.52 -9.32
C SER F 254 7.09 -25.30 -9.19
N CYS F 255 6.24 -24.90 -8.26
CA CYS F 255 4.93 -25.54 -8.14
C CYS F 255 3.96 -24.77 -7.26
N ALA F 256 2.69 -25.18 -7.33
CA ALA F 256 1.66 -24.74 -6.41
C ALA F 256 0.61 -25.83 -6.31
N ASP F 257 0.14 -26.11 -5.09
CA ASP F 257 -0.89 -27.14 -4.89
C ASP F 257 -1.88 -26.74 -3.81
N ILE F 258 -2.84 -25.91 -4.22
CA ILE F 258 -3.98 -25.54 -3.37
C ILE F 258 -4.99 -26.68 -3.47
N VAL F 259 -5.38 -27.25 -2.33
CA VAL F 259 -6.25 -28.46 -2.29
C VAL F 259 -7.66 -28.22 -1.75
N GLY F 260 -7.98 -26.98 -1.40
CA GLY F 260 -9.35 -26.65 -1.01
C GLY F 260 -9.40 -25.79 0.23
N PHE F 261 -10.62 -25.55 0.71
CA PHE F 261 -10.87 -24.74 1.90
C PHE F 261 -10.96 -25.59 3.17
N LEU F 262 -10.42 -25.06 4.27
CA LEU F 262 -10.79 -25.52 5.59
C LEU F 262 -12.01 -24.71 6.02
N PHE F 263 -13.14 -25.39 6.21
CA PHE F 263 -14.38 -24.72 6.57
C PHE F 263 -14.49 -24.72 8.08
N LYS F 264 -14.44 -23.54 8.68
CA LYS F 264 -14.44 -23.40 10.13
C LYS F 264 -15.86 -23.21 10.68
N THR F 265 -16.06 -23.61 11.94
CA THR F 265 -17.37 -23.57 12.60
C THR F 265 -18.10 -22.22 12.43
N SER F 266 -17.35 -21.12 12.57
CA SER F 266 -17.91 -19.76 12.49
C SER F 266 -18.49 -19.43 11.11
N GLY F 267 -18.08 -20.19 10.10
CA GLY F 267 -18.38 -19.88 8.72
C GLY F 267 -17.18 -19.35 7.97
N LYS F 268 -16.12 -19.00 8.69
CA LYS F 268 -14.90 -18.52 8.05
C LYS F 268 -14.21 -19.65 7.29
N MET F 269 -13.48 -19.29 6.24
CA MET F 269 -12.85 -20.27 5.36
C MET F 269 -11.41 -19.86 5.05
N ALA F 270 -10.51 -20.84 5.06
CA ALA F 270 -9.11 -20.61 4.72
C ALA F 270 -8.72 -21.62 3.65
N LEU F 271 -7.89 -21.20 2.70
CA LEU F 271 -7.34 -22.15 1.72
C LEU F 271 -6.18 -22.95 2.33
N HIS F 272 -5.95 -24.15 1.80
CA HIS F 272 -4.96 -25.09 2.32
C HIS F 272 -4.16 -25.64 1.15
N GLY F 273 -2.87 -25.88 1.38
CA GLY F 273 -1.99 -26.46 0.37
C GLY F 273 -1.25 -27.67 0.89
N LEU F 274 -0.72 -28.47 -0.04
CA LEU F 274 0.09 -29.64 0.27
C LEU F 274 1.46 -29.55 -0.40
N PRO F 275 2.48 -30.22 0.17
CA PRO F 275 3.83 -30.25 -0.41
C PRO F 275 3.86 -31.10 -1.67
N ARG F 276 4.93 -30.92 -2.45
CA ARG F 276 5.12 -31.70 -3.68
C ARG F 276 6.53 -32.22 -3.72
N TYR F 277 6.66 -33.48 -4.13
CA TYR F 277 7.96 -34.15 -4.28
C TYR F 277 8.35 -34.21 -5.75
N PHE F 278 9.66 -34.21 -6.01
CA PHE F 278 10.20 -34.27 -7.36
C PHE F 278 11.41 -35.22 -7.43
N ASN F 279 11.47 -36.03 -8.48
CA ASN F 279 12.70 -36.72 -8.84
C ASN F 279 12.95 -36.50 -10.33
N VAL F 280 13.97 -35.70 -10.64
CA VAL F 280 14.28 -35.34 -12.02
C VAL F 280 15.52 -36.08 -12.53
N THR F 281 15.40 -36.69 -13.71
CA THR F 281 16.52 -37.32 -14.38
C THR F 281 17.12 -36.34 -15.38
N LEU F 282 18.43 -36.16 -15.33
CA LEU F 282 19.13 -35.25 -16.25
C LEU F 282 20.25 -35.99 -16.95
N ARG F 283 20.56 -35.54 -18.17
CA ARG F 283 21.69 -36.09 -18.92
C ARG F 283 22.58 -34.97 -19.43
N LYS F 284 23.85 -35.29 -19.70
CA LYS F 284 24.78 -34.30 -20.22
C LYS F 284 24.57 -34.14 -21.72
N ARG F 285 24.52 -32.89 -22.16
CA ARG F 285 24.30 -32.54 -23.56
C ARG F 285 25.33 -31.53 -24.03
N TRP F 286 25.93 -31.79 -25.20
CA TRP F 286 26.83 -30.81 -25.83
C TRP F 286 26.02 -29.67 -26.45
N VAL F 287 26.47 -28.43 -26.19
CA VAL F 287 25.85 -27.24 -26.78
C VAL F 287 26.92 -26.25 -27.25
N LYS F 288 26.64 -25.54 -28.35
CA LYS F 288 27.60 -24.60 -28.95
C LYS F 288 27.43 -23.18 -28.39
N GLU G 10 22.16 -55.81 -7.92
CA GLU G 10 22.29 -56.04 -9.39
C GLU G 10 21.33 -57.13 -9.86
N VAL G 11 20.48 -56.77 -10.82
CA VAL G 11 19.46 -57.68 -11.31
C VAL G 11 19.95 -58.39 -12.57
N LEU G 12 19.94 -59.72 -12.54
CA LEU G 12 20.39 -60.52 -13.68
C LEU G 12 19.21 -61.02 -14.52
N SER G 13 19.31 -62.21 -15.10
CA SER G 13 18.29 -62.68 -16.02
C SER G 13 17.11 -63.38 -15.32
N VAL G 14 15.97 -63.37 -16.00
CA VAL G 14 14.81 -64.15 -15.61
C VAL G 14 15.15 -65.65 -15.64
N VAL G 15 14.74 -66.38 -14.61
CA VAL G 15 14.97 -67.82 -14.52
C VAL G 15 14.11 -68.59 -15.53
N THR G 16 14.74 -69.51 -16.28
CA THR G 16 14.00 -70.38 -17.20
C THR G 16 13.83 -71.76 -16.59
N GLY G 17 12.66 -72.36 -16.82
CA GLY G 17 12.34 -73.67 -16.27
C GLY G 17 10.85 -73.89 -16.11
N GLU G 18 10.47 -75.08 -15.66
CA GLU G 18 9.06 -75.47 -15.54
C GLU G 18 8.29 -74.65 -14.50
N ASP G 19 8.76 -74.66 -13.27
CA ASP G 19 8.03 -74.01 -12.17
C ASP G 19 8.59 -72.62 -11.82
N SER G 20 8.92 -71.84 -12.84
CA SER G 20 9.51 -70.52 -12.62
C SER G 20 8.47 -69.41 -12.38
N ILE G 21 7.20 -69.72 -12.61
CA ILE G 21 6.11 -68.77 -12.34
C ILE G 21 5.21 -69.30 -11.23
N THR G 22 4.72 -68.40 -10.38
CA THR G 22 3.75 -68.74 -9.35
C THR G 22 2.69 -67.63 -9.19
N GLN G 23 1.56 -67.97 -8.59
CA GLN G 23 0.52 -67.00 -8.30
C GLN G 23 0.16 -67.01 -6.82
N ILE G 24 -0.17 -65.84 -6.31
CA ILE G 24 -0.54 -65.64 -4.91
C ILE G 24 -1.92 -64.97 -4.86
N GLU G 25 -2.84 -65.60 -4.14
CA GLU G 25 -4.18 -65.04 -3.90
C GLU G 25 -4.31 -64.60 -2.45
N LEU G 26 -4.98 -63.48 -2.23
CA LEU G 26 -5.40 -63.08 -0.89
C LEU G 26 -6.44 -61.97 -0.93
N TYR G 27 -7.09 -61.77 0.21
CA TYR G 27 -7.96 -60.63 0.42
C TYR G 27 -7.59 -59.98 1.75
N LEU G 28 -7.88 -58.69 1.85
CA LEU G 28 -7.67 -57.94 3.07
C LEU G 28 -8.98 -57.26 3.42
N ASN G 29 -9.50 -57.55 4.61
CA ASN G 29 -10.68 -56.87 5.12
C ASN G 29 -10.32 -55.47 5.63
N PRO G 30 -11.27 -54.52 5.52
CA PRO G 30 -10.94 -53.14 5.88
C PRO G 30 -10.72 -52.95 7.39
N ARG G 31 -9.85 -52.00 7.74
CA ARG G 31 -9.56 -51.65 9.14
C ARG G 31 -9.97 -50.20 9.41
N MET G 32 -11.28 -49.98 9.48
CA MET G 32 -11.85 -48.64 9.56
C MET G 32 -11.83 -48.02 10.95
N GLY G 33 -11.60 -48.84 11.97
CA GLY G 33 -11.69 -48.39 13.35
C GLY G 33 -12.25 -49.44 14.28
N VAL G 34 -13.37 -50.03 13.88
CA VAL G 34 -13.85 -51.27 14.50
C VAL G 34 -13.27 -52.38 13.63
N ASN G 35 -12.19 -52.99 14.12
CA ASN G 35 -11.31 -53.78 13.25
C ASN G 35 -11.49 -55.29 13.29
N SER G 36 -12.22 -55.79 14.28
CA SER G 36 -12.46 -57.22 14.40
C SER G 36 -13.96 -57.52 14.35
N PRO G 37 -14.33 -58.64 13.68
CA PRO G 37 -15.71 -59.12 13.71
C PRO G 37 -16.01 -60.06 14.88
N ASP G 38 -15.01 -60.31 15.73
CA ASP G 38 -15.11 -61.38 16.72
C ASP G 38 -15.37 -60.95 18.17
N LEU G 39 -15.55 -59.65 18.39
CA LEU G 39 -15.83 -59.13 19.73
C LEU G 39 -17.34 -59.06 19.99
N PRO G 40 -17.85 -59.95 20.87
CA PRO G 40 -19.29 -60.14 21.08
C PRO G 40 -20.11 -58.85 21.20
N THR G 41 -19.53 -57.81 21.79
CA THR G 41 -20.27 -56.58 22.07
C THR G 41 -20.23 -55.53 20.95
N THR G 42 -19.02 -55.16 20.50
CA THR G 42 -18.85 -53.99 19.64
C THR G 42 -18.69 -54.28 18.14
N SER G 43 -18.62 -55.56 17.79
CA SER G 43 -18.32 -55.97 16.41
C SER G 43 -19.41 -55.66 15.36
N ASN G 44 -20.61 -55.27 15.81
CA ASN G 44 -21.69 -54.89 14.90
CA ASN G 44 -21.67 -54.92 14.87
C ASN G 44 -21.28 -53.75 13.95
N TRP G 45 -20.29 -52.96 14.37
CA TRP G 45 -19.79 -51.85 13.55
C TRP G 45 -18.51 -52.17 12.77
N TYR G 46 -18.21 -53.45 12.67
CA TYR G 46 -17.09 -53.94 11.88
C TYR G 46 -17.20 -53.39 10.45
N THR G 47 -16.09 -52.83 9.96
CA THR G 47 -15.95 -52.13 8.65
C THR G 47 -16.46 -50.69 8.65
N TYR G 48 -16.76 -50.19 9.85
CA TYR G 48 -17.14 -48.79 10.04
C TYR G 48 -16.26 -48.13 11.10
N THR G 49 -16.27 -46.79 11.11
CA THR G 49 -15.77 -46.03 12.23
C THR G 49 -16.92 -45.85 13.21
N TYR G 50 -16.64 -45.24 14.36
CA TYR G 50 -17.70 -44.71 15.19
C TYR G 50 -18.13 -43.36 14.59
N ASP G 51 -18.85 -42.54 15.36
CA ASP G 51 -19.36 -41.30 14.79
C ASP G 51 -18.28 -40.21 14.71
N LEU G 52 -18.10 -39.67 13.52
CA LEU G 52 -17.10 -38.63 13.26
C LEU G 52 -17.77 -37.27 13.37
N GLN G 53 -17.32 -36.46 14.32
CA GLN G 53 -18.04 -35.25 14.68
C GLN G 53 -17.10 -34.20 15.26
N PRO G 54 -16.79 -33.14 14.48
CA PRO G 54 -16.04 -32.00 15.03
C PRO G 54 -16.68 -31.55 16.33
N LYS G 55 -15.87 -31.46 17.38
CA LYS G 55 -16.38 -31.13 18.71
CA LYS G 55 -16.36 -31.12 18.72
C LYS G 55 -16.86 -29.67 18.82
N GLY G 56 -16.17 -28.77 18.14
CA GLY G 56 -16.48 -27.34 18.20
C GLY G 56 -15.58 -26.59 19.19
N SER G 57 -14.80 -27.34 19.96
N SER G 57 -14.79 -27.35 19.95
CA SER G 57 -13.83 -26.77 20.88
CA SER G 57 -13.83 -26.78 20.89
C SER G 57 -12.55 -27.60 20.87
C SER G 57 -12.55 -27.60 20.89
N SER G 58 -11.44 -26.94 21.16
CA SER G 58 -10.10 -27.58 21.16
C SER G 58 -9.80 -28.22 22.52
N PRO G 59 -8.89 -29.21 22.56
CA PRO G 59 -8.20 -29.85 21.42
C PRO G 59 -8.98 -31.04 20.89
N ASP G 60 -8.65 -31.49 19.67
CA ASP G 60 -9.19 -32.73 19.14
C ASP G 60 -8.42 -33.90 19.76
N GLN G 61 -9.17 -34.83 20.35
CA GLN G 61 -8.57 -36.02 20.96
C GLN G 61 -9.31 -37.26 20.42
N PRO G 62 -9.06 -37.62 19.13
CA PRO G 62 -9.83 -38.69 18.49
C PRO G 62 -9.65 -40.04 19.15
N ILE G 63 -10.70 -40.86 19.12
CA ILE G 63 -10.61 -42.24 19.60
C ILE G 63 -10.13 -43.14 18.46
N LYS G 64 -9.55 -44.30 18.82
CA LYS G 64 -8.98 -45.22 17.82
C LYS G 64 -10.02 -45.71 16.81
N GLU G 65 -11.27 -45.86 17.25
CA GLU G 65 -12.37 -46.31 16.38
C GLU G 65 -12.74 -45.29 15.30
N ASN G 66 -12.21 -44.07 15.41
CA ASN G 66 -12.45 -43.04 14.40
C ASN G 66 -11.25 -42.79 13.48
N LEU G 67 -10.31 -43.74 13.48
CA LEU G 67 -9.09 -43.64 12.70
C LEU G 67 -8.89 -44.83 11.73
N PRO G 68 -9.52 -44.78 10.55
CA PRO G 68 -9.27 -45.81 9.54
C PRO G 68 -7.78 -45.95 9.27
N ALA G 69 -7.35 -47.19 9.10
CA ALA G 69 -5.94 -47.51 8.98
C ALA G 69 -5.71 -48.38 7.75
N TYR G 70 -4.47 -48.44 7.27
CA TYR G 70 -4.15 -49.29 6.14
C TYR G 70 -4.22 -50.77 6.51
N SER G 71 -4.65 -51.58 5.54
CA SER G 71 -4.57 -53.03 5.64
C SER G 71 -3.24 -53.46 5.08
N VAL G 72 -2.66 -54.51 5.65
CA VAL G 72 -1.39 -55.05 5.14
C VAL G 72 -1.21 -56.53 5.50
N ALA G 73 -0.75 -57.31 4.52
CA ALA G 73 -0.28 -58.66 4.79
C ALA G 73 1.11 -58.87 4.19
N ARG G 74 1.91 -59.67 4.89
CA ARG G 74 3.13 -60.23 4.32
C ARG G 74 2.82 -61.68 3.98
N VAL G 75 2.95 -62.02 2.70
CA VAL G 75 2.72 -63.39 2.23
C VAL G 75 4.06 -64.13 2.08
N SER G 76 4.18 -65.28 2.71
CA SER G 76 5.36 -66.13 2.56
C SER G 76 5.34 -66.83 1.21
N LEU G 77 6.46 -66.80 0.50
CA LEU G 77 6.57 -67.40 -0.83
C LEU G 77 7.42 -68.67 -0.77
N PRO G 78 7.30 -69.56 -1.79
CA PRO G 78 8.14 -70.77 -1.78
C PRO G 78 9.62 -70.41 -1.67
N MET G 79 10.33 -71.11 -0.78
CA MET G 79 11.76 -70.89 -0.56
C MET G 79 12.55 -71.23 -1.81
N LEU G 80 13.55 -70.41 -2.14
CA LEU G 80 14.28 -70.55 -3.40
C LEU G 80 15.74 -70.97 -3.25
N ASN G 81 16.39 -70.49 -2.20
CA ASN G 81 17.83 -70.68 -2.02
C ASN G 81 18.16 -71.45 -0.75
N THR G 88 25.05 -64.53 -5.29
CA THR G 88 24.16 -64.79 -6.41
C THR G 88 23.05 -65.76 -6.04
N LEU G 89 21.81 -65.30 -6.10
CA LEU G 89 20.65 -66.08 -5.67
C LEU G 89 19.39 -65.75 -6.46
N GLN G 90 18.34 -66.55 -6.26
CA GLN G 90 17.05 -66.33 -6.90
C GLN G 90 16.12 -65.58 -5.96
N MET G 91 15.31 -64.69 -6.53
CA MET G 91 14.28 -63.99 -5.77
C MET G 91 13.00 -64.01 -6.58
N TRP G 92 11.86 -63.99 -5.89
CA TRP G 92 10.59 -63.81 -6.57
C TRP G 92 10.42 -62.37 -7.00
N GLU G 93 9.97 -62.19 -8.24
CA GLU G 93 9.73 -60.89 -8.83
C GLU G 93 8.25 -60.77 -9.14
N ALA G 94 7.58 -59.78 -8.55
CA ALA G 94 6.16 -59.54 -8.81
C ALA G 94 6.01 -58.81 -10.16
N ILE G 95 5.27 -59.40 -11.09
CA ILE G 95 5.22 -58.83 -12.44
C ILE G 95 3.85 -58.30 -12.83
N SER G 96 2.80 -58.78 -12.16
CA SER G 96 1.44 -58.29 -12.40
C SER G 96 0.48 -58.63 -11.27
N VAL G 97 -0.62 -57.89 -11.22
CA VAL G 97 -1.65 -58.10 -10.20
C VAL G 97 -3.03 -57.81 -10.78
N LYS G 98 -3.99 -58.68 -10.45
CA LYS G 98 -5.40 -58.36 -10.62
C LYS G 98 -5.92 -58.07 -9.23
N THR G 99 -6.44 -56.86 -9.04
CA THR G 99 -7.00 -56.46 -7.75
C THR G 99 -8.40 -55.89 -7.94
N GLU G 100 -9.26 -56.11 -6.95
CA GLU G 100 -10.67 -55.75 -7.04
C GLU G 100 -11.21 -55.40 -5.66
N VAL G 101 -11.98 -54.32 -5.61
CA VAL G 101 -12.74 -54.00 -4.41
C VAL G 101 -13.98 -54.88 -4.40
N VAL G 102 -14.13 -55.66 -3.33
CA VAL G 102 -15.20 -56.65 -3.18
C VAL G 102 -16.39 -56.06 -2.40
N GLY G 103 -17.61 -56.42 -2.80
CA GLY G 103 -18.81 -55.97 -2.09
C GLY G 103 -19.34 -54.62 -2.51
N ILE G 104 -18.93 -54.16 -3.69
CA ILE G 104 -19.35 -52.85 -4.22
C ILE G 104 -20.88 -52.78 -4.31
N SER G 105 -21.49 -53.88 -4.76
CA SER G 105 -22.95 -53.97 -4.91
C SER G 105 -23.75 -53.77 -3.62
N SER G 106 -23.12 -54.03 -2.47
CA SER G 106 -23.77 -53.87 -1.16
C SER G 106 -24.19 -52.42 -0.91
N LEU G 107 -23.58 -51.50 -1.63
CA LEU G 107 -23.82 -50.07 -1.44
C LEU G 107 -25.09 -49.53 -2.11
N ILE G 108 -25.83 -50.39 -2.83
CA ILE G 108 -27.16 -49.98 -3.33
C ILE G 108 -28.23 -49.97 -2.21
N ASN G 109 -27.88 -50.51 -1.04
CA ASN G 109 -28.79 -50.55 0.10
C ASN G 109 -29.08 -49.14 0.60
N VAL G 110 -30.31 -48.68 0.39
CA VAL G 110 -30.75 -47.36 0.88
C VAL G 110 -31.89 -47.51 1.90
N HIS G 111 -31.87 -48.61 2.63
CA HIS G 111 -32.91 -48.92 3.62
C HIS G 111 -32.33 -49.50 4.89
N TYR G 112 -31.11 -49.10 5.23
CA TYR G 112 -30.55 -49.37 6.57
C TYR G 112 -31.53 -48.81 7.60
N TRP G 113 -31.81 -49.54 8.67
CA TRP G 113 -32.94 -49.18 9.56
C TRP G 113 -32.81 -47.79 10.18
N ASP G 114 -31.58 -47.34 10.39
CA ASP G 114 -31.34 -46.04 11.02
C ASP G 114 -30.69 -45.05 10.04
N MET G 115 -30.99 -45.21 8.76
CA MET G 115 -30.48 -44.31 7.73
C MET G 115 -31.24 -42.98 7.73
N LYS G 116 -30.49 -41.89 7.70
CA LYS G 116 -31.05 -40.56 7.46
C LYS G 116 -31.68 -40.52 6.06
N ARG G 117 -32.91 -40.03 5.99
CA ARG G 117 -33.63 -39.96 4.72
C ARG G 117 -33.21 -38.76 3.89
N VAL G 118 -33.26 -38.92 2.57
N VAL G 118 -33.25 -38.90 2.57
CA VAL G 118 -33.00 -37.82 1.64
CA VAL G 118 -32.98 -37.76 1.68
C VAL G 118 -34.02 -36.67 1.82
C VAL G 118 -34.02 -36.65 1.84
N HIS G 119 -35.28 -37.05 2.08
CA HIS G 119 -36.37 -36.11 2.43
C HIS G 119 -37.47 -36.91 3.10
N ASP G 120 -38.49 -36.24 3.64
CA ASP G 120 -39.63 -36.92 4.29
C ASP G 120 -40.22 -38.03 3.41
N TYR G 121 -40.41 -39.21 4.00
CA TYR G 121 -40.96 -40.39 3.32
C TYR G 121 -40.01 -41.03 2.30
N GLY G 122 -38.81 -40.45 2.17
CA GLY G 122 -37.84 -40.89 1.19
C GLY G 122 -36.99 -42.08 1.61
N ALA G 123 -36.18 -42.54 0.66
CA ALA G 123 -35.17 -43.55 0.91
C ALA G 123 -34.02 -42.96 1.73
N GLY G 124 -33.15 -43.81 2.25
CA GLY G 124 -31.95 -43.37 2.94
C GLY G 124 -30.96 -42.69 2.00
N ILE G 125 -30.18 -41.78 2.56
CA ILE G 125 -29.05 -41.23 1.82
C ILE G 125 -28.04 -42.36 1.64
N PRO G 126 -27.69 -42.69 0.38
CA PRO G 126 -26.78 -43.81 0.16
C PRO G 126 -25.36 -43.50 0.64
N VAL G 127 -24.58 -44.55 0.90
CA VAL G 127 -23.16 -44.41 1.25
C VAL G 127 -22.49 -43.59 0.15
N SER G 128 -22.01 -42.41 0.53
N SER G 128 -22.05 -42.39 0.53
CA SER G 128 -21.41 -41.45 -0.38
CA SER G 128 -21.47 -41.41 -0.38
C SER G 128 -20.53 -40.50 0.41
C SER G 128 -20.52 -40.51 0.40
N GLY G 129 -19.77 -39.67 -0.30
CA GLY G 129 -18.89 -38.71 0.32
C GLY G 129 -17.42 -39.05 0.14
N VAL G 130 -16.66 -38.92 1.22
CA VAL G 130 -15.21 -39.13 1.18
C VAL G 130 -14.88 -40.55 0.71
N ASN G 131 -14.06 -40.65 -0.34
CA ASN G 131 -13.48 -41.90 -0.80
C ASN G 131 -11.96 -41.81 -0.73
N TYR G 132 -11.33 -42.93 -0.39
CA TYR G 132 -9.87 -43.03 -0.42
C TYR G 132 -9.54 -44.45 -0.80
N HIS G 133 -8.84 -44.59 -1.92
CA HIS G 133 -8.57 -45.92 -2.48
C HIS G 133 -7.12 -46.01 -2.85
N MET G 134 -6.43 -47.00 -2.31
CA MET G 134 -5.04 -47.25 -2.68
C MET G 134 -4.71 -48.72 -2.53
N PHE G 135 -3.79 -49.20 -3.35
CA PHE G 135 -3.17 -50.49 -3.09
C PHE G 135 -1.68 -50.42 -3.40
N ALA G 136 -0.91 -51.31 -2.78
CA ALA G 136 0.52 -51.39 -3.02
C ALA G 136 0.96 -52.85 -3.01
N ILE G 137 1.90 -53.15 -3.90
CA ILE G 137 2.57 -54.44 -3.96
C ILE G 137 4.06 -54.15 -3.86
N GLY G 138 4.74 -54.82 -2.92
CA GLY G 138 6.18 -54.62 -2.73
C GLY G 138 6.94 -55.84 -2.26
N GLY G 139 8.26 -55.76 -2.35
CA GLY G 139 9.13 -56.85 -1.88
C GLY G 139 9.62 -56.58 -0.47
N GLU G 140 9.02 -55.58 0.17
CA GLU G 140 9.35 -55.14 1.53
C GLU G 140 8.24 -54.18 1.99
N PRO G 141 8.22 -53.85 3.30
CA PRO G 141 7.16 -52.93 3.75
C PRO G 141 7.09 -51.62 2.97
N LEU G 142 5.88 -51.14 2.70
CA LEU G 142 5.68 -49.80 2.13
C LEU G 142 6.27 -48.70 3.02
N ASP G 143 7.04 -47.81 2.42
CA ASP G 143 7.59 -46.65 3.14
C ASP G 143 6.51 -45.58 3.24
N LEU G 144 6.34 -45.03 4.45
CA LEU G 144 5.32 -44.05 4.75
C LEU G 144 5.90 -42.69 5.13
N GLN G 145 5.19 -41.63 4.75
CA GLN G 145 5.52 -40.26 5.13
C GLN G 145 4.38 -39.76 6.01
N GLY G 146 4.73 -39.10 7.11
CA GLY G 146 3.75 -38.51 8.01
C GLY G 146 3.43 -37.08 7.63
N LEU G 147 2.12 -36.78 7.56
CA LEU G 147 1.63 -35.41 7.35
C LEU G 147 0.19 -35.34 7.84
N VAL G 148 -0.10 -34.37 8.71
CA VAL G 148 -1.44 -34.24 9.27
C VAL G 148 -2.09 -32.90 8.99
N LEU G 149 -3.42 -32.90 8.98
CA LEU G 149 -4.20 -31.68 8.80
C LEU G 149 -3.91 -30.67 9.93
N ASP G 150 -3.79 -31.18 11.15
CA ASP G 150 -3.57 -30.32 12.32
C ASP G 150 -2.58 -30.98 13.29
N TYR G 151 -1.42 -30.34 13.46
CA TYR G 151 -0.36 -30.87 14.32
C TYR G 151 -0.77 -30.90 15.80
N GLN G 152 -1.83 -30.18 16.13
CA GLN G 152 -2.35 -30.11 17.50
C GLN G 152 -3.30 -31.27 17.83
N THR G 153 -3.63 -32.08 16.83
CA THR G 153 -4.44 -33.27 17.08
C THR G 153 -3.71 -34.18 18.05
N GLN G 154 -4.41 -34.62 19.09
CA GLN G 154 -3.84 -35.51 20.08
C GLN G 154 -4.30 -36.95 19.84
N TYR G 155 -3.53 -37.68 19.05
CA TYR G 155 -3.84 -39.07 18.72
C TYR G 155 -3.66 -39.96 19.94
N PRO G 156 -4.44 -41.06 20.03
CA PRO G 156 -4.35 -41.95 21.19
C PRO G 156 -2.97 -42.57 21.25
N LYS G 157 -2.46 -42.77 22.46
CA LYS G 157 -1.14 -43.36 22.65
C LYS G 157 -1.10 -44.81 22.17
N THR G 158 0.07 -45.26 21.74
CA THR G 158 0.28 -46.64 21.27
C THR G 158 0.34 -47.61 22.46
N THR G 159 -0.81 -47.83 23.11
CA THR G 159 -0.91 -48.75 24.25
C THR G 159 -2.25 -49.49 24.26
N GLY G 162 -4.02 -49.12 20.11
CA GLY G 162 -3.17 -47.94 19.98
C GLY G 162 -2.52 -47.80 18.62
N PRO G 163 -2.89 -46.74 17.86
CA PRO G 163 -2.29 -46.51 16.54
C PRO G 163 -0.86 -45.97 16.62
N ILE G 164 -0.05 -46.29 15.61
CA ILE G 164 1.28 -45.70 15.46
C ILE G 164 1.14 -44.40 14.67
N THR G 165 1.53 -43.29 15.28
CA THR G 165 1.42 -41.98 14.66
C THR G 165 2.77 -41.25 14.69
N ILE G 166 2.78 -39.97 14.33
CA ILE G 166 4.06 -39.24 14.22
C ILE G 166 4.76 -39.08 15.58
N GLU G 167 3.98 -38.81 16.63
CA GLU G 167 4.53 -38.72 17.98
C GLU G 167 5.23 -40.04 18.37
N THR G 168 4.63 -41.16 17.98
CA THR G 168 5.20 -42.48 18.24
C THR G 168 6.60 -42.60 17.66
N VAL G 169 6.77 -42.24 16.39
N VAL G 169 6.76 -42.26 16.39
CA VAL G 169 8.06 -42.39 15.70
CA VAL G 169 8.04 -42.36 15.68
C VAL G 169 9.09 -41.32 16.06
C VAL G 169 9.06 -41.34 16.18
N LEU G 170 8.64 -40.09 16.36
CA LEU G 170 9.55 -39.01 16.75
C LEU G 170 10.03 -39.10 18.20
N GLY G 171 9.22 -39.71 19.06
CA GLY G 171 9.52 -39.79 20.49
C GLY G 171 9.24 -38.50 21.22
N ARG G 172 8.50 -37.60 20.56
CA ARG G 172 8.16 -36.28 21.10
C ARG G 172 6.92 -35.77 20.36
N LYS G 173 6.34 -34.70 20.87
CA LYS G 173 5.14 -34.11 20.27
C LYS G 173 5.40 -33.54 18.89
N MET G 174 4.37 -33.61 18.04
CA MET G 174 4.38 -32.95 16.74
C MET G 174 4.54 -31.44 16.91
N THR G 175 5.12 -30.82 15.90
CA THR G 175 5.25 -29.37 15.86
C THR G 175 4.59 -28.90 14.56
N PRO G 176 4.44 -27.57 14.37
CA PRO G 176 3.81 -27.07 13.14
C PRO G 176 4.36 -27.65 11.81
N LYS G 177 5.64 -28.05 11.78
CA LYS G 177 6.23 -28.59 10.54
C LYS G 177 5.54 -29.87 10.05
N ASN G 178 4.88 -30.58 10.96
CA ASN G 178 4.15 -31.80 10.61
C ASN G 178 2.83 -31.58 9.87
N GLN G 179 2.48 -30.32 9.66
CA GLN G 179 1.42 -29.96 8.71
C GLN G 179 1.98 -29.90 7.29
N GLY G 180 3.31 -29.89 7.18
CA GLY G 180 3.99 -30.01 5.89
C GLY G 180 4.80 -31.29 5.85
N LEU G 181 5.78 -31.34 4.96
CA LEU G 181 6.63 -32.51 4.83
C LEU G 181 7.83 -32.40 5.77
N ASP G 182 7.79 -33.18 6.85
CA ASP G 182 8.90 -33.29 7.79
C ASP G 182 9.66 -34.59 7.49
N PRO G 183 10.89 -34.49 6.97
CA PRO G 183 11.67 -35.67 6.57
C PRO G 183 11.94 -36.66 7.71
N GLN G 184 11.83 -36.23 8.96
CA GLN G 184 11.97 -37.14 10.10
C GLN G 184 10.70 -37.95 10.39
N ALA G 185 9.56 -37.50 9.89
CA ALA G 185 8.28 -38.17 10.14
C ALA G 185 8.08 -39.29 9.12
N LYS G 186 8.79 -40.40 9.35
CA LYS G 186 8.77 -41.54 8.43
C LYS G 186 8.58 -42.85 9.17
N ALA G 187 7.94 -43.80 8.51
CA ALA G 187 7.66 -45.12 9.07
C ALA G 187 7.56 -46.16 7.98
N LYS G 188 7.45 -47.42 8.40
CA LYS G 188 7.22 -48.53 7.48
C LYS G 188 5.88 -49.16 7.83
N LEU G 189 5.10 -49.45 6.79
CA LEU G 189 3.80 -50.08 6.93
C LEU G 189 3.96 -51.57 7.25
N ASP G 190 4.20 -51.87 8.53
CA ASP G 190 4.56 -53.23 8.93
C ASP G 190 3.52 -53.90 9.84
N LYS G 191 2.44 -53.20 10.13
CA LYS G 191 1.36 -53.75 10.97
C LYS G 191 -0.02 -53.42 10.43
N ASP G 192 -0.86 -54.45 10.33
CA ASP G 192 -2.22 -54.33 9.80
C ASP G 192 -3.11 -53.54 10.77
N GLY G 193 -3.82 -52.55 10.25
CA GLY G 193 -4.78 -51.76 11.04
C GLY G 193 -4.22 -50.97 12.20
N ASN G 194 -2.98 -50.50 12.07
CA ASN G 194 -2.28 -49.76 13.13
C ASN G 194 -1.76 -48.38 12.70
N TYR G 195 -1.70 -48.16 11.38
CA TYR G 195 -1.22 -46.90 10.82
C TYR G 195 -2.36 -46.08 10.21
N PRO G 196 -2.82 -45.01 10.93
CA PRO G 196 -3.96 -44.24 10.45
C PRO G 196 -3.73 -43.61 9.09
N ILE G 197 -4.73 -43.73 8.23
CA ILE G 197 -4.70 -43.10 6.91
C ILE G 197 -4.54 -41.58 6.97
N GLU G 198 -5.16 -40.94 7.95
CA GLU G 198 -5.13 -39.46 8.02
C GLU G 198 -3.79 -38.92 8.48
N VAL G 199 -2.93 -39.83 8.92
CA VAL G 199 -1.59 -39.48 9.40
C VAL G 199 -0.51 -39.85 8.38
N TRP G 200 -0.65 -41.02 7.74
CA TRP G 200 0.42 -41.54 6.90
C TRP G 200 0.02 -41.67 5.43
N CYS G 201 0.94 -41.30 4.55
CA CYS G 201 0.77 -41.51 3.11
C CYS G 201 2.00 -42.25 2.55
N PRO G 202 1.92 -42.78 1.32
CA PRO G 202 3.15 -43.37 0.75
C PRO G 202 4.26 -42.34 0.59
N ASP G 203 5.49 -42.75 0.89
CA ASP G 203 6.66 -41.89 0.76
C ASP G 203 7.24 -42.01 -0.66
N PRO G 204 7.05 -40.96 -1.49
CA PRO G 204 7.52 -41.03 -2.87
C PRO G 204 9.04 -40.91 -2.99
N SER G 205 9.70 -40.54 -1.89
CA SER G 205 11.16 -40.40 -1.88
C SER G 205 11.85 -41.75 -1.66
N LYS G 206 11.07 -42.76 -1.28
CA LYS G 206 11.58 -44.12 -1.12
C LYS G 206 10.77 -45.10 -2.00
N ASN G 207 10.39 -46.25 -1.46
CA ASN G 207 9.53 -47.21 -2.18
C ASN G 207 10.03 -47.65 -3.55
N GLU G 208 11.35 -47.69 -3.74
CA GLU G 208 11.91 -48.14 -5.02
C GLU G 208 11.53 -49.59 -5.33
N ASN G 209 11.31 -50.38 -4.27
CA ASN G 209 10.99 -51.80 -4.39
C ASN G 209 9.52 -52.11 -4.12
N SER G 210 8.67 -51.11 -4.29
CA SER G 210 7.21 -51.27 -4.22
C SER G 210 6.56 -50.48 -5.35
N ARG G 211 5.33 -50.86 -5.68
CA ARG G 211 4.50 -50.09 -6.61
C ARG G 211 3.19 -49.74 -5.90
N TYR G 212 2.85 -48.46 -5.86
CA TYR G 212 1.59 -48.05 -5.24
C TYR G 212 0.75 -47.15 -6.14
N TYR G 213 -0.56 -47.18 -5.91
CA TYR G 213 -1.52 -46.49 -6.75
C TYR G 213 -2.68 -46.06 -5.85
N GLY G 214 -3.03 -44.79 -5.91
CA GLY G 214 -4.04 -44.28 -4.97
C GLY G 214 -4.78 -43.06 -5.46
N SER G 215 -5.90 -42.77 -4.81
CA SER G 215 -6.69 -41.60 -5.11
C SER G 215 -7.51 -41.18 -3.90
N ILE G 216 -7.87 -39.90 -3.87
CA ILE G 216 -8.82 -39.39 -2.87
C ILE G 216 -9.96 -38.70 -3.59
N GLN G 217 -11.11 -38.66 -2.91
CA GLN G 217 -12.25 -37.84 -3.33
C GLN G 217 -12.84 -37.22 -2.06
N THR G 218 -12.87 -35.89 -1.98
CA THR G 218 -13.50 -35.26 -0.81
C THR G 218 -14.93 -34.80 -1.10
N GLY G 219 -15.61 -34.28 -0.09
CA GLY G 219 -17.02 -33.88 -0.20
C GLY G 219 -17.85 -34.73 0.74
N SER G 220 -19.05 -34.28 1.05
N SER G 220 -19.06 -34.29 1.05
CA SER G 220 -19.89 -34.94 2.04
CA SER G 220 -19.88 -34.97 2.05
C SER G 220 -20.83 -35.97 1.44
C SER G 220 -20.86 -35.98 1.45
N GLN G 221 -21.46 -35.62 0.32
CA GLN G 221 -22.39 -36.53 -0.36
C GLN G 221 -21.97 -36.82 -1.79
N THR G 222 -20.70 -36.60 -2.09
CA THR G 222 -20.15 -36.86 -3.42
C THR G 222 -20.42 -38.33 -3.80
N PRO G 223 -20.96 -38.56 -5.02
CA PRO G 223 -21.22 -39.93 -5.44
C PRO G 223 -20.01 -40.85 -5.28
N THR G 224 -20.23 -42.01 -4.70
CA THR G 224 -19.24 -43.08 -4.74
C THR G 224 -19.34 -43.75 -6.10
N VAL G 225 -18.27 -43.66 -6.89
CA VAL G 225 -18.26 -44.21 -8.24
C VAL G 225 -17.10 -45.21 -8.32
N LEU G 226 -17.45 -46.48 -8.50
CA LEU G 226 -16.45 -47.55 -8.49
C LEU G 226 -16.72 -48.55 -9.61
N GLN G 227 -15.65 -49.19 -10.07
CA GLN G 227 -15.72 -50.18 -11.14
C GLN G 227 -15.18 -51.50 -10.65
N PHE G 228 -15.66 -52.59 -11.27
CA PHE G 228 -15.14 -53.92 -11.02
C PHE G 228 -15.18 -54.74 -12.31
N SER G 229 -14.08 -55.43 -12.58
CA SER G 229 -13.99 -56.36 -13.70
C SER G 229 -12.84 -57.32 -13.50
N ASN G 230 -13.06 -58.59 -13.82
CA ASN G 230 -11.99 -59.58 -13.76
C ASN G 230 -11.09 -59.58 -14.99
N THR G 231 -11.21 -58.55 -15.83
CA THR G 231 -10.42 -58.45 -17.07
C THR G 231 -9.28 -57.42 -16.98
N LEU G 232 -9.12 -56.81 -15.80
CA LEU G 232 -8.13 -55.74 -15.62
C LEU G 232 -6.89 -56.20 -14.87
N THR G 233 -5.74 -55.98 -15.47
CA THR G 233 -4.45 -56.36 -14.90
C THR G 233 -3.57 -55.12 -14.77
N THR G 234 -2.86 -55.02 -13.65
CA THR G 234 -1.84 -54.00 -13.47
C THR G 234 -0.46 -54.63 -13.65
N VAL G 235 0.32 -54.10 -14.59
CA VAL G 235 1.69 -54.57 -14.81
C VAL G 235 2.60 -53.85 -13.80
N LEU G 236 3.39 -54.65 -13.07
CA LEU G 236 4.21 -54.13 -11.95
C LEU G 236 5.66 -53.84 -12.32
N LEU G 237 6.02 -54.08 -13.58
CA LEU G 237 7.38 -53.84 -14.05
C LEU G 237 7.68 -52.35 -14.12
N ASP G 238 8.90 -51.96 -13.76
CA ASP G 238 9.35 -50.58 -13.91
C ASP G 238 9.85 -50.32 -15.34
N GLU G 239 10.42 -49.14 -15.55
CA GLU G 239 10.92 -48.74 -16.87
C GLU G 239 11.98 -49.68 -17.45
N ASN G 240 12.66 -50.43 -16.58
CA ASN G 240 13.69 -51.38 -16.98
C ASN G 240 13.18 -52.83 -17.12
N GLY G 241 11.87 -53.02 -16.95
CA GLY G 241 11.27 -54.36 -17.01
C GLY G 241 11.48 -55.19 -15.76
N VAL G 242 11.69 -54.54 -14.62
CA VAL G 242 11.89 -55.24 -13.35
C VAL G 242 10.74 -54.93 -12.39
N GLY G 243 10.11 -55.97 -11.84
CA GLY G 243 9.08 -55.80 -10.82
C GLY G 243 9.69 -55.76 -9.42
N PRO G 244 8.86 -55.56 -8.39
CA PRO G 244 9.33 -55.67 -6.99
C PRO G 244 9.99 -57.01 -6.72
N LEU G 245 11.16 -56.99 -6.08
CA LEU G 245 11.90 -58.20 -5.73
C LEU G 245 11.69 -58.53 -4.24
N CYS G 246 11.25 -59.76 -3.97
CA CYS G 246 10.76 -60.13 -2.64
C CYS G 246 11.86 -60.57 -1.69
N LYS G 247 12.28 -59.64 -0.83
CA LYS G 247 13.34 -59.89 0.14
C LYS G 247 12.88 -60.89 1.20
N GLY G 248 13.73 -61.85 1.49
CA GLY G 248 13.42 -62.93 2.44
C GLY G 248 12.21 -63.77 2.05
N ASP G 249 11.93 -63.84 0.75
CA ASP G 249 10.78 -64.58 0.21
C ASP G 249 9.44 -64.13 0.82
N GLY G 250 9.31 -62.82 1.00
CA GLY G 250 8.08 -62.20 1.52
C GLY G 250 7.52 -61.17 0.54
N LEU G 251 6.23 -61.29 0.25
CA LEU G 251 5.52 -60.33 -0.59
C LEU G 251 4.64 -59.45 0.29
N PHE G 252 4.81 -58.13 0.18
CA PHE G 252 4.03 -57.20 0.98
C PHE G 252 2.90 -56.59 0.16
N ILE G 253 1.70 -56.74 0.70
CA ILE G 253 0.50 -56.24 0.06
C ILE G 253 -0.24 -55.30 1.02
N SER G 254 -0.52 -54.08 0.55
CA SER G 254 -1.10 -53.00 1.36
C SER G 254 -2.28 -52.39 0.63
N CYS G 255 -3.26 -51.89 1.39
CA CYS G 255 -4.39 -51.19 0.76
C CYS G 255 -5.25 -50.41 1.76
N ALA G 256 -6.16 -49.61 1.21
CA ALA G 256 -7.17 -48.88 1.97
C ALA G 256 -8.29 -48.56 0.99
N ASP G 257 -9.53 -48.81 1.39
CA ASP G 257 -10.68 -48.54 0.53
C ASP G 257 -11.86 -47.95 1.31
N ILE G 258 -11.78 -46.65 1.57
CA ILE G 258 -12.88 -45.91 2.20
C ILE G 258 -13.89 -45.57 1.10
N VAL G 259 -15.15 -45.94 1.32
CA VAL G 259 -16.18 -45.81 0.28
C VAL G 259 -17.26 -44.76 0.55
N GLY G 260 -17.14 -44.02 1.67
CA GLY G 260 -18.11 -42.96 1.98
C GLY G 260 -18.73 -43.09 3.36
N PHE G 261 -19.71 -42.23 3.65
CA PHE G 261 -20.34 -42.17 4.97
C PHE G 261 -21.63 -42.97 5.05
N LEU G 262 -21.86 -43.58 6.20
CA LEU G 262 -23.21 -44.03 6.54
C LEU G 262 -23.89 -42.85 7.26
N PHE G 263 -24.98 -42.36 6.68
CA PHE G 263 -25.74 -41.24 7.26
C PHE G 263 -26.83 -41.77 8.19
N LYS G 264 -26.70 -41.47 9.48
CA LYS G 264 -27.66 -41.93 10.48
C LYS G 264 -28.75 -40.88 10.74
N THR G 265 -29.93 -41.36 11.18
CA THR G 265 -31.09 -40.51 11.47
C THR G 265 -30.79 -39.27 12.31
N SER G 266 -30.00 -39.44 13.38
CA SER G 266 -29.68 -38.34 14.31
C SER G 266 -28.90 -37.20 13.65
N GLY G 267 -28.28 -37.48 12.50
CA GLY G 267 -27.39 -36.52 11.85
C GLY G 267 -25.94 -36.98 11.93
N LYS G 268 -25.66 -37.90 12.84
CA LYS G 268 -24.32 -38.47 12.99
C LYS G 268 -23.92 -39.25 11.71
N MET G 269 -22.61 -39.30 11.46
CA MET G 269 -22.06 -39.95 10.27
C MET G 269 -20.84 -40.78 10.64
N ALA G 270 -20.73 -41.96 10.03
CA ALA G 270 -19.57 -42.82 10.19
C ALA G 270 -18.99 -43.16 8.81
N LEU G 271 -17.67 -43.32 8.74
CA LEU G 271 -17.04 -43.78 7.49
C LEU G 271 -17.10 -45.30 7.38
N HIS G 272 -17.05 -45.79 6.14
CA HIS G 272 -17.23 -47.19 5.81
C HIS G 272 -16.18 -47.61 4.79
N GLY G 273 -15.69 -48.84 4.93
CA GLY G 273 -14.72 -49.40 4.00
C GLY G 273 -15.15 -50.75 3.44
N LEU G 274 -14.50 -51.16 2.36
CA LEU G 274 -14.77 -52.46 1.73
C LEU G 274 -13.48 -53.26 1.58
N PRO G 275 -13.59 -54.61 1.55
CA PRO G 275 -12.40 -55.45 1.38
C PRO G 275 -11.83 -55.36 -0.03
N ARG G 276 -10.59 -55.79 -0.20
CA ARG G 276 -9.94 -55.83 -1.49
C ARG G 276 -9.34 -57.22 -1.73
N TYR G 277 -9.48 -57.71 -2.94
CA TYR G 277 -8.91 -58.98 -3.36
C TYR G 277 -7.67 -58.74 -4.22
N PHE G 278 -6.70 -59.65 -4.14
CA PHE G 278 -5.47 -59.61 -4.96
C PHE G 278 -5.14 -60.98 -5.53
N ASN G 279 -4.72 -61.00 -6.79
CA ASN G 279 -4.07 -62.16 -7.40
C ASN G 279 -2.79 -61.68 -8.06
N VAL G 280 -1.66 -62.04 -7.45
CA VAL G 280 -0.36 -61.56 -7.91
C VAL G 280 0.41 -62.68 -8.62
N THR G 281 0.94 -62.36 -9.80
CA THR G 281 1.79 -63.27 -10.55
C THR G 281 3.25 -62.90 -10.27
N LEU G 282 4.05 -63.90 -9.91
CA LEU G 282 5.48 -63.69 -9.69
C LEU G 282 6.30 -64.66 -10.51
N ARG G 283 7.53 -64.26 -10.82
CA ARG G 283 8.49 -65.11 -11.53
C ARG G 283 9.83 -65.10 -10.81
N LYS G 284 10.61 -66.16 -10.99
CA LYS G 284 11.93 -66.27 -10.39
C LYS G 284 12.94 -65.41 -11.16
N ARG G 285 13.79 -64.72 -10.42
CA ARG G 285 14.80 -63.84 -11.02
C ARG G 285 16.18 -64.04 -10.37
N TRP G 286 17.21 -64.20 -11.18
CA TRP G 286 18.58 -64.22 -10.66
C TRP G 286 19.00 -62.82 -10.24
N VAL G 287 19.57 -62.71 -9.04
CA VAL G 287 20.19 -61.46 -8.57
C VAL G 287 21.54 -61.75 -7.93
N LYS G 288 22.38 -60.73 -7.79
CA LYS G 288 23.63 -60.88 -7.05
C LYS G 288 23.87 -59.74 -6.06
N VAL H 9 -9.00 -78.84 -18.03
CA VAL H 9 -8.98 -79.06 -19.51
C VAL H 9 -7.82 -78.32 -20.21
N GLU H 10 -7.22 -78.99 -21.20
CA GLU H 10 -6.18 -78.40 -22.01
C GLU H 10 -6.80 -77.82 -23.28
N VAL H 11 -6.60 -76.52 -23.50
CA VAL H 11 -7.17 -75.84 -24.65
C VAL H 11 -6.27 -76.06 -25.88
N LEU H 12 -6.85 -76.61 -26.95
CA LEU H 12 -6.10 -76.84 -28.17
C LEU H 12 -6.37 -75.74 -29.19
N SER H 13 -6.41 -76.09 -30.47
CA SER H 13 -6.51 -75.12 -31.55
C SER H 13 -7.96 -74.74 -31.85
N VAL H 14 -8.13 -73.56 -32.44
CA VAL H 14 -9.41 -73.12 -32.97
C VAL H 14 -9.81 -74.04 -34.13
N VAL H 15 -11.05 -74.48 -34.13
CA VAL H 15 -11.59 -75.32 -35.20
C VAL H 15 -11.77 -74.52 -36.50
N THR H 16 -11.23 -75.03 -37.60
CA THR H 16 -11.46 -74.41 -38.91
C THR H 16 -12.55 -75.14 -39.67
N GLY H 17 -13.36 -74.39 -40.42
CA GLY H 17 -14.46 -74.96 -41.20
C GLY H 17 -15.51 -73.94 -41.60
N GLU H 18 -16.49 -74.41 -42.37
CA GLU H 18 -17.56 -73.57 -42.92
C GLU H 18 -18.41 -72.89 -41.85
N ASP H 19 -18.90 -73.68 -40.89
CA ASP H 19 -19.81 -73.17 -39.88
C ASP H 19 -19.18 -73.21 -38.47
N SER H 20 -17.98 -72.65 -38.36
CA SER H 20 -17.25 -72.65 -37.08
C SER H 20 -17.63 -71.48 -36.18
N ILE H 21 -18.27 -70.47 -36.76
CA ILE H 21 -18.72 -69.27 -36.04
C ILE H 21 -20.25 -69.29 -35.93
N THR H 22 -20.76 -69.01 -34.73
CA THR H 22 -22.19 -68.79 -34.57
C THR H 22 -22.49 -67.55 -33.71
N GLN H 23 -23.69 -66.99 -33.88
N GLN H 23 -23.71 -67.05 -33.84
CA GLN H 23 -24.13 -65.85 -33.09
CA GLN H 23 -24.18 -65.87 -33.13
C GLN H 23 -25.38 -66.20 -32.30
C GLN H 23 -25.38 -66.24 -32.29
N ILE H 24 -25.40 -65.80 -31.03
CA ILE H 24 -26.61 -65.93 -30.22
C ILE H 24 -27.05 -64.56 -29.71
N GLU H 25 -28.33 -64.26 -29.87
CA GLU H 25 -28.85 -63.01 -29.38
C GLU H 25 -29.94 -63.25 -28.35
N LEU H 26 -30.03 -62.34 -27.38
N LEU H 26 -30.03 -62.33 -27.39
CA LEU H 26 -31.13 -62.39 -26.43
CA LEU H 26 -30.88 -62.48 -26.20
C LEU H 26 -31.21 -61.07 -25.71
C LEU H 26 -31.10 -61.12 -25.56
N TYR H 27 -32.26 -60.93 -24.91
CA TYR H 27 -32.46 -59.78 -24.04
C TYR H 27 -32.87 -60.33 -22.67
N LEU H 28 -32.57 -59.57 -21.63
CA LEU H 28 -32.99 -59.89 -20.28
C LEU H 28 -33.73 -58.71 -19.68
N ASN H 29 -34.99 -58.91 -19.32
CA ASN H 29 -35.76 -57.89 -18.61
C ASN H 29 -35.33 -57.76 -17.14
N PRO H 30 -35.42 -56.55 -16.57
CA PRO H 30 -34.91 -56.31 -15.21
C PRO H 30 -35.74 -56.99 -14.13
N ARG H 31 -35.08 -57.39 -13.05
CA ARG H 31 -35.74 -58.02 -11.90
C ARG H 31 -35.54 -57.14 -10.65
N MET H 32 -36.29 -56.06 -10.60
CA MET H 32 -36.11 -55.02 -9.58
C MET H 32 -36.84 -55.29 -8.28
N GLY H 33 -37.76 -56.25 -8.30
CA GLY H 33 -38.61 -56.51 -7.15
C GLY H 33 -39.99 -56.96 -7.58
N VAL H 34 -40.65 -56.14 -8.41
CA VAL H 34 -41.82 -56.60 -9.13
C VAL H 34 -41.29 -57.20 -10.43
N ASN H 35 -41.25 -58.52 -10.46
CA ASN H 35 -40.46 -59.25 -11.46
C ASN H 35 -41.25 -59.83 -12.62
N SER H 36 -42.57 -59.79 -12.51
CA SER H 36 -43.45 -60.28 -13.56
C SER H 36 -44.42 -59.19 -14.01
N PRO H 37 -44.68 -59.12 -15.33
CA PRO H 37 -45.71 -58.23 -15.85
C PRO H 37 -47.07 -58.92 -15.96
N ASP H 38 -47.16 -60.15 -15.46
CA ASP H 38 -48.34 -61.00 -15.66
C ASP H 38 -49.15 -61.23 -14.39
N LEU H 39 -48.84 -60.50 -13.32
CA LEU H 39 -49.55 -60.63 -12.06
C LEU H 39 -50.84 -59.81 -12.08
N PRO H 40 -51.92 -60.35 -11.48
CA PRO H 40 -53.26 -59.76 -11.58
C PRO H 40 -53.38 -58.30 -11.10
N THR H 41 -52.69 -57.96 -10.01
CA THR H 41 -52.92 -56.68 -9.34
C THR H 41 -51.68 -55.78 -9.25
N THR H 42 -50.51 -56.39 -9.06
CA THR H 42 -49.30 -55.65 -8.69
C THR H 42 -48.35 -55.33 -9.86
N SER H 43 -48.66 -55.87 -11.04
CA SER H 43 -47.75 -55.76 -12.18
C SER H 43 -47.56 -54.36 -12.76
N ASN H 44 -48.31 -53.37 -12.28
CA ASN H 44 -48.14 -51.98 -12.69
CA ASN H 44 -48.13 -51.99 -12.73
C ASN H 44 -46.74 -51.47 -12.36
N TRP H 45 -46.14 -52.04 -11.32
CA TRP H 45 -44.79 -51.64 -10.89
C TRP H 45 -43.67 -52.54 -11.42
N TYR H 46 -43.98 -53.35 -12.44
CA TYR H 46 -42.97 -54.12 -13.16
C TYR H 46 -41.85 -53.21 -13.63
N THR H 47 -40.61 -53.63 -13.34
CA THR H 47 -39.33 -52.90 -13.57
C THR H 47 -39.01 -51.86 -12.47
N TYR H 48 -39.75 -51.93 -11.36
CA TYR H 48 -39.50 -51.07 -10.20
C TYR H 48 -39.46 -51.89 -8.91
N THR H 49 -38.95 -51.26 -7.85
CA THR H 49 -39.16 -51.75 -6.50
C THR H 49 -40.47 -51.16 -5.97
N TYR H 50 -40.84 -51.57 -4.76
CA TYR H 50 -41.83 -50.82 -3.99
C TYR H 50 -41.12 -49.63 -3.34
N ASP H 51 -41.73 -49.01 -2.34
CA ASP H 51 -41.13 -47.82 -1.72
C ASP H 51 -40.01 -48.16 -0.74
N LEU H 52 -38.83 -47.60 -1.01
CA LEU H 52 -37.64 -47.84 -0.18
C LEU H 52 -37.56 -46.85 0.97
N GLN H 53 -37.57 -47.37 2.20
CA GLN H 53 -37.59 -46.53 3.41
C GLN H 53 -36.78 -47.16 4.54
N PRO H 54 -36.01 -46.35 5.27
CA PRO H 54 -35.45 -46.78 6.56
C PRO H 54 -36.58 -47.05 7.54
N LYS H 55 -36.56 -48.22 8.16
CA LYS H 55 -37.62 -48.64 9.07
C LYS H 55 -37.72 -47.70 10.28
N GLY H 56 -36.58 -47.18 10.72
CA GLY H 56 -36.53 -46.29 11.89
C GLY H 56 -36.32 -47.02 13.21
N SER H 57 -36.49 -48.35 13.18
CA SER H 57 -36.24 -49.20 14.34
C SER H 57 -35.63 -50.53 13.88
N SER H 58 -35.01 -51.23 14.81
CA SER H 58 -34.23 -52.44 14.52
C SER H 58 -35.08 -53.70 14.71
N PRO H 59 -34.89 -54.74 13.86
CA PRO H 59 -33.97 -54.83 12.71
C PRO H 59 -34.67 -54.52 11.39
N ASP H 60 -33.89 -54.28 10.34
CA ASP H 60 -34.46 -54.15 8.99
C ASP H 60 -35.04 -55.51 8.56
N GLN H 61 -36.26 -55.47 8.02
CA GLN H 61 -36.93 -56.67 7.54
C GLN H 61 -37.47 -56.42 6.12
N PRO H 62 -36.57 -56.29 5.14
CA PRO H 62 -36.99 -55.89 3.79
C PRO H 62 -37.91 -56.91 3.14
N ILE H 63 -38.83 -56.42 2.32
CA ILE H 63 -39.70 -57.29 1.54
C ILE H 63 -39.02 -57.58 0.21
N LYS H 64 -39.42 -58.67 -0.45
CA LYS H 64 -38.77 -59.08 -1.69
C LYS H 64 -38.91 -58.04 -2.81
N GLU H 65 -40.03 -57.31 -2.80
CA GLU H 65 -40.28 -56.26 -3.79
C GLU H 65 -39.30 -55.10 -3.70
N ASN H 66 -38.53 -55.05 -2.61
CA ASN H 66 -37.53 -54.01 -2.40
C ASN H 66 -36.09 -54.47 -2.56
N LEU H 67 -35.93 -55.63 -3.18
CA LEU H 67 -34.59 -56.21 -3.37
C LEU H 67 -34.30 -56.52 -4.83
N PRO H 68 -33.82 -55.51 -5.60
CA PRO H 68 -33.38 -55.76 -6.97
C PRO H 68 -32.39 -56.92 -7.03
N ALA H 69 -32.54 -57.75 -8.05
CA ALA H 69 -31.79 -58.98 -8.19
C ALA H 69 -31.15 -59.06 -9.56
N TYR H 70 -30.10 -59.87 -9.68
CA TYR H 70 -29.48 -60.11 -10.98
C TYR H 70 -30.40 -60.83 -11.95
N SER H 71 -30.32 -60.42 -13.22
CA SER H 71 -30.94 -61.16 -14.30
C SER H 71 -29.95 -62.24 -14.78
N VAL H 72 -30.45 -63.39 -15.18
CA VAL H 72 -29.59 -64.44 -15.77
C VAL H 72 -30.35 -65.37 -16.71
N ALA H 73 -29.65 -65.83 -17.75
CA ALA H 73 -30.19 -66.83 -18.67
C ALA H 73 -29.10 -67.81 -19.07
N ARG H 74 -29.47 -69.08 -19.19
CA ARG H 74 -28.59 -70.08 -19.79
C ARG H 74 -29.12 -70.35 -21.19
N VAL H 75 -28.28 -70.11 -22.20
CA VAL H 75 -28.64 -70.37 -23.58
C VAL H 75 -28.08 -71.73 -24.00
N SER H 76 -28.96 -72.58 -24.54
CA SER H 76 -28.55 -73.86 -25.13
C SER H 76 -27.91 -73.64 -26.49
N LEU H 77 -26.75 -74.26 -26.68
CA LEU H 77 -25.98 -74.10 -27.91
C LEU H 77 -26.03 -75.40 -28.72
N PRO H 78 -25.80 -75.33 -30.05
CA PRO H 78 -25.76 -76.54 -30.86
C PRO H 78 -24.75 -77.55 -30.34
N MET H 79 -25.22 -78.79 -30.15
CA MET H 79 -24.36 -79.89 -29.71
C MET H 79 -23.28 -80.15 -30.78
N LEU H 80 -22.04 -80.34 -30.33
CA LEU H 80 -20.91 -80.44 -31.24
C LEU H 80 -20.35 -81.86 -31.38
N ASN H 81 -20.42 -82.62 -30.29
CA ASN H 81 -19.76 -83.92 -30.22
C ASN H 81 -20.73 -85.10 -30.33
N GLU H 82 -20.62 -85.86 -31.43
CA GLU H 82 -21.39 -87.09 -31.61
C GLU H 82 -20.93 -88.17 -30.61
N ASP H 83 -19.68 -88.09 -30.17
CA ASP H 83 -19.13 -89.01 -29.18
C ASP H 83 -18.54 -88.22 -28.02
N ILE H 84 -19.25 -88.20 -26.89
CA ILE H 84 -18.89 -87.38 -25.73
C ILE H 84 -17.86 -88.08 -24.83
N THR H 85 -17.55 -89.34 -25.12
CA THR H 85 -16.58 -90.11 -24.35
C THR H 85 -15.14 -89.71 -24.69
N CYS H 86 -14.92 -89.29 -25.93
CA CYS H 86 -13.59 -88.92 -26.44
C CYS H 86 -12.85 -87.95 -25.53
N ASP H 87 -11.54 -88.10 -25.46
CA ASP H 87 -10.69 -87.25 -24.64
C ASP H 87 -10.67 -85.82 -25.18
N THR H 88 -10.64 -85.70 -26.50
CA THR H 88 -10.61 -84.41 -27.18
C THR H 88 -11.98 -84.09 -27.79
N LEU H 89 -12.52 -82.93 -27.45
CA LEU H 89 -13.87 -82.54 -27.84
C LEU H 89 -13.88 -81.09 -28.34
N GLN H 90 -14.92 -80.74 -29.09
CA GLN H 90 -15.16 -79.36 -29.47
C GLN H 90 -16.06 -78.69 -28.44
N MET H 91 -15.74 -77.44 -28.12
CA MET H 91 -16.58 -76.62 -27.24
C MET H 91 -16.79 -75.27 -27.89
N TRP H 92 -17.94 -74.66 -27.63
CA TRP H 92 -18.18 -73.28 -28.03
C TRP H 92 -17.38 -72.32 -27.14
N GLU H 93 -16.68 -71.40 -27.79
CA GLU H 93 -15.87 -70.39 -27.12
C GLU H 93 -16.45 -69.01 -27.44
N ALA H 94 -16.93 -68.30 -26.42
CA ALA H 94 -17.42 -66.93 -26.59
C ALA H 94 -16.23 -65.99 -26.79
N ILE H 95 -16.21 -65.29 -27.93
CA ILE H 95 -15.05 -64.44 -28.27
C ILE H 95 -15.31 -62.93 -28.23
N SER H 96 -16.59 -62.54 -28.32
CA SER H 96 -16.98 -61.13 -28.27
C SER H 96 -18.48 -60.99 -28.05
N VAL H 97 -18.87 -59.79 -27.60
CA VAL H 97 -20.26 -59.49 -27.33
C VAL H 97 -20.54 -58.02 -27.65
N LYS H 98 -21.68 -57.78 -28.26
CA LYS H 98 -22.28 -56.46 -28.36
C LYS H 98 -23.45 -56.45 -27.40
N THR H 99 -23.40 -55.54 -26.44
CA THR H 99 -24.45 -55.44 -25.43
C THR H 99 -24.92 -53.99 -25.30
N GLU H 100 -26.19 -53.80 -24.96
CA GLU H 100 -26.80 -52.47 -24.90
C GLU H 100 -27.94 -52.45 -23.90
N VAL H 101 -28.00 -51.37 -23.12
CA VAL H 101 -29.14 -51.12 -22.26
C VAL H 101 -30.23 -50.53 -23.15
N VAL H 102 -31.40 -51.17 -23.12
CA VAL H 102 -32.52 -50.84 -23.98
C VAL H 102 -33.48 -49.90 -23.23
N GLY H 103 -34.12 -48.98 -23.95
CA GLY H 103 -35.12 -48.10 -23.35
C GLY H 103 -34.54 -46.89 -22.63
N ILE H 104 -33.31 -46.54 -22.97
CA ILE H 104 -32.65 -45.43 -22.28
C ILE H 104 -33.45 -44.14 -22.49
N SER H 105 -33.92 -43.94 -23.72
CA SER H 105 -34.71 -42.76 -24.10
C SER H 105 -35.99 -42.57 -23.27
N SER H 106 -36.51 -43.65 -22.70
CA SER H 106 -37.72 -43.57 -21.87
C SER H 106 -37.52 -42.65 -20.66
N LEU H 107 -36.26 -42.45 -20.27
CA LEU H 107 -35.92 -41.67 -19.07
C LEU H 107 -35.98 -40.14 -19.24
N ILE H 108 -36.31 -39.67 -20.45
CA ILE H 108 -36.56 -38.23 -20.61
C ILE H 108 -37.94 -37.82 -20.07
N ASN H 109 -38.78 -38.80 -19.76
CA ASN H 109 -40.13 -38.55 -19.25
C ASN H 109 -40.07 -37.91 -17.86
N VAL H 110 -40.44 -36.63 -17.79
CA VAL H 110 -40.46 -35.87 -16.54
C VAL H 110 -41.89 -35.45 -16.18
N HIS H 111 -42.86 -36.27 -16.61
CA HIS H 111 -44.27 -35.95 -16.42
C HIS H 111 -45.07 -37.19 -16.05
N TYR H 112 -44.43 -38.14 -15.37
CA TYR H 112 -45.14 -39.22 -14.70
C TYR H 112 -46.21 -38.59 -13.81
N TRP H 113 -47.44 -39.10 -13.84
CA TRP H 113 -48.55 -38.42 -13.17
C TRP H 113 -48.30 -38.12 -11.69
N ASP H 114 -47.60 -39.03 -11.01
CA ASP H 114 -47.35 -38.88 -9.57
C ASP H 114 -45.89 -38.54 -9.25
N MET H 115 -45.25 -37.78 -10.15
CA MET H 115 -43.84 -37.42 -9.98
C MET H 115 -43.66 -36.21 -9.07
N LYS H 116 -42.73 -36.33 -8.12
CA LYS H 116 -42.33 -35.19 -7.31
C LYS H 116 -41.74 -34.12 -8.24
N ARG H 117 -42.14 -32.88 -8.04
CA ARG H 117 -41.65 -31.78 -8.86
C ARG H 117 -40.32 -31.28 -8.35
N VAL H 118 -39.50 -30.73 -9.24
N VAL H 118 -39.50 -30.74 -9.25
CA VAL H 118 -38.23 -30.12 -8.83
CA VAL H 118 -38.24 -30.10 -8.87
C VAL H 118 -38.45 -28.84 -8.00
C VAL H 118 -38.48 -28.88 -7.98
N HIS H 119 -39.55 -28.13 -8.29
CA HIS H 119 -39.99 -26.97 -7.50
C HIS H 119 -41.44 -26.69 -7.93
N ASP H 120 -42.11 -25.74 -7.26
CA ASP H 120 -43.52 -25.41 -7.59
C ASP H 120 -43.74 -25.11 -9.08
N TYR H 121 -44.75 -25.75 -9.67
CA TYR H 121 -45.13 -25.60 -11.08
C TYR H 121 -44.11 -26.20 -12.06
N GLY H 122 -43.08 -26.83 -11.52
CA GLY H 122 -41.99 -27.35 -12.34
C GLY H 122 -42.25 -28.74 -12.89
N ALA H 123 -41.30 -29.22 -13.68
CA ALA H 123 -41.32 -30.60 -14.19
C ALA H 123 -41.01 -31.58 -13.07
N GLY H 124 -41.31 -32.86 -13.31
CA GLY H 124 -40.93 -33.91 -12.37
C GLY H 124 -39.42 -34.05 -12.28
N ILE H 125 -38.94 -34.53 -11.13
CA ILE H 125 -37.55 -34.92 -10.98
C ILE H 125 -37.32 -36.16 -11.86
N PRO H 126 -36.39 -36.05 -12.83
CA PRO H 126 -36.17 -37.22 -13.68
C PRO H 126 -35.57 -38.40 -12.90
N VAL H 127 -35.70 -39.60 -13.46
CA VAL H 127 -35.08 -40.79 -12.90
C VAL H 127 -33.58 -40.53 -12.78
N SER H 128 -33.06 -40.65 -11.56
N SER H 128 -33.08 -40.58 -11.54
CA SER H 128 -31.69 -40.29 -11.23
CA SER H 128 -31.72 -40.19 -11.19
C SER H 128 -31.35 -40.84 -9.86
C SER H 128 -31.35 -40.83 -9.86
N GLY H 129 -30.08 -40.73 -9.49
CA GLY H 129 -29.58 -41.24 -8.22
C GLY H 129 -28.78 -42.52 -8.37
N VAL H 130 -29.05 -43.49 -7.50
CA VAL H 130 -28.30 -44.75 -7.47
C VAL H 130 -28.37 -45.50 -8.79
N ASN H 131 -27.20 -45.69 -9.40
CA ASN H 131 -27.03 -46.56 -10.57
C ASN H 131 -26.16 -47.76 -10.22
N TYR H 132 -26.48 -48.91 -10.80
CA TYR H 132 -25.63 -50.10 -10.74
C TYR H 132 -25.76 -50.81 -12.08
N HIS H 133 -24.62 -51.03 -12.73
CA HIS H 133 -24.59 -51.63 -14.07
C HIS H 133 -23.51 -52.67 -14.18
N MET H 134 -23.90 -53.87 -14.61
CA MET H 134 -22.95 -54.96 -14.75
C MET H 134 -23.47 -55.96 -15.76
N PHE H 135 -22.55 -56.61 -16.45
CA PHE H 135 -22.93 -57.76 -17.26
C PHE H 135 -21.79 -58.74 -17.23
N ALA H 136 -22.15 -60.00 -17.47
CA ALA H 136 -21.19 -61.08 -17.47
C ALA H 136 -21.55 -62.10 -18.54
N ILE H 137 -20.51 -62.67 -19.16
CA ILE H 137 -20.63 -63.72 -20.14
C ILE H 137 -19.71 -64.85 -19.67
N GLY H 138 -20.25 -66.06 -19.57
CA GLY H 138 -19.46 -67.17 -19.09
C GLY H 138 -19.88 -68.51 -19.65
N GLY H 139 -19.04 -69.52 -19.45
CA GLY H 139 -19.33 -70.88 -19.89
C GLY H 139 -19.91 -71.73 -18.76
N GLU H 140 -20.29 -71.05 -17.68
CA GLU H 140 -20.86 -71.65 -16.47
C GLU H 140 -21.42 -70.50 -15.63
N PRO H 141 -22.23 -70.80 -14.59
CA PRO H 141 -22.80 -69.72 -13.78
C PRO H 141 -21.73 -68.79 -13.19
N LEU H 142 -22.07 -67.52 -13.07
CA LEU H 142 -21.19 -66.55 -12.44
C LEU H 142 -21.03 -66.91 -10.96
N ASP H 143 -19.79 -66.90 -10.47
CA ASP H 143 -19.52 -67.10 -9.06
C ASP H 143 -19.77 -65.80 -8.31
N LEU H 144 -20.41 -65.93 -7.14
CA LEU H 144 -20.82 -64.80 -6.33
C LEU H 144 -20.18 -64.84 -4.95
N GLN H 145 -19.86 -63.65 -4.43
CA GLN H 145 -19.40 -63.45 -3.07
C GLN H 145 -20.47 -62.64 -2.34
N GLY H 146 -20.81 -63.07 -1.13
CA GLY H 146 -21.77 -62.34 -0.30
C GLY H 146 -21.09 -61.34 0.60
N LEU H 147 -21.66 -60.13 0.64
CA LEU H 147 -21.27 -59.08 1.58
C LEU H 147 -22.43 -58.11 1.70
N VAL H 148 -22.78 -57.74 2.93
CA VAL H 148 -23.91 -56.84 3.15
C VAL H 148 -23.54 -55.61 3.96
N LEU H 149 -24.29 -54.53 3.77
CA LEU H 149 -24.14 -53.30 4.56
C LEU H 149 -24.34 -53.56 6.05
N ASP H 150 -25.36 -54.36 6.37
CA ASP H 150 -25.75 -54.60 7.77
C ASP H 150 -26.04 -56.08 7.97
N TYR H 151 -25.21 -56.77 8.76
CA TYR H 151 -25.37 -58.21 8.97
C TYR H 151 -26.67 -58.56 9.73
N GLN H 152 -27.23 -57.60 10.46
CA GLN H 152 -28.46 -57.82 11.21
C GLN H 152 -29.74 -57.73 10.36
N THR H 153 -29.59 -57.40 9.08
CA THR H 153 -30.72 -57.36 8.17
C THR H 153 -31.38 -58.74 8.10
N GLN H 154 -32.71 -58.76 8.20
CA GLN H 154 -33.46 -60.02 8.15
C GLN H 154 -34.17 -60.14 6.80
N TYR H 155 -33.51 -60.78 5.84
CA TYR H 155 -34.07 -60.98 4.51
C TYR H 155 -35.18 -62.03 4.56
N PRO H 156 -36.15 -61.95 3.63
CA PRO H 156 -37.20 -62.98 3.67
C PRO H 156 -36.59 -64.37 3.45
N LYS H 157 -37.12 -65.36 4.18
CA LYS H 157 -36.60 -66.73 4.12
C LYS H 157 -36.83 -67.35 2.75
N THR H 158 -35.79 -68.01 2.23
CA THR H 158 -35.87 -68.70 0.95
C THR H 158 -37.00 -69.75 0.94
N THR H 159 -37.15 -70.48 2.05
CA THR H 159 -38.21 -71.49 2.19
C THR H 159 -39.63 -70.92 2.20
N ASN H 160 -39.74 -69.62 2.46
N ASN H 160 -39.77 -69.62 2.45
CA ASN H 160 -41.01 -68.90 2.42
CA ASN H 160 -41.06 -68.95 2.39
C ASN H 160 -41.19 -68.12 1.12
C ASN H 160 -41.32 -68.25 1.06
N GLY H 161 -40.45 -68.51 0.09
CA GLY H 161 -40.53 -67.87 -1.23
C GLY H 161 -39.59 -66.70 -1.38
N GLY H 162 -38.70 -66.52 -0.41
CA GLY H 162 -37.75 -65.41 -0.44
C GLY H 162 -36.60 -65.63 -1.41
N PRO H 163 -35.73 -64.61 -1.56
CA PRO H 163 -34.56 -64.75 -2.41
C PRO H 163 -33.48 -65.59 -1.71
N ILE H 164 -32.44 -65.96 -2.45
CA ILE H 164 -31.29 -66.66 -1.88
C ILE H 164 -30.29 -65.64 -1.32
N THR H 165 -30.02 -65.70 -0.02
CA THR H 165 -29.09 -64.76 0.61
C THR H 165 -28.03 -65.51 1.41
N ILE H 166 -27.20 -64.78 2.14
CA ILE H 166 -26.09 -65.39 2.87
C ILE H 166 -26.58 -66.46 3.87
N GLU H 167 -27.63 -66.15 4.63
CA GLU H 167 -28.21 -67.12 5.57
C GLU H 167 -28.63 -68.42 4.88
N THR H 168 -29.16 -68.33 3.67
CA THR H 168 -29.50 -69.50 2.86
C THR H 168 -28.30 -70.43 2.62
N VAL H 169 -27.17 -69.86 2.21
N VAL H 169 -27.18 -69.85 2.19
CA VAL H 169 -25.98 -70.66 1.87
CA VAL H 169 -25.97 -70.62 1.88
C VAL H 169 -25.17 -71.13 3.08
C VAL H 169 -25.28 -71.19 3.12
N LEU H 170 -25.25 -70.39 4.19
CA LEU H 170 -24.57 -70.78 5.43
C LEU H 170 -25.37 -71.80 6.26
N GLY H 171 -26.69 -71.82 6.06
CA GLY H 171 -27.59 -72.64 6.89
C GLY H 171 -27.72 -72.13 8.31
N ARG H 172 -27.35 -70.87 8.52
N ARG H 172 -27.36 -70.87 8.52
CA ARG H 172 -27.37 -70.23 9.84
CA ARG H 172 -27.42 -70.22 9.84
C ARG H 172 -27.34 -68.71 9.66
C ARG H 172 -27.36 -68.71 9.66
N LYS H 173 -27.67 -67.98 10.72
CA LYS H 173 -27.70 -66.50 10.68
C LYS H 173 -26.34 -65.87 10.38
N MET H 174 -26.37 -64.73 9.69
CA MET H 174 -25.17 -63.94 9.45
C MET H 174 -24.54 -63.48 10.77
N THR H 175 -23.25 -63.19 10.72
CA THR H 175 -22.53 -62.64 11.87
C THR H 175 -21.79 -61.39 11.40
N PRO H 176 -21.20 -60.61 12.33
CA PRO H 176 -20.50 -59.39 11.91
C PRO H 176 -19.53 -59.57 10.72
N LYS H 177 -18.85 -60.72 10.63
CA LYS H 177 -17.90 -60.96 9.53
C LYS H 177 -18.51 -60.82 8.13
N ASN H 178 -19.83 -60.94 8.01
CA ASN H 178 -20.50 -60.79 6.72
C ASN H 178 -20.65 -59.33 6.24
N GLN H 179 -20.19 -58.40 7.06
CA GLN H 179 -20.03 -57.01 6.62
C GLN H 179 -18.68 -56.84 5.88
N GLY H 180 -17.80 -57.82 6.08
CA GLY H 180 -16.55 -57.93 5.30
C GLY H 180 -16.59 -59.16 4.41
N LEU H 181 -15.42 -59.62 3.97
CA LEU H 181 -15.34 -60.78 3.09
C LEU H 181 -15.24 -62.05 3.92
N ASP H 182 -16.30 -62.86 3.86
CA ASP H 182 -16.36 -64.17 4.48
C ASP H 182 -16.30 -65.21 3.36
N PRO H 183 -15.20 -66.00 3.30
CA PRO H 183 -15.00 -66.96 2.21
C PRO H 183 -16.08 -68.05 2.16
N GLN H 184 -16.80 -68.24 3.26
CA GLN H 184 -17.92 -69.19 3.28
C GLN H 184 -19.18 -68.65 2.60
N ALA H 185 -19.33 -67.32 2.54
CA ALA H 185 -20.49 -66.68 1.92
C ALA H 185 -20.37 -66.64 0.39
N LYS H 186 -20.52 -67.81 -0.22
CA LYS H 186 -20.36 -67.94 -1.67
C LYS H 186 -21.56 -68.62 -2.31
N ALA H 187 -21.80 -68.27 -3.57
CA ALA H 187 -22.92 -68.83 -4.32
C ALA H 187 -22.66 -68.80 -5.82
N LYS H 188 -23.57 -69.41 -6.57
CA LYS H 188 -23.53 -69.36 -8.03
C LYS H 188 -24.81 -68.73 -8.54
N LEU H 189 -24.67 -67.83 -9.51
CA LEU H 189 -25.80 -67.14 -10.08
C LEU H 189 -26.50 -68.04 -11.07
N ASP H 190 -27.43 -68.86 -10.54
CA ASP H 190 -28.08 -69.91 -11.31
C ASP H 190 -29.60 -69.75 -11.42
N LYS H 191 -30.12 -68.62 -10.97
CA LYS H 191 -31.55 -68.39 -10.95
C LYS H 191 -31.86 -66.91 -11.21
N ASP H 192 -32.65 -66.66 -12.25
CA ASP H 192 -33.05 -65.32 -12.61
C ASP H 192 -33.91 -64.69 -11.52
N GLY H 193 -33.57 -63.47 -11.13
CA GLY H 193 -34.36 -62.71 -10.17
C GLY H 193 -34.42 -63.21 -8.74
N ASN H 194 -33.42 -63.98 -8.31
CA ASN H 194 -33.42 -64.56 -6.95
C ASN H 194 -32.20 -64.26 -6.08
N TYR H 195 -31.17 -63.65 -6.67
CA TYR H 195 -29.97 -63.26 -5.95
C TYR H 195 -29.90 -61.73 -5.84
N PRO H 196 -30.14 -61.20 -4.63
CA PRO H 196 -30.21 -59.76 -4.47
C PRO H 196 -28.86 -59.08 -4.72
N ILE H 197 -28.91 -58.00 -5.50
CA ILE H 197 -27.74 -57.18 -5.78
C ILE H 197 -27.07 -56.64 -4.49
N GLU H 198 -27.86 -56.24 -3.50
CA GLU H 198 -27.29 -55.69 -2.26
C GLU H 198 -26.60 -56.74 -1.39
N VAL H 199 -26.74 -58.02 -1.74
CA VAL H 199 -26.17 -59.13 -0.98
C VAL H 199 -24.97 -59.74 -1.71
N TRP H 200 -25.09 -59.84 -3.04
CA TRP H 200 -24.13 -60.61 -3.84
C TRP H 200 -23.39 -59.76 -4.88
N CYS H 201 -22.07 -59.95 -4.95
CA CYS H 201 -21.25 -59.35 -5.98
C CYS H 201 -20.43 -60.46 -6.66
N PRO H 202 -19.90 -60.20 -7.87
CA PRO H 202 -19.03 -61.22 -8.51
C PRO H 202 -17.82 -61.55 -7.63
N ASP H 203 -17.44 -62.83 -7.59
CA ASP H 203 -16.33 -63.30 -6.78
C ASP H 203 -15.06 -63.28 -7.62
N PRO H 204 -14.16 -62.32 -7.34
CA PRO H 204 -12.94 -62.20 -8.16
C PRO H 204 -11.96 -63.34 -7.92
N SER H 205 -12.19 -64.14 -6.88
CA SER H 205 -11.32 -65.28 -6.57
C SER H 205 -11.66 -66.51 -7.41
N LYS H 206 -12.81 -66.49 -8.08
CA LYS H 206 -13.20 -67.57 -8.98
C LYS H 206 -13.45 -66.99 -10.39
N ASN H 207 -14.50 -67.44 -11.07
CA ASN H 207 -14.88 -66.86 -12.37
C ASN H 207 -13.78 -66.91 -13.45
N GLU H 208 -12.95 -67.95 -13.40
CA GLU H 208 -11.91 -68.16 -14.42
C GLU H 208 -12.52 -68.27 -15.82
N ASN H 209 -13.75 -68.79 -15.86
CA ASN H 209 -14.43 -69.12 -17.11
C ASN H 209 -15.61 -68.18 -17.41
N SER H 210 -15.55 -66.98 -16.83
CA SER H 210 -16.49 -65.90 -17.13
C SER H 210 -15.71 -64.60 -17.26
N ARG H 211 -16.35 -63.63 -17.90
CA ARG H 211 -15.84 -62.27 -17.93
C ARG H 211 -16.97 -61.39 -17.43
N TYR H 212 -16.68 -60.52 -16.48
CA TYR H 212 -17.68 -59.61 -15.95
C TYR H 212 -17.17 -58.19 -15.91
N TYR H 213 -18.11 -57.24 -16.04
CA TYR H 213 -17.78 -55.82 -16.11
C TYR H 213 -18.89 -55.09 -15.38
N GLY H 214 -18.55 -54.18 -14.47
CA GLY H 214 -19.56 -53.48 -13.69
C GLY H 214 -19.11 -52.19 -13.06
N SER H 215 -20.08 -51.43 -12.57
CA SER H 215 -19.84 -50.17 -11.88
C SER H 215 -21.02 -49.84 -10.99
N ILE H 216 -20.77 -48.99 -10.01
CA ILE H 216 -21.83 -48.42 -9.18
C ILE H 216 -21.69 -46.89 -9.19
N GLN H 217 -22.78 -46.22 -8.88
CA GLN H 217 -22.81 -44.79 -8.68
C GLN H 217 -23.82 -44.49 -7.58
N THR H 218 -23.37 -43.90 -6.47
CA THR H 218 -24.29 -43.57 -5.36
C THR H 218 -24.66 -42.07 -5.41
N GLY H 219 -25.22 -41.55 -4.32
CA GLY H 219 -25.87 -40.23 -4.34
C GLY H 219 -27.36 -40.38 -4.60
N SER H 220 -28.15 -39.38 -4.20
CA SER H 220 -29.61 -39.49 -4.26
C SER H 220 -30.24 -38.99 -5.56
N GLN H 221 -29.68 -37.93 -6.13
CA GLN H 221 -30.16 -37.36 -7.38
C GLN H 221 -29.06 -37.23 -8.43
N THR H 222 -28.02 -38.04 -8.29
CA THR H 222 -26.89 -38.05 -9.22
C THR H 222 -27.40 -38.30 -10.64
N PRO H 223 -26.95 -37.50 -11.62
CA PRO H 223 -27.39 -37.70 -12.99
C PRO H 223 -27.14 -39.13 -13.47
N THR H 224 -28.15 -39.70 -14.11
CA THR H 224 -28.03 -40.98 -14.78
C THR H 224 -27.46 -40.66 -16.16
N VAL H 225 -26.26 -41.19 -16.42
CA VAL H 225 -25.50 -40.88 -17.63
C VAL H 225 -25.19 -42.21 -18.32
N LEU H 226 -25.87 -42.46 -19.45
CA LEU H 226 -25.76 -43.73 -20.14
C LEU H 226 -25.50 -43.52 -21.62
N GLN H 227 -24.74 -44.44 -22.22
N GLN H 227 -24.77 -44.46 -22.21
CA GLN H 227 -24.50 -44.38 -23.66
CA GLN H 227 -24.43 -44.46 -23.63
C GLN H 227 -25.07 -45.62 -24.34
C GLN H 227 -25.15 -45.62 -24.33
N PHE H 228 -25.34 -45.49 -25.64
CA PHE H 228 -25.82 -46.60 -26.48
C PHE H 228 -25.31 -46.41 -27.90
N SER H 229 -24.78 -47.50 -28.46
CA SER H 229 -24.33 -47.51 -29.84
C SER H 229 -24.23 -48.94 -30.30
N ASN H 230 -24.62 -49.20 -31.54
CA ASN H 230 -24.46 -50.54 -32.10
C ASN H 230 -23.06 -50.79 -32.72
N THR H 231 -22.11 -49.89 -32.43
CA THR H 231 -20.77 -50.02 -32.99
C THR H 231 -19.76 -50.50 -31.95
N LEU H 232 -20.23 -50.74 -30.74
CA LEU H 232 -19.33 -51.08 -29.61
C LEU H 232 -19.30 -52.57 -29.33
N THR H 233 -18.10 -53.13 -29.34
CA THR H 233 -17.88 -54.55 -29.13
C THR H 233 -16.94 -54.78 -27.95
N THR H 234 -17.30 -55.71 -27.07
CA THR H 234 -16.39 -56.17 -26.02
C THR H 234 -15.73 -57.49 -26.42
N VAL H 235 -14.40 -57.51 -26.47
CA VAL H 235 -13.63 -58.71 -26.76
C VAL H 235 -13.54 -59.54 -25.47
N LEU H 236 -13.83 -60.84 -25.56
CA LEU H 236 -13.94 -61.68 -24.35
C LEU H 236 -12.73 -62.60 -24.13
N LEU H 237 -11.74 -62.48 -25.02
CA LEU H 237 -10.51 -63.27 -24.93
C LEU H 237 -9.65 -62.81 -23.77
N ASP H 238 -9.09 -63.77 -23.04
CA ASP H 238 -8.14 -63.45 -21.96
C ASP H 238 -6.77 -63.13 -22.55
N GLU H 239 -5.78 -62.98 -21.67
CA GLU H 239 -4.42 -62.63 -22.09
C GLU H 239 -3.76 -63.74 -22.93
N ASN H 240 -4.30 -64.95 -22.85
CA ASN H 240 -3.83 -66.07 -23.67
C ASN H 240 -4.61 -66.25 -24.98
N GLY H 241 -5.54 -65.33 -25.25
CA GLY H 241 -6.37 -65.38 -26.46
C GLY H 241 -7.49 -66.42 -26.40
N VAL H 242 -7.92 -66.76 -25.18
CA VAL H 242 -8.97 -67.76 -24.98
C VAL H 242 -10.19 -67.11 -24.32
N GLY H 243 -11.37 -67.32 -24.92
CA GLY H 243 -12.62 -66.85 -24.31
C GLY H 243 -13.27 -67.90 -23.41
N PRO H 244 -14.35 -67.53 -22.72
CA PRO H 244 -15.13 -68.50 -21.94
C PRO H 244 -15.51 -69.73 -22.78
N LEU H 245 -15.35 -70.90 -22.20
CA LEU H 245 -15.66 -72.15 -22.87
C LEU H 245 -16.91 -72.76 -22.27
N CYS H 246 -17.87 -73.06 -23.13
CA CYS H 246 -19.23 -73.38 -22.69
C CYS H 246 -19.39 -74.86 -22.31
N LYS H 247 -19.30 -75.11 -21.01
CA LYS H 247 -19.46 -76.46 -20.46
C LYS H 247 -20.90 -76.94 -20.61
N GLY H 248 -21.06 -78.15 -21.14
CA GLY H 248 -22.38 -78.73 -21.37
C GLY H 248 -23.19 -77.97 -22.40
N ASP H 249 -22.49 -77.31 -23.32
CA ASP H 249 -23.11 -76.52 -24.40
C ASP H 249 -24.08 -75.44 -23.91
N GLY H 250 -23.75 -74.85 -22.77
CA GLY H 250 -24.53 -73.78 -22.17
C GLY H 250 -23.73 -72.49 -22.06
N LEU H 251 -24.35 -71.40 -22.50
CA LEU H 251 -23.76 -70.07 -22.40
C LEU H 251 -24.51 -69.30 -21.33
N PHE H 252 -23.79 -68.79 -20.34
CA PHE H 252 -24.44 -68.07 -19.24
C PHE H 252 -24.28 -66.57 -19.39
N ILE H 253 -25.41 -65.88 -19.35
CA ILE H 253 -25.46 -64.43 -19.53
C ILE H 253 -26.16 -63.82 -18.31
N SER H 254 -25.52 -62.83 -17.70
CA SER H 254 -25.99 -62.24 -16.43
C SER H 254 -25.85 -60.73 -16.48
N CYS H 255 -26.76 -60.04 -15.80
CA CYS H 255 -26.66 -58.58 -15.75
C CYS H 255 -27.54 -57.95 -14.68
N ALA H 256 -27.31 -56.66 -14.47
CA ALA H 256 -28.14 -55.82 -13.61
C ALA H 256 -28.00 -54.40 -14.13
N ASP H 257 -29.11 -53.68 -14.25
CA ASP H 257 -29.06 -52.28 -14.67
C ASP H 257 -30.06 -51.40 -13.91
N ILE H 258 -29.65 -50.99 -12.71
CA ILE H 258 -30.40 -50.01 -11.91
C ILE H 258 -30.10 -48.61 -12.45
N VAL H 259 -31.14 -47.87 -12.83
CA VAL H 259 -30.96 -46.58 -13.52
C VAL H 259 -31.37 -45.35 -12.69
N GLY H 260 -31.81 -45.58 -11.45
CA GLY H 260 -32.10 -44.47 -10.56
C GLY H 260 -33.47 -44.60 -9.91
N PHE H 261 -33.88 -43.53 -9.21
CA PHE H 261 -35.11 -43.52 -8.45
C PHE H 261 -36.23 -42.86 -9.24
N LEU H 262 -37.43 -43.43 -9.10
CA LEU H 262 -38.64 -42.70 -9.41
C LEU H 262 -39.07 -41.96 -8.16
N PHE H 263 -39.08 -40.64 -8.23
CA PHE H 263 -39.44 -39.77 -7.11
C PHE H 263 -40.93 -39.46 -7.15
N LYS H 264 -41.66 -39.93 -6.15
CA LYS H 264 -43.11 -39.77 -6.09
C LYS H 264 -43.51 -38.53 -5.28
N THR H 265 -44.68 -37.97 -5.60
CA THR H 265 -45.15 -36.72 -5.01
C THR H 265 -45.04 -36.70 -3.48
N SER H 266 -45.39 -37.81 -2.84
CA SER H 266 -45.40 -37.91 -1.37
C SER H 266 -44.02 -37.86 -0.72
N GLY H 267 -42.97 -38.04 -1.52
CA GLY H 267 -41.62 -38.17 -1.00
C GLY H 267 -41.11 -39.59 -1.12
N LYS H 268 -42.02 -40.54 -1.32
CA LYS H 268 -41.65 -41.94 -1.53
C LYS H 268 -40.79 -42.11 -2.79
N MET H 269 -39.88 -43.08 -2.75
CA MET H 269 -38.92 -43.31 -3.83
C MET H 269 -38.77 -44.80 -4.09
N ALA H 270 -38.79 -45.17 -5.37
CA ALA H 270 -38.58 -46.54 -5.80
C ALA H 270 -37.47 -46.59 -6.82
N LEU H 271 -36.63 -47.63 -6.76
CA LEU H 271 -35.58 -47.83 -7.76
C LEU H 271 -36.18 -48.40 -9.03
N HIS H 272 -35.58 -48.08 -10.18
CA HIS H 272 -36.06 -48.50 -11.50
C HIS H 272 -34.91 -49.18 -12.26
N GLY H 273 -35.25 -50.14 -13.11
CA GLY H 273 -34.26 -50.85 -13.93
C GLY H 273 -34.64 -50.87 -15.41
N LEU H 274 -33.67 -51.10 -16.27
CA LEU H 274 -33.91 -51.21 -17.71
C LEU H 274 -33.42 -52.59 -18.22
N PRO H 275 -33.99 -53.07 -19.34
CA PRO H 275 -33.53 -54.34 -19.92
C PRO H 275 -32.19 -54.18 -20.64
N ARG H 276 -31.56 -55.31 -20.95
CA ARG H 276 -30.28 -55.32 -21.63
C ARG H 276 -30.31 -56.38 -22.72
N TYR H 277 -29.75 -56.02 -23.88
CA TYR H 277 -29.68 -56.89 -25.04
C TYR H 277 -28.24 -57.39 -25.17
N PHE H 278 -28.09 -58.60 -25.72
CA PHE H 278 -26.79 -59.20 -25.97
C PHE H 278 -26.77 -59.85 -27.34
N ASN H 279 -25.67 -59.66 -28.06
CA ASN H 279 -25.36 -60.44 -29.24
C ASN H 279 -23.95 -61.00 -29.07
N VAL H 280 -23.85 -62.31 -28.80
CA VAL H 280 -22.59 -62.96 -28.51
C VAL H 280 -22.10 -63.74 -29.72
N THR H 281 -20.84 -63.53 -30.09
CA THR H 281 -20.19 -64.32 -31.12
C THR H 281 -19.39 -65.44 -30.49
N LEU H 282 -19.60 -66.66 -31.00
CA LEU H 282 -18.89 -67.83 -30.48
C LEU H 282 -18.21 -68.57 -31.62
N ARG H 283 -17.10 -69.25 -31.30
CA ARG H 283 -16.41 -70.11 -32.26
C ARG H 283 -16.16 -71.48 -31.66
N LYS H 284 -15.98 -72.49 -32.51
CA LYS H 284 -15.66 -73.83 -32.06
C LYS H 284 -14.17 -73.94 -31.71
N ARG H 285 -13.89 -74.58 -30.58
CA ARG H 285 -12.53 -74.74 -30.08
C ARG H 285 -12.29 -76.18 -29.64
N TRP H 286 -11.18 -76.77 -30.10
CA TRP H 286 -10.74 -78.07 -29.62
C TRP H 286 -10.21 -77.99 -28.20
N VAL H 287 -10.66 -78.91 -27.35
CA VAL H 287 -10.18 -78.99 -25.97
C VAL H 287 -9.86 -80.45 -25.61
N LYS H 288 -8.91 -80.66 -24.70
CA LYS H 288 -8.59 -82.02 -24.26
C LYS H 288 -9.25 -82.36 -22.93
N VAL I 9 -27.50 -60.57 -50.06
CA VAL I 9 -26.78 -59.27 -50.16
C VAL I 9 -25.28 -59.46 -49.91
N GLU I 10 -24.60 -60.05 -50.88
CA GLU I 10 -23.16 -60.32 -50.80
C GLU I 10 -22.34 -59.10 -51.25
N VAL I 11 -21.48 -58.61 -50.36
CA VAL I 11 -20.70 -57.40 -50.59
C VAL I 11 -19.41 -57.72 -51.36
N LEU I 12 -19.25 -57.12 -52.53
CA LEU I 12 -18.05 -57.33 -53.34
C LEU I 12 -17.07 -56.18 -53.15
N SER I 13 -16.35 -55.81 -54.21
CA SER I 13 -15.26 -54.84 -54.12
C SER I 13 -15.72 -53.39 -54.27
N VAL I 14 -14.95 -52.47 -53.69
CA VAL I 14 -15.11 -51.03 -53.88
C VAL I 14 -14.90 -50.68 -55.36
N VAL I 15 -15.83 -49.92 -55.93
CA VAL I 15 -15.74 -49.49 -57.33
C VAL I 15 -14.61 -48.47 -57.51
N THR I 16 -13.73 -48.72 -58.47
CA THR I 16 -12.65 -47.80 -58.79
C THR I 16 -13.05 -46.84 -59.92
N GLY I 17 -12.48 -45.63 -59.90
CA GLY I 17 -12.76 -44.64 -60.95
C GLY I 17 -12.96 -43.23 -60.47
N GLU I 18 -13.10 -42.30 -61.43
CA GLU I 18 -13.14 -40.86 -61.16
C GLU I 18 -14.30 -40.41 -60.26
N ASP I 19 -15.51 -40.88 -60.56
CA ASP I 19 -16.70 -40.38 -59.87
C ASP I 19 -17.23 -41.32 -58.77
N SER I 20 -16.33 -42.07 -58.15
CA SER I 20 -16.73 -43.14 -57.21
C SER I 20 -17.07 -42.66 -55.79
N ILE I 21 -16.65 -41.44 -55.45
CA ILE I 21 -16.92 -40.87 -54.12
C ILE I 21 -17.82 -39.64 -54.22
N THR I 22 -18.83 -39.57 -53.36
CA THR I 22 -19.68 -38.37 -53.28
C THR I 22 -19.92 -37.87 -51.85
N GLN I 23 -20.28 -36.58 -51.72
N GLN I 23 -20.34 -36.61 -51.75
CA GLN I 23 -20.59 -36.00 -50.41
CA GLN I 23 -20.60 -35.93 -50.49
C GLN I 23 -22.03 -35.52 -50.35
C GLN I 23 -22.08 -35.56 -50.40
N ILE I 24 -22.69 -35.81 -49.24
CA ILE I 24 -24.06 -35.42 -48.97
C ILE I 24 -24.06 -34.54 -47.72
N GLU I 25 -24.62 -33.33 -47.83
CA GLU I 25 -24.75 -32.49 -46.65
C GLU I 25 -26.18 -32.10 -46.37
N LEU I 26 -26.51 -31.97 -45.09
CA LEU I 26 -27.84 -31.57 -44.67
C LEU I 26 -27.87 -31.17 -43.21
N TYR I 27 -28.94 -30.51 -42.82
CA TYR I 27 -29.18 -30.22 -41.41
C TYR I 27 -30.59 -30.65 -41.09
N LEU I 28 -30.83 -30.99 -39.83
CA LEU I 28 -32.16 -31.35 -39.37
C LEU I 28 -32.50 -30.48 -38.18
N ASN I 29 -33.60 -29.73 -38.31
CA ASN I 29 -34.10 -28.90 -37.22
C ASN I 29 -34.83 -29.76 -36.19
N PRO I 30 -34.79 -29.34 -34.91
CA PRO I 30 -35.33 -30.21 -33.86
C PRO I 30 -36.86 -30.24 -33.87
N ARG I 31 -37.40 -31.35 -33.38
CA ARG I 31 -38.84 -31.53 -33.34
C ARG I 31 -39.23 -31.81 -31.88
N MET I 32 -39.28 -30.74 -31.09
CA MET I 32 -39.46 -30.86 -29.65
C MET I 32 -40.92 -30.91 -29.19
N GLY I 33 -41.84 -30.58 -30.10
CA GLY I 33 -43.27 -30.56 -29.77
C GLY I 33 -44.00 -29.46 -30.51
N VAL I 34 -43.38 -28.27 -30.53
CA VAL I 34 -43.77 -27.22 -31.45
C VAL I 34 -42.79 -27.37 -32.61
N ASN I 35 -43.26 -28.02 -33.67
CA ASN I 35 -42.37 -28.54 -34.70
C ASN I 35 -42.24 -27.69 -35.95
N SER I 36 -43.08 -26.67 -36.08
CA SER I 36 -43.05 -25.78 -37.24
C SER I 36 -42.85 -24.33 -36.83
N PRO I 37 -42.01 -23.59 -37.58
CA PRO I 37 -41.82 -22.17 -37.31
C PRO I 37 -42.82 -21.30 -38.07
N ASP I 38 -43.71 -21.93 -38.84
CA ASP I 38 -44.58 -21.24 -39.79
C ASP I 38 -46.04 -21.11 -39.39
N LEU I 39 -46.37 -21.54 -38.17
CA LEU I 39 -47.76 -21.51 -37.69
C LEU I 39 -48.12 -20.16 -37.07
N PRO I 40 -49.29 -19.59 -37.46
CA PRO I 40 -49.81 -18.29 -37.03
C PRO I 40 -49.28 -17.75 -35.68
N THR I 41 -49.65 -18.40 -34.57
CA THR I 41 -49.28 -17.89 -33.23
C THR I 41 -48.36 -18.82 -32.42
N THR I 42 -48.60 -20.13 -32.52
CA THR I 42 -47.91 -21.12 -31.67
C THR I 42 -46.40 -21.24 -31.92
N SER I 43 -45.96 -20.74 -33.08
CA SER I 43 -44.58 -20.93 -33.54
C SER I 43 -43.49 -20.21 -32.73
N ASN I 44 -43.89 -19.32 -31.83
CA ASN I 44 -42.91 -18.67 -30.96
CA ASN I 44 -42.94 -18.67 -30.92
C ASN I 44 -42.16 -19.68 -30.09
N TRP I 45 -42.78 -20.83 -29.84
CA TRP I 45 -42.16 -21.90 -29.05
C TRP I 45 -41.48 -22.99 -29.89
N TYR I 46 -41.32 -22.72 -31.19
CA TYR I 46 -40.52 -23.59 -32.07
C TYR I 46 -39.17 -23.90 -31.44
N THR I 47 -38.83 -25.20 -31.41
CA THR I 47 -37.62 -25.81 -30.79
C THR I 47 -37.75 -26.02 -29.28
N TYR I 48 -38.97 -25.89 -28.76
CA TYR I 48 -39.28 -26.13 -27.34
C TYR I 48 -40.51 -27.01 -27.22
N THR I 49 -40.66 -27.63 -26.05
CA THR I 49 -41.94 -28.22 -25.66
C THR I 49 -42.79 -27.12 -25.02
N TYR I 50 -44.03 -27.46 -24.69
CA TYR I 50 -44.84 -26.64 -23.78
C TYR I 50 -44.37 -26.95 -22.36
N ASP I 51 -45.11 -26.47 -21.36
CA ASP I 51 -44.69 -26.66 -19.98
C ASP I 51 -44.92 -28.10 -19.51
N LEU I 52 -43.85 -28.70 -19.02
CA LEU I 52 -43.87 -30.10 -18.58
C LEU I 52 -44.23 -30.17 -17.10
N GLN I 53 -45.31 -30.89 -16.79
CA GLN I 53 -45.79 -31.00 -15.41
C GLN I 53 -46.37 -32.38 -15.14
N PRO I 54 -46.09 -32.94 -13.95
CA PRO I 54 -46.88 -34.08 -13.49
C PRO I 54 -48.33 -33.66 -13.29
N LYS I 55 -49.26 -34.46 -13.80
CA LYS I 55 -50.69 -34.17 -13.71
C LYS I 55 -51.20 -34.14 -12.25
N GLY I 56 -50.66 -34.99 -11.39
CA GLY I 56 -51.07 -35.06 -9.99
C GLY I 56 -52.18 -36.07 -9.73
N SER I 57 -52.84 -36.52 -10.79
CA SER I 57 -53.81 -37.61 -10.72
C SER I 57 -53.68 -38.51 -11.96
N SER I 58 -54.13 -39.75 -11.82
N SER I 58 -54.11 -39.76 -11.83
CA SER I 58 -54.05 -40.76 -12.88
CA SER I 58 -54.01 -40.74 -12.91
C SER I 58 -55.23 -40.62 -13.87
C SER I 58 -55.20 -40.62 -13.87
N PRO I 59 -54.98 -40.89 -15.17
CA PRO I 59 -53.69 -41.20 -15.79
C PRO I 59 -53.08 -39.99 -16.49
N ASP I 60 -51.79 -40.06 -16.78
CA ASP I 60 -51.14 -39.04 -17.59
C ASP I 60 -51.73 -39.04 -19.00
N GLN I 61 -52.10 -37.86 -19.49
CA GLN I 61 -52.63 -37.69 -20.84
C GLN I 61 -51.81 -36.59 -21.56
N PRO I 62 -50.54 -36.90 -21.88
CA PRO I 62 -49.66 -35.86 -22.44
C PRO I 62 -50.14 -35.32 -23.78
N ILE I 63 -49.90 -34.03 -24.01
CA ILE I 63 -50.22 -33.40 -25.29
C ILE I 63 -49.04 -33.58 -26.24
N LYS I 64 -49.30 -33.46 -27.54
CA LYS I 64 -48.26 -33.69 -28.54
C LYS I 64 -47.12 -32.66 -28.43
N GLU I 65 -47.43 -31.47 -27.94
CA GLU I 65 -46.41 -30.41 -27.75
C GLU I 65 -45.44 -30.72 -26.62
N ASN I 66 -45.75 -31.73 -25.80
CA ASN I 66 -44.84 -32.15 -24.72
C ASN I 66 -44.10 -33.46 -25.02
N LEU I 67 -44.06 -33.83 -26.30
CA LEU I 67 -43.44 -35.09 -26.72
C LEU I 67 -42.37 -34.84 -27.79
N PRO I 68 -41.14 -34.49 -27.36
CA PRO I 68 -40.03 -34.37 -28.32
C PRO I 68 -39.88 -35.68 -29.12
N ALA I 69 -39.64 -35.54 -30.42
CA ALA I 69 -39.60 -36.67 -31.32
C ALA I 69 -38.28 -36.65 -32.10
N TYR I 70 -37.94 -37.79 -32.70
CA TYR I 70 -36.74 -37.89 -33.53
C TYR I 70 -36.91 -37.09 -34.82
N SER I 71 -35.81 -36.51 -35.27
CA SER I 71 -35.74 -35.92 -36.59
C SER I 71 -35.25 -36.99 -37.54
N VAL I 72 -35.73 -36.98 -38.78
CA VAL I 72 -35.26 -37.92 -39.80
C VAL I 72 -35.45 -37.34 -41.20
N ALA I 73 -34.48 -37.61 -42.08
CA ALA I 73 -34.62 -37.35 -43.51
C ALA I 73 -34.12 -38.55 -44.31
N ARG I 74 -34.78 -38.79 -45.45
CA ARG I 74 -34.21 -39.65 -46.47
C ARG I 74 -33.65 -38.73 -47.54
N VAL I 75 -32.36 -38.89 -47.85
CA VAL I 75 -31.72 -38.13 -48.91
C VAL I 75 -31.56 -39.01 -50.15
N SER I 76 -32.13 -38.57 -51.27
CA SER I 76 -31.98 -39.29 -52.53
C SER I 76 -30.57 -39.13 -53.07
N LEU I 77 -29.99 -40.24 -53.54
CA LEU I 77 -28.62 -40.25 -54.01
C LEU I 77 -28.59 -40.41 -55.53
N PRO I 78 -27.49 -40.01 -56.19
CA PRO I 78 -27.37 -40.22 -57.63
C PRO I 78 -27.61 -41.68 -58.01
N MET I 79 -28.42 -41.88 -59.05
CA MET I 79 -28.79 -43.22 -59.52
C MET I 79 -27.56 -43.93 -60.11
N LEU I 80 -27.42 -45.21 -59.78
CA LEU I 80 -26.21 -45.96 -60.15
C LEU I 80 -26.43 -47.04 -61.19
N ASN I 81 -27.65 -47.57 -61.27
CA ASN I 81 -27.94 -48.72 -62.12
C ASN I 81 -29.05 -48.45 -63.14
N THR I 88 -26.20 -58.44 -59.20
CA THR I 88 -24.89 -57.77 -59.22
C THR I 88 -25.04 -56.31 -59.68
N LEU I 89 -24.89 -55.39 -58.73
CA LEU I 89 -25.11 -53.96 -58.99
C LEU I 89 -24.31 -53.08 -58.04
N GLN I 90 -24.33 -51.78 -58.30
CA GLN I 90 -23.63 -50.80 -57.45
C GLN I 90 -24.56 -50.16 -56.42
N MET I 91 -24.08 -50.01 -55.20
CA MET I 91 -24.79 -49.28 -54.16
C MET I 91 -23.87 -48.24 -53.57
N TRP I 92 -24.45 -47.14 -53.11
CA TRP I 92 -23.72 -46.15 -52.33
C TRP I 92 -23.46 -46.69 -50.93
N GLU I 93 -22.21 -46.57 -50.49
CA GLU I 93 -21.80 -47.04 -49.19
C GLU I 93 -21.34 -45.86 -48.34
N ALA I 94 -22.02 -45.64 -47.22
CA ALA I 94 -21.66 -44.55 -46.30
C ALA I 94 -20.44 -44.93 -45.48
N ILE I 95 -19.34 -44.21 -45.66
CA ILE I 95 -18.08 -44.59 -45.01
C ILE I 95 -17.65 -43.70 -43.85
N SER I 96 -18.09 -42.44 -43.86
CA SER I 96 -17.77 -41.52 -42.79
C SER I 96 -18.75 -40.36 -42.71
N VAL I 97 -18.82 -39.74 -41.54
CA VAL I 97 -19.67 -38.56 -41.35
C VAL I 97 -19.00 -37.54 -40.43
N LYS I 98 -19.14 -36.27 -40.80
CA LYS I 98 -18.90 -35.16 -39.89
C LYS I 98 -20.25 -34.63 -39.44
N THR I 99 -20.50 -34.66 -38.15
CA THR I 99 -21.78 -34.17 -37.64
C THR I 99 -21.53 -33.19 -36.49
N GLU I 100 -22.42 -32.21 -36.38
CA GLU I 100 -22.24 -31.16 -35.38
C GLU I 100 -23.60 -30.65 -34.92
N VAL I 101 -23.74 -30.47 -33.61
CA VAL I 101 -24.89 -29.78 -33.05
C VAL I 101 -24.70 -28.28 -33.28
N VAL I 102 -25.67 -27.64 -33.92
CA VAL I 102 -25.56 -26.25 -34.31
C VAL I 102 -26.22 -25.35 -33.27
N GLY I 103 -25.64 -24.17 -33.06
CA GLY I 103 -26.24 -23.17 -32.19
C GLY I 103 -25.97 -23.37 -30.72
N ILE I 104 -24.92 -24.14 -30.42
CA ILE I 104 -24.51 -24.39 -29.03
C ILE I 104 -24.25 -23.07 -28.27
N SER I 105 -23.64 -22.10 -28.95
CA SER I 105 -23.31 -20.82 -28.32
C SER I 105 -24.53 -20.01 -27.86
N SER I 106 -25.69 -20.27 -28.46
CA SER I 106 -26.93 -19.60 -28.08
C SER I 106 -27.30 -19.85 -26.62
N LEU I 107 -26.75 -20.92 -26.04
CA LEU I 107 -27.07 -21.32 -24.67
C LEU I 107 -26.34 -20.55 -23.56
N ILE I 108 -25.46 -19.62 -23.92
CA ILE I 108 -24.83 -18.74 -22.91
C ILE I 108 -25.78 -17.62 -22.49
N ASN I 109 -26.92 -17.51 -23.17
CA ASN I 109 -27.94 -16.51 -22.86
C ASN I 109 -28.58 -16.80 -21.51
N VAL I 110 -28.30 -15.95 -20.53
CA VAL I 110 -28.88 -16.08 -19.18
C VAL I 110 -29.71 -14.84 -18.81
N HIS I 111 -30.24 -14.18 -19.85
CA HIS I 111 -31.06 -12.99 -19.67
C HIS I 111 -32.36 -13.05 -20.49
N TYR I 112 -32.80 -14.27 -20.84
CA TYR I 112 -34.14 -14.45 -21.42
C TYR I 112 -35.16 -13.74 -20.52
N TRP I 113 -36.07 -12.97 -21.10
CA TRP I 113 -36.92 -12.06 -20.31
C TRP I 113 -37.72 -12.77 -19.22
N ASP I 114 -38.11 -14.02 -19.48
CA ASP I 114 -38.94 -14.75 -18.54
C ASP I 114 -38.18 -15.89 -17.85
N MET I 115 -36.85 -15.74 -17.77
CA MET I 115 -36.00 -16.77 -17.15
C MET I 115 -36.05 -16.68 -15.63
N LYS I 116 -36.26 -17.83 -14.98
CA LYS I 116 -36.15 -17.91 -13.51
C LYS I 116 -34.73 -17.53 -13.10
N ARG I 117 -34.61 -16.63 -12.13
CA ARG I 117 -33.30 -16.18 -11.67
C ARG I 117 -32.75 -17.20 -10.67
N VAL I 118 -31.44 -17.41 -10.68
N VAL I 118 -31.43 -17.40 -10.67
CA VAL I 118 -30.80 -18.38 -9.79
CA VAL I 118 -30.84 -18.41 -9.78
C VAL I 118 -31.04 -18.03 -8.32
C VAL I 118 -30.94 -18.03 -8.30
N HIS I 119 -31.09 -16.73 -8.04
CA HIS I 119 -31.39 -16.18 -6.71
C HIS I 119 -31.82 -14.71 -6.91
N ASP I 120 -32.25 -14.04 -5.84
CA ASP I 120 -32.76 -12.67 -5.96
C ASP I 120 -31.75 -11.75 -6.66
N TYR I 121 -32.22 -11.09 -7.72
CA TYR I 121 -31.43 -10.13 -8.51
C TYR I 121 -30.34 -10.76 -9.38
N GLY I 122 -30.25 -12.08 -9.40
CA GLY I 122 -29.24 -12.78 -10.17
C GLY I 122 -29.58 -13.02 -11.63
N ALA I 123 -28.65 -13.67 -12.33
CA ALA I 123 -28.86 -14.07 -13.72
C ALA I 123 -29.87 -15.20 -13.81
N GLY I 124 -30.37 -15.46 -15.01
CA GLY I 124 -31.27 -16.60 -15.24
C GLY I 124 -30.54 -17.93 -15.06
N ILE I 125 -31.27 -18.94 -14.60
CA ILE I 125 -30.78 -20.33 -14.64
C ILE I 125 -30.63 -20.70 -16.12
N PRO I 126 -29.40 -21.03 -16.55
CA PRO I 126 -29.20 -21.34 -17.96
C PRO I 126 -29.86 -22.66 -18.36
N VAL I 127 -30.07 -22.82 -19.66
CA VAL I 127 -30.57 -24.07 -20.21
C VAL I 127 -29.65 -25.21 -19.71
N SER I 128 -30.25 -26.16 -19.00
N SER I 128 -30.25 -26.13 -18.95
CA SER I 128 -29.52 -27.19 -18.27
CA SER I 128 -29.52 -27.19 -18.24
C SER I 128 -30.50 -28.28 -17.84
C SER I 128 -30.48 -28.31 -17.91
N GLY I 129 -29.97 -29.41 -17.35
CA GLY I 129 -30.80 -30.53 -16.92
C GLY I 129 -30.77 -31.69 -17.91
N VAL I 130 -31.94 -32.15 -18.32
CA VAL I 130 -32.06 -33.38 -19.12
C VAL I 130 -31.50 -33.16 -20.52
N ASN I 131 -30.51 -33.99 -20.87
CA ASN I 131 -29.96 -34.02 -22.23
C ASN I 131 -30.17 -35.39 -22.84
N TYR I 132 -30.44 -35.42 -24.14
CA TYR I 132 -30.52 -36.66 -24.89
C TYR I 132 -29.97 -36.37 -26.27
N HIS I 133 -28.91 -37.08 -26.62
CA HIS I 133 -28.22 -36.84 -27.89
C HIS I 133 -27.99 -38.12 -28.66
N MET I 134 -28.44 -38.15 -29.90
CA MET I 134 -28.23 -39.33 -30.72
C MET I 134 -28.26 -38.97 -32.18
N PHE I 135 -27.49 -39.68 -32.99
CA PHE I 135 -27.61 -39.60 -34.44
C PHE I 135 -27.36 -40.98 -35.02
N ALA I 136 -27.89 -41.18 -36.22
CA ALA I 136 -27.80 -42.45 -36.93
C ALA I 136 -27.68 -42.17 -38.42
N ILE I 137 -26.87 -42.98 -39.08
CA ILE I 137 -26.73 -42.97 -40.53
C ILE I 137 -27.00 -44.39 -40.99
N GLY I 138 -27.93 -44.57 -41.94
CA GLY I 138 -28.24 -45.90 -42.45
C GLY I 138 -28.65 -45.95 -43.91
N GLY I 139 -28.69 -47.16 -44.45
CA GLY I 139 -29.13 -47.37 -45.83
C GLY I 139 -30.59 -47.75 -45.90
N GLU I 140 -31.29 -47.54 -44.79
CA GLU I 140 -32.72 -47.84 -44.65
C GLU I 140 -33.17 -47.20 -43.32
N PRO I 141 -34.49 -47.13 -43.06
CA PRO I 141 -34.95 -46.51 -41.81
C PRO I 141 -34.35 -47.19 -40.57
N LEU I 142 -34.13 -46.39 -39.53
CA LEU I 142 -33.67 -46.89 -38.26
C LEU I 142 -34.76 -47.76 -37.63
N ASP I 143 -34.36 -48.92 -37.11
CA ASP I 143 -35.28 -49.81 -36.41
C ASP I 143 -35.43 -49.36 -34.97
N LEU I 144 -36.68 -49.27 -34.52
CA LEU I 144 -36.99 -48.78 -33.18
C LEU I 144 -37.62 -49.84 -32.29
N GLN I 145 -37.30 -49.76 -31.01
CA GLN I 145 -37.89 -50.59 -29.97
C GLN I 145 -38.68 -49.68 -29.02
N GLY I 146 -39.87 -50.12 -28.67
CA GLY I 146 -40.72 -49.35 -27.76
C GLY I 146 -40.53 -49.76 -26.32
N LEU I 147 -40.46 -48.76 -25.44
CA LEU I 147 -40.38 -48.98 -24.00
C LEU I 147 -40.71 -47.69 -23.30
N VAL I 148 -41.64 -47.73 -22.35
CA VAL I 148 -42.09 -46.51 -21.67
C VAL I 148 -41.90 -46.57 -20.16
N LEU I 149 -41.75 -45.40 -19.54
CA LEU I 149 -41.71 -45.28 -18.09
C LEU I 149 -43.00 -45.81 -17.45
N ASP I 150 -44.14 -45.51 -18.07
CA ASP I 150 -45.44 -45.87 -17.49
C ASP I 150 -46.40 -46.36 -18.59
N TYR I 151 -46.76 -47.64 -18.50
CA TYR I 151 -47.63 -48.27 -19.51
C TYR I 151 -49.05 -47.70 -19.46
N GLN I 152 -49.41 -47.10 -18.33
CA GLN I 152 -50.73 -46.49 -18.18
C GLN I 152 -50.87 -45.11 -18.84
N THR I 153 -49.75 -44.53 -19.26
CA THR I 153 -49.76 -43.25 -19.97
C THR I 153 -50.69 -43.32 -21.19
N GLN I 154 -51.53 -42.29 -21.35
CA GLN I 154 -52.45 -42.23 -22.48
C GLN I 154 -51.98 -41.20 -23.51
N TYR I 155 -51.21 -41.67 -24.47
CA TYR I 155 -50.64 -40.81 -25.52
C TYR I 155 -51.73 -40.41 -26.53
N PRO I 156 -51.56 -39.25 -27.20
CA PRO I 156 -52.57 -38.82 -28.18
C PRO I 156 -52.62 -39.77 -29.37
N LYS I 157 -53.82 -39.98 -29.92
CA LYS I 157 -54.00 -40.85 -31.08
C LYS I 157 -53.41 -40.27 -32.37
N THR I 158 -53.26 -41.12 -33.38
CA THR I 158 -52.79 -40.71 -34.71
C THR I 158 -53.96 -40.35 -35.61
N GLY I 162 -50.45 -36.15 -35.02
CA GLY I 162 -50.56 -37.17 -33.98
C GLY I 162 -49.37 -38.12 -34.00
N PRO I 163 -48.74 -38.33 -32.83
CA PRO I 163 -47.55 -39.19 -32.73
C PRO I 163 -47.85 -40.68 -32.85
N ILE I 164 -46.85 -41.42 -33.31
CA ILE I 164 -46.92 -42.87 -33.40
C ILE I 164 -46.29 -43.46 -32.13
N THR I 165 -47.09 -44.19 -31.37
CA THR I 165 -46.63 -44.78 -30.12
C THR I 165 -46.89 -46.28 -30.12
N ILE I 166 -46.65 -46.94 -29.00
CA ILE I 166 -46.79 -48.40 -28.93
C ILE I 166 -48.22 -48.86 -29.23
N GLU I 167 -49.22 -48.16 -28.67
CA GLU I 167 -50.62 -48.48 -28.94
C GLU I 167 -50.94 -48.42 -30.45
N THR I 168 -50.36 -47.43 -31.13
CA THR I 168 -50.48 -47.31 -32.58
C THR I 168 -50.04 -48.57 -33.33
N VAL I 169 -48.88 -49.12 -32.97
N VAL I 169 -48.88 -49.11 -32.96
CA VAL I 169 -48.33 -50.28 -33.68
CA VAL I 169 -48.31 -50.27 -33.64
C VAL I 169 -48.99 -51.62 -33.29
C VAL I 169 -49.03 -51.58 -33.30
N LEU I 170 -49.37 -51.75 -32.02
CA LEU I 170 -49.97 -53.00 -31.53
C LEU I 170 -51.45 -53.13 -31.91
N GLY I 171 -52.12 -52.00 -32.14
CA GLY I 171 -53.55 -51.98 -32.40
C GLY I 171 -54.37 -52.24 -31.14
N ARG I 172 -53.71 -52.12 -29.98
CA ARG I 172 -54.35 -52.34 -28.68
C ARG I 172 -53.59 -51.57 -27.59
N LYS I 173 -54.18 -51.52 -26.39
CA LYS I 173 -53.58 -50.83 -25.25
C LYS I 173 -52.30 -51.51 -24.80
N MET I 174 -51.36 -50.71 -24.29
CA MET I 174 -50.16 -51.22 -23.64
C MET I 174 -50.51 -52.04 -22.40
N THR I 175 -49.62 -52.95 -22.04
CA THR I 175 -49.76 -53.72 -20.81
C THR I 175 -48.48 -53.49 -20.00
N PRO I 176 -48.44 -53.95 -18.72
CA PRO I 176 -47.23 -53.78 -17.92
C PRO I 176 -45.92 -54.19 -18.60
N LYS I 177 -45.95 -55.17 -19.51
CA LYS I 177 -44.71 -55.61 -20.14
C LYS I 177 -44.06 -54.55 -21.03
N ASN I 178 -44.81 -53.51 -21.38
CA ASN I 178 -44.25 -52.39 -22.15
C ASN I 178 -43.40 -51.43 -21.32
N GLN I 179 -43.32 -51.71 -20.02
CA GLN I 179 -42.34 -51.04 -19.16
C GLN I 179 -40.97 -51.72 -19.28
N GLY I 180 -40.98 -52.93 -19.84
CA GLY I 180 -39.75 -53.64 -20.20
C GLY I 180 -39.66 -53.82 -21.71
N LEU I 181 -38.88 -54.80 -22.14
CA LEU I 181 -38.72 -55.08 -23.57
C LEU I 181 -39.76 -56.09 -24.03
N ASP I 182 -40.72 -55.60 -24.80
CA ASP I 182 -41.76 -56.42 -25.45
C ASP I 182 -41.39 -56.49 -26.93
N PRO I 183 -41.03 -57.68 -27.42
CA PRO I 183 -40.56 -57.85 -28.80
C PRO I 183 -41.57 -57.39 -29.87
N GLN I 184 -42.85 -57.33 -29.51
N GLN I 184 -42.85 -57.31 -29.51
CA GLN I 184 -43.90 -56.87 -30.43
CA GLN I 184 -43.90 -56.85 -30.41
C GLN I 184 -43.88 -55.34 -30.61
C GLN I 184 -43.91 -55.34 -30.59
N ALA I 185 -43.32 -54.63 -29.64
CA ALA I 185 -43.27 -53.16 -29.67
C ALA I 185 -42.13 -52.64 -30.54
N LYS I 186 -42.29 -52.76 -31.85
CA LYS I 186 -41.25 -52.34 -32.79
C LYS I 186 -41.85 -51.44 -33.88
N ALA I 187 -41.01 -50.59 -34.45
CA ALA I 187 -41.41 -49.69 -35.52
C ALA I 187 -40.19 -49.27 -36.31
N LYS I 188 -40.41 -48.55 -37.40
CA LYS I 188 -39.33 -47.98 -38.18
C LYS I 188 -39.46 -46.47 -38.20
N LEU I 189 -38.34 -45.79 -38.00
CA LEU I 189 -38.29 -44.35 -37.97
C LEU I 189 -38.37 -43.82 -39.40
N ASP I 190 -39.61 -43.70 -39.90
CA ASP I 190 -39.87 -43.33 -41.30
C ASP I 190 -40.60 -42.00 -41.47
N LYS I 191 -40.82 -41.29 -40.35
CA LYS I 191 -41.49 -40.00 -40.39
C LYS I 191 -40.86 -39.01 -39.40
N ASP I 192 -40.55 -37.83 -39.91
CA ASP I 192 -39.95 -36.73 -39.14
C ASP I 192 -40.95 -36.18 -38.12
N GLY I 193 -40.48 -35.97 -36.90
CA GLY I 193 -41.29 -35.40 -35.82
C GLY I 193 -42.53 -36.17 -35.37
N ASN I 194 -42.57 -37.47 -35.62
CA ASN I 194 -43.75 -38.27 -35.28
C ASN I 194 -43.54 -39.44 -34.31
N TYR I 195 -42.29 -39.77 -34.03
CA TYR I 195 -41.96 -40.85 -33.09
C TYR I 195 -41.37 -40.25 -31.81
N PRO I 196 -42.16 -40.24 -30.72
CA PRO I 196 -41.71 -39.69 -29.44
C PRO I 196 -40.46 -40.40 -28.89
N ILE I 197 -39.49 -39.59 -28.46
CA ILE I 197 -38.24 -40.05 -27.87
C ILE I 197 -38.50 -40.86 -26.58
N GLU I 198 -39.48 -40.44 -25.79
CA GLU I 198 -39.79 -41.13 -24.52
C GLU I 198 -40.46 -42.49 -24.69
N VAL I 199 -40.82 -42.82 -25.93
CA VAL I 199 -41.47 -44.10 -26.25
C VAL I 199 -40.54 -45.03 -27.02
N TRP I 200 -39.70 -44.45 -27.88
CA TRP I 200 -38.92 -45.22 -28.84
C TRP I 200 -37.41 -45.02 -28.67
N CYS I 201 -36.67 -46.12 -28.75
CA CYS I 201 -35.22 -46.10 -28.72
C CYS I 201 -34.73 -46.97 -29.88
N PRO I 202 -33.45 -46.83 -30.29
CA PRO I 202 -32.96 -47.68 -31.37
C PRO I 202 -32.99 -49.15 -30.94
N ASP I 203 -33.43 -50.02 -31.85
CA ASP I 203 -33.50 -51.45 -31.57
C ASP I 203 -32.14 -52.10 -31.84
N PRO I 204 -31.43 -52.56 -30.78
CA PRO I 204 -30.11 -53.14 -30.98
C PRO I 204 -30.17 -54.55 -31.61
N SER I 205 -31.36 -55.17 -31.61
CA SER I 205 -31.53 -56.50 -32.20
C SER I 205 -31.58 -56.46 -33.73
N LYS I 206 -31.80 -55.27 -34.28
CA LYS I 206 -31.83 -55.11 -35.73
C LYS I 206 -30.76 -54.10 -36.14
N ASN I 207 -31.10 -53.16 -37.03
CA ASN I 207 -30.17 -52.08 -37.41
C ASN I 207 -28.80 -52.55 -37.92
N GLU I 208 -28.78 -53.70 -38.60
CA GLU I 208 -27.57 -54.20 -39.27
C GLU I 208 -27.00 -53.21 -40.29
N ASN I 209 -27.89 -52.48 -40.95
CA ASN I 209 -27.51 -51.60 -42.04
C ASN I 209 -27.58 -50.12 -41.63
N SER I 210 -27.51 -49.88 -40.32
CA SER I 210 -27.39 -48.53 -39.75
C SER I 210 -26.29 -48.47 -38.69
N ARG I 211 -25.76 -47.27 -38.45
CA ARG I 211 -24.88 -47.01 -37.32
C ARG I 211 -25.54 -45.93 -36.48
N TYR I 212 -25.70 -46.17 -35.20
CA TYR I 212 -26.19 -45.13 -34.29
C TYR I 212 -25.31 -44.97 -33.06
N TYR I 213 -25.35 -43.76 -32.50
CA TYR I 213 -24.53 -43.38 -31.35
C TYR I 213 -25.40 -42.44 -30.53
N GLY I 214 -25.51 -42.72 -29.24
CA GLY I 214 -26.36 -41.91 -28.37
C GLY I 214 -25.98 -41.85 -26.92
N SER I 215 -26.60 -40.91 -26.21
CA SER I 215 -26.38 -40.75 -24.78
C SER I 215 -27.56 -40.02 -24.15
N ILE I 216 -27.76 -40.27 -22.87
CA ILE I 216 -28.70 -39.52 -22.05
C ILE I 216 -27.95 -38.94 -20.84
N GLN I 217 -28.47 -37.82 -20.33
CA GLN I 217 -28.04 -37.27 -19.05
C GLN I 217 -29.30 -36.82 -18.30
N THR I 218 -29.55 -37.36 -17.11
CA THR I 218 -30.72 -36.94 -16.33
C THR I 218 -30.32 -35.91 -15.26
N GLY I 219 -31.20 -35.65 -14.31
CA GLY I 219 -30.98 -34.56 -13.35
C GLY I 219 -31.70 -33.30 -13.80
N SER I 220 -32.07 -32.45 -12.84
N SER I 220 -32.05 -32.46 -12.83
CA SER I 220 -32.89 -31.27 -13.14
CA SER I 220 -32.89 -31.28 -13.05
C SER I 220 -32.11 -30.07 -13.65
C SER I 220 -32.13 -30.07 -13.61
N GLN I 221 -30.93 -29.83 -13.07
CA GLN I 221 -30.11 -28.66 -13.41
C GLN I 221 -28.68 -29.06 -13.79
N THR I 222 -28.52 -30.31 -14.20
CA THR I 222 -27.22 -30.84 -14.60
C THR I 222 -26.62 -29.99 -15.73
N PRO I 223 -25.33 -29.62 -15.62
CA PRO I 223 -24.73 -28.81 -16.67
C PRO I 223 -24.90 -29.45 -18.04
N THR I 224 -25.28 -28.64 -19.02
CA THR I 224 -25.24 -29.06 -20.41
C THR I 224 -23.81 -28.82 -20.88
N VAL I 225 -23.15 -29.91 -21.28
CA VAL I 225 -21.74 -29.88 -21.65
C VAL I 225 -21.60 -30.47 -23.04
N LEU I 226 -21.25 -29.62 -24.00
CA LEU I 226 -21.22 -30.01 -25.42
C LEU I 226 -19.95 -29.53 -26.11
N GLN I 227 -19.50 -30.29 -27.11
CA GLN I 227 -18.35 -29.88 -27.91
C GLN I 227 -18.76 -29.63 -29.36
N PHE I 228 -17.93 -28.87 -30.07
CA PHE I 228 -18.09 -28.67 -31.50
C PHE I 228 -16.71 -28.46 -32.12
N SER I 229 -16.47 -29.17 -33.22
CA SER I 229 -15.25 -29.00 -33.98
C SER I 229 -15.48 -29.54 -35.38
N ASN I 230 -14.98 -28.83 -36.39
CA ASN I 230 -15.05 -29.32 -37.77
C ASN I 230 -13.90 -30.29 -38.12
N THR I 231 -13.19 -30.76 -37.09
CA THR I 231 -12.09 -31.71 -37.30
C THR I 231 -12.45 -33.14 -36.87
N LEU I 232 -13.67 -33.33 -36.36
CA LEU I 232 -14.10 -34.64 -35.85
C LEU I 232 -14.92 -35.41 -36.88
N THR I 233 -14.40 -36.59 -37.23
CA THR I 233 -15.05 -37.49 -38.19
C THR I 233 -15.44 -38.80 -37.50
N THR I 234 -16.64 -39.29 -37.79
CA THR I 234 -17.05 -40.63 -37.37
C THR I 234 -16.91 -41.58 -38.55
N VAL I 235 -16.09 -42.62 -38.39
CA VAL I 235 -15.95 -43.67 -39.40
C VAL I 235 -17.13 -44.63 -39.23
N LEU I 236 -17.81 -44.93 -40.35
CA LEU I 236 -19.05 -45.72 -40.33
C LEU I 236 -18.87 -47.18 -40.77
N LEU I 237 -17.64 -47.57 -41.06
CA LEU I 237 -17.33 -48.94 -41.47
C LEU I 237 -17.48 -49.90 -40.30
N ASP I 238 -18.05 -51.08 -40.55
CA ASP I 238 -18.12 -52.12 -39.53
C ASP I 238 -16.76 -52.84 -39.38
N GLU I 239 -16.73 -53.87 -38.57
CA GLU I 239 -15.50 -54.64 -38.32
C GLU I 239 -14.93 -55.33 -39.59
N ASN I 240 -15.76 -55.44 -40.62
CA ASN I 240 -15.33 -56.01 -41.90
C ASN I 240 -15.00 -54.97 -42.98
N GLY I 241 -14.92 -53.71 -42.57
CA GLY I 241 -14.64 -52.61 -43.48
C GLY I 241 -15.82 -52.20 -44.37
N VAL I 242 -17.03 -52.47 -43.90
CA VAL I 242 -18.23 -52.17 -44.71
C VAL I 242 -19.16 -51.16 -44.02
N GLY I 243 -19.48 -50.08 -44.73
CA GLY I 243 -20.43 -49.10 -44.21
C GLY I 243 -21.86 -49.45 -44.59
N PRO I 244 -22.84 -48.67 -44.08
CA PRO I 244 -24.25 -48.85 -44.47
C PRO I 244 -24.41 -48.76 -45.98
N LEU I 245 -25.24 -49.66 -46.52
CA LEU I 245 -25.47 -49.74 -47.96
C LEU I 245 -26.85 -49.21 -48.31
N CYS I 246 -26.89 -48.22 -49.20
CA CYS I 246 -28.10 -47.45 -49.44
C CYS I 246 -29.06 -48.10 -50.42
N LYS I 247 -30.05 -48.79 -49.86
CA LYS I 247 -31.08 -49.49 -50.59
C LYS I 247 -31.97 -48.51 -51.33
N GLY I 248 -32.20 -48.78 -52.61
CA GLY I 248 -32.99 -47.91 -53.46
C GLY I 248 -32.41 -46.51 -53.57
N ASP I 249 -31.09 -46.40 -53.41
CA ASP I 249 -30.36 -45.14 -53.53
C ASP I 249 -30.87 -44.06 -52.56
N GLY I 250 -31.26 -44.50 -51.36
CA GLY I 250 -31.69 -43.60 -50.30
C GLY I 250 -30.82 -43.69 -49.05
N LEU I 251 -30.36 -42.53 -48.58
CA LEU I 251 -29.58 -42.44 -47.34
C LEU I 251 -30.47 -41.92 -46.20
N PHE I 252 -30.52 -42.66 -45.10
CA PHE I 252 -31.35 -42.29 -43.96
C PHE I 252 -30.53 -41.67 -42.84
N ILE I 253 -30.94 -40.47 -42.44
CA ILE I 253 -30.24 -39.72 -41.42
C ILE I 253 -31.23 -39.36 -40.32
N SER I 254 -30.90 -39.73 -39.08
CA SER I 254 -31.82 -39.58 -37.95
C SER I 254 -31.08 -38.95 -36.79
N CYS I 255 -31.79 -38.18 -35.96
CA CYS I 255 -31.14 -37.60 -34.78
C CYS I 255 -32.11 -37.02 -33.76
N ALA I 256 -31.58 -36.69 -32.59
CA ALA I 256 -32.31 -36.02 -31.52
C ALA I 256 -31.29 -35.30 -30.65
N ASP I 257 -31.57 -34.05 -30.27
CA ASP I 257 -30.64 -33.28 -29.45
C ASP I 257 -31.37 -32.35 -28.48
N ILE I 258 -31.88 -32.94 -27.41
CA ILE I 258 -32.47 -32.23 -26.29
C ILE I 258 -31.29 -31.68 -25.46
N VAL I 259 -31.30 -30.37 -25.20
CA VAL I 259 -30.15 -29.73 -24.56
C VAL I 259 -30.45 -29.18 -23.16
N GLY I 260 -31.66 -29.43 -22.67
CA GLY I 260 -32.03 -29.04 -21.32
C GLY I 260 -33.33 -28.27 -21.24
N PHE I 261 -33.61 -27.78 -20.03
CA PHE I 261 -34.84 -27.04 -19.73
C PHE I 261 -34.62 -25.54 -19.82
N LEU I 262 -35.64 -24.85 -20.34
CA LEU I 262 -35.79 -23.41 -20.13
C LEU I 262 -36.58 -23.26 -18.84
N PHE I 263 -35.96 -22.61 -17.86
CA PHE I 263 -36.58 -22.40 -16.55
C PHE I 263 -37.28 -21.05 -16.57
N LYS I 264 -38.61 -21.06 -16.50
CA LYS I 264 -39.41 -19.83 -16.54
C LYS I 264 -39.68 -19.29 -15.14
N THR I 265 -39.89 -17.97 -15.06
CA THR I 265 -40.16 -17.24 -13.80
C THR I 265 -41.14 -17.94 -12.87
N SER I 266 -42.28 -18.36 -13.43
CA SER I 266 -43.36 -18.99 -12.67
C SER I 266 -42.99 -20.32 -12.00
N GLY I 267 -41.88 -20.91 -12.43
CA GLY I 267 -41.50 -22.26 -11.99
C GLY I 267 -41.68 -23.28 -13.09
N LYS I 268 -42.44 -22.91 -14.12
CA LYS I 268 -42.70 -23.80 -15.25
C LYS I 268 -41.42 -24.06 -16.04
N MET I 269 -41.39 -25.23 -16.70
CA MET I 269 -40.19 -25.70 -17.38
C MET I 269 -40.56 -26.37 -18.69
N ALA I 270 -39.81 -26.03 -19.73
CA ALA I 270 -39.98 -26.64 -21.03
C ALA I 270 -38.62 -27.16 -21.51
N LEU I 271 -38.63 -28.30 -22.20
CA LEU I 271 -37.41 -28.80 -22.81
C LEU I 271 -37.11 -28.07 -24.12
N HIS I 272 -35.83 -28.04 -24.49
CA HIS I 272 -35.34 -27.30 -25.63
C HIS I 272 -34.40 -28.21 -26.43
N GLY I 273 -34.42 -28.05 -27.75
CA GLY I 273 -33.51 -28.79 -28.62
C GLY I 273 -32.78 -27.91 -29.61
N LEU I 274 -31.67 -28.44 -30.15
CA LEU I 274 -30.87 -27.75 -31.16
C LEU I 274 -30.80 -28.54 -32.46
N PRO I 275 -30.56 -27.85 -33.59
CA PRO I 275 -30.43 -28.55 -34.87
C PRO I 275 -29.10 -29.29 -34.97
N ARG I 276 -29.00 -30.21 -35.92
CA ARG I 276 -27.77 -30.96 -36.14
C ARG I 276 -27.42 -30.95 -37.63
N TYR I 277 -26.14 -30.73 -37.92
CA TYR I 277 -25.62 -30.75 -39.28
C TYR I 277 -24.89 -32.07 -39.55
N PHE I 278 -24.95 -32.51 -40.80
CA PHE I 278 -24.28 -33.74 -41.26
C PHE I 278 -23.59 -33.49 -42.59
N ASN I 279 -22.37 -34.00 -42.71
CA ASN I 279 -21.71 -34.15 -44.01
C ASN I 279 -21.23 -35.60 -44.14
N VAL I 280 -21.89 -36.35 -45.03
CA VAL I 280 -21.66 -37.79 -45.18
C VAL I 280 -20.86 -38.04 -46.45
N THR I 281 -19.80 -38.84 -46.32
CA THR I 281 -19.01 -39.25 -47.47
C THR I 281 -19.43 -40.67 -47.85
N LEU I 282 -19.74 -40.85 -49.13
CA LEU I 282 -20.11 -42.17 -49.62
C LEU I 282 -19.27 -42.57 -50.81
N ARG I 283 -19.10 -43.88 -50.99
CA ARG I 283 -18.39 -44.43 -52.15
C ARG I 283 -19.26 -45.49 -52.82
N LYS I 284 -19.00 -45.75 -54.10
CA LYS I 284 -19.71 -46.79 -54.82
C LYS I 284 -19.15 -48.15 -54.47
N ARG I 285 -20.04 -49.11 -54.24
CA ARG I 285 -19.65 -50.46 -53.83
C ARG I 285 -20.41 -51.51 -54.68
N TRP I 286 -19.68 -52.50 -55.20
CA TRP I 286 -20.29 -53.63 -55.90
C TRP I 286 -20.94 -54.57 -54.91
N VAL I 287 -22.19 -54.96 -55.18
CA VAL I 287 -22.90 -55.93 -54.35
C VAL I 287 -23.64 -56.97 -55.20
N LYS I 288 -23.80 -58.17 -54.65
CA LYS I 288 -24.47 -59.27 -55.35
C LYS I 288 -25.86 -59.53 -54.75
N GLU J 10 -6.14 -25.87 -56.28
CA GLU J 10 -5.28 -27.08 -56.46
C GLU J 10 -4.00 -26.99 -55.62
N VAL J 11 -3.87 -27.89 -54.66
CA VAL J 11 -2.74 -27.88 -53.71
C VAL J 11 -1.61 -28.76 -54.22
N LEU J 12 -0.42 -28.18 -54.37
CA LEU J 12 0.73 -28.91 -54.86
C LEU J 12 1.67 -29.28 -53.72
N SER J 13 2.97 -29.30 -53.98
CA SER J 13 3.93 -29.76 -52.98
C SER J 13 4.28 -28.70 -51.94
N VAL J 14 4.66 -29.18 -50.76
CA VAL J 14 5.26 -28.36 -49.72
C VAL J 14 6.59 -27.80 -50.23
N VAL J 15 6.84 -26.52 -49.95
CA VAL J 15 8.07 -25.88 -50.41
C VAL J 15 9.26 -26.31 -49.56
N THR J 16 10.31 -26.78 -50.23
CA THR J 16 11.58 -27.08 -49.55
C THR J 16 12.50 -25.87 -49.67
N GLY J 17 13.24 -25.59 -48.61
CA GLY J 17 14.15 -24.45 -48.60
C GLY J 17 14.56 -24.05 -47.20
N GLU J 18 15.39 -23.01 -47.12
CA GLU J 18 15.95 -22.56 -45.84
C GLU J 18 14.91 -21.92 -44.92
N ASP J 19 14.20 -20.92 -45.42
CA ASP J 19 13.25 -20.16 -44.60
C ASP J 19 11.80 -20.48 -44.95
N SER J 20 11.50 -21.77 -45.10
CA SER J 20 10.18 -22.21 -45.50
C SER J 20 9.18 -22.31 -44.34
N ILE J 21 9.68 -22.26 -43.10
CA ILE J 21 8.83 -22.30 -41.91
C ILE J 21 8.88 -20.96 -41.17
N THR J 22 7.72 -20.51 -40.70
CA THR J 22 7.64 -19.29 -39.88
C THR J 22 6.69 -19.48 -38.70
N GLN J 23 6.87 -18.65 -37.66
N GLN J 23 6.88 -18.65 -37.66
CA GLN J 23 6.01 -18.72 -36.48
CA GLN J 23 6.04 -18.67 -36.48
C GLN J 23 5.35 -17.37 -36.19
C GLN J 23 5.31 -17.34 -36.36
N ILE J 24 4.04 -17.41 -35.96
CA ILE J 24 3.25 -16.21 -35.68
C ILE J 24 2.77 -16.29 -34.24
N GLU J 25 3.11 -15.29 -33.44
CA GLU J 25 2.71 -15.17 -32.05
C GLU J 25 1.74 -14.03 -31.86
N LEU J 26 0.74 -14.25 -31.02
N LEU J 26 0.72 -14.24 -31.04
CA LEU J 26 -0.18 -13.17 -30.66
CA LEU J 26 -0.37 -13.26 -30.84
C LEU J 26 -1.01 -13.55 -29.45
C LEU J 26 -1.18 -13.58 -29.57
N TYR J 27 -1.64 -12.54 -28.87
CA TYR J 27 -2.67 -12.72 -27.85
C TYR J 27 -3.90 -11.93 -28.26
N LEU J 28 -5.06 -12.37 -27.78
CA LEU J 28 -6.31 -11.65 -27.99
C LEU J 28 -6.99 -11.48 -26.64
N ASN J 29 -7.26 -10.22 -26.30
CA ASN J 29 -7.94 -9.90 -25.05
C ASN J 29 -9.43 -10.14 -25.22
N PRO J 30 -10.12 -10.53 -24.14
CA PRO J 30 -11.54 -10.89 -24.28
C PRO J 30 -12.45 -9.69 -24.55
N ARG J 31 -13.55 -9.95 -25.25
CA ARG J 31 -14.51 -8.91 -25.61
C ARG J 31 -15.87 -9.25 -25.01
N MET J 32 -15.98 -9.07 -23.70
CA MET J 32 -17.15 -9.52 -22.94
C MET J 32 -18.33 -8.55 -22.96
N GLY J 33 -18.09 -7.32 -23.41
CA GLY J 33 -19.14 -6.30 -23.36
C GLY J 33 -18.56 -4.95 -23.00
N VAL J 34 -17.74 -4.93 -21.95
CA VAL J 34 -16.89 -3.77 -21.67
C VAL J 34 -15.56 -4.12 -22.34
N ASN J 35 -15.38 -3.60 -23.54
CA ASN J 35 -14.36 -4.12 -24.47
C ASN J 35 -13.04 -3.36 -24.49
N SER J 36 -13.02 -2.16 -23.92
CA SER J 36 -11.83 -1.32 -23.90
C SER J 36 -11.38 -0.99 -22.48
N PRO J 37 -10.05 -1.03 -22.23
CA PRO J 37 -9.49 -0.61 -20.95
C PRO J 37 -9.19 0.89 -20.88
N ASP J 38 -9.42 1.62 -21.97
CA ASP J 38 -8.93 3.00 -22.11
C ASP J 38 -9.99 4.09 -21.95
N LEU J 39 -11.05 3.78 -21.19
CA LEU J 39 -12.11 4.74 -20.94
C LEU J 39 -12.19 5.04 -19.44
N PRO J 40 -11.71 6.23 -19.02
CA PRO J 40 -11.64 6.61 -17.60
C PRO J 40 -12.97 6.49 -16.85
N THR J 41 -14.08 6.36 -17.58
CA THR J 41 -15.42 6.32 -16.97
C THR J 41 -15.98 4.91 -16.72
N THR J 42 -15.81 4.00 -17.69
CA THR J 42 -16.46 2.68 -17.64
C THR J 42 -15.51 1.46 -17.67
N SER J 43 -14.20 1.72 -17.78
CA SER J 43 -13.23 0.65 -18.02
C SER J 43 -12.88 -0.23 -16.82
N ASN J 44 -13.36 0.13 -15.63
CA ASN J 44 -13.17 -0.71 -14.45
CA ASN J 44 -13.17 -0.72 -14.45
C ASN J 44 -13.76 -2.12 -14.64
N TRP J 45 -14.73 -2.24 -15.54
CA TRP J 45 -15.39 -3.53 -15.83
C TRP J 45 -14.88 -4.23 -17.10
N TYR J 46 -13.75 -3.77 -17.61
CA TYR J 46 -13.06 -4.42 -18.72
C TYR J 46 -12.81 -5.91 -18.42
N THR J 47 -13.16 -6.74 -19.41
CA THR J 47 -13.16 -8.23 -19.32
C THR J 47 -14.40 -8.81 -18.62
N TYR J 48 -15.41 -7.96 -18.39
CA TYR J 48 -16.68 -8.39 -17.81
C TYR J 48 -17.86 -7.86 -18.62
N THR J 49 -19.03 -8.48 -18.39
CA THR J 49 -20.28 -7.88 -18.82
C THR J 49 -20.71 -6.91 -17.72
N TYR J 50 -21.79 -6.18 -17.97
CA TYR J 50 -22.55 -5.53 -16.90
C TYR J 50 -23.41 -6.60 -16.22
N ASP J 51 -24.38 -6.19 -15.42
CA ASP J 51 -25.17 -7.15 -14.68
C ASP J 51 -26.22 -7.84 -15.55
N LEU J 52 -26.22 -9.16 -15.53
CA LEU J 52 -27.13 -9.96 -16.36
C LEU J 52 -28.33 -10.35 -15.53
N GLN J 53 -29.48 -9.82 -15.91
CA GLN J 53 -30.68 -10.02 -15.12
C GLN J 53 -31.91 -10.10 -16.03
N PRO J 54 -32.59 -11.27 -16.03
CA PRO J 54 -33.89 -11.39 -16.72
C PRO J 54 -34.86 -10.30 -16.25
N LYS J 55 -35.42 -9.57 -17.21
CA LYS J 55 -36.24 -8.39 -16.94
C LYS J 55 -37.55 -8.76 -16.22
N GLY J 56 -38.11 -9.91 -16.58
CA GLY J 56 -39.44 -10.29 -16.09
C GLY J 56 -40.55 -9.77 -16.99
N SER J 57 -40.18 -8.96 -17.99
CA SER J 57 -41.14 -8.47 -18.98
C SER J 57 -40.53 -8.49 -20.39
N SER J 58 -41.40 -8.66 -21.38
CA SER J 58 -41.01 -8.82 -22.79
C SER J 58 -41.19 -7.50 -23.58
N PRO J 59 -40.40 -7.30 -24.65
CA PRO J 59 -39.29 -8.14 -25.09
C PRO J 59 -38.01 -7.84 -24.34
N ASP J 60 -37.09 -8.80 -24.35
CA ASP J 60 -35.73 -8.55 -23.89
C ASP J 60 -35.07 -7.55 -24.84
N GLN J 61 -34.40 -6.56 -24.25
CA GLN J 61 -33.65 -5.54 -24.99
C GLN J 61 -32.24 -5.46 -24.42
N PRO J 62 -31.41 -6.48 -24.68
CA PRO J 62 -30.10 -6.53 -24.03
C PRO J 62 -29.22 -5.39 -24.52
N ILE J 63 -28.43 -4.84 -23.60
CA ILE J 63 -27.52 -3.75 -23.93
C ILE J 63 -26.22 -4.35 -24.45
N LYS J 64 -25.43 -3.56 -25.16
CA LYS J 64 -24.21 -4.08 -25.77
C LYS J 64 -23.24 -4.63 -24.75
N GLU J 65 -23.22 -4.04 -23.55
CA GLU J 65 -22.32 -4.46 -22.48
C GLU J 65 -22.68 -5.83 -21.90
N ASN J 66 -23.85 -6.37 -22.25
CA ASN J 66 -24.25 -7.69 -21.80
C ASN J 66 -24.18 -8.76 -22.89
N LEU J 67 -23.43 -8.47 -23.96
CA LEU J 67 -23.29 -9.36 -25.09
C LEU J 67 -21.83 -9.71 -25.40
N PRO J 68 -21.25 -10.70 -24.66
CA PRO J 68 -19.91 -11.18 -24.98
C PRO J 68 -19.79 -11.55 -26.45
N ALA J 69 -18.66 -11.18 -27.05
CA ALA J 69 -18.47 -11.32 -28.48
C ALA J 69 -17.15 -12.03 -28.75
N TYR J 70 -17.05 -12.59 -29.95
CA TYR J 70 -15.81 -13.23 -30.39
C TYR J 70 -14.66 -12.23 -30.55
N SER J 71 -13.47 -12.66 -30.12
CA SER J 71 -12.24 -11.97 -30.46
C SER J 71 -11.75 -12.43 -31.83
N VAL J 72 -11.16 -11.52 -32.59
CA VAL J 72 -10.65 -11.80 -33.94
C VAL J 72 -9.43 -10.94 -34.24
N ALA J 73 -8.43 -11.53 -34.88
CA ALA J 73 -7.39 -10.73 -35.51
C ALA J 73 -7.07 -11.32 -36.87
N ARG J 74 -6.79 -10.45 -37.83
CA ARG J 74 -6.20 -10.86 -39.10
C ARG J 74 -4.74 -10.49 -39.02
N VAL J 75 -3.86 -11.49 -39.13
CA VAL J 75 -2.43 -11.28 -39.11
C VAL J 75 -1.91 -11.22 -40.54
N SER J 76 -1.20 -10.15 -40.86
CA SER J 76 -0.54 -9.99 -42.16
C SER J 76 0.75 -10.81 -42.16
N LEU J 77 0.88 -11.69 -43.14
CA LEU J 77 2.03 -12.60 -43.22
C LEU J 77 3.06 -12.10 -44.24
N PRO J 78 4.33 -12.55 -44.12
CA PRO J 78 5.34 -12.12 -45.09
C PRO J 78 4.95 -12.49 -46.52
N MET J 79 5.05 -11.52 -47.44
CA MET J 79 4.69 -11.73 -48.84
C MET J 79 5.62 -12.77 -49.48
N LEU J 80 5.06 -13.57 -50.39
CA LEU J 80 5.78 -14.71 -50.97
C LEU J 80 5.96 -14.59 -52.48
N ASN J 81 5.05 -13.87 -53.12
CA ASN J 81 5.02 -13.75 -54.56
C ASN J 81 5.23 -12.31 -55.03
N ASP J 87 -1.83 -17.47 -60.82
CA ASP J 87 -1.56 -18.70 -61.55
C ASP J 87 -1.03 -19.80 -60.61
N THR J 88 0.30 -20.00 -60.62
CA THR J 88 0.95 -20.90 -59.70
C THR J 88 1.80 -20.09 -58.73
N LEU J 89 1.43 -20.11 -57.46
CA LEU J 89 2.13 -19.30 -56.46
C LEU J 89 2.23 -19.99 -55.10
N GLN J 90 3.00 -19.39 -54.21
CA GLN J 90 3.17 -19.90 -52.86
C GLN J 90 2.15 -19.26 -51.91
N MET J 91 1.65 -20.07 -50.98
CA MET J 91 0.79 -19.61 -49.90
C MET J 91 1.32 -20.14 -48.58
N TRP J 92 1.10 -19.37 -47.51
CA TRP J 92 1.37 -19.85 -46.17
C TRP J 92 0.31 -20.87 -45.74
N GLU J 93 0.78 -22.00 -45.19
CA GLU J 93 -0.08 -23.06 -44.71
C GLU J 93 0.10 -23.22 -43.20
N ALA J 94 -0.99 -23.06 -42.45
CA ALA J 94 -0.93 -23.23 -41.00
C ALA J 94 -0.95 -24.72 -40.68
N ILE J 95 0.08 -25.21 -40.01
CA ILE J 95 0.21 -26.65 -39.76
C ILE J 95 -0.03 -27.06 -38.32
N SER J 96 0.26 -26.15 -37.38
CA SER J 96 0.04 -26.42 -35.97
C SER J 96 -0.06 -25.13 -35.16
N VAL J 97 -0.65 -25.25 -33.98
CA VAL J 97 -0.80 -24.12 -33.06
C VAL J 97 -0.64 -24.59 -31.60
N LYS J 98 0.08 -23.80 -30.82
CA LYS J 98 0.08 -23.91 -29.37
C LYS J 98 -0.76 -22.75 -28.88
N THR J 99 -1.82 -23.07 -28.15
CA THR J 99 -2.69 -22.02 -27.65
C THR J 99 -3.02 -22.26 -26.19
N GLU J 100 -3.23 -21.17 -25.45
CA GLU J 100 -3.40 -21.25 -24.01
C GLU J 100 -4.23 -20.08 -23.51
N VAL J 101 -5.11 -20.38 -22.57
CA VAL J 101 -5.87 -19.35 -21.87
C VAL J 101 -4.98 -18.75 -20.78
N VAL J 102 -4.81 -17.44 -20.85
CA VAL J 102 -3.90 -16.71 -19.98
C VAL J 102 -4.62 -16.22 -18.73
N GLY J 103 -3.93 -16.25 -17.59
CA GLY J 103 -4.47 -15.68 -16.35
C GLY J 103 -5.48 -16.56 -15.65
N ILE J 104 -5.37 -17.87 -15.86
CA ILE J 104 -6.27 -18.84 -15.21
C ILE J 104 -6.15 -18.75 -13.69
N SER J 105 -4.92 -18.57 -13.19
CA SER J 105 -4.65 -18.47 -11.76
C SER J 105 -5.31 -17.28 -11.05
N SER J 106 -5.62 -16.22 -11.78
CA SER J 106 -6.33 -15.08 -11.22
C SER J 106 -7.68 -15.49 -10.61
N LEU J 107 -8.17 -16.66 -11.01
CA LEU J 107 -9.51 -17.11 -10.58
C LEU J 107 -9.54 -17.78 -9.20
N ILE J 108 -8.38 -17.89 -8.54
CA ILE J 108 -8.35 -18.37 -7.15
C ILE J 108 -8.76 -17.27 -6.16
N ASN J 109 -8.86 -16.04 -6.66
CA ASN J 109 -9.29 -14.89 -5.85
C ASN J 109 -10.73 -15.04 -5.37
N VAL J 110 -10.91 -15.22 -4.06
CA VAL J 110 -12.24 -15.35 -3.46
C VAL J 110 -12.50 -14.24 -2.44
N HIS J 111 -11.87 -13.08 -2.69
CA HIS J 111 -11.96 -11.94 -1.79
C HIS J 111 -12.10 -10.64 -2.57
N TYR J 112 -12.74 -10.70 -3.73
CA TYR J 112 -13.18 -9.50 -4.42
C TYR J 112 -13.98 -8.68 -3.39
N TRP J 113 -13.76 -7.36 -3.31
CA TRP J 113 -14.36 -6.58 -2.22
C TRP J 113 -15.89 -6.68 -2.15
N ASP J 114 -16.52 -6.83 -3.31
CA ASP J 114 -17.98 -6.89 -3.38
C ASP J 114 -18.51 -8.29 -3.77
N MET J 115 -17.76 -9.32 -3.42
CA MET J 115 -18.14 -10.70 -3.77
C MET J 115 -19.20 -11.24 -2.82
N LYS J 116 -20.24 -11.84 -3.40
CA LYS J 116 -21.22 -12.59 -2.61
C LYS J 116 -20.53 -13.75 -1.88
N ARG J 117 -20.85 -13.90 -0.59
CA ARG J 117 -20.27 -14.97 0.22
C ARG J 117 -20.97 -16.30 -0.02
N VAL J 118 -20.21 -17.39 0.11
N VAL J 118 -20.21 -17.38 0.11
CA VAL J 118 -20.79 -18.74 0.03
CA VAL J 118 -20.76 -18.75 0.04
C VAL J 118 -21.76 -19.00 1.18
C VAL J 118 -21.78 -18.97 1.17
N HIS J 119 -21.49 -18.38 2.33
CA HIS J 119 -22.39 -18.39 3.51
C HIS J 119 -21.87 -17.31 4.47
N ASP J 120 -22.62 -17.03 5.55
CA ASP J 120 -22.20 -15.97 6.49
C ASP J 120 -20.76 -16.17 6.99
N TYR J 121 -19.97 -15.09 6.95
CA TYR J 121 -18.56 -15.05 7.40
C TYR J 121 -17.58 -15.79 6.47
N GLY J 122 -18.12 -16.40 5.42
CA GLY J 122 -17.30 -17.17 4.47
C GLY J 122 -16.58 -16.35 3.41
N ALA J 123 -15.82 -17.06 2.57
CA ALA J 123 -15.16 -16.46 1.42
C ALA J 123 -16.16 -16.15 0.32
N GLY J 124 -15.73 -15.40 -0.69
CA GLY J 124 -16.58 -15.13 -1.85
C GLY J 124 -16.83 -16.39 -2.68
N ILE J 125 -17.97 -16.44 -3.36
CA ILE J 125 -18.23 -17.48 -4.35
C ILE J 125 -17.24 -17.27 -5.52
N PRO J 126 -16.39 -18.29 -5.81
CA PRO J 126 -15.41 -18.08 -6.89
C PRO J 126 -16.04 -17.95 -8.27
N VAL J 127 -15.30 -17.37 -9.19
CA VAL J 127 -15.74 -17.30 -10.58
C VAL J 127 -16.06 -18.73 -11.03
N SER J 128 -17.33 -18.96 -11.38
N SER J 128 -17.34 -18.97 -11.33
CA SER J 128 -17.83 -20.29 -11.73
CA SER J 128 -17.88 -20.30 -11.64
C SER J 128 -19.13 -20.14 -12.51
C SER J 128 -19.14 -20.15 -12.48
N GLY J 129 -19.63 -21.25 -13.06
CA GLY J 129 -20.86 -21.23 -13.83
C GLY J 129 -20.66 -21.42 -15.32
N VAL J 130 -21.38 -20.63 -16.11
CA VAL J 130 -21.34 -20.73 -17.57
C VAL J 130 -19.92 -20.54 -18.11
N ASN J 131 -19.43 -21.57 -18.81
CA ASN J 131 -18.18 -21.47 -19.57
C ASN J 131 -18.47 -21.66 -21.05
N TYR J 132 -17.69 -20.99 -21.88
CA TYR J 132 -17.72 -21.17 -23.31
C TYR J 132 -16.32 -20.89 -23.85
N HIS J 133 -15.73 -21.90 -24.47
CA HIS J 133 -14.36 -21.83 -24.92
C HIS J 133 -14.25 -22.32 -26.34
N MET J 134 -13.66 -21.48 -27.18
CA MET J 134 -13.43 -21.86 -28.57
C MET J 134 -12.25 -21.09 -29.13
N PHE J 135 -11.54 -21.72 -30.07
CA PHE J 135 -10.58 -20.99 -30.90
C PHE J 135 -10.64 -21.52 -32.32
N ALA J 136 -10.20 -20.70 -33.26
CA ALA J 136 -10.20 -21.06 -34.66
C ALA J 136 -8.98 -20.48 -35.32
N ILE J 137 -8.41 -21.24 -36.24
CA ILE J 137 -7.31 -20.76 -37.08
C ILE J 137 -7.74 -20.98 -38.52
N GLY J 138 -7.67 -19.92 -39.33
CA GLY J 138 -8.12 -20.03 -40.72
C GLY J 138 -7.32 -19.17 -41.68
N GLY J 139 -7.49 -19.44 -42.97
CA GLY J 139 -6.84 -18.67 -44.02
C GLY J 139 -7.76 -17.60 -44.57
N GLU J 140 -8.93 -17.47 -43.94
CA GLU J 140 -9.94 -16.46 -44.25
C GLU J 140 -10.85 -16.34 -43.02
N PRO J 141 -11.80 -15.37 -43.02
CA PRO J 141 -12.67 -15.20 -41.86
C PRO J 141 -13.47 -16.46 -41.53
N LEU J 142 -13.68 -16.71 -40.23
CA LEU J 142 -14.52 -17.82 -39.81
C LEU J 142 -15.97 -17.59 -40.27
N ASP J 143 -16.56 -18.62 -40.85
CA ASP J 143 -17.96 -18.58 -41.29
C ASP J 143 -18.87 -18.83 -40.10
N LEU J 144 -19.90 -17.99 -39.96
CA LEU J 144 -20.79 -18.04 -38.81
C LEU J 144 -22.22 -18.37 -39.22
N GLN J 145 -22.90 -19.10 -38.34
CA GLN J 145 -24.32 -19.38 -38.47
C GLN J 145 -25.05 -18.71 -37.32
N GLY J 146 -26.15 -18.03 -37.62
CA GLY J 146 -26.96 -17.39 -36.59
C GLY J 146 -28.05 -18.30 -36.05
N LEU J 147 -28.18 -18.34 -34.73
CA LEU J 147 -29.25 -19.05 -34.04
C LEU J 147 -29.37 -18.46 -32.64
N VAL J 148 -30.61 -18.15 -32.24
CA VAL J 148 -30.86 -17.50 -30.94
C VAL J 148 -31.84 -18.28 -30.07
N LEU J 149 -31.67 -18.14 -28.76
CA LEU J 149 -32.58 -18.73 -27.80
C LEU J 149 -34.01 -18.19 -28.00
N ASP J 150 -34.11 -16.89 -28.28
CA ASP J 150 -35.40 -16.21 -28.38
C ASP J 150 -35.40 -15.22 -29.57
N TYR J 151 -36.18 -15.54 -30.59
CA TYR J 151 -36.24 -14.70 -31.81
C TYR J 151 -36.86 -13.33 -31.57
N GLN J 152 -37.62 -13.20 -30.48
CA GLN J 152 -38.27 -11.93 -30.14
C GLN J 152 -37.33 -10.91 -29.50
N THR J 153 -36.12 -11.35 -29.14
CA THR J 153 -35.12 -10.48 -28.53
C THR J 153 -34.80 -9.31 -29.46
N GLN J 154 -34.80 -8.10 -28.88
CA GLN J 154 -34.45 -6.90 -29.61
C GLN J 154 -33.01 -6.50 -29.31
N TYR J 155 -32.10 -6.93 -30.18
CA TYR J 155 -30.67 -6.62 -30.02
C TYR J 155 -30.40 -5.16 -30.42
N PRO J 156 -29.35 -4.55 -29.85
CA PRO J 156 -29.06 -3.16 -30.17
C PRO J 156 -28.79 -2.97 -31.66
N LYS J 157 -29.20 -1.83 -32.21
CA LYS J 157 -28.87 -1.51 -33.60
C LYS J 157 -27.36 -1.42 -33.80
N THR J 158 -26.92 -1.65 -35.03
CA THR J 158 -25.49 -1.64 -35.37
C THR J 158 -24.90 -0.21 -35.45
N THR J 159 -25.74 0.79 -35.20
CA THR J 159 -25.35 2.20 -35.28
C THR J 159 -24.31 2.60 -34.21
N GLY J 162 -22.11 -0.76 -32.93
CA GLY J 162 -22.80 -1.76 -32.13
C GLY J 162 -22.66 -3.16 -32.71
N PRO J 163 -23.35 -4.13 -32.10
CA PRO J 163 -23.23 -5.53 -32.52
C PRO J 163 -23.90 -5.84 -33.86
N ILE J 164 -23.33 -6.80 -34.58
CA ILE J 164 -23.93 -7.33 -35.80
C ILE J 164 -24.70 -8.59 -35.40
N THR J 165 -26.00 -8.58 -35.65
CA THR J 165 -26.85 -9.72 -35.30
C THR J 165 -27.64 -10.17 -36.52
N ILE J 166 -28.55 -11.12 -36.33
CA ILE J 166 -29.30 -11.68 -37.46
C ILE J 166 -30.11 -10.64 -38.25
N GLU J 167 -30.79 -9.75 -37.53
CA GLU J 167 -31.54 -8.64 -38.14
C GLU J 167 -30.64 -7.79 -39.04
N THR J 168 -29.41 -7.54 -38.60
CA THR J 168 -28.44 -6.78 -39.39
C THR J 168 -28.20 -7.42 -40.76
N VAL J 169 -27.95 -8.72 -40.77
CA VAL J 169 -27.60 -9.42 -42.02
C VAL J 169 -28.82 -9.65 -42.92
N LEU J 170 -29.98 -9.95 -42.32
CA LEU J 170 -31.20 -10.17 -43.09
C LEU J 170 -31.83 -8.87 -43.63
N GLY J 171 -31.55 -7.76 -42.96
CA GLY J 171 -32.18 -6.47 -43.28
C GLY J 171 -33.66 -6.45 -42.93
N ARG J 172 -34.06 -7.27 -41.95
CA ARG J 172 -35.46 -7.40 -41.52
C ARG J 172 -35.48 -8.15 -40.19
N LYS J 173 -36.61 -8.11 -39.50
CA LYS J 173 -36.75 -8.77 -38.20
C LYS J 173 -36.61 -10.28 -38.30
N MET J 174 -36.10 -10.87 -37.22
CA MET J 174 -36.08 -12.32 -37.07
C MET J 174 -37.51 -12.87 -37.05
N THR J 175 -37.65 -14.12 -37.47
CA THR J 175 -38.89 -14.85 -37.34
C THR J 175 -38.61 -16.09 -36.46
N PRO J 176 -39.67 -16.87 -36.10
CA PRO J 176 -39.43 -18.04 -35.25
C PRO J 176 -38.39 -19.02 -35.79
N LYS J 177 -38.22 -19.07 -37.11
CA LYS J 177 -37.23 -19.99 -37.70
C LYS J 177 -35.80 -19.73 -37.23
N ASN J 178 -35.53 -18.50 -36.76
CA ASN J 178 -34.21 -18.19 -36.22
C ASN J 178 -33.89 -18.79 -34.84
N GLN J 179 -34.87 -19.48 -34.25
CA GLN J 179 -34.60 -20.33 -33.08
C GLN J 179 -34.08 -21.70 -33.53
N GLY J 180 -34.17 -21.97 -34.83
CA GLY J 180 -33.54 -23.13 -35.44
C GLY J 180 -32.49 -22.67 -36.45
N LEU J 181 -32.12 -23.57 -37.36
CA LEU J 181 -31.14 -23.23 -38.36
C LEU J 181 -31.82 -22.64 -39.59
N ASP J 182 -31.65 -21.34 -39.76
CA ASP J 182 -32.11 -20.61 -40.94
C ASP J 182 -30.89 -20.40 -41.82
N PRO J 183 -30.84 -21.05 -42.99
CA PRO J 183 -29.68 -20.98 -43.89
C PRO J 183 -29.35 -19.55 -44.36
N GLN J 184 -30.32 -18.64 -44.28
CA GLN J 184 -30.07 -17.22 -44.60
C GLN J 184 -29.34 -16.46 -43.50
N ALA J 185 -29.40 -16.97 -42.26
CA ALA J 185 -28.77 -16.30 -41.13
C ALA J 185 -27.27 -16.63 -41.07
N LYS J 186 -26.50 -16.06 -41.98
CA LYS J 186 -25.07 -16.34 -42.07
C LYS J 186 -24.24 -15.07 -42.08
N ALA J 187 -23.03 -15.14 -41.51
CA ALA J 187 -22.12 -14.00 -41.48
C ALA J 187 -20.67 -14.44 -41.51
N LYS J 188 -19.77 -13.48 -41.62
CA LYS J 188 -18.34 -13.76 -41.54
C LYS J 188 -17.75 -13.05 -40.33
N LEU J 189 -16.97 -13.77 -39.54
CA LEU J 189 -16.34 -13.18 -38.36
C LEU J 189 -15.16 -12.30 -38.78
N ASP J 190 -15.50 -11.07 -39.18
CA ASP J 190 -14.51 -10.17 -39.79
C ASP J 190 -14.22 -8.93 -38.95
N LYS J 191 -14.75 -8.91 -37.72
CA LYS J 191 -14.54 -7.77 -36.81
C LYS J 191 -14.49 -8.21 -35.35
N ASP J 192 -13.44 -7.76 -34.66
CA ASP J 192 -13.22 -8.03 -33.25
C ASP J 192 -14.31 -7.38 -32.37
N GLY J 193 -14.86 -8.16 -31.45
CA GLY J 193 -15.85 -7.69 -30.48
C GLY J 193 -17.17 -7.17 -31.00
N ASN J 194 -17.56 -7.59 -32.20
N ASN J 194 -17.54 -7.58 -32.21
CA ASN J 194 -18.79 -7.08 -32.81
CA ASN J 194 -18.76 -7.07 -32.87
C ASN J 194 -19.86 -8.17 -33.01
C ASN J 194 -19.82 -8.15 -33.12
N TYR J 195 -19.43 -9.43 -32.97
CA TYR J 195 -20.34 -10.56 -33.19
C TYR J 195 -20.64 -11.28 -31.87
N PRO J 196 -21.87 -11.12 -31.35
CA PRO J 196 -22.22 -11.75 -30.07
C PRO J 196 -22.19 -13.27 -30.11
N ILE J 197 -21.61 -13.86 -29.07
CA ILE J 197 -21.54 -15.31 -28.92
C ILE J 197 -22.95 -15.93 -28.88
N GLU J 198 -23.88 -15.28 -28.20
CA GLU J 198 -25.23 -15.85 -28.02
C GLU J 198 -26.08 -15.82 -29.30
N VAL J 199 -25.56 -15.15 -30.33
CA VAL J 199 -26.22 -15.05 -31.63
C VAL J 199 -25.54 -15.93 -32.69
N TRP J 200 -24.22 -16.03 -32.62
CA TRP J 200 -23.44 -16.63 -33.70
C TRP J 200 -22.59 -17.82 -33.22
N CYS J 201 -22.60 -18.89 -34.01
CA CYS J 201 -21.76 -20.06 -33.78
C CYS J 201 -21.02 -20.38 -35.09
N PRO J 202 -19.93 -21.18 -35.02
CA PRO J 202 -19.29 -21.55 -36.29
C PRO J 202 -20.24 -22.33 -37.20
N ASP J 203 -20.18 -22.03 -38.49
CA ASP J 203 -21.01 -22.69 -39.50
C ASP J 203 -20.32 -23.98 -39.99
N PRO J 204 -20.86 -25.14 -39.64
CA PRO J 204 -20.19 -26.40 -40.04
C PRO J 204 -20.35 -26.75 -41.52
N SER J 205 -21.25 -26.04 -42.22
CA SER J 205 -21.50 -26.26 -43.64
C SER J 205 -20.51 -25.49 -44.50
N LYS J 206 -19.71 -24.64 -43.86
CA LYS J 206 -18.65 -23.92 -44.57
C LYS J 206 -17.33 -24.18 -43.84
N ASN J 207 -16.48 -23.17 -43.69
CA ASN J 207 -15.22 -23.31 -42.94
C ASN J 207 -14.30 -24.44 -43.43
N GLU J 208 -14.31 -24.67 -44.75
CA GLU J 208 -13.41 -25.63 -45.38
C GLU J 208 -11.96 -25.22 -45.14
N ASN J 209 -11.71 -23.92 -45.05
CA ASN J 209 -10.36 -23.38 -44.92
C ASN J 209 -10.04 -22.82 -43.52
N SER J 210 -10.77 -23.30 -42.51
CA SER J 210 -10.49 -23.03 -41.11
C SER J 210 -10.61 -24.30 -40.28
N ARG J 211 -9.94 -24.32 -39.13
CA ARG J 211 -10.14 -25.36 -38.12
C ARG J 211 -10.65 -24.68 -36.87
N TYR J 212 -11.75 -25.17 -36.31
CA TYR J 212 -12.26 -24.62 -35.05
C TYR J 212 -12.55 -25.71 -34.02
N TYR J 213 -12.43 -25.33 -32.75
CA TYR J 213 -12.55 -26.24 -31.62
C TYR J 213 -13.23 -25.51 -30.48
N GLY J 214 -14.30 -26.07 -29.95
CA GLY J 214 -15.00 -25.39 -28.88
C GLY J 214 -15.83 -26.27 -27.97
N SER J 215 -16.29 -25.68 -26.87
CA SER J 215 -17.16 -26.36 -25.94
C SER J 215 -17.97 -25.34 -25.15
N ILE J 216 -19.07 -25.80 -24.57
CA ILE J 216 -19.87 -25.00 -23.65
C ILE J 216 -20.06 -25.82 -22.37
N GLN J 217 -20.33 -25.11 -21.28
CA GLN J 217 -20.69 -25.71 -20.02
C GLN J 217 -21.73 -24.77 -19.42
N THR J 218 -22.95 -25.27 -19.19
CA THR J 218 -23.97 -24.43 -18.54
C THR J 218 -24.08 -24.74 -17.03
N GLY J 219 -25.10 -24.22 -16.38
CA GLY J 219 -25.17 -24.24 -14.91
C GLY J 219 -24.73 -22.91 -14.32
N SER J 220 -25.13 -22.66 -13.08
CA SER J 220 -24.90 -21.35 -12.45
C SER J 220 -23.62 -21.25 -11.60
N GLN J 221 -23.31 -22.32 -10.87
CA GLN J 221 -22.09 -22.37 -10.05
C GLN J 221 -21.20 -23.55 -10.40
N THR J 222 -21.38 -24.06 -11.61
CA THR J 222 -20.60 -25.20 -12.11
C THR J 222 -19.12 -24.87 -12.05
N PRO J 223 -18.30 -25.80 -11.52
CA PRO J 223 -16.88 -25.51 -11.41
C PRO J 223 -16.26 -25.14 -12.75
N THR J 224 -15.47 -24.07 -12.74
CA THR J 224 -14.62 -23.76 -13.87
C THR J 224 -13.37 -24.64 -13.75
N VAL J 225 -13.15 -25.46 -14.78
CA VAL J 225 -12.09 -26.46 -14.79
C VAL J 225 -11.29 -26.25 -16.07
N LEU J 226 -10.05 -25.79 -15.91
CA LEU J 226 -9.21 -25.40 -17.04
C LEU J 226 -7.79 -25.91 -16.86
N GLN J 227 -7.15 -26.23 -17.97
CA GLN J 227 -5.76 -26.67 -17.94
C GLN J 227 -4.88 -25.69 -18.68
N PHE J 228 -3.59 -25.72 -18.37
CA PHE J 228 -2.58 -24.93 -19.07
C PHE J 228 -1.25 -25.66 -19.07
N SER J 229 -0.62 -25.73 -20.25
CA SER J 229 0.71 -26.33 -20.39
C SER J 229 1.33 -25.87 -21.70
N ASN J 230 2.63 -25.58 -21.67
CA ASN J 230 3.35 -25.18 -22.89
C ASN J 230 3.86 -26.39 -23.69
N THR J 231 3.35 -27.58 -23.37
CA THR J 231 3.74 -28.81 -24.07
C THR J 231 2.63 -29.32 -25.02
N LEU J 232 1.51 -28.61 -25.07
CA LEU J 232 0.35 -29.05 -25.84
C LEU J 232 0.27 -28.37 -27.21
N THR J 233 0.22 -29.19 -28.26
CA THR J 233 0.14 -28.72 -29.65
C THR J 233 -1.09 -29.29 -30.35
N THR J 234 -1.78 -28.45 -31.11
CA THR J 234 -2.86 -28.89 -31.97
C THR J 234 -2.36 -28.88 -33.41
N VAL J 235 -2.45 -30.04 -34.06
CA VAL J 235 -2.12 -30.17 -35.48
C VAL J 235 -3.33 -29.71 -36.29
N LEU J 236 -3.07 -28.87 -37.30
CA LEU J 236 -4.12 -28.23 -38.11
C LEU J 236 -4.32 -28.87 -39.49
N LEU J 237 -3.53 -29.89 -39.78
CA LEU J 237 -3.66 -30.61 -41.05
C LEU J 237 -4.97 -31.37 -41.13
N ASP J 238 -5.61 -31.32 -42.28
CA ASP J 238 -6.83 -32.11 -42.52
C ASP J 238 -6.46 -33.56 -42.86
N GLU J 239 -7.46 -34.36 -43.26
CA GLU J 239 -7.24 -35.78 -43.54
C GLU J 239 -6.30 -36.05 -44.73
N ASN J 240 -6.10 -35.04 -45.57
CA ASN J 240 -5.17 -35.13 -46.70
C ASN J 240 -3.80 -34.48 -46.42
N GLY J 241 -3.59 -34.08 -45.17
CA GLY J 241 -2.31 -33.47 -44.75
C GLY J 241 -2.14 -32.01 -45.16
N VAL J 242 -3.26 -31.31 -45.34
CA VAL J 242 -3.24 -29.90 -45.75
C VAL J 242 -3.86 -29.03 -44.66
N GLY J 243 -3.13 -28.00 -44.24
CA GLY J 243 -3.63 -27.02 -43.29
C GLY J 243 -4.33 -25.86 -43.98
N PRO J 244 -4.94 -24.95 -43.19
CA PRO J 244 -5.57 -23.77 -43.79
C PRO J 244 -4.57 -22.97 -44.62
N LEU J 245 -5.02 -22.50 -45.79
CA LEU J 245 -4.15 -21.76 -46.70
C LEU J 245 -4.52 -20.28 -46.67
N CYS J 246 -3.52 -19.44 -46.44
CA CYS J 246 -3.78 -18.03 -46.13
C CYS J 246 -3.94 -17.18 -47.39
N LYS J 247 -5.21 -16.94 -47.76
CA LYS J 247 -5.55 -16.16 -48.95
C LYS J 247 -5.18 -14.70 -48.75
N GLY J 248 -4.49 -14.14 -49.73
CA GLY J 248 -3.99 -12.77 -49.66
C GLY J 248 -3.02 -12.56 -48.51
N ASP J 249 -2.30 -13.62 -48.15
CA ASP J 249 -1.30 -13.61 -47.06
C ASP J 249 -1.87 -13.16 -45.70
N GLY J 250 -3.09 -13.59 -45.40
CA GLY J 250 -3.76 -13.22 -44.16
C GLY J 250 -4.15 -14.44 -43.35
N LEU J 251 -3.74 -14.45 -42.09
CA LEU J 251 -4.06 -15.52 -41.16
C LEU J 251 -5.11 -15.03 -40.19
N PHE J 252 -6.26 -15.73 -40.12
CA PHE J 252 -7.33 -15.34 -39.21
C PHE J 252 -7.36 -16.18 -37.96
N ILE J 253 -7.33 -15.48 -36.82
CA ILE J 253 -7.32 -16.13 -35.52
C ILE J 253 -8.49 -15.57 -34.71
N SER J 254 -9.33 -16.48 -34.23
CA SER J 254 -10.59 -16.16 -33.56
C SER J 254 -10.69 -16.96 -32.27
N CYS J 255 -11.38 -16.42 -31.27
CA CYS J 255 -11.61 -17.15 -30.03
C CYS J 255 -12.67 -16.54 -29.10
N ALA J 256 -13.06 -17.29 -28.09
CA ALA J 256 -13.93 -16.81 -27.01
C ALA J 256 -13.62 -17.65 -25.79
N ASP J 257 -13.50 -17.01 -24.62
CA ASP J 257 -13.20 -17.73 -23.39
C ASP J 257 -13.94 -17.12 -22.21
N ILE J 258 -15.21 -17.48 -22.09
CA ILE J 258 -16.01 -17.09 -20.96
C ILE J 258 -15.70 -18.09 -19.85
N VAL J 259 -15.35 -17.57 -18.66
CA VAL J 259 -14.87 -18.43 -17.57
C VAL J 259 -15.82 -18.53 -16.37
N GLY J 260 -16.98 -17.89 -16.48
CA GLY J 260 -17.98 -17.96 -15.40
C GLY J 260 -18.42 -16.60 -14.88
N PHE J 261 -19.21 -16.64 -13.81
CA PHE J 261 -19.82 -15.43 -13.25
C PHE J 261 -19.02 -14.85 -12.10
N LEU J 262 -18.98 -13.51 -12.06
CA LEU J 262 -18.62 -12.80 -10.84
C LEU J 262 -19.90 -12.59 -10.06
N PHE J 263 -19.96 -13.18 -8.86
CA PHE J 263 -21.13 -13.09 -7.99
C PHE J 263 -20.97 -11.90 -7.04
N LYS J 264 -21.89 -10.94 -7.14
CA LYS J 264 -21.82 -9.71 -6.34
C LYS J 264 -22.74 -9.78 -5.13
N THR J 265 -22.36 -9.07 -4.06
CA THR J 265 -23.11 -9.03 -2.81
C THR J 265 -24.62 -8.81 -3.02
N SER J 266 -24.98 -7.90 -3.92
CA SER J 266 -26.39 -7.61 -4.21
C SER J 266 -27.19 -8.82 -4.70
N GLY J 267 -26.46 -9.81 -5.23
CA GLY J 267 -27.07 -10.94 -5.91
C GLY J 267 -26.88 -10.82 -7.41
N LYS J 268 -26.47 -9.63 -7.87
CA LYS J 268 -26.23 -9.41 -9.29
C LYS J 268 -25.02 -10.24 -9.77
N MET J 269 -25.04 -10.58 -11.06
CA MET J 269 -24.02 -11.46 -11.63
C MET J 269 -23.58 -10.94 -12.98
N ALA J 270 -22.26 -10.93 -13.18
CA ALA J 270 -21.68 -10.60 -14.48
C ALA J 270 -20.77 -11.73 -14.97
N LEU J 271 -20.82 -12.00 -16.27
CA LEU J 271 -19.89 -12.94 -16.88
C LEU J 271 -18.50 -12.31 -17.03
N HIS J 272 -17.49 -13.17 -16.99
CA HIS J 272 -16.08 -12.79 -17.02
C HIS J 272 -15.36 -13.64 -18.09
N GLY J 273 -14.41 -13.02 -18.80
CA GLY J 273 -13.60 -13.74 -19.79
C GLY J 273 -12.10 -13.56 -19.54
N LEU J 274 -11.30 -14.47 -20.11
CA LEU J 274 -9.83 -14.40 -20.02
C LEU J 274 -9.22 -14.28 -21.42
N PRO J 275 -8.00 -13.72 -21.53
CA PRO J 275 -7.33 -13.63 -22.82
C PRO J 275 -6.77 -14.98 -23.27
N ARG J 276 -6.44 -15.07 -24.56
CA ARG J 276 -5.89 -16.30 -25.12
C ARG J 276 -4.64 -15.98 -25.92
N TYR J 277 -3.62 -16.83 -25.74
CA TYR J 277 -2.37 -16.74 -26.45
C TYR J 277 -2.29 -17.77 -27.58
N PHE J 278 -1.62 -17.41 -28.68
CA PHE J 278 -1.41 -18.31 -29.82
C PHE J 278 0.03 -18.26 -30.31
N ASN J 279 0.56 -19.43 -30.67
CA ASN J 279 1.80 -19.54 -31.44
C ASN J 279 1.51 -20.48 -32.60
N VAL J 280 1.36 -19.90 -33.79
CA VAL J 280 1.01 -20.67 -34.98
C VAL J 280 2.26 -20.93 -35.81
N THR J 281 2.42 -22.18 -36.23
CA THR J 281 3.51 -22.55 -37.12
C THR J 281 2.97 -22.66 -38.53
N LEU J 282 3.61 -21.96 -39.47
CA LEU J 282 3.21 -22.03 -40.87
C LEU J 282 4.35 -22.48 -41.77
N ARG J 283 3.99 -23.08 -42.90
CA ARG J 283 4.97 -23.46 -43.92
C ARG J 283 4.51 -22.97 -45.29
N LYS J 284 5.46 -22.77 -46.20
CA LYS J 284 5.13 -22.36 -47.56
C LYS J 284 4.61 -23.55 -48.38
N ARG J 285 3.51 -23.35 -49.08
CA ARG J 285 2.91 -24.39 -49.93
C ARG J 285 2.71 -23.87 -51.35
N TRP J 286 3.09 -24.67 -52.35
CA TRP J 286 2.79 -24.38 -53.74
C TRP J 286 1.32 -24.67 -54.01
N VAL J 287 0.64 -23.74 -54.68
CA VAL J 287 -0.76 -23.92 -55.06
C VAL J 287 -1.02 -23.44 -56.49
N LYS J 288 -2.15 -23.86 -57.05
CA LYS J 288 -2.55 -23.47 -58.41
C LYS J 288 -4.00 -22.97 -58.43
N VAL K 9 26.66 67.18 45.00
CA VAL K 9 25.40 67.92 44.69
C VAL K 9 24.21 67.45 45.53
N GLU K 10 23.14 68.22 45.46
CA GLU K 10 21.84 67.85 45.99
C GLU K 10 20.80 68.36 45.00
N VAL K 11 20.07 67.45 44.38
CA VAL K 11 19.16 67.80 43.30
C VAL K 11 17.84 68.30 43.89
N LEU K 12 17.48 69.54 43.54
CA LEU K 12 16.21 70.11 43.96
C LEU K 12 15.16 69.95 42.85
N SER K 13 14.26 70.93 42.70
CA SER K 13 13.15 70.79 41.75
C SER K 13 13.50 71.22 40.33
N VAL K 14 12.70 70.74 39.38
CA VAL K 14 12.78 71.15 37.99
C VAL K 14 12.31 72.60 37.87
N VAL K 15 13.11 73.42 37.21
CA VAL K 15 12.76 74.83 36.97
C VAL K 15 11.51 74.94 36.09
N THR K 16 10.53 75.72 36.54
CA THR K 16 9.34 76.00 35.74
C THR K 16 9.49 77.36 35.07
N GLY K 17 9.01 77.46 33.83
CA GLY K 17 9.09 78.71 33.07
C GLY K 17 9.03 78.47 31.57
N GLU K 18 9.00 79.56 30.80
CA GLU K 18 8.79 79.48 29.36
C GLU K 18 9.99 78.87 28.60
N ASP K 19 11.20 79.26 28.98
CA ASP K 19 12.41 78.79 28.29
C ASP K 19 13.21 77.77 29.10
N SER K 20 12.51 76.86 29.76
CA SER K 20 13.15 75.89 30.64
C SER K 20 13.61 74.62 29.91
N ILE K 21 13.22 74.48 28.64
CA ILE K 21 13.60 73.33 27.83
C ILE K 21 14.37 73.78 26.58
N THR K 22 15.41 73.02 26.23
CA THR K 22 16.21 73.30 25.05
C THR K 22 16.64 71.99 24.36
N GLN K 23 16.90 72.07 23.06
N GLN K 23 16.92 72.09 23.07
CA GLN K 23 17.39 70.91 22.30
CA GLN K 23 17.38 70.97 22.26
C GLN K 23 18.75 71.20 21.71
C GLN K 23 18.80 71.24 21.78
N ILE K 24 19.63 70.20 21.76
CA ILE K 24 20.99 70.29 21.22
C ILE K 24 21.15 69.21 20.14
N GLU K 25 21.55 69.63 18.94
CA GLU K 25 21.79 68.69 17.84
C GLU K 25 23.26 68.71 17.45
N LEU K 26 23.79 67.53 17.16
N LEU K 26 23.79 67.52 17.17
CA LEU K 26 25.11 67.42 16.58
CA LEU K 26 25.23 67.32 16.88
C LEU K 26 25.29 66.08 15.91
C LEU K 26 25.48 65.99 16.18
N TYR K 27 26.42 65.96 15.22
CA TYR K 27 26.88 64.69 14.67
C TYR K 27 28.36 64.54 14.98
N LEU K 28 28.83 63.31 15.07
CA LEU K 28 30.23 63.00 15.24
C LEU K 28 30.70 62.07 14.13
N ASN K 29 31.70 62.51 13.37
CA ASN K 29 32.32 61.65 12.36
C ASN K 29 33.25 60.60 12.99
N PRO K 30 33.33 59.40 12.39
CA PRO K 30 34.11 58.34 13.01
C PRO K 30 35.61 58.61 12.97
N ARG K 31 36.31 58.11 13.99
CA ARG K 31 37.75 58.27 14.12
C ARG K 31 38.39 56.88 14.10
N MET K 32 38.47 56.29 12.91
CA MET K 32 38.89 54.90 12.77
C MET K 32 40.40 54.72 12.72
N GLY K 33 41.13 55.82 12.55
CA GLY K 33 42.60 55.75 12.42
C GLY K 33 43.09 56.75 11.42
N VAL K 34 42.43 56.83 10.26
CA VAL K 34 42.60 57.95 9.36
C VAL K 34 41.48 58.91 9.74
N ASN K 35 41.84 59.93 10.52
CA ASN K 35 40.86 60.74 11.27
C ASN K 35 40.51 62.09 10.66
N SER K 36 41.15 62.44 9.55
CA SER K 36 40.91 63.70 8.89
C SER K 36 40.72 63.48 7.38
N PRO K 37 39.76 64.22 6.78
CA PRO K 37 39.56 64.18 5.33
C PRO K 37 40.42 65.20 4.58
N ASP K 38 41.25 65.95 5.32
CA ASP K 38 41.96 67.09 4.74
C ASP K 38 43.48 66.92 4.60
N LEU K 39 43.96 65.69 4.80
CA LEU K 39 45.38 65.39 4.67
C LEU K 39 45.82 65.32 3.20
N PRO K 40 47.08 65.73 2.91
CA PRO K 40 47.56 65.79 1.52
C PRO K 40 47.36 64.50 0.72
N THR K 41 47.69 63.35 1.31
CA THR K 41 47.70 62.08 0.57
C THR K 41 46.80 60.97 1.12
N THR K 42 46.88 60.71 2.42
CA THR K 42 46.27 59.51 3.02
C THR K 42 44.74 59.58 3.24
N SER K 43 44.17 60.76 3.01
CA SER K 43 42.75 61.01 3.32
C SER K 43 41.70 60.20 2.56
N ASN K 44 42.09 59.49 1.50
CA ASN K 44 41.18 58.58 0.80
CA ASN K 44 41.16 58.60 0.81
C ASN K 44 40.66 57.50 1.74
N TRP K 45 41.42 57.21 2.80
CA TRP K 45 41.04 56.20 3.78
C TRP K 45 40.32 56.76 5.01
N TYR K 46 39.90 58.01 4.93
CA TYR K 46 39.08 58.62 5.98
C TYR K 46 37.85 57.74 6.26
N THR K 47 37.62 57.47 7.55
CA THR K 47 36.58 56.55 8.09
C THR K 47 36.96 55.06 8.04
N TYR K 48 38.22 54.80 7.73
CA TYR K 48 38.78 53.46 7.70
C TYR K 48 40.08 53.41 8.49
N THR K 49 40.48 52.19 8.87
CA THR K 49 41.83 51.94 9.33
C THR K 49 42.72 51.68 8.11
N TYR K 50 44.00 51.45 8.37
CA TYR K 50 44.89 50.85 7.39
C TYR K 50 44.68 49.32 7.42
N ASP K 51 45.59 48.56 6.82
CA ASP K 51 45.39 47.11 6.78
C ASP K 51 45.76 46.45 8.12
N LEU K 52 44.82 45.68 8.66
CA LEU K 52 45.01 45.03 9.95
C LEU K 52 45.61 43.65 9.77
N GLN K 53 46.79 43.43 10.36
CA GLN K 53 47.51 42.16 10.21
C GLN K 53 48.24 41.76 11.48
N PRO K 54 48.20 40.46 11.84
CA PRO K 54 49.10 39.98 12.88
C PRO K 54 50.55 40.06 12.38
N LYS K 55 51.43 40.60 13.22
CA LYS K 55 52.84 40.82 12.86
C LYS K 55 53.56 39.52 12.47
N GLY K 56 53.28 38.45 13.22
CA GLY K 56 53.90 37.16 12.99
C GLY K 56 55.11 36.94 13.86
N SER K 57 55.56 38.01 14.52
CA SER K 57 56.63 37.96 15.50
C SER K 57 56.36 39.00 16.60
N SER K 58 56.93 38.77 17.78
N SER K 58 56.91 38.77 17.79
CA SER K 58 56.72 39.62 18.95
CA SER K 58 56.69 39.63 18.95
C SER K 58 57.74 40.76 19.04
C SER K 58 57.72 40.76 19.03
N PRO K 59 57.32 41.94 19.54
CA PRO K 59 55.97 42.31 19.98
C PRO K 59 55.14 42.99 18.90
N ASP K 60 53.84 43.08 19.12
CA ASP K 60 52.99 43.87 18.25
C ASP K 60 53.34 45.34 18.46
N GLN K 61 53.54 46.06 17.36
CA GLN K 61 53.84 47.49 17.41
C GLN K 61 52.87 48.23 16.51
N PRO K 62 51.58 48.31 16.91
CA PRO K 62 50.56 48.84 16.00
C PRO K 62 50.76 50.33 15.68
N ILE K 63 50.37 50.72 14.48
CA ILE K 63 50.44 52.13 14.08
C ILE K 63 49.12 52.81 14.43
N LYS K 64 49.15 54.13 14.57
CA LYS K 64 47.94 54.88 14.97
C LYS K 64 46.76 54.76 14.01
N GLU K 65 47.06 54.60 12.72
CA GLU K 65 46.02 54.44 11.68
C GLU K 65 45.24 53.14 11.81
N ASN K 66 45.76 52.21 12.62
CA ASN K 66 45.09 50.93 12.88
C ASN K 66 44.41 50.86 14.27
N LEU K 67 44.19 52.02 14.88
CA LEU K 67 43.59 52.08 16.21
C LEU K 67 42.34 52.97 16.26
N PRO K 68 41.17 52.39 15.88
CA PRO K 68 39.89 53.08 16.02
C PRO K 68 39.76 53.63 17.42
N ALA K 69 39.29 54.86 17.52
CA ALA K 69 39.20 55.57 18.77
C ALA K 69 37.79 56.11 18.95
N TYR K 70 37.45 56.44 20.19
CA TYR K 70 36.15 57.05 20.48
C TYR K 70 36.06 58.46 19.93
N SER K 71 34.86 58.81 19.47
CA SER K 71 34.53 60.18 19.11
C SER K 71 33.96 60.86 20.34
N VAL K 72 34.21 62.16 20.47
CA VAL K 72 33.66 62.92 21.60
C VAL K 72 33.57 64.41 21.27
N ALA K 73 32.53 65.05 21.77
CA ALA K 73 32.45 66.51 21.75
C ALA K 73 31.88 67.01 23.06
N ARG K 74 32.36 68.18 23.47
CA ARG K 74 31.74 68.94 24.55
C ARG K 74 30.94 70.05 23.88
N VAL K 75 29.63 70.08 24.13
CA VAL K 75 28.78 71.15 23.62
C VAL K 75 28.56 72.17 24.72
N SER K 76 28.85 73.43 24.41
CA SER K 76 28.60 74.54 25.34
C SER K 76 27.11 74.86 25.37
N LEU K 77 26.56 74.93 26.58
CA LEU K 77 25.14 75.19 26.75
C LEU K 77 24.92 76.65 27.17
N PRO K 78 23.70 77.19 26.94
CA PRO K 78 23.39 78.54 27.40
C PRO K 78 23.70 78.71 28.89
N MET K 79 24.43 79.78 29.21
CA MET K 79 24.82 80.08 30.58
C MET K 79 23.58 80.34 31.43
N LEU K 80 23.59 79.83 32.64
CA LEU K 80 22.39 79.82 33.49
C LEU K 80 22.45 80.70 34.71
N ASN K 81 23.65 80.91 35.25
CA ASN K 81 23.81 81.57 36.55
C ASN K 81 24.60 82.89 36.49
N GLU K 82 24.11 83.87 37.24
CA GLU K 82 24.74 85.19 37.30
C GLU K 82 25.59 85.38 38.55
N ASP K 83 25.18 84.73 39.65
CA ASP K 83 25.91 84.80 40.92
C ASP K 83 26.22 83.41 41.48
N ASP K 87 25.73 79.15 45.79
CA ASP K 87 25.49 77.95 46.60
C ASP K 87 24.41 77.07 45.96
N THR K 88 23.27 77.69 45.62
CA THR K 88 22.19 77.02 44.91
C THR K 88 22.06 77.63 43.52
N LEU K 89 22.11 76.77 42.51
CA LEU K 89 22.15 77.23 41.12
C LEU K 89 21.35 76.36 40.16
N GLN K 90 21.22 76.83 38.92
CA GLN K 90 20.58 76.06 37.87
C GLN K 90 21.62 75.30 37.05
N MET K 91 21.26 74.08 36.65
CA MET K 91 22.08 73.26 35.76
C MET K 91 21.19 72.66 34.70
N TRP K 92 21.72 72.50 33.49
CA TRP K 92 21.00 71.79 32.44
C TRP K 92 21.01 70.31 32.76
N GLU K 93 19.86 69.67 32.59
CA GLU K 93 19.69 68.26 32.88
C GLU K 93 19.28 67.56 31.60
N ALA K 94 20.10 66.61 31.15
CA ALA K 94 19.77 65.86 29.92
C ALA K 94 18.70 64.81 30.23
N ILE K 95 17.57 64.87 29.54
CA ILE K 95 16.44 63.99 29.88
C ILE K 95 16.13 62.91 28.84
N SER K 96 16.49 63.19 27.59
CA SER K 96 16.24 62.24 26.52
C SER K 96 17.16 62.51 25.34
N VAL K 97 17.35 61.48 24.53
CA VAL K 97 18.14 61.60 23.31
C VAL K 97 17.56 60.77 22.17
N LYS K 98 17.55 61.35 20.97
CA LYS K 98 17.34 60.60 19.74
C LYS K 98 18.69 60.51 19.06
N THR K 99 19.14 59.30 18.77
CA THR K 99 20.44 59.08 18.15
C THR K 99 20.30 58.06 17.03
N GLU K 100 21.16 58.19 16.03
CA GLU K 100 21.05 57.37 14.82
C GLU K 100 22.41 57.27 14.13
N VAL K 101 22.73 56.07 13.66
CA VAL K 101 23.92 55.88 12.83
C VAL K 101 23.56 56.31 11.40
N VAL K 102 24.37 57.20 10.84
CA VAL K 102 24.10 57.83 9.56
C VAL K 102 24.89 57.10 8.47
N GLY K 103 24.32 57.00 7.27
CA GLY K 103 25.02 56.37 6.15
C GLY K 103 24.93 54.86 6.14
N ILE K 104 23.96 54.30 6.85
CA ILE K 104 23.84 52.84 6.91
C ILE K 104 23.68 52.26 5.49
N SER K 105 22.87 52.92 4.67
CA SER K 105 22.58 52.50 3.30
C SER K 105 23.81 52.39 2.39
N SER K 106 24.86 53.16 2.69
CA SER K 106 26.12 53.10 1.93
C SER K 106 26.71 51.69 1.86
N LEU K 107 26.39 50.88 2.87
CA LEU K 107 26.93 49.54 3.00
C LEU K 107 26.30 48.48 2.08
N ILE K 108 25.34 48.86 1.24
CA ILE K 108 24.84 47.93 0.22
C ILE K 108 25.81 47.84 -0.99
N ASN K 109 26.81 48.74 -1.03
CA ASN K 109 27.81 48.76 -2.10
C ASN K 109 28.68 47.49 -2.02
N VAL K 110 28.51 46.62 -3.01
CA VAL K 110 29.29 45.40 -3.15
C VAL K 110 30.12 45.44 -4.43
N HIS K 111 30.52 46.66 -4.83
CA HIS K 111 31.28 46.85 -6.06
C HIS K 111 32.37 47.92 -5.91
N TYR K 112 32.91 48.05 -4.71
CA TYR K 112 34.16 48.79 -4.50
C TYR K 112 35.19 48.18 -5.46
N TRP K 113 35.99 49.03 -6.13
CA TRP K 113 36.83 48.58 -7.25
C TRP K 113 37.86 47.51 -6.90
N ASP K 114 38.31 47.53 -5.64
CA ASP K 114 39.30 46.60 -5.15
C ASP K 114 38.73 45.66 -4.08
N MET K 115 37.43 45.34 -4.20
CA MET K 115 36.77 44.44 -3.26
C MET K 115 37.08 42.97 -3.55
N LYS K 116 37.40 42.22 -2.50
CA LYS K 116 37.54 40.77 -2.62
C LYS K 116 36.18 40.18 -2.92
N ARG K 117 36.11 39.32 -3.93
CA ARG K 117 34.83 38.72 -4.34
C ARG K 117 34.45 37.58 -3.41
N VAL K 118 33.15 37.31 -3.33
CA VAL K 118 32.65 36.18 -2.53
C VAL K 118 33.06 34.84 -3.15
N HIS K 119 33.17 34.82 -4.48
CA HIS K 119 33.67 33.68 -5.26
C HIS K 119 33.96 34.19 -6.68
N ASP K 120 34.53 33.32 -7.53
CA ASP K 120 34.80 33.69 -8.93
C ASP K 120 33.57 34.30 -9.59
N TYR K 121 33.78 35.45 -10.24
CA TYR K 121 32.74 36.20 -10.97
C TYR K 121 31.67 36.86 -10.09
N GLY K 122 31.83 36.72 -8.78
CA GLY K 122 30.82 37.22 -7.84
C GLY K 122 30.97 38.67 -7.46
N ALA K 123 30.00 39.15 -6.69
CA ALA K 123 30.04 40.48 -6.11
C ALA K 123 31.10 40.55 -5.00
N GLY K 124 31.45 41.77 -4.59
CA GLY K 124 32.35 41.96 -3.46
C GLY K 124 31.73 41.43 -2.18
N ILE K 125 32.58 41.01 -1.25
CA ILE K 125 32.13 40.68 0.09
C ILE K 125 31.73 42.01 0.73
N PRO K 126 30.49 42.09 1.23
CA PRO K 126 30.04 43.35 1.81
C PRO K 126 30.72 43.65 3.13
N VAL K 127 30.72 44.94 3.50
CA VAL K 127 31.20 45.35 4.83
C VAL K 127 30.47 44.51 5.87
N SER K 128 31.26 43.75 6.64
N SER K 128 31.24 43.70 6.60
CA SER K 128 30.73 42.78 7.59
CA SER K 128 30.73 42.71 7.54
C SER K 128 31.83 42.38 8.56
C SER K 128 31.83 42.37 8.55
N GLY K 129 31.47 41.63 9.60
CA GLY K 129 32.45 41.19 10.59
C GLY K 129 32.32 41.93 11.90
N VAL K 130 33.47 42.32 12.46
CA VAL K 130 33.53 42.97 13.76
C VAL K 130 32.73 44.27 13.77
N ASN K 131 31.76 44.33 14.67
CA ASN K 131 31.03 45.55 14.97
C ASN K 131 31.28 45.97 16.42
N TYR K 132 31.30 47.28 16.65
CA TYR K 132 31.32 47.82 18.00
C TYR K 132 30.50 49.11 17.96
N HIS K 133 29.45 49.19 18.77
CA HIS K 133 28.56 50.34 18.76
C HIS K 133 28.29 50.79 20.16
N MET K 134 28.52 52.07 20.41
CA MET K 134 28.26 52.63 21.73
C MET K 134 28.00 54.11 21.65
N PHE K 135 27.18 54.61 22.57
CA PHE K 135 27.07 56.04 22.71
C PHE K 135 26.90 56.37 24.18
N ALA K 136 27.24 57.61 24.53
CA ALA K 136 27.11 58.09 25.91
C ALA K 136 26.73 59.56 25.90
N ILE K 137 25.92 59.92 26.89
CA ILE K 137 25.51 61.30 27.14
C ILE K 137 25.84 61.56 28.60
N GLY K 138 26.56 62.64 28.88
CA GLY K 138 26.96 62.93 30.25
C GLY K 138 27.15 64.42 30.54
N GLY K 139 27.16 64.76 31.81
CA GLY K 139 27.38 66.14 32.24
C GLY K 139 28.84 66.42 32.53
N GLU K 140 29.69 65.45 32.17
CA GLU K 140 31.14 65.50 32.35
C GLU K 140 31.76 64.41 31.47
N PRO K 141 33.10 64.42 31.28
CA PRO K 141 33.71 63.38 30.43
C PRO K 141 33.39 61.96 30.87
N LEU K 142 33.27 61.04 29.92
CA LEU K 142 33.05 59.64 30.24
C LEU K 142 34.26 59.07 30.97
N ASP K 143 33.99 58.33 32.05
CA ASP K 143 35.05 57.62 32.76
C ASP K 143 35.41 56.35 32.03
N LEU K 144 36.70 56.12 31.81
CA LEU K 144 37.21 54.95 31.09
C LEU K 144 38.01 53.97 31.96
N GLN K 145 37.89 52.68 31.64
CA GLN K 145 38.70 51.64 32.24
C GLN K 145 39.58 51.01 31.17
N GLY K 146 40.87 50.86 31.47
CA GLY K 146 41.82 50.26 30.53
C GLY K 146 41.91 48.77 30.70
N LEU K 147 41.86 48.05 29.58
CA LEU K 147 42.06 46.60 29.53
C LEU K 147 42.39 46.21 28.08
N VAL K 148 43.47 45.44 27.91
CA VAL K 148 43.92 45.05 26.58
C VAL K 148 43.99 43.54 26.42
N LEU K 149 43.83 43.07 25.18
CA LEU K 149 44.02 41.67 24.84
C LEU K 149 45.42 41.16 25.20
N ASP K 150 46.44 41.98 24.94
CA ASP K 150 47.85 41.61 25.14
C ASP K 150 48.65 42.76 25.77
N TYR K 151 49.07 42.56 27.03
CA TYR K 151 49.81 43.60 27.76
C TYR K 151 51.17 43.93 27.13
N GLN K 152 51.66 43.03 26.27
CA GLN K 152 52.98 43.21 25.64
C GLN K 152 52.92 44.06 24.39
N THR K 153 51.71 44.42 23.96
CA THR K 153 51.53 45.32 22.84
C THR K 153 52.24 46.64 23.10
N GLN K 154 53.01 47.10 22.12
CA GLN K 154 53.70 48.38 22.21
C GLN K 154 52.96 49.43 21.39
N TYR K 155 52.07 50.17 22.05
CA TYR K 155 51.31 51.22 21.41
C TYR K 155 52.20 52.43 21.09
N PRO K 156 51.84 53.23 20.07
CA PRO K 156 52.65 54.40 19.75
C PRO K 156 52.56 55.43 20.87
N LYS K 157 53.67 56.09 21.18
CA LYS K 157 53.70 57.06 22.27
C LYS K 157 52.97 58.35 21.86
N THR K 158 52.56 59.14 22.84
CA THR K 158 51.88 60.43 22.57
C THR K 158 52.88 61.48 22.09
N GLY K 162 50.01 61.29 18.95
CA GLY K 162 49.55 59.92 18.99
C GLY K 162 48.47 59.67 20.04
N PRO K 163 48.13 58.38 20.25
CA PRO K 163 47.03 57.98 21.14
C PRO K 163 47.39 57.88 22.62
N ILE K 164 46.38 58.02 23.46
CA ILE K 164 46.55 57.90 24.90
C ILE K 164 46.16 56.47 25.30
N THR K 165 47.13 55.73 25.83
CA THR K 165 46.88 54.34 26.23
C THR K 165 47.26 54.13 27.70
N ILE K 166 47.25 52.89 28.15
CA ILE K 166 47.48 52.61 29.57
C ILE K 166 48.86 53.10 30.01
N GLU K 167 49.90 52.83 29.22
CA GLU K 167 51.25 53.32 29.52
C GLU K 167 51.28 54.86 29.70
N THR K 168 50.56 55.58 28.85
CA THR K 168 50.42 57.03 28.95
C THR K 168 49.97 57.49 30.34
N VAL K 169 48.90 56.87 30.87
N VAL K 169 48.89 56.86 30.83
CA VAL K 169 48.30 57.30 32.13
CA VAL K 169 48.26 57.24 32.10
C VAL K 169 48.92 56.69 33.39
C VAL K 169 49.11 56.80 33.28
N LEU K 170 49.61 55.56 33.23
CA LEU K 170 50.38 54.98 34.33
C LEU K 170 51.77 55.59 34.45
N GLY K 171 52.32 56.06 33.34
CA GLY K 171 53.69 56.59 33.32
C GLY K 171 54.75 55.52 33.44
N ARG K 172 54.35 54.28 33.12
CA ARG K 172 55.23 53.11 33.18
C ARG K 172 54.59 52.04 32.29
N LYS K 173 55.37 51.02 31.92
CA LYS K 173 54.88 49.98 31.02
C LYS K 173 53.79 49.11 31.66
N MET K 174 52.91 48.57 30.82
CA MET K 174 51.87 47.65 31.27
C MET K 174 52.49 46.38 31.86
N THR K 175 51.75 45.72 32.74
CA THR K 175 52.12 44.40 33.26
C THR K 175 50.98 43.42 32.96
N PRO K 176 51.16 42.11 33.26
CA PRO K 176 50.10 41.12 32.99
C PRO K 176 48.72 41.49 33.56
N LYS K 177 48.69 42.16 34.71
CA LYS K 177 47.42 42.57 35.33
C LYS K 177 46.53 43.42 34.41
N ASN K 178 47.13 44.06 33.39
CA ASN K 178 46.37 44.87 32.44
C ASN K 178 45.59 44.10 31.37
N GLN K 179 45.70 42.78 31.38
CA GLN K 179 44.82 41.92 30.60
C GLN K 179 43.53 41.66 31.39
N GLY K 180 43.57 42.02 32.68
CA GLY K 180 42.40 42.00 33.54
C GLY K 180 42.08 43.41 34.00
N LEU K 181 41.31 43.51 35.08
CA LEU K 181 40.91 44.83 35.58
C LEU K 181 41.94 45.36 36.57
N ASP K 182 42.69 46.37 36.16
CA ASP K 182 43.60 47.11 37.03
C ASP K 182 42.96 48.46 37.32
N PRO K 183 42.55 48.71 38.57
CA PRO K 183 41.88 49.97 38.92
C PRO K 183 42.75 51.21 38.75
N GLN K 184 44.05 51.03 38.57
CA GLN K 184 44.93 52.16 38.29
C GLN K 184 44.85 52.61 36.82
N ALA K 185 44.42 51.70 35.96
CA ALA K 185 44.32 51.96 34.51
C ALA K 185 43.01 52.67 34.18
N LYS K 186 42.94 53.94 34.53
CA LYS K 186 41.71 54.72 34.36
C LYS K 186 42.00 56.05 33.71
N ALA K 187 41.00 56.56 32.99
CA ALA K 187 41.15 57.82 32.28
C ALA K 187 39.78 58.44 32.05
N LYS K 188 39.79 59.68 31.59
CA LYS K 188 38.57 60.37 31.19
C LYS K 188 38.59 60.59 29.69
N LEU K 189 37.45 60.36 29.06
CA LEU K 189 37.33 60.55 27.61
C LEU K 189 37.17 62.03 27.29
N ASP K 190 38.30 62.74 27.19
CA ASP K 190 38.29 64.19 27.05
C ASP K 190 38.90 64.69 25.73
N LYS K 191 39.24 63.76 24.84
CA LYS K 191 39.81 64.14 23.54
C LYS K 191 39.27 63.28 22.40
N ASP K 192 38.80 63.95 21.35
CA ASP K 192 38.27 63.27 20.15
C ASP K 192 39.38 62.52 19.40
N GLY K 193 39.09 61.27 19.05
CA GLY K 193 39.99 60.46 18.21
C GLY K 193 41.36 60.12 18.80
N ASN K 194 41.45 60.08 20.13
CA ASN K 194 42.74 59.88 20.79
C ASN K 194 42.80 58.70 21.77
N TYR K 195 41.63 58.18 22.17
CA TYR K 195 41.56 57.03 23.08
C TYR K 195 41.13 55.78 22.31
N PRO K 196 42.06 54.82 22.09
CA PRO K 196 41.76 53.61 21.31
C PRO K 196 40.65 52.76 21.92
N ILE K 197 39.72 52.34 21.07
CA ILE K 197 38.66 51.42 21.49
C ILE K 197 39.20 50.10 22.08
N GLU K 198 40.23 49.52 21.47
CA GLU K 198 40.76 48.23 21.94
C GLU K 198 41.51 48.32 23.27
N VAL K 199 41.75 49.55 23.74
CA VAL K 199 42.40 49.77 25.02
C VAL K 199 41.40 50.21 26.10
N TRP K 200 40.42 51.04 25.72
CA TRP K 200 39.54 51.69 26.70
C TRP K 200 38.07 51.28 26.58
N CYS K 201 37.45 50.99 27.71
CA CYS K 201 36.01 50.73 27.79
C CYS K 201 35.38 51.63 28.85
N PRO K 202 34.03 51.81 28.82
CA PRO K 202 33.45 52.62 29.89
C PRO K 202 33.67 51.96 31.25
N ASP K 203 33.90 52.79 32.27
CA ASP K 203 34.14 52.31 33.62
C ASP K 203 32.79 52.24 34.36
N PRO K 204 32.28 51.03 34.63
CA PRO K 204 30.99 50.89 35.30
C PRO K 204 31.01 51.32 36.77
N SER K 205 32.22 51.44 37.33
CA SER K 205 32.38 51.83 38.73
C SER K 205 32.28 53.33 38.95
N LYS K 206 32.29 54.09 37.86
CA LYS K 206 32.11 55.54 37.95
C LYS K 206 30.93 55.93 37.09
N ASN K 207 31.07 56.99 36.28
CA ASN K 207 30.01 57.39 35.34
C ASN K 207 28.62 57.60 35.97
N GLU K 208 28.62 58.09 37.21
CA GLU K 208 27.36 58.40 37.91
C GLU K 208 26.59 59.48 37.15
N ASN K 209 27.33 60.38 36.51
CA ASN K 209 26.74 61.54 35.84
C ASN K 209 26.76 61.39 34.31
N SER K 210 26.83 60.14 33.85
CA SER K 210 26.73 59.78 32.43
C SER K 210 25.78 58.59 32.25
N ARG K 211 25.21 58.46 31.05
CA ARG K 211 24.51 57.24 30.65
C ARG K 211 25.21 56.70 29.40
N TYR K 212 25.56 55.42 29.42
CA TYR K 212 26.18 54.82 28.22
C TYR K 212 25.51 53.51 27.83
N TYR K 213 25.57 53.20 26.54
CA TYR K 213 24.87 52.04 25.98
C TYR K 213 25.79 51.51 24.88
N GLY K 214 26.04 50.21 24.85
CA GLY K 214 26.91 49.67 23.82
C GLY K 214 26.82 48.18 23.60
N SER K 215 27.43 47.73 22.52
CA SER K 215 27.47 46.31 22.19
C SER K 215 28.70 46.02 21.34
N ILE K 216 29.09 44.74 21.32
CA ILE K 216 30.13 44.25 20.43
C ILE K 216 29.62 43.02 19.69
N GLN K 217 30.19 42.79 18.52
CA GLN K 217 29.91 41.60 17.74
C GLN K 217 31.21 41.17 17.10
N THR K 218 31.69 39.96 17.43
CA THR K 218 32.94 39.49 16.81
C THR K 218 32.64 38.59 15.61
N GLY K 219 33.58 37.75 15.20
CA GLY K 219 33.50 37.02 13.93
C GLY K 219 34.05 37.82 12.77
N SER K 220 34.54 37.14 11.73
CA SER K 220 35.18 37.82 10.60
C SER K 220 34.24 38.32 9.51
N GLN K 221 33.18 37.57 9.24
CA GLN K 221 32.23 37.95 8.18
C GLN K 221 30.79 37.98 8.67
N THR K 222 30.63 38.09 9.99
CA THR K 222 29.33 38.20 10.64
C THR K 222 28.52 39.34 10.02
N PRO K 223 27.24 39.09 9.69
CA PRO K 223 26.43 40.15 9.08
C PRO K 223 26.38 41.40 9.96
N THR K 224 26.57 42.54 9.34
CA THR K 224 26.28 43.81 9.99
C THR K 224 24.77 44.03 9.88
N VAL K 225 24.12 44.11 11.05
CA VAL K 225 22.68 44.25 11.16
C VAL K 225 22.41 45.51 11.98
N LEU K 226 21.85 46.52 11.33
CA LEU K 226 21.65 47.82 11.98
C LEU K 226 20.26 48.36 11.64
N GLN K 227 19.70 49.13 12.57
CA GLN K 227 18.40 49.75 12.36
C GLN K 227 18.51 51.26 12.40
N PHE K 228 17.52 51.94 11.82
CA PHE K 228 17.46 53.39 11.83
C PHE K 228 16.02 53.83 11.75
N SER K 229 15.64 54.76 12.64
CA SER K 229 14.31 55.35 12.66
C SER K 229 14.33 56.65 13.43
N ASN K 230 13.59 57.65 12.95
CA ASN K 230 13.48 58.92 13.68
C ASN K 230 12.39 58.92 14.75
N THR K 231 11.85 57.75 15.06
CA THR K 231 10.76 57.61 16.04
C THR K 231 11.25 57.05 17.39
N LEU K 232 12.54 56.76 17.49
CA LEU K 232 13.09 56.14 18.70
C LEU K 232 13.79 57.12 19.61
N THR K 233 13.40 57.09 20.89
CA THR K 233 13.92 57.98 21.92
C THR K 233 14.50 57.17 23.10
N THR K 234 15.67 57.56 23.58
CA THR K 234 16.22 56.99 24.82
C THR K 234 16.01 58.00 25.95
N VAL K 235 15.34 57.56 27.01
CA VAL K 235 15.15 58.36 28.22
C VAL K 235 16.42 58.27 29.06
N LEU K 236 16.93 59.42 29.50
CA LEU K 236 18.21 59.48 30.21
C LEU K 236 18.08 59.58 31.72
N LEU K 237 16.85 59.61 32.21
CA LEU K 237 16.58 59.72 33.64
C LEU K 237 16.97 58.44 34.38
N ASP K 238 17.59 58.59 35.54
CA ASP K 238 17.90 57.44 36.38
C ASP K 238 16.66 56.95 37.16
N GLU K 239 16.88 56.02 38.08
CA GLU K 239 15.81 55.45 38.92
C GLU K 239 15.06 56.50 39.77
N ASN K 240 15.73 57.60 40.10
CA ASN K 240 15.09 58.68 40.85
C ASN K 240 14.52 59.82 40.00
N GLY K 241 14.55 59.65 38.68
CA GLY K 241 14.03 60.66 37.76
C GLY K 241 14.97 61.80 37.42
N VAL K 242 16.27 61.56 37.61
CA VAL K 242 17.30 62.59 37.39
C VAL K 242 18.18 62.18 36.21
N GLY K 243 18.34 63.08 35.25
CA GLY K 243 19.24 62.85 34.12
C GLY K 243 20.62 63.42 34.44
N PRO K 244 21.60 63.20 33.55
CA PRO K 244 22.93 63.80 33.64
C PRO K 244 22.85 65.32 33.84
N LEU K 245 23.64 65.83 34.77
CA LEU K 245 23.66 67.26 35.10
C LEU K 245 24.94 67.92 34.56
N CYS K 246 24.76 68.95 33.75
CA CYS K 246 25.87 69.52 32.99
C CYS K 246 26.76 70.50 33.76
N LYS K 247 27.88 69.96 34.26
CA LYS K 247 28.86 70.75 35.01
C LYS K 247 29.52 71.78 34.10
N GLY K 248 29.56 73.02 34.56
CA GLY K 248 30.10 74.14 33.80
C GLY K 248 29.38 74.41 32.49
N ASP K 249 28.08 74.06 32.44
CA ASP K 249 27.23 74.20 31.26
C ASP K 249 27.81 73.50 30.03
N GLY K 250 28.43 72.35 30.26
CA GLY K 250 29.02 71.54 29.20
C GLY K 250 28.36 70.18 29.13
N LEU K 251 27.95 69.80 27.92
CA LEU K 251 27.33 68.49 27.67
C LEU K 251 28.31 67.63 26.89
N PHE K 252 28.60 66.44 27.40
CA PHE K 252 29.56 65.54 26.77
C PHE K 252 28.87 64.42 26.04
N ILE K 253 29.23 64.31 24.76
CA ILE K 253 28.64 63.32 23.89
C ILE K 253 29.75 62.47 23.29
N SER K 254 29.65 61.14 23.45
CA SER K 254 30.71 60.23 23.03
C SER K 254 30.12 59.06 22.26
N CYS K 255 30.88 58.54 21.30
CA CYS K 255 30.40 57.35 20.60
C CYS K 255 31.49 56.58 19.86
N ALA K 256 31.11 55.41 19.37
CA ALA K 256 31.94 54.61 18.46
C ALA K 256 31.01 53.72 17.68
N ASP K 257 31.26 53.61 16.37
CA ASP K 257 30.40 52.81 15.49
C ASP K 257 31.22 52.14 14.41
N ILE K 258 31.89 51.06 14.77
CA ILE K 258 32.62 50.20 13.83
C ILE K 258 31.62 49.26 13.18
N VAL K 259 31.55 49.26 11.85
CA VAL K 259 30.52 48.51 11.14
C VAL K 259 31.04 47.29 10.37
N GLY K 260 32.34 47.01 10.50
CA GLY K 260 32.90 45.79 9.90
C GLY K 260 34.08 46.08 9.00
N PHE K 261 34.47 45.05 8.24
CA PHE K 261 35.66 45.09 7.39
C PHE K 261 35.36 45.41 5.94
N LEU K 262 36.22 46.22 5.35
CA LEU K 262 36.35 46.29 3.91
C LEU K 262 37.35 45.20 3.49
N PHE K 263 36.86 44.21 2.74
CA PHE K 263 37.69 43.10 2.24
C PHE K 263 38.27 43.46 0.88
N LYS K 264 39.61 43.57 0.82
CA LYS K 264 40.31 43.95 -0.41
C LYS K 264 40.79 42.71 -1.17
N THR K 265 40.90 42.84 -2.49
CA THR K 265 41.30 41.75 -3.40
C THR K 265 42.50 40.93 -2.92
N SER K 266 43.53 41.61 -2.42
CA SER K 266 44.77 40.95 -2.00
C SER K 266 44.60 40.03 -0.79
N GLY K 267 43.50 40.22 -0.06
CA GLY K 267 43.29 39.54 1.20
C GLY K 267 43.36 40.48 2.38
N LYS K 268 43.93 41.67 2.17
CA LYS K 268 44.03 42.68 3.23
C LYS K 268 42.64 43.15 3.64
N MET K 269 42.53 43.53 4.91
CA MET K 269 41.24 43.96 5.50
C MET K 269 41.45 45.21 6.35
N ALA K 270 40.52 46.15 6.24
CA ALA K 270 40.53 47.36 7.06
C ALA K 270 39.17 47.51 7.73
N LEU K 271 39.18 47.99 8.98
CA LEU K 271 37.91 48.28 9.67
C LEU K 271 37.33 49.61 9.18
N HIS K 272 36.01 49.75 9.26
CA HIS K 272 35.29 50.90 8.73
C HIS K 272 34.29 51.38 9.78
N GLY K 273 34.11 52.69 9.86
CA GLY K 273 33.14 53.26 10.82
C GLY K 273 32.15 54.18 10.13
N LEU K 274 31.05 54.48 10.82
CA LEU K 274 30.03 55.41 10.32
C LEU K 274 29.78 56.51 11.34
N PRO K 275 29.32 57.69 10.88
CA PRO K 275 29.04 58.79 11.82
C PRO K 275 27.76 58.55 12.59
N ARG K 276 27.58 59.32 13.66
CA ARG K 276 26.40 59.21 14.49
C ARG K 276 25.81 60.60 14.77
N TYR K 277 24.49 60.67 14.68
CA TYR K 277 23.74 61.90 14.94
C TYR K 277 23.08 61.84 16.32
N PHE K 278 22.98 63.00 16.97
CA PHE K 278 22.34 63.14 18.28
C PHE K 278 21.43 64.36 18.34
N ASN K 279 20.28 64.18 18.99
CA ASN K 279 19.39 65.27 19.36
C ASN K 279 19.03 65.09 20.83
N VAL K 280 19.61 65.94 21.68
CA VAL K 280 19.47 65.81 23.13
C VAL K 280 18.48 66.88 23.63
N THR K 281 17.48 66.44 24.39
CA THR K 281 16.56 67.35 25.05
C THR K 281 17.03 67.58 26.48
N LEU K 282 17.11 68.84 26.89
CA LEU K 282 17.55 69.19 28.23
C LEU K 282 16.57 70.14 28.91
N ARG K 283 16.53 70.07 30.24
CA ARG K 283 15.72 71.00 31.03
C ARG K 283 16.55 71.60 32.16
N LYS K 284 16.13 72.77 32.64
CA LYS K 284 16.81 73.44 33.74
C LYS K 284 16.41 72.79 35.07
N ARG K 285 17.41 72.55 35.92
CA ARG K 285 17.19 71.93 37.20
C ARG K 285 17.87 72.74 38.31
N TRP K 286 17.16 72.98 39.40
CA TRP K 286 17.74 73.61 40.57
C TRP K 286 18.59 72.57 41.29
N VAL K 287 19.80 72.97 41.69
CA VAL K 287 20.72 72.10 42.44
C VAL K 287 21.34 72.87 43.60
N LYS K 288 21.65 72.16 44.69
CA LYS K 288 22.21 72.78 45.89
C LYS K 288 23.73 72.65 45.90
N GLY L 8 6.85 78.93 13.74
CA GLY L 8 5.90 79.04 14.88
C GLY L 8 4.51 78.54 14.54
N VAL L 9 4.45 77.41 13.85
CA VAL L 9 3.19 76.77 13.46
C VAL L 9 2.49 76.18 14.69
N GLU L 10 1.19 76.43 14.82
CA GLU L 10 0.43 75.92 15.96
C GLU L 10 -0.58 74.85 15.56
N VAL L 11 -0.38 73.65 16.10
CA VAL L 11 -1.27 72.54 15.84
C VAL L 11 -2.47 72.64 16.78
N LEU L 12 -3.66 72.81 16.21
CA LEU L 12 -4.87 72.95 17.01
C LEU L 12 -5.56 71.60 17.17
N SER L 13 -6.89 71.61 17.23
CA SER L 13 -7.65 70.39 17.52
C SER L 13 -7.92 69.54 16.29
N VAL L 14 -8.11 68.25 16.53
CA VAL L 14 -8.62 67.31 15.54
C VAL L 14 -10.03 67.76 15.12
N VAL L 15 -10.28 67.77 13.81
CA VAL L 15 -11.60 68.16 13.29
C VAL L 15 -12.63 67.07 13.59
N THR L 16 -13.77 67.49 14.11
CA THR L 16 -14.88 66.55 14.34
C THR L 16 -15.82 66.56 13.12
N GLY L 17 -16.55 65.46 12.93
CA GLY L 17 -17.50 65.38 11.83
C GLY L 17 -17.47 64.06 11.09
N GLU L 18 -18.41 63.88 10.17
CA GLU L 18 -18.60 62.62 9.45
C GLU L 18 -17.39 62.23 8.60
N ASP L 19 -17.09 63.03 7.59
CA ASP L 19 -16.04 62.70 6.63
C ASP L 19 -14.65 63.20 7.07
N SER L 20 -14.34 63.06 8.35
CA SER L 20 -13.08 63.58 8.92
C SER L 20 -11.91 62.58 8.83
N ILE L 21 -12.21 61.30 8.58
CA ILE L 21 -11.18 60.29 8.42
C ILE L 21 -11.19 59.75 6.99
N THR L 22 -10.00 59.56 6.43
CA THR L 22 -9.88 58.96 5.09
C THR L 22 -8.78 57.90 5.06
N GLN L 23 -8.84 57.02 4.07
CA GLN L 23 -7.80 56.02 3.88
C GLN L 23 -7.24 56.09 2.47
N ILE L 24 -5.92 56.01 2.37
CA ILE L 24 -5.20 56.01 1.11
C ILE L 24 -4.47 54.68 0.96
N GLU L 25 -4.72 53.98 -0.15
CA GLU L 25 -4.04 52.74 -0.51
C GLU L 25 -3.11 52.99 -1.68
N LEU L 26 -1.95 52.34 -1.66
CA LEU L 26 -1.06 52.31 -2.81
C LEU L 26 0.01 51.22 -2.69
N TYR L 27 0.59 50.86 -3.83
CA TYR L 27 1.77 50.01 -3.85
C TYR L 27 2.87 50.71 -4.64
N LEU L 28 4.11 50.35 -4.32
CA LEU L 28 5.30 50.84 -5.01
C LEU L 28 6.12 49.65 -5.48
N ASN L 29 6.32 49.55 -6.79
CA ASN L 29 7.18 48.54 -7.37
C ASN L 29 8.65 48.93 -7.20
N PRO L 30 9.54 47.92 -7.05
CA PRO L 30 10.92 48.24 -6.70
C PRO L 30 11.70 48.84 -7.89
N ARG L 31 12.72 49.63 -7.58
CA ARG L 31 13.53 50.29 -8.60
C ARG L 31 14.99 49.89 -8.39
N MET L 32 15.32 48.67 -8.80
CA MET L 32 16.63 48.09 -8.50
C MET L 32 17.71 48.44 -9.51
N GLY L 33 17.32 49.02 -10.64
CA GLY L 33 18.26 49.33 -11.72
C GLY L 33 17.66 49.10 -13.09
N VAL L 34 16.98 47.96 -13.25
CA VAL L 34 16.07 47.77 -14.38
C VAL L 34 14.70 48.13 -13.86
N ASN L 35 14.27 49.35 -14.18
CA ASN L 35 13.17 49.97 -13.44
C ASN L 35 11.79 49.90 -14.08
N SER L 36 11.74 49.50 -15.34
CA SER L 36 10.46 49.42 -16.05
C SER L 36 10.21 48.03 -16.63
N PRO L 37 8.95 47.56 -16.57
CA PRO L 37 8.57 46.29 -17.19
C PRO L 37 8.14 46.45 -18.66
N ASP L 38 8.14 47.69 -19.16
CA ASP L 38 7.54 48.04 -20.45
C ASP L 38 8.54 48.42 -21.54
N LEU L 39 9.77 47.92 -21.41
N LEU L 39 9.80 48.02 -21.38
CA LEU L 39 10.79 48.04 -22.46
CA LEU L 39 10.87 48.50 -22.26
C LEU L 39 11.26 46.64 -22.88
C LEU L 39 11.04 47.67 -23.52
N PRO L 40 10.55 46.02 -23.82
N PRO L 40 11.83 48.18 -24.47
CA PRO L 40 10.75 44.64 -24.26
CA PRO L 40 12.14 47.52 -25.73
C PRO L 40 12.23 44.22 -24.30
C PRO L 40 12.52 46.05 -25.52
N THR L 41 13.11 45.16 -24.61
N THR L 41 13.68 45.82 -24.90
CA THR L 41 14.53 44.83 -24.83
CA THR L 41 14.14 44.46 -24.66
C THR L 41 15.31 44.45 -23.57
C THR L 41 15.17 44.32 -23.53
N THR L 42 14.98 45.08 -22.45
CA THR L 42 15.76 44.90 -21.20
C THR L 42 14.87 44.48 -20.02
N SER L 43 13.56 44.55 -20.20
CA SER L 43 12.60 44.36 -19.11
C SER L 43 12.53 42.96 -18.49
N ASN L 44 13.19 41.97 -19.09
CA ASN L 44 13.25 40.65 -18.48
C ASN L 44 13.92 40.69 -17.09
N TRP L 45 14.76 41.70 -16.88
CA TRP L 45 15.49 41.84 -15.62
C TRP L 45 14.87 42.89 -14.68
N TYR L 46 13.64 43.27 -14.97
CA TYR L 46 12.86 44.16 -14.11
C TYR L 46 12.77 43.58 -12.70
N THR L 47 13.03 44.44 -11.71
CA THR L 47 13.13 44.11 -10.27
C THR L 47 14.50 43.55 -9.86
N TYR L 48 15.47 43.62 -10.77
CA TYR L 48 16.84 43.18 -10.53
C TYR L 48 17.84 44.25 -10.94
N THR L 49 19.06 44.14 -10.43
CA THR L 49 20.19 44.86 -10.97
C THR L 49 20.79 44.01 -12.11
N TYR L 50 21.81 44.55 -12.78
CA TYR L 50 22.68 43.71 -13.60
C TYR L 50 23.73 43.04 -12.68
N ASP L 51 24.74 42.41 -13.25
CA ASP L 51 25.71 41.70 -12.41
C ASP L 51 26.62 42.67 -11.67
N LEU L 52 26.71 42.49 -10.36
CA LEU L 52 27.53 43.35 -9.52
C LEU L 52 28.92 42.74 -9.32
N GLN L 53 29.95 43.50 -9.69
CA GLN L 53 31.33 43.04 -9.64
C GLN L 53 32.29 44.18 -9.30
N PRO L 54 33.32 43.91 -8.48
CA PRO L 54 34.44 44.84 -8.34
C PRO L 54 35.20 44.93 -9.65
N LYS L 55 35.53 46.15 -10.07
CA LYS L 55 36.17 46.39 -11.37
C LYS L 55 37.56 45.76 -11.44
N GLY L 56 38.28 45.78 -10.32
CA GLY L 56 39.65 45.26 -10.26
C GLY L 56 40.69 46.32 -10.53
N SER L 57 40.26 47.45 -11.08
CA SER L 57 41.12 48.61 -11.28
C SER L 57 40.34 49.88 -10.96
N SER L 58 41.07 50.98 -10.70
N SER L 58 41.06 50.97 -10.68
CA SER L 58 40.47 52.24 -10.31
CA SER L 58 40.45 52.24 -10.31
C SER L 58 40.22 53.13 -11.54
C SER L 58 40.20 53.11 -11.55
N PRO L 59 39.13 53.92 -11.53
CA PRO L 59 38.10 54.02 -10.49
C PRO L 59 36.87 53.19 -10.83
N ASP L 60 36.02 52.96 -9.82
CA ASP L 60 34.71 52.34 -10.07
C ASP L 60 33.87 53.32 -10.89
N GLN L 61 33.25 52.79 -11.94
CA GLN L 61 32.37 53.57 -12.80
C GLN L 61 31.03 52.83 -12.97
N PRO L 62 30.23 52.73 -11.89
CA PRO L 62 29.02 51.90 -11.92
C PRO L 62 28.01 52.36 -12.96
N ILE L 63 27.30 51.40 -13.53
CA ILE L 63 26.24 51.71 -14.48
C ILE L 63 24.92 51.89 -13.72
N LYS L 64 23.99 52.60 -14.34
CA LYS L 64 22.72 52.91 -13.67
C LYS L 64 21.93 51.66 -13.27
N GLU L 65 22.12 50.58 -14.05
CA GLU L 65 21.41 49.31 -13.79
C GLU L 65 21.92 48.60 -12.55
N ASN L 66 23.05 49.04 -12.01
CA ASN L 66 23.61 48.48 -10.78
C ASN L 66 23.44 49.36 -9.55
N LEU L 67 22.54 50.34 -9.64
CA LEU L 67 22.28 51.27 -8.55
C LEU L 67 20.81 51.22 -8.10
N PRO L 68 20.46 50.30 -7.19
CA PRO L 68 19.12 50.32 -6.63
C PRO L 68 18.80 51.69 -6.04
N ALA L 69 17.57 52.15 -6.25
CA ALA L 69 17.13 53.47 -5.85
C ALA L 69 15.84 53.42 -5.03
N TYR L 70 15.55 54.49 -4.30
CA TYR L 70 14.31 54.57 -3.51
C TYR L 70 13.09 54.67 -4.41
N SER L 71 11.99 54.04 -3.96
CA SER L 71 10.68 54.24 -4.57
C SER L 71 10.02 55.41 -3.86
N VAL L 72 9.23 56.20 -4.58
CA VAL L 72 8.47 57.29 -3.96
C VAL L 72 7.25 57.66 -4.78
N ALA L 73 6.16 57.98 -4.09
CA ALA L 73 4.98 58.56 -4.71
C ALA L 73 4.47 59.71 -3.88
N ARG L 74 3.95 60.73 -4.55
CA ARG L 74 3.14 61.73 -3.88
C ARG L 74 1.69 61.43 -4.20
N VAL L 75 0.89 61.17 -3.18
CA VAL L 75 -0.53 60.93 -3.33
C VAL L 75 -1.30 62.22 -3.07
N SER L 76 -2.15 62.61 -4.03
CA SER L 76 -3.05 63.76 -3.87
C SER L 76 -4.22 63.40 -2.95
N LEU L 77 -4.50 64.29 -2.00
CA LEU L 77 -5.54 64.08 -1.00
C LEU L 77 -6.72 65.01 -1.28
N PRO L 78 -7.92 64.68 -0.75
CA PRO L 78 -9.05 65.59 -0.92
C PRO L 78 -8.71 67.01 -0.48
N MET L 79 -9.02 67.98 -1.32
CA MET L 79 -8.83 69.39 -1.03
C MET L 79 -9.69 69.79 0.17
N LEU L 80 -9.11 70.53 1.09
CA LEU L 80 -9.78 70.85 2.36
C LEU L 80 -10.19 72.31 2.51
N ASN L 81 -9.45 73.21 1.86
CA ASN L 81 -9.67 74.65 2.01
C ASN L 81 -9.97 75.34 0.69
N THR L 88 -5.37 80.08 9.45
CA THR L 88 -5.98 78.91 10.08
C THR L 88 -6.68 78.03 9.04
N LEU L 89 -6.23 76.78 8.95
CA LEU L 89 -6.71 75.87 7.91
C LEU L 89 -6.67 74.41 8.35
N GLN L 90 -7.40 73.58 7.61
CA GLN L 90 -7.40 72.13 7.85
C GLN L 90 -6.32 71.46 7.02
N MET L 91 -5.59 70.55 7.64
CA MET L 91 -4.60 69.72 6.95
C MET L 91 -4.89 68.26 7.26
N TRP L 92 -4.59 67.39 6.32
CA TRP L 92 -4.61 65.95 6.57
C TRP L 92 -3.41 65.55 7.45
N GLU L 93 -3.70 64.73 8.45
CA GLU L 93 -2.71 64.25 9.40
C GLU L 93 -2.66 62.72 9.32
N ALA L 94 -1.50 62.18 8.94
CA ALA L 94 -1.32 60.74 8.82
C ALA L 94 -1.15 60.14 10.22
N ILE L 95 -2.05 59.25 10.60
CA ILE L 95 -2.04 58.75 12.00
C ILE L 95 -1.58 57.30 12.16
N SER L 96 -1.73 56.50 11.10
CA SER L 96 -1.30 55.11 11.12
C SER L 96 -1.15 54.57 9.71
N VAL L 97 -0.42 53.46 9.61
CA VAL L 97 -0.17 52.81 8.33
C VAL L 97 -0.04 51.31 8.53
N LYS L 98 -0.67 50.55 7.64
CA LYS L 98 -0.38 49.13 7.48
C LYS L 98 0.44 48.99 6.21
N THR L 99 1.65 48.47 6.36
CA THR L 99 2.52 48.27 5.20
C THR L 99 3.05 46.85 5.15
N GLU L 100 3.24 46.34 3.94
CA GLU L 100 3.65 44.95 3.77
C GLU L 100 4.50 44.82 2.51
N VAL L 101 5.56 44.03 2.61
CA VAL L 101 6.35 43.64 1.44
C VAL L 101 5.59 42.51 0.73
N VAL L 102 5.29 42.72 -0.55
CA VAL L 102 4.49 41.81 -1.34
C VAL L 102 5.37 40.85 -2.13
N GLY L 103 4.91 39.60 -2.26
CA GLY L 103 5.63 38.61 -3.06
C GLY L 103 6.72 37.86 -2.33
N ILE L 104 6.70 37.92 -1.00
CA ILE L 104 7.74 37.25 -0.19
C ILE L 104 7.83 35.77 -0.56
N SER L 105 6.69 35.14 -0.81
CA SER L 105 6.60 33.71 -1.09
C SER L 105 7.34 33.30 -2.37
N SER L 106 7.43 34.22 -3.33
CA SER L 106 8.15 33.98 -4.59
C SER L 106 9.60 33.53 -4.35
N LEU L 107 10.13 33.81 -3.16
CA LEU L 107 11.53 33.54 -2.87
C LEU L 107 11.84 32.09 -2.46
N ILE L 108 10.83 31.23 -2.37
CA ILE L 108 11.06 29.79 -2.17
C ILE L 108 11.52 29.10 -3.46
N ASN L 109 11.47 29.83 -4.59
CA ASN L 109 11.91 29.30 -5.88
C ASN L 109 13.42 29.06 -5.89
N VAL L 110 13.81 27.78 -5.89
CA VAL L 110 15.22 27.39 -5.96
C VAL L 110 15.52 26.60 -7.25
N HIS L 111 14.81 26.96 -8.31
CA HIS L 111 14.96 26.29 -9.60
C HIS L 111 14.92 27.29 -10.75
N TYR L 112 15.43 28.50 -10.50
CA TYR L 112 15.65 29.47 -11.57
C TYR L 112 16.57 28.78 -12.57
N TRP L 113 16.30 28.95 -13.87
CA TRP L 113 16.96 28.11 -14.88
C TRP L 113 18.51 28.21 -14.85
N ASP L 114 19.02 29.41 -14.52
CA ASP L 114 20.46 29.65 -14.46
C ASP L 114 20.94 29.88 -13.01
N MET L 115 20.32 29.21 -12.05
CA MET L 115 20.69 29.39 -10.65
C MET L 115 21.94 28.58 -10.33
N LYS L 116 22.87 29.20 -9.60
CA LYS L 116 24.01 28.48 -9.04
C LYS L 116 23.51 27.48 -7.99
N ARG L 117 24.00 26.25 -8.07
CA ARG L 117 23.59 25.20 -7.15
C ARG L 117 24.31 25.29 -5.80
N VAL L 118 23.66 24.81 -4.75
CA VAL L 118 24.26 24.64 -3.44
C VAL L 118 25.49 23.73 -3.50
N HIS L 119 25.34 22.62 -4.22
CA HIS L 119 26.43 21.70 -4.54
C HIS L 119 26.00 20.89 -5.76
N ASP L 120 26.88 20.03 -6.29
CA ASP L 120 26.55 19.26 -7.49
C ASP L 120 25.25 18.49 -7.32
N TYR L 121 24.38 18.59 -8.34
CA TYR L 121 23.07 17.93 -8.38
C TYR L 121 22.03 18.55 -7.43
N GLY L 122 22.43 19.57 -6.69
CA GLY L 122 21.54 20.20 -5.72
C GLY L 122 20.60 21.24 -6.29
N ALA L 123 19.77 21.78 -5.40
CA ALA L 123 18.88 22.90 -5.71
C ALA L 123 19.70 24.18 -5.87
N GLY L 124 19.07 25.24 -6.39
CA GLY L 124 19.72 26.54 -6.51
C GLY L 124 19.90 27.19 -5.15
N ILE L 125 20.90 28.07 -5.03
CA ILE L 125 21.03 28.89 -3.81
C ILE L 125 19.87 29.89 -3.84
N PRO L 126 19.03 29.89 -2.78
CA PRO L 126 17.90 30.81 -2.78
C PRO L 126 18.34 32.27 -2.69
N VAL L 127 17.47 33.19 -3.10
CA VAL L 127 17.70 34.62 -2.90
C VAL L 127 18.06 34.85 -1.44
N SER L 128 19.25 35.40 -1.21
N SER L 128 19.27 35.34 -1.21
CA SER L 128 19.80 35.57 0.14
CA SER L 128 19.84 35.51 0.13
C SER L 128 20.95 36.58 0.09
C SER L 128 20.94 36.57 0.09
N GLY L 129 21.42 36.99 1.26
CA GLY L 129 22.54 37.92 1.36
C GLY L 129 22.11 39.32 1.80
N VAL L 130 22.60 40.33 1.08
CA VAL L 130 22.36 41.73 1.45
C VAL L 130 20.87 42.09 1.41
N ASN L 131 20.33 42.53 2.55
CA ASN L 131 18.98 43.07 2.60
C ASN L 131 19.01 44.53 3.03
N TYR L 132 18.09 45.31 2.49
CA TYR L 132 17.92 46.71 2.92
C TYR L 132 16.43 46.99 2.86
N HIS L 133 15.85 47.38 3.99
CA HIS L 133 14.42 47.59 4.07
C HIS L 133 14.13 48.89 4.78
N MET L 134 13.34 49.75 4.14
N MET L 134 13.32 49.73 4.15
CA MET L 134 12.88 50.98 4.78
CA MET L 134 12.92 51.01 4.70
C MET L 134 11.59 51.47 4.15
C MET L 134 11.55 51.40 4.16
N PHE L 135 10.80 52.18 4.94
CA PHE L 135 9.62 52.88 4.44
C PHE L 135 9.51 54.19 5.20
N ALA L 136 8.87 55.16 4.58
CA ALA L 136 8.66 56.46 5.21
C ALA L 136 7.30 57.00 4.78
N ILE L 137 6.63 57.67 5.72
CA ILE L 137 5.38 58.34 5.46
C ILE L 137 5.58 59.79 5.92
N GLY L 138 5.34 60.74 5.03
CA GLY L 138 5.53 62.16 5.37
C GLY L 138 4.55 63.12 4.73
N GLY L 139 4.52 64.35 5.24
CA GLY L 139 3.69 65.41 4.66
C GLY L 139 4.45 66.24 3.65
N GLU L 140 5.67 65.79 3.33
CA GLU L 140 6.55 66.44 2.36
C GLU L 140 7.64 65.44 1.98
N PRO L 141 8.45 65.75 0.95
CA PRO L 141 9.45 64.75 0.56
C PRO L 141 10.40 64.41 1.70
N LEU L 142 10.89 63.18 1.72
CA LEU L 142 11.86 62.73 2.71
C LEU L 142 13.18 63.45 2.52
N ASP L 143 13.76 63.94 3.61
CA ASP L 143 15.08 64.57 3.57
C ASP L 143 16.16 63.51 3.57
N LEU L 144 17.12 63.66 2.65
CA LEU L 144 18.20 62.69 2.46
C LEU L 144 19.56 63.26 2.84
N GLN L 145 20.42 62.41 3.41
CA GLN L 145 21.81 62.76 3.66
C GLN L 145 22.67 61.89 2.74
N GLY L 146 23.67 62.51 2.11
CA GLY L 146 24.60 61.76 1.25
C GLY L 146 25.80 61.22 2.03
N LEU L 147 26.16 59.96 1.75
CA LEU L 147 27.36 59.34 2.29
C LEU L 147 27.67 58.10 1.46
N VAL L 148 28.92 57.99 0.97
CA VAL L 148 29.29 56.83 0.14
C VAL L 148 30.44 56.04 0.76
N LEU L 149 30.52 54.76 0.39
CA LEU L 149 31.64 53.89 0.76
C LEU L 149 32.98 54.44 0.23
N ASP L 150 32.98 54.95 -1.00
CA ASP L 150 34.20 55.37 -1.68
C ASP L 150 33.93 56.65 -2.44
N TYR L 151 34.59 57.75 -2.04
CA TYR L 151 34.32 59.05 -2.66
C TYR L 151 34.83 59.15 -4.09
N GLN L 152 35.74 58.25 -4.46
CA GLN L 152 36.35 58.25 -5.80
C GLN L 152 35.47 57.54 -6.84
N THR L 153 34.35 56.97 -6.38
CA THR L 153 33.38 56.35 -7.28
C THR L 153 32.85 57.38 -8.26
N GLN L 154 32.87 57.03 -9.54
CA GLN L 154 32.40 57.91 -10.58
C GLN L 154 30.99 57.50 -11.04
N TYR L 155 29.98 58.04 -10.37
CA TYR L 155 28.58 57.71 -10.71
C TYR L 155 28.19 58.30 -12.06
N PRO L 156 27.19 57.71 -12.73
CA PRO L 156 26.76 58.23 -14.04
C PRO L 156 26.13 59.60 -13.90
N LYS L 157 26.22 60.41 -14.95
CA LYS L 157 25.64 61.76 -14.94
C LYS L 157 24.12 61.72 -15.07
N THR L 158 23.48 62.79 -14.60
CA THR L 158 22.02 62.94 -14.66
C THR L 158 21.57 63.35 -16.06
N GLY L 162 19.41 58.73 -15.63
CA GLY L 162 20.54 59.23 -14.85
C GLY L 162 20.22 59.49 -13.39
N PRO L 163 20.99 58.89 -12.47
CA PRO L 163 20.75 59.05 -11.03
C PRO L 163 21.25 60.38 -10.48
N ILE L 164 20.56 60.87 -9.46
CA ILE L 164 20.97 62.06 -8.73
C ILE L 164 21.88 61.61 -7.59
N THR L 165 23.12 62.06 -7.62
CA THR L 165 24.09 61.70 -6.59
C THR L 165 24.73 62.95 -5.99
N ILE L 166 25.73 62.76 -5.13
CA ILE L 166 26.33 63.87 -4.37
C ILE L 166 26.93 64.93 -5.32
N GLU L 167 27.64 64.49 -6.35
CA GLU L 167 28.22 65.41 -7.32
C GLU L 167 27.11 66.26 -7.97
N THR L 168 25.98 65.62 -8.28
CA THR L 168 24.83 66.30 -8.87
C THR L 168 24.36 67.47 -8.01
N VAL L 169 24.24 67.24 -6.70
N VAL L 169 24.21 67.23 -6.71
CA VAL L 169 23.69 68.24 -5.77
CA VAL L 169 23.71 68.22 -5.78
C VAL L 169 24.70 69.31 -5.33
C VAL L 169 24.73 69.33 -5.53
N LEU L 170 25.98 68.95 -5.29
CA LEU L 170 27.03 69.90 -4.92
C LEU L 170 27.47 70.78 -6.08
N GLY L 171 27.36 70.28 -7.31
CA GLY L 171 27.87 70.97 -8.50
C GLY L 171 29.39 70.91 -8.57
N ARG L 172 29.97 69.87 -7.96
CA ARG L 172 31.42 69.67 -7.90
C ARG L 172 31.72 68.25 -7.42
N LYS L 173 32.94 67.80 -7.60
CA LYS L 173 33.31 66.42 -7.27
C LYS L 173 33.26 66.16 -5.78
N MET L 174 33.00 64.90 -5.43
CA MET L 174 33.12 64.43 -4.05
C MET L 174 34.57 64.55 -3.57
N THR L 175 34.73 64.64 -2.25
CA THR L 175 36.03 64.65 -1.60
C THR L 175 35.99 63.59 -0.50
N PRO L 176 37.14 63.31 0.17
CA PRO L 176 37.12 62.33 1.26
C PRO L 176 36.04 62.56 2.33
N LYS L 177 35.65 63.81 2.56
CA LYS L 177 34.64 64.09 3.60
C LYS L 177 33.28 63.44 3.31
N ASN L 178 33.05 63.07 2.05
CA ASN L 178 31.81 62.40 1.68
C ASN L 178 31.77 60.91 2.00
N GLN L 179 32.86 60.40 2.56
CA GLN L 179 32.85 59.08 3.18
C GLN L 179 32.33 59.19 4.63
N GLY L 180 32.23 60.42 5.10
CA GLY L 180 31.60 60.74 6.39
C GLY L 180 30.40 61.61 6.16
N LEU L 181 29.95 62.30 7.19
CA LEU L 181 28.79 63.17 7.08
C LEU L 181 29.23 64.59 6.70
N ASP L 182 28.89 64.97 5.47
CA ASP L 182 29.13 66.33 4.97
C ASP L 182 27.77 67.04 4.92
N PRO L 183 27.58 68.06 5.79
CA PRO L 183 26.27 68.71 5.89
C PRO L 183 25.81 69.39 4.59
N GLN L 184 26.73 69.60 3.65
CA GLN L 184 26.35 70.12 2.34
C GLN L 184 25.79 69.04 1.40
N ALA L 185 26.03 67.77 1.72
CA ALA L 185 25.58 66.67 0.88
C ALA L 185 24.16 66.24 1.26
N LYS L 186 23.18 67.06 0.88
CA LYS L 186 21.79 66.82 1.23
C LYS L 186 20.88 66.94 0.02
N ALA L 187 19.74 66.27 0.07
CA ALA L 187 18.78 66.32 -1.04
C ALA L 187 17.41 65.94 -0.52
N LYS L 188 16.41 66.05 -1.40
CA LYS L 188 15.05 65.66 -1.07
C LYS L 188 14.64 64.51 -1.98
N LEU L 189 13.96 63.52 -1.41
CA LEU L 189 13.48 62.38 -2.19
C LEU L 189 12.22 62.75 -2.96
N ASP L 190 12.42 63.35 -4.12
CA ASP L 190 11.31 63.91 -4.89
C ASP L 190 11.08 63.23 -6.25
N LYS L 191 11.83 62.16 -6.51
CA LYS L 191 11.77 61.45 -7.80
C LYS L 191 11.96 59.95 -7.61
N ASP L 192 10.98 59.19 -8.10
CA ASP L 192 10.99 57.73 -8.04
C ASP L 192 12.11 57.15 -8.90
N GLY L 193 12.90 56.26 -8.31
CA GLY L 193 13.92 55.53 -9.07
C GLY L 193 15.15 56.32 -9.50
N ASN L 194 15.40 57.47 -8.86
CA ASN L 194 16.51 58.34 -9.23
C ASN L 194 17.56 58.60 -8.17
N TYR L 195 17.25 58.27 -6.92
CA TYR L 195 18.18 58.47 -5.82
C TYR L 195 18.75 57.12 -5.35
N PRO L 196 20.02 56.84 -5.68
CA PRO L 196 20.65 55.56 -5.30
C PRO L 196 20.70 55.33 -3.80
N ILE L 197 20.33 54.13 -3.39
CA ILE L 197 20.37 53.73 -1.99
C ILE L 197 21.79 53.79 -1.42
N GLU L 198 22.78 53.38 -2.23
CA GLU L 198 24.17 53.34 -1.73
C GLU L 198 24.75 54.74 -1.55
N VAL L 199 24.04 55.76 -2.04
CA VAL L 199 24.50 57.14 -1.94
C VAL L 199 23.73 57.92 -0.86
N TRP L 200 22.44 57.62 -0.71
CA TRP L 200 21.56 58.45 0.11
C TRP L 200 20.90 57.66 1.22
N CYS L 201 20.80 58.29 2.40
CA CYS L 201 20.10 57.71 3.55
C CYS L 201 19.18 58.78 4.15
N PRO L 202 18.18 58.40 4.95
CA PRO L 202 17.36 59.45 5.57
C PRO L 202 18.19 60.38 6.44
N ASP L 203 17.85 61.68 6.42
CA ASP L 203 18.58 62.68 7.19
C ASP L 203 17.90 62.82 8.55
N PRO L 204 18.56 62.33 9.62
CA PRO L 204 17.96 62.40 10.96
C PRO L 204 17.99 63.81 11.54
N SER L 205 18.74 64.72 10.91
CA SER L 205 18.79 66.11 11.37
C SER L 205 17.59 66.93 10.88
N LYS L 206 16.84 66.36 9.94
CA LYS L 206 15.64 67.00 9.42
C LYS L 206 14.44 66.04 9.60
N ASN L 207 13.57 65.95 8.61
CA ASN L 207 12.44 64.99 8.63
C ASN L 207 11.50 65.08 9.85
N GLU L 208 11.33 66.30 10.36
CA GLU L 208 10.42 66.55 11.47
C GLU L 208 8.97 66.17 11.11
N ASN L 209 8.65 66.28 9.82
CA ASN L 209 7.31 66.05 9.31
C ASN L 209 7.19 64.74 8.50
N SER L 210 8.11 63.80 8.75
CA SER L 210 8.02 62.44 8.23
C SER L 210 8.34 61.43 9.32
N ARG L 211 7.91 60.18 9.12
CA ARG L 211 8.30 59.08 9.97
C ARG L 211 8.93 58.04 9.08
N TYR L 212 10.14 57.60 9.44
CA TYR L 212 10.82 56.56 8.65
C TYR L 212 11.35 55.45 9.55
N TYR L 213 11.48 54.26 8.97
CA TYR L 213 11.85 53.04 9.69
C TYR L 213 12.66 52.20 8.73
N GLY L 214 13.84 51.75 9.13
CA GLY L 214 14.66 50.94 8.22
C GLY L 214 15.66 50.02 8.90
N SER L 215 16.25 49.14 8.10
CA SER L 215 17.27 48.22 8.59
C SER L 215 18.16 47.79 7.42
N ILE L 216 19.36 47.34 7.75
CA ILE L 216 20.24 46.70 6.77
C ILE L 216 20.67 45.36 7.34
N GLN L 217 21.03 44.44 6.45
CA GLN L 217 21.67 43.19 6.81
C GLN L 217 22.73 42.93 5.75
N THR L 218 23.99 42.83 6.16
CA THR L 218 25.05 42.52 5.18
C THR L 218 25.41 41.02 5.19
N GLY L 219 26.52 40.65 4.56
CA GLY L 219 26.87 39.24 4.35
C GLY L 219 26.45 38.80 2.96
N SER L 220 27.10 37.75 2.45
N SER L 220 27.11 37.76 2.44
CA SER L 220 26.89 37.32 1.07
CA SER L 220 26.88 37.32 1.06
C SER L 220 25.70 36.37 0.87
C SER L 220 25.68 36.38 0.88
N GLN L 221 25.55 35.42 1.80
CA GLN L 221 24.47 34.42 1.71
C GLN L 221 23.63 34.39 2.98
N THR L 222 23.67 35.49 3.73
CA THR L 222 22.88 35.64 4.95
C THR L 222 21.40 35.37 4.63
N PRO L 223 20.75 34.53 5.45
CA PRO L 223 19.33 34.23 5.21
C PRO L 223 18.48 35.49 5.14
N THR L 224 17.67 35.58 4.09
CA THR L 224 16.63 36.59 4.02
C THR L 224 15.49 36.11 4.94
N VAL L 225 15.17 36.94 5.93
CA VAL L 225 14.20 36.58 6.94
C VAL L 225 13.19 37.72 7.02
N LEU L 226 11.97 37.45 6.54
CA LEU L 226 10.93 38.48 6.39
C LEU L 226 9.60 37.98 6.94
N GLN L 227 8.83 38.88 7.53
CA GLN L 227 7.51 38.55 8.03
C GLN L 227 6.44 39.29 7.23
N PHE L 228 5.23 38.78 7.27
CA PHE L 228 4.08 39.42 6.64
C PHE L 228 2.83 39.07 7.44
N SER L 229 2.03 40.09 7.75
CA SER L 229 0.75 39.90 8.45
C SER L 229 -0.11 41.13 8.23
N ASN L 230 -1.41 40.92 8.00
CA ASN L 230 -2.33 42.05 7.85
C ASN L 230 -2.86 42.56 9.20
N THR L 231 -2.24 42.14 10.30
CA THR L 231 -2.68 42.55 11.64
C THR L 231 -1.74 43.58 12.27
N LEU L 232 -0.71 43.98 11.53
CA LEU L 232 0.33 44.86 12.07
C LEU L 232 0.14 46.28 11.60
N THR L 233 0.04 47.20 12.57
CA THR L 233 -0.16 48.62 12.32
C THR L 233 1.02 49.43 12.89
N THR L 234 1.52 50.39 12.12
CA THR L 234 2.46 51.37 12.62
C THR L 234 1.72 52.68 12.95
N VAL L 235 1.78 53.10 14.21
CA VAL L 235 1.22 54.38 14.62
C VAL L 235 2.22 55.48 14.26
N LEU L 236 1.73 56.54 13.63
CA LEU L 236 2.60 57.60 13.09
C LEU L 236 2.63 58.85 13.97
N LEU L 237 1.88 58.84 15.06
CA LEU L 237 1.84 60.01 15.95
C LEU L 237 3.17 60.19 16.68
N ASP L 238 3.61 61.43 16.86
CA ASP L 238 4.79 61.69 17.68
C ASP L 238 4.45 61.68 19.17
N GLU L 239 5.42 62.02 20.01
CA GLU L 239 5.28 62.09 21.46
C GLU L 239 4.14 63.03 21.91
N ASN L 240 3.81 63.99 21.06
CA ASN L 240 2.74 64.96 21.35
C ASN L 240 1.38 64.56 20.79
N GLY L 241 1.33 63.41 20.10
CA GLY L 241 0.08 62.89 19.53
C GLY L 241 -0.24 63.46 18.15
N VAL L 242 0.79 63.95 17.46
CA VAL L 242 0.63 64.59 16.16
C VAL L 242 1.34 63.76 15.07
N GLY L 243 0.61 63.45 14.00
CA GLY L 243 1.19 62.74 12.85
C GLY L 243 1.75 63.71 11.82
N PRO L 244 2.43 63.18 10.79
CA PRO L 244 2.88 64.05 9.70
C PRO L 244 1.69 64.83 9.13
N LEU L 245 1.91 66.11 8.85
CA LEU L 245 0.86 66.97 8.30
C LEU L 245 1.10 67.26 6.83
N CYS L 246 0.08 67.04 5.99
CA CYS L 246 0.27 66.99 4.54
C CYS L 246 0.18 68.35 3.87
N LYS L 247 1.35 68.93 3.61
CA LYS L 247 1.47 70.24 2.98
C LYS L 247 0.96 70.21 1.55
N GLY L 248 0.11 71.19 1.22
CA GLY L 248 -0.54 71.25 -0.09
C GLY L 248 -1.38 70.02 -0.42
N ASP L 249 -1.89 69.36 0.62
CA ASP L 249 -2.71 68.14 0.48
C ASP L 249 -2.00 67.00 -0.27
N GLY L 250 -0.69 66.91 -0.07
CA GLY L 250 0.11 65.83 -0.66
C GLY L 250 0.71 64.94 0.41
N LEU L 251 0.53 63.63 0.22
CA LEU L 251 1.12 62.62 1.09
C LEU L 251 2.30 61.94 0.38
N PHE L 252 3.47 61.96 1.02
CA PHE L 252 4.68 61.37 0.47
C PHE L 252 4.96 60.02 1.10
N ILE L 253 5.14 59.03 0.25
CA ILE L 253 5.37 57.65 0.68
C ILE L 253 6.62 57.15 -0.05
N SER L 254 7.59 56.66 0.74
CA SER L 254 8.89 56.27 0.22
C SER L 254 9.26 54.90 0.75
N CYS L 255 10.06 54.16 -0.02
CA CYS L 255 10.51 52.85 0.45
C CYS L 255 11.65 52.27 -0.37
N ALA L 256 12.25 51.21 0.17
CA ALA L 256 13.22 50.39 -0.55
C ALA L 256 13.20 49.02 0.10
N ASP L 257 13.23 47.97 -0.72
CA ASP L 257 13.21 46.60 -0.21
C ASP L 257 14.08 45.68 -1.02
N ILE L 258 15.37 45.69 -0.72
CA ILE L 258 16.32 44.78 -1.33
C ILE L 258 16.26 43.48 -0.54
N VAL L 259 16.08 42.35 -1.23
CA VAL L 259 15.81 41.08 -0.55
C VAL L 259 16.93 40.04 -0.72
N GLY L 260 18.01 40.45 -1.36
CA GLY L 260 19.18 39.60 -1.52
C GLY L 260 19.60 39.40 -2.95
N PHE L 261 20.53 38.47 -3.16
CA PHE L 261 21.10 38.19 -4.46
C PHE L 261 20.46 37.02 -5.18
N LEU L 262 20.34 37.15 -6.49
CA LEU L 262 20.14 36.02 -7.37
C LEU L 262 21.53 35.49 -7.73
N PHE L 263 21.81 34.26 -7.33
CA PHE L 263 23.09 33.62 -7.60
C PHE L 263 23.03 32.86 -8.92
N LYS L 264 23.76 33.33 -9.92
CA LYS L 264 23.81 32.70 -11.23
C LYS L 264 24.92 31.64 -11.35
N THR L 265 24.70 30.65 -12.22
CA THR L 265 25.61 29.49 -12.40
C THR L 265 27.10 29.84 -12.44
N SER L 266 27.47 30.81 -13.27
CA SER L 266 28.86 31.19 -13.49
C SER L 266 29.52 31.79 -12.25
N GLY L 267 28.70 32.26 -11.32
CA GLY L 267 29.20 32.95 -10.13
C GLY L 267 28.72 34.39 -10.08
N LYS L 268 28.20 34.89 -11.20
CA LYS L 268 27.64 36.26 -11.25
C LYS L 268 26.47 36.41 -10.27
N MET L 269 26.31 37.62 -9.75
CA MET L 269 25.31 37.90 -8.72
C MET L 269 24.62 39.23 -9.00
N ALA L 270 23.29 39.23 -8.90
CA ALA L 270 22.50 40.45 -9.06
C ALA L 270 21.59 40.62 -7.86
N LEU L 271 21.37 41.87 -7.45
CA LEU L 271 20.44 42.14 -6.34
C LEU L 271 19.00 42.16 -6.85
N HIS L 272 18.07 41.87 -5.94
CA HIS L 272 16.66 41.69 -6.26
C HIS L 272 15.85 42.43 -5.20
N GLY L 273 14.73 43.00 -5.62
CA GLY L 273 13.83 43.72 -4.72
C GLY L 273 12.41 43.25 -4.87
N LEU L 274 11.59 43.57 -3.88
CA LEU L 274 10.17 43.26 -3.91
C LEU L 274 9.36 44.54 -3.72
N PRO L 275 8.09 44.54 -4.21
CA PRO L 275 7.19 45.68 -4.04
C PRO L 275 6.69 45.79 -2.60
N ARG L 276 6.15 46.96 -2.27
CA ARG L 276 5.61 47.22 -0.94
C ARG L 276 4.24 47.88 -1.09
N TYR L 277 3.29 47.41 -0.27
CA TYR L 277 1.95 47.94 -0.25
C TYR L 277 1.78 48.83 0.99
N PHE L 278 0.94 49.87 0.87
CA PHE L 278 0.63 50.77 2.00
C PHE L 278 -0.87 51.02 2.09
N ASN L 279 -1.39 51.01 3.32
CA ASN L 279 -2.72 51.56 3.62
C ASN L 279 -2.58 52.57 4.76
N VAL L 280 -2.71 53.85 4.43
CA VAL L 280 -2.50 54.94 5.38
C VAL L 280 -3.83 55.53 5.81
N THR L 281 -4.02 55.67 7.12
CA THR L 281 -5.20 56.34 7.68
C THR L 281 -4.84 57.78 8.01
N LEU L 282 -5.68 58.71 7.57
CA LEU L 282 -5.47 60.14 7.85
C LEU L 282 -6.71 60.75 8.48
N ARG L 283 -6.50 61.81 9.26
CA ARG L 283 -7.61 62.58 9.82
C ARG L 283 -7.39 64.07 9.55
N LYS L 284 -8.48 64.83 9.57
CA LYS L 284 -8.41 66.28 9.39
C LYS L 284 -7.97 66.95 10.69
N ARG L 285 -7.00 67.85 10.59
CA ARG L 285 -6.47 68.58 11.73
C ARG L 285 -6.47 70.09 11.49
N TRP L 286 -7.00 70.86 12.43
CA TRP L 286 -6.91 72.33 12.37
C TRP L 286 -5.48 72.76 12.68
N VAL L 287 -4.95 73.67 11.86
CA VAL L 287 -3.61 74.23 12.08
C VAL L 287 -3.60 75.75 11.84
N LYS L 288 -2.77 76.45 12.61
CA LYS L 288 -2.70 77.91 12.55
C LYS L 288 -1.51 78.35 11.70
N VAL M 9 -22.16 47.12 5.64
CA VAL M 9 -22.20 46.03 6.68
C VAL M 9 -21.92 46.59 8.08
N GLU M 10 -22.91 46.50 8.95
CA GLU M 10 -22.81 47.01 10.31
C GLU M 10 -22.74 45.84 11.30
N VAL M 11 -21.64 45.76 12.03
CA VAL M 11 -21.48 44.77 13.09
C VAL M 11 -22.22 45.28 14.33
N LEU M 12 -23.15 44.46 14.84
CA LEU M 12 -23.91 44.85 16.02
C LEU M 12 -23.32 44.18 17.26
N SER M 13 -24.17 43.78 18.20
CA SER M 13 -23.69 43.25 19.46
C SER M 13 -23.41 41.74 19.44
N VAL M 14 -22.53 41.31 20.34
CA VAL M 14 -22.27 39.91 20.61
C VAL M 14 -23.54 39.27 21.16
N VAL M 15 -23.90 38.10 20.63
CA VAL M 15 -25.09 37.37 21.08
C VAL M 15 -24.88 36.81 22.49
N THR M 16 -25.83 37.08 23.37
CA THR M 16 -25.79 36.53 24.73
C THR M 16 -26.61 35.24 24.75
N GLY M 17 -26.09 34.22 25.41
CA GLY M 17 -26.82 32.95 25.54
C GLY M 17 -25.96 31.78 25.92
N GLU M 18 -26.60 30.66 26.26
CA GLU M 18 -25.92 29.46 26.71
C GLU M 18 -24.94 28.92 25.65
N ASP M 19 -25.43 28.74 24.42
CA ASP M 19 -24.62 28.12 23.37
C ASP M 19 -24.06 29.14 22.38
N SER M 20 -23.61 30.28 22.89
CA SER M 20 -23.14 31.37 22.03
C SER M 20 -21.67 31.23 21.60
N ILE M 21 -20.95 30.33 22.26
CA ILE M 21 -19.55 30.07 21.91
C ILE M 21 -19.39 28.63 21.42
N THR M 22 -18.60 28.45 20.36
CA THR M 22 -18.25 27.12 19.88
C THR M 22 -16.76 27.01 19.56
N GLN M 23 -16.27 25.78 19.51
CA GLN M 23 -14.89 25.49 19.14
C GLN M 23 -14.86 24.50 17.98
N ILE M 24 -13.92 24.74 17.06
N ILE M 24 -13.98 24.74 17.02
CA ILE M 24 -13.73 23.93 15.86
CA ILE M 24 -13.79 23.79 15.93
C ILE M 24 -12.29 23.44 15.80
C ILE M 24 -12.32 23.43 15.83
N GLU M 25 -12.07 22.14 15.58
CA GLU M 25 -10.72 21.59 15.43
C GLU M 25 -10.53 21.08 14.02
N LEU M 26 -9.31 21.22 13.51
CA LEU M 26 -8.96 20.84 12.15
C LEU M 26 -7.46 20.61 12.09
N TYR M 27 -7.02 19.68 11.25
CA TYR M 27 -5.63 19.61 10.84
C TYR M 27 -5.56 19.66 9.32
N LEU M 28 -4.47 20.20 8.81
CA LEU M 28 -4.21 20.20 7.36
C LEU M 28 -2.87 19.59 7.04
N ASN M 29 -2.89 18.49 6.30
CA ASN M 29 -1.67 17.88 5.83
C ASN M 29 -1.02 18.72 4.72
N PRO M 30 0.32 18.73 4.67
CA PRO M 30 1.01 19.59 3.71
C PRO M 30 0.86 19.12 2.28
N ARG M 31 0.98 20.05 1.36
CA ARG M 31 0.80 19.78 -0.05
C ARG M 31 2.06 20.27 -0.77
N MET M 32 3.12 19.48 -0.63
CA MET M 32 4.44 19.89 -1.10
C MET M 32 4.67 19.64 -2.58
N GLY M 33 3.77 18.89 -3.21
CA GLY M 33 3.96 18.50 -4.61
C GLY M 33 3.56 17.06 -4.82
N VAL M 34 4.05 16.19 -3.94
CA VAL M 34 3.47 14.85 -3.82
C VAL M 34 2.39 14.97 -2.75
N ASN M 35 1.15 15.13 -3.21
CA ASN M 35 0.06 15.60 -2.34
C ASN M 35 -0.86 14.53 -1.75
N SER M 36 -0.74 13.30 -2.24
CA SER M 36 -1.54 12.20 -1.76
C SER M 36 -0.67 11.07 -1.23
N PRO M 37 -1.11 10.42 -0.14
CA PRO M 37 -0.41 9.23 0.35
C PRO M 37 -0.85 7.92 -0.33
N ASP M 38 -1.79 8.01 -1.28
CA ASP M 38 -2.47 6.80 -1.80
C ASP M 38 -1.96 6.21 -3.11
N LEU M 39 -1.06 6.92 -3.80
CA LEU M 39 -0.52 6.44 -5.07
C LEU M 39 0.71 5.54 -4.89
N PRO M 40 0.70 4.34 -5.50
CA PRO M 40 1.82 3.39 -5.40
C PRO M 40 3.14 3.93 -5.95
N THR M 41 4.23 3.67 -5.22
CA THR M 41 5.58 4.20 -5.50
C THR M 41 5.71 5.72 -5.32
N THR M 42 4.91 6.48 -6.07
CA THR M 42 5.00 7.95 -6.04
C THR M 42 4.76 8.52 -4.63
N SER M 43 3.83 7.90 -3.90
CA SER M 43 3.42 8.37 -2.57
C SER M 43 4.45 8.15 -1.47
N ASN M 44 5.53 7.41 -1.79
CA ASN M 44 6.68 7.31 -0.89
C ASN M 44 7.21 8.70 -0.55
N TRP M 45 7.01 9.65 -1.46
CA TRP M 45 7.47 11.02 -1.28
C TRP M 45 6.40 11.99 -0.79
N TYR M 46 5.26 11.46 -0.33
CA TYR M 46 4.23 12.27 0.29
C TYR M 46 4.82 13.15 1.40
N THR M 47 4.48 14.44 1.33
CA THR M 47 5.00 15.55 2.16
C THR M 47 6.37 16.09 1.69
N TYR M 48 6.82 15.66 0.51
CA TYR M 48 8.02 16.22 -0.11
C TYR M 48 7.74 16.69 -1.54
N THR M 49 8.67 17.49 -2.07
CA THR M 49 8.76 17.69 -3.51
C THR M 49 9.56 16.54 -4.13
N TYR M 50 9.64 16.51 -5.44
CA TYR M 50 10.68 15.73 -6.12
C TYR M 50 12.00 16.49 -6.03
N ASP M 51 12.99 16.12 -6.83
CA ASP M 51 14.29 16.78 -6.73
C ASP M 51 14.27 18.15 -7.43
N LEU M 52 14.67 19.17 -6.70
CA LEU M 52 14.66 20.55 -7.19
C LEU M 52 16.01 20.88 -7.80
N GLN M 53 16.01 21.32 -9.05
CA GLN M 53 17.25 21.57 -9.79
C GLN M 53 17.08 22.72 -10.78
N PRO M 54 18.10 23.59 -10.89
CA PRO M 54 18.11 24.51 -12.04
C PRO M 54 18.33 23.73 -13.33
N LYS M 55 17.50 24.01 -14.33
CA LYS M 55 17.58 23.30 -15.62
C LYS M 55 18.91 23.53 -16.36
N GLY M 56 19.43 24.74 -16.30
CA GLY M 56 20.70 25.06 -16.94
C GLY M 56 20.52 25.73 -18.29
N SER M 57 19.29 25.67 -18.79
CA SER M 57 18.88 26.37 -20.01
C SER M 57 17.44 26.82 -19.87
N SER M 58 17.07 27.83 -20.66
N SER M 58 17.07 27.87 -20.60
CA SER M 58 15.77 28.50 -20.59
CA SER M 58 15.74 28.46 -20.50
C SER M 58 14.79 27.97 -21.64
C SER M 58 14.79 27.97 -21.61
N PRO M 59 13.47 27.94 -21.33
CA PRO M 59 12.81 28.38 -20.09
C PRO M 59 12.66 27.25 -19.07
N ASP M 60 12.51 27.61 -17.81
CA ASP M 60 12.19 26.66 -16.76
C ASP M 60 10.78 26.12 -17.03
N GLN M 61 10.62 24.81 -16.95
CA GLN M 61 9.32 24.16 -17.15
C GLN M 61 9.07 23.22 -15.98
N PRO M 62 8.74 23.79 -14.81
CA PRO M 62 8.68 22.98 -13.58
C PRO M 62 7.53 21.96 -13.62
N ILE M 63 7.74 20.83 -12.97
CA ILE M 63 6.70 19.80 -12.84
C ILE M 63 5.88 20.07 -11.57
N LYS M 64 4.61 19.64 -11.59
CA LYS M 64 3.72 19.86 -10.44
C LYS M 64 4.28 19.35 -9.11
N GLU M 65 5.02 18.25 -9.14
CA GLU M 65 5.62 17.67 -7.91
C GLU M 65 6.68 18.57 -7.28
N ASN M 66 7.12 19.59 -8.03
CA ASN M 66 8.12 20.51 -7.53
C ASN M 66 7.56 21.88 -7.14
N LEU M 67 6.24 21.93 -6.94
CA LEU M 67 5.56 23.19 -6.63
C LEU M 67 4.72 23.07 -5.36
N PRO M 68 5.36 23.25 -4.18
CA PRO M 68 4.58 23.30 -2.94
C PRO M 68 3.45 24.32 -3.03
N ALA M 69 2.30 23.94 -2.50
CA ALA M 69 1.07 24.72 -2.64
C ALA M 69 0.48 24.96 -1.26
N TYR M 70 -0.40 25.95 -1.17
CA TYR M 70 -1.11 26.21 0.10
C TYR M 70 -2.10 25.10 0.42
N SER M 71 -2.20 24.79 1.70
CA SER M 71 -3.26 23.93 2.21
C SER M 71 -4.48 24.79 2.52
N VAL M 72 -5.69 24.27 2.33
CA VAL M 72 -6.88 25.03 2.70
C VAL M 72 -8.06 24.10 3.00
N ALA M 73 -8.89 24.51 3.95
CA ALA M 73 -10.17 23.85 4.18
C ALA M 73 -11.24 24.88 4.53
N ARG M 74 -12.47 24.56 4.15
CA ARG M 74 -13.64 25.29 4.61
C ARG M 74 -14.33 24.39 5.64
N VAL M 75 -14.52 24.90 6.85
CA VAL M 75 -15.23 24.15 7.89
C VAL M 75 -16.67 24.65 8.00
N SER M 76 -17.62 23.72 7.87
CA SER M 76 -19.03 24.01 8.05
C SER M 76 -19.35 24.24 9.52
N LEU M 77 -19.96 25.38 9.82
CA LEU M 77 -20.27 25.75 11.18
C LEU M 77 -21.76 25.50 11.45
N PRO M 78 -22.16 25.39 12.74
CA PRO M 78 -23.57 25.17 13.03
C PRO M 78 -24.46 26.26 12.41
N MET M 79 -25.58 25.85 11.82
CA MET M 79 -26.46 26.79 11.15
C MET M 79 -27.09 27.73 12.19
N LEU M 80 -27.04 29.04 11.91
CA LEU M 80 -27.48 30.05 12.88
C LEU M 80 -28.85 30.67 12.61
N ASN M 81 -29.20 30.78 11.33
CA ASN M 81 -30.41 31.46 10.91
C ASN M 81 -31.37 30.53 10.17
N GLU M 82 -32.66 30.85 10.23
CA GLU M 82 -33.64 30.17 9.40
C GLU M 82 -34.39 31.23 8.61
N ASP M 83 -35.52 31.68 9.16
CA ASP M 83 -36.24 32.81 8.62
C ASP M 83 -35.65 34.12 9.16
N ILE M 84 -35.16 34.96 8.26
CA ILE M 84 -34.87 36.36 8.61
C ILE M 84 -35.89 37.24 7.89
N THR M 85 -36.12 38.43 8.42
CA THR M 85 -37.12 39.34 7.84
C THR M 85 -36.51 40.32 6.85
N CYS M 86 -35.33 40.85 7.18
CA CYS M 86 -34.73 41.94 6.41
C CYS M 86 -33.25 41.66 6.15
N ASP M 87 -32.34 42.47 6.69
CA ASP M 87 -30.91 42.27 6.44
C ASP M 87 -30.05 42.05 7.69
N THR M 88 -30.69 41.71 8.80
CA THR M 88 -29.99 41.44 10.05
C THR M 88 -30.00 39.93 10.35
N LEU M 89 -28.84 39.39 10.70
CA LEU M 89 -28.69 37.96 10.94
C LEU M 89 -27.54 37.70 11.92
N GLN M 90 -27.46 36.48 12.41
CA GLN M 90 -26.33 36.06 13.25
C GLN M 90 -25.25 35.47 12.37
N MET M 91 -23.99 35.80 12.67
CA MET M 91 -22.83 35.19 12.03
C MET M 91 -21.88 34.71 13.11
N TRP M 92 -21.16 33.61 12.83
CA TRP M 92 -20.08 33.18 13.69
C TRP M 92 -18.89 34.12 13.51
N GLU M 93 -18.29 34.50 14.63
CA GLU M 93 -17.16 35.41 14.66
C GLU M 93 -15.97 34.67 15.26
N ALA M 94 -14.90 34.51 14.46
CA ALA M 94 -13.69 33.85 14.98
C ALA M 94 -12.93 34.81 15.88
N ILE M 95 -12.68 34.41 17.12
CA ILE M 95 -12.11 35.34 18.11
C ILE M 95 -10.69 34.98 18.55
N SER M 96 -10.35 33.70 18.47
CA SER M 96 -9.00 33.27 18.79
C SER M 96 -8.71 31.91 18.17
N VAL M 97 -7.43 31.59 18.09
CA VAL M 97 -7.00 30.31 17.53
C VAL M 97 -5.74 29.84 18.25
N LYS M 98 -5.71 28.56 18.60
CA LYS M 98 -4.45 27.89 18.96
C LYS M 98 -4.05 27.08 17.75
N THR M 99 -2.85 27.33 17.23
CA THR M 99 -2.36 26.59 16.08
C THR M 99 -0.96 26.09 16.35
N GLU M 100 -0.63 24.93 15.77
CA GLU M 100 0.63 24.27 16.03
C GLU M 100 1.09 23.48 14.81
N VAL M 101 2.38 23.57 14.50
CA VAL M 101 2.96 22.68 13.48
C VAL M 101 3.22 21.34 14.15
N VAL M 102 2.69 20.28 13.54
CA VAL M 102 2.74 18.94 14.11
C VAL M 102 3.92 18.15 13.53
N GLY M 103 4.54 17.31 14.36
CA GLY M 103 5.64 16.44 13.91
C GLY M 103 6.98 17.12 13.83
N ILE M 104 7.15 18.22 14.55
CA ILE M 104 8.43 18.92 14.63
C ILE M 104 9.57 17.98 15.07
N SER M 105 9.28 17.14 16.07
CA SER M 105 10.26 16.21 16.63
C SER M 105 10.84 15.22 15.59
N SER M 106 10.07 14.96 14.53
CA SER M 106 10.50 14.03 13.47
C SER M 106 11.79 14.49 12.81
N LEU M 107 12.05 15.80 12.88
CA LEU M 107 13.20 16.41 12.21
C LEU M 107 14.55 16.20 12.91
N ILE M 108 14.56 15.54 14.08
CA ILE M 108 15.83 15.15 14.71
C ILE M 108 16.48 13.93 14.01
N ASN M 109 15.72 13.27 13.13
CA ASN M 109 16.22 12.12 12.37
C ASN M 109 17.34 12.56 11.44
N VAL M 110 18.57 12.15 11.77
CA VAL M 110 19.75 12.42 10.93
C VAL M 110 20.33 11.11 10.35
N HIS M 111 19.46 10.13 10.13
CA HIS M 111 19.89 8.82 9.65
C HIS M 111 18.93 8.23 8.61
N TYR M 112 18.27 9.09 7.85
CA TYR M 112 17.53 8.66 6.65
C TYR M 112 18.52 7.86 5.79
N TRP M 113 18.08 6.73 5.23
CA TRP M 113 19.02 5.78 4.63
C TRP M 113 19.87 6.38 3.50
N ASP M 114 19.28 7.33 2.77
CA ASP M 114 19.92 7.97 1.63
C ASP M 114 20.27 9.44 1.90
N MET M 115 20.56 9.76 3.16
CA MET M 115 20.86 11.13 3.55
C MET M 115 22.30 11.48 3.23
N LYS M 116 22.51 12.64 2.62
CA LYS M 116 23.87 13.14 2.42
C LYS M 116 24.52 13.42 3.79
N ARG M 117 25.76 12.97 3.98
CA ARG M 117 26.47 13.14 5.24
C ARG M 117 27.07 14.54 5.36
N VAL M 118 27.15 15.04 6.59
N VAL M 118 27.15 15.04 6.59
CA VAL M 118 27.77 16.34 6.84
CA VAL M 118 27.76 16.34 6.83
C VAL M 118 29.27 16.29 6.51
C VAL M 118 29.27 16.30 6.52
N HIS M 119 29.88 15.13 6.73
CA HIS M 119 31.27 14.84 6.36
C HIS M 119 31.45 13.33 6.41
N ASP M 120 32.57 12.82 5.89
CA ASP M 120 32.84 11.39 5.88
C ASP M 120 32.61 10.78 7.26
N TYR M 121 31.86 9.68 7.30
CA TYR M 121 31.54 8.94 8.55
C TYR M 121 30.54 9.64 9.45
N GLY M 122 30.11 10.85 9.06
CA GLY M 122 29.22 11.65 9.87
C GLY M 122 27.75 11.30 9.74
N ALA M 123 26.92 12.00 10.52
CA ALA M 123 25.47 11.91 10.43
C ALA M 123 24.98 12.61 9.16
N GLY M 124 23.72 12.38 8.82
CA GLY M 124 23.11 13.09 7.69
C GLY M 124 22.98 14.57 7.99
N ILE M 125 22.99 15.37 6.94
CA ILE M 125 22.61 16.77 7.09
C ILE M 125 21.13 16.83 7.47
N PRO M 126 20.81 17.42 8.64
CA PRO M 126 19.41 17.45 9.07
C PRO M 126 18.55 18.33 8.15
N VAL M 127 17.24 18.10 8.18
CA VAL M 127 16.30 18.92 7.41
C VAL M 127 16.54 20.38 7.84
N SER M 128 16.86 21.22 6.87
N SER M 128 16.92 21.21 6.87
CA SER M 128 17.28 22.60 7.12
CA SER M 128 17.33 22.59 7.12
C SER M 128 17.29 23.37 5.81
C SER M 128 17.22 23.38 5.81
N GLY M 129 17.44 24.69 5.90
CA GLY M 129 17.42 25.55 4.71
C GLY M 129 16.16 26.37 4.61
N VAL M 130 15.59 26.45 3.41
CA VAL M 130 14.42 27.27 3.15
C VAL M 130 13.23 26.87 4.04
N ASN M 131 12.74 27.84 4.81
CA ASN M 131 11.48 27.71 5.54
C ASN M 131 10.46 28.73 5.03
N TYR M 132 9.20 28.35 5.04
CA TYR M 132 8.09 29.25 4.75
C TYR M 132 6.91 28.80 5.61
N HIS M 133 6.42 29.71 6.45
CA HIS M 133 5.39 29.37 7.40
C HIS M 133 4.33 30.44 7.40
N MET M 134 3.08 30.03 7.21
N MET M 134 3.09 30.01 7.20
CA MET M 134 1.99 30.96 7.30
CA MET M 134 1.94 30.89 7.15
C MET M 134 0.70 30.24 7.62
C MET M 134 0.73 30.17 7.72
N PHE M 135 -0.17 30.92 8.36
CA PHE M 135 -1.54 30.45 8.53
C PHE M 135 -2.50 31.62 8.38
N ALA M 136 -3.75 31.32 8.04
CA ALA M 136 -4.78 32.33 7.92
C ALA M 136 -6.08 31.79 8.45
N ILE M 137 -6.84 32.65 9.12
CA ILE M 137 -8.18 32.33 9.54
C ILE M 137 -9.08 33.43 8.95
N GLY M 138 -10.14 33.02 8.25
CA GLY M 138 -11.02 33.99 7.60
C GLY M 138 -12.44 33.52 7.50
N GLY M 139 -13.33 34.47 7.21
CA GLY M 139 -14.74 34.17 7.03
C GLY M 139 -15.11 33.99 5.57
N GLU M 140 -14.10 33.98 4.71
CA GLU M 140 -14.22 33.76 3.27
C GLU M 140 -12.82 33.34 2.77
N PRO M 141 -12.72 32.92 1.49
CA PRO M 141 -11.40 32.52 1.00
C PRO M 141 -10.35 33.62 1.11
N LEU M 142 -9.11 33.23 1.34
CA LEU M 142 -7.98 34.16 1.38
C LEU M 142 -7.75 34.76 0.00
N ASP M 143 -7.58 36.08 -0.04
CA ASP M 143 -7.26 36.79 -1.28
C ASP M 143 -5.76 36.69 -1.55
N LEU M 144 -5.41 36.33 -2.79
CA LEU M 144 -4.02 36.10 -3.17
C LEU M 144 -3.54 37.10 -4.22
N GLN M 145 -2.27 37.46 -4.14
CA GLN M 145 -1.62 38.29 -5.14
C GLN M 145 -0.52 37.44 -5.81
N GLY M 146 -0.46 37.51 -7.14
CA GLY M 146 0.55 36.80 -7.90
C GLY M 146 1.79 37.63 -8.15
N LEU M 147 2.95 37.03 -7.91
CA LEU M 147 4.26 37.60 -8.20
C LEU M 147 5.25 36.43 -8.26
N VAL M 148 6.08 36.40 -9.30
CA VAL M 148 7.05 35.33 -9.51
C VAL M 148 8.48 35.84 -9.65
N LEU M 149 9.43 34.99 -9.28
CA LEU M 149 10.84 35.27 -9.47
C LEU M 149 11.17 35.51 -10.95
N ASP M 150 10.57 34.71 -11.83
CA ASP M 150 10.90 34.74 -13.26
C ASP M 150 9.62 34.60 -14.08
N TYR M 151 9.24 35.66 -14.78
CA TYR M 151 8.00 35.66 -15.54
C TYR M 151 8.01 34.67 -16.73
N GLN M 152 9.21 34.22 -17.10
CA GLN M 152 9.39 33.30 -18.24
C GLN M 152 9.16 31.84 -17.88
N THR M 153 9.04 31.56 -16.59
CA THR M 153 8.74 30.22 -16.09
C THR M 153 7.44 29.73 -16.75
N GLN M 154 7.48 28.52 -17.29
CA GLN M 154 6.32 27.92 -17.91
C GLN M 154 5.75 26.85 -16.99
N TYR M 155 4.82 27.26 -16.14
CA TYR M 155 4.19 26.34 -15.19
C TYR M 155 3.27 25.34 -15.90
N PRO M 156 3.03 24.16 -15.28
CA PRO M 156 2.14 23.17 -15.93
C PRO M 156 0.74 23.77 -16.13
N LYS M 157 0.09 23.41 -17.23
CA LYS M 157 -1.28 23.88 -17.52
C LYS M 157 -2.30 23.30 -16.54
N THR M 158 -3.43 23.99 -16.40
CA THR M 158 -4.51 23.55 -15.51
C THR M 158 -5.47 22.61 -16.24
N GLY M 162 -3.59 19.82 -12.01
CA GLY M 162 -2.67 20.87 -12.43
C GLY M 162 -2.86 22.15 -11.64
N PRO M 163 -1.78 22.91 -11.43
CA PRO M 163 -1.84 24.11 -10.57
C PRO M 163 -2.45 25.33 -11.25
N ILE M 164 -3.04 26.20 -10.43
CA ILE M 164 -3.58 27.47 -10.88
C ILE M 164 -2.49 28.50 -10.70
N THR M 165 -2.09 29.14 -11.80
CA THR M 165 -1.01 30.14 -11.76
C THR M 165 -1.47 31.43 -12.43
N ILE M 166 -0.57 32.39 -12.59
CA ILE M 166 -0.96 33.70 -13.10
C ILE M 166 -1.51 33.59 -14.52
N GLU M 167 -0.90 32.75 -15.35
CA GLU M 167 -1.39 32.55 -16.72
C GLU M 167 -2.84 32.04 -16.74
N THR M 168 -3.15 31.15 -15.79
CA THR M 168 -4.52 30.63 -15.63
C THR M 168 -5.54 31.75 -15.43
N VAL M 169 -5.25 32.65 -14.51
CA VAL M 169 -6.20 33.70 -14.13
C VAL M 169 -6.27 34.82 -15.17
N LEU M 170 -5.15 35.10 -15.85
CA LEU M 170 -5.10 36.15 -16.86
C LEU M 170 -5.65 35.71 -18.21
N GLY M 171 -5.56 34.41 -18.49
CA GLY M 171 -5.98 33.89 -19.80
C GLY M 171 -5.00 34.22 -20.91
N ARG M 172 -3.78 34.60 -20.51
CA ARG M 172 -2.70 34.96 -21.43
C ARG M 172 -1.38 34.78 -20.67
N LYS M 173 -0.27 34.78 -21.41
CA LYS M 173 1.06 34.60 -20.82
C LYS M 173 1.43 35.75 -19.88
N MET M 174 2.24 35.43 -18.88
CA MET M 174 2.84 36.44 -18.01
C MET M 174 3.75 37.35 -18.82
N THR M 175 3.95 38.57 -18.34
CA THR M 175 4.90 39.51 -18.93
C THR M 175 5.85 39.94 -17.80
N PRO M 176 6.90 40.74 -18.12
CA PRO M 176 7.84 41.16 -17.07
C PRO M 176 7.21 41.82 -15.83
N LYS M 177 6.08 42.50 -16.00
CA LYS M 177 5.41 43.14 -14.85
C LYS M 177 5.01 42.16 -13.75
N ASN M 178 4.91 40.88 -14.09
CA ASN M 178 4.61 39.86 -13.08
C ASN M 178 5.79 39.47 -12.19
N GLN M 179 6.96 40.06 -12.45
CA GLN M 179 8.06 40.01 -11.50
C GLN M 179 7.88 41.08 -10.41
N GLY M 180 6.99 42.03 -10.67
CA GLY M 180 6.56 43.01 -9.67
C GLY M 180 5.09 42.80 -9.33
N LEU M 181 4.46 43.80 -8.73
CA LEU M 181 3.06 43.69 -8.38
C LEU M 181 2.20 44.17 -9.56
N ASP M 182 1.53 43.22 -10.21
CA ASP M 182 0.53 43.47 -11.27
C ASP M 182 -0.85 43.28 -10.64
N PRO M 183 -1.65 44.36 -10.55
CA PRO M 183 -2.96 44.28 -9.87
C PRO M 183 -3.96 43.32 -10.51
N GLN M 184 -3.73 42.96 -11.77
N GLN M 184 -3.72 42.95 -11.77
CA GLN M 184 -4.58 41.97 -12.45
CA GLN M 184 -4.55 41.97 -12.48
C GLN M 184 -4.31 40.54 -11.98
C GLN M 184 -4.27 40.53 -12.06
N ALA M 185 -3.09 40.29 -11.48
CA ALA M 185 -2.69 38.95 -11.04
C ALA M 185 -3.23 38.64 -9.65
N LYS M 186 -4.54 38.39 -9.58
CA LYS M 186 -5.22 38.13 -8.31
C LYS M 186 -6.03 36.85 -8.38
N ALA M 187 -6.18 36.19 -7.22
CA ALA M 187 -6.96 34.96 -7.13
C ALA M 187 -7.48 34.80 -5.72
N LYS M 188 -8.34 33.81 -5.53
CA LYS M 188 -8.82 33.43 -4.20
C LYS M 188 -8.31 32.02 -3.90
N LEU M 189 -7.85 31.82 -2.67
CA LEU M 189 -7.38 30.51 -2.25
C LEU M 189 -8.57 29.59 -1.95
N ASP M 190 -9.10 28.98 -3.00
CA ASP M 190 -10.34 28.21 -2.90
C ASP M 190 -10.18 26.71 -3.16
N LYS M 191 -8.94 26.26 -3.39
CA LYS M 191 -8.68 24.83 -3.62
C LYS M 191 -7.40 24.39 -2.93
N ASP M 192 -7.51 23.30 -2.16
CA ASP M 192 -6.38 22.71 -1.45
C ASP M 192 -5.35 22.17 -2.46
N GLY M 193 -4.07 22.45 -2.20
CA GLY M 193 -2.97 21.88 -2.98
C GLY M 193 -2.88 22.26 -4.46
N ASN M 194 -3.36 23.45 -4.79
CA ASN M 194 -3.48 23.86 -6.20
C ASN M 194 -2.90 25.22 -6.53
N TYR M 195 -2.66 26.02 -5.51
CA TYR M 195 -2.10 27.37 -5.69
C TYR M 195 -0.66 27.35 -5.21
N PRO M 196 0.31 27.37 -6.15
CA PRO M 196 1.72 27.29 -5.75
C PRO M 196 2.19 28.48 -4.90
N ILE M 197 2.84 28.16 -3.78
CA ILE M 197 3.47 29.14 -2.91
C ILE M 197 4.45 30.08 -3.64
N GLU M 198 5.21 29.57 -4.61
CA GLU M 198 6.19 30.42 -5.30
C GLU M 198 5.54 31.40 -6.29
N VAL M 199 4.24 31.24 -6.50
CA VAL M 199 3.46 32.09 -7.41
C VAL M 199 2.56 33.06 -6.65
N TRP M 200 1.94 32.58 -5.55
CA TRP M 200 0.91 33.34 -4.84
C TRP M 200 1.28 33.68 -3.41
N CYS M 201 1.00 34.92 -3.02
CA CYS M 201 1.12 35.38 -1.64
C CYS M 201 -0.21 36.03 -1.21
N PRO M 202 -0.40 36.21 0.12
CA PRO M 202 -1.61 36.91 0.58
C PRO M 202 -1.66 38.34 0.03
N ASP M 203 -2.84 38.78 -0.39
CA ASP M 203 -3.03 40.12 -0.95
C ASP M 203 -3.35 41.11 0.18
N PRO M 204 -2.39 42.00 0.53
CA PRO M 204 -2.64 42.92 1.64
C PRO M 204 -3.64 44.01 1.32
N SER M 205 -3.99 44.17 0.04
CA SER M 205 -4.96 45.19 -0.36
C SER M 205 -6.40 44.74 -0.15
N LYS M 206 -6.58 43.46 0.14
CA LYS M 206 -7.89 42.89 0.42
C LYS M 206 -7.84 42.20 1.77
N ASN M 207 -8.44 41.01 1.90
CA ASN M 207 -8.38 40.23 3.15
C ASN M 207 -8.88 40.98 4.40
N GLU M 208 -9.83 41.89 4.20
CA GLU M 208 -10.46 42.59 5.33
C GLU M 208 -11.09 41.61 6.34
N ASN M 209 -11.63 40.50 5.82
CA ASN M 209 -12.34 39.51 6.63
C ASN M 209 -11.51 38.24 6.92
N SER M 210 -10.18 38.38 6.86
CA SER M 210 -9.25 37.33 7.23
C SER M 210 -8.13 37.91 8.08
N ARG M 211 -7.47 37.05 8.84
CA ARG M 211 -6.23 37.38 9.53
C ARG M 211 -5.18 36.39 9.06
N TYR M 212 -4.05 36.90 8.58
CA TYR M 212 -2.96 36.02 8.19
C TYR M 212 -1.62 36.44 8.80
N TYR M 213 -0.73 35.47 8.96
CA TYR M 213 0.54 35.64 9.66
C TYR M 213 1.53 34.72 8.98
N GLY M 214 2.66 35.27 8.55
CA GLY M 214 3.61 34.45 7.81
C GLY M 214 5.03 34.92 7.93
N SER M 215 5.96 34.05 7.51
CA SER M 215 7.38 34.37 7.48
C SER M 215 8.08 33.50 6.45
N ILE M 216 9.22 33.98 5.97
CA ILE M 216 10.13 33.19 5.15
C ILE M 216 11.52 33.19 5.80
N GLN M 217 12.28 32.15 5.49
CA GLN M 217 13.68 32.08 5.82
C GLN M 217 14.39 31.48 4.61
N THR M 218 15.34 32.20 4.03
CA THR M 218 16.12 31.62 2.92
C THR M 218 17.50 31.08 3.43
N GLY M 219 18.51 31.06 2.56
CA GLY M 219 19.75 30.32 2.88
C GLY M 219 19.59 28.83 2.57
N SER M 220 20.71 28.16 2.28
CA SER M 220 20.65 26.77 1.83
C SER M 220 20.59 25.72 2.93
N GLN M 221 21.26 25.98 4.06
CA GLN M 221 21.36 25.02 5.16
C GLN M 221 21.03 25.67 6.50
N THR M 222 20.32 26.79 6.43
CA THR M 222 19.92 27.57 7.60
C THR M 222 19.15 26.69 8.59
N PRO M 223 19.51 26.77 9.89
CA PRO M 223 18.80 26.00 10.91
C PRO M 223 17.28 26.20 10.85
N THR M 224 16.56 25.09 10.92
CA THR M 224 15.11 25.14 11.11
C THR M 224 14.88 25.26 12.62
N VAL M 225 14.26 26.37 13.00
CA VAL M 225 14.02 26.71 14.39
C VAL M 225 12.52 26.90 14.58
N LEU M 226 11.91 26.00 15.35
CA LEU M 226 10.46 26.01 15.49
C LEU M 226 10.08 25.75 16.94
N GLN M 227 8.99 26.38 17.38
CA GLN M 227 8.48 26.20 18.72
C GLN M 227 7.13 25.51 18.66
N PHE M 228 6.75 24.90 19.80
CA PHE M 228 5.44 24.28 19.95
C PHE M 228 5.05 24.31 21.43
N SER M 229 3.84 24.77 21.70
CA SER M 229 3.27 24.79 23.04
C SER M 229 1.77 24.88 22.92
N ASN M 230 1.05 24.16 23.77
CA ASN M 230 -0.41 24.24 23.81
C ASN M 230 -0.93 25.43 24.66
N THR M 231 -0.03 26.34 25.03
CA THR M 231 -0.36 27.53 25.83
C THR M 231 -0.40 28.83 24.99
N LEU M 232 -0.04 28.72 23.71
CA LEU M 232 0.04 29.87 22.82
C LEU M 232 -1.28 30.08 22.08
N THR M 233 -1.90 31.23 22.30
CA THR M 233 -3.15 31.62 21.63
C THR M 233 -2.91 32.87 20.78
N THR M 234 -3.49 32.90 19.58
CA THR M 234 -3.51 34.10 18.76
C THR M 234 -4.91 34.71 18.81
N VAL M 235 -4.99 35.97 19.23
CA VAL M 235 -6.26 36.69 19.23
C VAL M 235 -6.55 37.22 17.82
N LEU M 236 -7.78 37.03 17.34
CA LEU M 236 -8.13 37.34 15.95
C LEU M 236 -8.92 38.63 15.79
N LEU M 237 -9.21 39.29 16.92
CA LEU M 237 -9.96 40.54 16.89
C LEU M 237 -9.13 41.67 16.29
N ASP M 238 -9.78 42.51 15.49
CA ASP M 238 -9.12 43.69 14.94
C ASP M 238 -9.08 44.82 15.98
N GLU M 239 -8.69 46.00 15.53
CA GLU M 239 -8.59 47.18 16.40
C GLU M 239 -9.92 47.57 17.06
N ASN M 240 -11.03 47.24 16.39
CA ASN M 240 -12.37 47.52 16.91
C ASN M 240 -12.99 46.38 17.72
N GLY M 241 -12.21 45.32 17.96
CA GLY M 241 -12.68 44.16 18.73
C GLY M 241 -13.58 43.22 17.92
N VAL M 242 -13.38 43.20 16.61
CA VAL M 242 -14.17 42.35 15.72
C VAL M 242 -13.29 41.32 15.01
N GLY M 243 -13.67 40.05 15.14
CA GLY M 243 -12.98 38.97 14.44
C GLY M 243 -13.54 38.73 13.05
N PRO M 244 -12.92 37.82 12.28
CA PRO M 244 -13.50 37.43 11.00
C PRO M 244 -14.93 36.89 11.14
N LEU M 245 -15.80 37.32 10.24
CA LEU M 245 -17.21 36.94 10.26
C LEU M 245 -17.48 35.92 9.18
N CYS M 246 -18.08 34.80 9.57
CA CYS M 246 -18.15 33.63 8.70
C CYS M 246 -19.36 33.66 7.78
N LYS M 247 -19.11 34.07 6.54
CA LYS M 247 -20.16 34.20 5.53
C LYS M 247 -20.66 32.82 5.07
N GLY M 248 -21.97 32.66 5.07
CA GLY M 248 -22.59 31.37 4.77
C GLY M 248 -22.26 30.27 5.77
N ASP M 249 -21.96 30.66 7.01
CA ASP M 249 -21.58 29.73 8.10
C ASP M 249 -20.34 28.87 7.76
N GLY M 250 -19.40 29.47 7.04
CA GLY M 250 -18.18 28.78 6.63
C GLY M 250 -16.95 29.47 7.18
N LEU M 251 -16.05 28.67 7.74
CA LEU M 251 -14.79 29.16 8.28
C LEU M 251 -13.66 28.67 7.37
N PHE M 252 -12.86 29.61 6.84
CA PHE M 252 -11.77 29.26 5.94
C PHE M 252 -10.46 29.29 6.69
N ILE M 253 -9.73 28.18 6.57
CA ILE M 253 -8.46 28.00 7.26
C ILE M 253 -7.42 27.62 6.22
N SER M 254 -6.31 28.36 6.19
CA SER M 254 -5.27 28.18 5.18
C SER M 254 -3.90 28.15 5.82
N CYS M 255 -2.96 27.43 5.21
CA CYS M 255 -1.59 27.42 5.72
C CYS M 255 -0.55 26.89 4.73
N ALA M 256 0.72 27.05 5.12
CA ALA M 256 1.84 26.41 4.43
C ALA M 256 2.94 26.33 5.46
N ASP M 257 3.63 25.20 5.51
CA ASP M 257 4.74 25.01 6.45
C ASP M 257 5.88 24.20 5.83
N ILE M 258 6.72 24.89 5.04
CA ILE M 258 7.92 24.29 4.46
C ILE M 258 9.02 24.35 5.53
N VAL M 259 9.59 23.20 5.84
CA VAL M 259 10.54 23.11 6.96
C VAL M 259 11.99 22.89 6.56
N GLY M 260 12.26 22.88 5.26
CA GLY M 260 13.63 22.75 4.78
C GLY M 260 13.82 21.62 3.79
N PHE M 261 15.07 21.36 3.44
CA PHE M 261 15.40 20.35 2.42
C PHE M 261 15.76 19.04 3.07
N LEU M 262 15.43 17.96 2.38
CA LEU M 262 16.01 16.66 2.62
C LEU M 262 17.18 16.53 1.65
N PHE M 263 18.38 16.44 2.19
CA PHE M 263 19.61 16.34 1.42
C PHE M 263 19.95 14.87 1.15
N LYS M 264 19.95 14.49 -0.13
CA LYS M 264 20.19 13.11 -0.53
C LYS M 264 21.66 12.87 -0.92
N THR M 265 22.11 11.62 -0.75
CA THR M 265 23.51 11.23 -0.98
C THR M 265 24.09 11.77 -2.30
N SER M 266 23.30 11.67 -3.36
CA SER M 266 23.73 12.05 -4.71
C SER M 266 24.01 13.56 -4.87
N GLY M 267 23.54 14.35 -3.91
CA GLY M 267 23.56 15.81 -4.02
C GLY M 267 22.17 16.38 -4.30
N LYS M 268 21.24 15.54 -4.70
CA LYS M 268 19.87 15.99 -4.95
C LYS M 268 19.15 16.43 -3.67
N MET M 269 18.21 17.36 -3.82
CA MET M 269 17.55 17.99 -2.67
C MET M 269 16.06 18.16 -2.96
N ALA M 270 15.24 17.83 -1.97
CA ALA M 270 13.79 18.00 -2.05
C ALA M 270 13.32 18.80 -0.85
N LEU M 271 12.33 19.67 -1.06
CA LEU M 271 11.71 20.38 0.06
C LEU M 271 10.74 19.49 0.81
N HIS M 272 10.55 19.78 2.09
CA HIS M 272 9.72 18.99 2.99
C HIS M 272 8.79 19.93 3.74
N GLY M 273 7.59 19.44 4.06
CA GLY M 273 6.61 20.20 4.82
C GLY M 273 6.02 19.38 5.95
N LEU M 274 5.40 20.06 6.91
CA LEU M 274 4.78 19.41 8.06
C LEU M 274 3.32 19.82 8.17
N PRO M 275 2.47 18.98 8.82
CA PRO M 275 1.06 19.35 8.99
C PRO M 275 0.88 20.45 10.03
N ARG M 276 -0.29 21.08 10.02
CA ARG M 276 -0.62 22.09 11.01
C ARG M 276 -1.99 21.82 11.61
N TYR M 277 -2.08 21.98 12.93
CA TYR M 277 -3.32 21.79 13.66
C TYR M 277 -3.90 23.16 14.04
N PHE M 278 -5.24 23.23 14.08
CA PHE M 278 -5.96 24.45 14.47
C PHE M 278 -7.07 24.12 15.46
N ASN M 279 -7.21 24.96 16.48
CA ASN M 279 -8.39 24.97 17.31
C ASN M 279 -8.89 26.41 17.37
N VAL M 280 -10.03 26.67 16.73
CA VAL M 280 -10.56 28.02 16.62
C VAL M 280 -11.75 28.20 17.55
N THR M 281 -11.75 29.30 18.30
CA THR M 281 -12.89 29.66 19.14
C THR M 281 -13.74 30.70 18.43
N LEU M 282 -15.04 30.45 18.35
CA LEU M 282 -15.96 31.36 17.68
C LEU M 282 -17.13 31.74 18.59
N ARG M 283 -17.65 32.94 18.39
CA ARG M 283 -18.85 33.41 19.09
C ARG M 283 -19.89 33.92 18.11
N LYS M 284 -21.16 33.88 18.51
CA LYS M 284 -22.24 34.41 17.69
C LYS M 284 -22.28 35.92 17.77
N ARG M 285 -22.42 36.57 16.62
CA ARG M 285 -22.46 38.02 16.54
C ARG M 285 -23.65 38.44 15.68
N TRP M 286 -24.41 39.43 16.16
CA TRP M 286 -25.47 40.03 15.36
C TRP M 286 -24.86 40.94 14.30
N VAL M 287 -25.32 40.79 13.06
CA VAL M 287 -24.80 41.57 11.94
C VAL M 287 -25.94 42.10 11.07
N LYS M 288 -25.78 43.33 10.57
CA LYS M 288 -26.69 43.91 9.60
C LYS M 288 -25.94 44.11 8.28
N ASN M 289 -26.33 43.35 7.25
CA ASN M 289 -25.69 43.45 5.93
C ASN M 289 -26.15 44.66 5.11
N VAL N 9 -16.10 17.13 33.93
CA VAL N 9 -15.51 17.51 35.25
C VAL N 9 -15.57 19.01 35.48
N GLU N 10 -16.47 19.42 36.37
CA GLU N 10 -16.68 20.84 36.69
C GLU N 10 -15.71 21.30 37.79
N VAL N 11 -14.94 22.34 37.49
CA VAL N 11 -13.98 22.90 38.43
C VAL N 11 -14.69 23.87 39.38
N LEU N 12 -14.59 23.61 40.68
CA LEU N 12 -15.19 24.50 41.68
C LEU N 12 -14.12 25.42 42.28
N SER N 13 -14.24 25.72 43.57
CA SER N 13 -13.35 26.68 44.19
C SER N 13 -12.04 26.05 44.69
N VAL N 14 -11.02 26.88 44.82
CA VAL N 14 -9.75 26.51 45.43
C VAL N 14 -9.99 26.23 46.93
N VAL N 15 -9.41 25.14 47.41
CA VAL N 15 -9.53 24.74 48.81
C VAL N 15 -8.76 25.70 49.72
N THR N 16 -9.45 26.26 50.69
CA THR N 16 -8.80 27.13 51.68
C THR N 16 -8.48 26.31 52.92
N GLY N 17 -7.35 26.61 53.55
CA GLY N 17 -6.91 25.88 54.73
C GLY N 17 -5.41 25.84 54.87
N GLU N 18 -4.97 25.26 55.99
CA GLU N 18 -3.56 25.27 56.40
C GLU N 18 -2.59 24.60 55.41
N ASP N 19 -2.86 23.35 55.06
CA ASP N 19 -1.91 22.58 54.25
C ASP N 19 -2.42 22.32 52.83
N SER N 20 -2.98 23.35 52.22
CA SER N 20 -3.60 23.23 50.90
C SER N 20 -2.62 23.45 49.75
N ILE N 21 -1.38 23.77 50.07
CA ILE N 21 -0.32 23.92 49.06
C ILE N 21 0.80 22.92 49.35
N THR N 22 1.30 22.28 48.29
CA THR N 22 2.47 21.42 48.41
C THR N 22 3.44 21.62 47.24
N GLN N 23 4.69 21.20 47.45
CA GLN N 23 5.71 21.28 46.40
C GLN N 23 6.30 19.92 46.07
N ILE N 24 6.40 19.64 44.77
CA ILE N 24 7.02 18.41 44.28
C ILE N 24 8.31 18.75 43.58
N GLU N 25 9.38 18.05 43.96
CA GLU N 25 10.70 18.28 43.42
C GLU N 25 11.26 16.97 42.88
N LEU N 26 11.87 17.03 41.69
CA LEU N 26 12.48 15.86 41.07
C LEU N 26 13.38 16.25 39.91
N TYR N 27 14.19 15.29 39.47
CA TYR N 27 14.98 15.44 38.25
C TYR N 27 14.78 14.22 37.38
N LEU N 28 14.97 14.40 36.08
CA LEU N 28 14.89 13.30 35.12
C LEU N 28 16.17 13.26 34.31
N ASN N 29 16.85 12.11 34.36
CA ASN N 29 18.03 11.90 33.55
C ASN N 29 17.65 11.58 32.10
N PRO N 30 18.48 12.02 31.14
CA PRO N 30 18.11 11.87 29.73
C PRO N 30 18.15 10.41 29.27
N ARG N 31 17.31 10.10 28.28
CA ARG N 31 17.23 8.76 27.72
C ARG N 31 17.56 8.83 26.23
N MET N 32 18.85 9.00 25.95
CA MET N 32 19.33 9.25 24.59
C MET N 32 19.52 7.99 23.76
N GLY N 33 19.46 6.83 24.41
CA GLY N 33 19.70 5.56 23.69
C GLY N 33 20.50 4.59 24.52
N VAL N 34 21.58 5.08 25.13
CA VAL N 34 22.25 4.36 26.21
C VAL N 34 21.63 4.93 27.48
N ASN N 35 20.68 4.18 28.03
CA ASN N 35 19.75 4.73 29.01
C ASN N 35 20.06 4.40 30.47
N SER N 36 21.00 3.49 30.69
CA SER N 36 21.38 3.10 32.03
C SER N 36 22.85 3.36 32.30
N PRO N 37 23.18 3.88 33.50
CA PRO N 37 24.58 4.03 33.91
C PRO N 37 25.13 2.79 34.61
N ASP N 38 24.28 1.78 34.81
CA ASP N 38 24.61 0.62 35.65
C ASP N 38 24.95 -0.66 34.90
N LEU N 39 25.03 -0.58 33.56
CA LEU N 39 25.37 -1.75 32.74
C LEU N 39 26.88 -1.97 32.76
N PRO N 40 27.31 -3.24 32.89
CA PRO N 40 28.72 -3.54 33.15
C PRO N 40 29.66 -3.12 32.02
N THR N 41 29.17 -3.15 30.79
CA THR N 41 30.02 -2.96 29.62
C THR N 41 29.76 -1.67 28.84
N THR N 42 28.49 -1.34 28.61
CA THR N 42 28.09 -0.32 27.65
C THR N 42 27.81 1.08 28.23
N SER N 43 27.86 1.20 29.55
CA SER N 43 27.41 2.41 30.23
C SER N 43 28.28 3.67 30.08
N ASN N 44 29.49 3.52 29.52
N ASN N 44 29.48 3.50 29.52
CA ASN N 44 30.35 4.68 29.28
CA ASN N 44 30.39 4.62 29.24
C ASN N 44 29.74 5.71 28.32
C ASN N 44 29.73 5.68 28.34
N TRP N 45 28.75 5.26 27.54
CA TRP N 45 28.02 6.15 26.63
C TRP N 45 26.65 6.60 27.14
N TYR N 46 26.40 6.40 28.42
CA TYR N 46 25.22 6.92 29.08
C TYR N 46 25.10 8.43 28.84
N THR N 47 23.90 8.84 28.43
CA THR N 47 23.52 10.20 28.00
C THR N 47 23.90 10.53 26.56
N TYR N 48 24.29 9.51 25.80
CA TYR N 48 24.58 9.65 24.39
C TYR N 48 23.85 8.60 23.57
N THR N 49 23.75 8.85 22.27
CA THR N 49 23.39 7.81 21.31
C THR N 49 24.66 7.09 20.90
N TYR N 50 24.51 6.00 20.15
CA TYR N 50 25.64 5.44 19.39
C TYR N 50 25.81 6.34 18.16
N ASP N 51 26.72 5.97 17.25
CA ASP N 51 26.97 6.82 16.09
C ASP N 51 25.81 6.82 15.12
N LEU N 52 25.40 8.02 14.71
CA LEU N 52 24.28 8.18 13.81
C LEU N 52 24.79 8.30 12.39
N GLN N 53 24.33 7.41 11.53
CA GLN N 53 24.77 7.35 10.14
C GLN N 53 23.63 6.98 9.18
N PRO N 54 23.62 7.59 7.98
CA PRO N 54 22.78 7.05 6.92
C PRO N 54 23.31 5.67 6.50
N LYS N 55 22.43 4.68 6.40
CA LYS N 55 22.84 3.32 6.03
C LYS N 55 23.47 3.26 4.63
N GLY N 56 22.98 4.08 3.72
CA GLY N 56 23.49 4.09 2.35
C GLY N 56 22.71 3.17 1.41
N SER N 57 21.86 2.32 2.01
CA SER N 57 20.98 1.43 1.25
C SER N 57 19.68 1.25 2.04
N SER N 58 18.62 0.90 1.32
N SER N 58 18.62 0.91 1.32
CA SER N 58 17.28 0.75 1.88
CA SER N 58 17.28 0.77 1.91
C SER N 58 17.07 -0.66 2.45
C SER N 58 17.07 -0.64 2.46
N PRO N 59 16.31 -0.78 3.57
CA PRO N 59 15.73 0.29 4.37
C PRO N 59 16.56 0.63 5.62
N ASP N 60 16.26 1.75 6.25
CA ASP N 60 16.86 2.10 7.53
C ASP N 60 16.31 1.14 8.58
N GLN N 61 17.23 0.58 9.37
CA GLN N 61 16.88 -0.35 10.46
C GLN N 61 17.60 0.13 11.73
N PRO N 62 17.14 1.26 12.30
CA PRO N 62 17.89 1.84 13.41
C PRO N 62 17.90 0.97 14.67
N ILE N 63 19.02 1.01 15.39
CA ILE N 63 19.12 0.31 16.66
C ILE N 63 18.50 1.16 17.78
N LYS N 64 18.09 0.52 18.87
CA LYS N 64 17.51 1.27 19.98
C LYS N 64 18.46 2.34 20.58
N GLU N 65 19.76 2.09 20.51
CA GLU N 65 20.76 3.05 21.00
C GLU N 65 20.83 4.33 20.19
N ASN N 66 20.22 4.33 19.01
CA ASN N 66 20.21 5.52 18.16
C ASN N 66 18.88 6.27 18.15
N LEU N 67 18.03 5.94 19.11
CA LEU N 67 16.71 6.54 19.22
C LEU N 67 16.49 7.25 20.56
N PRO N 68 16.92 8.53 20.66
CA PRO N 68 16.61 9.29 21.87
C PRO N 68 15.12 9.29 22.15
N ALA N 69 14.76 9.13 23.41
CA ALA N 69 13.37 8.98 23.80
C ALA N 69 13.01 9.96 24.90
N TYR N 70 11.71 10.19 25.10
CA TYR N 70 11.22 11.08 26.14
C TYR N 70 11.47 10.52 27.54
N SER N 71 11.86 11.41 28.46
CA SER N 71 11.90 11.08 29.88
C SER N 71 10.51 11.34 30.46
N VAL N 72 10.08 10.51 31.41
CA VAL N 72 8.79 10.73 32.09
C VAL N 72 8.78 10.09 33.50
N ALA N 73 8.15 10.79 34.44
CA ALA N 73 7.90 10.25 35.76
C ALA N 73 6.47 10.56 36.15
N ARG N 74 5.84 9.63 36.85
CA ARG N 74 4.59 9.90 37.53
C ARG N 74 4.89 10.00 39.02
N VAL N 75 4.58 11.15 39.61
CA VAL N 75 4.79 11.35 41.05
C VAL N 75 3.49 11.14 41.80
N SER N 76 3.53 10.26 42.81
CA SER N 76 2.40 10.06 43.70
C SER N 76 2.26 11.25 44.63
N LEU N 77 1.05 11.79 44.70
CA LEU N 77 0.76 12.95 45.51
C LEU N 77 -0.02 12.50 46.74
N PRO N 78 0.00 13.29 47.84
CA PRO N 78 -0.77 12.89 49.03
C PRO N 78 -2.25 12.67 48.70
N MET N 79 -2.80 11.55 49.16
CA MET N 79 -4.19 11.19 48.90
C MET N 79 -5.13 12.22 49.53
N LEU N 80 -6.13 12.65 48.76
CA LEU N 80 -7.02 13.73 49.19
C LEU N 80 -8.40 13.28 49.64
N ASN N 81 -8.87 12.15 49.10
CA ASN N 81 -10.25 11.74 49.29
C ASN N 81 -10.37 10.39 49.99
N GLU N 82 -10.53 10.44 51.31
CA GLU N 82 -10.77 9.24 52.12
C GLU N 82 -12.06 8.58 51.65
N ASP N 83 -13.15 9.35 51.67
CA ASP N 83 -14.40 8.91 51.10
C ASP N 83 -14.94 9.95 50.13
N ILE N 84 -15.78 9.50 49.19
CA ILE N 84 -16.47 10.37 48.26
C ILE N 84 -17.97 10.07 48.36
N THR N 85 -18.71 11.02 48.93
CA THR N 85 -20.14 10.86 49.18
C THR N 85 -20.94 10.76 47.88
N CYS N 86 -20.73 11.71 46.98
CA CYS N 86 -21.42 11.72 45.69
C CYS N 86 -20.42 11.84 44.55
N ASP N 87 -20.31 13.03 43.97
CA ASP N 87 -19.42 13.23 42.82
C ASP N 87 -18.48 14.41 43.00
N THR N 88 -18.37 14.88 44.24
CA THR N 88 -17.50 16.02 44.57
C THR N 88 -16.27 15.52 45.30
N LEU N 89 -15.10 15.95 44.84
CA LEU N 89 -13.83 15.54 45.42
C LEU N 89 -12.76 16.61 45.25
N GLN N 90 -11.65 16.45 45.95
CA GLN N 90 -10.52 17.35 45.82
C GLN N 90 -9.49 16.75 44.89
N MET N 91 -8.86 17.60 44.09
CA MET N 91 -7.73 17.20 43.26
C MET N 91 -6.60 18.19 43.45
N TRP N 92 -5.37 17.70 43.35
CA TRP N 92 -4.21 18.57 43.30
C TRP N 92 -4.19 19.27 41.93
N GLU N 93 -3.94 20.58 41.96
CA GLU N 93 -3.88 21.42 40.77
C GLU N 93 -2.48 22.02 40.67
N ALA N 94 -1.74 21.68 39.61
CA ALA N 94 -0.42 22.24 39.40
C ALA N 94 -0.55 23.68 38.92
N ILE N 95 0.04 24.62 39.66
CA ILE N 95 -0.14 26.05 39.35
C ILE N 95 1.11 26.75 38.82
N SER N 96 2.29 26.19 39.12
CA SER N 96 3.54 26.74 38.61
C SER N 96 4.67 25.72 38.69
N VAL N 97 5.70 25.95 37.88
CA VAL N 97 6.87 25.11 37.85
C VAL N 97 8.16 25.92 37.65
N LYS N 98 9.18 25.61 38.43
CA LYS N 98 10.52 26.07 38.11
C LYS N 98 11.27 24.89 37.51
N THR N 99 11.76 25.06 36.29
CA THR N 99 12.49 23.98 35.61
C THR N 99 13.80 24.50 35.02
N GLU N 100 14.80 23.63 35.02
CA GLU N 100 16.14 24.00 34.59
C GLU N 100 16.84 22.81 33.98
N VAL N 101 17.51 23.03 32.84
CA VAL N 101 18.41 22.03 32.28
C VAL N 101 19.71 22.04 33.10
N VAL N 102 20.07 20.87 33.63
CA VAL N 102 21.21 20.72 34.54
C VAL N 102 22.47 20.31 33.79
N GLY N 103 23.62 20.85 34.22
CA GLY N 103 24.91 20.49 33.62
C GLY N 103 25.28 21.21 32.34
N ILE N 104 24.65 22.35 32.09
CA ILE N 104 24.91 23.15 30.89
C ILE N 104 26.40 23.51 30.76
N SER N 105 27.00 23.85 31.90
CA SER N 105 28.43 24.22 31.95
C SER N 105 29.39 23.12 31.45
N SER N 106 28.98 21.85 31.57
CA SER N 106 29.79 20.72 31.10
C SER N 106 30.15 20.84 29.62
N LEU N 107 29.33 21.55 28.88
CA LEU N 107 29.48 21.70 27.44
C LEU N 107 30.59 22.66 26.98
N ILE N 108 31.28 23.30 27.92
CA ILE N 108 32.49 24.08 27.55
C ILE N 108 33.70 23.17 27.26
N ASN N 109 33.59 21.88 27.59
CA ASN N 109 34.65 20.90 27.40
C ASN N 109 34.93 20.71 25.89
N VAL N 110 36.07 21.22 25.43
CA VAL N 110 36.52 21.06 24.03
C VAL N 110 37.79 20.20 23.94
N HIS N 111 37.94 19.26 24.89
CA HIS N 111 39.13 18.43 24.95
C HIS N 111 38.81 16.96 25.29
N TYR N 112 37.63 16.50 24.88
CA TYR N 112 37.31 15.08 24.93
C TYR N 112 38.44 14.35 24.16
N TRP N 113 38.92 13.23 24.69
CA TRP N 113 40.14 12.63 24.13
C TRP N 113 40.04 12.27 22.65
N ASP N 114 38.83 11.90 22.20
CA ASP N 114 38.61 11.50 20.82
C ASP N 114 37.73 12.51 20.09
N MET N 115 37.90 13.78 20.42
CA MET N 115 37.10 14.84 19.81
C MET N 115 37.70 15.28 18.47
N LYS N 116 36.85 15.43 17.46
CA LYS N 116 37.27 16.02 16.20
C LYS N 116 37.69 17.47 16.44
N ARG N 117 38.84 17.85 15.89
CA ARG N 117 39.34 19.22 16.04
C ARG N 117 38.69 20.15 15.01
N VAL N 118 38.53 21.43 15.38
N VAL N 118 38.51 21.41 15.38
CA VAL N 118 38.02 22.44 14.45
CA VAL N 118 38.03 22.44 14.44
C VAL N 118 38.98 22.67 13.27
C VAL N 118 38.98 22.59 13.24
N HIS N 119 40.28 22.48 13.51
CA HIS N 119 41.33 22.47 12.47
C HIS N 119 42.60 21.87 13.06
N ASP N 120 43.62 21.62 12.24
CA ASP N 120 44.88 21.05 12.72
C ASP N 120 45.42 21.82 13.93
N TYR N 121 45.74 21.07 15.00
CA TYR N 121 46.27 21.61 16.27
C TYR N 121 45.27 22.36 17.15
N GLY N 122 44.04 22.47 16.67
CA GLY N 122 42.99 23.22 17.37
C GLY N 122 42.29 22.46 18.47
N ALA N 123 41.34 23.14 19.11
CA ALA N 123 40.50 22.56 20.14
C ALA N 123 39.45 21.67 19.49
N GLY N 124 38.76 20.86 20.28
CA GLY N 124 37.68 20.04 19.74
C GLY N 124 36.50 20.88 19.32
N ILE N 125 35.71 20.39 18.36
CA ILE N 125 34.41 20.99 18.06
C ILE N 125 33.51 20.75 19.26
N PRO N 126 32.98 21.83 19.89
CA PRO N 126 32.13 21.64 21.07
C PRO N 126 30.79 21.00 20.70
N VAL N 127 30.12 20.44 21.69
CA VAL N 127 28.78 19.88 21.49
C VAL N 127 27.93 20.99 20.87
N SER N 128 27.44 20.72 19.67
N SER N 128 27.47 20.73 19.65
CA SER N 128 26.67 21.69 18.90
CA SER N 128 26.70 21.70 18.86
C SER N 128 25.85 20.96 17.85
C SER N 128 25.81 20.95 17.88
N GLY N 129 24.91 21.68 17.22
CA GLY N 129 24.07 21.12 16.16
C GLY N 129 22.62 20.98 16.55
N VAL N 130 22.06 19.81 16.27
CA VAL N 130 20.66 19.53 16.54
C VAL N 130 20.34 19.63 18.04
N ASN N 131 19.46 20.56 18.37
CA ASN N 131 18.85 20.65 19.68
C ASN N 131 17.36 20.34 19.61
N TYR N 132 16.85 19.74 20.68
CA TYR N 132 15.41 19.54 20.85
C TYR N 132 15.12 19.63 22.33
N HIS N 133 14.30 20.61 22.71
CA HIS N 133 14.01 20.84 24.12
C HIS N 133 12.53 20.91 24.36
N MET N 134 12.04 20.11 25.31
N MET N 134 12.05 20.10 25.30
CA MET N 134 10.64 20.19 25.69
CA MET N 134 10.63 20.06 25.67
C MET N 134 10.41 19.72 27.11
C MET N 134 10.49 19.78 27.16
N PHE N 135 9.41 20.30 27.77
CA PHE N 135 8.96 19.81 29.06
C PHE N 135 7.45 19.93 29.13
N ALA N 136 6.85 19.05 29.92
CA ALA N 136 5.41 19.02 30.09
C ALA N 136 5.09 18.68 31.52
N ILE N 137 4.06 19.36 32.04
CA ILE N 137 3.50 19.08 33.35
C ILE N 137 2.01 18.79 33.11
N GLY N 138 1.53 17.65 33.61
CA GLY N 138 0.13 17.31 33.44
C GLY N 138 -0.45 16.45 34.55
N GLY N 139 -1.78 16.34 34.53
CA GLY N 139 -2.49 15.57 35.54
C GLY N 139 -2.84 14.18 35.05
N GLU N 140 -2.21 13.80 33.93
CA GLU N 140 -2.37 12.51 33.27
C GLU N 140 -1.24 12.41 32.24
N PRO N 141 -1.04 11.22 31.64
CA PRO N 141 0.07 11.11 30.68
C PRO N 141 -0.08 12.03 29.47
N LEU N 142 1.05 12.54 28.97
CA LEU N 142 1.05 13.38 27.77
C LEU N 142 0.57 12.59 26.56
N ASP N 143 -0.37 13.18 25.83
CA ASP N 143 -0.87 12.58 24.60
C ASP N 143 0.13 12.83 23.49
N LEU N 144 0.44 11.77 22.74
CA LEU N 144 1.41 11.83 21.64
C LEU N 144 0.77 11.59 20.28
N GLN N 145 1.30 12.28 19.28
CA GLN N 145 0.97 12.06 17.88
C GLN N 145 2.19 11.47 17.19
N GLY N 146 1.97 10.45 16.38
CA GLY N 146 3.05 9.83 15.62
C GLY N 146 3.21 10.48 14.26
N LEU N 147 4.45 10.78 13.91
CA LEU N 147 4.81 11.28 12.57
C LEU N 147 6.31 11.07 12.39
N VAL N 148 6.68 10.48 11.25
CA VAL N 148 8.08 10.17 10.98
C VAL N 148 8.55 10.76 9.65
N LEU N 149 9.85 10.99 9.56
CA LEU N 149 10.50 11.46 8.34
C LEU N 149 10.31 10.48 7.17
N ASP N 150 10.44 9.19 7.45
CA ASP N 150 10.43 8.15 6.43
C ASP N 150 9.62 6.95 6.94
N TYR N 151 8.45 6.71 6.31
CA TYR N 151 7.55 5.64 6.75
C TYR N 151 8.12 4.24 6.53
N GLN N 152 9.15 4.14 5.69
CA GLN N 152 9.80 2.85 5.37
C GLN N 152 10.84 2.45 6.43
N THR N 153 11.05 3.32 7.42
CA THR N 153 11.98 3.04 8.51
C THR N 153 11.47 1.81 9.28
N GLN N 154 12.37 0.87 9.53
CA GLN N 154 12.02 -0.34 10.27
C GLN N 154 12.55 -0.21 11.68
N TYR N 155 11.72 0.28 12.58
CA TYR N 155 12.09 0.46 13.98
C TYR N 155 12.14 -0.90 14.68
N PRO N 156 12.98 -1.05 15.72
CA PRO N 156 13.06 -2.36 16.39
C PRO N 156 11.73 -2.73 17.03
N LYS N 157 11.38 -4.02 16.99
CA LYS N 157 10.10 -4.48 17.54
C LYS N 157 10.05 -4.34 19.06
N THR N 158 8.83 -4.17 19.58
CA THR N 158 8.61 -4.02 21.03
C THR N 158 8.85 -5.32 21.79
N GLY N 162 13.15 -2.38 23.84
CA GLY N 162 12.37 -2.19 22.63
C GLY N 162 11.46 -0.98 22.70
N PRO N 163 11.57 -0.07 21.72
CA PRO N 163 10.76 1.15 21.72
C PRO N 163 9.32 0.95 21.24
N ILE N 164 8.42 1.80 21.70
CA ILE N 164 7.05 1.85 21.21
C ILE N 164 7.01 2.84 20.05
N THR N 165 6.66 2.34 18.88
CA THR N 165 6.58 3.18 17.69
C THR N 165 5.22 3.06 17.03
N ILE N 166 5.07 3.65 15.84
CA ILE N 166 3.74 3.68 15.21
C ILE N 166 3.24 2.28 14.87
N GLU N 167 4.12 1.43 14.33
CA GLU N 167 3.74 0.06 14.00
C GLU N 167 3.22 -0.68 15.24
N THR N 168 3.85 -0.40 16.40
CA THR N 168 3.41 -0.99 17.67
C THR N 168 1.94 -0.70 17.98
N VAL N 169 1.53 0.57 17.82
N VAL N 169 1.55 0.56 17.82
CA VAL N 169 0.18 1.00 18.18
CA VAL N 169 0.21 1.04 18.15
C VAL N 169 -0.87 0.79 17.09
C VAL N 169 -0.82 0.58 17.11
N LEU N 170 -0.44 0.67 15.85
CA LEU N 170 -1.33 0.32 14.75
C LEU N 170 -1.54 -1.19 14.62
N GLY N 171 -0.55 -1.97 15.06
CA GLY N 171 -0.58 -3.43 14.91
C GLY N 171 -0.30 -3.88 13.49
N ARG N 172 0.20 -2.95 12.68
CA ARG N 172 0.51 -3.19 11.26
C ARG N 172 1.57 -2.18 10.82
N LYS N 173 2.15 -2.40 9.64
CA LYS N 173 3.20 -1.52 9.12
C LYS N 173 2.69 -0.11 8.82
N MET N 174 3.59 0.87 8.95
CA MET N 174 3.31 2.24 8.54
C MET N 174 3.05 2.29 7.04
N THR N 175 2.33 3.32 6.59
CA THR N 175 2.09 3.59 5.18
C THR N 175 2.52 5.04 4.95
N PRO N 176 2.58 5.51 3.68
CA PRO N 176 3.00 6.89 3.43
C PRO N 176 2.26 7.97 4.23
N LYS N 177 1.03 7.69 4.65
CA LYS N 177 0.27 8.68 5.45
C LYS N 177 0.95 9.01 6.78
N ASN N 178 1.84 8.12 7.24
CA ASN N 178 2.54 8.38 8.49
C ASN N 178 3.71 9.38 8.39
N GLN N 179 3.94 9.88 7.18
CA GLN N 179 4.85 11.01 6.97
C GLN N 179 4.11 12.33 7.19
N GLY N 180 2.78 12.28 7.16
CA GLY N 180 1.93 13.37 7.62
C GLY N 180 1.19 12.97 8.87
N LEU N 181 0.06 13.62 9.13
CA LEU N 181 -0.70 13.38 10.35
C LEU N 181 -1.79 12.33 10.08
N ASP N 182 -1.59 11.16 10.69
CA ASP N 182 -2.55 10.06 10.67
C ASP N 182 -3.21 10.03 12.04
N PRO N 183 -4.54 10.30 12.11
CA PRO N 183 -5.27 10.32 13.39
C PRO N 183 -5.22 9.01 14.18
N GLN N 184 -4.90 7.90 13.52
CA GLN N 184 -4.80 6.62 14.21
C GLN N 184 -3.48 6.43 14.94
N ALA N 185 -2.45 7.18 14.52
CA ALA N 185 -1.12 7.07 15.12
C ALA N 185 -1.05 7.91 16.39
N LYS N 186 -1.65 7.40 17.47
CA LYS N 186 -1.64 8.11 18.74
C LYS N 186 -1.18 7.20 19.86
N ALA N 187 -0.63 7.80 20.91
CA ALA N 187 -0.17 7.06 22.10
C ALA N 187 -0.15 7.99 23.31
N LYS N 188 0.04 7.39 24.48
CA LYS N 188 0.20 8.14 25.70
C LYS N 188 1.62 7.93 26.20
N LEU N 189 2.25 8.99 26.67
CA LEU N 189 3.61 8.92 27.21
C LEU N 189 3.58 8.36 28.63
N ASP N 190 3.57 7.04 28.73
CA ASP N 190 3.37 6.38 30.01
C ASP N 190 4.56 5.54 30.46
N LYS N 191 5.70 5.70 29.78
CA LYS N 191 6.88 4.90 30.07
C LYS N 191 8.18 5.65 29.71
N ASP N 192 9.07 5.72 30.69
CA ASP N 192 10.35 6.44 30.59
C ASP N 192 11.28 5.76 29.60
N GLY N 193 11.85 6.55 28.69
CA GLY N 193 12.86 6.06 27.75
C GLY N 193 12.39 5.08 26.68
N ASN N 194 11.08 5.03 26.44
CA ASN N 194 10.50 4.05 25.52
C ASN N 194 9.84 4.59 24.26
N TYR N 195 9.55 5.90 24.25
CA TYR N 195 8.90 6.55 23.11
C TYR N 195 9.92 7.43 22.38
N PRO N 196 10.38 6.99 21.19
CA PRO N 196 11.39 7.77 20.46
C PRO N 196 10.91 9.18 20.08
N ILE N 197 11.77 10.16 20.30
CA ILE N 197 11.51 11.55 19.93
C ILE N 197 11.28 11.71 18.43
N GLU N 198 12.02 10.95 17.61
CA GLU N 198 11.89 11.10 16.15
C GLU N 198 10.58 10.51 15.60
N VAL N 199 9.84 9.82 16.46
CA VAL N 199 8.57 9.19 16.07
C VAL N 199 7.35 9.92 16.64
N TRP N 200 7.48 10.43 17.86
CA TRP N 200 6.34 10.98 18.62
C TRP N 200 6.53 12.45 19.00
N CYS N 201 5.47 13.23 18.85
CA CYS N 201 5.44 14.63 19.28
C CYS N 201 4.19 14.83 20.14
N PRO N 202 4.14 15.92 20.95
CA PRO N 202 2.91 16.17 21.68
C PRO N 202 1.72 16.35 20.72
N ASP N 203 0.57 15.80 21.11
CA ASP N 203 -0.64 15.88 20.29
C ASP N 203 -1.42 17.13 20.69
N PRO N 204 -1.43 18.16 19.81
CA PRO N 204 -2.12 19.40 20.15
C PRO N 204 -3.64 19.28 20.11
N SER N 205 -4.16 18.16 19.59
CA SER N 205 -5.61 17.93 19.54
C SER N 205 -6.16 17.37 20.84
N LYS N 206 -5.27 16.99 21.73
N LYS N 206 -5.27 16.97 21.73
CA LYS N 206 -5.65 16.51 23.06
CA LYS N 206 -5.66 16.52 23.06
C LYS N 206 -4.91 17.34 24.12
C LYS N 206 -4.90 17.34 24.10
N ASN N 207 -4.38 16.70 25.14
CA ASN N 207 -3.58 17.40 26.17
C ASN N 207 -4.26 18.59 26.88
N GLU N 208 -5.58 18.55 26.99
CA GLU N 208 -6.34 19.58 27.72
C GLU N 208 -5.84 19.71 29.17
N ASN N 209 -5.40 18.60 29.73
CA ASN N 209 -5.03 18.54 31.15
C ASN N 209 -3.52 18.48 31.35
N SER N 210 -2.77 18.96 30.35
CA SER N 210 -1.32 19.12 30.42
C SER N 210 -0.92 20.46 29.83
N ARG N 211 0.26 20.94 30.20
CA ARG N 211 0.86 22.11 29.55
C ARG N 211 2.22 21.68 29.05
N TYR N 212 2.50 21.90 27.77
CA TYR N 212 3.81 21.55 27.23
C TYR N 212 4.44 22.71 26.46
N TYR N 213 5.77 22.69 26.39
CA TYR N 213 6.55 23.80 25.85
C TYR N 213 7.77 23.19 25.19
N GLY N 214 7.96 23.45 23.91
CA GLY N 214 9.07 22.84 23.18
C GLY N 214 9.65 23.66 22.06
N SER N 215 10.82 23.25 21.59
CA SER N 215 11.43 23.84 20.42
C SER N 215 12.40 22.85 19.78
N ILE N 216 12.69 23.10 18.50
CA ILE N 216 13.74 22.39 17.79
C ILE N 216 14.70 23.38 17.15
N GLN N 217 15.93 22.90 16.94
CA GLN N 217 16.95 23.60 16.19
C GLN N 217 17.70 22.57 15.36
N THR N 218 17.64 22.70 14.03
CA THR N 218 18.41 21.78 13.17
C THR N 218 19.72 22.44 12.70
N GLY N 219 20.41 21.83 11.77
CA GLY N 219 21.76 22.24 11.40
C GLY N 219 22.76 21.31 12.08
N SER N 220 23.95 21.19 11.51
CA SER N 220 24.93 20.23 12.02
C SER N 220 25.85 20.76 13.11
N GLN N 221 26.24 22.04 12.98
CA GLN N 221 27.16 22.65 13.95
C GLN N 221 26.58 23.94 14.55
N THR N 222 25.28 24.10 14.41
CA THR N 222 24.55 25.25 14.96
C THR N 222 24.87 25.41 16.45
N PRO N 223 25.22 26.64 16.89
CA PRO N 223 25.54 26.86 18.30
C PRO N 223 24.44 26.35 19.23
N THR N 224 24.82 25.61 20.26
CA THR N 224 23.90 25.31 21.34
C THR N 224 23.87 26.53 22.25
N VAL N 225 22.68 27.12 22.38
CA VAL N 225 22.47 28.35 23.14
C VAL N 225 21.40 28.09 24.19
N LEU N 226 21.82 28.03 25.44
CA LEU N 226 20.93 27.66 26.55
C LEU N 226 21.06 28.62 27.72
N GLN N 227 19.97 28.82 28.46
CA GLN N 227 19.97 29.71 29.62
C GLN N 227 19.63 28.93 30.89
N PHE N 228 20.05 29.47 32.03
CA PHE N 228 19.75 28.88 33.32
C PHE N 228 19.67 29.97 34.38
N SER N 229 18.63 29.91 35.20
CA SER N 229 18.44 30.83 36.31
C SER N 229 17.40 30.28 37.26
N ASN N 230 17.63 30.45 38.56
CA ASN N 230 16.64 30.02 39.55
C ASN N 230 15.57 31.09 39.83
N THR N 231 15.48 32.11 38.97
CA THR N 231 14.51 33.19 39.15
C THR N 231 13.33 33.08 38.18
N LEU N 232 13.35 32.05 37.34
CA LEU N 232 12.34 31.90 36.29
C LEU N 232 11.26 30.88 36.62
N THR N 233 10.01 31.36 36.63
CA THR N 233 8.84 30.52 36.92
C THR N 233 7.92 30.46 35.71
N THR N 234 7.40 29.27 35.42
CA THR N 234 6.36 29.09 34.42
C THR N 234 5.00 28.93 35.13
N VAL N 235 4.07 29.81 34.81
CA VAL N 235 2.70 29.71 35.36
C VAL N 235 1.94 28.68 34.53
N LEU N 236 1.28 27.74 35.20
CA LEU N 236 0.64 26.61 34.52
C LEU N 236 -0.86 26.81 34.35
N LEU N 237 -1.37 27.93 34.85
CA LEU N 237 -2.80 28.22 34.77
C LEU N 237 -3.21 28.54 33.33
N ASP N 238 -4.36 28.00 32.93
CA ASP N 238 -4.93 28.35 31.62
C ASP N 238 -5.65 29.71 31.69
N GLU N 239 -6.35 30.06 30.61
CA GLU N 239 -7.04 31.35 30.49
C GLU N 239 -8.15 31.56 31.54
N ASN N 240 -8.66 30.46 32.10
CA ASN N 240 -9.67 30.52 33.14
C ASN N 240 -9.11 30.44 34.57
N GLY N 241 -7.78 30.47 34.68
CA GLY N 241 -7.09 30.40 35.96
C GLY N 241 -7.02 29.02 36.58
N VAL N 242 -7.02 27.98 35.73
CA VAL N 242 -7.02 26.59 36.18
C VAL N 242 -5.79 25.83 35.66
N GLY N 243 -5.06 25.19 36.57
CA GLY N 243 -3.90 24.37 36.19
C GLY N 243 -4.30 22.93 35.90
N PRO N 244 -3.33 22.11 35.44
CA PRO N 244 -3.57 20.67 35.29
C PRO N 244 -4.06 20.04 36.59
N LEU N 245 -5.07 19.17 36.47
CA LEU N 245 -5.68 18.54 37.64
C LEU N 245 -5.27 17.08 37.70
N CYS N 246 -4.72 16.68 38.84
CA CYS N 246 -4.11 15.36 38.96
C CYS N 246 -5.15 14.30 39.26
N LYS N 247 -5.68 13.74 38.18
CA LYS N 247 -6.70 12.70 38.25
C LYS N 247 -6.05 11.42 38.76
N GLY N 248 -6.57 10.89 39.87
CA GLY N 248 -5.95 9.72 40.51
C GLY N 248 -4.73 10.06 41.35
N ASP N 249 -4.57 11.35 41.67
CA ASP N 249 -3.51 11.85 42.55
C ASP N 249 -2.09 11.57 42.04
N GLY N 250 -1.91 11.62 40.72
CA GLY N 250 -0.59 11.48 40.11
C GLY N 250 -0.23 12.69 39.27
N LEU N 251 0.99 13.16 39.42
CA LEU N 251 1.50 14.26 38.61
C LEU N 251 2.47 13.72 37.55
N PHE N 252 2.19 14.01 36.29
CA PHE N 252 3.03 13.53 35.19
C PHE N 252 3.96 14.60 34.69
N ILE N 253 5.24 14.27 34.72
CA ILE N 253 6.30 15.19 34.32
C ILE N 253 7.11 14.53 33.21
N SER N 254 7.22 15.22 32.08
CA SER N 254 7.85 14.70 30.87
C SER N 254 8.83 15.71 30.31
N CYS N 255 9.87 15.24 29.64
CA CYS N 255 10.84 16.13 29.01
C CYS N 255 11.77 15.44 28.00
N ALA N 256 12.52 16.28 27.29
CA ALA N 256 13.57 15.82 26.40
C ALA N 256 14.51 17.00 26.22
N ASP N 257 15.80 16.75 26.30
CA ASP N 257 16.78 17.83 26.10
C ASP N 257 18.03 17.36 25.35
N ILE N 258 17.90 17.29 24.03
CA ILE N 258 19.03 16.97 23.16
C ILE N 258 19.84 18.25 22.97
N VAL N 259 21.13 18.21 23.30
CA VAL N 259 21.92 19.45 23.27
C VAL N 259 22.91 19.54 22.10
N GLY N 260 22.93 18.53 21.24
CA GLY N 260 23.82 18.58 20.07
C GLY N 260 24.67 17.33 19.92
N PHE N 261 25.64 17.39 19.01
CA PHE N 261 26.47 16.23 18.68
C PHE N 261 27.81 16.26 19.40
N LEU N 262 28.26 15.08 19.84
CA LEU N 262 29.68 14.88 20.12
C LEU N 262 30.35 14.47 18.80
N PHE N 263 31.30 15.30 18.36
CA PHE N 263 32.04 15.05 17.12
C PHE N 263 33.31 14.28 17.41
N LYS N 264 33.36 13.04 16.93
CA LYS N 264 34.51 12.17 17.16
C LYS N 264 35.54 12.33 16.02
N THR N 265 36.81 12.04 16.34
CA THR N 265 37.93 12.27 15.43
C THR N 265 37.70 11.75 14.01
N SER N 266 37.17 10.53 13.91
CA SER N 266 36.95 9.85 12.64
C SER N 266 35.90 10.48 11.74
N GLY N 267 35.04 11.33 12.31
CA GLY N 267 33.91 11.86 11.58
C GLY N 267 32.59 11.39 12.16
N LYS N 268 32.64 10.34 12.97
CA LYS N 268 31.45 9.81 13.62
C LYS N 268 30.83 10.87 14.54
N MET N 269 29.51 10.82 14.69
CA MET N 269 28.76 11.80 15.46
C MET N 269 27.68 11.09 16.27
N ALA N 270 27.55 11.47 17.53
CA ALA N 270 26.52 10.93 18.41
C ALA N 270 25.77 12.10 19.05
N LEU N 271 24.45 11.97 19.19
CA LEU N 271 23.69 13.00 19.91
C LEU N 271 23.89 12.84 21.42
N HIS N 272 23.72 13.95 22.15
CA HIS N 272 23.95 14.00 23.59
C HIS N 272 22.80 14.75 24.26
N GLY N 273 22.44 14.33 25.46
CA GLY N 273 21.36 14.96 26.21
C GLY N 273 21.79 15.36 27.61
N LEU N 274 21.04 16.27 28.21
CA LEU N 274 21.29 16.69 29.59
C LEU N 274 20.05 16.44 30.44
N PRO N 275 20.23 16.31 31.77
CA PRO N 275 19.08 16.12 32.65
C PRO N 275 18.34 17.42 32.91
N ARG N 276 17.14 17.27 33.48
CA ARG N 276 16.29 18.41 33.77
C ARG N 276 15.69 18.30 35.17
N TYR N 277 15.72 19.43 35.87
CA TYR N 277 15.19 19.57 37.22
C TYR N 277 13.81 20.21 37.19
N PHE N 278 12.95 19.83 38.14
CA PHE N 278 11.61 20.40 38.26
C PHE N 278 11.24 20.67 39.72
N ASN N 279 10.67 21.85 39.97
CA ASN N 279 10.01 22.12 41.23
C ASN N 279 8.61 22.65 40.92
N VAL N 280 7.62 21.81 41.20
CA VAL N 280 6.23 22.11 40.86
C VAL N 280 5.46 22.48 42.12
N THR N 281 4.74 23.60 42.07
CA THR N 281 3.83 24.00 43.13
C THR N 281 2.42 23.58 42.78
N LEU N 282 1.75 22.93 43.73
CA LEU N 282 0.36 22.50 43.55
C LEU N 282 -0.53 22.98 44.68
N ARG N 283 -1.81 23.18 44.38
CA ARG N 283 -2.80 23.52 45.40
C ARG N 283 -3.99 22.58 45.30
N LYS N 284 -4.72 22.45 46.40
CA LYS N 284 -5.93 21.65 46.41
C LYS N 284 -7.09 22.40 45.76
N ARG N 285 -7.86 21.68 44.94
CA ARG N 285 -8.99 22.28 44.23
C ARG N 285 -10.24 21.40 44.34
N TRP N 286 -11.38 22.01 44.67
CA TRP N 286 -12.66 21.30 44.65
C TRP N 286 -13.12 21.07 43.21
N VAL N 287 -13.47 19.82 42.89
CA VAL N 287 -14.00 19.46 41.56
C VAL N 287 -15.25 18.59 41.69
N LYS N 288 -16.06 18.57 40.63
CA LYS N 288 -17.27 17.77 40.59
C LYS N 288 -17.30 16.93 39.32
N ASN N 289 -17.57 15.64 39.47
CA ASN N 289 -17.73 14.73 38.32
C ASN N 289 -19.15 14.72 37.77
N VAL O 9 13.20 29.88 59.91
CA VAL O 9 13.67 31.27 59.65
C VAL O 9 12.52 32.16 59.17
N GLU O 10 11.93 32.91 60.09
CA GLU O 10 10.84 33.83 59.75
C GLU O 10 11.38 35.19 59.33
N VAL O 11 11.01 35.62 58.13
CA VAL O 11 11.37 36.95 57.64
C VAL O 11 10.33 37.95 58.14
N LEU O 12 10.79 38.94 58.90
CA LEU O 12 9.89 39.96 59.42
C LEU O 12 9.96 41.21 58.56
N SER O 13 9.84 42.39 59.17
CA SER O 13 9.74 43.63 58.39
C SER O 13 11.10 44.22 58.02
N VAL O 14 11.10 44.98 56.92
CA VAL O 14 12.23 45.81 56.53
C VAL O 14 12.50 46.86 57.61
N VAL O 15 13.77 46.99 58.02
CA VAL O 15 14.16 47.96 59.05
C VAL O 15 14.01 49.40 58.53
N THR O 16 13.37 50.25 59.34
CA THR O 16 13.24 51.67 58.99
C THR O 16 14.27 52.51 59.73
N GLY O 17 14.77 53.55 59.06
CA GLY O 17 15.76 54.45 59.66
C GLY O 17 16.73 54.98 58.62
N GLU O 18 17.58 55.92 59.04
CA GLU O 18 18.51 56.60 58.14
C GLU O 18 19.46 55.65 57.40
N ASP O 19 20.27 54.91 58.15
CA ASP O 19 21.33 54.11 57.55
C ASP O 19 20.95 52.65 57.33
N SER O 20 19.72 52.42 56.90
CA SER O 20 19.23 51.06 56.68
C SER O 20 19.52 50.52 55.26
N ILE O 21 20.07 51.36 54.40
CA ILE O 21 20.45 50.95 53.04
C ILE O 21 21.95 51.14 52.87
N THR O 22 22.60 50.17 52.23
CA THR O 22 24.01 50.31 51.89
C THR O 22 24.31 49.74 50.50
N GLN O 23 25.43 50.18 49.93
CA GLN O 23 25.90 49.70 48.64
C GLN O 23 27.31 49.17 48.78
N ILE O 24 27.60 48.07 48.08
N ILE O 24 27.59 48.03 48.16
CA ILE O 24 28.90 47.40 48.07
CA ILE O 24 28.96 47.56 48.07
C ILE O 24 29.39 47.17 46.64
C ILE O 24 29.37 47.43 46.60
N GLU O 25 30.67 47.48 46.39
CA GLU O 25 31.27 47.30 45.08
C GLU O 25 32.23 46.12 45.12
N LEU O 26 32.42 45.49 43.97
CA LEU O 26 33.36 44.39 43.81
C LEU O 26 33.64 44.22 42.32
N TYR O 27 34.89 43.92 41.99
CA TYR O 27 35.17 43.35 40.67
C TYR O 27 35.85 42.01 40.86
N LEU O 28 35.58 41.08 39.96
CA LEU O 28 36.20 39.77 40.00
C LEU O 28 36.94 39.54 38.69
N ASN O 29 38.26 39.34 38.78
CA ASN O 29 39.05 39.02 37.61
C ASN O 29 38.90 37.55 37.25
N PRO O 30 38.98 37.22 35.95
CA PRO O 30 38.68 35.85 35.51
C PRO O 30 39.73 34.81 35.94
N ARG O 31 39.27 33.57 36.10
CA ARG O 31 40.10 32.46 36.52
C ARG O 31 40.06 31.36 35.46
N MET O 32 40.72 31.63 34.34
CA MET O 32 40.64 30.78 33.15
C MET O 32 41.58 29.59 33.18
N GLY O 33 42.54 29.60 34.11
CA GLY O 33 43.55 28.56 34.18
C GLY O 33 44.90 29.13 34.59
N VAL O 34 45.29 30.22 33.91
CA VAL O 34 46.41 31.04 34.37
C VAL O 34 45.79 32.15 35.21
N ASN O 35 45.85 31.98 36.53
CA ASN O 35 44.98 32.71 37.45
C ASN O 35 45.60 33.88 38.18
N SER O 36 46.92 34.02 38.07
CA SER O 36 47.62 35.13 38.70
C SER O 36 48.36 35.93 37.64
N PRO O 37 48.40 37.27 37.78
CA PRO O 37 49.27 38.06 36.93
C PRO O 37 50.69 38.15 37.50
N ASP O 38 50.95 37.41 38.59
CA ASP O 38 52.21 37.52 39.33
C ASP O 38 53.07 36.26 39.32
N LEU O 39 53.00 35.51 38.22
CA LEU O 39 53.86 34.34 38.01
C LEU O 39 54.71 34.66 36.79
N PRO O 40 55.96 35.07 37.00
CA PRO O 40 56.85 35.66 35.98
C PRO O 40 56.86 34.93 34.63
N THR O 41 57.11 33.63 34.66
CA THR O 41 57.38 32.86 33.45
C THR O 41 56.13 32.64 32.58
N THR O 42 54.95 32.73 33.19
CA THR O 42 53.71 32.31 32.52
C THR O 42 52.52 33.27 32.63
N SER O 43 52.69 34.37 33.36
CA SER O 43 51.59 35.33 33.57
C SER O 43 51.19 36.14 32.33
N ASN O 44 51.97 36.08 31.26
N ASN O 44 51.98 36.04 31.26
CA ASN O 44 51.52 36.66 29.99
CA ASN O 44 51.59 36.58 29.96
C ASN O 44 50.22 36.01 29.48
C ASN O 44 50.25 36.01 29.49
N TRP O 45 49.91 34.83 30.00
CA TRP O 45 48.65 34.15 29.68
C TRP O 45 47.55 34.32 30.73
N TYR O 46 47.76 35.26 31.65
CA TYR O 46 46.74 35.64 32.62
C TYR O 46 45.46 36.04 31.87
N THR O 47 44.33 35.48 32.30
CA THR O 47 42.99 35.59 31.68
C THR O 47 42.78 34.66 30.47
N TYR O 48 43.72 33.73 30.27
CA TYR O 48 43.60 32.68 29.26
C TYR O 48 43.85 31.30 29.86
N THR O 49 43.48 30.27 29.10
CA THR O 49 43.92 28.91 29.34
C THR O 49 45.25 28.69 28.60
N TYR O 50 45.84 27.51 28.78
CA TYR O 50 46.87 27.06 27.84
C TYR O 50 46.17 26.54 26.59
N ASP O 51 46.89 25.84 25.70
CA ASP O 51 46.28 25.40 24.46
C ASP O 51 45.39 24.19 24.68
N LEU O 52 44.13 24.31 24.23
CA LEU O 52 43.13 23.27 24.41
C LEU O 52 43.16 22.31 23.23
N GLN O 53 43.40 21.03 23.53
CA GLN O 53 43.53 20.00 22.50
C GLN O 53 42.97 18.65 22.96
N PRO O 54 42.20 17.98 22.09
CA PRO O 54 41.88 16.58 22.33
C PRO O 54 43.18 15.78 22.27
N LYS O 55 43.40 14.91 23.25
CA LYS O 55 44.65 14.17 23.37
C LYS O 55 44.88 13.25 22.17
N GLY O 56 43.82 12.60 21.70
CA GLY O 56 43.92 11.64 20.60
C GLY O 56 43.97 10.20 21.06
N SER O 57 44.25 10.00 22.36
CA SER O 57 44.23 8.67 22.98
C SER O 57 43.65 8.74 24.37
N SER O 58 43.25 7.58 24.90
N SER O 58 43.23 7.59 24.90
CA SER O 58 42.65 7.48 26.22
CA SER O 58 42.63 7.52 26.23
C SER O 58 43.69 7.26 27.31
C SER O 58 43.70 7.29 27.29
N PRO O 59 43.54 7.90 28.48
CA PRO O 59 42.47 8.84 28.87
C PRO O 59 42.85 10.32 28.79
N ASP O 60 41.86 11.20 28.83
CA ASP O 60 42.12 12.63 28.95
C ASP O 60 42.63 12.90 30.37
N GLN O 61 43.76 13.59 30.47
CA GLN O 61 44.29 14.03 31.77
C GLN O 61 44.58 15.52 31.70
N PRO O 62 43.53 16.37 31.77
CA PRO O 62 43.70 17.81 31.59
C PRO O 62 44.54 18.44 32.70
N ILE O 63 45.34 19.46 32.33
CA ILE O 63 46.11 20.22 33.31
C ILE O 63 45.24 21.35 33.87
N LYS O 64 45.61 21.85 35.04
CA LYS O 64 44.83 22.90 35.70
C LYS O 64 44.71 24.18 34.87
N GLU O 65 45.73 24.46 34.04
CA GLU O 65 45.73 25.67 33.21
C GLU O 65 44.70 25.61 32.07
N ASN O 66 44.12 24.43 31.86
CA ASN O 66 43.10 24.23 30.84
C ASN O 66 41.71 24.03 31.43
N LEU O 67 41.55 24.45 32.69
CA LEU O 67 40.27 24.31 33.38
C LEU O 67 39.76 25.63 33.95
N PRO O 68 39.09 26.43 33.10
CA PRO O 68 38.43 27.64 33.60
C PRO O 68 37.56 27.32 34.81
N ALA O 69 37.60 28.21 35.81
CA ALA O 69 36.95 27.98 37.08
C ALA O 69 36.12 29.21 37.46
N TYR O 70 35.16 29.03 38.35
CA TYR O 70 34.36 30.15 38.83
C TYR O 70 35.16 31.14 39.66
N SER O 71 34.80 32.41 39.52
CA SER O 71 35.33 33.46 40.38
C SER O 71 34.38 33.59 41.55
N VAL O 72 34.92 33.82 42.74
CA VAL O 72 34.11 34.00 43.95
C VAL O 72 34.75 34.98 44.92
N ALA O 73 33.91 35.80 45.55
CA ALA O 73 34.34 36.57 46.72
C ALA O 73 33.25 36.58 47.79
N ARG O 74 33.68 36.53 49.05
CA ARG O 74 32.82 36.84 50.19
C ARG O 74 33.13 38.28 50.61
N VAL O 75 32.12 39.16 50.55
CA VAL O 75 32.30 40.54 50.97
C VAL O 75 31.76 40.69 52.39
N SER O 76 32.59 41.21 53.28
CA SER O 76 32.19 41.52 54.65
C SER O 76 31.31 42.77 54.70
N LEU O 77 30.20 42.67 55.40
CA LEU O 77 29.23 43.76 55.48
C LEU O 77 29.27 44.34 56.89
N PRO O 78 28.77 45.58 57.06
CA PRO O 78 28.75 46.20 58.39
C PRO O 78 28.06 45.30 59.41
N MET O 79 28.69 45.14 60.57
CA MET O 79 28.18 44.29 61.64
C MET O 79 26.87 44.86 62.19
N LEU O 80 25.87 44.00 62.37
CA LEU O 80 24.52 44.46 62.74
C LEU O 80 24.09 44.15 64.17
N ASN O 81 24.52 43.00 64.69
CA ASN O 81 24.04 42.52 65.99
C ASN O 81 25.18 42.31 66.98
N ASP O 87 17.17 35.62 69.62
CA ASP O 87 16.35 34.92 68.62
C ASP O 87 15.98 35.80 67.42
N THR O 88 15.69 37.08 67.67
CA THR O 88 15.34 38.03 66.62
C THR O 88 16.50 38.97 66.33
N LEU O 89 16.90 39.05 65.07
CA LEU O 89 18.05 39.88 64.68
C LEU O 89 17.90 40.53 63.30
N GLN O 90 18.78 41.48 63.01
CA GLN O 90 18.81 42.12 61.69
C GLN O 90 19.79 41.39 60.79
N MET O 91 19.42 41.24 59.52
CA MET O 91 20.31 40.72 58.49
C MET O 91 20.28 41.66 57.31
N TRP O 92 21.41 41.73 56.59
CA TRP O 92 21.48 42.45 55.34
C TRP O 92 20.77 41.66 54.25
N GLU O 93 19.96 42.36 53.46
CA GLU O 93 19.18 41.75 52.40
C GLU O 93 19.56 42.37 51.06
N ALA O 94 20.06 41.56 50.13
CA ALA O 94 20.47 42.06 48.83
C ALA O 94 19.22 42.26 47.99
N ILE O 95 19.02 43.48 47.48
CA ILE O 95 17.75 43.79 46.78
C ILE O 95 17.89 44.09 45.29
N SER O 96 19.07 44.51 44.87
CA SER O 96 19.34 44.75 43.44
C SER O 96 20.83 44.78 43.19
N VAL O 97 21.21 44.63 41.92
CA VAL O 97 22.60 44.65 41.51
C VAL O 97 22.71 45.24 40.12
N LYS O 98 23.73 46.06 39.92
CA LYS O 98 24.17 46.46 38.60
C LYS O 98 25.47 45.72 38.36
N THR O 99 25.49 44.93 37.28
CA THR O 99 26.69 44.17 36.97
C THR O 99 27.04 44.31 35.51
N GLU O 100 28.33 44.26 35.21
CA GLU O 100 28.81 44.52 33.86
C GLU O 100 30.09 43.74 33.60
N VAL O 101 30.20 43.19 32.40
CA VAL O 101 31.42 42.55 31.95
C VAL O 101 32.33 43.68 31.45
N VAL O 102 33.53 43.75 32.04
CA VAL O 102 34.46 44.84 31.79
C VAL O 102 35.45 44.46 30.69
N GLY O 103 35.82 45.42 29.85
CA GLY O 103 36.87 45.22 28.85
C GLY O 103 36.37 44.58 27.56
N ILE O 104 35.08 44.70 27.31
CA ILE O 104 34.46 44.15 26.10
C ILE O 104 35.12 44.73 24.85
N SER O 105 35.39 46.04 24.85
CA SER O 105 36.01 46.72 23.71
C SER O 105 37.38 46.16 23.29
N SER O 106 38.10 45.52 24.23
CA SER O 106 39.43 44.92 23.94
C SER O 106 39.35 43.85 22.85
N LEU O 107 38.15 43.31 22.67
CA LEU O 107 37.93 42.21 21.73
C LEU O 107 37.87 42.64 20.27
N ILE O 108 37.97 43.94 19.99
CA ILE O 108 38.05 44.39 18.58
C ILE O 108 39.46 44.22 18.02
N ASN O 109 40.41 43.89 18.89
CA ASN O 109 41.79 43.64 18.50
C ASN O 109 41.89 42.40 17.60
N VAL O 110 42.19 42.63 16.32
CA VAL O 110 42.39 41.55 15.35
C VAL O 110 43.84 41.56 14.83
N HIS O 111 44.76 41.98 15.69
CA HIS O 111 46.16 42.07 15.30
C HIS O 111 47.10 41.64 16.43
N TYR O 112 46.65 40.68 17.24
CA TYR O 112 47.56 40.02 18.17
C TYR O 112 48.71 39.44 17.34
N TRP O 113 49.96 39.59 17.80
CA TRP O 113 51.11 39.27 16.92
C TRP O 113 51.07 37.82 16.38
N ASP O 114 50.56 36.90 17.18
CA ASP O 114 50.54 35.49 16.79
C ASP O 114 49.11 34.99 16.46
N MET O 115 48.29 35.87 15.89
CA MET O 115 46.90 35.54 15.61
C MET O 115 46.78 34.80 14.28
N LYS O 116 46.08 33.67 14.29
CA LYS O 116 45.74 32.98 13.04
C LYS O 116 44.92 33.94 12.18
N ARG O 117 45.27 34.05 10.90
CA ARG O 117 44.54 34.94 9.98
C ARG O 117 43.26 34.29 9.43
N VAL O 118 42.29 35.13 9.08
CA VAL O 118 41.05 34.66 8.45
C VAL O 118 41.33 34.09 7.05
N HIS O 119 42.30 34.68 6.35
CA HIS O 119 42.83 34.18 5.07
C HIS O 119 44.17 34.85 4.84
N ASP O 120 44.89 34.45 3.77
CA ASP O 120 46.19 35.05 3.44
C ASP O 120 46.12 36.57 3.37
N TYR O 121 47.04 37.24 4.07
CA TYR O 121 47.12 38.70 4.12
C TYR O 121 46.00 39.39 4.92
N GLY O 122 45.08 38.60 5.46
CA GLY O 122 43.97 39.13 6.21
C GLY O 122 44.26 39.49 7.65
N ALA O 123 43.23 40.03 8.32
CA ALA O 123 43.28 40.28 9.76
C ALA O 123 43.22 38.97 10.54
N GLY O 124 43.53 39.03 11.83
CA GLY O 124 43.38 37.88 12.70
C GLY O 124 41.93 37.50 12.91
N ILE O 125 41.68 36.21 13.15
CA ILE O 125 40.36 35.74 13.58
C ILE O 125 40.10 36.34 14.97
N PRO O 126 39.02 37.13 15.11
CA PRO O 126 38.75 37.75 16.40
C PRO O 126 38.34 36.72 17.45
N VAL O 127 38.44 37.11 18.72
CA VAL O 127 38.02 36.26 19.81
C VAL O 127 36.54 35.92 19.60
N SER O 128 36.27 34.63 19.41
N SER O 128 36.25 34.63 19.47
CA SER O 128 34.95 34.13 19.05
CA SER O 128 34.92 34.14 19.15
C SER O 128 34.83 32.67 19.50
C SER O 128 34.82 32.67 19.52
N GLY O 129 33.63 32.11 19.40
CA GLY O 129 33.39 30.70 19.72
C GLY O 129 32.66 30.50 21.03
N VAL O 130 33.17 29.59 21.84
CA VAL O 130 32.50 29.20 23.08
C VAL O 130 32.43 30.39 24.03
N ASN O 131 31.20 30.70 24.45
CA ASN O 131 30.96 31.68 25.52
C ASN O 131 30.23 31.01 26.68
N TYR O 132 30.55 31.43 27.90
CA TYR O 132 29.82 31.00 29.07
C TYR O 132 29.79 32.20 30.00
N HIS O 133 28.59 32.65 30.33
CA HIS O 133 28.41 33.83 31.17
C HIS O 133 27.41 33.52 32.27
N MET O 134 27.83 33.77 33.50
CA MET O 134 26.93 33.61 34.64
C MET O 134 27.36 34.51 35.78
N PHE O 135 26.39 34.93 36.58
CA PHE O 135 26.69 35.54 37.85
C PHE O 135 25.69 35.09 38.91
N ALA O 136 26.10 35.17 40.17
CA ALA O 136 25.23 34.85 41.28
C ALA O 136 25.48 35.82 42.44
N ILE O 137 24.40 36.11 43.17
CA ILE O 137 24.46 36.91 44.39
C ILE O 137 23.71 36.10 45.45
N GLY O 138 24.37 35.87 46.58
CA GLY O 138 23.76 35.07 47.62
C GLY O 138 24.20 35.47 49.01
N GLY O 139 23.47 34.97 50.01
CA GLY O 139 23.81 35.24 51.41
C GLY O 139 24.64 34.12 52.01
N GLU O 140 25.14 33.24 51.14
CA GLU O 140 25.91 32.06 51.52
C GLU O 140 26.51 31.49 50.22
N PRO O 141 27.51 30.59 50.34
CA PRO O 141 28.12 30.08 49.09
C PRO O 141 27.09 29.48 48.11
N LEU O 142 27.37 29.60 46.83
CA LEU O 142 26.49 29.01 45.81
C LEU O 142 26.57 27.48 45.85
N ASP O 143 25.42 26.83 45.87
CA ASP O 143 25.37 25.36 45.80
C ASP O 143 25.66 24.89 44.38
N LEU O 144 26.53 23.90 44.25
CA LEU O 144 26.94 23.37 42.95
C LEU O 144 26.52 21.93 42.75
N GLN O 145 26.25 21.57 41.50
CA GLN O 145 25.97 20.20 41.11
C GLN O 145 27.07 19.76 40.13
N GLY O 146 27.59 18.55 40.34
CA GLY O 146 28.63 18.01 39.46
C GLY O 146 28.04 17.23 38.31
N LEU O 147 28.52 17.51 37.11
CA LEU O 147 28.16 16.75 35.90
C LEU O 147 29.22 17.01 34.84
N VAL O 148 29.74 15.92 34.27
CA VAL O 148 30.81 16.01 33.28
C VAL O 148 30.47 15.37 31.93
N LEU O 149 31.09 15.90 30.87
CA LEU O 149 30.98 15.34 29.52
C LEU O 149 31.46 13.89 29.46
N ASP O 150 32.55 13.57 30.17
CA ASP O 150 33.17 12.25 30.15
C ASP O 150 33.64 11.86 31.55
N TYR O 151 33.01 10.83 32.11
CA TYR O 151 33.32 10.40 33.48
C TYR O 151 34.73 9.80 33.58
N GLN O 152 35.30 9.42 32.44
CA GLN O 152 36.64 8.82 32.39
C GLN O 152 37.77 9.85 32.42
N THR O 153 37.42 11.13 32.31
CA THR O 153 38.38 12.23 32.41
C THR O 153 39.08 12.14 33.76
N GLN O 154 40.41 12.21 33.72
CA GLN O 154 41.23 12.17 34.93
C GLN O 154 41.70 13.58 35.28
N TYR O 155 40.92 14.25 36.13
CA TYR O 155 41.24 15.60 36.56
C TYR O 155 42.43 15.59 37.53
N PRO O 156 43.22 16.69 37.56
CA PRO O 156 44.35 16.77 38.49
C PRO O 156 43.86 16.68 39.92
N LYS O 157 44.61 16.01 40.80
CA LYS O 157 44.21 15.93 42.20
C LYS O 157 44.40 17.27 42.91
N THR O 158 43.75 17.42 44.08
CA THR O 158 44.04 18.54 44.99
C THR O 158 45.42 18.37 45.64
N GLY O 162 45.58 22.74 42.76
CA GLY O 162 44.78 21.69 42.15
C GLY O 162 43.29 21.92 42.37
N PRO O 163 42.47 21.64 41.35
CA PRO O 163 41.04 21.93 41.39
C PRO O 163 40.22 20.93 42.22
N ILE O 164 39.04 21.36 42.66
CA ILE O 164 38.11 20.50 43.37
C ILE O 164 37.12 19.96 42.34
N THR O 165 37.09 18.64 42.20
CA THR O 165 36.21 17.99 41.22
C THR O 165 35.34 16.93 41.89
N ILE O 166 34.60 16.17 41.10
CA ILE O 166 33.68 15.17 41.63
C ILE O 166 34.40 14.10 42.47
N GLU O 167 35.53 13.60 41.96
CA GLU O 167 36.34 12.63 42.70
C GLU O 167 36.76 13.18 44.08
N THR O 168 37.16 14.44 44.12
CA THR O 168 37.52 15.11 45.37
C THR O 168 36.40 15.01 46.43
N VAL O 169 35.17 15.26 46.02
N VAL O 169 35.17 15.28 46.02
CA VAL O 169 34.04 15.30 46.97
CA VAL O 169 34.03 15.28 46.92
C VAL O 169 33.38 13.93 47.25
C VAL O 169 33.59 13.88 47.31
N LEU O 170 33.56 12.97 46.35
CA LEU O 170 33.07 11.60 46.56
C LEU O 170 34.07 10.72 47.32
N GLY O 171 35.36 11.04 47.22
CA GLY O 171 36.40 10.23 47.84
C GLY O 171 36.62 8.90 47.13
N ARG O 172 36.31 8.90 45.83
CA ARG O 172 36.44 7.73 44.95
C ARG O 172 36.24 8.19 43.51
N LYS O 173 36.61 7.34 42.55
CA LYS O 173 36.50 7.67 41.13
C LYS O 173 35.05 7.87 40.70
N MET O 174 34.87 8.75 39.72
CA MET O 174 33.58 8.90 39.05
C MET O 174 33.16 7.59 38.39
N THR O 175 31.85 7.42 38.25
CA THR O 175 31.29 6.32 37.46
C THR O 175 30.42 6.94 36.34
N PRO O 176 29.92 6.11 35.41
CA PRO O 176 29.11 6.65 34.32
C PRO O 176 27.92 7.53 34.74
N LYS O 177 27.41 7.35 35.96
CA LYS O 177 26.28 8.17 36.44
C LYS O 177 26.61 9.66 36.50
N ASN O 178 27.91 9.98 36.54
CA ASN O 178 28.37 11.36 36.60
C ASN O 178 28.37 12.09 35.25
N GLN O 179 27.93 11.40 34.20
CA GLN O 179 27.59 12.04 32.92
C GLN O 179 26.13 12.53 32.93
N GLY O 180 25.38 12.07 33.93
CA GLY O 180 24.04 12.57 34.22
C GLY O 180 24.03 13.25 35.58
N LEU O 181 22.85 13.37 36.18
CA LEU O 181 22.73 13.97 37.50
C LEU O 181 22.84 12.93 38.60
N ASP O 182 23.95 12.98 39.35
CA ASP O 182 24.21 12.18 40.54
C ASP O 182 24.00 13.08 41.77
N PRO O 183 22.97 12.80 42.58
CA PRO O 183 22.66 13.63 43.76
C PRO O 183 23.79 13.67 44.80
N GLN O 184 24.74 12.73 44.72
CA GLN O 184 25.90 12.76 45.60
C GLN O 184 26.97 13.75 45.15
N ALA O 185 26.98 14.11 43.86
CA ALA O 185 28.00 15.00 43.32
C ALA O 185 27.62 16.46 43.58
N LYS O 186 27.80 16.90 44.82
CA LYS O 186 27.40 18.25 45.20
C LYS O 186 28.51 18.92 45.99
N ALA O 187 28.57 20.24 45.89
CA ALA O 187 29.63 21.03 46.51
C ALA O 187 29.16 22.47 46.71
N LYS O 188 29.94 23.24 47.45
CA LYS O 188 29.65 24.65 47.64
C LYS O 188 30.76 25.46 47.00
N LEU O 189 30.39 26.55 46.34
CA LEU O 189 31.37 27.43 45.71
C LEU O 189 31.99 28.36 46.76
N ASP O 190 32.99 27.84 47.47
CA ASP O 190 33.57 28.55 48.60
C ASP O 190 35.05 28.91 48.38
N LYS O 191 35.54 28.72 47.15
CA LYS O 191 36.91 29.12 46.84
C LYS O 191 37.03 29.62 45.41
N ASP O 192 37.67 30.78 45.29
CA ASP O 192 37.94 31.43 44.02
C ASP O 192 38.91 30.59 43.17
N GLY O 193 38.56 30.43 41.89
CA GLY O 193 39.40 29.74 40.91
C GLY O 193 39.78 28.30 41.17
N ASN O 194 38.93 27.58 41.92
N ASN O 194 38.97 27.58 41.94
CA ASN O 194 39.23 26.21 42.31
CA ASN O 194 39.26 26.18 42.29
C ASN O 194 38.21 25.18 41.80
C ASN O 194 38.17 25.17 41.86
N TYR O 195 37.02 25.68 41.43
CA TYR O 195 35.93 24.81 40.97
C TYR O 195 35.77 24.94 39.45
N PRO O 196 36.20 23.92 38.68
CA PRO O 196 36.12 24.00 37.21
C PRO O 196 34.70 24.16 36.68
N ILE O 197 34.56 25.06 35.71
CA ILE O 197 33.29 25.30 35.05
C ILE O 197 32.77 24.02 34.34
N GLU O 198 33.66 23.26 33.69
CA GLU O 198 33.22 22.06 32.95
C GLU O 198 32.77 20.90 33.85
N VAL O 199 33.02 21.02 35.15
CA VAL O 199 32.63 20.01 36.12
C VAL O 199 31.40 20.44 36.93
N TRP O 200 31.32 21.72 37.27
CA TRP O 200 30.29 22.20 38.20
C TRP O 200 29.35 23.20 37.57
N CYS O 201 28.06 23.07 37.90
CA CYS O 201 27.04 24.05 37.51
C CYS O 201 26.21 24.40 38.75
N PRO O 202 25.43 25.49 38.69
CA PRO O 202 24.59 25.80 39.86
C PRO O 202 23.58 24.70 40.10
N ASP O 203 23.35 24.37 41.38
CA ASP O 203 22.41 23.32 41.75
C ASP O 203 21.03 23.92 41.94
N PRO O 204 20.10 23.66 40.99
CA PRO O 204 18.76 24.25 41.08
C PRO O 204 17.89 23.66 42.19
N SER O 205 18.32 22.54 42.77
CA SER O 205 17.58 21.89 43.86
C SER O 205 17.83 22.55 45.21
N LYS O 206 18.84 23.42 45.27
CA LYS O 206 19.17 24.16 46.49
C LYS O 206 19.15 25.67 46.17
N ASN O 207 20.17 26.42 46.60
CA ASN O 207 20.26 27.85 46.27
C ASN O 207 19.02 28.71 46.53
N GLU O 208 18.26 28.38 47.57
CA GLU O 208 17.09 29.18 47.93
C GLU O 208 17.51 30.58 48.39
N ASN O 209 18.73 30.71 48.92
CA ASN O 209 19.22 31.98 49.43
C ASN O 209 20.25 32.64 48.48
N SER O 210 20.17 32.28 47.20
CA SER O 210 20.96 32.92 46.15
C SER O 210 20.10 33.17 44.90
N ARG O 211 20.56 34.07 44.04
CA ARG O 211 19.97 34.30 42.72
C ARG O 211 21.10 34.13 41.72
N TYR O 212 20.91 33.26 40.74
CA TYR O 212 21.93 33.12 39.69
C TYR O 212 21.31 33.21 38.30
N TYR O 213 22.13 33.63 37.33
CA TYR O 213 21.68 33.93 35.97
C TYR O 213 22.80 33.54 35.03
N GLY O 214 22.51 32.68 34.06
CA GLY O 214 23.57 32.17 33.21
C GLY O 214 23.16 31.81 31.79
N SER O 215 24.17 31.68 30.94
CA SER O 215 23.98 31.20 29.57
C SER O 215 25.23 30.52 29.03
N ILE O 216 25.04 29.71 28.01
CA ILE O 216 26.14 29.14 27.23
C ILE O 216 25.89 29.37 25.75
N GLN O 217 26.99 29.41 25.00
CA GLN O 217 26.98 29.45 23.54
C GLN O 217 28.11 28.55 23.04
N THR O 218 27.77 27.52 22.29
CA THR O 218 28.80 26.65 21.72
C THR O 218 29.11 27.03 20.26
N GLY O 219 29.64 26.10 19.48
CA GLY O 219 30.16 26.42 18.15
C GLY O 219 31.59 26.92 18.23
N SER O 220 32.36 26.69 17.18
CA SER O 220 33.80 26.99 17.20
C SER O 220 34.18 28.45 16.99
N GLN O 221 33.48 29.14 16.08
CA GLN O 221 33.81 30.51 15.71
C GLN O 221 32.58 31.43 15.82
N THR O 222 31.61 31.00 16.61
CA THR O 222 30.38 31.75 16.87
C THR O 222 30.69 33.18 17.33
N PRO O 223 30.04 34.19 16.72
CA PRO O 223 30.26 35.56 17.17
C PRO O 223 30.05 35.74 18.67
N THR O 224 31.01 36.38 19.32
CA THR O 224 30.82 36.87 20.68
C THR O 224 29.98 38.15 20.61
N VAL O 225 28.82 38.12 21.25
CA VAL O 225 27.86 39.22 21.19
C VAL O 225 27.53 39.60 22.63
N LEU O 226 28.01 40.77 23.03
CA LEU O 226 27.88 41.21 24.42
C LEU O 226 27.40 42.65 24.46
N GLN O 227 26.66 43.00 25.52
CA GLN O 227 26.16 44.35 25.71
C GLN O 227 26.72 44.92 27.01
N PHE O 228 26.74 46.25 27.08
CA PHE O 228 27.14 46.95 28.27
C PHE O 228 26.37 48.26 28.37
N SER O 229 25.89 48.57 29.58
CA SER O 229 25.20 49.83 29.85
C SER O 229 25.14 50.00 31.35
N ASN O 230 25.35 51.22 31.82
CA ASN O 230 25.20 51.50 33.25
C ASN O 230 23.77 51.86 33.65
N THR O 231 22.80 51.56 32.78
CA THR O 231 21.39 51.82 33.06
C THR O 231 20.61 50.55 33.41
N LEU O 232 21.30 49.41 33.43
CA LEU O 232 20.64 48.12 33.64
C LEU O 232 20.78 47.60 35.08
N THR O 233 19.64 47.30 35.69
CA THR O 233 19.59 46.81 37.07
C THR O 233 18.85 45.47 37.12
N THR O 234 19.40 44.52 37.87
CA THR O 234 18.71 43.27 38.16
C THR O 234 18.13 43.32 39.58
N VAL O 235 16.82 43.16 39.69
CA VAL O 235 16.14 43.08 40.99
C VAL O 235 16.32 41.66 41.54
N LEU O 236 16.69 41.56 42.82
CA LEU O 236 17.07 40.28 43.42
C LEU O 236 15.99 39.70 44.33
N LEU O 237 14.87 40.41 44.43
CA LEU O 237 13.75 39.96 45.25
C LEU O 237 13.08 38.75 44.62
N ASP O 238 12.70 37.79 45.46
CA ASP O 238 11.93 36.64 45.01
C ASP O 238 10.45 37.01 44.92
N GLU O 239 9.61 36.02 44.65
CA GLU O 239 8.16 36.20 44.49
C GLU O 239 7.48 36.82 45.73
N ASN O 240 8.10 36.65 46.90
CA ASN O 240 7.56 37.19 48.15
C ASN O 240 8.16 38.53 48.57
N GLY O 241 8.97 39.12 47.68
CA GLY O 241 9.61 40.41 47.95
C GLY O 241 10.84 40.32 48.84
N VAL O 242 11.46 39.14 48.89
CA VAL O 242 12.61 38.91 49.78
C VAL O 242 13.86 38.61 48.96
N GLY O 243 14.92 39.39 49.20
CA GLY O 243 16.19 39.14 48.54
C GLY O 243 17.04 38.17 49.36
N PRO O 244 18.20 37.75 48.82
CA PRO O 244 19.08 36.88 49.61
C PRO O 244 19.43 37.52 50.95
N LEU O 245 19.47 36.71 52.00
CA LEU O 245 19.76 37.16 53.37
C LEU O 245 21.17 36.74 53.79
N CYS O 246 21.97 37.73 54.17
CA CYS O 246 23.40 37.51 54.38
C CYS O 246 23.71 36.94 55.75
N LYS O 247 23.95 35.63 55.77
CA LYS O 247 24.29 34.91 56.99
C LYS O 247 25.69 35.31 57.43
N GLY O 248 25.82 35.60 58.73
CA GLY O 248 27.08 36.05 59.31
C GLY O 248 27.62 37.32 58.67
N ASP O 249 26.72 38.16 58.17
CA ASP O 249 27.07 39.43 57.53
C ASP O 249 28.06 39.28 56.36
N GLY O 250 27.90 38.18 55.62
CA GLY O 250 28.70 37.94 54.42
C GLY O 250 27.85 37.87 53.17
N LEU O 251 28.27 38.58 52.12
CA LEU O 251 27.63 38.52 50.83
C LEU O 251 28.53 37.73 49.89
N PHE O 252 27.96 36.71 49.24
CA PHE O 252 28.70 35.90 48.29
C PHE O 252 28.40 36.31 46.86
N ILE O 253 29.45 36.60 46.12
CA ILE O 253 29.33 36.98 44.72
C ILE O 253 30.20 36.04 43.88
N SER O 254 29.57 35.44 42.86
CA SER O 254 30.20 34.42 42.02
C SER O 254 29.93 34.76 40.57
N CYS O 255 30.87 34.40 39.69
CA CYS O 255 30.68 34.60 38.26
C CYS O 255 31.64 33.80 37.38
N ALA O 256 31.33 33.76 36.08
CA ALA O 256 32.21 33.21 35.05
C ALA O 256 31.86 33.92 33.76
N ASP O 257 32.88 34.34 33.01
CA ASP O 257 32.67 35.04 31.75
C ASP O 257 33.68 34.65 30.68
N ILE O 258 33.44 33.52 30.04
CA ILE O 258 34.31 33.03 28.96
C ILE O 258 33.79 33.71 27.68
N VAL O 259 34.70 34.36 26.96
CA VAL O 259 34.31 35.21 25.81
C VAL O 259 34.75 34.66 24.46
N GLY O 260 35.41 33.50 24.48
CA GLY O 260 35.78 32.82 23.23
C GLY O 260 37.24 32.43 23.17
N PHE O 261 37.65 32.00 21.98
CA PHE O 261 38.99 31.50 21.75
C PHE O 261 39.92 32.56 21.18
N LEU O 262 41.17 32.52 21.63
CA LEU O 262 42.26 33.17 20.93
C LEU O 262 42.84 32.15 19.95
N PHE O 263 42.69 32.46 18.65
CA PHE O 263 43.17 31.58 17.59
C PHE O 263 44.62 31.94 17.24
N LYS O 264 45.54 31.00 17.47
CA LYS O 264 46.96 31.25 17.22
C LYS O 264 47.40 30.72 15.85
N THR O 265 48.46 31.32 15.30
CA THR O 265 48.97 30.99 13.95
C THR O 265 49.11 29.49 13.69
N SER O 266 49.65 28.77 14.68
CA SER O 266 49.91 27.33 14.56
C SER O 266 48.63 26.49 14.40
N GLY O 267 47.49 27.07 14.79
CA GLY O 267 46.22 26.34 14.85
C GLY O 267 45.77 26.12 16.28
N LYS O 268 46.70 26.29 17.23
CA LYS O 268 46.36 26.15 18.65
C LYS O 268 45.37 27.20 19.11
N MET O 269 44.56 26.83 20.10
CA MET O 269 43.45 27.67 20.57
C MET O 269 43.40 27.68 22.08
N ALA O 270 43.23 28.85 22.65
CA ALA O 270 43.07 29.02 24.09
C ALA O 270 41.82 29.82 24.37
N LEU O 271 41.10 29.44 25.42
CA LEU O 271 39.92 30.20 25.85
C LEU O 271 40.35 31.45 26.61
N HIS O 272 39.48 32.45 26.60
CA HIS O 272 39.78 33.76 27.17
C HIS O 272 38.58 34.20 27.99
N GLY O 273 38.84 34.88 29.10
CA GLY O 273 37.78 35.41 29.96
C GLY O 273 37.92 36.91 30.21
N LEU O 274 36.82 37.53 30.65
CA LEU O 274 36.83 38.96 31.02
C LEU O 274 36.39 39.16 32.47
N PRO O 275 36.85 40.24 33.10
CA PRO O 275 36.40 40.53 34.47
C PRO O 275 34.96 41.02 34.53
N ARG O 276 34.38 40.97 35.71
CA ARG O 276 33.02 41.42 35.92
C ARG O 276 32.99 42.32 37.14
N TYR O 277 32.26 43.42 37.00
CA TYR O 277 32.04 44.39 38.07
C TYR O 277 30.64 44.25 38.64
N PHE O 278 30.52 44.49 39.95
CA PHE O 278 29.24 44.47 40.66
C PHE O 278 29.06 45.70 41.55
N ASN O 279 27.82 46.18 41.58
CA ASN O 279 27.40 47.17 42.56
C ASN O 279 26.08 46.68 43.12
N VAL O 280 26.10 46.22 44.38
CA VAL O 280 24.94 45.61 45.03
C VAL O 280 24.36 46.55 46.07
N THR O 281 23.03 46.71 46.04
CA THR O 281 22.30 47.48 47.05
C THR O 281 21.68 46.52 48.04
N LEU O 282 21.89 46.78 49.33
CA LEU O 282 21.35 45.96 50.40
C LEU O 282 20.57 46.81 51.41
N ARG O 283 19.56 46.22 52.03
CA ARG O 283 18.82 46.87 53.11
C ARG O 283 18.80 45.97 54.35
N LYS O 284 18.54 46.57 55.50
CA LYS O 284 18.46 45.81 56.74
C LYS O 284 17.07 45.18 56.86
N ARG O 285 17.04 43.91 57.26
CA ARG O 285 15.78 43.19 57.41
C ARG O 285 15.73 42.49 58.75
N TRP O 286 14.63 42.65 59.48
CA TRP O 286 14.40 41.91 60.72
C TRP O 286 14.09 40.46 60.41
N VAL O 287 14.75 39.54 61.11
CA VAL O 287 14.50 38.11 60.94
C VAL O 287 14.37 37.41 62.29
N LYS O 288 13.61 36.32 62.30
CA LYS O 288 13.44 35.50 63.50
C LYS O 288 14.17 34.17 63.29
N ASN O 289 15.16 33.92 64.15
CA ASN O 289 15.98 32.70 64.15
C ASN O 289 16.94 32.51 62.96
N VAL P 9 15.75 -25.85 -61.15
CA VAL P 9 14.60 -26.72 -61.54
C VAL P 9 14.00 -27.39 -60.31
N GLU P 10 12.76 -26.99 -59.97
CA GLU P 10 12.06 -27.57 -58.83
C GLU P 10 11.01 -28.58 -59.26
N VAL P 11 11.19 -29.83 -58.84
CA VAL P 11 10.21 -30.88 -59.07
C VAL P 11 9.11 -30.73 -58.01
N LEU P 12 7.87 -30.55 -58.48
CA LEU P 12 6.75 -30.38 -57.58
C LEU P 12 6.00 -31.69 -57.42
N SER P 13 4.68 -31.61 -57.21
CA SER P 13 3.88 -32.79 -56.93
C SER P 13 3.47 -33.56 -58.18
N VAL P 14 3.24 -34.86 -58.00
CA VAL P 14 2.64 -35.73 -59.00
C VAL P 14 1.22 -35.20 -59.30
N VAL P 15 0.88 -35.13 -60.59
CA VAL P 15 -0.45 -34.68 -61.01
C VAL P 15 -1.48 -35.76 -60.69
N THR P 16 -2.60 -35.36 -60.10
CA THR P 16 -3.71 -36.28 -59.86
C THR P 16 -4.74 -36.14 -60.97
N GLY P 17 -5.51 -37.20 -61.21
CA GLY P 17 -6.55 -37.17 -62.24
C GLY P 17 -6.64 -38.45 -63.04
N GLU P 18 -7.67 -38.52 -63.89
CA GLU P 18 -7.99 -39.72 -64.66
C GLU P 18 -6.86 -40.18 -65.57
N ASP P 19 -6.37 -39.28 -66.43
CA ASP P 19 -5.43 -39.66 -67.48
C ASP P 19 -4.00 -39.24 -67.20
N SER P 20 -3.59 -39.36 -65.93
CA SER P 20 -2.26 -38.93 -65.49
C SER P 20 -1.19 -40.01 -65.66
N ILE P 21 -1.61 -41.24 -65.96
CA ILE P 21 -0.64 -42.33 -66.21
C ILE P 21 -0.81 -42.84 -67.65
N THR P 22 0.32 -43.00 -68.33
CA THR P 22 0.33 -43.61 -69.67
C THR P 22 1.43 -44.67 -69.79
N GLN P 23 1.26 -45.57 -70.76
CA GLN P 23 2.25 -46.59 -71.08
C GLN P 23 2.73 -46.45 -72.52
N ILE P 24 4.03 -46.64 -72.71
CA ILE P 24 4.67 -46.57 -74.02
C ILE P 24 5.31 -47.92 -74.33
N GLU P 25 4.98 -48.49 -75.49
CA GLU P 25 5.54 -49.75 -75.97
C GLU P 25 6.42 -49.52 -77.18
N LEU P 26 7.52 -50.25 -77.27
CA LEU P 26 8.34 -50.28 -78.48
C LEU P 26 9.36 -51.41 -78.46
N TYR P 27 9.89 -51.71 -79.63
CA TYR P 27 11.01 -52.62 -79.75
C TYR P 27 12.10 -51.97 -80.58
N LEU P 28 13.34 -52.35 -80.32
CA LEU P 28 14.46 -51.86 -81.11
C LEU P 28 15.22 -53.06 -81.66
N ASN P 29 15.31 -53.12 -82.99
CA ASN P 29 16.10 -54.16 -83.65
C ASN P 29 17.60 -53.85 -83.54
N PRO P 30 18.45 -54.89 -83.46
CA PRO P 30 19.87 -54.64 -83.21
C PRO P 30 20.56 -53.99 -84.41
N ARG P 31 21.62 -53.23 -84.13
CA ARG P 31 22.40 -52.57 -85.18
C ARG P 31 23.85 -53.04 -85.10
N MET P 32 24.08 -54.28 -85.53
CA MET P 32 25.37 -54.95 -85.37
C MET P 32 26.39 -54.57 -86.43
N GLY P 33 25.94 -54.00 -87.55
CA GLY P 33 26.85 -53.71 -88.65
C GLY P 33 26.15 -53.77 -89.99
N VAL P 34 25.44 -54.87 -90.24
CA VAL P 34 24.46 -54.92 -91.31
C VAL P 34 23.14 -54.52 -90.66
N ASN P 35 22.77 -53.27 -90.88
CA ASN P 35 21.76 -52.61 -90.06
C ASN P 35 20.36 -52.54 -90.67
N SER P 36 20.24 -52.96 -91.92
CA SER P 36 18.96 -52.97 -92.61
C SER P 36 18.62 -54.34 -93.18
N PRO P 37 17.33 -54.73 -93.10
CA PRO P 37 16.90 -55.99 -93.71
C PRO P 37 16.44 -55.80 -95.16
N ASP P 38 16.50 -54.56 -95.65
CA ASP P 38 15.91 -54.18 -96.95
C ASP P 38 16.93 -53.89 -98.05
N LEU P 39 18.15 -54.36 -97.89
CA LEU P 39 19.20 -54.08 -98.89
C LEU P 39 19.17 -55.09 -100.03
N PRO P 40 19.52 -54.65 -101.26
CA PRO P 40 19.50 -55.54 -102.41
C PRO P 40 20.23 -56.86 -102.21
N THR P 41 21.47 -56.81 -101.71
CA THR P 41 22.37 -57.97 -101.75
C THR P 41 22.88 -58.46 -100.39
N THR P 42 23.08 -57.54 -99.44
CA THR P 42 23.83 -57.86 -98.22
C THR P 42 22.97 -58.12 -96.98
N SER P 43 21.65 -58.00 -97.12
CA SER P 43 20.74 -58.07 -95.97
C SER P 43 20.58 -59.43 -95.30
N ASN P 44 21.11 -60.50 -95.90
N ASN P 44 21.12 -60.49 -95.91
CA ASN P 44 21.08 -61.81 -95.26
CA ASN P 44 21.12 -61.81 -95.31
C ASN P 44 21.89 -61.83 -93.96
C ASN P 44 21.93 -61.86 -94.00
N TRP P 45 22.80 -60.86 -93.80
CA TRP P 45 23.60 -60.73 -92.60
C TRP P 45 23.04 -59.71 -91.59
N TYR P 46 21.81 -59.25 -91.85
CA TYR P 46 21.09 -58.40 -90.91
C TYR P 46 21.08 -59.04 -89.51
N THR P 47 21.39 -58.22 -88.50
CA THR P 47 21.61 -58.62 -87.07
C THR P 47 22.98 -59.27 -86.78
N TYR P 48 23.89 -59.18 -87.75
CA TYR P 48 25.26 -59.68 -87.60
C TYR P 48 26.27 -58.63 -88.06
N THR P 49 27.51 -58.81 -87.65
CA THR P 49 28.64 -58.10 -88.25
C THR P 49 29.12 -58.93 -89.45
N TYR P 50 30.06 -58.37 -90.20
CA TYR P 50 30.86 -59.17 -91.14
C TYR P 50 31.90 -59.92 -90.31
N ASP P 51 32.82 -60.62 -90.96
CA ASP P 51 33.81 -61.40 -90.22
C ASP P 51 34.82 -60.51 -89.52
N LEU P 52 35.07 -60.81 -88.25
CA LEU P 52 35.96 -59.99 -87.44
C LEU P 52 37.34 -60.65 -87.36
N GLN P 53 38.38 -59.90 -87.74
CA GLN P 53 39.74 -60.42 -87.81
C GLN P 53 40.76 -59.34 -87.49
N PRO P 54 41.82 -59.72 -86.75
CA PRO P 54 43.00 -58.86 -86.66
C PRO P 54 43.67 -58.74 -88.02
N LYS P 55 43.99 -57.52 -88.43
CA LYS P 55 44.57 -57.25 -89.75
C LYS P 55 45.94 -57.89 -89.91
N GLY P 56 46.72 -57.93 -88.83
CA GLY P 56 48.06 -58.53 -88.86
C GLY P 56 49.15 -57.52 -89.18
N SER P 57 48.75 -56.34 -89.66
CA SER P 57 49.67 -55.22 -89.83
C SER P 57 48.96 -53.94 -89.41
N SER P 58 49.74 -52.92 -89.05
N SER P 58 49.75 -52.92 -89.08
CA SER P 58 49.20 -51.65 -88.59
CA SER P 58 49.26 -51.63 -88.59
C SER P 58 48.99 -50.68 -89.75
C SER P 58 49.00 -50.65 -89.76
N PRO P 59 47.95 -49.81 -89.65
CA PRO P 59 46.96 -49.75 -88.57
C PRO P 59 45.67 -50.50 -88.90
N ASP P 60 44.86 -50.77 -87.88
CA ASP P 60 43.51 -51.28 -88.07
C ASP P 60 42.65 -50.24 -88.77
N GLN P 61 41.94 -50.67 -89.80
CA GLN P 61 41.05 -49.79 -90.54
C GLN P 61 39.70 -50.51 -90.67
N PRO P 62 38.95 -50.60 -89.56
CA PRO P 62 37.74 -51.42 -89.53
C PRO P 62 36.64 -50.87 -90.42
N ILE P 63 35.81 -51.76 -90.95
CA ILE P 63 34.69 -51.36 -91.80
C ILE P 63 33.44 -51.14 -90.94
N LYS P 64 32.50 -50.34 -91.44
CA LYS P 64 31.29 -50.04 -90.67
C LYS P 64 30.47 -51.28 -90.33
N GLU P 65 30.53 -52.29 -91.19
CA GLU P 65 29.83 -53.56 -90.96
C GLU P 65 30.43 -54.37 -89.81
N ASN P 66 31.62 -53.98 -89.34
CA ASN P 66 32.24 -54.63 -88.19
C ASN P 66 32.17 -53.83 -86.89
N LEU P 67 31.29 -52.83 -86.86
CA LEU P 67 31.18 -51.95 -85.70
C LEU P 67 29.76 -51.93 -85.12
N PRO P 68 29.43 -52.90 -84.24
CA PRO P 68 28.11 -52.89 -83.60
C PRO P 68 27.87 -51.54 -82.91
N ALA P 69 26.66 -51.02 -83.05
CA ALA P 69 26.32 -49.70 -82.54
C ALA P 69 25.08 -49.77 -81.66
N TYR P 70 24.92 -48.76 -80.81
CA TYR P 70 23.74 -48.65 -79.96
C TYR P 70 22.48 -48.41 -80.78
N SER P 71 21.38 -49.01 -80.33
CA SER P 71 20.05 -48.71 -80.83
C SER P 71 19.49 -47.56 -80.01
N VAL P 72 18.71 -46.70 -80.64
CA VAL P 72 18.05 -45.61 -79.92
C VAL P 72 16.79 -45.16 -80.64
N ALA P 73 15.75 -44.88 -79.86
CA ALA P 73 14.55 -44.23 -80.37
C ALA P 73 14.19 -43.08 -79.45
N ARG P 74 13.66 -42.01 -80.04
CA ARG P 74 12.97 -40.98 -79.28
C ARG P 74 11.48 -41.20 -79.54
N VAL P 75 10.72 -41.46 -78.47
CA VAL P 75 9.26 -41.58 -78.59
C VAL P 75 8.56 -40.26 -78.25
N SER P 76 7.68 -39.81 -79.16
CA SER P 76 6.85 -38.63 -78.93
C SER P 76 5.69 -38.94 -77.99
N LEU P 77 5.58 -38.15 -76.92
CA LEU P 77 4.57 -38.37 -75.88
C LEU P 77 3.42 -37.38 -76.02
N PRO P 78 2.23 -37.70 -75.46
CA PRO P 78 1.12 -36.75 -75.50
C PRO P 78 1.52 -35.37 -75.00
N MET P 79 1.15 -34.35 -75.77
CA MET P 79 1.41 -32.96 -75.44
C MET P 79 0.67 -32.57 -74.16
N LEU P 80 1.33 -31.82 -73.28
CA LEU P 80 0.79 -31.51 -71.95
C LEU P 80 0.44 -30.04 -71.72
N ASN P 81 1.24 -29.14 -72.28
CA ASN P 81 1.15 -27.72 -71.95
C ASN P 81 0.67 -26.82 -73.09
N GLU P 82 -0.22 -25.89 -72.76
CA GLU P 82 -0.71 -24.88 -73.71
C GLU P 82 -0.17 -23.49 -73.37
N ASP P 83 0.56 -23.39 -72.24
CA ASP P 83 1.17 -22.15 -71.74
C ASP P 83 0.13 -21.08 -71.40
N ASP P 87 6.91 -20.13 -64.85
CA ASP P 87 7.68 -21.20 -65.47
C ASP P 87 7.27 -22.59 -64.95
N THR P 88 6.00 -22.75 -64.62
CA THR P 88 5.45 -24.00 -64.09
C THR P 88 4.76 -24.81 -65.18
N LEU P 89 5.12 -26.08 -65.32
CA LEU P 89 4.54 -26.93 -66.35
C LEU P 89 4.49 -28.40 -65.93
N GLN P 90 3.72 -29.18 -66.66
CA GLN P 90 3.64 -30.62 -66.47
C GLN P 90 4.63 -31.30 -67.40
N MET P 91 5.35 -32.30 -66.87
CA MET P 91 6.26 -33.13 -67.69
C MET P 91 5.94 -34.59 -67.44
N TRP P 92 6.15 -35.41 -68.45
CA TRP P 92 6.05 -36.85 -68.27
C TRP P 92 7.26 -37.37 -67.50
N GLU P 93 6.98 -38.16 -66.48
CA GLU P 93 8.00 -38.74 -65.62
C GLU P 93 7.98 -40.27 -65.78
N ALA P 94 9.07 -40.85 -66.28
CA ALA P 94 9.15 -42.31 -66.45
C ALA P 94 9.41 -42.95 -65.09
N ILE P 95 8.53 -43.86 -64.69
CA ILE P 95 8.60 -44.39 -63.32
C ILE P 95 9.00 -45.87 -63.22
N SER P 96 8.77 -46.62 -64.31
CA SER P 96 9.14 -48.03 -64.37
C SER P 96 9.20 -48.53 -65.81
N VAL P 97 9.91 -49.62 -66.01
CA VAL P 97 10.02 -50.23 -67.33
C VAL P 97 10.09 -51.75 -67.20
N LYS P 98 9.34 -52.43 -68.07
CA LYS P 98 9.54 -53.85 -68.32
C LYS P 98 10.29 -53.98 -69.63
N THR P 99 11.45 -54.60 -69.58
CA THR P 99 12.25 -54.78 -70.79
C THR P 99 12.67 -56.24 -70.95
N GLU P 100 12.82 -56.67 -72.20
CA GLU P 100 13.14 -58.07 -72.50
C GLU P 100 13.89 -58.19 -73.82
N VAL P 101 14.91 -59.04 -73.81
CA VAL P 101 15.60 -59.42 -75.05
C VAL P 101 14.73 -60.46 -75.74
N VAL P 102 14.36 -60.17 -76.98
CA VAL P 102 13.45 -61.01 -77.76
C VAL P 102 14.27 -61.97 -78.62
N GLY P 103 13.74 -63.17 -78.84
CA GLY P 103 14.41 -64.15 -79.72
C GLY P 103 15.51 -64.96 -79.07
N ILE P 104 15.53 -65.01 -77.74
CA ILE P 104 16.59 -65.73 -77.03
C ILE P 104 16.60 -67.23 -77.46
N SER P 105 15.40 -67.79 -77.65
CA SER P 105 15.25 -69.19 -78.02
C SER P 105 15.87 -69.56 -79.39
N SER P 106 16.00 -68.57 -80.27
CA SER P 106 16.63 -68.79 -81.59
C SER P 106 18.06 -69.32 -81.48
N LEU P 107 18.69 -69.06 -80.34
CA LEU P 107 20.09 -69.41 -80.13
C LEU P 107 20.34 -70.88 -79.81
N ILE P 108 19.28 -71.70 -79.69
CA ILE P 108 19.48 -73.16 -79.58
C ILE P 108 19.82 -73.81 -80.93
N ASN P 109 19.73 -73.05 -82.01
CA ASN P 109 20.03 -73.55 -83.36
C ASN P 109 21.52 -73.88 -83.46
N VAL P 110 21.84 -75.17 -83.59
CA VAL P 110 23.23 -75.62 -83.74
C VAL P 110 23.44 -76.33 -85.08
N HIS P 111 22.68 -75.90 -86.09
CA HIS P 111 22.73 -76.51 -87.42
C HIS P 111 22.60 -75.46 -88.53
N TYR P 112 23.14 -74.26 -88.28
CA TYR P 112 23.32 -73.29 -89.36
C TYR P 112 24.20 -73.98 -90.42
N TRP P 113 23.87 -73.84 -91.70
CA TRP P 113 24.48 -74.71 -92.70
C TRP P 113 26.01 -74.59 -92.78
N ASP P 114 26.55 -73.43 -92.42
CA ASP P 114 27.99 -73.19 -92.50
C ASP P 114 28.60 -73.02 -91.11
N MET P 115 28.02 -73.69 -90.12
CA MET P 115 28.48 -73.60 -88.75
C MET P 115 29.71 -74.51 -88.51
N LYS P 116 30.72 -73.95 -87.86
CA LYS P 116 31.86 -74.73 -87.38
C LYS P 116 31.37 -75.76 -86.35
N ARG P 117 31.81 -77.00 -86.52
CA ARG P 117 31.40 -78.07 -85.61
C ARG P 117 32.26 -78.08 -84.36
N VAL P 118 31.69 -78.57 -83.26
N VAL P 118 31.68 -78.55 -83.26
CA VAL P 118 32.46 -78.68 -82.01
CA VAL P 118 32.43 -78.70 -82.01
C VAL P 118 33.54 -79.76 -82.12
C VAL P 118 33.56 -79.72 -82.18
N HIS P 119 33.30 -80.75 -82.99
CA HIS P 119 34.29 -81.79 -83.36
C HIS P 119 33.73 -82.55 -84.56
N ASP P 120 34.52 -83.44 -85.15
CA ASP P 120 34.10 -84.18 -86.35
C ASP P 120 32.75 -84.87 -86.12
N TYR P 121 31.82 -84.67 -87.07
CA TYR P 121 30.47 -85.25 -87.05
C TYR P 121 29.54 -84.64 -86.00
N GLY P 122 30.05 -83.67 -85.25
CA GLY P 122 29.30 -83.05 -84.17
C GLY P 122 28.35 -81.94 -84.60
N ALA P 123 27.63 -81.40 -83.63
CA ALA P 123 26.77 -80.25 -83.83
C ALA P 123 27.61 -78.99 -84.02
N GLY P 124 26.99 -77.92 -84.51
CA GLY P 124 27.66 -76.63 -84.61
C GLY P 124 27.93 -76.04 -83.24
N ILE P 125 29.01 -75.26 -83.13
CA ILE P 125 29.30 -74.50 -81.91
C ILE P 125 28.18 -73.46 -81.80
N PRO P 126 27.46 -73.44 -80.67
CA PRO P 126 26.35 -72.49 -80.55
C PRO P 126 26.85 -71.03 -80.42
N VAL P 127 25.97 -70.09 -80.74
CA VAL P 127 26.26 -68.67 -80.51
C VAL P 127 26.73 -68.52 -79.06
N SER P 128 27.94 -68.00 -78.89
N SER P 128 27.96 -68.06 -78.89
CA SER P 128 28.58 -67.91 -77.58
CA SER P 128 28.64 -67.99 -77.60
C SER P 128 29.77 -66.96 -77.69
C SER P 128 29.76 -66.96 -77.69
N GLY P 129 30.35 -66.62 -76.55
CA GLY P 129 31.50 -65.71 -76.53
C GLY P 129 31.15 -64.34 -75.97
N VAL P 130 31.63 -63.30 -76.64
CA VAL P 130 31.49 -61.93 -76.15
C VAL P 130 30.02 -61.53 -76.07
N ASN P 131 29.59 -61.14 -74.87
CA ASN P 131 28.28 -60.54 -74.67
C ASN P 131 28.42 -59.10 -74.18
N TYR P 132 27.48 -58.25 -74.59
CA TYR P 132 27.37 -56.88 -74.11
C TYR P 132 25.90 -56.52 -74.13
N HIS P 133 25.38 -56.16 -72.95
CA HIS P 133 23.96 -55.91 -72.78
C HIS P 133 23.80 -54.65 -71.97
N MET P 134 23.00 -53.72 -72.48
CA MET P 134 22.71 -52.50 -71.77
C MET P 134 21.39 -51.93 -72.27
N PHE P 135 20.69 -51.22 -71.39
CA PHE P 135 19.55 -50.46 -71.83
C PHE P 135 19.50 -49.19 -71.01
N ALA P 136 18.86 -48.16 -71.56
CA ALA P 136 18.73 -46.88 -70.88
C ALA P 136 17.37 -46.28 -71.17
N ILE P 137 16.84 -45.59 -70.17
CA ILE P 137 15.60 -44.83 -70.28
C ILE P 137 15.94 -43.43 -69.78
N GLY P 138 15.65 -42.42 -70.61
CA GLY P 138 15.97 -41.06 -70.24
C GLY P 138 15.00 -40.02 -70.78
N GLY P 139 15.06 -38.82 -70.21
CA GLY P 139 14.22 -37.72 -70.66
C GLY P 139 14.91 -36.87 -71.72
N GLU P 140 16.08 -37.36 -72.16
CA GLU P 140 16.94 -36.68 -73.12
C GLU P 140 17.95 -37.72 -73.59
N PRO P 141 18.74 -37.41 -74.64
CA PRO P 141 19.70 -38.42 -75.12
C PRO P 141 20.69 -38.87 -74.05
N LEU P 142 21.10 -40.13 -74.13
CA LEU P 142 22.13 -40.68 -73.25
C LEU P 142 23.45 -39.97 -73.52
N ASP P 143 24.10 -39.52 -72.45
CA ASP P 143 25.43 -38.92 -72.56
C ASP P 143 26.46 -40.03 -72.68
N LEU P 144 27.37 -39.87 -73.63
CA LEU P 144 28.37 -40.90 -73.92
C LEU P 144 29.78 -40.40 -73.66
N GLN P 145 30.63 -41.30 -73.17
CA GLN P 145 32.06 -41.06 -73.00
C GLN P 145 32.83 -41.93 -74.01
N GLY P 146 33.79 -41.33 -74.70
CA GLY P 146 34.63 -42.07 -75.64
C GLY P 146 35.87 -42.65 -75.00
N LEU P 147 36.14 -43.91 -75.30
CA LEU P 147 37.35 -44.60 -74.87
C LEU P 147 37.53 -45.81 -75.77
N VAL P 148 38.74 -45.98 -76.30
CA VAL P 148 39.02 -47.08 -77.22
C VAL P 148 40.18 -47.96 -76.77
N LEU P 149 40.15 -49.22 -77.20
CA LEU P 149 41.23 -50.16 -76.95
C LEU P 149 42.56 -49.66 -77.55
N ASP P 150 42.50 -49.12 -78.77
CA ASP P 150 43.69 -48.70 -79.52
C ASP P 150 43.46 -47.36 -80.21
N TYR P 151 44.21 -46.35 -79.79
CA TYR P 151 44.00 -44.98 -80.29
C TYR P 151 44.42 -44.82 -81.76
N GLN P 152 45.23 -45.76 -82.24
CA GLN P 152 45.73 -45.71 -83.62
C GLN P 152 44.75 -46.30 -84.63
N THR P 153 43.67 -46.89 -84.14
CA THR P 153 42.59 -47.40 -84.98
C THR P 153 42.04 -46.28 -85.87
N GLN P 154 41.96 -46.57 -87.17
CA GLN P 154 41.44 -45.62 -88.14
C GLN P 154 40.00 -45.97 -88.48
N TYR P 155 39.06 -45.39 -87.74
CA TYR P 155 37.65 -45.62 -87.97
C TYR P 155 37.21 -44.96 -89.27
N PRO P 156 36.17 -45.50 -89.93
CA PRO P 156 35.75 -44.87 -91.19
C PRO P 156 35.15 -43.50 -90.92
N LYS P 157 35.28 -42.59 -91.88
CA LYS P 157 34.74 -41.24 -91.75
C LYS P 157 33.20 -41.28 -91.80
N THR P 158 32.57 -40.27 -91.22
CA THR P 158 31.11 -40.16 -91.24
C THR P 158 30.60 -39.83 -92.65
N THR P 159 29.78 -40.71 -93.20
CA THR P 159 29.23 -40.56 -94.55
C THR P 159 27.84 -41.22 -94.65
N GLY P 162 28.07 -43.37 -92.23
CA GLY P 162 29.27 -43.73 -91.48
C GLY P 162 29.12 -43.49 -89.99
N PRO P 163 29.96 -44.15 -89.17
CA PRO P 163 29.83 -44.05 -87.72
C PRO P 163 30.39 -42.74 -87.16
N ILE P 164 29.84 -42.30 -86.03
CA ILE P 164 30.38 -41.16 -85.31
C ILE P 164 31.34 -41.68 -84.25
N THR P 165 32.62 -41.28 -84.36
CA THR P 165 33.63 -41.75 -83.42
C THR P 165 34.36 -40.56 -82.78
N ILE P 166 35.39 -40.82 -81.99
CA ILE P 166 36.06 -39.76 -81.24
C ILE P 166 36.65 -38.70 -82.17
N GLU P 167 37.26 -39.12 -83.27
CA GLU P 167 37.81 -38.17 -84.25
C GLU P 167 36.71 -37.26 -84.82
N THR P 168 35.53 -37.83 -85.04
CA THR P 168 34.38 -37.06 -85.53
C THR P 168 34.00 -35.91 -84.61
N VAL P 169 33.95 -36.17 -83.29
N VAL P 169 33.93 -36.20 -83.31
CA VAL P 169 33.53 -35.16 -82.31
CA VAL P 169 33.56 -35.21 -82.31
C VAL P 169 34.64 -34.18 -81.92
C VAL P 169 34.65 -34.17 -82.10
N LEU P 170 35.89 -34.63 -81.93
CA LEU P 170 37.03 -33.76 -81.62
C LEU P 170 37.46 -32.90 -82.81
N GLY P 171 37.18 -33.38 -84.02
CA GLY P 171 37.61 -32.69 -85.24
C GLY P 171 39.12 -32.75 -85.43
N ARG P 172 39.74 -33.73 -84.79
CA ARG P 172 41.18 -33.96 -84.83
C ARG P 172 41.42 -35.43 -84.45
N LYS P 173 42.64 -35.92 -84.70
CA LYS P 173 42.96 -37.33 -84.47
C LYS P 173 43.03 -37.68 -83.00
N MET P 174 42.70 -38.94 -82.70
CA MET P 174 42.89 -39.47 -81.34
C MET P 174 44.36 -39.44 -80.99
N THR P 175 44.64 -39.44 -79.69
CA THR P 175 46.00 -39.47 -79.17
C THR P 175 45.97 -40.55 -78.09
N PRO P 176 47.14 -40.92 -77.53
CA PRO P 176 47.13 -41.98 -76.49
C PRO P 176 46.17 -41.75 -75.33
N LYS P 177 45.84 -40.49 -75.03
CA LYS P 177 44.94 -40.19 -73.91
C LYS P 177 43.56 -40.82 -74.11
N ASN P 178 43.20 -41.09 -75.37
CA ASN P 178 41.91 -41.72 -75.66
C ASN P 178 41.82 -43.21 -75.37
N GLN P 179 42.94 -43.81 -74.94
CA GLN P 179 42.91 -45.16 -74.36
C GLN P 179 42.50 -45.10 -72.89
N GLY P 180 42.52 -43.89 -72.33
CA GLY P 180 41.94 -43.65 -71.01
C GLY P 180 40.78 -42.69 -71.16
N LEU P 181 40.42 -42.04 -70.06
CA LEU P 181 39.30 -41.10 -70.05
C LEU P 181 39.79 -39.69 -70.39
N ASP P 182 39.44 -39.25 -71.59
CA ASP P 182 39.66 -37.88 -72.05
C ASP P 182 38.34 -37.14 -71.91
N PRO P 183 38.27 -36.15 -71.00
CA PRO P 183 37.05 -35.35 -70.77
C PRO P 183 36.47 -34.69 -72.02
N GLN P 184 37.30 -34.49 -73.05
CA GLN P 184 36.80 -33.87 -74.28
C GLN P 184 36.14 -34.87 -75.22
N ALA P 185 36.37 -36.16 -74.99
CA ALA P 185 35.83 -37.21 -75.83
C ALA P 185 34.42 -37.57 -75.36
N LYS P 186 33.46 -36.71 -75.67
CA LYS P 186 32.07 -36.88 -75.21
C LYS P 186 31.10 -36.68 -76.37
N ALA P 187 29.93 -37.29 -76.26
CA ALA P 187 28.91 -37.18 -77.29
C ALA P 187 27.53 -37.49 -76.71
N LYS P 188 26.50 -37.25 -77.50
CA LYS P 188 25.14 -37.60 -77.10
C LYS P 188 24.60 -38.70 -78.02
N LEU P 189 23.93 -39.68 -77.42
CA LEU P 189 23.41 -40.80 -78.21
C LEU P 189 22.11 -40.37 -78.89
N ASP P 190 22.24 -39.72 -80.04
CA ASP P 190 21.09 -39.11 -80.71
C ASP P 190 20.75 -39.70 -82.09
N LYS P 191 21.39 -40.80 -82.45
CA LYS P 191 21.22 -41.42 -83.76
C LYS P 191 21.30 -42.93 -83.67
N ASP P 192 20.28 -43.59 -84.21
CA ASP P 192 20.22 -45.05 -84.20
C ASP P 192 21.28 -45.64 -85.13
N GLY P 193 22.06 -46.58 -84.61
CA GLY P 193 23.02 -47.36 -85.40
C GLY P 193 24.27 -46.63 -85.87
N ASN P 194 24.58 -45.50 -85.21
CA ASN P 194 25.67 -44.62 -85.64
C ASN P 194 26.84 -44.46 -84.66
N TYR P 195 26.63 -44.82 -83.39
CA TYR P 195 27.67 -44.70 -82.37
C TYR P 195 28.21 -46.09 -82.00
N PRO P 196 29.44 -46.42 -82.42
CA PRO P 196 29.95 -47.76 -82.13
C PRO P 196 30.09 -48.06 -80.65
N ILE P 197 29.67 -49.26 -80.26
CA ILE P 197 29.82 -49.74 -78.89
C ILE P 197 31.28 -49.77 -78.45
N GLU P 198 32.19 -50.18 -79.34
CA GLU P 198 33.61 -50.29 -78.97
C GLU P 198 34.31 -48.95 -78.74
N VAL P 199 33.62 -47.85 -79.07
CA VAL P 199 34.15 -46.51 -78.91
C VAL P 199 33.43 -45.73 -77.79
N TRP P 200 32.13 -45.94 -77.64
CA TRP P 200 31.31 -45.13 -76.74
C TRP P 200 30.68 -45.96 -75.61
N CYS P 201 30.78 -45.47 -74.38
CA CYS P 201 30.11 -46.05 -73.22
C CYS P 201 29.27 -44.96 -72.54
N PRO P 202 28.32 -45.35 -71.67
CA PRO P 202 27.58 -44.31 -70.93
C PRO P 202 28.50 -43.45 -70.04
N ASP P 203 28.28 -42.14 -70.04
CA ASP P 203 29.11 -41.22 -69.27
C ASP P 203 28.54 -41.09 -67.84
N PRO P 204 29.26 -41.64 -66.84
CA PRO P 204 28.70 -41.59 -65.48
C PRO P 204 28.81 -40.20 -64.84
N SER P 205 29.54 -39.29 -65.46
CA SER P 205 29.68 -37.93 -64.95
C SER P 205 28.49 -37.06 -65.33
N LYS P 206 27.65 -37.55 -66.24
CA LYS P 206 26.45 -36.84 -66.66
C LYS P 206 25.23 -37.73 -66.43
N ASN P 207 24.30 -37.78 -67.38
CA ASN P 207 23.13 -38.67 -67.32
C ASN P 207 22.29 -38.59 -66.05
N GLU P 208 22.21 -37.39 -65.47
CA GLU P 208 21.38 -37.18 -64.29
C GLU P 208 19.90 -37.39 -64.59
N ASN P 209 19.52 -37.26 -65.87
CA ASN P 209 18.13 -37.41 -66.30
C ASN P 209 17.85 -38.69 -67.12
N SER P 210 18.75 -39.67 -66.99
CA SER P 210 18.60 -41.01 -67.55
C SER P 210 18.90 -42.05 -66.48
N ARG P 211 18.44 -43.28 -66.71
CA ARG P 211 18.84 -44.45 -65.93
C ARG P 211 19.39 -45.47 -66.90
N TYR P 212 20.59 -45.98 -66.66
CA TYR P 212 21.18 -47.01 -67.53
C TYR P 212 21.72 -48.20 -66.72
N TYR P 213 21.73 -49.36 -67.37
CA TYR P 213 22.06 -50.63 -66.72
C TYR P 213 22.75 -51.46 -67.77
N GLY P 214 23.93 -51.99 -67.46
CA GLY P 214 24.67 -52.78 -68.45
C GLY P 214 25.69 -53.76 -67.89
N SER P 215 26.19 -54.62 -68.77
CA SER P 215 27.21 -55.59 -68.39
C SER P 215 27.98 -56.01 -69.63
N ILE P 216 29.17 -56.53 -69.40
CA ILE P 216 29.94 -57.17 -70.47
C ILE P 216 30.37 -58.57 -70.01
N GLN P 217 30.64 -59.42 -70.98
CA GLN P 217 31.24 -60.73 -70.76
C GLN P 217 32.20 -60.95 -71.92
N THR P 218 33.48 -61.11 -71.62
CA THR P 218 34.46 -61.41 -72.68
C THR P 218 34.74 -62.92 -72.75
N GLY P 219 35.77 -63.32 -73.49
CA GLY P 219 36.02 -64.74 -73.79
C GLY P 219 35.50 -65.14 -75.16
N SER P 220 36.11 -66.17 -75.75
CA SER P 220 35.80 -66.56 -77.12
C SER P 220 34.56 -67.43 -77.26
N GLN P 221 34.40 -68.37 -76.34
CA GLN P 221 33.27 -69.32 -76.41
C GLN P 221 32.53 -69.39 -75.08
N THR P 222 32.67 -68.33 -74.29
CA THR P 222 31.96 -68.21 -73.01
C THR P 222 30.45 -68.40 -73.21
N PRO P 223 29.83 -69.24 -72.36
CA PRO P 223 28.40 -69.50 -72.52
C PRO P 223 27.57 -68.21 -72.51
N THR P 224 26.68 -68.08 -73.49
CA THR P 224 25.69 -67.03 -73.45
C THR P 224 24.56 -67.46 -72.52
N VAL P 225 24.33 -66.65 -71.48
CA VAL P 225 23.41 -67.02 -70.41
C VAL P 225 22.46 -65.86 -70.21
N LEU P 226 21.20 -66.07 -70.60
CA LEU P 226 20.22 -64.98 -70.61
C LEU P 226 18.90 -65.45 -70.01
N GLN P 227 18.22 -64.55 -69.32
CA GLN P 227 16.91 -64.85 -68.74
C GLN P 227 15.83 -64.02 -69.43
N PHE P 228 14.59 -64.48 -69.29
CA PHE P 228 13.42 -63.77 -69.82
C PHE P 228 12.20 -64.12 -69.01
N SER P 229 11.41 -63.09 -68.70
CA SER P 229 10.20 -63.23 -67.90
C SER P 229 9.42 -61.92 -67.98
N ASN P 230 8.11 -62.04 -68.16
CA ASN P 230 7.24 -60.87 -68.17
C ASN P 230 6.82 -60.41 -66.77
N THR P 231 7.55 -60.86 -65.75
CA THR P 231 7.20 -60.55 -64.36
C THR P 231 8.23 -59.62 -63.71
N LEU P 232 9.25 -59.24 -64.46
CA LEU P 232 10.31 -58.39 -63.94
C LEU P 232 10.17 -56.92 -64.35
N THR P 233 10.18 -56.04 -63.36
CA THR P 233 10.04 -54.60 -63.54
C THR P 233 11.25 -53.87 -62.96
N THR P 234 11.77 -52.90 -63.70
CA THR P 234 12.81 -52.01 -63.21
C THR P 234 12.17 -50.68 -62.79
N VAL P 235 12.29 -50.34 -61.50
CA VAL P 235 11.82 -49.05 -61.02
C VAL P 235 12.85 -47.97 -61.41
N LEU P 236 12.36 -46.88 -62.01
CA LEU P 236 13.21 -45.83 -62.57
C LEU P 236 13.38 -44.60 -61.66
N LEU P 237 12.74 -44.64 -60.50
CA LEU P 237 12.83 -43.53 -59.55
C LEU P 237 14.21 -43.48 -58.89
N ASP P 238 14.73 -42.27 -58.69
CA ASP P 238 15.97 -42.08 -57.92
C ASP P 238 15.68 -42.11 -56.41
N GLU P 239 16.66 -41.75 -55.61
CA GLU P 239 16.55 -41.81 -54.14
C GLU P 239 15.52 -40.83 -53.57
N ASN P 240 15.21 -39.79 -54.35
CA ASN P 240 14.20 -38.80 -53.95
C ASN P 240 12.80 -39.11 -54.47
N GLY P 241 12.69 -40.23 -55.20
CA GLY P 241 11.39 -40.67 -55.72
C GLY P 241 11.01 -40.03 -57.05
N VAL P 242 12.02 -39.58 -57.80
CA VAL P 242 11.82 -38.89 -59.07
C VAL P 242 12.44 -39.69 -60.21
N GLY P 243 11.65 -39.97 -61.24
CA GLY P 243 12.15 -40.66 -62.43
C GLY P 243 12.63 -39.66 -63.48
N PRO P 244 13.18 -40.17 -64.61
CA PRO P 244 13.56 -39.26 -65.71
C PRO P 244 12.41 -38.37 -66.15
N LEU P 245 12.68 -37.09 -66.37
CA LEU P 245 11.66 -36.14 -66.82
C LEU P 245 11.84 -35.81 -68.30
N CYS P 246 10.76 -35.97 -69.06
CA CYS P 246 10.84 -35.94 -70.52
C CYS P 246 10.76 -34.52 -71.09
N LYS P 247 11.92 -33.97 -71.40
CA LYS P 247 12.04 -32.63 -71.97
C LYS P 247 11.45 -32.60 -73.38
N GLY P 248 10.61 -31.61 -73.64
CA GLY P 248 9.93 -31.48 -74.93
C GLY P 248 9.05 -32.67 -75.26
N ASP P 249 8.52 -33.33 -74.23
CA ASP P 249 7.64 -34.49 -74.37
C ASP P 249 8.25 -35.61 -75.23
N GLY P 250 9.55 -35.82 -75.06
CA GLY P 250 10.25 -36.90 -75.75
C GLY P 250 10.88 -37.87 -74.76
N LEU P 251 10.65 -39.15 -74.99
CA LEU P 251 11.23 -40.21 -74.17
C LEU P 251 12.32 -40.91 -74.97
N PHE P 252 13.53 -40.94 -74.42
CA PHE P 252 14.66 -41.57 -75.11
C PHE P 252 14.92 -42.97 -74.59
N ILE P 253 14.98 -43.91 -75.51
CA ILE P 253 15.19 -45.31 -75.18
C ILE P 253 16.39 -45.83 -75.98
N SER P 254 17.36 -46.39 -75.27
CA SER P 254 18.64 -46.83 -75.86
C SER P 254 18.98 -48.23 -75.40
N CYS P 255 19.68 -49.00 -76.24
CA CYS P 255 20.14 -50.33 -75.85
C CYS P 255 21.20 -50.93 -76.77
N ALA P 256 21.80 -52.03 -76.31
CA ALA P 256 22.71 -52.87 -77.08
C ALA P 256 22.61 -54.27 -76.50
N ASP P 257 22.54 -55.27 -77.38
CA ASP P 257 22.45 -56.67 -76.96
C ASP P 257 23.22 -57.60 -77.88
N ILE P 258 24.54 -57.63 -77.70
CA ILE P 258 25.40 -58.55 -78.42
C ILE P 258 25.36 -59.88 -77.66
N VAL P 259 25.04 -60.96 -78.37
CA VAL P 259 24.79 -62.27 -77.73
C VAL P 259 25.84 -63.34 -78.05
N GLY P 260 26.90 -62.95 -78.75
CA GLY P 260 28.00 -63.86 -79.05
C GLY P 260 28.38 -63.95 -80.51
N PHE P 261 29.23 -64.94 -80.82
CA PHE P 261 29.74 -65.16 -82.16
C PHE P 261 28.99 -66.27 -82.87
N LEU P 262 28.75 -66.06 -84.17
CA LEU P 262 28.43 -67.15 -85.07
C LEU P 262 29.75 -67.67 -85.60
N PHE P 263 30.07 -68.91 -85.25
CA PHE P 263 31.29 -69.56 -85.69
C PHE P 263 31.08 -70.26 -87.03
N LYS P 264 31.76 -69.78 -88.07
CA LYS P 264 31.66 -70.36 -89.40
C LYS P 264 32.69 -71.47 -89.64
N THR P 265 32.37 -72.38 -90.56
CA THR P 265 33.21 -73.54 -90.88
C THR P 265 34.69 -73.21 -91.04
N SER P 266 34.97 -72.15 -91.80
CA SER P 266 36.34 -71.73 -92.14
C SER P 266 37.18 -71.33 -90.94
N GLY P 267 36.51 -70.97 -89.85
CA GLY P 267 37.18 -70.34 -88.72
C GLY P 267 36.75 -68.89 -88.54
N LYS P 268 36.15 -68.30 -89.58
CA LYS P 268 35.65 -66.93 -89.51
C LYS P 268 34.56 -66.80 -88.42
N MET P 269 34.50 -65.63 -87.80
CA MET P 269 33.61 -65.38 -86.69
C MET P 269 32.94 -64.01 -86.87
N ALA P 270 31.63 -63.97 -86.66
CA ALA P 270 30.89 -62.70 -86.70
C ALA P 270 30.08 -62.54 -85.42
N LEU P 271 29.97 -61.31 -84.93
CA LEU P 271 29.12 -61.05 -83.75
C LEU P 271 27.65 -60.98 -84.15
N HIS P 272 26.78 -61.31 -83.19
CA HIS P 272 25.33 -61.39 -83.43
C HIS P 272 24.62 -60.63 -82.32
N GLY P 273 23.53 -59.98 -82.67
CA GLY P 273 22.70 -59.26 -81.71
C GLY P 273 21.23 -59.67 -81.79
N LEU P 274 20.50 -59.37 -80.71
CA LEU P 274 19.08 -59.65 -80.62
C LEU P 274 18.30 -58.36 -80.32
N PRO P 275 17.00 -58.32 -80.70
CA PRO P 275 16.14 -57.15 -80.43
C PRO P 275 15.77 -57.05 -78.96
N ARG P 276 15.34 -55.85 -78.56
CA ARG P 276 14.88 -55.61 -77.21
C ARG P 276 13.52 -54.92 -77.20
N TYR P 277 12.64 -55.39 -76.33
CA TYR P 277 11.31 -54.81 -76.18
C TYR P 277 11.28 -53.96 -74.91
N PHE P 278 10.46 -52.91 -74.93
CA PHE P 278 10.25 -52.03 -73.77
C PHE P 278 8.78 -51.71 -73.57
N ASN P 279 8.36 -51.72 -72.31
CA ASN P 279 7.08 -51.17 -71.89
C ASN P 279 7.35 -50.21 -70.74
N VAL P 280 7.24 -48.91 -71.01
CA VAL P 280 7.57 -47.89 -70.04
C VAL P 280 6.28 -47.26 -69.50
N THR P 281 6.19 -47.17 -68.18
CA THR P 281 5.09 -46.50 -67.51
C THR P 281 5.54 -45.09 -67.13
N LEU P 282 4.71 -44.10 -67.47
CA LEU P 282 5.01 -42.70 -67.16
C LEU P 282 3.83 -42.04 -66.47
N ARG P 283 4.12 -41.02 -65.67
CA ARG P 283 3.08 -40.24 -64.99
C ARG P 283 3.36 -38.74 -65.15
N LYS P 284 2.31 -37.93 -65.05
CA LYS P 284 2.44 -36.49 -65.16
C LYS P 284 3.00 -35.89 -63.87
N ARG P 285 3.98 -35.02 -64.00
CA ARG P 285 4.64 -34.39 -62.86
C ARG P 285 4.67 -32.87 -63.04
N TRP P 286 4.26 -32.12 -62.02
CA TRP P 286 4.42 -30.67 -62.01
C TRP P 286 5.88 -30.29 -61.80
N VAL P 287 6.37 -29.36 -62.61
CA VAL P 287 7.76 -28.90 -62.55
C VAL P 287 7.82 -27.38 -62.68
N LYS P 288 8.71 -26.74 -61.94
CA LYS P 288 8.83 -25.28 -61.96
C LYS P 288 10.11 -24.84 -62.68
N GLU Q 10 -12.31 -55.90 -66.00
CA GLU Q 10 -12.44 -55.32 -64.63
C GLU Q 10 -12.49 -56.42 -63.56
N VAL Q 11 -11.45 -56.47 -62.74
CA VAL Q 11 -11.32 -57.49 -61.69
C VAL Q 11 -11.96 -56.98 -60.40
N LEU Q 12 -12.90 -57.76 -59.87
CA LEU Q 12 -13.56 -57.44 -58.61
C LEU Q 12 -12.91 -58.21 -57.46
N SER Q 13 -13.71 -58.59 -56.46
CA SER Q 13 -13.16 -59.21 -55.25
C SER Q 13 -12.96 -60.72 -55.36
N VAL Q 14 -12.07 -61.25 -54.53
CA VAL Q 14 -11.88 -62.69 -54.39
C VAL Q 14 -13.14 -63.30 -53.77
N VAL Q 15 -13.60 -64.41 -54.34
CA VAL Q 15 -14.79 -65.12 -53.85
C VAL Q 15 -14.47 -65.76 -52.49
N THR Q 16 -15.37 -65.54 -51.52
CA THR Q 16 -15.23 -66.17 -50.21
C THR Q 16 -16.12 -67.40 -50.13
N GLY Q 17 -15.64 -68.45 -49.46
CA GLY Q 17 -16.46 -69.65 -49.27
C GLY Q 17 -15.69 -70.96 -49.17
N GLU Q 18 -16.46 -72.03 -49.00
CA GLU Q 18 -15.93 -73.37 -48.74
C GLU Q 18 -14.93 -73.86 -49.81
N ASP Q 19 -15.42 -74.09 -51.02
CA ASP Q 19 -14.59 -74.67 -52.07
C ASP Q 19 -14.09 -73.59 -53.04
N SER Q 20 -13.64 -72.47 -52.49
CA SER Q 20 -13.19 -71.35 -53.31
C SER Q 20 -11.74 -71.50 -53.82
N ILE Q 21 -11.04 -72.52 -53.31
CA ILE Q 21 -9.67 -72.83 -53.74
C ILE Q 21 -9.57 -74.25 -54.29
N THR Q 22 -8.80 -74.42 -55.36
CA THR Q 22 -8.55 -75.74 -55.92
C THR Q 22 -7.09 -75.87 -56.37
N GLN Q 23 -6.62 -77.12 -56.51
CA GLN Q 23 -5.29 -77.39 -57.02
C GLN Q 23 -5.36 -78.28 -58.26
N ILE Q 24 -4.54 -77.94 -59.25
CA ILE Q 24 -4.45 -78.70 -60.51
C ILE Q 24 -3.03 -79.26 -60.65
N GLU Q 25 -2.93 -80.57 -60.82
CA GLU Q 25 -1.64 -81.25 -60.99
C GLU Q 25 -1.51 -81.84 -62.37
N LEU Q 26 -0.32 -81.75 -62.93
N LEU Q 26 -0.33 -81.73 -62.97
CA LEU Q 26 -0.03 -82.38 -64.20
CA LEU Q 26 -0.09 -82.22 -64.33
C LEU Q 26 1.46 -82.45 -64.43
C LEU Q 26 1.39 -82.24 -64.68
N TYR Q 27 1.85 -83.27 -65.40
CA TYR Q 27 3.22 -83.31 -65.87
C TYR Q 27 3.18 -83.19 -67.39
N LEU Q 28 4.26 -82.65 -67.95
CA LEU Q 28 4.40 -82.60 -69.39
C LEU Q 28 5.70 -83.27 -69.81
N ASN Q 29 5.59 -84.32 -70.62
CA ASN Q 29 6.76 -84.96 -71.20
C ASN Q 29 7.37 -84.13 -72.33
N PRO Q 30 8.71 -84.17 -72.48
CA PRO Q 30 9.36 -83.28 -73.45
C PRO Q 30 9.09 -83.68 -74.90
N ARG Q 31 9.10 -82.68 -75.79
CA ARG Q 31 8.88 -82.88 -77.20
C ARG Q 31 10.12 -82.42 -77.97
N MET Q 32 11.16 -83.25 -77.94
CA MET Q 32 12.47 -82.88 -78.47
C MET Q 32 12.59 -83.10 -79.97
N GLY Q 33 11.63 -83.83 -80.55
CA GLY Q 33 11.71 -84.17 -81.98
C GLY Q 33 11.22 -85.59 -82.20
N VAL Q 34 11.73 -86.52 -81.41
CA VAL Q 34 11.09 -87.83 -81.32
C VAL Q 34 10.11 -87.72 -80.15
N ASN Q 35 8.85 -87.48 -80.50
CA ASN Q 35 7.84 -87.00 -79.54
C ASN Q 35 6.89 -88.04 -78.96
N SER Q 36 6.93 -89.25 -79.49
CA SER Q 36 6.08 -90.32 -78.99
C SER Q 36 6.93 -91.51 -78.56
N PRO Q 37 6.55 -92.14 -77.42
CA PRO Q 37 7.15 -93.40 -77.02
C PRO Q 37 6.53 -94.63 -77.68
N ASP Q 38 5.45 -94.44 -78.44
CA ASP Q 38 4.64 -95.57 -78.95
C ASP Q 38 4.87 -95.91 -80.42
N LEU Q 39 5.88 -95.30 -81.05
CA LEU Q 39 6.19 -95.55 -82.45
C LEU Q 39 6.85 -96.92 -82.62
N PRO Q 40 6.54 -97.63 -83.72
CA PRO Q 40 6.98 -99.01 -83.92
C PRO Q 40 8.49 -99.26 -83.73
N THR Q 41 9.33 -98.43 -84.36
CA THR Q 41 10.76 -98.71 -84.44
C THR Q 41 11.70 -97.53 -84.10
N THR Q 42 11.15 -96.33 -83.97
CA THR Q 42 11.97 -95.11 -83.81
C THR Q 42 11.91 -94.52 -82.40
N SER Q 43 11.07 -95.09 -81.54
CA SER Q 43 10.81 -94.54 -80.21
C SER Q 43 11.92 -94.69 -79.18
N ASN Q 44 12.99 -95.42 -79.52
N ASN Q 44 12.97 -95.41 -79.55
CA ASN Q 44 14.14 -95.49 -78.62
CA ASN Q 44 14.17 -95.53 -78.72
C ASN Q 44 14.78 -94.12 -78.40
C ASN Q 44 14.80 -94.15 -78.43
N TRP Q 45 14.55 -93.19 -79.32
CA TRP Q 45 15.08 -91.83 -79.16
C TRP Q 45 14.07 -90.84 -78.60
N TYR Q 46 12.96 -91.37 -78.07
CA TYR Q 46 12.00 -90.54 -77.34
C TYR Q 46 12.72 -89.71 -76.26
N THR Q 47 12.42 -88.40 -76.23
CA THR Q 47 13.07 -87.38 -75.36
C THR Q 47 14.43 -86.88 -75.89
N TYR Q 48 14.76 -87.25 -77.13
CA TYR Q 48 15.96 -86.76 -77.80
C TYR Q 48 15.62 -86.26 -79.20
N THR Q 49 16.56 -85.52 -79.79
CA THR Q 49 16.54 -85.22 -81.21
C THR Q 49 17.24 -86.38 -81.93
N TYR Q 50 17.23 -86.35 -83.26
CA TYR Q 50 18.17 -87.14 -84.05
C TYR Q 50 19.51 -86.40 -84.02
N ASP Q 51 20.43 -86.77 -84.90
CA ASP Q 51 21.76 -86.17 -84.81
C ASP Q 51 21.76 -84.78 -85.46
N LEU Q 52 22.27 -83.81 -84.71
CA LEU Q 52 22.29 -82.42 -85.15
C LEU Q 52 23.62 -82.10 -85.82
N GLN Q 53 23.57 -81.68 -87.08
CA GLN Q 53 24.77 -81.36 -87.85
C GLN Q 53 24.54 -80.18 -88.77
N PRO Q 54 25.53 -79.28 -88.87
CA PRO Q 54 25.48 -78.35 -89.99
C PRO Q 54 25.65 -79.11 -91.30
N LYS Q 55 24.83 -78.78 -92.30
CA LYS Q 55 24.83 -79.48 -93.59
C LYS Q 55 26.15 -79.29 -94.33
N GLY Q 56 26.73 -78.10 -94.22
CA GLY Q 56 28.01 -77.80 -94.89
C GLY Q 56 27.80 -77.20 -96.26
N SER Q 57 26.54 -77.23 -96.72
CA SER Q 57 26.14 -76.59 -97.97
C SER Q 57 24.74 -76.03 -97.79
N SER Q 58 24.42 -75.03 -98.61
CA SER Q 58 23.13 -74.35 -98.59
C SER Q 58 22.08 -75.08 -99.44
N PRO Q 59 20.80 -75.07 -98.98
CA PRO Q 59 20.29 -74.47 -97.75
C PRO Q 59 20.13 -75.50 -96.64
N ASP Q 60 19.90 -75.03 -95.42
CA ASP Q 60 19.58 -75.92 -94.33
C ASP Q 60 18.11 -76.34 -94.48
N GLN Q 61 17.88 -77.66 -94.44
CA GLN Q 61 16.54 -78.22 -94.50
C GLN Q 61 16.32 -79.18 -93.32
N PRO Q 62 16.15 -78.63 -92.10
CA PRO Q 62 16.10 -79.47 -90.90
C PRO Q 62 14.90 -80.41 -90.92
N ILE Q 63 15.07 -81.61 -90.38
CA ILE Q 63 13.96 -82.56 -90.26
C ILE Q 63 13.21 -82.27 -88.96
N LYS Q 64 11.96 -82.73 -88.88
CA LYS Q 64 11.16 -82.48 -87.68
C LYS Q 64 11.76 -83.05 -86.40
N GLU Q 65 12.48 -84.17 -86.54
CA GLU Q 65 13.12 -84.83 -85.38
C GLU Q 65 14.28 -84.03 -84.80
N ASN Q 66 14.73 -82.99 -85.51
CA ASN Q 66 15.80 -82.13 -85.01
C ASN Q 66 15.31 -80.76 -84.55
N LEU Q 67 14.00 -80.66 -84.32
CA LEU Q 67 13.41 -79.39 -83.90
C LEU Q 67 12.65 -79.52 -82.57
N PRO Q 68 13.38 -79.43 -81.43
CA PRO Q 68 12.71 -79.39 -80.13
C PRO Q 68 11.62 -78.33 -80.13
N ALA Q 69 10.47 -78.69 -79.54
CA ALA Q 69 9.29 -77.84 -79.57
C ALA Q 69 8.74 -77.69 -78.15
N TYR Q 70 7.92 -76.66 -77.94
CA TYR Q 70 7.27 -76.44 -76.65
C TYR Q 70 6.25 -77.53 -76.33
N SER Q 71 6.18 -77.87 -75.04
CA SER Q 71 5.10 -78.70 -74.52
C SER Q 71 3.96 -77.78 -74.08
N VAL Q 72 2.72 -78.22 -74.23
CA VAL Q 72 1.57 -77.45 -73.79
C VAL Q 72 0.37 -78.34 -73.51
N ALA Q 73 -0.39 -77.98 -72.47
CA ALA Q 73 -1.66 -78.61 -72.16
C ALA Q 73 -2.64 -77.53 -71.73
N ARG Q 74 -3.90 -77.71 -72.14
CA ARG Q 74 -5.01 -76.95 -71.60
C ARG Q 74 -5.73 -77.86 -70.61
N VAL Q 75 -5.87 -77.41 -69.37
CA VAL Q 75 -6.55 -78.18 -68.34
C VAL Q 75 -7.95 -77.61 -68.13
N SER Q 76 -8.96 -78.47 -68.21
CA SER Q 76 -10.33 -78.08 -67.96
C SER Q 76 -10.56 -77.94 -66.47
N LEU Q 77 -11.12 -76.80 -66.07
CA LEU Q 77 -11.35 -76.49 -64.66
C LEU Q 77 -12.85 -76.63 -64.34
N PRO Q 78 -13.21 -76.75 -63.04
CA PRO Q 78 -14.64 -76.84 -62.70
C PRO Q 78 -15.45 -75.65 -63.22
N MET Q 79 -16.61 -75.95 -63.79
CA MET Q 79 -17.51 -74.91 -64.31
C MET Q 79 -18.04 -74.04 -63.16
N LEU Q 80 -17.96 -72.72 -63.34
CA LEU Q 80 -18.32 -71.78 -62.28
C LEU Q 80 -19.63 -71.04 -62.50
N ASN Q 81 -19.97 -70.81 -63.76
CA ASN Q 81 -21.14 -70.02 -64.12
C ASN Q 81 -22.19 -70.83 -64.89
N THR Q 88 -20.84 -59.86 -65.32
CA THR Q 88 -20.32 -60.20 -64.00
C THR Q 88 -20.37 -61.71 -63.72
N LEU Q 89 -19.20 -62.29 -63.49
CA LEU Q 89 -19.08 -63.75 -63.29
C LEU Q 89 -17.80 -64.16 -62.57
N GLN Q 90 -17.75 -65.42 -62.14
CA GLN Q 90 -16.58 -65.97 -61.46
C GLN Q 90 -15.60 -66.60 -62.45
N MET Q 91 -14.31 -66.42 -62.17
CA MET Q 91 -13.24 -67.03 -62.97
C MET Q 91 -12.22 -67.61 -62.01
N TRP Q 92 -11.61 -68.72 -62.41
CA TRP Q 92 -10.48 -69.26 -61.69
C TRP Q 92 -9.26 -68.36 -61.93
N GLU Q 93 -8.59 -68.03 -60.84
CA GLU Q 93 -7.43 -67.17 -60.87
C GLU Q 93 -6.24 -67.99 -60.38
N ALA Q 94 -5.23 -68.17 -61.23
CA ALA Q 94 -4.03 -68.90 -60.82
C ALA Q 94 -3.18 -68.00 -59.93
N ILE Q 95 -2.87 -68.46 -58.72
CA ILE Q 95 -2.17 -67.61 -57.76
C ILE Q 95 -0.76 -68.04 -57.43
N SER Q 96 -0.49 -69.33 -57.57
CA SER Q 96 0.86 -69.85 -57.33
C SER Q 96 1.03 -71.19 -58.01
N VAL Q 97 2.29 -71.59 -58.16
CA VAL Q 97 2.64 -72.88 -58.74
C VAL Q 97 3.91 -73.44 -58.12
N LYS Q 98 3.90 -74.73 -57.84
CA LYS Q 98 5.13 -75.47 -57.57
C LYS Q 98 5.43 -76.27 -58.83
N THR Q 99 6.60 -76.03 -59.40
CA THR Q 99 6.99 -76.74 -60.61
C THR Q 99 8.41 -77.29 -60.44
N GLU Q 100 8.67 -78.42 -61.09
CA GLU Q 100 9.94 -79.12 -60.93
C GLU Q 100 10.25 -79.87 -62.21
N VAL Q 101 11.52 -79.83 -62.61
CA VAL Q 101 12.02 -80.67 -63.69
C VAL Q 101 12.26 -82.05 -63.10
N VAL Q 102 11.64 -83.05 -63.72
CA VAL Q 102 11.66 -84.43 -63.23
C VAL Q 102 12.77 -85.23 -63.92
N GLY Q 103 13.40 -86.14 -63.17
CA GLY Q 103 14.40 -87.05 -63.74
C GLY Q 103 15.79 -86.44 -63.82
N ILE Q 104 16.02 -85.38 -63.04
CA ILE Q 104 17.34 -84.73 -63.06
C ILE Q 104 18.46 -85.72 -62.72
N SER Q 105 18.21 -86.60 -61.76
CA SER Q 105 19.19 -87.59 -61.31
C SER Q 105 19.63 -88.56 -62.43
N SER Q 106 18.80 -88.74 -63.47
CA SER Q 106 19.14 -89.62 -64.59
C SER Q 106 20.42 -89.19 -65.31
N LEU Q 107 20.76 -87.91 -65.19
CA LEU Q 107 21.90 -87.32 -65.88
C LEU Q 107 23.27 -87.62 -65.24
N ILE Q 108 23.30 -88.35 -64.13
CA ILE Q 108 24.59 -88.80 -63.58
C ILE Q 108 25.16 -89.99 -64.38
N ASN Q 109 24.32 -90.57 -65.23
CA ASN Q 109 24.73 -91.70 -66.08
C ASN Q 109 25.78 -91.26 -67.09
N VAL Q 110 27.01 -91.74 -66.89
CA VAL Q 110 28.14 -91.48 -67.80
C VAL Q 110 28.62 -92.79 -68.46
N HIS Q 111 27.71 -93.74 -68.63
CA HIS Q 111 28.04 -95.05 -69.18
C HIS Q 111 26.98 -95.54 -70.17
N TYR Q 112 26.36 -94.61 -70.89
CA TYR Q 112 25.53 -94.95 -72.05
C TYR Q 112 26.42 -95.77 -73.02
N TRP Q 113 25.89 -96.85 -73.58
CA TRP Q 113 26.74 -97.82 -74.29
C TRP Q 113 27.52 -97.20 -75.46
N ASP Q 114 26.92 -96.20 -76.10
CA ASP Q 114 27.54 -95.52 -77.24
C ASP Q 114 27.98 -94.09 -76.91
N MET Q 115 28.35 -93.84 -75.66
CA MET Q 115 28.74 -92.49 -75.23
C MET Q 115 30.20 -92.20 -75.60
N LYS Q 116 30.44 -91.02 -76.16
CA LYS Q 116 31.81 -90.56 -76.43
C LYS Q 116 32.54 -90.38 -75.10
N ARG Q 117 33.77 -90.89 -75.01
CA ARG Q 117 34.55 -90.78 -73.79
C ARG Q 117 35.19 -89.39 -73.66
N VAL Q 118 35.42 -88.96 -72.42
CA VAL Q 118 36.13 -87.70 -72.16
C VAL Q 118 37.59 -87.80 -72.59
N HIS Q 119 38.15 -89.00 -72.51
CA HIS Q 119 39.49 -89.33 -72.99
C HIS Q 119 39.62 -90.85 -73.00
N ASP Q 120 40.73 -91.36 -73.54
CA ASP Q 120 40.98 -92.80 -73.58
C ASP Q 120 40.76 -93.46 -72.22
N TYR Q 121 39.95 -94.51 -72.21
CA TYR Q 121 39.61 -95.30 -71.00
C TYR Q 121 38.69 -94.59 -70.01
N GLY Q 122 38.26 -93.39 -70.37
CA GLY Q 122 37.44 -92.56 -69.48
C GLY Q 122 35.97 -92.86 -69.52
N ALA Q 123 35.23 -92.24 -68.60
CA ALA Q 123 33.78 -92.32 -68.59
C ALA Q 123 33.26 -91.50 -69.76
N GLY Q 124 31.97 -91.65 -70.05
CA GLY Q 124 31.36 -90.87 -71.11
C GLY Q 124 31.26 -89.39 -70.72
N ILE Q 125 31.25 -88.53 -71.73
CA ILE Q 125 30.95 -87.12 -71.54
C ILE Q 125 29.50 -87.02 -71.08
N PRO Q 126 29.25 -86.46 -69.87
CA PRO Q 126 27.89 -86.39 -69.35
C PRO Q 126 27.02 -85.46 -70.18
N VAL Q 127 25.70 -85.64 -70.10
CA VAL Q 127 24.79 -84.72 -70.76
C VAL Q 127 25.13 -83.30 -70.28
N SER Q 128 25.46 -82.43 -71.24
N SER Q 128 25.52 -82.46 -71.23
CA SER Q 128 25.96 -81.09 -70.96
CA SER Q 128 26.01 -81.10 -70.96
C SER Q 128 25.88 -80.25 -72.23
C SER Q 128 25.83 -80.25 -72.22
N GLY Q 129 26.09 -78.94 -72.09
CA GLY Q 129 26.03 -78.03 -73.23
C GLY Q 129 24.78 -77.15 -73.23
N VAL Q 130 24.10 -77.10 -74.37
CA VAL Q 130 22.99 -76.18 -74.54
C VAL Q 130 21.84 -76.54 -73.62
N ASN Q 131 21.43 -75.58 -72.78
CA ASN Q 131 20.21 -75.68 -71.98
C ASN Q 131 19.21 -74.58 -72.39
N TYR Q 132 17.93 -74.92 -72.35
CA TYR Q 132 16.89 -73.93 -72.50
C TYR Q 132 15.77 -74.37 -71.60
N HIS Q 133 15.37 -73.49 -70.68
CA HIS Q 133 14.39 -73.85 -69.68
C HIS Q 133 13.35 -72.76 -69.57
N MET Q 134 12.09 -73.13 -69.70
CA MET Q 134 11.02 -72.15 -69.55
C MET Q 134 9.73 -72.82 -69.10
N PHE Q 135 8.92 -72.09 -68.35
CA PHE Q 135 7.55 -72.55 -68.10
C PHE Q 135 6.65 -71.33 -68.09
N ALA Q 136 5.36 -71.55 -68.39
CA ALA Q 136 4.37 -70.48 -68.43
C ALA Q 136 3.06 -71.00 -67.89
N ILE Q 137 2.38 -70.15 -67.13
CA ILE Q 137 1.03 -70.40 -66.63
C ILE Q 137 0.14 -69.25 -67.11
N GLY Q 138 -1.00 -69.57 -67.71
CA GLY Q 138 -1.88 -68.51 -68.20
C GLY Q 138 -3.34 -68.91 -68.32
N GLY Q 139 -4.20 -67.90 -68.50
CA GLY Q 139 -5.64 -68.13 -68.67
C GLY Q 139 -6.07 -68.23 -70.12
N GLU Q 140 -5.07 -68.33 -71.01
CA GLU Q 140 -5.26 -68.44 -72.46
C GLU Q 140 -3.91 -68.89 -73.06
N PRO Q 141 -3.88 -69.24 -74.36
CA PRO Q 141 -2.60 -69.71 -74.89
C PRO Q 141 -1.48 -68.67 -74.78
N LEU Q 142 -0.26 -69.14 -74.59
CA LEU Q 142 0.91 -68.26 -74.60
C LEU Q 142 1.07 -67.62 -75.97
N ASP Q 143 1.26 -66.31 -75.97
CA ASP Q 143 1.53 -65.56 -77.21
C ASP Q 143 3.00 -65.71 -77.60
N LEU Q 144 3.23 -66.00 -78.87
CA LEU Q 144 4.58 -66.27 -79.40
C LEU Q 144 5.05 -65.24 -80.43
N GLN Q 145 6.36 -64.97 -80.40
CA GLN Q 145 7.03 -64.13 -81.37
C GLN Q 145 8.03 -64.99 -82.16
N GLY Q 146 8.00 -64.86 -83.48
CA GLY Q 146 8.93 -65.60 -84.33
C GLY Q 146 10.20 -64.82 -84.58
N LEU Q 147 11.34 -65.50 -84.44
CA LEU Q 147 12.66 -64.96 -84.75
C LEU Q 147 13.62 -66.13 -84.95
N VAL Q 148 14.32 -66.16 -86.08
CA VAL Q 148 15.23 -67.27 -86.39
C VAL Q 148 16.67 -66.80 -86.57
N LEU Q 149 17.61 -67.71 -86.31
CA LEU Q 149 19.03 -67.46 -86.54
C LEU Q 149 19.31 -67.16 -88.03
N ASP Q 150 18.67 -67.91 -88.92
CA ASP Q 150 18.91 -67.79 -90.36
C ASP Q 150 17.58 -67.84 -91.12
N TYR Q 151 17.20 -66.73 -91.74
CA TYR Q 151 15.90 -66.63 -92.41
C TYR Q 151 15.82 -67.57 -93.64
N GLN Q 152 16.97 -68.04 -94.10
CA GLN Q 152 17.04 -68.91 -95.28
C GLN Q 152 16.80 -70.37 -94.93
N THR Q 153 16.72 -70.68 -93.65
CA THR Q 153 16.41 -72.04 -93.20
C THR Q 153 15.07 -72.49 -93.79
N GLN Q 154 15.05 -73.68 -94.37
CA GLN Q 154 13.84 -74.23 -94.97
C GLN Q 154 13.24 -75.29 -94.05
N TYR Q 155 12.36 -74.85 -93.17
CA TYR Q 155 11.70 -75.73 -92.23
C TYR Q 155 10.71 -76.66 -92.95
N PRO Q 156 10.46 -77.86 -92.37
CA PRO Q 156 9.51 -78.78 -93.00
C PRO Q 156 8.13 -78.17 -93.09
N LYS Q 157 7.43 -78.40 -94.20
CA LYS Q 157 6.07 -77.89 -94.38
C LYS Q 157 5.09 -78.57 -93.40
N THR Q 158 4.08 -77.82 -92.97
CA THR Q 158 3.14 -78.30 -91.96
C THR Q 158 2.22 -79.41 -92.49
N THR Q 159 2.61 -80.66 -92.22
CA THR Q 159 1.82 -81.88 -92.52
C THR Q 159 2.56 -83.11 -92.05
N GLY Q 162 4.07 -82.19 -88.75
CA GLY Q 162 4.78 -81.05 -89.33
C GLY Q 162 4.70 -79.82 -88.45
N PRO Q 163 5.83 -79.11 -88.29
CA PRO Q 163 5.83 -78.01 -87.33
C PRO Q 163 5.23 -76.72 -87.89
N ILE Q 164 4.70 -75.89 -87.02
CA ILE Q 164 4.25 -74.55 -87.37
C ILE Q 164 5.41 -73.58 -87.21
N THR Q 165 5.80 -72.94 -88.30
CA THR Q 165 6.91 -71.98 -88.28
C THR Q 165 6.45 -70.66 -88.92
N ILE Q 166 7.37 -69.72 -89.11
CA ILE Q 166 7.01 -68.37 -89.55
C ILE Q 166 6.37 -68.39 -90.94
N GLU Q 167 6.89 -69.23 -91.82
CA GLU Q 167 6.33 -69.35 -93.17
C GLU Q 167 4.86 -69.82 -93.11
N THR Q 168 4.57 -70.69 -92.15
CA THR Q 168 3.20 -71.18 -91.94
C THR Q 168 2.23 -70.03 -91.62
N VAL Q 169 2.63 -69.14 -90.73
N VAL Q 169 2.63 -69.15 -90.72
CA VAL Q 169 1.75 -68.06 -90.27
CA VAL Q 169 1.79 -68.05 -90.28
C VAL Q 169 1.72 -66.84 -91.20
C VAL Q 169 1.65 -66.99 -91.36
N LEU Q 170 2.79 -66.63 -91.98
CA LEU Q 170 2.83 -65.54 -92.94
C LEU Q 170 2.18 -65.91 -94.28
N GLY Q 171 2.20 -67.20 -94.62
CA GLY Q 171 1.67 -67.66 -95.91
C GLY Q 171 2.59 -67.29 -97.07
N ARG Q 172 3.87 -67.07 -96.75
CA ARG Q 172 4.91 -66.69 -97.71
C ARG Q 172 6.27 -66.94 -97.06
N LYS Q 173 7.32 -66.97 -97.87
CA LYS Q 173 8.67 -67.22 -97.36
C LYS Q 173 9.15 -66.13 -96.41
N MET Q 174 9.98 -66.52 -95.44
CA MET Q 174 10.67 -65.56 -94.58
C MET Q 174 11.56 -64.64 -95.41
N THR Q 175 11.82 -63.45 -94.87
CA THR Q 175 12.78 -62.50 -95.44
C THR Q 175 13.82 -62.16 -94.36
N PRO Q 176 14.86 -61.38 -94.69
CA PRO Q 176 15.86 -61.04 -93.67
C PRO Q 176 15.30 -60.40 -92.39
N LYS Q 177 14.16 -59.72 -92.47
CA LYS Q 177 13.56 -59.11 -91.27
C LYS Q 177 13.22 -60.14 -90.18
N ASN Q 178 13.11 -61.42 -90.57
CA ASN Q 178 12.80 -62.46 -89.59
C ASN Q 178 13.99 -62.93 -88.74
N GLN Q 179 15.17 -62.37 -89.03
CA GLN Q 179 16.33 -62.51 -88.14
C GLN Q 179 16.29 -61.48 -87.01
N GLY Q 180 15.42 -60.47 -87.17
CA GLY Q 180 15.09 -59.54 -86.09
C GLY Q 180 13.62 -59.68 -85.72
N LEU Q 181 13.07 -58.65 -85.07
CA LEU Q 181 11.67 -58.66 -84.67
C LEU Q 181 10.77 -58.13 -85.79
N ASP Q 182 10.00 -59.06 -86.38
CA ASP Q 182 8.96 -58.77 -87.37
C ASP Q 182 7.62 -58.89 -86.65
N PRO Q 183 6.89 -57.76 -86.48
CA PRO Q 183 5.62 -57.80 -85.74
C PRO Q 183 4.55 -58.68 -86.38
N GLN Q 184 4.73 -59.05 -87.65
CA GLN Q 184 3.79 -59.94 -88.32
C GLN Q 184 4.04 -61.41 -87.97
N ALA Q 185 5.25 -61.73 -87.53
CA ALA Q 185 5.61 -63.11 -87.18
C ALA Q 185 5.15 -63.44 -85.75
N LYS Q 186 3.84 -63.66 -85.60
CA LYS Q 186 3.23 -63.95 -84.30
C LYS Q 186 2.36 -65.19 -84.37
N ALA Q 187 2.25 -65.89 -83.24
CA ALA Q 187 1.42 -67.09 -83.14
C ALA Q 187 0.98 -67.32 -81.70
N LYS Q 188 0.08 -68.27 -81.51
CA LYS Q 188 -0.34 -68.71 -80.18
C LYS Q 188 0.13 -70.13 -79.95
N LEU Q 189 0.64 -70.42 -78.77
CA LEU Q 189 1.09 -71.75 -78.43
C LEU Q 189 -0.14 -72.60 -78.08
N ASP Q 190 -0.74 -73.19 -79.10
CA ASP Q 190 -2.00 -73.91 -78.96
C ASP Q 190 -1.92 -75.41 -79.31
N LYS Q 191 -0.72 -75.90 -79.59
CA LYS Q 191 -0.53 -77.31 -79.95
C LYS Q 191 0.78 -77.87 -79.36
N ASP Q 192 0.66 -78.98 -78.63
CA ASP Q 192 1.79 -79.66 -78.01
C ASP Q 192 2.74 -80.18 -79.09
N GLY Q 193 4.03 -79.92 -78.90
CA GLY Q 193 5.08 -80.45 -79.76
C GLY Q 193 5.06 -80.02 -81.21
N ASN Q 194 4.46 -78.87 -81.50
CA ASN Q 194 4.35 -78.36 -82.87
C ASN Q 194 5.02 -77.02 -83.15
N TYR Q 195 5.35 -76.26 -82.11
CA TYR Q 195 6.01 -74.98 -82.29
C TYR Q 195 7.47 -75.10 -81.90
N PRO Q 196 8.38 -75.06 -82.89
CA PRO Q 196 9.81 -75.22 -82.61
C PRO Q 196 10.37 -74.11 -81.74
N ILE Q 197 11.16 -74.51 -80.76
CA ILE Q 197 11.81 -73.58 -79.86
C ILE Q 197 12.75 -72.63 -80.60
N GLU Q 198 13.45 -73.12 -81.62
CA GLU Q 198 14.43 -72.27 -82.30
C GLU Q 198 13.77 -71.23 -83.20
N VAL Q 199 12.44 -71.31 -83.30
CA VAL Q 199 11.67 -70.41 -84.15
C VAL Q 199 10.85 -69.41 -83.32
N TRP Q 200 10.32 -69.88 -82.19
CA TRP Q 200 9.35 -69.12 -81.42
C TRP Q 200 9.83 -68.86 -79.99
N CYS Q 201 9.62 -67.63 -79.53
CA CYS Q 201 9.86 -67.25 -78.15
C CYS Q 201 8.61 -66.58 -77.57
N PRO Q 202 8.51 -66.49 -76.23
CA PRO Q 202 7.37 -65.73 -75.68
C PRO Q 202 7.34 -64.28 -76.17
N ASP Q 203 6.15 -63.79 -76.52
CA ASP Q 203 5.99 -62.43 -77.01
C ASP Q 203 5.78 -61.47 -75.83
N PRO Q 204 6.79 -60.63 -75.54
CA PRO Q 204 6.65 -59.76 -74.37
C PRO Q 204 5.69 -58.59 -74.57
N SER Q 205 5.26 -58.37 -75.81
CA SER Q 205 4.32 -57.29 -76.13
C SER Q 205 2.86 -57.70 -75.89
N LYS Q 206 2.64 -58.98 -75.65
CA LYS Q 206 1.31 -59.47 -75.30
C LYS Q 206 1.42 -60.19 -73.96
N ASN Q 207 0.79 -61.37 -73.83
CA ASN Q 207 0.87 -62.20 -72.60
C ASN Q 207 0.50 -61.49 -71.28
N GLU Q 208 -0.46 -60.57 -71.37
CA GLU Q 208 -0.99 -59.89 -70.19
C GLU Q 208 -1.59 -60.87 -69.19
N ASN Q 209 -2.19 -61.94 -69.72
CA ASN Q 209 -2.92 -62.91 -68.92
C ASN Q 209 -2.14 -64.23 -68.74
N SER Q 210 -0.82 -64.14 -68.92
CA SER Q 210 0.09 -65.26 -68.66
C SER Q 210 1.29 -64.76 -67.87
N ARG Q 211 1.96 -65.69 -67.18
CA ARG Q 211 3.23 -65.44 -66.50
C ARG Q 211 4.20 -66.45 -67.09
N TYR Q 212 5.37 -65.99 -67.53
CA TYR Q 212 6.37 -66.91 -68.07
C TYR Q 212 7.75 -66.59 -67.52
N TYR Q 213 8.61 -67.60 -67.50
CA TYR Q 213 9.91 -67.54 -66.84
C TYR Q 213 10.81 -68.47 -67.61
N GLY Q 214 11.95 -67.98 -68.07
CA GLY Q 214 12.84 -68.84 -68.84
C GLY Q 214 14.27 -68.40 -68.83
N SER Q 215 15.14 -69.25 -69.38
CA SER Q 215 16.55 -68.96 -69.48
C SER Q 215 17.19 -69.78 -70.60
N ILE Q 216 18.33 -69.32 -71.08
CA ILE Q 216 19.17 -70.11 -71.98
C ILE Q 216 20.60 -70.18 -71.45
N GLN Q 217 21.29 -71.23 -71.86
CA GLN Q 217 22.71 -71.40 -71.62
C GLN Q 217 23.28 -71.99 -72.89
N THR Q 218 24.23 -71.30 -73.52
CA THR Q 218 24.88 -71.88 -74.71
C THR Q 218 26.23 -72.52 -74.33
N GLY Q 219 27.14 -72.66 -75.29
CA GLY Q 219 28.34 -73.49 -75.11
C GLY Q 219 28.08 -74.95 -75.47
N SER Q 220 29.15 -75.67 -75.82
CA SER Q 220 29.03 -77.06 -76.26
C SER Q 220 28.99 -78.10 -75.12
N GLN Q 221 29.83 -77.90 -74.10
CA GLN Q 221 29.96 -78.86 -73.01
C GLN Q 221 29.75 -78.17 -71.66
N THR Q 222 29.09 -77.02 -71.69
CA THR Q 222 28.78 -76.24 -70.49
C THR Q 222 28.04 -77.11 -69.47
N PRO Q 223 28.49 -77.09 -68.20
CA PRO Q 223 27.80 -77.94 -67.22
C PRO Q 223 26.29 -77.67 -67.17
N THR Q 224 25.54 -78.75 -67.09
CA THR Q 224 24.13 -78.67 -66.78
C THR Q 224 24.00 -78.60 -65.28
N VAL Q 225 23.47 -77.48 -64.81
CA VAL Q 225 23.33 -77.17 -63.39
C VAL Q 225 21.85 -76.93 -63.08
N LEU Q 226 21.25 -77.84 -62.32
CA LEU Q 226 19.81 -77.74 -62.04
C LEU Q 226 19.52 -78.05 -60.59
N GLN Q 227 18.47 -77.42 -60.07
CA GLN Q 227 18.00 -77.66 -58.72
C GLN Q 227 16.62 -78.31 -58.70
N PHE Q 228 16.29 -78.92 -57.57
CA PHE Q 228 14.96 -79.48 -57.34
C PHE Q 228 14.67 -79.48 -55.85
N SER Q 229 13.48 -79.01 -55.50
CA SER Q 229 13.02 -78.99 -54.12
C SER Q 229 11.51 -78.82 -54.11
N ASN Q 230 10.84 -79.57 -53.23
CA ASN Q 230 9.40 -79.44 -53.10
C ASN Q 230 9.00 -78.29 -52.16
N THR Q 231 9.96 -77.42 -51.85
CA THR Q 231 9.73 -76.26 -50.97
C THR Q 231 9.70 -74.94 -51.74
N LEU Q 232 9.87 -75.02 -53.06
CA LEU Q 232 9.94 -73.83 -53.91
C LEU Q 232 8.60 -73.52 -54.58
N THR Q 233 8.10 -72.31 -54.35
CA THR Q 233 6.81 -71.85 -54.88
C THR Q 233 7.01 -70.57 -55.68
N THR Q 234 6.37 -70.49 -56.85
CA THR Q 234 6.34 -69.25 -57.63
C THR Q 234 4.98 -68.60 -57.42
N VAL Q 235 4.99 -67.35 -56.97
CA VAL Q 235 3.75 -66.58 -56.82
C VAL Q 235 3.41 -65.97 -58.19
N LEU Q 236 2.15 -66.12 -58.62
CA LEU Q 236 1.74 -65.73 -59.98
C LEU Q 236 0.99 -64.41 -60.05
N LEU Q 237 0.80 -63.77 -58.89
CA LEU Q 237 0.14 -62.48 -58.83
C LEU Q 237 1.00 -61.40 -59.46
N ASP Q 238 0.34 -60.48 -60.17
CA ASP Q 238 1.01 -59.31 -60.73
C ASP Q 238 1.15 -58.22 -59.65
N GLU Q 239 1.62 -57.05 -60.07
CA GLU Q 239 1.83 -55.90 -59.18
C GLU Q 239 0.55 -55.41 -58.48
N ASN Q 240 -0.60 -55.77 -59.05
CA ASN Q 240 -1.90 -55.42 -58.49
C ASN Q 240 -2.56 -56.51 -57.66
N GLY Q 241 -1.85 -57.62 -57.46
CA GLY Q 241 -2.38 -58.74 -56.66
C GLY Q 241 -3.30 -59.67 -57.43
N VAL Q 242 -3.19 -59.65 -58.76
CA VAL Q 242 -4.06 -60.45 -59.62
C VAL Q 242 -3.26 -61.49 -60.44
N GLY Q 243 -3.70 -62.74 -60.36
CA GLY Q 243 -3.10 -63.81 -61.16
C GLY Q 243 -3.78 -63.95 -62.51
N PRO Q 244 -3.24 -64.83 -63.39
CA PRO Q 244 -3.90 -65.14 -64.66
C PRO Q 244 -5.33 -65.62 -64.43
N LEU Q 245 -6.24 -65.11 -65.26
CA LEU Q 245 -7.66 -65.41 -65.15
C LEU Q 245 -8.06 -66.38 -66.27
N CYS Q 246 -8.67 -67.49 -65.87
CA CYS Q 246 -8.87 -68.60 -66.81
C CYS Q 246 -10.13 -68.44 -67.63
N LYS Q 247 -9.96 -67.97 -68.86
CA LYS Q 247 -11.08 -67.79 -69.78
C LYS Q 247 -11.62 -69.13 -70.26
N GLY Q 248 -12.95 -69.25 -70.27
CA GLY Q 248 -13.61 -70.50 -70.64
C GLY Q 248 -13.25 -71.65 -69.73
N ASP Q 249 -12.86 -71.33 -68.49
CA ASP Q 249 -12.45 -72.32 -67.47
C ASP Q 249 -11.33 -73.25 -67.95
N GLY Q 250 -10.39 -72.69 -68.70
CA GLY Q 250 -9.21 -73.43 -69.16
C GLY Q 250 -7.93 -72.83 -68.60
N LEU Q 251 -7.06 -73.68 -68.09
CA LEU Q 251 -5.73 -73.30 -67.62
C LEU Q 251 -4.72 -73.78 -68.64
N PHE Q 252 -3.89 -72.87 -69.13
CA PHE Q 252 -2.85 -73.22 -70.08
C PHE Q 252 -1.50 -73.31 -69.40
N ILE Q 253 -0.83 -74.43 -69.61
CA ILE Q 253 0.47 -74.68 -69.02
C ILE Q 253 1.44 -75.06 -70.14
N SER Q 254 2.56 -74.34 -70.22
CA SER Q 254 3.54 -74.48 -71.28
C SER Q 254 4.94 -74.62 -70.69
N CYS Q 255 5.81 -75.37 -71.36
CA CYS Q 255 7.21 -75.45 -70.93
C CYS Q 255 8.16 -75.99 -71.99
N ALA Q 256 9.45 -75.89 -71.70
CA ALA Q 256 10.51 -76.52 -72.48
C ALA Q 256 11.69 -76.68 -71.54
N ASP Q 257 12.34 -77.85 -71.58
CA ASP Q 257 13.48 -78.15 -70.72
C ASP Q 257 14.53 -78.98 -71.44
N ILE Q 258 15.34 -78.30 -72.25
CA ILE Q 258 16.48 -78.90 -72.95
C ILE Q 258 17.64 -78.91 -71.95
N VAL Q 259 18.22 -80.08 -71.73
CA VAL Q 259 19.21 -80.27 -70.64
C VAL Q 259 20.63 -80.56 -71.14
N GLY Q 260 20.82 -80.53 -72.45
CA GLY Q 260 22.16 -80.71 -73.00
C GLY Q 260 22.23 -81.78 -74.07
N PHE Q 261 23.44 -82.06 -74.52
CA PHE Q 261 23.67 -83.04 -75.58
C PHE Q 261 24.03 -84.40 -75.03
N LEU Q 262 23.53 -85.43 -75.72
CA LEU Q 262 24.09 -86.77 -75.62
C LEU Q 262 25.22 -86.87 -76.65
N PHE Q 263 26.44 -87.05 -76.17
CA PHE Q 263 27.63 -87.16 -77.03
C PHE Q 263 27.87 -88.64 -77.39
N LYS Q 264 27.74 -88.95 -78.68
CA LYS Q 264 27.90 -90.32 -79.17
C LYS Q 264 29.33 -90.61 -79.66
N THR Q 265 29.74 -91.88 -79.60
CA THR Q 265 31.10 -92.30 -79.95
C THR Q 265 31.61 -91.72 -81.27
N SER Q 266 30.76 -91.75 -82.31
CA SER Q 266 31.16 -91.30 -83.65
C SER Q 266 31.49 -89.81 -83.73
N GLY Q 267 30.99 -89.04 -82.76
CA GLY Q 267 31.12 -87.59 -82.79
C GLY Q 267 29.75 -86.94 -82.93
N LYS Q 268 28.76 -87.74 -83.32
CA LYS Q 268 27.41 -87.22 -83.42
C LYS Q 268 26.82 -86.82 -82.07
N MET Q 269 25.90 -85.85 -82.11
CA MET Q 269 25.36 -85.23 -80.92
C MET Q 269 23.86 -85.01 -81.10
N ALA Q 270 23.10 -85.38 -80.07
CA ALA Q 270 21.65 -85.19 -80.06
C ALA Q 270 21.28 -84.38 -78.82
N LEU Q 271 20.31 -83.47 -78.94
CA LEU Q 271 19.80 -82.76 -77.77
C LEU Q 271 18.85 -83.65 -76.96
N HIS Q 272 18.76 -83.39 -75.66
CA HIS Q 272 17.96 -84.21 -74.75
C HIS Q 272 17.10 -83.30 -73.88
N GLY Q 273 15.91 -83.77 -73.51
CA GLY Q 273 15.01 -82.99 -72.67
C GLY Q 273 14.47 -83.81 -71.53
N LEU Q 274 13.96 -83.14 -70.50
CA LEU Q 274 13.34 -83.81 -69.34
C LEU Q 274 11.92 -83.31 -69.15
N PRO Q 275 11.05 -84.12 -68.50
CA PRO Q 275 9.68 -83.68 -68.25
C PRO Q 275 9.61 -82.66 -67.13
N ARG Q 276 8.45 -82.03 -67.00
CA ARG Q 276 8.26 -81.03 -65.95
C ARG Q 276 6.92 -81.27 -65.28
N TYR Q 277 6.92 -81.20 -63.95
CA TYR Q 277 5.71 -81.35 -63.13
C TYR Q 277 5.20 -79.98 -62.70
N PHE Q 278 3.87 -79.86 -62.56
CA PHE Q 278 3.24 -78.64 -62.08
C PHE Q 278 2.19 -78.94 -61.04
N ASN Q 279 2.15 -78.13 -59.98
CA ASN Q 279 1.01 -78.10 -59.08
C ASN Q 279 0.58 -76.64 -58.95
N VAL Q 280 -0.57 -76.32 -59.55
CA VAL Q 280 -1.06 -74.94 -59.61
C VAL Q 280 -2.21 -74.75 -58.61
N THR Q 281 -2.09 -73.74 -57.76
CA THR Q 281 -3.17 -73.36 -56.87
C THR Q 281 -4.02 -72.26 -57.50
N LEU Q 282 -5.33 -72.45 -57.50
CA LEU Q 282 -6.25 -71.46 -58.07
C LEU Q 282 -7.34 -71.07 -57.06
N ARG Q 283 -7.83 -69.85 -57.19
CA ARG Q 283 -8.93 -69.37 -56.37
C ARG Q 283 -10.01 -68.74 -57.26
N LYS Q 284 -11.24 -68.73 -56.76
CA LYS Q 284 -12.33 -68.08 -57.47
C LYS Q 284 -12.28 -66.57 -57.31
N ARG Q 285 -12.46 -65.85 -58.42
CA ARG Q 285 -12.41 -64.39 -58.44
C ARG Q 285 -13.63 -63.84 -59.19
N TRP Q 286 -14.27 -62.82 -58.62
CA TRP Q 286 -15.35 -62.12 -59.31
C TRP Q 286 -14.76 -61.17 -60.36
N VAL Q 287 -15.36 -61.15 -61.56
CA VAL Q 287 -14.91 -60.26 -62.64
C VAL Q 287 -16.11 -59.65 -63.36
N LYS Q 288 -15.88 -58.56 -64.08
CA LYS Q 288 -16.92 -57.92 -64.89
C LYS Q 288 -16.46 -57.72 -66.33
N VAL R 9 -4.57 -86.72 -42.00
CA VAL R 9 -4.65 -86.21 -40.60
C VAL R 9 -4.90 -84.70 -40.54
N GLU R 10 -5.79 -84.28 -39.63
CA GLU R 10 -6.04 -82.87 -39.35
C GLU R 10 -5.11 -82.37 -38.23
N VAL R 11 -4.34 -81.33 -38.53
CA VAL R 11 -3.30 -80.84 -37.62
C VAL R 11 -3.87 -79.86 -36.59
N LEU R 12 -3.69 -80.18 -35.31
CA LEU R 12 -4.15 -79.31 -34.24
C LEU R 12 -2.99 -78.47 -33.69
N SER R 13 -3.01 -78.19 -32.39
CA SER R 13 -2.02 -77.29 -31.79
C SER R 13 -0.72 -78.01 -31.43
N VAL R 14 0.36 -77.24 -31.36
CA VAL R 14 1.64 -77.70 -30.85
C VAL R 14 1.48 -78.03 -29.36
N VAL R 15 2.05 -79.15 -28.93
CA VAL R 15 1.95 -79.59 -27.52
C VAL R 15 2.79 -78.69 -26.62
N THR R 16 2.17 -78.17 -25.57
CA THR R 16 2.86 -77.34 -24.59
C THR R 16 3.46 -78.17 -23.45
N GLY R 17 4.56 -77.68 -22.88
CA GLY R 17 5.12 -78.27 -21.66
C GLY R 17 6.59 -78.61 -21.74
N GLU R 18 7.10 -79.24 -20.69
CA GLU R 18 8.49 -79.70 -20.64
C GLU R 18 8.66 -80.94 -21.51
N ASP R 19 9.84 -81.09 -22.10
CA ASP R 19 10.20 -82.25 -22.93
C ASP R 19 9.34 -82.41 -24.18
N SER R 20 8.75 -81.31 -24.67
CA SER R 20 7.97 -81.35 -25.90
C SER R 20 8.86 -81.18 -27.14
N ILE R 21 10.15 -80.91 -26.91
CA ILE R 21 11.12 -80.76 -27.98
C ILE R 21 12.24 -81.79 -27.84
N THR R 22 12.61 -82.42 -28.96
CA THR R 22 13.74 -83.34 -28.94
C THR R 22 14.65 -83.11 -30.14
N GLN R 23 15.91 -83.56 -30.01
CA GLN R 23 16.86 -83.48 -31.11
C GLN R 23 17.37 -84.86 -31.50
N ILE R 24 17.47 -85.10 -32.80
CA ILE R 24 17.94 -86.35 -33.36
C ILE R 24 19.19 -86.08 -34.18
N GLU R 25 20.25 -86.82 -33.86
CA GLU R 25 21.53 -86.66 -34.52
C GLU R 25 21.93 -87.96 -35.21
N LEU R 26 22.40 -87.86 -36.46
CA LEU R 26 22.97 -89.01 -37.16
C LEU R 26 23.83 -88.62 -38.35
N TYR R 27 24.59 -89.59 -38.84
CA TYR R 27 25.36 -89.45 -40.07
C TYR R 27 25.03 -90.61 -40.98
N LEU R 28 25.08 -90.36 -42.28
CA LEU R 28 24.92 -91.42 -43.26
C LEU R 28 26.16 -91.49 -44.16
N ASN R 29 26.79 -92.66 -44.20
CA ASN R 29 27.92 -92.89 -45.09
C ASN R 29 27.41 -93.10 -46.50
N PRO R 30 28.25 -92.73 -47.51
CA PRO R 30 27.78 -92.80 -48.89
C PRO R 30 27.73 -94.22 -49.42
N ARG R 31 26.82 -94.46 -50.36
CA ARG R 31 26.63 -95.77 -50.94
C ARG R 31 26.85 -95.67 -52.46
N MET R 32 28.12 -95.59 -52.84
CA MET R 32 28.51 -95.30 -54.23
C MET R 32 28.54 -96.53 -55.12
N GLY R 33 28.58 -97.70 -54.51
CA GLY R 33 28.72 -98.95 -55.28
C GLY R 33 29.49 -99.98 -54.49
N VAL R 34 30.64 -99.58 -53.96
CA VAL R 34 31.32 -100.34 -52.94
C VAL R 34 30.79 -99.77 -51.64
N ASN R 35 29.87 -100.50 -51.04
CA ASN R 35 29.00 -99.93 -50.00
C ASN R 35 29.34 -100.29 -48.57
N SER R 36 30.24 -101.25 -48.40
CA SER R 36 30.69 -101.67 -47.08
C SER R 36 32.20 -101.51 -46.94
N PRO R 37 32.65 -101.08 -45.74
CA PRO R 37 34.08 -101.04 -45.41
C PRO R 37 34.56 -102.35 -44.78
N ASP R 38 33.66 -103.31 -44.60
CA ASP R 38 33.91 -104.50 -43.78
C ASP R 38 34.12 -105.79 -44.58
N LEU R 39 34.36 -105.66 -45.88
CA LEU R 39 34.57 -106.82 -46.75
C LEU R 39 36.03 -106.85 -47.24
N PRO R 40 36.90 -107.61 -46.55
CA PRO R 40 38.36 -107.57 -46.76
C PRO R 40 38.82 -107.48 -48.23
N THR R 41 38.26 -108.31 -49.09
CA THR R 41 38.70 -108.40 -50.50
C THR R 41 38.30 -107.22 -51.40
N THR R 42 37.25 -106.48 -51.04
CA THR R 42 36.72 -105.42 -51.93
C THR R 42 36.66 -104.02 -51.32
N SER R 43 36.76 -103.93 -49.99
CA SER R 43 36.47 -102.68 -49.28
C SER R 43 37.46 -101.53 -49.48
N ASN R 44 38.59 -101.80 -50.13
CA ASN R 44 39.54 -100.72 -50.43
C ASN R 44 38.91 -99.58 -51.23
N TRP R 45 37.88 -99.91 -52.01
CA TRP R 45 37.19 -98.92 -52.84
C TRP R 45 35.91 -98.36 -52.24
N TYR R 46 35.70 -98.63 -50.95
CA TYR R 46 34.60 -98.05 -50.20
C TYR R 46 34.54 -96.53 -50.36
N THR R 47 33.35 -96.04 -50.67
CA THR R 47 33.00 -94.64 -51.03
C THR R 47 33.27 -94.27 -52.49
N TYR R 48 33.56 -95.28 -53.31
CA TYR R 48 33.77 -95.08 -54.75
C TYR R 48 32.94 -96.08 -55.55
N THR R 49 32.76 -95.76 -56.83
CA THR R 49 32.31 -96.75 -57.80
C THR R 49 33.53 -97.52 -58.31
N TYR R 50 33.28 -98.54 -59.14
CA TYR R 50 34.34 -99.11 -59.98
C TYR R 50 34.50 -98.20 -61.18
N ASP R 51 35.21 -98.66 -62.21
CA ASP R 51 35.52 -97.78 -63.33
C ASP R 51 34.32 -97.61 -64.26
N LEU R 52 33.95 -96.36 -64.52
CA LEU R 52 32.77 -96.07 -65.34
C LEU R 52 33.17 -95.90 -66.79
N GLN R 53 32.58 -96.73 -67.65
CA GLN R 53 32.94 -96.75 -69.07
C GLN R 53 31.74 -97.05 -69.95
N PRO R 54 31.64 -96.37 -71.11
CA PRO R 54 30.69 -96.82 -72.13
C PRO R 54 31.14 -98.18 -72.69
N LYS R 55 30.20 -99.12 -72.82
CA LYS R 55 30.53 -100.49 -73.23
C LYS R 55 31.07 -100.54 -74.65
N GLY R 56 30.51 -99.71 -75.54
CA GLY R 56 30.94 -99.67 -76.95
C GLY R 56 30.04 -100.50 -77.84
N SER R 57 29.24 -101.36 -77.21
CA SER R 57 28.26 -102.16 -77.91
C SER R 57 27.02 -102.27 -77.04
N SER R 58 25.89 -102.57 -77.69
N SER R 58 25.89 -102.55 -77.68
CA SER R 58 24.59 -102.68 -77.03
CA SER R 58 24.60 -102.65 -76.98
C SER R 58 24.38 -104.09 -76.49
C SER R 58 24.37 -104.07 -76.49
N PRO R 59 23.67 -104.24 -75.36
CA PRO R 59 23.18 -103.20 -74.43
C PRO R 59 24.13 -102.94 -73.26
N ASP R 60 23.93 -101.81 -72.59
CA ASP R 60 24.62 -101.54 -71.34
C ASP R 60 24.12 -102.54 -70.30
N GLN R 61 25.06 -103.16 -69.61
CA GLN R 61 24.77 -104.11 -68.54
C GLN R 61 25.58 -103.69 -67.32
N PRO R 62 25.19 -102.58 -66.66
CA PRO R 62 26.01 -102.05 -65.58
C PRO R 62 26.08 -102.99 -64.38
N ILE R 63 27.24 -103.00 -63.73
CA ILE R 63 27.43 -103.78 -62.50
C ILE R 63 26.98 -102.96 -61.28
N LYS R 64 26.59 -103.65 -60.22
CA LYS R 64 26.10 -102.97 -59.01
C LYS R 64 27.11 -101.97 -58.43
N GLU R 65 28.40 -102.23 -58.65
CA GLU R 65 29.45 -101.36 -58.13
C GLU R 65 29.54 -100.04 -58.90
N ASN R 66 28.89 -99.96 -60.04
CA ASN R 66 28.86 -98.73 -60.82
C ASN R 66 27.56 -97.93 -60.73
N LEU R 67 26.75 -98.24 -59.71
CA LEU R 67 25.46 -97.60 -59.53
C LEU R 67 25.32 -96.95 -58.14
N PRO R 68 25.83 -95.71 -58.00
CA PRO R 68 25.59 -94.98 -56.74
C PRO R 68 24.11 -94.93 -56.41
N ALA R 69 23.81 -95.11 -55.13
CA ALA R 69 22.43 -95.18 -54.65
C ALA R 69 22.22 -94.21 -53.48
N TYR R 70 20.95 -93.95 -53.16
CA TYR R 70 20.60 -93.08 -52.05
C TYR R 70 20.93 -93.72 -50.71
N SER R 71 21.40 -92.90 -49.78
CA SER R 71 21.51 -93.30 -48.38
C SER R 71 20.18 -93.02 -47.71
N VAL R 72 19.78 -93.90 -46.79
CA VAL R 72 18.56 -93.66 -46.01
C VAL R 72 18.62 -94.31 -44.64
N ALA R 73 18.10 -93.60 -43.65
CA ALA R 73 17.85 -94.19 -42.35
C ALA R 73 16.45 -93.84 -41.86
N ARG R 74 15.84 -94.79 -41.15
CA ARG R 74 14.68 -94.52 -40.32
C ARG R 74 15.13 -94.51 -38.86
N VAL R 75 14.91 -93.38 -38.19
CA VAL R 75 15.22 -93.25 -36.77
C VAL R 75 13.91 -93.44 -35.99
N SER R 76 13.93 -94.39 -35.04
CA SER R 76 12.83 -94.55 -34.09
C SER R 76 12.83 -93.37 -33.11
N LEU R 77 11.67 -92.78 -32.90
CA LEU R 77 11.53 -91.63 -32.00
C LEU R 77 10.87 -92.08 -30.69
N PRO R 78 10.98 -91.26 -29.62
CA PRO R 78 10.27 -91.62 -28.39
C PRO R 78 8.77 -91.85 -28.63
N MET R 79 8.24 -92.96 -28.11
CA MET R 79 6.83 -93.29 -28.25
C MET R 79 5.95 -92.28 -27.51
N LEU R 80 4.88 -91.81 -28.16
CA LEU R 80 4.08 -90.72 -27.62
C LEU R 80 2.71 -91.12 -27.11
N ASN R 81 2.16 -92.19 -27.69
CA ASN R 81 0.78 -92.58 -27.43
C ASN R 81 0.70 -93.98 -26.84
N GLU R 82 0.65 -94.06 -25.51
CA GLU R 82 0.50 -95.33 -24.81
C GLU R 82 -0.89 -95.92 -25.11
N ASP R 83 -1.92 -95.08 -25.07
CA ASP R 83 -3.24 -95.46 -25.51
C ASP R 83 -3.87 -94.36 -26.35
N ILE R 84 -4.82 -94.74 -27.21
CA ILE R 84 -5.53 -93.79 -28.06
C ILE R 84 -7.03 -94.07 -27.93
N THR R 85 -7.73 -93.17 -27.25
CA THR R 85 -9.14 -93.36 -26.90
C THR R 85 -10.05 -93.23 -28.12
N CYS R 86 -9.80 -92.22 -28.95
CA CYS R 86 -10.58 -91.99 -30.17
C CYS R 86 -9.67 -91.84 -31.39
N ASP R 87 -9.66 -90.66 -32.00
CA ASP R 87 -8.87 -90.44 -33.20
C ASP R 87 -7.82 -89.33 -33.04
N THR R 88 -7.62 -88.89 -31.80
CA THR R 88 -6.65 -87.82 -31.51
C THR R 88 -5.38 -88.41 -30.92
N LEU R 89 -4.25 -87.94 -31.42
CA LEU R 89 -2.94 -88.44 -30.97
C LEU R 89 -1.85 -87.40 -31.15
N GLN R 90 -0.71 -87.66 -30.53
CA GLN R 90 0.47 -86.82 -30.70
C GLN R 90 1.39 -87.43 -31.73
N MET R 91 2.05 -86.57 -32.51
CA MET R 91 3.07 -86.98 -33.45
C MET R 91 4.26 -86.04 -33.35
N TRP R 92 5.46 -86.59 -33.51
CA TRP R 92 6.65 -85.77 -33.66
C TRP R 92 6.63 -85.00 -34.98
N GLU R 93 6.94 -83.71 -34.90
CA GLU R 93 6.91 -82.84 -36.07
C GLU R 93 8.32 -82.27 -36.27
N ALA R 94 8.93 -82.53 -37.41
CA ALA R 94 10.26 -82.04 -37.70
C ALA R 94 10.17 -80.58 -38.11
N ILE R 95 10.87 -79.71 -37.39
CA ILE R 95 10.73 -78.26 -37.61
C ILE R 95 11.98 -77.60 -38.21
N SER R 96 13.15 -78.17 -37.97
CA SER R 96 14.39 -77.68 -38.56
C SER R 96 15.48 -78.76 -38.63
N VAL R 97 16.44 -78.54 -39.53
CA VAL R 97 17.60 -79.42 -39.61
C VAL R 97 18.89 -78.63 -39.87
N LYS R 98 19.95 -79.03 -39.17
CA LYS R 98 21.30 -78.63 -39.54
C LYS R 98 21.94 -79.82 -40.22
N THR R 99 22.42 -79.62 -41.44
CA THR R 99 23.03 -80.71 -42.21
C THR R 99 24.32 -80.23 -42.87
N GLU R 100 25.25 -81.17 -43.04
CA GLU R 100 26.58 -80.82 -43.51
C GLU R 100 27.23 -82.04 -44.16
N VAL R 101 27.83 -81.83 -45.32
CA VAL R 101 28.66 -82.84 -45.96
C VAL R 101 30.00 -82.89 -45.23
N VAL R 102 30.36 -84.07 -44.74
CA VAL R 102 31.56 -84.26 -43.93
C VAL R 102 32.73 -84.72 -44.81
N GLY R 103 33.93 -84.26 -44.48
CA GLY R 103 35.14 -84.71 -45.15
C GLY R 103 35.46 -83.93 -46.42
N ILE R 104 34.89 -82.74 -46.56
CA ILE R 104 35.09 -81.93 -47.75
C ILE R 104 36.59 -81.62 -47.96
N SER R 105 37.29 -81.39 -46.86
CA SER R 105 38.73 -81.05 -46.90
C SER R 105 39.61 -82.18 -47.46
N SER R 106 39.15 -83.42 -47.35
CA SER R 106 39.87 -84.57 -47.92
C SER R 106 40.13 -84.41 -49.42
N LEU R 107 39.31 -83.59 -50.07
CA LEU R 107 39.39 -83.40 -51.51
C LEU R 107 40.52 -82.47 -51.99
N ILE R 108 41.31 -81.91 -51.07
CA ILE R 108 42.51 -81.15 -51.51
C ILE R 108 43.66 -82.09 -51.90
N ASN R 109 43.50 -83.38 -51.63
CA ASN R 109 44.50 -84.39 -51.96
C ASN R 109 44.66 -84.50 -53.48
N VAL R 110 45.82 -84.08 -53.99
CA VAL R 110 46.13 -84.16 -55.42
C VAL R 110 47.36 -85.04 -55.63
N HIS R 111 47.54 -86.02 -54.73
CA HIS R 111 48.68 -86.93 -54.79
C HIS R 111 48.25 -88.38 -54.47
N TYR R 112 47.05 -88.75 -54.87
CA TYR R 112 46.62 -90.16 -54.85
C TYR R 112 47.62 -90.93 -55.69
N TRP R 113 48.02 -92.11 -55.23
CA TRP R 113 49.16 -92.81 -55.84
C TRP R 113 48.97 -93.08 -57.33
N ASP R 114 47.72 -93.30 -57.75
CA ASP R 114 47.44 -93.60 -59.15
C ASP R 114 46.64 -92.49 -59.82
N MET R 115 46.90 -91.24 -59.43
CA MET R 115 46.13 -90.12 -59.96
C MET R 115 46.66 -89.70 -61.31
N LYS R 116 45.75 -89.49 -62.28
CA LYS R 116 46.14 -88.91 -63.55
C LYS R 116 46.62 -87.47 -63.31
N ARG R 117 47.74 -87.12 -63.93
CA ARG R 117 48.31 -85.79 -63.73
C ARG R 117 47.66 -84.78 -64.66
N VAL R 118 47.61 -83.51 -64.23
N VAL R 118 47.60 -83.52 -64.22
CA VAL R 118 47.08 -82.45 -65.07
CA VAL R 118 47.09 -82.44 -65.06
C VAL R 118 47.98 -82.22 -66.30
C VAL R 118 47.97 -82.26 -66.30
N HIS R 119 49.28 -82.46 -66.14
CA HIS R 119 50.26 -82.44 -67.24
C HIS R 119 51.53 -83.14 -66.75
N ASP R 120 52.48 -83.42 -67.66
CA ASP R 120 53.72 -84.09 -67.28
C ASP R 120 54.39 -83.41 -66.08
N TYR R 121 54.77 -84.22 -65.08
CA TYR R 121 55.40 -83.79 -63.84
C TYR R 121 54.49 -83.04 -62.86
N GLY R 122 53.22 -82.89 -63.23
CA GLY R 122 52.27 -82.09 -62.44
C GLY R 122 51.60 -82.86 -61.31
N ALA R 123 50.79 -82.14 -60.54
CA ALA R 123 49.96 -82.78 -59.50
C ALA R 123 48.83 -83.55 -60.16
N GLY R 124 48.14 -84.38 -59.38
CA GLY R 124 46.96 -85.10 -59.87
C GLY R 124 45.81 -84.16 -60.14
N ILE R 125 44.95 -84.56 -61.08
CA ILE R 125 43.66 -83.89 -61.30
C ILE R 125 42.82 -84.13 -60.04
N PRO R 126 42.40 -83.04 -59.37
CA PRO R 126 41.64 -83.24 -58.14
C PRO R 126 40.25 -83.79 -58.42
N VAL R 127 39.63 -84.40 -57.40
CA VAL R 127 38.25 -84.88 -57.52
C VAL R 127 37.37 -83.75 -58.04
N SER R 128 36.76 -83.97 -59.20
N SER R 128 36.79 -83.96 -59.22
CA SER R 128 35.98 -82.93 -59.87
CA SER R 128 36.04 -82.92 -59.93
C SER R 128 35.05 -83.55 -60.91
C SER R 128 35.03 -83.56 -60.88
N GLY R 129 34.14 -82.75 -61.44
CA GLY R 129 33.21 -83.23 -62.46
C GLY R 129 31.78 -83.38 -61.97
N VAL R 130 31.19 -84.53 -62.24
CA VAL R 130 29.78 -84.74 -61.94
C VAL R 130 29.53 -84.67 -60.43
N ASN R 131 28.64 -83.76 -60.05
CA ASN R 131 28.15 -83.65 -58.67
C ASN R 131 26.65 -83.86 -58.62
N TYR R 132 26.19 -84.48 -57.54
CA TYR R 132 24.78 -84.66 -57.28
C TYR R 132 24.63 -84.63 -55.77
N HIS R 133 23.85 -83.67 -55.29
CA HIS R 133 23.70 -83.46 -53.86
C HIS R 133 22.23 -83.31 -53.52
N MET R 134 21.76 -84.12 -52.58
CA MET R 134 20.36 -84.03 -52.15
C MET R 134 20.25 -84.48 -50.71
N PHE R 135 19.30 -83.92 -49.99
CA PHE R 135 18.88 -84.49 -48.71
C PHE R 135 17.39 -84.31 -48.54
N ALA R 136 16.79 -85.13 -47.70
CA ALA R 136 15.37 -85.12 -47.43
C ALA R 136 15.12 -85.51 -45.99
N ILE R 137 14.13 -84.85 -45.38
CA ILE R 137 13.65 -85.15 -44.05
C ILE R 137 12.14 -85.36 -44.21
N GLY R 138 11.64 -86.49 -43.71
CA GLY R 138 10.23 -86.81 -43.88
C GLY R 138 9.67 -87.66 -42.75
N GLY R 139 8.34 -87.68 -42.66
CA GLY R 139 7.66 -88.50 -41.65
C GLY R 139 7.24 -89.86 -42.19
N GLU R 140 7.72 -90.16 -43.39
CA GLU R 140 7.52 -91.45 -44.07
C GLU R 140 8.60 -91.56 -45.15
N PRO R 141 8.68 -92.72 -45.83
CA PRO R 141 9.72 -92.84 -46.86
C PRO R 141 9.55 -91.82 -47.98
N LEU R 142 10.66 -91.39 -48.56
CA LEU R 142 10.63 -90.46 -49.70
C LEU R 142 9.99 -91.17 -50.88
N ASP R 143 9.02 -90.53 -51.53
CA ASP R 143 8.42 -91.06 -52.74
C ASP R 143 9.36 -90.82 -53.92
N LEU R 144 9.58 -91.88 -54.70
CA LEU R 144 10.49 -91.81 -55.85
C LEU R 144 9.78 -91.97 -57.19
N GLN R 145 10.28 -91.26 -58.20
CA GLN R 145 9.85 -91.38 -59.59
C GLN R 145 11.02 -91.98 -60.39
N GLY R 146 10.70 -92.97 -61.22
CA GLY R 146 11.71 -93.61 -62.08
C GLY R 146 11.80 -92.92 -63.43
N LEU R 147 13.03 -92.68 -63.87
CA LEU R 147 13.31 -92.12 -65.20
C LEU R 147 14.77 -92.42 -65.50
N VAL R 148 15.05 -92.98 -66.68
CA VAL R 148 16.43 -93.32 -67.06
C VAL R 148 16.82 -92.67 -68.37
N LEU R 149 18.14 -92.46 -68.52
CA LEU R 149 18.72 -91.97 -69.76
C LEU R 149 18.43 -92.91 -70.94
N ASP R 150 18.53 -94.21 -70.69
CA ASP R 150 18.39 -95.21 -71.74
C ASP R 150 17.54 -96.39 -71.25
N TYR R 151 16.34 -96.52 -71.80
CA TYR R 151 15.40 -97.56 -71.36
C TYR R 151 15.94 -98.97 -71.66
N GLN R 152 16.91 -99.06 -72.57
CA GLN R 152 17.47 -100.35 -72.97
C GLN R 152 18.54 -100.87 -72.01
N THR R 153 18.96 -100.03 -71.06
CA THR R 153 19.90 -100.44 -70.02
C THR R 153 19.38 -101.68 -69.28
N GLN R 154 20.23 -102.70 -69.14
CA GLN R 154 19.88 -103.92 -68.43
C GLN R 154 20.53 -103.88 -67.06
N TYR R 155 19.78 -103.40 -66.08
CA TYR R 155 20.27 -103.28 -64.71
C TYR R 155 20.33 -104.68 -64.09
N PRO R 156 21.21 -104.86 -63.07
CA PRO R 156 21.28 -106.18 -62.41
C PRO R 156 19.98 -106.53 -61.70
N LYS R 157 19.64 -107.83 -61.66
CA LYS R 157 18.39 -108.25 -61.02
C LYS R 157 18.49 -108.09 -59.51
N THR R 158 17.37 -107.77 -58.87
CA THR R 158 17.31 -107.56 -57.42
C THR R 158 17.64 -108.83 -56.62
N GLY R 162 21.10 -107.08 -54.87
CA GLY R 162 20.80 -106.38 -56.13
C GLY R 162 20.01 -105.10 -55.94
N PRO R 163 20.18 -104.14 -56.89
CA PRO R 163 19.46 -102.87 -56.83
C PRO R 163 17.99 -102.98 -57.23
N ILE R 164 17.17 -102.08 -56.71
CA ILE R 164 15.75 -102.01 -57.08
C ILE R 164 15.62 -100.96 -58.18
N THR R 165 15.17 -101.39 -59.35
CA THR R 165 15.02 -100.48 -60.51
C THR R 165 13.61 -100.54 -61.07
N ILE R 166 13.38 -99.85 -62.19
CA ILE R 166 12.03 -99.75 -62.76
C ILE R 166 11.46 -101.14 -63.10
N GLU R 167 12.28 -101.99 -63.73
CA GLU R 167 11.86 -103.35 -64.05
C GLU R 167 11.40 -104.10 -62.81
N THR R 168 12.13 -103.92 -61.71
CA THR R 168 11.77 -104.51 -60.41
C THR R 168 10.33 -104.16 -60.01
N VAL R 169 9.94 -102.89 -60.18
N VAL R 169 9.96 -102.89 -60.17
CA VAL R 169 8.63 -102.42 -59.72
CA VAL R 169 8.65 -102.40 -59.74
C VAL R 169 7.49 -102.61 -60.72
C VAL R 169 7.53 -102.76 -60.72
N LEU R 170 7.81 -102.61 -62.01
CA LEU R 170 6.82 -102.88 -63.05
C LEU R 170 6.50 -104.36 -63.21
N GLY R 171 7.47 -105.21 -62.86
CA GLY R 171 7.35 -106.67 -63.04
C GLY R 171 7.49 -107.04 -64.51
N ARG R 172 8.06 -106.12 -65.29
CA ARG R 172 8.23 -106.27 -66.73
C ARG R 172 9.29 -105.30 -67.22
N LYS R 173 9.81 -105.55 -68.43
CA LYS R 173 10.86 -104.72 -69.00
C LYS R 173 10.43 -103.26 -69.19
N MET R 174 11.39 -102.35 -69.06
CA MET R 174 11.15 -100.94 -69.41
C MET R 174 10.81 -100.83 -70.89
N THR R 175 10.13 -99.75 -71.24
CA THR R 175 9.81 -99.41 -72.63
C THR R 175 10.27 -97.96 -72.88
N PRO R 176 10.17 -97.46 -74.13
CA PRO R 176 10.66 -96.09 -74.38
C PRO R 176 10.08 -95.01 -73.46
N LYS R 177 8.87 -95.22 -72.94
CA LYS R 177 8.24 -94.21 -72.07
C LYS R 177 8.98 -93.98 -70.74
N ASN R 178 9.89 -94.89 -70.39
CA ASN R 178 10.65 -94.75 -69.17
C ASN R 178 11.86 -93.82 -69.32
N GLN R 179 12.05 -93.31 -70.53
CA GLN R 179 12.96 -92.18 -70.77
C GLN R 179 12.29 -90.83 -70.44
N GLY R 180 10.96 -90.87 -70.35
CA GLY R 180 10.17 -89.73 -69.85
C GLY R 180 9.52 -90.12 -68.53
N LEU R 181 8.47 -89.40 -68.15
CA LEU R 181 7.77 -89.66 -66.89
C LEU R 181 6.66 -90.68 -67.13
N ASP R 182 6.87 -91.89 -66.64
CA ASP R 182 5.85 -92.95 -66.67
C ASP R 182 5.30 -93.02 -65.25
N PRO R 183 4.01 -92.63 -65.06
CA PRO R 183 3.43 -92.60 -63.71
C PRO R 183 3.36 -93.97 -63.00
N GLN R 184 3.61 -95.06 -63.70
CA GLN R 184 3.68 -96.38 -63.06
C GLN R 184 5.04 -96.66 -62.45
N ALA R 185 6.07 -95.95 -62.90
CA ALA R 185 7.43 -96.14 -62.41
C ALA R 185 7.63 -95.36 -61.13
N LYS R 186 7.06 -95.88 -60.04
CA LYS R 186 7.10 -95.20 -58.75
C LYS R 186 7.54 -96.18 -57.67
N ALA R 187 8.24 -95.66 -56.67
CA ALA R 187 8.76 -96.46 -55.57
C ALA R 187 8.87 -95.62 -54.31
N LYS R 188 9.16 -96.27 -53.19
CA LYS R 188 9.45 -95.58 -51.95
C LYS R 188 10.89 -95.88 -51.54
N LEU R 189 11.61 -94.84 -51.11
CA LEU R 189 12.98 -95.01 -50.62
C LEU R 189 12.99 -95.66 -49.23
N ASP R 190 12.92 -96.99 -49.21
CA ASP R 190 12.77 -97.72 -47.96
C ASP R 190 13.97 -98.62 -47.63
N LYS R 191 15.04 -98.54 -48.43
CA LYS R 191 16.24 -99.36 -48.21
C LYS R 191 17.50 -98.60 -48.56
N ASP R 192 18.45 -98.62 -47.62
CA ASP R 192 19.72 -97.93 -47.79
C ASP R 192 20.57 -98.62 -48.85
N GLY R 193 21.11 -97.82 -49.77
CA GLY R 193 22.07 -98.30 -50.76
C GLY R 193 21.52 -99.22 -51.83
N ASN R 194 20.19 -99.22 -52.00
CA ASN R 194 19.52 -100.12 -52.95
C ASN R 194 18.80 -99.46 -54.13
N TYR R 195 18.55 -98.15 -54.04
CA TYR R 195 17.87 -97.42 -55.13
C TYR R 195 18.87 -96.55 -55.90
N PRO R 196 19.25 -96.97 -57.13
CA PRO R 196 20.22 -96.20 -57.91
C PRO R 196 19.78 -94.78 -58.18
N ILE R 197 20.71 -93.85 -57.98
CA ILE R 197 20.47 -92.45 -58.28
C ILE R 197 20.15 -92.23 -59.77
N GLU R 198 20.81 -92.96 -60.68
CA GLU R 198 20.58 -92.71 -62.12
C GLU R 198 19.21 -93.21 -62.60
N VAL R 199 18.51 -93.91 -61.72
CA VAL R 199 17.19 -94.47 -62.03
C VAL R 199 16.06 -93.71 -61.33
N TRP R 200 16.29 -93.30 -60.08
CA TRP R 200 15.24 -92.72 -59.24
C TRP R 200 15.51 -91.27 -58.83
N CYS R 201 14.47 -90.45 -58.89
CA CYS R 201 14.52 -89.08 -58.39
C CYS R 201 13.33 -88.86 -57.45
N PRO R 202 13.39 -87.83 -56.59
CA PRO R 202 12.20 -87.59 -55.75
C PRO R 202 10.97 -87.28 -56.62
N ASP R 203 9.81 -87.78 -56.19
CA ASP R 203 8.56 -87.62 -56.92
C ASP R 203 7.83 -86.34 -56.46
N PRO R 204 7.81 -85.30 -57.31
CA PRO R 204 7.18 -84.04 -56.89
C PRO R 204 5.65 -84.12 -56.80
N SER R 205 5.07 -85.18 -57.36
CA SER R 205 3.62 -85.37 -57.32
C SER R 205 3.16 -85.94 -55.98
N LYS R 206 4.12 -86.39 -55.18
CA LYS R 206 3.82 -86.90 -53.85
C LYS R 206 4.65 -86.14 -52.83
N ASN R 207 5.22 -86.84 -51.84
CA ASN R 207 6.09 -86.25 -50.83
C ASN R 207 5.50 -85.07 -50.05
N GLU R 208 4.20 -85.10 -49.83
CA GLU R 208 3.51 -84.08 -49.03
C GLU R 208 4.13 -83.98 -47.63
N ASN R 209 4.57 -85.13 -47.13
CA ASN R 209 5.04 -85.24 -45.75
C ASN R 209 6.56 -85.36 -45.65
N SER R 210 7.26 -84.87 -46.67
CA SER R 210 8.72 -84.79 -46.67
C SER R 210 9.13 -83.43 -47.22
N ARG R 211 10.36 -83.03 -46.91
CA ARG R 211 10.98 -81.88 -47.54
C ARG R 211 12.27 -82.39 -48.16
N TYR R 212 12.48 -82.10 -49.45
CA TYR R 212 13.74 -82.49 -50.08
C TYR R 212 14.39 -81.32 -50.83
N TYR R 213 15.71 -81.37 -50.93
CA TYR R 213 16.48 -80.29 -51.54
C TYR R 213 17.62 -80.95 -52.29
N GLY R 214 17.79 -80.62 -53.57
CA GLY R 214 18.84 -81.24 -54.36
C GLY R 214 19.34 -80.42 -55.51
N SER R 215 20.49 -80.81 -56.05
CA SER R 215 21.02 -80.19 -57.26
C SER R 215 21.88 -81.19 -58.03
N ILE R 216 22.09 -80.90 -59.31
CA ILE R 216 23.07 -81.64 -60.11
C ILE R 216 24.04 -80.64 -60.78
N GLN R 217 25.22 -81.14 -61.12
CA GLN R 217 26.21 -80.42 -61.89
C GLN R 217 26.84 -81.44 -62.82
N THR R 218 26.67 -81.27 -64.13
CA THR R 218 27.34 -82.17 -65.06
C THR R 218 28.68 -81.58 -65.55
N GLY R 219 29.28 -82.16 -66.58
CA GLY R 219 30.64 -81.80 -66.98
C GLY R 219 31.65 -82.82 -66.45
N SER R 220 32.79 -82.94 -67.12
CA SER R 220 33.76 -83.97 -66.79
C SER R 220 34.75 -83.54 -65.72
N GLN R 221 35.19 -82.29 -65.78
CA GLN R 221 36.17 -81.77 -64.82
C GLN R 221 35.68 -80.50 -64.15
N THR R 222 34.37 -80.29 -64.17
CA THR R 222 33.75 -79.13 -63.52
C THR R 222 34.19 -79.06 -62.05
N PRO R 223 34.62 -77.87 -61.59
CA PRO R 223 35.05 -77.73 -60.20
C PRO R 223 34.00 -78.19 -59.21
N THR R 224 34.42 -78.98 -58.23
CA THR R 224 33.57 -79.27 -57.10
C THR R 224 33.67 -78.08 -56.14
N VAL R 225 32.52 -77.48 -55.87
CA VAL R 225 32.43 -76.25 -55.08
C VAL R 225 31.44 -76.52 -53.96
N LEU R 226 31.95 -76.68 -52.75
CA LEU R 226 31.10 -77.02 -51.61
C LEU R 226 31.34 -76.08 -50.45
N GLN R 227 30.29 -75.87 -49.64
CA GLN R 227 30.40 -75.06 -48.43
C GLN R 227 30.11 -75.90 -47.20
N PHE R 228 30.62 -75.46 -46.06
CA PHE R 228 30.34 -76.09 -44.78
C PHE R 228 30.38 -75.04 -43.67
N SER R 229 29.36 -75.08 -42.82
CA SER R 229 29.26 -74.18 -41.67
C SER R 229 28.28 -74.75 -40.67
N ASN R 230 28.62 -74.65 -39.38
CA ASN R 230 27.70 -75.09 -38.34
C ASN R 230 26.69 -74.01 -37.94
N THR R 231 26.58 -72.96 -38.74
CA THR R 231 25.67 -71.83 -38.42
C THR R 231 24.42 -71.82 -39.29
N LEU R 232 24.29 -72.80 -40.18
CA LEU R 232 23.24 -72.83 -41.19
C LEU R 232 22.13 -73.81 -40.82
N THR R 233 20.91 -73.30 -40.76
CA THR R 233 19.75 -74.11 -40.44
C THR R 233 18.73 -74.04 -41.58
N THR R 234 18.14 -75.20 -41.90
CA THR R 234 17.02 -75.28 -42.83
C THR R 234 15.74 -75.43 -42.02
N VAL R 235 14.82 -74.50 -42.22
CA VAL R 235 13.49 -74.57 -41.61
C VAL R 235 12.64 -75.53 -42.44
N LEU R 236 11.99 -76.49 -41.76
CA LEU R 236 11.24 -77.55 -42.44
C LEU R 236 9.73 -77.29 -42.50
N LEU R 237 9.29 -76.18 -41.90
CA LEU R 237 7.87 -75.84 -41.87
C LEU R 237 7.36 -75.46 -43.26
N ASP R 238 6.17 -75.92 -43.60
CA ASP R 238 5.52 -75.51 -44.85
C ASP R 238 4.88 -74.11 -44.70
N GLU R 239 4.14 -73.70 -45.73
CA GLU R 239 3.48 -72.39 -45.78
C GLU R 239 2.47 -72.19 -44.64
N ASN R 240 1.87 -73.28 -44.17
CA ASN R 240 0.94 -73.22 -43.05
C ASN R 240 1.61 -73.39 -41.67
N GLY R 241 2.94 -73.45 -41.66
CA GLY R 241 3.70 -73.57 -40.42
C GLY R 241 3.80 -74.98 -39.85
N VAL R 242 3.66 -75.98 -40.72
CA VAL R 242 3.65 -77.38 -40.30
C VAL R 242 4.81 -78.13 -40.96
N GLY R 243 5.61 -78.81 -40.13
CA GLY R 243 6.71 -79.63 -40.64
C GLY R 243 6.26 -81.06 -40.86
N PRO R 244 7.14 -81.90 -41.45
CA PRO R 244 6.81 -83.32 -41.63
C PRO R 244 6.37 -83.97 -40.31
N LEU R 245 5.29 -84.76 -40.36
CA LEU R 245 4.77 -85.45 -39.19
C LEU R 245 5.13 -86.93 -39.26
N CYS R 246 5.73 -87.44 -38.18
CA CYS R 246 6.32 -88.77 -38.17
C CYS R 246 5.30 -89.84 -37.84
N LYS R 247 4.71 -90.40 -38.89
CA LYS R 247 3.67 -91.42 -38.78
C LYS R 247 4.29 -92.73 -38.33
N GLY R 248 3.80 -93.23 -37.19
CA GLY R 248 4.38 -94.41 -36.57
C GLY R 248 5.68 -94.14 -35.83
N ASP R 249 5.88 -92.87 -35.43
CA ASP R 249 7.04 -92.47 -34.62
C ASP R 249 8.40 -92.78 -35.28
N GLY R 250 8.45 -92.64 -36.61
CA GLY R 250 9.70 -92.85 -37.35
C GLY R 250 10.06 -91.63 -38.19
N LEU R 251 11.32 -91.22 -38.09
CA LEU R 251 11.85 -90.11 -38.89
C LEU R 251 12.73 -90.65 -40.01
N PHE R 252 12.40 -90.26 -41.24
CA PHE R 252 13.12 -90.70 -42.44
C PHE R 252 14.11 -89.65 -42.92
N ILE R 253 15.37 -90.06 -43.00
CA ILE R 253 16.45 -89.20 -43.43
C ILE R 253 17.09 -89.84 -44.64
N SER R 254 17.20 -89.08 -45.73
CA SER R 254 17.67 -89.60 -47.02
C SER R 254 18.64 -88.61 -47.62
N CYS R 255 19.64 -89.10 -48.35
CA CYS R 255 20.56 -88.21 -49.05
C CYS R 255 21.39 -88.90 -50.12
N ALA R 256 22.13 -88.09 -50.88
CA ALA R 256 23.17 -88.53 -51.81
C ALA R 256 24.14 -87.38 -52.00
N ASP R 257 25.43 -87.67 -51.99
CA ASP R 257 26.45 -86.64 -52.18
C ASP R 257 27.61 -87.11 -53.06
N ILE R 258 27.39 -87.08 -54.37
CA ILE R 258 28.44 -87.40 -55.34
C ILE R 258 29.28 -86.14 -55.53
N VAL R 259 30.58 -86.25 -55.30
CA VAL R 259 31.47 -85.08 -55.30
C VAL R 259 32.45 -85.04 -56.48
N GLY R 260 32.33 -85.98 -57.40
CA GLY R 260 33.13 -85.97 -58.62
C GLY R 260 33.87 -87.26 -58.89
N PHE R 261 34.74 -87.23 -59.88
CA PHE R 261 35.52 -88.39 -60.31
C PHE R 261 36.90 -88.41 -59.69
N LEU R 262 37.36 -89.61 -59.35
CA LEU R 262 38.77 -89.88 -59.15
C LEU R 262 39.33 -90.28 -60.52
N PHE R 263 40.27 -89.46 -61.02
CA PHE R 263 40.90 -89.68 -62.32
C PHE R 263 42.16 -90.52 -62.14
N LYS R 264 42.14 -91.71 -62.74
CA LYS R 264 43.26 -92.65 -62.63
C LYS R 264 44.21 -92.53 -63.82
N THR R 265 45.48 -92.88 -63.58
CA THR R 265 46.57 -92.68 -64.55
C THR R 265 46.22 -93.15 -65.96
N SER R 266 45.63 -94.34 -66.07
CA SER R 266 45.31 -94.95 -67.36
C SER R 266 44.26 -94.15 -68.15
N GLY R 267 43.48 -93.35 -67.43
CA GLY R 267 42.37 -92.63 -68.02
C GLY R 267 41.06 -93.08 -67.40
N LYS R 268 41.08 -94.20 -66.68
CA LYS R 268 39.87 -94.68 -66.03
C LYS R 268 39.38 -93.71 -64.94
N MET R 269 38.07 -93.71 -64.70
CA MET R 269 37.43 -92.74 -63.82
C MET R 269 36.37 -93.44 -62.98
N ALA R 270 36.37 -93.16 -61.68
CA ALA R 270 35.36 -93.66 -60.76
C ALA R 270 34.73 -92.47 -60.05
N LEU R 271 33.43 -92.55 -59.77
CA LEU R 271 32.75 -91.52 -58.99
C LEU R 271 33.04 -91.74 -57.51
N HIS R 272 32.94 -90.66 -56.72
CA HIS R 272 33.27 -90.68 -55.30
C HIS R 272 32.17 -89.90 -54.55
N GLY R 273 31.87 -90.34 -53.34
CA GLY R 273 30.87 -89.70 -52.48
C GLY R 273 31.43 -89.38 -51.10
N LEU R 274 30.77 -88.44 -50.41
CA LEU R 274 31.11 -88.11 -49.03
C LEU R 274 29.90 -88.34 -48.11
N PRO R 275 30.16 -88.53 -46.80
CA PRO R 275 29.08 -88.73 -45.82
C PRO R 275 28.38 -87.43 -45.51
N ARG R 276 27.22 -87.52 -44.88
CA ARG R 276 26.46 -86.33 -44.52
C ARG R 276 26.00 -86.48 -43.08
N TYR R 277 26.12 -85.39 -42.33
CA TYR R 277 25.66 -85.32 -40.96
C TYR R 277 24.30 -84.59 -40.89
N PHE R 278 23.46 -84.98 -39.94
CA PHE R 278 22.17 -84.34 -39.71
C PHE R 278 21.93 -84.14 -38.21
N ASN R 279 21.38 -82.98 -37.88
CA ASN R 279 20.85 -82.72 -36.54
C ASN R 279 19.44 -82.13 -36.70
N VAL R 280 18.43 -82.97 -36.43
CA VAL R 280 17.03 -82.57 -36.64
C VAL R 280 16.37 -82.21 -35.31
N THR R 281 15.70 -81.05 -35.30
CA THR R 281 14.90 -80.63 -34.14
C THR R 281 13.43 -80.99 -34.43
N LEU R 282 12.79 -81.64 -33.45
CA LEU R 282 11.38 -82.02 -33.55
C LEU R 282 10.59 -81.59 -32.33
N ARG R 283 9.31 -81.28 -32.55
CA ARG R 283 8.39 -80.95 -31.46
C ARG R 283 7.14 -81.83 -31.52
N LYS R 284 6.47 -81.97 -30.38
CA LYS R 284 5.22 -82.71 -30.30
C LYS R 284 4.06 -81.89 -30.83
N ARG R 285 3.19 -82.53 -31.61
CA ARG R 285 2.07 -81.87 -32.24
C ARG R 285 0.83 -82.74 -32.10
N TRP R 286 -0.28 -82.13 -31.65
CA TRP R 286 -1.57 -82.83 -31.64
C TRP R 286 -2.11 -82.95 -33.05
N VAL R 287 -2.58 -84.15 -33.39
CA VAL R 287 -3.23 -84.39 -34.68
C VAL R 287 -4.52 -85.20 -34.51
N LYS R 288 -5.40 -85.12 -35.50
CA LYS R 288 -6.67 -85.83 -35.47
C LYS R 288 -6.77 -86.76 -36.68
N ASN R 289 -6.97 -88.05 -36.38
CA ASN R 289 -7.04 -89.17 -37.34
C ASN R 289 -5.71 -89.89 -37.56
N VAL S 9 26.56 -75.88 -18.44
CA VAL S 9 26.61 -74.40 -18.26
C VAL S 9 25.23 -73.77 -18.46
N GLU S 10 24.91 -72.76 -17.64
CA GLU S 10 23.68 -72.00 -17.78
C GLU S 10 24.03 -70.55 -18.08
N VAL S 11 23.57 -70.06 -19.23
CA VAL S 11 23.88 -68.69 -19.66
C VAL S 11 22.89 -67.71 -19.05
N LEU S 12 23.44 -66.72 -18.32
CA LEU S 12 22.63 -65.69 -17.69
C LEU S 12 22.67 -64.39 -18.51
N SER S 13 22.57 -63.24 -17.83
CA SER S 13 22.48 -61.96 -18.51
C SER S 13 23.83 -61.42 -18.97
N VAL S 14 23.81 -60.60 -20.02
CA VAL S 14 24.96 -59.82 -20.45
C VAL S 14 25.34 -58.84 -19.33
N VAL S 15 26.64 -58.76 -19.03
CA VAL S 15 27.16 -57.87 -18.00
C VAL S 15 27.14 -56.43 -18.52
N THR S 16 26.57 -55.52 -17.73
CA THR S 16 26.56 -54.10 -18.08
C THR S 16 27.65 -53.37 -17.30
N GLY S 17 28.18 -52.31 -17.89
CA GLY S 17 29.26 -51.54 -17.27
C GLY S 17 30.18 -50.91 -18.31
N GLU S 18 31.12 -50.09 -17.84
CA GLU S 18 32.00 -49.33 -18.72
C GLU S 18 32.89 -50.21 -19.61
N ASP S 19 33.69 -51.07 -19.00
CA ASP S 19 34.67 -51.87 -19.73
C ASP S 19 34.20 -53.31 -19.99
N SER S 20 32.94 -53.46 -20.38
CA SER S 20 32.36 -54.78 -20.60
C SER S 20 32.57 -55.33 -22.03
N ILE S 21 33.00 -54.47 -22.94
CA ILE S 21 33.31 -54.89 -24.31
C ILE S 21 34.82 -54.76 -24.58
N THR S 22 35.40 -55.77 -25.23
CA THR S 22 36.80 -55.70 -25.63
C THR S 22 36.97 -56.18 -27.08
N GLN S 23 38.08 -55.77 -27.70
CA GLN S 23 38.42 -56.19 -29.06
C GLN S 23 39.78 -56.88 -29.10
N ILE S 24 39.86 -57.96 -29.88
CA ILE S 24 41.09 -58.73 -30.04
C ILE S 24 41.48 -58.76 -31.51
N GLU S 25 42.72 -58.37 -31.80
CA GLU S 25 43.26 -58.39 -33.16
C GLU S 25 44.37 -59.41 -33.28
N LEU S 26 44.45 -60.07 -34.44
CA LEU S 26 45.58 -60.95 -34.73
C LEU S 26 45.56 -61.41 -36.17
N TYR S 27 46.71 -61.91 -36.60
CA TYR S 27 46.83 -62.55 -37.90
C TYR S 27 47.47 -63.91 -37.76
N LEU S 28 47.13 -64.80 -38.68
CA LEU S 28 47.69 -66.14 -38.73
C LEU S 28 48.32 -66.36 -40.09
N ASN S 29 49.62 -66.59 -40.10
CA ASN S 29 50.34 -66.93 -41.33
C ASN S 29 50.08 -68.38 -41.73
N PRO S 30 50.05 -68.66 -43.04
CA PRO S 30 49.69 -69.99 -43.56
C PRO S 30 50.73 -71.07 -43.24
N ARG S 31 50.22 -72.28 -43.04
CA ARG S 31 51.06 -73.43 -42.73
C ARG S 31 50.89 -74.47 -43.85
N MET S 32 51.51 -74.18 -45.00
CA MET S 32 51.32 -75.00 -46.20
C MET S 32 52.20 -76.27 -46.25
N GLY S 33 53.22 -76.32 -45.40
CA GLY S 33 54.16 -77.43 -45.43
C GLY S 33 55.58 -76.97 -45.16
N VAL S 34 55.97 -75.89 -45.82
CA VAL S 34 57.14 -75.13 -45.39
C VAL S 34 56.60 -74.03 -44.46
N ASN S 35 56.69 -74.30 -43.16
CA ASN S 35 55.91 -73.58 -42.17
C ASN S 35 56.61 -72.44 -41.45
N SER S 36 57.94 -72.40 -41.58
CA SER S 36 58.72 -71.34 -40.97
C SER S 36 59.50 -70.55 -42.01
N PRO S 37 59.57 -69.21 -41.85
CA PRO S 37 60.41 -68.36 -42.69
C PRO S 37 61.87 -68.25 -42.20
N ASP S 38 62.16 -68.84 -41.03
CA ASP S 38 63.44 -68.63 -40.35
C ASP S 38 64.42 -69.81 -40.44
N LEU S 39 64.20 -70.69 -41.41
CA LEU S 39 65.06 -71.87 -41.57
C LEU S 39 66.27 -71.54 -42.47
N PRO S 40 67.39 -72.27 -42.29
CA PRO S 40 68.63 -71.92 -42.99
C PRO S 40 68.59 -72.05 -44.52
N THR S 41 68.05 -73.16 -45.03
CA THR S 41 68.16 -73.49 -46.46
C THR S 41 66.83 -73.65 -47.20
N THR S 42 65.74 -73.85 -46.48
CA THR S 42 64.46 -74.27 -47.08
C THR S 42 63.38 -73.19 -47.10
N SER S 43 63.59 -72.11 -46.35
CA SER S 43 62.57 -71.09 -46.12
C SER S 43 62.12 -70.26 -47.32
N ASN S 44 62.84 -70.37 -48.43
N ASN S 44 62.82 -70.36 -48.45
CA ASN S 44 62.42 -69.74 -49.69
CA ASN S 44 62.38 -69.69 -49.67
C ASN S 44 61.03 -70.20 -50.15
C ASN S 44 61.01 -70.20 -50.15
N TRP S 45 60.63 -71.38 -49.69
CA TRP S 45 59.30 -71.93 -50.01
C TRP S 45 58.26 -71.74 -48.90
N TYR S 46 58.58 -70.87 -47.93
CA TYR S 46 57.60 -70.45 -46.92
C TYR S 46 56.30 -69.99 -47.60
N THR S 47 55.17 -70.50 -47.09
CA THR S 47 53.81 -70.31 -47.64
C THR S 47 53.45 -71.18 -48.87
N TYR S 48 54.32 -72.16 -49.16
CA TYR S 48 54.10 -73.13 -50.24
C TYR S 48 54.29 -74.54 -49.72
N THR S 49 53.80 -75.51 -50.50
CA THR S 49 54.20 -76.91 -50.36
C THR S 49 55.45 -77.13 -51.19
N TYR S 50 55.98 -78.36 -51.13
CA TYR S 50 56.92 -78.78 -52.16
C TYR S 50 56.12 -79.23 -53.38
N ASP S 51 56.77 -79.94 -54.30
CA ASP S 51 56.09 -80.36 -55.52
C ASP S 51 55.15 -81.53 -55.26
N LEU S 52 53.89 -81.36 -55.66
CA LEU S 52 52.86 -82.37 -55.44
C LEU S 52 52.75 -83.31 -56.64
N GLN S 53 52.93 -84.59 -56.40
CA GLN S 53 52.95 -85.59 -57.47
C GLN S 53 52.33 -86.92 -57.04
N PRO S 54 51.56 -87.56 -57.94
CA PRO S 54 51.22 -88.96 -57.69
C PRO S 54 52.46 -89.85 -57.83
N LYS S 55 52.68 -90.75 -56.88
CA LYS S 55 53.86 -91.60 -56.91
C LYS S 55 53.87 -92.57 -58.09
N GLY S 56 52.69 -93.10 -58.44
CA GLY S 56 52.61 -94.10 -59.52
C GLY S 56 52.56 -95.52 -59.00
N SER S 57 52.95 -95.70 -57.74
CA SER S 57 52.85 -97.00 -57.10
C SER S 57 52.44 -96.82 -55.65
N SER S 58 51.74 -97.83 -55.11
N SER S 58 51.71 -97.80 -55.12
CA SER S 58 51.15 -97.79 -53.79
CA SER S 58 51.17 -97.71 -53.77
C SER S 58 52.12 -98.39 -52.76
C SER S 58 52.12 -98.37 -52.77
N PRO S 59 52.12 -97.89 -51.50
CA PRO S 59 51.28 -96.81 -50.94
C PRO S 59 51.90 -95.44 -51.06
N ASP S 60 51.04 -94.43 -51.14
CA ASP S 60 51.47 -93.05 -51.04
C ASP S 60 52.13 -92.84 -49.69
N GLN S 61 53.32 -92.23 -49.71
CA GLN S 61 54.04 -91.89 -48.49
C GLN S 61 54.39 -90.40 -48.52
N PRO S 62 53.37 -89.53 -48.34
CA PRO S 62 53.61 -88.09 -48.52
C PRO S 62 54.55 -87.53 -47.45
N ILE S 63 55.33 -86.52 -47.84
CA ILE S 63 56.25 -85.86 -46.92
C ILE S 63 55.51 -84.71 -46.24
N LYS S 64 56.00 -84.28 -45.08
CA LYS S 64 55.29 -83.24 -44.30
C LYS S 64 55.15 -81.91 -45.06
N GLU S 65 56.13 -81.61 -45.91
CA GLU S 65 56.12 -80.39 -46.72
C GLU S 65 55.01 -80.37 -47.77
N ASN S 66 54.37 -81.51 -47.99
CA ASN S 66 53.29 -81.61 -48.96
C ASN S 66 51.93 -81.74 -48.30
N LEU S 67 51.87 -81.38 -47.02
CA LEU S 67 50.65 -81.49 -46.23
C LEU S 67 50.24 -80.16 -45.57
N PRO S 68 49.52 -79.30 -46.34
CA PRO S 68 48.98 -78.08 -45.73
C PRO S 68 48.11 -78.39 -44.51
N ALA S 69 48.23 -77.54 -43.50
CA ALA S 69 47.65 -77.82 -42.20
C ALA S 69 46.94 -76.57 -41.71
N TYR S 70 46.01 -76.74 -40.77
CA TYR S 70 45.30 -75.60 -40.20
C TYR S 70 46.22 -74.70 -39.40
N SER S 71 45.93 -73.40 -39.45
CA SER S 71 46.55 -72.44 -38.54
C SER S 71 45.67 -72.31 -37.32
N VAL S 72 46.29 -72.15 -36.15
CA VAL S 72 45.51 -71.92 -34.93
C VAL S 72 46.27 -71.08 -33.93
N ALA S 73 45.53 -70.23 -33.22
CA ALA S 73 46.07 -69.53 -32.07
C ALA S 73 45.05 -69.57 -30.92
N ARG S 74 45.58 -69.70 -29.70
CA ARG S 74 44.82 -69.46 -28.48
C ARG S 74 45.22 -68.09 -27.96
N VAL S 75 44.25 -67.18 -27.90
CA VAL S 75 44.50 -65.83 -27.40
C VAL S 75 44.04 -65.73 -25.94
N SER S 76 44.95 -65.29 -25.07
CA SER S 76 44.66 -65.07 -23.65
C SER S 76 43.89 -63.77 -23.46
N LEU S 77 42.78 -63.84 -22.72
CA LEU S 77 41.90 -62.68 -22.55
C LEU S 77 42.06 -62.10 -21.13
N PRO S 78 41.60 -60.85 -20.91
CA PRO S 78 41.66 -60.30 -19.55
C PRO S 78 40.96 -61.19 -18.54
N MET S 79 41.63 -61.48 -17.44
CA MET S 79 41.09 -62.33 -16.38
C MET S 79 39.87 -61.66 -15.75
N LEU S 80 38.81 -62.45 -15.52
CA LEU S 80 37.54 -61.90 -15.06
C LEU S 80 37.17 -62.25 -13.64
N ASN S 81 37.54 -63.46 -13.20
CA ASN S 81 37.11 -63.98 -11.91
C ASN S 81 38.29 -64.28 -10.98
N THR S 88 28.83 -69.56 -10.46
CA THR S 88 28.36 -68.35 -11.14
C THR S 88 29.49 -67.33 -11.33
N LEU S 89 29.84 -67.07 -12.59
CA LEU S 89 30.97 -66.21 -12.92
C LEU S 89 30.84 -65.54 -14.28
N GLN S 90 31.79 -64.67 -14.60
CA GLN S 90 31.78 -64.00 -15.90
C GLN S 90 32.66 -64.74 -16.89
N MET S 91 32.23 -64.74 -18.15
CA MET S 91 33.02 -65.27 -19.25
C MET S 91 32.97 -64.27 -20.40
N TRP S 92 34.06 -64.19 -21.16
CA TRP S 92 34.06 -63.46 -22.42
C TRP S 92 33.25 -64.22 -23.47
N GLU S 93 32.39 -63.49 -24.15
CA GLU S 93 31.52 -64.03 -25.19
C GLU S 93 31.85 -63.34 -26.51
N ALA S 94 32.27 -64.14 -27.50
CA ALA S 94 32.61 -63.61 -28.81
C ALA S 94 31.31 -63.31 -29.56
N ILE S 95 31.11 -62.07 -30.00
CA ILE S 95 29.83 -61.68 -30.59
C ILE S 95 29.88 -61.34 -32.08
N SER S 96 31.05 -60.96 -32.58
CA SER S 96 31.23 -60.67 -34.00
C SER S 96 32.71 -60.72 -34.38
N VAL S 97 32.97 -60.84 -35.69
CA VAL S 97 34.33 -60.86 -36.20
C VAL S 97 34.41 -60.20 -37.57
N LYS S 98 35.45 -59.41 -37.75
CA LYS S 98 35.87 -58.95 -39.09
C LYS S 98 37.11 -59.76 -39.44
N THR S 99 37.03 -60.47 -40.55
CA THR S 99 38.15 -61.31 -40.99
C THR S 99 38.44 -61.09 -42.46
N GLU S 100 39.71 -61.16 -42.83
CA GLU S 100 40.14 -60.86 -44.19
C GLU S 100 41.37 -61.68 -44.56
N VAL S 101 41.36 -62.22 -45.78
CA VAL S 101 42.55 -62.85 -46.35
C VAL S 101 43.48 -61.73 -46.83
N VAL S 102 44.70 -61.73 -46.33
CA VAL S 102 45.69 -60.68 -46.59
C VAL S 102 46.60 -61.06 -47.77
N GLY S 103 47.03 -60.07 -48.54
CA GLY S 103 47.94 -60.28 -49.68
C GLY S 103 47.29 -60.85 -50.92
N ILE S 104 45.99 -60.64 -51.09
CA ILE S 104 45.28 -61.13 -52.27
C ILE S 104 45.87 -60.54 -53.55
N SER S 105 46.19 -59.25 -53.51
CA SER S 105 46.78 -58.56 -54.65
C SER S 105 48.12 -59.15 -55.15
N SER S 106 48.87 -59.83 -54.27
CA SER S 106 50.14 -60.46 -54.67
C SER S 106 49.97 -61.47 -55.81
N LEU S 107 48.75 -61.98 -55.96
CA LEU S 107 48.45 -63.01 -56.97
C LEU S 107 48.30 -62.51 -58.41
N ILE S 108 48.38 -61.19 -58.64
CA ILE S 108 48.41 -60.71 -60.03
C ILE S 108 49.77 -60.95 -60.70
N ASN S 109 50.76 -61.36 -59.91
CA ASN S 109 52.10 -61.62 -60.41
C ASN S 109 52.09 -62.84 -61.35
N VAL S 110 52.34 -62.59 -62.63
CA VAL S 110 52.41 -63.65 -63.64
C VAL S 110 53.80 -63.67 -64.30
N HIS S 111 54.80 -63.33 -63.51
CA HIS S 111 56.19 -63.29 -64.01
C HIS S 111 57.15 -63.81 -62.96
N TYR S 112 56.69 -64.76 -62.15
CA TYR S 112 57.60 -65.52 -61.30
C TYR S 112 58.66 -66.11 -62.25
N TRP S 113 59.94 -66.05 -61.85
CA TRP S 113 61.03 -66.39 -62.80
C TRP S 113 60.92 -67.78 -63.41
N ASP S 114 60.42 -68.73 -62.62
CA ASP S 114 60.30 -70.12 -63.08
C ASP S 114 58.83 -70.54 -63.29
N MET S 115 58.00 -69.59 -63.73
CA MET S 115 56.59 -69.85 -63.96
C MET S 115 56.36 -70.52 -65.32
N LYS S 116 55.54 -71.58 -65.34
CA LYS S 116 55.08 -72.16 -66.59
C LYS S 116 54.27 -71.12 -67.35
N ARG S 117 54.55 -70.98 -68.65
CA ARG S 117 53.82 -70.03 -69.49
C ARG S 117 52.51 -70.64 -69.96
N VAL S 118 51.53 -69.76 -70.24
N VAL S 118 51.52 -69.77 -70.22
CA VAL S 118 50.25 -70.20 -70.79
CA VAL S 118 50.25 -70.20 -70.79
C VAL S 118 50.37 -70.63 -72.26
C VAL S 118 50.45 -70.71 -72.22
N HIS S 119 51.41 -70.12 -72.93
CA HIS S 119 51.83 -70.57 -74.27
C HIS S 119 53.16 -69.89 -74.58
N ASP S 120 53.80 -70.27 -75.69
CA ASP S 120 55.11 -69.72 -76.05
C ASP S 120 55.08 -68.18 -76.07
N TYR S 121 56.05 -67.57 -75.40
CA TYR S 121 56.21 -66.11 -75.30
C TYR S 121 55.20 -65.40 -74.39
N GLY S 122 54.31 -66.17 -73.78
CA GLY S 122 53.25 -65.60 -72.95
C GLY S 122 53.64 -65.40 -71.49
N ALA S 123 52.68 -64.90 -70.73
CA ALA S 123 52.85 -64.72 -69.29
C ALA S 123 52.78 -66.06 -68.59
N GLY S 124 53.16 -66.08 -67.32
CA GLY S 124 53.03 -67.27 -66.49
C GLY S 124 51.57 -67.60 -66.23
N ILE S 125 51.28 -68.88 -65.99
CA ILE S 125 49.96 -69.28 -65.53
C ILE S 125 49.81 -68.73 -64.10
N PRO S 126 48.79 -67.87 -63.88
CA PRO S 126 48.66 -67.28 -62.55
C PRO S 126 48.28 -68.32 -61.51
N VAL S 127 48.52 -68.01 -60.24
CA VAL S 127 48.13 -68.92 -59.15
C VAL S 127 46.63 -69.17 -59.27
N SER S 128 46.27 -70.44 -59.46
N SER S 128 46.28 -70.42 -59.52
CA SER S 128 44.89 -70.84 -59.70
CA SER S 128 44.90 -70.85 -59.77
C SER S 128 44.73 -72.33 -59.35
C SER S 128 44.73 -72.32 -59.38
N GLY S 129 43.50 -72.81 -59.42
CA GLY S 129 43.22 -74.23 -59.15
C GLY S 129 42.55 -74.47 -57.81
N VAL S 130 43.05 -75.45 -57.07
CA VAL S 130 42.44 -75.84 -55.80
C VAL S 130 42.47 -74.70 -54.78
N ASN S 131 41.28 -74.31 -54.31
CA ASN S 131 41.15 -73.41 -53.18
C ASN S 131 40.48 -74.12 -52.00
N TYR S 132 40.88 -73.73 -50.79
CA TYR S 132 40.23 -74.19 -49.57
C TYR S 132 40.31 -73.06 -48.56
N HIS S 133 39.14 -72.61 -48.09
CA HIS S 133 39.07 -71.43 -47.25
C HIS S 133 38.14 -71.70 -46.10
N MET S 134 38.65 -71.54 -44.88
CA MET S 134 37.82 -71.72 -43.71
C MET S 134 38.37 -70.90 -42.55
N PHE S 135 37.48 -70.47 -41.68
CA PHE S 135 37.92 -69.90 -40.43
C PHE S 135 36.95 -70.32 -39.33
N ALA S 136 37.44 -70.31 -38.09
CA ALA S 136 36.60 -70.64 -36.94
C ALA S 136 36.95 -69.75 -35.77
N ILE S 137 35.93 -69.40 -35.00
CA ILE S 137 36.09 -68.67 -33.74
C ILE S 137 35.37 -69.50 -32.69
N GLY S 138 36.04 -69.79 -31.57
CA GLY S 138 35.44 -70.59 -30.51
C GLY S 138 36.02 -70.32 -29.13
N GLY S 139 35.35 -70.84 -28.10
CA GLY S 139 35.81 -70.68 -26.72
C GLY S 139 36.61 -71.86 -26.20
N GLU S 140 37.04 -72.70 -27.13
CA GLU S 140 37.79 -73.93 -26.86
C GLU S 140 38.27 -74.42 -28.24
N PRO S 141 39.18 -75.42 -28.28
CA PRO S 141 39.71 -75.88 -29.58
C PRO S 141 38.61 -76.40 -30.51
N LEU S 142 38.79 -76.18 -31.81
CA LEU S 142 37.86 -76.72 -32.81
C LEU S 142 37.87 -78.26 -32.77
N ASP S 143 36.69 -78.86 -32.76
CA ASP S 143 36.57 -80.30 -32.86
C ASP S 143 36.75 -80.74 -34.31
N LEU S 144 37.56 -81.78 -34.51
CA LEU S 144 37.89 -82.25 -35.85
C LEU S 144 37.40 -83.66 -36.06
N GLN S 145 37.00 -83.94 -37.30
CA GLN S 145 36.66 -85.29 -37.74
C GLN S 145 37.68 -85.69 -38.81
N GLY S 146 38.20 -86.90 -38.70
CA GLY S 146 39.13 -87.44 -39.69
C GLY S 146 38.41 -88.17 -40.81
N LEU S 147 38.83 -87.89 -42.05
CA LEU S 147 38.37 -88.61 -43.23
C LEU S 147 39.37 -88.36 -44.35
N VAL S 148 39.83 -89.44 -44.99
CA VAL S 148 40.87 -89.33 -46.02
C VAL S 148 40.39 -89.88 -47.37
N LEU S 149 40.97 -89.34 -48.44
CA LEU S 149 40.73 -89.84 -49.79
C LEU S 149 41.11 -91.32 -49.90
N ASP S 150 42.28 -91.66 -49.34
CA ASP S 150 42.82 -93.02 -49.44
C ASP S 150 43.37 -93.51 -48.10
N TYR S 151 42.69 -94.50 -47.51
CA TYR S 151 43.06 -95.03 -46.19
C TYR S 151 44.44 -95.71 -46.17
N GLN S 152 44.95 -96.07 -47.35
CA GLN S 152 46.25 -96.73 -47.42
C GLN S 152 47.42 -95.74 -47.40
N THR S 153 47.09 -94.45 -47.45
CA THR S 153 48.11 -93.40 -47.38
C THR S 153 48.89 -93.59 -46.08
N GLN S 154 50.22 -93.54 -46.19
CA GLN S 154 51.09 -93.70 -45.03
C GLN S 154 51.69 -92.33 -44.68
N TYR S 155 51.05 -91.64 -43.75
CA TYR S 155 51.48 -90.30 -43.34
C TYR S 155 52.73 -90.37 -42.46
N PRO S 156 53.57 -89.31 -42.48
CA PRO S 156 54.79 -89.31 -41.63
C PRO S 156 54.42 -89.47 -40.17
N LYS S 157 55.28 -90.14 -39.42
CA LYS S 157 55.05 -90.36 -37.99
C LYS S 157 55.14 -89.05 -37.19
N THR S 158 54.36 -88.98 -36.11
CA THR S 158 54.33 -87.81 -35.24
C THR S 158 55.58 -87.76 -34.35
N GLY S 162 56.18 -83.23 -37.77
CA GLY S 162 55.45 -84.41 -37.32
C GLY S 162 53.95 -84.17 -37.25
N PRO S 163 53.23 -84.51 -38.33
CA PRO S 163 51.78 -84.24 -38.35
C PRO S 163 50.99 -85.23 -37.49
N ILE S 164 49.89 -84.75 -36.93
CA ILE S 164 48.93 -85.59 -36.21
C ILE S 164 47.87 -86.02 -37.20
N THR S 165 47.72 -87.33 -37.36
CA THR S 165 46.78 -87.88 -38.32
C THR S 165 45.93 -88.97 -37.65
N ILE S 166 45.12 -89.68 -38.43
CA ILE S 166 44.16 -90.61 -37.86
C ILE S 166 44.84 -91.75 -37.11
N GLU S 167 45.89 -92.32 -37.70
CA GLU S 167 46.67 -93.36 -37.02
C GLU S 167 47.24 -92.90 -35.67
N THR S 168 47.68 -91.64 -35.61
CA THR S 168 48.14 -91.03 -34.35
C THR S 168 47.08 -91.12 -33.25
N VAL S 169 45.83 -90.79 -33.57
N VAL S 169 45.84 -90.77 -33.59
CA VAL S 169 44.76 -90.73 -32.57
CA VAL S 169 44.76 -90.74 -32.62
C VAL S 169 44.07 -92.07 -32.28
C VAL S 169 44.31 -92.14 -32.22
N LEU S 170 44.16 -93.02 -33.21
CA LEU S 170 43.64 -94.38 -32.99
C LEU S 170 44.64 -95.29 -32.29
N GLY S 171 45.93 -95.01 -32.49
CA GLY S 171 47.00 -95.87 -31.99
C GLY S 171 47.14 -97.17 -32.77
N ARG S 172 46.63 -97.15 -34.01
N ARG S 172 46.63 -97.15 -34.01
CA ARG S 172 46.69 -98.30 -34.92
CA ARG S 172 46.64 -98.31 -34.91
C ARG S 172 46.39 -97.79 -36.32
C ARG S 172 46.37 -97.80 -36.33
N LYS S 173 46.65 -98.63 -37.33
CA LYS S 173 46.50 -98.24 -38.74
C LYS S 173 45.05 -97.91 -39.12
N MET S 174 44.90 -97.02 -40.10
CA MET S 174 43.59 -96.75 -40.70
C MET S 174 43.08 -98.01 -41.41
N THR S 175 41.75 -98.10 -41.52
CA THR S 175 41.08 -99.18 -42.26
C THR S 175 40.17 -98.51 -43.32
N PRO S 176 39.56 -99.31 -44.23
CA PRO S 176 38.68 -98.70 -45.24
C PRO S 176 37.62 -97.75 -44.69
N LYS S 177 37.14 -97.97 -43.47
CA LYS S 177 36.10 -97.10 -42.91
C LYS S 177 36.52 -95.63 -42.75
N ASN S 178 37.82 -95.38 -42.75
CA ASN S 178 38.35 -94.02 -42.70
C ASN S 178 38.30 -93.26 -44.04
N GLN S 179 37.80 -93.92 -45.08
CA GLN S 179 37.39 -93.22 -46.31
C GLN S 179 35.96 -92.65 -46.19
N GLY S 180 35.25 -93.11 -45.16
CA GLY S 180 33.99 -92.51 -44.73
C GLY S 180 34.09 -91.90 -43.34
N LEU S 181 32.94 -91.72 -42.70
CA LEU S 181 32.91 -91.16 -41.34
C LEU S 181 33.05 -92.28 -40.31
N ASP S 182 34.20 -92.31 -39.64
CA ASP S 182 34.48 -93.21 -38.52
C ASP S 182 34.40 -92.35 -37.26
N PRO S 183 33.40 -92.62 -36.40
CA PRO S 183 33.23 -91.75 -35.22
C PRO S 183 34.41 -91.81 -34.22
N GLN S 184 35.28 -92.79 -34.36
CA GLN S 184 36.50 -92.85 -33.55
C GLN S 184 37.60 -91.90 -34.03
N ALA S 185 37.54 -91.48 -35.30
CA ALA S 185 38.56 -90.60 -35.89
C ALA S 185 38.25 -89.13 -35.59
N LYS S 186 38.48 -88.75 -34.35
CA LYS S 186 38.19 -87.41 -33.87
C LYS S 186 39.41 -86.84 -33.16
N ALA S 187 39.57 -85.53 -33.27
CA ALA S 187 40.66 -84.83 -32.63
C ALA S 187 40.25 -83.40 -32.29
N LYS S 188 41.14 -82.70 -31.60
CA LYS S 188 40.97 -81.28 -31.31
C LYS S 188 42.08 -80.49 -31.97
N LEU S 189 41.72 -79.41 -32.67
CA LEU S 189 42.70 -78.52 -33.30
C LEU S 189 43.42 -77.68 -32.26
N ASP S 190 44.46 -78.26 -31.65
CA ASP S 190 45.14 -77.62 -30.52
C ASP S 190 46.61 -77.26 -30.78
N LYS S 191 47.06 -77.44 -32.03
CA LYS S 191 48.45 -77.14 -32.40
C LYS S 191 48.53 -76.55 -33.80
N ASP S 192 49.27 -75.46 -33.92
CA ASP S 192 49.40 -74.73 -35.18
C ASP S 192 50.25 -75.53 -36.16
N GLY S 193 49.80 -75.61 -37.40
CA GLY S 193 50.55 -76.27 -38.48
C GLY S 193 50.82 -77.75 -38.31
N ASN S 194 49.99 -78.42 -37.50
CA ASN S 194 50.20 -79.83 -37.15
C ASN S 194 49.12 -80.80 -37.63
N TYR S 195 47.94 -80.28 -37.95
CA TYR S 195 46.82 -81.11 -38.36
C TYR S 195 46.54 -80.92 -39.84
N PRO S 196 46.87 -81.94 -40.68
CA PRO S 196 46.69 -81.78 -42.13
C PRO S 196 45.24 -81.56 -42.57
N ILE S 197 45.08 -80.63 -43.50
CA ILE S 197 43.77 -80.31 -44.05
C ILE S 197 43.16 -81.51 -44.78
N GLU S 198 44.00 -82.28 -45.48
CA GLU S 198 43.51 -83.42 -46.26
C GLU S 198 43.06 -84.58 -45.40
N VAL S 199 43.35 -84.50 -44.10
CA VAL S 199 43.01 -85.56 -43.14
C VAL S 199 41.84 -85.13 -42.24
N TRP S 200 41.84 -83.87 -41.83
CA TRP S 200 40.89 -83.36 -40.81
C TRP S 200 39.93 -82.29 -41.34
N CYS S 201 38.65 -82.41 -40.98
CA CYS S 201 37.65 -81.37 -41.26
C CYS S 201 36.92 -81.02 -39.96
N PRO S 202 36.18 -79.89 -39.92
CA PRO S 202 35.44 -79.60 -38.68
C PRO S 202 34.38 -80.66 -38.40
N ASP S 203 34.24 -81.03 -37.13
CA ASP S 203 33.28 -82.05 -36.73
C ASP S 203 31.91 -81.39 -36.45
N PRO S 204 30.92 -81.62 -37.34
CA PRO S 204 29.62 -80.97 -37.15
C PRO S 204 28.79 -81.59 -36.02
N SER S 205 29.23 -82.74 -35.51
CA SER S 205 28.52 -83.39 -34.40
C SER S 205 28.90 -82.79 -33.04
N LYS S 206 29.98 -82.01 -33.01
CA LYS S 206 30.39 -81.31 -31.79
C LYS S 206 30.40 -79.79 -32.07
N ASN S 207 31.46 -79.10 -31.64
CA ASN S 207 31.62 -77.66 -31.91
C ASN S 207 30.43 -76.77 -31.47
N GLU S 208 29.76 -77.15 -30.40
CA GLU S 208 28.67 -76.35 -29.85
C GLU S 208 29.16 -74.94 -29.47
N ASN S 209 30.43 -74.86 -29.08
CA ASN S 209 30.99 -73.63 -28.57
C ASN S 209 31.98 -72.98 -29.55
N SER S 210 31.85 -73.32 -30.83
CA SER S 210 32.58 -72.66 -31.91
C SER S 210 31.66 -72.33 -33.08
N ARG S 211 32.09 -71.37 -33.89
CA ARG S 211 31.44 -71.08 -35.16
C ARG S 211 32.49 -71.26 -36.25
N TYR S 212 32.17 -72.06 -37.26
CA TYR S 212 33.10 -72.22 -38.38
C TYR S 212 32.40 -72.03 -39.72
N TYR S 213 33.17 -71.62 -40.73
CA TYR S 213 32.65 -71.27 -42.05
C TYR S 213 33.71 -71.64 -43.05
N GLY S 214 33.35 -72.42 -44.05
CA GLY S 214 34.36 -72.87 -45.01
C GLY S 214 33.83 -73.20 -46.38
N SER S 215 34.76 -73.38 -47.32
CA SER S 215 34.44 -73.76 -48.69
C SER S 215 35.63 -74.43 -49.36
N ILE S 216 35.35 -75.22 -50.39
CA ILE S 216 36.37 -75.80 -51.25
C ILE S 216 36.02 -75.48 -52.71
N GLN S 217 37.06 -75.46 -53.54
CA GLN S 217 36.93 -75.37 -54.97
C GLN S 217 37.99 -76.31 -55.56
N THR S 218 37.56 -77.28 -56.36
CA THR S 218 38.52 -78.14 -57.04
C THR S 218 38.73 -77.71 -58.51
N GLY S 219 39.15 -78.64 -59.37
CA GLY S 219 39.63 -78.28 -60.71
C GLY S 219 41.10 -77.88 -60.65
N SER S 220 41.79 -78.02 -61.79
CA SER S 220 43.23 -77.82 -61.80
C SER S 220 43.68 -76.37 -62.02
N GLN S 221 42.98 -75.66 -62.91
CA GLN S 221 43.33 -74.27 -63.23
C GLN S 221 42.18 -73.31 -62.98
N THR S 222 41.25 -73.75 -62.14
CA THR S 222 40.05 -72.98 -61.79
C THR S 222 40.44 -71.59 -61.27
N PRO S 223 39.78 -70.53 -61.79
CA PRO S 223 40.11 -69.20 -61.30
C PRO S 223 40.02 -69.10 -59.77
N THR S 224 41.06 -68.50 -59.19
CA THR S 224 40.98 -68.07 -57.80
C THR S 224 40.22 -66.74 -57.77
N VAL S 225 39.09 -66.74 -57.05
CA VAL S 225 38.18 -65.59 -56.99
C VAL S 225 37.97 -65.25 -55.52
N LEU S 226 38.52 -64.11 -55.10
CA LEU S 226 38.48 -63.72 -53.68
C LEU S 226 38.07 -62.26 -53.53
N GLN S 227 37.38 -61.96 -52.44
CA GLN S 227 36.98 -60.59 -52.11
C GLN S 227 37.67 -60.12 -50.85
N PHE S 228 37.81 -58.79 -50.72
CA PHE S 228 38.34 -58.18 -49.51
C PHE S 228 37.68 -56.82 -49.27
N SER S 229 37.24 -56.59 -48.04
CA SER S 229 36.63 -55.32 -47.66
C SER S 229 36.69 -55.19 -46.15
N ASN S 230 36.91 -53.97 -45.66
CA ASN S 230 36.90 -53.74 -44.22
C ASN S 230 35.52 -53.36 -43.69
N THR S 231 34.49 -53.59 -44.51
CA THR S 231 33.09 -53.25 -44.16
C THR S 231 32.24 -54.47 -43.81
N LEU S 232 32.83 -55.66 -43.90
CA LEU S 232 32.09 -56.91 -43.69
C LEU S 232 32.33 -57.51 -42.31
N THR S 233 31.24 -57.81 -41.62
CA THR S 233 31.27 -58.35 -40.26
C THR S 233 30.47 -59.65 -40.22
N THR S 234 30.98 -60.66 -39.51
CA THR S 234 30.20 -61.88 -39.26
C THR S 234 29.73 -61.89 -37.81
N VAL S 235 28.43 -61.99 -37.61
CA VAL S 235 27.82 -62.11 -36.29
C VAL S 235 27.99 -63.55 -35.80
N LEU S 236 28.47 -63.71 -34.57
CA LEU S 236 28.80 -65.03 -34.03
C LEU S 236 27.74 -65.58 -33.07
N LEU S 237 26.67 -64.81 -32.86
CA LEU S 237 25.58 -65.24 -31.99
C LEU S 237 24.85 -66.41 -32.61
N ASP S 238 24.46 -67.38 -31.78
CA ASP S 238 23.62 -68.47 -32.23
C ASP S 238 22.15 -68.03 -32.27
N GLU S 239 21.25 -69.00 -32.44
CA GLU S 239 19.81 -68.73 -32.52
C GLU S 239 19.23 -68.16 -31.22
N ASN S 240 19.89 -68.42 -30.10
CA ASN S 240 19.46 -67.88 -28.81
C ASN S 240 20.12 -66.54 -28.47
N GLY S 241 20.92 -66.03 -29.39
CA GLY S 241 21.65 -64.78 -29.19
C GLY S 241 22.88 -64.93 -28.32
N VAL S 242 23.48 -66.13 -28.33
CA VAL S 242 24.66 -66.41 -27.52
C VAL S 242 25.84 -66.75 -28.42
N GLY S 243 26.97 -66.07 -28.21
CA GLY S 243 28.19 -66.36 -28.95
C GLY S 243 29.04 -67.37 -28.20
N PRO S 244 30.17 -67.80 -28.82
CA PRO S 244 31.13 -68.69 -28.14
C PRO S 244 31.59 -68.12 -26.80
N LEU S 245 31.65 -69.00 -25.80
CA LEU S 245 32.00 -68.59 -24.44
C LEU S 245 33.39 -69.11 -24.09
N CYS S 246 34.29 -68.19 -23.75
CA CYS S 246 35.72 -68.51 -23.64
C CYS S 246 36.12 -69.13 -22.31
N LYS S 247 36.28 -70.45 -22.34
CA LYS S 247 36.62 -71.24 -21.17
C LYS S 247 38.08 -70.99 -20.80
N GLY S 248 38.32 -70.76 -19.51
CA GLY S 248 39.66 -70.44 -19.02
C GLY S 248 40.21 -69.13 -19.56
N ASP S 249 39.30 -68.23 -19.94
CA ASP S 249 39.63 -66.93 -20.56
C ASP S 249 40.51 -67.09 -21.82
N GLY S 250 40.23 -68.14 -22.59
CA GLY S 250 40.95 -68.39 -23.84
C GLY S 250 40.05 -68.31 -25.06
N LEU S 251 40.53 -67.60 -26.08
CA LEU S 251 39.83 -67.50 -27.35
C LEU S 251 40.60 -68.28 -28.42
N PHE S 252 39.93 -69.25 -29.04
CA PHE S 252 40.54 -70.04 -30.12
C PHE S 252 40.13 -69.56 -31.51
N ILE S 253 41.16 -69.31 -32.31
CA ILE S 253 40.97 -68.81 -33.67
C ILE S 253 41.72 -69.73 -34.62
N SER S 254 41.00 -70.22 -35.63
CA SER S 254 41.53 -71.25 -36.54
C SER S 254 41.23 -70.88 -37.99
N CYS S 255 42.11 -71.28 -38.91
CA CYS S 255 41.85 -71.02 -40.32
C CYS S 255 42.73 -71.84 -41.26
N ALA S 256 42.37 -71.77 -42.54
CA ALA S 256 43.15 -72.33 -43.63
C ALA S 256 42.75 -71.54 -44.87
N ASP S 257 43.73 -71.19 -45.69
CA ASP S 257 43.49 -70.41 -46.90
C ASP S 257 44.40 -70.81 -48.06
N ILE S 258 44.08 -71.94 -48.69
CA ILE S 258 44.83 -72.38 -49.86
C ILE S 258 44.27 -71.64 -51.07
N VAL S 259 45.15 -70.99 -51.85
CA VAL S 259 44.70 -70.08 -52.92
C VAL S 259 45.01 -70.58 -54.34
N GLY S 260 45.58 -71.78 -54.43
CA GLY S 260 45.84 -72.41 -55.72
C GLY S 260 47.28 -72.85 -55.90
N PHE S 261 47.61 -73.22 -57.13
CA PHE S 261 48.92 -73.77 -57.47
C PHE S 261 49.87 -72.73 -58.07
N LEU S 262 51.14 -72.83 -57.69
CA LEU S 262 52.21 -72.22 -58.45
C LEU S 262 52.65 -73.23 -59.49
N PHE S 263 52.48 -72.88 -60.76
CA PHE S 263 52.85 -73.73 -61.88
C PHE S 263 54.27 -73.40 -62.33
N LYS S 264 55.18 -74.35 -62.13
CA LYS S 264 56.60 -74.19 -62.47
C LYS S 264 56.88 -74.66 -63.90
N THR S 265 57.90 -74.07 -64.54
CA THR S 265 58.28 -74.37 -65.92
C THR S 265 58.34 -75.88 -66.25
N SER S 266 58.88 -76.68 -65.34
CA SER S 266 59.09 -78.12 -65.54
C SER S 266 57.79 -78.90 -65.64
N GLY S 267 56.71 -78.31 -65.15
CA GLY S 267 55.42 -78.99 -65.08
C GLY S 267 55.06 -79.23 -63.62
N LYS S 268 56.04 -79.13 -62.75
CA LYS S 268 55.80 -79.31 -61.32
C LYS S 268 54.90 -78.22 -60.72
N MET S 269 54.18 -78.61 -59.67
CA MET S 269 53.14 -77.77 -59.10
C MET S 269 53.19 -77.82 -57.59
N ALA S 270 53.04 -76.65 -56.98
CA ALA S 270 53.06 -76.55 -55.52
C ALA S 270 51.87 -75.70 -55.10
N LEU S 271 51.17 -76.14 -54.05
CA LEU S 271 50.07 -75.35 -53.49
C LEU S 271 50.61 -74.14 -52.73
N HIS S 272 49.79 -73.10 -52.65
CA HIS S 272 50.17 -71.83 -52.04
C HIS S 272 49.04 -71.34 -51.15
N GLY S 273 49.40 -70.70 -50.05
CA GLY S 273 48.40 -70.12 -49.13
C GLY S 273 48.68 -68.66 -48.79
N LEU S 274 47.67 -68.00 -48.23
CA LEU S 274 47.80 -66.62 -47.77
C LEU S 274 47.44 -66.47 -46.27
N PRO S 275 47.94 -65.41 -45.61
CA PRO S 275 47.60 -65.16 -44.21
C PRO S 275 46.18 -64.64 -44.06
N ARG S 276 45.68 -64.70 -42.84
CA ARG S 276 44.34 -64.22 -42.53
C ARG S 276 44.37 -63.33 -41.28
N TYR S 277 43.67 -62.20 -41.36
CA TYR S 277 43.54 -61.25 -40.26
C TYR S 277 42.18 -61.40 -39.56
N PHE S 278 42.17 -61.21 -38.24
CA PHE S 278 40.96 -61.28 -37.40
C PHE S 278 40.84 -60.07 -36.47
N ASN S 279 39.65 -59.50 -36.41
CA ASN S 279 39.28 -58.57 -35.35
C ASN S 279 38.00 -59.07 -34.70
N VAL S 280 38.12 -59.57 -33.47
CA VAL S 280 37.00 -60.17 -32.77
C VAL S 280 36.50 -59.27 -31.65
N THR S 281 35.20 -59.01 -31.64
CA THR S 281 34.54 -58.25 -30.58
C THR S 281 33.96 -59.23 -29.56
N LEU S 282 34.25 -58.99 -28.29
CA LEU S 282 33.76 -59.81 -27.19
C LEU S 282 33.09 -58.96 -26.11
N ARG S 283 32.13 -59.56 -25.41
CA ARG S 283 31.49 -58.90 -24.28
C ARG S 283 31.47 -59.84 -23.08
N LYS S 284 31.36 -59.26 -21.89
CA LYS S 284 31.29 -60.03 -20.66
C LYS S 284 29.88 -60.62 -20.49
N ARG S 285 29.82 -61.87 -20.08
CA ARG S 285 28.56 -62.58 -19.89
C ARG S 285 28.56 -63.34 -18.57
N TRP S 286 27.48 -63.21 -17.81
CA TRP S 286 27.30 -63.98 -16.58
C TRP S 286 26.89 -65.40 -16.95
N VAL S 287 27.54 -66.39 -16.32
CA VAL S 287 27.20 -67.79 -16.54
C VAL S 287 27.13 -68.55 -15.22
N LYS S 288 26.34 -69.62 -15.19
CA LYS S 288 26.28 -70.49 -14.02
C LYS S 288 26.81 -71.87 -14.38
N VAL T 9 39.45 -39.06 -32.12
CA VAL T 9 38.42 -38.03 -32.41
C VAL T 9 37.05 -38.48 -31.92
N GLU T 10 36.44 -37.65 -31.06
CA GLU T 10 35.09 -37.88 -30.56
C GLU T 10 34.05 -37.25 -31.48
N VAL T 11 33.20 -38.08 -32.06
CA VAL T 11 32.23 -37.66 -33.07
C VAL T 11 30.95 -37.16 -32.42
N LEU T 12 30.56 -35.93 -32.76
CA LEU T 12 29.35 -35.33 -32.23
C LEU T 12 28.21 -35.39 -33.25
N SER T 13 27.36 -34.36 -33.28
CA SER T 13 26.19 -34.38 -34.17
C SER T 13 26.49 -33.89 -35.59
N VAL T 14 25.67 -34.36 -36.53
CA VAL T 14 25.67 -33.87 -37.89
C VAL T 14 25.27 -32.39 -37.89
N VAL T 15 26.01 -31.57 -38.63
CA VAL T 15 25.71 -30.15 -38.77
C VAL T 15 24.40 -29.98 -39.57
N THR T 16 23.51 -29.12 -39.08
CA THR T 16 22.29 -28.80 -39.83
C THR T 16 22.45 -27.43 -40.49
N GLY T 17 21.69 -27.20 -41.56
CA GLY T 17 21.76 -25.94 -42.28
C GLY T 17 21.76 -26.13 -43.79
N GLU T 18 21.65 -25.00 -44.51
CA GLU T 18 21.52 -25.01 -45.96
C GLU T 18 22.66 -25.71 -46.72
N ASP T 19 23.89 -25.31 -46.44
CA ASP T 19 25.03 -25.79 -47.23
C ASP T 19 25.83 -26.88 -46.52
N SER T 20 25.14 -27.79 -45.84
CA SER T 20 25.79 -28.83 -45.04
C SER T 20 26.20 -30.07 -45.85
N ILE T 21 25.67 -30.20 -47.06
CA ILE T 21 25.98 -31.34 -47.93
C ILE T 21 26.70 -30.87 -49.21
N THR T 22 27.73 -31.62 -49.60
CA THR T 22 28.46 -31.31 -50.83
C THR T 22 28.74 -32.59 -51.65
N GLN T 23 29.05 -32.37 -52.92
N GLN T 23 28.97 -32.41 -52.94
CA GLN T 23 29.31 -33.44 -53.88
CA GLN T 23 29.31 -33.53 -53.83
C GLN T 23 30.71 -33.25 -54.46
C GLN T 23 30.66 -33.29 -54.49
N ILE T 24 31.50 -34.33 -54.50
CA ILE T 24 32.82 -34.28 -55.12
C ILE T 24 32.85 -35.30 -56.28
N GLU T 25 33.19 -34.83 -57.46
CA GLU T 25 33.28 -35.67 -58.65
C GLU T 25 34.73 -35.78 -59.11
N LEU T 26 35.15 -36.98 -59.49
CA LEU T 26 36.45 -37.14 -60.15
C LEU T 26 36.58 -38.48 -60.86
N TYR T 27 37.62 -38.59 -61.68
CA TYR T 27 37.98 -39.85 -62.31
C TYR T 27 39.49 -40.05 -62.12
N LEU T 28 39.90 -41.31 -62.12
CA LEU T 28 41.31 -41.67 -62.04
C LEU T 28 41.63 -42.58 -63.20
N ASN T 29 42.59 -42.16 -64.02
CA ASN T 29 43.08 -43.00 -65.10
C ASN T 29 43.99 -44.10 -64.59
N PRO T 30 44.00 -45.27 -65.26
CA PRO T 30 44.77 -46.40 -64.73
C PRO T 30 46.28 -46.21 -64.80
N ARG T 31 46.99 -46.85 -63.88
CA ARG T 31 48.44 -46.77 -63.82
C ARG T 31 49.03 -48.18 -63.95
N MET T 32 48.98 -48.70 -65.18
CA MET T 32 49.35 -50.09 -65.45
C MET T 32 50.85 -50.32 -65.60
N GLY T 33 51.61 -49.25 -65.84
CA GLY T 33 53.04 -49.38 -66.08
C GLY T 33 53.52 -48.34 -67.05
N VAL T 34 52.76 -48.16 -68.12
CA VAL T 34 52.92 -47.00 -69.00
C VAL T 34 51.87 -46.00 -68.51
N ASN T 35 52.33 -45.00 -67.76
CA ASN T 35 51.46 -44.20 -66.91
C ASN T 35 51.16 -42.79 -67.38
N SER T 36 51.80 -42.41 -68.49
CA SER T 36 51.55 -41.13 -69.10
C SER T 36 51.18 -41.29 -70.58
N PRO T 37 50.21 -40.48 -71.04
CA PRO T 37 49.89 -40.47 -72.48
C PRO T 37 50.75 -39.48 -73.28
N ASP T 38 51.67 -38.79 -72.61
CA ASP T 38 52.43 -37.68 -73.22
C ASP T 38 53.93 -37.96 -73.43
N LEU T 39 54.36 -39.21 -73.22
CA LEU T 39 55.76 -39.59 -73.39
C LEU T 39 56.18 -39.59 -74.86
N PRO T 40 57.47 -39.31 -75.13
CA PRO T 40 57.99 -39.13 -76.50
C PRO T 40 57.55 -40.19 -77.51
N THR T 41 57.68 -41.47 -77.16
CA THR T 41 57.41 -42.56 -78.10
C THR T 41 56.62 -43.74 -77.52
N THR T 42 56.79 -44.00 -76.22
CA THR T 42 56.23 -45.22 -75.61
C THR T 42 54.77 -45.11 -75.17
N SER T 43 54.19 -43.92 -75.33
CA SER T 43 52.83 -43.63 -74.87
C SER T 43 51.71 -44.37 -75.59
N ASN T 44 52.00 -45.02 -76.72
CA ASN T 44 51.01 -45.86 -77.40
CA ASN T 44 50.98 -45.83 -77.38
C ASN T 44 50.49 -46.98 -76.49
N TRP T 45 51.29 -47.35 -75.48
CA TRP T 45 50.91 -48.40 -74.52
C TRP T 45 50.30 -47.87 -73.22
N TYR T 46 49.97 -46.58 -73.20
CA TYR T 46 49.26 -45.99 -72.07
C TYR T 46 48.03 -46.83 -71.72
N THR T 47 47.90 -47.19 -70.44
CA THR T 47 46.84 -48.07 -69.87
C THR T 47 47.15 -49.57 -70.00
N TYR T 48 48.37 -49.89 -70.44
CA TYR T 48 48.84 -51.27 -70.54
C TYR T 48 50.17 -51.42 -69.81
N THR T 49 50.56 -52.67 -69.60
CA THR T 49 51.94 -52.97 -69.21
C THR T 49 52.73 -53.21 -70.49
N TYR T 50 54.03 -53.46 -70.32
CA TYR T 50 54.81 -54.07 -71.40
C TYR T 50 54.51 -55.56 -71.41
N ASP T 51 55.31 -56.35 -72.11
CA ASP T 51 55.04 -57.79 -72.21
C ASP T 51 55.46 -58.52 -70.94
N LEU T 52 54.55 -59.28 -70.35
CA LEU T 52 54.80 -60.00 -69.11
C LEU T 52 55.31 -61.40 -69.42
N GLN T 53 56.50 -61.72 -68.92
CA GLN T 53 57.13 -63.02 -69.17
C GLN T 53 57.92 -63.51 -67.96
N PRO T 54 57.85 -64.81 -67.66
CA PRO T 54 58.81 -65.38 -66.71
C PRO T 54 60.23 -65.34 -67.30
N LYS T 55 61.20 -64.93 -66.49
CA LYS T 55 62.57 -64.74 -66.95
C LYS T 55 63.20 -66.07 -67.40
N GLY T 56 62.89 -67.15 -66.69
CA GLY T 56 63.47 -68.47 -66.99
C GLY T 56 64.74 -68.74 -66.20
N SER T 57 65.29 -67.69 -65.59
CA SER T 57 66.43 -67.82 -64.68
C SER T 57 66.24 -66.86 -63.51
N SER T 58 66.96 -67.13 -62.42
N SER T 58 66.94 -67.14 -62.41
CA SER T 58 66.85 -66.36 -61.18
CA SER T 58 66.83 -66.35 -61.19
C SER T 58 67.93 -65.28 -61.11
C SER T 58 67.92 -65.28 -61.13
N PRO T 59 67.62 -64.12 -60.52
CA PRO T 59 66.31 -63.73 -59.95
C PRO T 59 65.45 -62.94 -60.94
N ASP T 60 64.15 -62.85 -60.66
CA ASP T 60 63.27 -61.92 -61.38
C ASP T 60 63.69 -60.49 -61.09
N GLN T 61 63.80 -59.69 -62.15
CA GLN T 61 64.21 -58.29 -62.04
C GLN T 61 63.25 -57.45 -62.90
N PRO T 62 61.98 -57.31 -62.45
CA PRO T 62 60.95 -56.72 -63.30
C PRO T 62 61.15 -55.23 -63.56
N ILE T 63 60.70 -54.77 -64.73
CA ILE T 63 60.76 -53.35 -65.08
C ILE T 63 59.52 -52.63 -64.56
N LYS T 64 59.64 -51.32 -64.35
CA LYS T 64 58.53 -50.52 -63.82
C LYS T 64 57.30 -50.60 -64.70
N GLU T 65 57.50 -50.75 -66.01
CA GLU T 65 56.38 -50.83 -66.98
C GLU T 65 55.56 -52.11 -66.85
N ASN T 66 56.07 -53.08 -66.10
CA ASN T 66 55.38 -54.34 -65.90
C ASN T 66 54.79 -54.47 -64.49
N LEU T 67 54.63 -53.32 -63.83
CA LEU T 67 54.15 -53.29 -62.45
C LEU T 67 52.96 -52.35 -62.31
N PRO T 68 51.74 -52.86 -62.61
CA PRO T 68 50.54 -52.04 -62.36
C PRO T 68 50.51 -51.54 -60.91
N ALA T 69 50.11 -50.29 -60.75
CA ALA T 69 50.12 -49.64 -59.45
C ALA T 69 48.75 -49.05 -59.16
N TYR T 70 48.49 -48.76 -57.88
CA TYR T 70 47.24 -48.11 -57.46
C TYR T 70 47.16 -46.68 -57.96
N SER T 71 45.95 -46.25 -58.32
CA SER T 71 45.66 -44.85 -58.58
C SER T 71 45.26 -44.20 -57.27
N VAL T 72 45.62 -42.94 -57.09
CA VAL T 72 45.24 -42.17 -55.90
C VAL T 72 45.09 -40.69 -56.22
N ALA T 73 44.10 -40.06 -55.58
CA ALA T 73 44.03 -38.61 -55.55
C ALA T 73 43.64 -38.14 -54.15
N ARG T 74 44.17 -36.99 -53.77
CA ARG T 74 43.66 -36.26 -52.61
C ARG T 74 42.88 -35.07 -53.16
N VAL T 75 41.60 -35.00 -52.82
CA VAL T 75 40.77 -33.87 -53.24
C VAL T 75 40.66 -32.86 -52.10
N SER T 76 40.97 -31.60 -52.39
CA SER T 76 40.82 -30.51 -51.41
C SER T 76 39.35 -30.12 -51.29
N LEU T 77 38.87 -30.11 -50.05
CA LEU T 77 37.47 -29.80 -49.76
C LEU T 77 37.33 -28.37 -49.24
N PRO T 78 36.15 -27.76 -49.38
CA PRO T 78 35.95 -26.40 -48.85
C PRO T 78 36.36 -26.28 -47.38
N MET T 79 37.13 -25.26 -47.05
CA MET T 79 37.63 -25.04 -45.69
C MET T 79 36.47 -24.78 -44.72
N LEU T 80 36.54 -25.38 -43.54
CA LEU T 80 35.43 -25.32 -42.58
C LEU T 80 35.70 -24.48 -41.34
N ASN T 81 36.94 -24.51 -40.88
CA ASN T 81 37.31 -23.87 -39.61
C ASN T 81 38.39 -22.80 -39.78
N ASP T 87 38.91 -26.23 -30.57
CA ASP T 87 38.91 -27.57 -30.00
C ASP T 87 37.77 -28.44 -30.56
N THR T 88 36.58 -27.84 -30.63
CA THR T 88 35.44 -28.47 -31.29
C THR T 88 35.31 -27.86 -32.68
N LEU T 89 35.36 -28.71 -33.70
CA LEU T 89 35.38 -28.26 -35.08
C LEU T 89 34.51 -29.07 -36.03
N GLN T 90 34.31 -28.56 -37.24
CA GLN T 90 33.57 -29.27 -38.27
C GLN T 90 34.54 -30.01 -39.17
N MET T 91 34.14 -31.21 -39.59
CA MET T 91 34.88 -32.00 -40.56
C MET T 91 33.91 -32.52 -41.60
N TRP T 92 34.39 -32.66 -42.84
CA TRP T 92 33.59 -33.31 -43.88
C TRP T 92 33.53 -34.80 -43.63
N GLU T 93 32.33 -35.36 -43.74
CA GLU T 93 32.09 -36.79 -43.56
C GLU T 93 31.59 -37.40 -44.86
N ALA T 94 32.33 -38.38 -45.39
CA ALA T 94 31.90 -39.07 -46.61
C ALA T 94 30.81 -40.08 -46.25
N ILE T 95 29.64 -39.95 -46.87
CA ILE T 95 28.48 -40.79 -46.48
C ILE T 95 28.06 -41.80 -47.55
N SER T 96 28.40 -41.52 -48.79
CA SER T 96 28.07 -42.42 -49.89
C SER T 96 28.91 -42.09 -51.12
N VAL T 97 28.99 -43.07 -52.02
CA VAL T 97 29.70 -42.90 -53.28
C VAL T 97 28.99 -43.66 -54.41
N LYS T 98 28.92 -43.02 -55.58
CA LYS T 98 28.62 -43.73 -56.82
C LYS T 98 29.92 -43.85 -57.59
N THR T 99 30.28 -45.08 -57.95
CA THR T 99 31.54 -45.32 -58.64
C THR T 99 31.31 -46.29 -59.79
N GLU T 100 32.05 -46.11 -60.86
CA GLU T 100 31.84 -46.89 -62.08
C GLU T 100 33.14 -47.03 -62.84
N VAL T 101 33.39 -48.22 -63.37
CA VAL T 101 34.53 -48.42 -64.25
C VAL T 101 34.10 -47.91 -65.62
N VAL T 102 34.91 -47.00 -66.18
CA VAL T 102 34.57 -46.33 -67.44
C VAL T 102 35.24 -47.05 -68.61
N GLY T 103 34.56 -47.05 -69.76
CA GLY T 103 35.15 -47.63 -70.97
C GLY T 103 34.99 -49.14 -71.06
N ILE T 104 34.08 -49.71 -70.27
CA ILE T 104 33.86 -51.18 -70.33
C ILE T 104 33.54 -51.65 -71.75
N SER T 105 32.72 -50.90 -72.46
CA SER T 105 32.33 -51.23 -73.83
C SER T 105 33.50 -51.38 -74.82
N SER T 106 34.62 -50.71 -74.56
CA SER T 106 35.78 -50.75 -75.44
C SER T 106 36.31 -52.18 -75.60
N LEU T 107 36.03 -53.01 -74.60
CA LEU T 107 36.52 -54.37 -74.55
C LEU T 107 35.81 -55.38 -75.48
N ILE T 108 34.79 -54.94 -76.22
CA ILE T 108 34.20 -55.79 -77.28
C ILE T 108 35.08 -55.88 -78.54
N ASN T 109 36.09 -55.00 -78.62
CA ASN T 109 37.03 -54.99 -79.74
C ASN T 109 37.80 -56.31 -79.81
N VAL T 110 37.53 -57.09 -80.86
CA VAL T 110 38.28 -58.34 -81.11
C VAL T 110 39.02 -58.27 -82.46
N HIS T 111 39.46 -57.06 -82.81
CA HIS T 111 40.13 -56.84 -84.08
C HIS T 111 41.30 -55.83 -83.94
N TYR T 112 41.93 -55.82 -82.76
CA TYR T 112 43.20 -55.15 -82.59
C TYR T 112 44.18 -55.72 -83.64
N TRP T 113 44.93 -54.86 -84.31
CA TRP T 113 45.67 -55.27 -85.52
C TRP T 113 46.65 -56.42 -85.26
N ASP T 114 47.22 -56.46 -84.06
CA ASP T 114 48.18 -57.47 -83.68
C ASP T 114 47.62 -58.43 -82.63
N MET T 115 46.31 -58.67 -82.66
CA MET T 115 45.67 -59.57 -81.70
C MET T 115 45.89 -61.03 -82.08
N LYS T 116 46.30 -61.85 -81.12
CA LYS T 116 46.35 -63.30 -81.32
C LYS T 116 44.94 -63.83 -81.60
N ARG T 117 44.81 -64.68 -82.62
CA ARG T 117 43.49 -65.21 -83.00
C ARG T 117 43.09 -66.38 -82.11
N VAL T 118 41.78 -66.59 -81.93
N VAL T 118 41.79 -66.57 -81.93
CA VAL T 118 41.30 -67.74 -81.16
CA VAL T 118 41.27 -67.71 -81.19
C VAL T 118 41.51 -69.05 -81.92
C VAL T 118 41.62 -69.01 -81.93
N HIS T 119 41.57 -68.95 -83.25
CA HIS T 119 41.97 -70.05 -84.15
C HIS T 119 42.18 -69.47 -85.54
N ASP T 120 42.63 -70.29 -86.49
CA ASP T 120 42.86 -69.83 -87.86
C ASP T 120 41.62 -69.15 -88.45
N TYR T 121 41.82 -67.96 -89.04
CA TYR T 121 40.76 -67.16 -89.67
C TYR T 121 39.78 -66.51 -88.68
N GLY T 122 40.00 -66.73 -87.39
CA GLY T 122 39.09 -66.27 -86.36
C GLY T 122 39.32 -64.85 -85.91
N ALA T 123 38.42 -64.37 -85.06
CA ALA T 123 38.59 -63.07 -84.39
C ALA T 123 39.72 -63.15 -83.35
N GLY T 124 40.12 -61.99 -82.83
CA GLY T 124 41.14 -61.95 -81.78
C GLY T 124 40.61 -62.50 -80.47
N ILE T 125 41.52 -63.02 -79.64
CA ILE T 125 41.15 -63.37 -78.27
C ILE T 125 40.81 -62.07 -77.53
N PRO T 126 39.58 -61.97 -76.98
CA PRO T 126 39.18 -60.74 -76.29
C PRO T 126 40.01 -60.50 -75.04
N VAL T 127 40.07 -59.25 -74.58
CA VAL T 127 40.71 -58.92 -73.31
C VAL T 127 40.05 -59.77 -72.22
N SER T 128 40.85 -60.57 -71.55
N SER T 128 40.85 -60.63 -71.59
CA SER T 128 40.35 -61.57 -70.60
CA SER T 128 40.35 -61.62 -70.65
C SER T 128 41.48 -62.06 -69.71
C SER T 128 41.48 -62.04 -69.72
N GLY T 129 41.13 -62.78 -68.66
CA GLY T 129 42.12 -63.35 -67.76
C GLY T 129 42.13 -62.63 -66.43
N VAL T 130 43.33 -62.26 -65.98
CA VAL T 130 43.50 -61.72 -64.63
C VAL T 130 42.74 -60.40 -64.48
N ASN T 131 41.83 -60.34 -63.51
CA ASN T 131 41.18 -59.10 -63.10
C ASN T 131 41.54 -58.79 -61.65
N TYR T 132 41.63 -57.50 -61.35
CA TYR T 132 41.80 -57.02 -59.98
C TYR T 132 41.06 -55.70 -59.92
N HIS T 133 40.09 -55.62 -59.01
CA HIS T 133 39.25 -54.43 -58.92
C HIS T 133 39.11 -54.03 -57.47
N MET T 134 39.45 -52.77 -57.19
CA MET T 134 39.24 -52.25 -55.85
C MET T 134 39.06 -50.76 -55.90
N PHE T 135 38.34 -50.24 -54.92
CA PHE T 135 38.32 -48.79 -54.72
C PHE T 135 38.25 -48.54 -53.23
N ALA T 136 38.65 -47.34 -52.84
CA ALA T 136 38.63 -46.93 -51.45
C ALA T 136 38.30 -45.45 -51.35
N ILE T 137 37.57 -45.11 -50.29
CA ILE T 137 37.26 -43.73 -49.94
C ILE T 137 37.70 -43.54 -48.48
N GLY T 138 38.51 -42.52 -48.22
CA GLY T 138 38.98 -42.29 -46.86
C GLY T 138 39.28 -40.85 -46.53
N GLY T 139 39.44 -40.57 -45.23
CA GLY T 139 39.73 -39.22 -44.76
C GLY T 139 41.22 -38.99 -44.55
N GLU T 140 42.01 -39.90 -45.11
CA GLU T 140 43.47 -39.95 -44.98
C GLU T 140 43.94 -41.04 -45.92
N PRO T 141 45.26 -41.15 -46.17
CA PRO T 141 45.73 -42.17 -47.11
C PRO T 141 45.36 -43.58 -46.69
N LEU T 142 45.14 -44.45 -47.68
CA LEU T 142 44.90 -45.86 -47.42
C LEU T 142 46.16 -46.52 -46.82
N ASP T 143 45.98 -47.28 -45.74
CA ASP T 143 47.06 -48.05 -45.14
C ASP T 143 47.26 -49.32 -45.95
N LEU T 144 48.52 -49.61 -46.26
CA LEU T 144 48.89 -50.77 -47.08
C LEU T 144 49.72 -51.77 -46.31
N GLN T 145 49.54 -53.04 -46.64
CA GLN T 145 50.35 -54.14 -46.14
C GLN T 145 51.14 -54.71 -47.31
N GLY T 146 52.44 -54.91 -47.13
CA GLY T 146 53.27 -55.58 -48.13
C GLY T 146 53.26 -57.09 -47.99
N LEU T 147 53.10 -57.77 -49.13
CA LEU T 147 53.22 -59.23 -49.24
C LEU T 147 53.47 -59.57 -50.72
N VAL T 148 54.50 -60.37 -50.97
CA VAL T 148 54.86 -60.71 -52.35
C VAL T 148 54.85 -62.23 -52.59
N LEU T 149 54.57 -62.61 -53.83
CA LEU T 149 54.63 -64.00 -54.27
C LEU T 149 56.03 -64.60 -54.04
N ASP T 150 57.07 -63.82 -54.37
CA ASP T 150 58.45 -64.29 -54.30
C ASP T 150 59.36 -63.22 -53.68
N TYR T 151 59.85 -63.48 -52.47
CA TYR T 151 60.66 -62.48 -51.74
C TYR T 151 62.00 -62.18 -52.43
N GLN T 152 62.40 -63.08 -53.34
CA GLN T 152 63.67 -62.96 -54.05
C GLN T 152 63.62 -62.00 -55.24
N THR T 153 62.42 -61.55 -55.57
CA THR T 153 62.18 -60.60 -56.65
C THR T 153 62.93 -59.30 -56.39
N GLN T 154 63.66 -58.83 -57.40
CA GLN T 154 64.43 -57.60 -57.31
C GLN T 154 63.70 -56.49 -58.06
N TYR T 155 62.87 -55.76 -57.30
CA TYR T 155 62.07 -54.67 -57.83
C TYR T 155 62.97 -53.48 -58.14
N PRO T 156 62.59 -52.65 -59.14
CA PRO T 156 63.45 -51.51 -59.48
C PRO T 156 63.59 -50.57 -58.29
N LYS T 157 64.74 -49.91 -58.18
CA LYS T 157 64.98 -48.91 -57.13
C LYS T 157 64.05 -47.71 -57.34
N THR T 158 63.73 -47.00 -56.25
CA THR T 158 62.81 -45.85 -56.29
C THR T 158 63.32 -44.73 -57.20
N THR T 159 64.64 -44.65 -57.38
CA THR T 159 65.24 -43.69 -58.32
C THR T 159 65.00 -44.11 -59.77
N GLY T 162 60.59 -44.41 -59.96
CA GLY T 162 60.67 -45.80 -59.52
C GLY T 162 59.66 -46.12 -58.43
N PRO T 163 59.24 -47.39 -58.36
CA PRO T 163 58.15 -47.75 -57.44
C PRO T 163 58.63 -47.88 -56.00
N ILE T 164 57.69 -47.72 -55.06
CA ILE T 164 57.96 -47.93 -53.65
C ILE T 164 57.54 -49.35 -53.31
N THR T 165 58.50 -50.15 -52.82
CA THR T 165 58.26 -51.56 -52.51
C THR T 165 58.70 -51.87 -51.08
N ILE T 166 58.62 -53.14 -50.67
CA ILE T 166 58.94 -53.50 -49.28
C ILE T 166 60.38 -53.09 -48.93
N GLU T 167 61.33 -53.36 -49.83
CA GLU T 167 62.73 -52.99 -49.60
C GLU T 167 62.89 -51.50 -49.34
N THR T 168 62.13 -50.69 -50.08
CA THR T 168 62.10 -49.25 -49.88
C THR T 168 61.73 -48.86 -48.45
N VAL T 169 60.66 -49.46 -47.92
N VAL T 169 60.69 -49.48 -47.90
CA VAL T 169 60.16 -49.15 -46.60
CA VAL T 169 60.17 -49.09 -46.57
C VAL T 169 61.10 -49.64 -45.49
C VAL T 169 60.90 -49.75 -45.40
N LEU T 170 61.56 -50.88 -45.64
CA LEU T 170 62.35 -51.54 -44.60
C LEU T 170 63.79 -51.02 -44.52
N GLY T 171 64.28 -50.47 -45.63
CA GLY T 171 65.66 -49.97 -45.72
C GLY T 171 66.67 -51.11 -45.82
N ARG T 172 66.17 -52.30 -46.13
N ARG T 172 66.17 -52.31 -46.12
CA ARG T 172 66.95 -53.54 -46.19
CA ARG T 172 66.99 -53.51 -46.27
C ARG T 172 66.17 -54.56 -47.03
C ARG T 172 66.19 -54.50 -47.11
N LYS T 173 66.87 -55.55 -47.59
CA LYS T 173 66.26 -56.56 -48.44
C LYS T 173 65.14 -57.36 -47.79
N MET T 174 64.19 -57.79 -48.62
CA MET T 174 63.13 -58.72 -48.20
C MET T 174 63.73 -60.04 -47.73
N THR T 175 63.01 -60.73 -46.86
CA THR T 175 63.38 -62.07 -46.42
C THR T 175 62.16 -62.99 -46.64
N PRO T 176 62.32 -64.32 -46.46
CA PRO T 176 61.19 -65.23 -46.67
C PRO T 176 59.88 -64.80 -45.98
N LYS T 177 59.98 -64.14 -44.84
CA LYS T 177 58.78 -63.74 -44.10
C LYS T 177 57.86 -62.81 -44.89
N ASN T 178 58.41 -62.14 -45.91
CA ASN T 178 57.64 -61.25 -46.78
C ASN T 178 56.76 -61.95 -47.82
N GLN T 179 56.84 -63.28 -47.84
CA GLN T 179 55.86 -64.10 -48.57
C GLN T 179 54.61 -64.33 -47.71
N GLY T 180 54.75 -64.10 -46.41
CA GLY T 180 53.62 -64.04 -45.49
C GLY T 180 53.39 -62.60 -45.01
N LEU T 181 52.68 -62.47 -43.90
CA LEU T 181 52.43 -61.15 -43.32
C LEU T 181 53.55 -60.75 -42.35
N ASP T 182 54.36 -59.79 -42.80
CA ASP T 182 55.39 -59.19 -41.96
C ASP T 182 54.85 -57.82 -41.52
N PRO T 183 54.57 -57.65 -40.21
CA PRO T 183 53.98 -56.40 -39.72
C PRO T 183 54.86 -55.15 -39.93
N GLN T 184 56.15 -55.34 -40.14
N GLN T 184 56.16 -55.35 -40.15
CA GLN T 184 57.05 -54.24 -40.45
CA GLN T 184 57.06 -54.26 -40.46
C GLN T 184 56.84 -53.72 -41.88
C GLN T 184 56.88 -53.73 -41.88
N ALA T 185 56.30 -54.58 -42.76
CA ALA T 185 56.09 -54.21 -44.17
C ALA T 185 54.79 -53.45 -44.39
N LYS T 186 54.79 -52.18 -43.99
CA LYS T 186 53.62 -51.33 -44.07
C LYS T 186 53.94 -50.00 -44.75
N ALA T 187 52.96 -49.45 -45.44
CA ALA T 187 53.12 -48.17 -46.12
C ALA T 187 51.79 -47.43 -46.17
N LYS T 188 51.84 -46.18 -46.63
CA LYS T 188 50.64 -45.40 -46.88
C LYS T 188 50.54 -45.09 -48.36
N LEU T 189 49.36 -45.26 -48.93
CA LEU T 189 49.13 -44.98 -50.33
C LEU T 189 48.98 -43.48 -50.54
N ASP T 190 50.12 -42.80 -50.71
CA ASP T 190 50.15 -41.34 -50.79
C ASP T 190 50.66 -40.83 -52.12
N LYS T 191 50.95 -41.73 -53.05
CA LYS T 191 51.45 -41.35 -54.38
C LYS T 191 50.80 -42.16 -55.48
N ASP T 192 50.28 -41.45 -56.49
CA ASP T 192 49.63 -42.05 -57.65
C ASP T 192 50.65 -42.81 -58.50
N GLY T 193 50.26 -44.02 -58.95
CA GLY T 193 51.10 -44.82 -59.83
C GLY T 193 52.48 -45.22 -59.32
N ASN T 194 52.61 -45.31 -57.99
CA ASN T 194 53.91 -45.58 -57.38
C ASN T 194 54.01 -46.83 -56.51
N TYR T 195 52.87 -47.37 -56.10
CA TYR T 195 52.79 -48.51 -55.21
C TYR T 195 52.27 -49.71 -56.01
N PRO T 196 53.16 -50.66 -56.38
CA PRO T 196 52.74 -51.81 -57.19
C PRO T 196 51.66 -52.65 -56.52
N ILE T 197 50.66 -53.02 -57.30
CA ILE T 197 49.57 -53.88 -56.83
C ILE T 197 50.09 -55.26 -56.35
N GLU T 198 51.06 -55.84 -57.06
CA GLU T 198 51.56 -57.17 -56.68
C GLU T 198 52.40 -57.18 -55.40
N VAL T 199 52.66 -55.99 -54.86
CA VAL T 199 53.45 -55.86 -53.63
C VAL T 199 52.59 -55.44 -52.44
N TRP T 200 51.61 -54.57 -52.69
CA TRP T 200 50.82 -53.94 -51.63
C TRP T 200 49.34 -54.25 -51.70
N CYS T 201 48.76 -54.57 -50.56
CA CYS T 201 47.30 -54.72 -50.45
C CYS T 201 46.78 -53.82 -49.32
N PRO T 202 45.46 -53.59 -49.26
CA PRO T 202 44.97 -52.82 -48.10
C PRO T 202 45.26 -53.53 -46.78
N ASP T 203 45.63 -52.76 -45.76
CA ASP T 203 45.93 -53.28 -44.42
C ASP T 203 44.66 -53.35 -43.56
N PRO T 204 44.16 -54.57 -43.31
CA PRO T 204 42.92 -54.66 -42.54
C PRO T 204 43.09 -54.36 -41.05
N SER T 205 44.33 -54.29 -40.57
CA SER T 205 44.59 -54.00 -39.14
C SER T 205 44.56 -52.50 -38.86
N LYS T 206 44.47 -51.70 -39.93
CA LYS T 206 44.37 -50.25 -39.78
C LYS T 206 43.15 -49.77 -40.58
N ASN T 207 43.29 -48.67 -41.33
CA ASN T 207 42.20 -48.19 -42.18
C ASN T 207 40.86 -47.96 -41.45
N GLU T 208 40.92 -47.55 -40.19
CA GLU T 208 39.69 -47.23 -39.44
C GLU T 208 38.90 -46.07 -40.06
N ASN T 209 39.61 -45.20 -40.78
CA ASN T 209 39.02 -43.99 -41.33
C ASN T 209 38.96 -44.04 -42.86
N SER T 210 38.94 -45.26 -43.40
CA SER T 210 38.71 -45.51 -44.83
C SER T 210 37.73 -46.67 -45.00
N ARG T 211 37.10 -46.73 -46.17
CA ARG T 211 36.31 -47.89 -46.59
C ARG T 211 36.88 -48.38 -47.91
N TYR T 212 37.23 -49.66 -47.96
CA TYR T 212 37.70 -50.25 -49.23
C TYR T 212 36.93 -51.52 -49.59
N TYR T 213 36.89 -51.79 -50.90
CA TYR T 213 36.12 -52.90 -51.46
C TYR T 213 36.93 -53.42 -52.63
N GLY T 214 37.18 -54.73 -52.67
CA GLY T 214 38.01 -55.26 -53.74
C GLY T 214 37.79 -56.73 -54.06
N SER T 215 38.32 -57.15 -55.19
CA SER T 215 38.26 -58.54 -55.62
C SER T 215 39.39 -58.85 -56.60
N ILE T 216 39.68 -60.14 -56.72
CA ILE T 216 40.65 -60.62 -57.71
C ILE T 216 40.02 -61.80 -58.45
N GLN T 217 40.47 -61.99 -59.69
CA GLN T 217 40.07 -63.15 -60.48
C GLN T 217 41.31 -63.58 -61.24
N THR T 218 41.75 -64.82 -61.03
CA THR T 218 42.94 -65.32 -61.72
C THR T 218 42.52 -66.22 -62.91
N GLY T 219 43.46 -66.99 -63.44
CA GLY T 219 43.26 -67.69 -64.71
C GLY T 219 43.73 -66.81 -65.86
N SER T 220 44.07 -67.45 -66.98
CA SER T 220 44.70 -66.75 -68.11
C SER T 220 43.72 -66.19 -69.13
N GLN T 221 42.60 -66.89 -69.37
CA GLN T 221 41.61 -66.42 -70.34
C GLN T 221 40.22 -66.31 -69.74
N THR T 222 40.17 -66.28 -68.40
CA THR T 222 38.93 -66.13 -67.65
C THR T 222 38.10 -64.95 -68.16
N PRO T 223 36.79 -65.17 -68.41
CA PRO T 223 35.99 -64.04 -68.89
C PRO T 223 36.07 -62.84 -67.96
N THR T 224 36.25 -61.66 -68.55
CA THR T 224 36.07 -60.41 -67.84
C THR T 224 34.58 -60.12 -67.80
N VAL T 225 34.03 -60.05 -66.59
CA VAL T 225 32.60 -59.89 -66.38
C VAL T 225 32.41 -58.66 -65.51
N LEU T 226 31.92 -57.58 -66.11
CA LEU T 226 31.78 -56.31 -65.39
C LEU T 226 30.39 -55.72 -65.61
N GLN T 227 29.88 -55.02 -64.61
CA GLN T 227 28.60 -54.33 -64.70
C GLN T 227 28.80 -52.82 -64.61
N PHE T 228 27.83 -52.06 -65.12
CA PHE T 228 27.82 -50.61 -65.02
C PHE T 228 26.39 -50.12 -64.97
N SER T 229 26.13 -49.18 -64.06
CA SER T 229 24.82 -48.57 -63.90
C SER T 229 24.96 -47.31 -63.08
N ASN T 230 24.25 -46.26 -63.49
CA ASN T 230 24.24 -45.02 -62.70
C ASN T 230 23.21 -45.03 -61.54
N THR T 231 22.66 -46.21 -61.22
CA THR T 231 21.68 -46.33 -60.12
C THR T 231 22.24 -47.02 -58.87
N LEU T 232 23.51 -47.45 -58.93
CA LEU T 232 24.17 -48.14 -57.81
C LEU T 232 24.90 -47.16 -56.89
N THR T 233 24.58 -47.20 -55.60
CA THR T 233 25.19 -46.35 -54.58
C THR T 233 25.79 -47.22 -53.48
N THR T 234 27.02 -46.92 -53.06
CA THR T 234 27.65 -47.54 -51.90
C THR T 234 27.59 -46.61 -50.69
N VAL T 235 26.99 -47.09 -49.60
CA VAL T 235 26.90 -46.33 -48.35
C VAL T 235 28.22 -46.48 -47.59
N LEU T 236 28.78 -45.37 -47.13
CA LEU T 236 30.10 -45.36 -46.48
C LEU T 236 30.05 -45.31 -44.96
N LEU T 237 28.85 -45.24 -44.41
CA LEU T 237 28.66 -45.20 -42.96
C LEU T 237 29.07 -46.54 -42.33
N ASP T 238 29.74 -46.48 -41.18
CA ASP T 238 30.04 -47.70 -40.42
C ASP T 238 28.83 -48.14 -39.59
N GLU T 239 29.03 -49.13 -38.72
CA GLU T 239 27.94 -49.66 -37.89
C GLU T 239 27.35 -48.62 -36.94
N ASN T 240 28.14 -47.60 -36.60
CA ASN T 240 27.69 -46.52 -35.70
C ASN T 240 27.09 -45.32 -36.44
N GLY T 241 26.99 -45.41 -37.76
CA GLY T 241 26.41 -44.34 -38.58
C GLY T 241 27.40 -43.24 -38.94
N VAL T 242 28.69 -43.57 -38.90
CA VAL T 242 29.74 -42.59 -39.17
C VAL T 242 30.56 -42.98 -40.40
N GLY T 243 30.73 -42.02 -41.30
CA GLY T 243 31.56 -42.21 -42.47
C GLY T 243 32.97 -41.73 -42.22
N PRO T 244 33.88 -41.94 -43.20
CA PRO T 244 35.24 -41.40 -43.13
C PRO T 244 35.24 -39.89 -42.89
N LEU T 245 36.13 -39.44 -42.01
CA LEU T 245 36.19 -38.04 -41.63
C LEU T 245 37.46 -37.42 -42.19
N CYS T 246 37.28 -36.36 -42.98
CA CYS T 246 38.37 -35.83 -43.79
C CYS T 246 39.33 -34.91 -43.01
N LYS T 247 40.44 -35.50 -42.56
CA LYS T 247 41.48 -34.80 -41.82
C LYS T 247 42.15 -33.76 -42.70
N GLY T 248 42.24 -32.53 -42.19
CA GLY T 248 42.82 -31.41 -42.93
C GLY T 248 42.05 -31.07 -44.19
N ASP T 249 40.74 -31.33 -44.17
CA ASP T 249 39.84 -31.10 -45.33
C ASP T 249 40.31 -31.78 -46.63
N GLY T 250 40.81 -33.01 -46.50
CA GLY T 250 41.27 -33.77 -47.65
C GLY T 250 40.53 -35.09 -47.78
N LEU T 251 40.05 -35.36 -48.98
CA LEU T 251 39.37 -36.62 -49.29
C LEU T 251 40.30 -37.49 -50.13
N PHE T 252 40.56 -38.71 -49.66
CA PHE T 252 41.45 -39.63 -50.36
C PHE T 252 40.65 -40.66 -51.11
N ILE T 253 40.97 -40.78 -52.40
CA ILE T 253 40.28 -41.69 -53.28
C ILE T 253 41.31 -42.56 -53.99
N SER T 254 41.14 -43.87 -53.85
CA SER T 254 42.12 -44.83 -54.38
C SER T 254 41.42 -45.91 -55.17
N CYS T 255 42.11 -46.45 -56.18
CA CYS T 255 41.56 -47.58 -56.93
C CYS T 255 42.58 -48.33 -57.77
N ALA T 256 42.13 -49.47 -58.29
CA ALA T 256 42.86 -50.24 -59.30
C ALA T 256 41.83 -51.05 -60.08
N ASP T 257 41.97 -51.10 -61.40
CA ASP T 257 41.03 -51.87 -62.23
C ASP T 257 41.74 -52.56 -63.41
N ILE T 258 42.38 -53.69 -63.11
CA ILE T 258 42.99 -54.53 -64.14
C ILE T 258 41.88 -55.36 -64.77
N VAL T 259 41.73 -55.27 -66.08
CA VAL T 259 40.60 -55.94 -66.76
C VAL T 259 41.01 -57.14 -67.64
N GLY T 260 42.29 -57.52 -67.58
CA GLY T 260 42.75 -58.72 -68.28
C GLY T 260 43.89 -58.47 -69.24
N PHE T 261 44.21 -59.49 -70.05
CA PHE T 261 45.34 -59.45 -70.96
C PHE T 261 44.96 -59.03 -72.36
N LEU T 262 45.84 -58.25 -72.98
CA LEU T 262 45.85 -58.11 -74.42
C LEU T 262 46.75 -59.22 -74.98
N PHE T 263 46.16 -60.11 -75.78
CA PHE T 263 46.90 -61.23 -76.38
C PHE T 263 47.43 -60.85 -77.76
N LYS T 264 48.75 -60.78 -77.89
CA LYS T 264 49.39 -60.40 -79.14
C LYS T 264 49.76 -61.61 -80.01
N THR T 265 49.84 -61.39 -81.32
CA THR T 265 50.09 -62.46 -82.31
C THR T 265 51.25 -63.39 -81.94
N SER T 266 52.37 -62.79 -81.52
CA SER T 266 53.59 -63.51 -81.19
C SER T 266 53.44 -64.48 -80.02
N GLY T 267 52.40 -64.28 -79.22
CA GLY T 267 52.21 -65.03 -77.99
C GLY T 267 52.42 -64.15 -76.77
N LYS T 268 52.98 -62.96 -76.99
CA LYS T 268 53.21 -62.03 -75.89
C LYS T 268 51.91 -61.47 -75.31
N MET T 269 51.94 -61.14 -74.02
CA MET T 269 50.77 -60.74 -73.26
C MET T 269 51.07 -59.57 -72.35
N ALA T 270 50.18 -58.58 -72.40
CA ALA T 270 50.28 -57.37 -71.57
C ALA T 270 48.97 -57.19 -70.82
N LEU T 271 49.03 -56.77 -69.55
CA LEU T 271 47.82 -56.47 -68.80
C LEU T 271 47.30 -55.09 -69.18
N HIS T 272 46.00 -54.89 -68.98
CA HIS T 272 45.30 -53.67 -69.40
C HIS T 272 44.42 -53.22 -68.24
N GLY T 273 44.23 -51.91 -68.11
CA GLY T 273 43.37 -51.35 -67.06
C GLY T 273 42.40 -50.34 -67.63
N LEU T 274 41.35 -50.05 -66.87
CA LEU T 274 40.37 -49.03 -67.23
C LEU T 274 40.25 -47.95 -66.16
N PRO T 275 39.82 -46.73 -66.55
CA PRO T 275 39.62 -45.63 -65.58
C PRO T 275 38.42 -45.89 -64.69
N ARG T 276 38.34 -45.17 -63.58
CA ARG T 276 37.23 -45.28 -62.65
C ARG T 276 36.74 -43.88 -62.29
N TYR T 277 35.43 -43.73 -62.30
CA TYR T 277 34.76 -42.49 -61.94
C TYR T 277 34.19 -42.60 -60.51
N PHE T 278 34.12 -41.45 -59.82
CA PHE T 278 33.60 -41.35 -58.46
C PHE T 278 32.74 -40.11 -58.31
N ASN T 279 31.60 -40.27 -57.62
CA ASN T 279 30.81 -39.14 -57.17
C ASN T 279 30.53 -39.37 -55.69
N VAL T 280 31.23 -38.62 -54.84
CA VAL T 280 31.15 -38.81 -53.40
C VAL T 280 30.27 -37.72 -52.75
N THR T 281 29.32 -38.16 -51.94
CA THR T 281 28.48 -37.26 -51.17
C THR T 281 29.06 -37.10 -49.77
N LEU T 282 29.25 -35.85 -49.35
CA LEU T 282 29.77 -35.55 -48.01
C LEU T 282 28.86 -34.60 -47.24
N ARG T 283 28.88 -34.73 -45.93
CA ARG T 283 28.15 -33.83 -45.05
C ARG T 283 29.07 -33.30 -43.95
N LYS T 284 28.72 -32.14 -43.40
CA LYS T 284 29.49 -31.57 -42.30
C LYS T 284 29.16 -32.27 -41.00
N ARG T 285 30.19 -32.58 -40.23
CA ARG T 285 30.02 -33.27 -38.95
C ARG T 285 30.80 -32.54 -37.85
N TRP T 286 30.16 -32.31 -36.70
CA TRP T 286 30.84 -31.73 -35.54
C TRP T 286 31.71 -32.80 -34.90
N VAL T 287 32.96 -32.46 -34.58
CA VAL T 287 33.87 -33.40 -33.92
C VAL T 287 34.61 -32.73 -32.75
N LYS T 288 35.03 -33.52 -31.78
CA LYS T 288 35.75 -33.00 -30.62
C LYS T 288 37.26 -33.12 -30.82
C1 GAL U . -67.08 60.97 70.95
C2 GAL U . -66.40 60.40 69.69
C3 GAL U . -64.91 60.77 69.71
C4 GAL U . -64.78 62.29 69.86
C5 GAL U . -65.55 62.80 71.08
C6 GAL U . -65.44 64.32 71.17
O1 GAL U . -68.46 60.67 70.94
O2 GAL U . -66.55 59.00 69.66
O3 GAL U . -64.23 60.31 68.55
O4 GAL U . -65.27 62.91 68.69
O5 GAL U . -66.90 62.38 71.01
O6 GAL U . -66.28 64.81 72.20
C1 SIA U . -62.04 60.34 69.64
C2 SIA U . -63.05 59.52 68.83
C3 SIA U . -62.45 59.22 67.44
C4 SIA U . -61.38 58.12 67.44
C5 SIA U . -61.85 56.88 68.19
C6 SIA U . -62.42 57.22 69.58
C7 SIA U . -63.05 55.97 70.22
C8 SIA U . -63.28 56.08 71.73
C9 SIA U . -64.47 56.95 72.11
C10 SIA U . -60.77 54.72 67.72
C11 SIA U . -59.54 53.89 67.89
N5 SIA U . -60.75 55.93 68.27
O1A SIA U . -61.26 61.12 69.04
O1B SIA U . -62.01 60.22 70.89
O4 SIA U . -61.04 57.74 66.09
O6 SIA U . -63.40 58.28 69.49
O7 SIA U . -64.27 55.63 69.53
O8 SIA U . -63.48 54.76 72.29
O9 SIA U . -63.97 58.23 72.48
O10 SIA U . -61.74 54.29 67.11
C1 GAL V . -52.62 -42.13 -0.26
C2 GAL V . -51.95 -42.74 -1.51
C3 GAL V . -50.46 -42.38 -1.56
C4 GAL V . -50.23 -40.89 -1.29
C5 GAL V . -50.97 -40.47 -0.02
C6 GAL V . -50.75 -38.99 0.31
O1 GAL V . -54.01 -42.34 -0.33
O2 GAL V . -52.10 -44.14 -1.48
O3 GAL V . -49.87 -42.78 -2.79
O4 GAL V . -50.66 -40.13 -2.40
O5 GAL V . -52.35 -40.75 -0.16
O6 GAL V . -50.85 -38.82 1.71
C1 SIA V . -47.64 -42.91 -1.82
C2 SIA V . -48.72 -43.62 -2.63
C3 SIA V . -48.21 -43.89 -4.06
C4 SIA V . -47.18 -45.02 -4.15
C5 SIA V . -47.66 -46.29 -3.43
C6 SIA V . -48.13 -45.95 -2.01
C7 SIA V . -48.75 -47.19 -1.34
C8 SIA V . -48.79 -47.11 0.20
C9 SIA V . -49.73 -46.05 0.75
C10 SIA V . -46.67 -48.51 -3.94
C11 SIA V . -45.43 -49.34 -3.83
N5 SIA V . -46.58 -47.27 -3.43
O1A SIA V . -46.87 -42.11 -2.39
O1B SIA V . -47.55 -43.13 -0.58
O4 SIA V . -46.91 -45.31 -5.53
O6 SIA V . -49.09 -44.88 -2.03
O7 SIA V . -50.07 -47.42 -1.86
O8 SIA V . -49.16 -48.38 0.75
O9 SIA V . -48.97 -44.90 1.09
O10 SIA V . -47.69 -48.94 -4.46
C1 GAL W . 50.47 46.40 -5.06
C2 GAL W . 49.33 47.23 -4.47
C3 GAL W . 48.46 46.39 -3.53
C4 GAL W . 48.10 45.05 -4.18
C5 GAL W . 49.35 44.36 -4.73
C6 GAL W . 49.05 43.02 -5.39
O1 GAL W . 51.17 47.16 -6.03
O2 GAL W . 49.86 48.34 -3.77
O3 GAL W . 47.29 47.09 -3.12
O4 GAL W . 47.17 45.29 -5.23
O5 GAL W . 49.98 45.22 -5.66
O6 GAL W . 48.62 42.10 -4.41
C1 SIA W . 46.97 45.80 -1.09
C2 SIA W . 47.10 47.19 -1.70
C3 SIA W . 45.78 47.97 -1.51
C4 SIA W . 45.55 48.46 -0.07
C5 SIA W . 46.77 49.23 0.44
C6 SIA W . 48.06 48.43 0.25
C7 SIA W . 49.28 49.29 0.57
C8 SIA W . 50.56 48.48 0.87
C9 SIA W . 51.13 47.73 -0.34
C10 SIA W . 46.57 50.90 2.25
C11 SIA W . 46.33 51.08 3.72
N5 SIA W . 46.57 49.63 1.82
O1A SIA W . 47.97 45.26 -0.56
O1B SIA W . 45.85 45.23 -1.16
O4 SIA W . 44.40 49.31 -0.01
O6 SIA W . 48.19 47.93 -1.11
O7 SIA W . 49.50 50.23 -0.51
O8 SIA W . 51.57 49.35 1.38
O9 SIA W . 50.75 46.35 -0.25
O10 SIA W . 46.73 51.85 1.51
C1 GAL X . 20.48 5.68 -9.19
C2 GAL X . 19.41 6.14 -8.18
C3 GAL X . 19.71 7.53 -7.62
C4 GAL X . 21.18 7.63 -7.21
C5 GAL X . 22.10 7.18 -8.35
C6 GAL X . 23.57 7.33 -7.99
O1 GAL X . 20.28 4.32 -9.53
O2 GAL X . 18.15 6.15 -8.80
O3 GAL X . 18.88 7.82 -6.50
O4 GAL X . 21.42 6.83 -6.07
O5 GAL X . 21.78 5.83 -8.64
O6 GAL X . 24.34 7.42 -9.17
C1 SIA X . 19.09 10.24 -6.67
C2 SIA X . 18.14 9.06 -6.61
C3 SIA X . 17.31 9.14 -5.31
C4 SIA X . 16.21 10.18 -5.33
C5 SIA X . 15.35 10.06 -6.60
C6 SIA X . 16.20 9.98 -7.87
C7 SIA X . 15.32 9.54 -9.05
C8 SIA X . 15.94 9.82 -10.43
C9 SIA X . 17.10 8.89 -10.79
C10 SIA X . 13.06 10.95 -6.61
C11 SIA X . 12.23 12.19 -6.65
N5 SIA X . 14.38 11.15 -6.64
O1A SIA X . 19.43 10.69 -7.79
O1B SIA X . 19.52 10.74 -5.60
O4 SIA X . 15.38 10.01 -4.18
O6 SIA X . 17.28 9.04 -7.77
O7 SIA X . 14.99 8.16 -8.89
O8 SIA X . 14.93 9.66 -11.44
O9 SIA X . 18.33 9.57 -10.51
O10 SIA X . 12.54 9.85 -6.56
C1 GAL Y . 57.42 26.99 18.01
C2 GAL Y . 56.60 27.98 18.85
C3 GAL Y . 55.10 27.75 18.67
C4 GAL Y . 54.76 27.67 17.17
C5 GAL Y . 55.66 26.66 16.46
C6 GAL Y . 55.35 26.58 14.96
O1 GAL Y . 58.79 27.34 18.09
O2 GAL Y . 56.95 27.84 20.22
O3 GAL Y . 54.31 28.75 19.29
O4 GAL Y . 54.94 28.95 16.60
O5 GAL Y . 57.02 27.03 16.65
O6 GAL Y . 55.77 25.33 14.46
C1 SIA Y . 52.30 27.37 19.43
C2 SIA Y . 53.31 28.25 20.19
C3 SIA Y . 52.63 29.49 20.77
C4 SIA Y . 51.67 29.17 21.93
C5 SIA Y . 52.38 28.35 23.01
C6 SIA Y . 53.09 27.13 22.39
C7 SIA Y . 53.94 26.41 23.43
C8 SIA Y . 54.23 24.95 23.08
C9 SIA Y . 55.21 24.78 21.92
C10 SIA Y . 51.50 28.37 25.28
C11 SIA Y . 50.41 27.89 26.19
N5 SIA Y . 51.41 27.97 24.03
O1A SIA Y . 52.48 26.13 19.41
O1B SIA Y . 51.34 27.90 18.84
O4 SIA Y . 51.17 30.38 22.51
O6 SIA Y . 53.91 27.51 21.27
O7 SIA Y . 55.18 27.13 23.63
O8 SIA Y . 54.76 24.29 24.23
O9 SIA Y . 54.48 24.59 20.71
O10 SIA Y . 52.41 29.07 25.69
C1 GAL Z . 27.69 -97.15 -88.05
C2 GAL Z . 26.65 -96.87 -86.95
C3 GAL Z . 26.87 -95.48 -86.36
C4 GAL Z . 28.34 -95.32 -85.95
C5 GAL Z . 29.25 -95.62 -87.13
C6 GAL Z . 30.72 -95.40 -86.79
O1 GAL Z . 27.52 -98.48 -88.52
O2 GAL Z . 25.35 -97.00 -87.45
O3 GAL Z . 25.99 -95.27 -85.26
O4 GAL Z . 28.62 -96.19 -84.88
O5 GAL Z . 29.01 -96.96 -87.57
O6 GAL Z . 31.54 -95.60 -87.93
C1 SIA Z . 26.21 -92.85 -85.46
C2 SIA Z . 25.26 -94.03 -85.29
C3 SIA Z . 24.57 -93.95 -83.92
C4 SIA Z . 23.51 -92.84 -83.85
C5 SIA Z . 22.52 -92.93 -85.00
C6 SIA Z . 23.27 -92.99 -86.34
C7 SIA Z . 22.28 -93.25 -87.48
C8 SIA Z . 22.85 -92.87 -88.86
C9 SIA Z . 23.89 -93.83 -89.41
C10 SIA Z . 20.26 -92.02 -84.78
C11 SIA Z . 19.44 -90.76 -84.75
N5 SIA Z . 21.58 -91.83 -84.94
O1A SIA Z . 26.41 -92.36 -86.60
O1B SIA Z . 26.80 -92.39 -84.45
O4 SIA Z . 22.80 -92.93 -82.61
O6 SIA Z . 24.27 -94.02 -86.33
O7 SIA Z . 21.87 -94.62 -87.45
O8 SIA Z . 21.77 -92.76 -89.82
O9 SIA Z . 25.18 -93.32 -89.06
O10 SIA Z . 19.75 -93.12 -84.66
C1 GAL AA . 59.34 -58.47 -84.40
C2 GAL AA . 58.29 -57.53 -83.78
C3 GAL AA . 57.50 -58.24 -82.67
C4 GAL AA . 57.02 -59.60 -83.17
C5 GAL AA . 58.24 -60.38 -83.67
C6 GAL AA . 57.97 -61.86 -83.92
O1 GAL AA . 59.96 -57.86 -85.51
O2 GAL AA . 58.90 -56.37 -83.27
O3 GAL AA . 56.39 -57.47 -82.21
O4 GAL AA . 56.07 -59.43 -84.21
O5 GAL AA . 58.77 -59.70 -84.80
O6 GAL AA . 57.30 -62.02 -85.16
C1 SIA AA . 56.15 -58.78 -80.18
C2 SIA AA . 56.27 -57.38 -80.78
C3 SIA AA . 54.99 -56.57 -80.50
C4 SIA AA . 54.86 -56.16 -79.03
C5 SIA AA . 56.15 -55.48 -78.53
C6 SIA AA . 57.39 -56.34 -78.84
C7 SIA AA . 58.71 -55.60 -78.51
C8 SIA AA . 59.92 -56.54 -78.37
C9 SIA AA . 60.54 -56.95 -79.71
C10 SIA AA . 55.99 -53.88 -76.71
C11 SIA AA . 55.86 -53.67 -75.24
N5 SIA AA . 56.02 -55.15 -77.11
O1A SIA AA . 57.18 -59.37 -79.79
O1B SIA AA . 55.01 -59.31 -80.09
O4 SIA AA . 53.74 -55.28 -78.86
O6 SIA AA . 57.42 -56.70 -80.23
O7 SIA AA . 58.94 -54.60 -79.52
O8 SIA AA . 60.94 -55.93 -77.58
O9 SIA AA . 59.91 -58.14 -80.18
O10 SIA AA . 56.08 -52.93 -77.49
C1 GOL BA . -40.11 52.93 85.82
O1 GOL BA . -39.60 52.86 87.12
C2 GOL BA . -41.62 53.01 85.80
O2 GOL BA . -42.11 54.08 86.55
C3 GOL BA . -42.27 51.71 86.27
O3 GOL BA . -43.50 51.54 85.62
C1 GOL CA . -29.21 61.38 67.83
O1 GOL CA . -30.35 62.05 67.33
C2 GOL CA . -27.94 61.92 67.18
O2 GOL CA . -26.94 60.92 67.18
C3 GOL CA . -28.18 62.41 65.74
O3 GOL CA . -28.33 61.33 64.85
C1 GOL DA . -51.65 68.01 78.19
O1 GOL DA . -51.27 66.91 78.99
C2 GOL DA . -50.42 68.70 77.60
O2 GOL DA . -50.79 69.95 77.06
C3 GOL DA . -49.38 68.93 78.68
O3 GOL DA . -48.61 67.76 78.76
CL CL EA . -25.42 62.67 69.35
C1 GOL FA . -38.29 59.65 58.25
O1 GOL FA . -38.67 60.99 58.50
C2 GOL FA . -36.83 59.39 58.61
O2 GOL FA . -36.43 58.12 58.13
C3 GOL FA . -35.89 60.47 58.08
O3 GOL FA . -35.71 60.36 56.68
C1 GOL GA . -57.43 74.59 66.19
O1 GOL GA . -58.44 73.65 65.88
C2 GOL GA . -56.75 74.15 67.49
O2 GOL GA . -56.26 75.26 68.20
C3 GOL GA . -55.60 73.22 67.12
O3 GOL GA . -56.13 72.01 66.65
CL CL HA . -36.67 56.69 60.81
C1 GOL IA . -38.15 70.29 50.51
O1 GOL IA . -37.89 70.94 51.74
C2 GOL IA . -37.60 68.86 50.48
O2 GOL IA . -37.37 68.45 49.15
C3 GOL IA . -36.32 68.67 51.30
O3 GOL IA . -35.24 69.40 50.74
C1 GOL JA . -51.46 86.27 63.67
O1 GOL JA . -50.87 85.50 62.66
C2 GOL JA . -50.63 87.53 63.80
O2 GOL JA . -50.01 87.51 65.07
C3 GOL JA . -51.55 88.74 63.66
O3 GOL JA . -51.41 89.30 62.37
CL CL KA . -39.84 66.50 49.47
C1 GOL LA . -28.50 101.49 61.79
O1 GOL LA . -27.61 101.02 60.81
C2 GOL LA . -29.85 100.81 61.66
O2 GOL LA . -30.26 100.89 60.31
C3 GOL LA . -30.85 101.61 62.48
O3 GOL LA . -31.48 100.78 63.43
C1 GOL MA . -28.88 78.71 54.85
O1 GOL MA . -29.42 78.20 56.06
C2 GOL MA . -29.00 77.67 53.74
O2 GOL MA . -27.98 77.83 52.77
C3 GOL MA . -28.98 76.23 54.26
O3 GOL MA . -27.72 75.91 54.81
C1 GOL NA . -40.20 89.67 75.31
O1 GOL NA . -39.60 90.85 74.82
C2 GOL NA . -40.60 88.74 74.17
O2 GOL NA . -41.65 87.89 74.57
C3 GOL NA . -41.08 89.55 72.98
O3 GOL NA . -40.08 89.48 71.99
CL CL OA . -30.62 78.68 51.04
C1 GOL PA . -23.38 73.34 65.53
O1 GOL PA . -24.58 72.73 65.96
C2 GOL PA . -23.14 73.16 64.04
O2 GOL PA . -21.76 73.06 63.81
C3 GOL PA . -23.87 71.93 63.47
O3 GOL PA . -23.03 70.81 63.46
C1 GOL QA . 0.15 79.00 48.65
O1 GOL QA . -1.11 78.39 48.73
C2 GOL QA . 1.12 78.31 49.59
O2 GOL QA . 0.56 78.20 50.88
C3 GOL QA . 2.41 79.12 49.67
O3 GOL QA . 2.21 80.25 50.49
C1 GOL RA . -40.53 77.43 85.10
O1 GOL RA . -39.49 77.03 85.97
C2 GOL RA . -40.11 77.26 83.65
O2 GOL RA . -41.24 77.04 82.85
C3 GOL RA . -39.45 78.56 83.18
O3 GOL RA . -38.93 78.38 81.89
CL CL SA . -21.70 76.30 63.35
C1 GOL TA . -8.65 -31.42 -7.96
O1 GOL TA . -9.99 -31.75 -7.62
C2 GOL TA . -8.48 -31.39 -9.47
O2 GOL TA . -7.11 -31.55 -9.79
C3 GOL TA . -9.29 -32.47 -10.16
O3 GOL TA . -8.60 -33.70 -10.16
C1 GOL UA . -24.21 -26.74 12.18
O1 GOL UA . -23.48 -27.61 13.02
C2 GOL UA . -24.04 -27.13 10.72
O2 GOL UA . -22.99 -26.36 10.14
C3 GOL UA . -25.36 -26.91 9.99
O3 GOL UA . -25.13 -26.32 8.72
CL CL VA . -7.06 -28.25 -10.26
C1 GOL WA . -14.90 -43.00 -5.89
O1 GOL WA . -16.04 -42.20 -6.14
C2 GOL WA . -13.65 -42.42 -6.55
O2 GOL WA . -12.63 -43.39 -6.55
C3 GOL WA . -13.90 -41.93 -7.98
O3 GOL WA . -14.07 -43.02 -8.86
C1 GOL XA . -36.28 -35.68 6.42
O1 GOL XA . -36.29 -37.00 6.93
C2 GOL XA . -34.91 -35.36 5.83
O2 GOL XA . -34.92 -34.08 5.24
C3 GOL XA . -33.88 -35.37 6.94
O3 GOL XA . -33.07 -36.50 6.75
CL CL YA . -11.01 -41.94 -4.51
C1 GOL ZA . -24.64 -44.02 -14.82
O1 GOL ZA . -24.92 -42.72 -14.36
C2 GOL ZA . -23.20 -44.42 -14.53
O2 GOL ZA . -22.93 -45.71 -15.07
C3 GOL ZA . -22.17 -43.42 -15.06
O3 GOL ZA . -22.29 -43.24 -16.44
C1 GOL AB . -42.80 -28.37 -4.77
O1 GOL AB . -43.86 -29.16 -5.26
C2 GOL AB . -41.53 -29.18 -4.78
O2 GOL AB . -40.70 -28.80 -3.70
C3 GOL AB . -41.89 -30.65 -4.61
O3 GOL AB . -40.72 -31.40 -4.65
CL CL BB . -22.96 -47.15 -12.54
C1 GOL CB . -24.53 -33.07 -22.29
O1 GOL CB . -24.29 -32.48 -21.03
C2 GOL CB . -24.13 -34.55 -22.30
O2 GOL CB . -24.11 -35.03 -23.61
C3 GOL CB . -22.77 -34.77 -21.64
O3 GOL CB . -21.75 -34.11 -22.36
C1 GOL DB . -36.21 -14.82 -7.43
O1 GOL DB . -36.07 -14.05 -8.60
C2 GOL DB . -35.39 -16.09 -7.57
O2 GOL DB . -34.93 -16.48 -6.29
C3 GOL DB . -36.28 -17.19 -8.13
O3 GOL DB . -35.55 -18.38 -8.24
CL CL EB . -26.54 -36.77 -23.14
C1 GOL FB . -15.07 -25.40 -18.30
O1 GOL FB . -14.95 -25.75 -16.93
C2 GOL FB . -14.16 -26.26 -19.17
O2 GOL FB . -14.32 -25.91 -20.51
C3 GOL FB . -14.47 -27.74 -18.99
O3 GOL FB . -13.45 -28.32 -18.22
C1 GOL GB . -23.42 -14.41 3.34
O1 GOL GB . -24.21 -13.39 3.91
C2 GOL GB . -24.24 -15.28 2.37
O2 GOL GB . -25.47 -15.68 2.93
C3 GOL GB . -24.49 -14.48 1.11
O3 GOL GB . -24.59 -15.38 0.03
CL CL HB . -16.65 -25.07 -21.84
C1 GOL IB . 25.91 44.75 14.57
O1 GOL IB . 25.52 43.83 13.56
C2 GOL IB . 24.73 45.12 15.45
O2 GOL IB . 25.15 45.84 16.57
C3 GOL IB . 23.98 43.87 15.90
O3 GOL IB . 22.68 43.92 15.35
C1 GOL JB . 37.85 34.61 -6.09
O1 GOL JB . 37.95 35.94 -6.55
C2 GOL JB . 37.32 34.64 -4.67
O2 GOL JB . 37.47 33.38 -4.07
C3 GOL JB . 38.14 35.65 -3.90
O3 GOL JB . 37.50 35.84 -2.67
CL CL KB . 27.65 45.42 17.95
C1 GOL LB . 36.92 48.96 40.14
O1 GOL LB . 37.46 49.81 39.16
C2 GOL LB . 36.43 49.78 41.33
O2 GOL LB . 37.36 50.80 41.62
C3 GOL LB . 36.18 48.86 42.52
O3 GOL LB . 36.26 49.60 43.72
C1 GOL MB . 15.75 36.94 -16.24
O1 GOL MB . 15.64 37.74 -17.40
C2 GOL MB . 15.84 35.46 -16.60
O2 GOL MB . 17.14 35.08 -16.95
C3 GOL MB . 14.85 35.06 -17.68
O3 GOL MB . 14.44 33.73 -17.45
C1 GOL NB . 16.63 40.58 6.43
O1 GOL NB . 16.59 39.17 6.40
C2 GOL NB . 15.65 41.15 7.44
O2 GOL NB . 15.59 42.54 7.28
C3 GOL NB . 16.05 40.81 8.87
O3 GOL NB . 15.12 39.88 9.39
C1 GOL OB . 3.97 67.81 12.30
O1 GOL OB . 4.65 68.55 11.31
C2 GOL OB . 4.94 66.74 12.78
O2 GOL OB . 4.48 65.48 12.35
C3 GOL OB . 4.99 66.75 14.30
O3 GOL OB . 5.73 65.63 14.73
C1 GOL PB . 28.51 23.51 -8.44
O1 GOL PB . 27.17 23.08 -8.49
C2 GOL PB . 28.95 23.65 -6.99
O2 GOL PB . 30.33 23.94 -6.94
C3 GOL PB . 28.20 24.78 -6.33
O3 GOL PB . 27.85 25.76 -7.28
CL CL QB . 17.35 44.39 6.59
C1 GOL RB . 12.13 6.87 -0.06
O1 GOL RB . 13.43 7.25 0.28
C2 GOL RB . 11.12 7.62 0.77
O2 GOL RB . 10.36 8.37 -0.14
C3 GOL RB . 10.20 6.60 1.44
O3 GOL RB . 9.32 7.24 2.34
C1 GOL SB . 12.09 28.54 10.97
O1 GOL SB . 13.48 28.29 11.02
C2 GOL SB . 11.82 30.04 10.91
O2 GOL SB . 10.43 30.26 10.93
C3 GOL SB . 12.49 30.80 12.05
O3 GOL SB . 12.01 30.42 13.33
C1 GOL TB . -13.27 43.24 10.01
O1 GOL TB . -11.98 43.43 10.55
C2 GOL TB . -13.83 41.91 10.50
O2 GOL TB . -12.96 40.87 10.12
C3 GOL TB . -15.22 41.67 9.91
O3 GOL TB . -15.13 41.33 8.54
C1 GOL UB . 30.99 13.16 2.44
O1 GOL UB . 29.97 12.27 2.80
C2 GOL UB . 30.60 14.59 2.80
O2 GOL UB . 31.75 15.41 2.82
C3 GOL UB . 29.65 15.14 1.75
O3 GOL UB . 28.40 14.55 1.93
CL CL VB . 10.07 31.09 8.14
C1 GOL WB . 19.14 25.55 21.44
O1 GOL WB . 20.34 26.20 21.07
C2 GOL WB . 18.14 26.53 22.05
O2 GOL WB . 16.91 25.89 22.30
C3 GOL WB . 17.90 27.73 21.13
O3 GOL WB . 18.64 28.81 21.66
C1 GOL XB . 41.82 18.63 11.58
O1 GOL XB . 41.59 17.89 12.76
C2 GOL XB . 40.51 19.08 10.96
O2 GOL XB . 40.72 19.59 9.66
C3 GOL XB . 39.55 17.91 10.87
O3 GOL XB . 38.83 17.86 12.09
C1 GOL YB . 28.93 2.91 18.51
O1 GOL YB . 28.28 3.37 17.35
C2 GOL YB . 29.62 4.08 19.24
O2 GOL YB . 30.81 4.43 18.56
C3 GOL YB . 29.95 3.69 20.67
O3 GOL YB . 30.76 2.54 20.71
CL CL ZB . 15.79 23.89 20.55
C1 GOL AC . 27.75 35.62 23.79
O1 GOL AC . 27.83 35.73 22.39
C2 GOL AC . 26.35 35.28 24.30
O2 GOL AC . 26.10 35.91 25.53
C3 GOL AC . 25.23 35.65 23.34
O3 GOL AC . 25.07 37.05 23.27
C1 GOL BC . 46.31 32.23 6.11
O1 GOL BC . 47.14 32.67 7.15
C2 GOL BC . 45.02 31.65 6.68
O2 GOL BC . 44.27 31.06 5.65
C3 GOL BC . 45.34 30.58 7.70
O3 GOL BC . 44.56 30.86 8.84
CL CL CC . 26.65 32.73 26.56
C1 GOL DC . 25.92 -63.06 -70.90
O1 GOL DC . 26.00 -64.48 -70.83
C2 GOL DC . 25.02 -62.50 -69.80
O2 GOL DC . 24.91 -61.10 -69.93
C3 GOL DC . 25.56 -62.83 -68.42
O3 GOL DC . 24.88 -63.97 -67.95
C1 GOL EC . 16.70 -36.77 -61.49
O1 GOL EC . 16.94 -38.09 -61.05
C2 GOL EC . 15.34 -36.73 -62.18
O2 GOL EC . 15.30 -37.71 -63.20
C3 GOL EC . 15.08 -35.36 -62.78
O3 GOL EC . 16.03 -35.06 -63.78
C1 GOL FC . 36.20 -80.24 -87.09
O1 GOL FC . 34.86 -80.28 -87.50
C2 GOL FC . 36.27 -79.83 -85.63
O2 GOL FC . 37.31 -80.50 -84.97
C3 GOL FC . 36.50 -78.33 -85.53
O3 GOL FC . 35.39 -77.65 -86.05
CL CL GC . 26.97 -59.32 -70.61
C1 GOL HC . 21.33 -75.14 -66.67
O1 GOL HC . 22.74 -75.32 -66.60
C2 GOL HC . 20.94 -73.68 -66.49
O2 GOL HC . 19.57 -73.58 -66.18
C3 GOL HC . 21.80 -72.97 -65.45
O3 GOL HC . 21.41 -73.32 -64.14
C1 GOL IC . -3.64 -59.35 -64.76
O1 GOL IC . -2.26 -59.08 -64.90
C2 GOL IC . -3.95 -60.57 -65.59
O2 GOL IC . -3.36 -61.69 -65.01
C3 GOL IC . -5.46 -60.76 -65.69
O3 GOL IC . -5.75 -61.10 -67.02
C1 GOL JC . 38.83 -90.88 -76.45
O1 GOL JC . 37.76 -91.77 -76.63
C2 GOL JC . 38.71 -89.73 -77.46
O2 GOL JC . 39.95 -89.06 -77.54
C3 GOL JC . 37.66 -88.76 -76.97
O3 GOL JC . 36.37 -89.27 -77.25
CL CL KC . 19.14 -72.44 -69.10
C1 GOL LC . 41.81 -97.78 -53.41
O1 GOL LC . 41.86 -99.19 -53.35
C2 GOL LC . 43.19 -97.22 -53.66
O2 GOL LC . 43.69 -97.57 -54.94
C3 GOL LC . 44.15 -97.73 -52.62
O3 GOL LC . 45.25 -96.85 -52.52
C1 GOL MC . 28.84 -78.86 -56.75
O1 GOL MC . 30.02 -78.24 -57.25
C2 GOL MC . 27.97 -77.91 -55.95
O2 GOL MC . 26.69 -78.45 -55.75
C3 GOL MC . 27.80 -76.56 -56.65
O3 GOL MC . 28.35 -75.56 -55.83
C1 GOL NC . 2.20 -82.83 -42.86
O1 GOL NC . 1.84 -84.04 -43.48
C2 GOL NC . 3.02 -82.05 -43.87
O2 GOL NC . 4.27 -81.73 -43.31
C3 GOL NC . 2.28 -80.77 -44.24
O3 GOL NC . 3.00 -80.11 -45.26
C1 GOL OC . 50.28 -86.12 -68.88
O1 GOL OC . 50.59 -86.67 -67.61
C2 GOL OC . 48.91 -85.45 -68.83
O2 GOL OC . 48.70 -84.65 -69.98
C3 GOL OC . 47.84 -86.52 -68.81
O3 GOL OC . 47.78 -87.10 -67.53
CL CL PC . 25.40 -80.36 -57.52
C1 GOL QC . 62.37 -70.10 -55.33
O1 GOL QC . 61.74 -69.73 -56.54
C2 GOL QC . 61.73 -69.48 -54.08
O2 GOL QC . 60.93 -70.40 -53.41
C3 GOL QC . 60.96 -68.18 -54.26
O3 GOL QC . 61.13 -67.39 -53.10
C1 GOL RC . 38.03 -69.20 -54.46
O1 GOL RC . 38.03 -69.22 -55.88
C2 GOL RC . 36.69 -69.66 -53.89
O2 GOL RC . 36.55 -69.22 -52.56
C3 GOL RC . 35.48 -69.20 -54.70
O3 GOL RC . 35.42 -67.80 -54.79
C1 GOL SC . 26.22 -72.13 -27.66
O1 GOL SC . 26.01 -71.83 -29.02
C2 GOL SC . 27.07 -71.03 -27.03
O2 GOL SC . 28.21 -70.82 -27.84
C3 GOL SC . 27.50 -71.47 -25.64
O3 GOL SC . 28.56 -72.40 -25.73
C1 GOL TC . 54.46 -73.19 -73.76
O1 GOL TC . 55.40 -72.54 -72.93
C2 GOL TC . 53.33 -73.76 -72.92
O2 GOL TC . 52.46 -74.56 -73.68
C3 GOL TC . 53.95 -74.63 -71.85
O3 GOL TC . 54.09 -73.83 -70.72
C1 GOL UC . 57.20 -97.14 -59.91
O1 GOL UC . 58.19 -96.87 -58.94
C2 GOL UC . 56.48 -95.83 -60.23
O2 GOL UC . 55.86 -95.35 -59.06
C3 GOL UC . 55.43 -96.09 -61.31
O3 GOL UC . 55.14 -94.89 -61.98
CL CL VC . 37.02 -72.20 -51.79
C1 GOL WC . 36.12 -59.78 -63.28
O1 GOL WC . 35.54 -60.50 -64.35
C2 GOL WC . 35.07 -59.30 -62.28
O2 GOL WC . 35.68 -58.68 -61.18
C3 GOL WC . 34.22 -60.47 -61.79
O3 GOL WC . 32.91 -60.27 -62.25
C1 GOL XC . 45.77 -69.20 -85.20
O1 GOL XC . 46.16 -67.91 -85.59
C2 GOL XC . 45.60 -69.24 -83.70
O2 GOL XC . 45.78 -70.56 -83.22
C3 GOL XC . 46.64 -68.34 -83.05
O3 GOL XC . 46.32 -68.28 -81.69
CL CL YC . 38.04 -59.19 -59.90
#